data_6L35
#
_entry.id   6L35
#
_cell.length_a   1.00
_cell.length_b   1.00
_cell.length_c   1.00
_cell.angle_alpha   90.00
_cell.angle_beta   90.00
_cell.angle_gamma   90.00
#
_symmetry.space_group_name_H-M   'P 1'
#
loop_
_entity.id
_entity.type
_entity.pdbx_description
1 polymer 'Photosystem I P700 chlorophyll a apoprotein A1'
2 polymer 'Photosystem I P700 chlorophyll a apoprotein A2'
3 polymer 'Photosystem I iron-sulfur center'
4 polymer 'Predicted protein PsaD'
5 polymer PsaE
6 polymer PSI-F
7 polymer 'Predicted protein PsaG'
8 polymer 'PsaH photosystem I reaction center subunit'
9 polymer 'Photosystem I reaction center subunit VIII'
10 polymer 'Photosystem I reaction center subunit IX'
11 polymer PsaK
12 polymer 'PSI subunit V'
13 polymer 'Photosystem I reaction center subunit XII'
14 polymer 'Chlorophyll a-b binding protein, chloroplastic'
15 polymer 'Chlorophyll a-b binding protein, chloroplastic'
16 polymer 'Chlorophyll a-b binding protein, chloroplastic'
17 polymer 'Chlorophyll a-b binding protein, chloroplastic'
18 non-polymer 'CHLOROPHYLL A'
19 non-polymer PHYLLOQUINONE
20 non-polymer 1,2-DIPALMITOYL-PHOSPHATIDYL-GLYCEROLE
21 non-polymer BETA-CAROTENE
22 non-polymer 'IRON/SULFUR CLUSTER'
23 non-polymer 'DIGALACTOSYL DIACYL GLYCEROL (DGDG)'
24 non-polymer 1,2-DISTEAROYL-MONOGALACTOSYL-DIGLYCERIDE
25 non-polymer 'CHLOROPHYLL B'
26 non-polymer "(3R,3'R,6S)-4,5-DIDEHYDRO-5,6-DIHYDRO-BETA,BETA-CAROTENE-3,3'-DIOL"
27 non-polymer "(3S,5R,6S,3'S,5'R,6'S)-5,6,5',6'-DIEPOXY-5,6,5',6'- TETRAHYDRO-BETA,BETA-CAROTENE-3,3'-DIOL"
#
loop_
_entity_poly.entity_id
_entity_poly.type
_entity_poly.pdbx_seq_one_letter_code
_entity_poly.pdbx_strand_id
1 'polypeptide(L)'
;EVKIMVEKDPVKTSFEKWAKPGHFSRTLAKGPNTTTWIWNLHADAHDFDSHTNDLEEISRKVFSAHFGQLAVIFIWLSGM
YFHGARFSNYEAWLSDPTHIKPSAQVVWPIVGQKILNGDVGGGFQGIQITSGFFQLWRASGITSELQLYTTAIGGLIFAA
LMLFAGWFHYHKAAPKLAWFQNVESMLNHHLAGLLGLGSLAWAGHQVHVSLPINRLLDAGVDPKEIPLPHEFILNRDLLA
QLYPSFSKGLTPFFTLNWSEYSDFLTFRGGLNPVTGGLWLTDTAHHHLAIAVLFLVAGHMYRTNFGIGHSMKEILEAHKG
PFTGEGHKGLYEILTTSWHAQLAINLAMLGSLTIIVAHHMYAMPPYPYLATDYATQLSLFTHHMWIGGFLVVGAAAHAAI
FMVRDYDPTTQYNNLLDRVLRHRDAIISHLNWVCIFLGFHSFGLYIHNDTMSALGRPQDMFSDTAIQLQPVFAQWIQNTH
ALAPSLTAPNATASTSLTWGGGDLVAVGGKVALLPIPLGTADFLVHHIHAFTIHVTVLILLKGVLFARSSRLIPDKANLG
FRFPCDGPGRGGTCQVSAWDHVFLGLFWMYNAISVVIFHFSWKMQSDVWGSISDQGVVTHITGGNFAQSSITINGWLRDF
LWAQASQVIQSYGSSLSAYGLLFLGAHFVWAFSLMFLFSGRGYWQELIESIVWAHNKLKVAPAIQPRALSIVQGRAVGVA
HYLLGGIATTWAFFLARIISVG
;
A
2 'polypeptide(L)'
;ASRFPKFSRGLSQDPTTRRIWFGIATAHDFESHDDMTEERLYQKIFASHFGQLAIIFLWTSGNLFHVAWQGNFEAWGQDP
LHVRPIAHAIWDPHFGQPAVEAFTRGGASGPVNIAYSGVYQWWYTIGLRTNQDLYGGSIFLLFVSALFLIAGWLHLQPKW
KPSVSWFKNAESRLNHHLSGLFGVSSLAWTGHLVHVAIPESRGEHVRWNNLLTALPHPQGLGPFFAGQWNVYAQNPDSNS
HLFGTSEGAGTAILTFLGGFHPQTQSLWLTDMAHHHLAIAVIFIIAGHMYRTNFGIGHSMKEILEAHTPPGGRLGRGHKG
LYDTINNSLHFQLGLALASLGVITSLVAQHMYSLPPYAFLAQDFTTQAALYTHHQYIAGFIMTGAFAHGAIFFIRDYNPE
QNKDNVLARMLEHKEAIISHLSWASLFLGFHTLGLYVHNDVMLAFGTPEKQILIEPVFAQWIQSAHGKALYGFDVLLSSA
DSPAFNAGQTLWLPGWLDAINNNSNSLFLTIGPGDFLVHHAIALGLHTTTLILVKGALDARGSKLMPDKKEFGYSFPCDG
PGRGGTCDISAWDAFYLAVFWMLNTIGWVTFYWHWKHITLWQGNVAQFNESSTYLMGWLRDYLWLNSSQLINGYNPFGMN
SLSVWAWMFLFGHLVWATGFMFLISWRGYWQELIETLAWAHERTPLANLVRWKDKPVALSIVQARLVGLAHFSVGYIFTY
AAFLIASTSGKFG
;
B
3 'polypeptide(L)' AHSVKIYDTCIGCTQCVRACPTDVLEMVPWDGCKASQIASAPRTEDCVGCKRCESACPTDFLSVRVYLGAETTRSMGLAY C
4 'polypeptide(L)'
;TPPTLNADTPAPIFGGSTGGLLRKAQVEEFYVITWESPKEQIFEMPTGGAAIMRSGPNLLKLARKEQCLALGARLRTKFK
IQYQFYRVFPNGEVQYLHPKDGVYPEKVNAGRSPVGVNNRSIGKNANPAELKFAHKQAYDL
;
D
5 'polypeptide(L)' GPKRGSIVKVLRRESYWFNDTGKVVAVDQAPGVRYPVVVRFDKVNYAGVSTNNYSPDELEAA E
6 'polypeptide(L)'
;DVAGLTPCKESKGFAKREKQEIKKLESRLKLYAPDSAPALALNATIEKTKRRFAFYGNEGLLCGTDGLPHLIVDGDQAHL
GEFVYPGLVFLYIAGWIGWVGRAYLIDVRTSKKPTEKEIIIDVPLALRIMSKGLTWPVAAIGELRSGKLVEKSANITVS
;
F
7 'polypeptide(L)'
;EANTALTITLSTGALLFLGRFVFLPFQRDNVSRQGLPVQNGVTHFDAGDSRAQEVTSFLKTNDPAGFTIVDVLAWGALGH
AVGFFILATINNGYNPQF
;
G
8 'polypeptide(L)'
;SVYFDLGEIDNTTGNWDLYGNDDPNRYNGFQNKFFETFAGAFTKRGLLLKFLVLGGATTIGYLGSTSSPDLLAIKNGPKQ
VPVMGPRGRK
;
H
9 'polypeptide(L)' MTASYLPSIFVPLIGLVFPAITMASLFIYIEQDE I
10 'polypeptide(L)' MQDVKTYLSTAPVLATLWFGFLAGLLIEINRFFPDALVLPL J
11 'polypeptide(L)' YIGSSTNLIMVASTTLMLFAGRFGLAPSANRKSTAGLKLVDRDSGLQTGDPAGFTATDTLACGALGHVIGVGIVLGLKA K
12 'polypeptide(L)'
;KYQVIEPLNGDPFIGGFETPVTSSPLIAWYLSNLPAYRTAVAPLLRGVEIGLAHGYLLVGPFVLTGPLRNSAVRGEAGSL
AAAGLVTILTMCLTIYGIASFKEGEPSKAPSLTLTGRQKDADKLQTAEGWASFTGGWFFGGLSGVAWAYILLYVLNLPY
;
L
13 'polypeptide(L)' SISDSQIIVALVSAFITGILALRLGKSLY M
14 'polypeptide(L)'
;ALPNNDRPLWFPGSKAPEWLDGSLPGDFGFDPLGLGSDPELLKWFVQAELVHCRWAMLGAAGIFIPEALTKAGILNTPSW
NVAGDQQYFADPTTLFVIELILFAWAEGRRWADIVNPGCVNVDPVFPNNKLTGTDVGYPGGLWFDPLGWGQTKDAKKLKE
LRTKEIKNGRLAMLAVLGAVVQANYTHTGPIDNLLAHLADPGHNTIFALS
;
2
15 'polypeptide(L)'
;EWLPGNPRPSYLDGSAPGDFGFDPLGLGEVPENLERFKESELIHARWAMLAVPGVLIPEALGYGNWVSAQKWAATPGGQA
TYLGNPVPWGNLPVILAIEFLAIAFAESQRNGEPDPEKRKYPGGAFDPLGFSKGANLEELKLKEIKNGRLALVAFLGFAV
QAIAYPGTGPLENLKTHLADPWHNTIAHVIIP
;
6
16 'polypeptide(L)'
;FASKQSLSYLDGTLPGDYGFDPLGLMDPEGAGGFIDPQWLPYAEIINGRFAMLGAAGAIAPEVLGRIGLIPQETAIPWFQ
SGVIPPVGNYSYWADPYTLFVLEMALMGFAEHRRAQDYYKPGSMGKQYFLGLEKFLGGSGNPAYPGGPIFNFLGFGKNEK
ELQELKVKEVKNGRLAMMAVLGYFTQAIFTGVGPFQNLLDHLADPVHNNVLTN
;
3
17 'polypeptide(L)'
;GAERPLWLPGTTPPAHLDGTLAGDFGFDPLGLGQDPQDLRWYVQAELVHSRFAMAGVAGILFTDLLRASGRTDIPVWFEA
GATKFDFADTTTLFVVQLILMGFVETKRWMDIVKPGSQAAEDSFFGFEAAFEGLETGYPGGPLFNPLGFANDPTKPQPLR
WKEIKNGRLAMVAMVGFMVQAYVTKTGPIENLLTHLSDPVHNTII
;
5
#
loop_
_chem_comp.id
_chem_comp.type
_chem_comp.name
_chem_comp.formula
BCR non-polymer BETA-CAROTENE 'C40 H56'
CHL non-polymer 'CHLOROPHYLL B' 'C55 H70 Mg N4 O6 2'
CLA non-polymer 'CHLOROPHYLL A' 'C55 H72 Mg N4 O5'
DGD saccharide 'DIGALACTOSYL DIACYL GLYCEROL (DGDG)' 'C51 H96 O15'
LHG non-polymer 1,2-DIPALMITOYL-PHOSPHATIDYL-GLYCEROLE 'C38 H75 O10 P'
LMG non-polymer 1,2-DISTEAROYL-MONOGALACTOSYL-DIGLYCERIDE 'C45 H86 O10'
LUT non-polymer (3R,3'R,6S)-4,5-DIDEHYDRO-5,6-DIHYDRO-BETA,BETA-CAROTENE-3,3'-DIOL 'C40 H56 O2'
PQN non-polymer PHYLLOQUINONE 'C31 H46 O2'
SF4 non-polymer 'IRON/SULFUR CLUSTER' 'Fe4 S4'
XAT non-polymer '(3S,5R,6S,3'S,5'R,6'S)-5,6,5',6'-DIEPOXY-5,6,5',6'- TETRAHYDRO-BETA,BETA-CAROTENE-3,3'-DIOL' 'C40 H56 O4'
#
# COMPACT_ATOMS: atom_id res chain seq x y z
N GLU A 1 2.79 -32.14 -46.84
CA GLU A 1 2.06 -31.06 -46.17
C GLU A 1 2.52 -30.92 -44.73
N VAL A 2 2.11 -31.86 -43.88
CA VAL A 2 2.47 -31.87 -42.47
C VAL A 2 3.78 -32.62 -42.32
N LYS A 3 4.79 -31.94 -41.78
CA LYS A 3 6.13 -32.50 -41.66
C LYS A 3 6.85 -31.82 -40.52
N ILE A 4 8.05 -32.34 -40.22
CA ILE A 4 8.92 -31.75 -39.21
C ILE A 4 9.66 -30.58 -39.83
N MET A 5 9.71 -29.46 -39.11
CA MET A 5 10.39 -28.25 -39.59
C MET A 5 11.24 -27.69 -38.46
N VAL A 6 12.55 -27.58 -38.70
CA VAL A 6 13.51 -27.17 -37.68
C VAL A 6 14.60 -26.34 -38.34
N GLU A 7 15.04 -25.29 -37.66
CA GLU A 7 16.15 -24.46 -38.09
C GLU A 7 17.33 -24.71 -37.17
N LYS A 8 18.39 -25.31 -37.70
CA LYS A 8 19.52 -25.74 -36.89
C LYS A 8 20.23 -24.55 -36.26
N ASP A 9 20.24 -24.50 -34.93
CA ASP A 9 21.03 -23.56 -34.14
C ASP A 9 20.70 -22.11 -34.53
N PRO A 10 19.52 -21.61 -34.19
CA PRO A 10 19.17 -20.24 -34.57
C PRO A 10 19.72 -19.17 -33.65
N VAL A 11 20.13 -19.53 -32.43
CA VAL A 11 20.62 -18.56 -31.46
C VAL A 11 21.78 -19.18 -30.71
N LYS A 12 22.94 -18.53 -30.75
CA LYS A 12 24.10 -19.03 -30.02
C LYS A 12 23.92 -18.77 -28.53
N THR A 13 24.03 -19.81 -27.73
CA THR A 13 23.95 -19.66 -26.28
C THR A 13 25.23 -19.02 -25.75
N SER A 14 25.08 -17.94 -24.99
CA SER A 14 26.23 -17.22 -24.46
C SER A 14 25.76 -16.43 -23.25
N PHE A 15 26.63 -15.54 -22.76
CA PHE A 15 26.32 -14.68 -21.63
C PHE A 15 26.33 -13.20 -22.00
N GLU A 16 26.42 -12.88 -23.29
CA GLU A 16 26.50 -11.48 -23.71
C GLU A 16 25.19 -10.75 -23.44
N LYS A 17 24.10 -11.25 -24.00
CA LYS A 17 22.78 -10.69 -23.70
C LYS A 17 22.41 -10.83 -22.24
N TRP A 18 23.17 -11.61 -21.47
CA TRP A 18 22.91 -11.82 -20.06
C TRP A 18 23.49 -10.71 -19.19
N ALA A 19 24.58 -10.07 -19.64
CA ALA A 19 25.20 -9.01 -18.87
C ALA A 19 24.49 -7.68 -19.07
N LYS A 20 23.97 -7.44 -20.26
CA LYS A 20 23.16 -6.26 -20.52
C LYS A 20 21.74 -6.52 -20.03
N PRO A 21 21.32 -5.90 -18.93
CA PRO A 21 20.02 -6.25 -18.31
C PRO A 21 18.84 -6.09 -19.26
N GLY A 22 18.66 -4.89 -19.80
CA GLY A 22 17.64 -4.69 -20.81
C GLY A 22 18.18 -4.99 -22.20
N HIS A 23 17.71 -6.07 -22.82
CA HIS A 23 18.24 -6.43 -24.13
C HIS A 23 17.13 -6.78 -25.11
N PHE A 24 15.99 -7.24 -24.61
CA PHE A 24 14.92 -7.69 -25.50
C PHE A 24 14.32 -6.52 -26.28
N SER A 25 14.08 -5.40 -25.62
CA SER A 25 13.50 -4.22 -26.25
C SER A 25 14.58 -3.15 -26.42
N ARG A 26 14.61 -2.54 -27.61
CA ARG A 26 15.62 -1.52 -27.89
C ARG A 26 15.30 -0.19 -27.24
N THR A 27 14.04 0.04 -26.85
CA THR A 27 13.69 1.32 -26.25
C THR A 27 14.32 1.51 -24.88
N LEU A 28 14.51 0.43 -24.12
CA LEU A 28 15.09 0.51 -22.80
C LEU A 28 16.40 -0.25 -22.67
N ALA A 29 16.94 -0.76 -23.78
CA ALA A 29 18.25 -1.39 -23.75
C ALA A 29 19.37 -0.39 -23.52
N LYS A 30 19.12 0.89 -23.77
CA LYS A 30 20.16 1.90 -23.63
C LYS A 30 20.64 2.01 -22.20
N GLY A 31 19.73 2.24 -21.26
CA GLY A 31 20.09 2.33 -19.87
C GLY A 31 19.09 3.12 -19.03
N PRO A 32 19.22 2.99 -17.70
CA PRO A 32 18.24 3.61 -16.80
C PRO A 32 18.50 5.08 -16.51
N ASN A 33 18.03 5.97 -17.38
CA ASN A 33 18.09 7.40 -17.07
C ASN A 33 17.36 7.71 -15.77
N THR A 34 16.07 7.40 -15.72
CA THR A 34 15.26 7.55 -14.52
C THR A 34 14.94 6.18 -13.94
N THR A 35 14.28 6.19 -12.78
CA THR A 35 14.01 4.94 -12.08
C THR A 35 12.73 4.27 -12.55
N THR A 36 12.06 4.82 -13.56
CA THR A 36 10.95 4.15 -14.20
C THR A 36 11.43 3.20 -15.29
N TRP A 37 12.70 2.82 -15.25
CA TRP A 37 13.29 1.81 -16.13
C TRP A 37 13.31 0.44 -15.47
N ILE A 38 13.72 0.38 -14.19
CA ILE A 38 13.67 -0.84 -13.41
C ILE A 38 12.26 -1.42 -13.42
N TRP A 39 11.24 -0.56 -13.44
CA TRP A 39 9.86 -1.04 -13.36
C TRP A 39 9.40 -1.62 -14.69
N ASN A 40 9.47 -0.84 -15.77
CA ASN A 40 8.95 -1.34 -17.04
C ASN A 40 9.82 -2.46 -17.60
N LEU A 41 11.07 -2.58 -17.17
CA LEU A 41 11.85 -3.76 -17.51
C LEU A 41 11.12 -5.04 -17.12
N HIS A 42 10.78 -5.17 -15.83
CA HIS A 42 10.03 -6.33 -15.38
C HIS A 42 8.61 -6.33 -15.93
N ALA A 43 8.05 -5.15 -16.20
CA ALA A 43 6.71 -5.09 -16.76
C ALA A 43 6.66 -5.79 -18.11
N ASP A 44 7.36 -5.26 -19.10
CA ASP A 44 7.45 -5.92 -20.40
C ASP A 44 8.70 -6.80 -20.49
N ALA A 45 8.93 -7.63 -19.48
CA ALA A 45 9.94 -8.68 -19.60
C ALA A 45 9.42 -9.90 -20.34
N HIS A 46 8.11 -10.14 -20.31
CA HIS A 46 7.50 -11.30 -20.95
C HIS A 46 6.59 -10.93 -22.11
N ASP A 47 6.74 -9.72 -22.65
CA ASP A 47 5.88 -9.26 -23.74
C ASP A 47 6.50 -9.65 -25.07
N PHE A 48 6.49 -10.96 -25.32
CA PHE A 48 7.23 -11.52 -26.46
C PHE A 48 6.79 -10.91 -27.77
N ASP A 49 5.49 -10.69 -27.95
CA ASP A 49 5.00 -10.11 -29.19
C ASP A 49 5.23 -8.60 -29.28
N SER A 50 5.79 -8.00 -28.24
CA SER A 50 6.12 -6.57 -28.26
C SER A 50 7.57 -6.30 -28.60
N HIS A 51 8.48 -7.19 -28.21
CA HIS A 51 9.89 -7.02 -28.54
C HIS A 51 10.10 -7.08 -30.06
N THR A 52 9.63 -8.16 -30.68
CA THR A 52 9.79 -8.37 -32.12
C THR A 52 8.43 -8.39 -32.79
N ASN A 53 8.41 -8.71 -34.08
CA ASN A 53 7.19 -8.66 -34.87
C ASN A 53 6.88 -9.93 -35.64
N ASP A 54 7.85 -10.82 -35.84
CA ASP A 54 7.63 -12.04 -36.60
C ASP A 54 7.10 -13.14 -35.69
N LEU A 55 6.08 -13.86 -36.17
CA LEU A 55 5.45 -14.90 -35.38
C LEU A 55 6.39 -16.05 -35.05
N GLU A 56 7.48 -16.20 -35.82
CA GLU A 56 8.37 -17.35 -35.65
C GLU A 56 9.12 -17.27 -34.34
N GLU A 57 9.83 -16.16 -34.11
CA GLU A 57 10.57 -15.99 -32.86
C GLU A 57 9.64 -15.98 -31.66
N ILE A 58 8.48 -15.35 -31.81
CA ILE A 58 7.49 -15.35 -30.73
C ILE A 58 7.09 -16.78 -30.37
N SER A 59 6.83 -17.60 -31.38
CA SER A 59 6.42 -18.99 -31.13
C SER A 59 7.53 -19.77 -30.46
N ARG A 60 8.78 -19.57 -30.91
CA ARG A 60 9.90 -20.28 -30.30
C ARG A 60 10.06 -19.89 -28.83
N LYS A 61 9.98 -18.60 -28.54
CA LYS A 61 10.06 -18.14 -27.15
C LYS A 61 8.93 -18.72 -26.32
N VAL A 62 7.72 -18.77 -26.87
CA VAL A 62 6.58 -19.34 -26.14
C VAL A 62 6.83 -20.80 -25.81
N PHE A 63 7.33 -21.56 -26.79
CA PHE A 63 7.64 -22.97 -26.58
C PHE A 63 8.63 -23.15 -25.44
N SER A 64 9.76 -22.42 -25.50
CA SER A 64 10.78 -22.59 -24.48
C SER A 64 10.29 -22.15 -23.11
N ALA A 65 9.45 -21.10 -23.06
CA ALA A 65 8.89 -20.67 -21.78
C ALA A 65 7.96 -21.74 -21.20
N HIS A 66 7.18 -22.40 -22.07
CA HIS A 66 6.36 -23.51 -21.61
C HIS A 66 7.23 -24.60 -21.00
N PHE A 67 8.36 -24.91 -21.64
CA PHE A 67 9.24 -25.94 -21.10
C PHE A 67 9.80 -25.54 -19.74
N GLY A 68 10.21 -24.29 -19.60
CA GLY A 68 10.67 -23.82 -18.30
C GLY A 68 9.60 -23.91 -17.22
N GLN A 69 8.37 -23.53 -17.56
CA GLN A 69 7.27 -23.64 -16.62
C GLN A 69 7.04 -25.09 -16.19
N LEU A 70 7.10 -26.01 -17.15
CA LEU A 70 6.95 -27.43 -16.82
C LEU A 70 8.06 -27.90 -15.89
N ALA A 71 9.29 -27.43 -16.13
CA ALA A 71 10.39 -27.78 -15.24
C ALA A 71 10.13 -27.29 -13.81
N VAL A 72 9.62 -26.07 -13.68
CA VAL A 72 9.34 -25.53 -12.35
C VAL A 72 8.25 -26.34 -11.67
N ILE A 73 7.21 -26.72 -12.41
CA ILE A 73 6.14 -27.54 -11.83
C ILE A 73 6.68 -28.90 -11.38
N PHE A 74 7.60 -29.47 -12.16
CA PHE A 74 8.18 -30.75 -11.79
C PHE A 74 9.01 -30.62 -10.51
N ILE A 75 9.76 -29.52 -10.38
CA ILE A 75 10.50 -29.29 -9.14
C ILE A 75 9.55 -29.18 -7.96
N TRP A 76 8.44 -28.47 -8.15
CA TRP A 76 7.43 -28.35 -7.09
C TRP A 76 6.91 -29.71 -6.67
N LEU A 77 6.55 -30.55 -7.65
CA LEU A 77 5.98 -31.86 -7.33
C LEU A 77 7.00 -32.75 -6.64
N SER A 78 8.23 -32.77 -7.14
CA SER A 78 9.27 -33.56 -6.49
C SER A 78 9.53 -33.08 -5.07
N GLY A 79 9.43 -31.77 -4.83
CA GLY A 79 9.57 -31.27 -3.48
C GLY A 79 8.46 -31.72 -2.55
N MET A 80 7.22 -31.69 -3.04
CA MET A 80 6.11 -32.16 -2.22
C MET A 80 6.27 -33.64 -1.89
N TYR A 81 6.70 -34.44 -2.86
CA TYR A 81 6.89 -35.87 -2.60
C TYR A 81 8.04 -36.11 -1.62
N PHE A 82 9.14 -35.36 -1.78
CA PHE A 82 10.26 -35.53 -0.87
C PHE A 82 9.88 -35.13 0.55
N HIS A 83 9.05 -34.10 0.69
CA HIS A 83 8.61 -33.72 2.04
C HIS A 83 7.68 -34.77 2.63
N GLY A 84 6.77 -35.31 1.83
CA GLY A 84 5.96 -36.42 2.29
C GLY A 84 6.80 -37.63 2.67
N ALA A 85 7.98 -37.76 2.09
CA ALA A 85 8.85 -38.88 2.42
C ALA A 85 9.66 -38.65 3.69
N ARG A 86 10.21 -37.45 3.86
CA ARG A 86 11.22 -37.22 4.89
C ARG A 86 10.67 -36.58 6.16
N PHE A 87 9.76 -35.62 6.05
CA PHE A 87 9.27 -34.92 7.23
C PHE A 87 7.77 -35.07 7.40
N SER A 88 7.24 -36.28 7.22
CA SER A 88 5.82 -36.51 7.31
C SER A 88 5.52 -37.70 8.21
N ASN A 89 4.36 -37.65 8.86
CA ASN A 89 3.85 -38.78 9.63
C ASN A 89 2.89 -39.62 8.78
N TYR A 90 3.35 -40.03 7.60
CA TYR A 90 2.48 -40.74 6.67
C TYR A 90 2.26 -42.18 7.12
N GLU A 91 3.34 -42.89 7.44
CA GLU A 91 3.21 -44.28 7.85
C GLU A 91 2.37 -44.41 9.11
N ALA A 92 2.50 -43.47 10.04
CA ALA A 92 1.66 -43.47 11.23
C ALA A 92 0.21 -43.15 10.88
N TRP A 93 0.01 -42.23 9.93
CA TRP A 93 -1.34 -41.90 9.50
C TRP A 93 -2.04 -43.12 8.90
N LEU A 94 -1.28 -43.94 8.16
CA LEU A 94 -1.89 -45.10 7.49
C LEU A 94 -2.48 -46.09 8.49
N SER A 95 -1.89 -46.19 9.69
CA SER A 95 -2.37 -47.12 10.68
C SER A 95 -3.63 -46.64 11.40
N ASP A 96 -3.94 -45.36 11.32
CA ASP A 96 -5.11 -44.80 11.97
C ASP A 96 -5.49 -43.49 11.29
N PRO A 97 -6.13 -43.53 10.12
CA PRO A 97 -6.43 -42.29 9.38
C PRO A 97 -7.53 -41.45 9.99
N THR A 98 -8.18 -41.90 11.06
CA THR A 98 -9.29 -41.17 11.64
C THR A 98 -8.92 -40.44 12.93
N HIS A 99 -7.73 -40.67 13.46
CA HIS A 99 -7.28 -40.00 14.68
C HIS A 99 -5.96 -39.28 14.51
N ILE A 100 -5.32 -39.35 13.35
CA ILE A 100 -4.02 -38.75 13.10
C ILE A 100 -4.21 -37.63 12.09
N LYS A 101 -3.84 -36.42 12.48
CA LYS A 101 -3.94 -35.28 11.58
C LYS A 101 -2.75 -35.29 10.61
N PRO A 102 -2.99 -35.11 9.31
CA PRO A 102 -1.87 -35.08 8.36
C PRO A 102 -0.89 -33.96 8.67
N SER A 103 0.37 -34.20 8.34
CA SER A 103 1.41 -33.20 8.56
C SER A 103 2.65 -33.61 7.78
N ALA A 104 3.18 -32.69 6.97
CA ALA A 104 4.37 -32.97 6.18
C ALA A 104 5.34 -31.80 6.17
N GLN A 105 5.37 -31.01 7.25
CA GLN A 105 6.28 -29.88 7.33
C GLN A 105 6.66 -29.66 8.79
N VAL A 106 7.97 -29.54 9.04
CA VAL A 106 8.48 -29.27 10.37
C VAL A 106 9.28 -27.98 10.33
N VAL A 107 9.41 -27.34 11.49
CA VAL A 107 10.01 -26.02 11.61
C VAL A 107 11.22 -26.11 12.53
N TRP A 108 12.31 -25.47 12.11
CA TRP A 108 13.50 -25.43 12.94
C TRP A 108 13.24 -24.59 14.19
N PRO A 109 13.73 -25.04 15.35
CA PRO A 109 13.61 -24.24 16.58
C PRO A 109 14.69 -23.17 16.65
N ILE A 110 14.29 -21.91 16.45
CA ILE A 110 15.26 -20.82 16.46
C ILE A 110 14.86 -19.71 17.42
N VAL A 111 13.66 -19.14 17.25
CA VAL A 111 13.28 -17.92 17.96
C VAL A 111 11.96 -18.12 18.70
N GLY A 112 11.68 -19.35 19.11
CA GLY A 112 10.43 -19.63 19.78
C GLY A 112 9.32 -20.11 18.88
N GLN A 113 9.55 -20.12 17.56
CA GLN A 113 8.58 -20.64 16.60
C GLN A 113 8.41 -22.14 16.70
N LYS A 114 9.16 -22.80 17.57
CA LYS A 114 9.05 -24.24 17.77
C LYS A 114 7.61 -24.66 18.06
N ILE A 115 6.81 -23.76 18.65
CA ILE A 115 5.43 -24.11 18.99
C ILE A 115 4.53 -24.24 17.78
N LEU A 116 4.99 -23.85 16.60
CA LEU A 116 4.23 -24.13 15.40
C LEU A 116 4.18 -25.62 15.09
N ASN A 117 5.16 -26.38 15.58
CA ASN A 117 5.15 -27.84 15.47
C ASN A 117 4.18 -28.39 16.52
N GLY A 118 2.91 -28.34 16.18
CA GLY A 118 1.88 -28.82 17.08
C GLY A 118 1.83 -30.34 17.14
N ASP A 119 1.12 -30.83 18.15
CA ASP A 119 0.99 -32.27 18.37
C ASP A 119 -0.08 -32.82 17.43
N VAL A 120 0.35 -33.33 16.28
CA VAL A 120 -0.59 -33.83 15.29
C VAL A 120 -0.93 -35.31 15.50
N GLY A 121 -0.14 -36.05 16.25
CA GLY A 121 -0.43 -37.44 16.51
C GLY A 121 0.59 -38.36 15.87
N GLY A 122 0.70 -39.56 16.43
CA GLY A 122 1.62 -40.56 15.93
C GLY A 122 3.06 -40.38 16.34
N GLY A 123 3.32 -39.58 17.36
CA GLY A 123 4.70 -39.29 17.75
C GLY A 123 5.37 -38.27 16.88
N PHE A 124 4.61 -37.41 16.21
CA PHE A 124 5.14 -36.41 15.30
C PHE A 124 4.78 -35.02 15.80
N GLN A 125 5.53 -34.03 15.32
CA GLN A 125 5.30 -32.63 15.69
C GLN A 125 5.59 -31.78 14.46
N GLY A 126 4.57 -31.17 13.90
CA GLY A 126 4.74 -30.34 12.73
C GLY A 126 3.44 -29.67 12.35
N ILE A 127 3.55 -28.73 11.40
CA ILE A 127 2.37 -28.04 10.91
C ILE A 127 1.45 -29.04 10.22
N GLN A 128 0.15 -28.90 10.47
CA GLN A 128 -0.84 -29.79 9.86
C GLN A 128 -1.17 -29.31 8.46
N ILE A 129 -0.86 -30.13 7.46
CA ILE A 129 -1.08 -29.73 6.08
C ILE A 129 -2.54 -29.98 5.70
N THR A 130 -2.96 -29.33 4.61
CA THR A 130 -4.33 -29.44 4.10
C THR A 130 -4.35 -29.64 2.59
N SER A 131 -3.21 -30.01 2.00
CA SER A 131 -3.15 -30.17 0.55
C SER A 131 -3.92 -31.39 0.07
N GLY A 132 -4.20 -32.35 0.96
CA GLY A 132 -4.83 -33.58 0.54
C GLY A 132 -3.90 -34.55 -0.13
N PHE A 133 -2.59 -34.43 0.09
CA PHE A 133 -1.63 -35.33 -0.54
C PHE A 133 -1.64 -36.70 0.12
N PHE A 134 -1.95 -36.77 1.42
CA PHE A 134 -1.99 -38.07 2.09
C PHE A 134 -3.11 -38.92 1.52
N GLN A 135 -4.29 -38.33 1.30
CA GLN A 135 -5.40 -39.07 0.72
C GLN A 135 -5.08 -39.51 -0.70
N LEU A 136 -4.42 -38.64 -1.47
CA LEU A 136 -4.04 -39.01 -2.84
C LEU A 136 -3.07 -40.17 -2.85
N TRP A 137 -2.10 -40.17 -1.93
CA TRP A 137 -1.14 -41.26 -1.87
C TRP A 137 -1.78 -42.55 -1.38
N ARG A 138 -2.74 -42.44 -0.45
CA ARG A 138 -3.46 -43.62 0.00
C ARG A 138 -4.30 -44.21 -1.12
N ALA A 139 -4.90 -43.36 -1.95
CA ALA A 139 -5.68 -43.85 -3.08
C ALA A 139 -4.82 -44.38 -4.21
N SER A 140 -3.59 -43.88 -4.34
CA SER A 140 -2.68 -44.38 -5.36
C SER A 140 -2.10 -45.73 -5.01
N GLY A 141 -2.21 -46.16 -3.75
CA GLY A 141 -1.59 -47.39 -3.31
C GLY A 141 -0.25 -47.21 -2.62
N ILE A 142 0.23 -45.98 -2.49
CA ILE A 142 1.51 -45.74 -1.84
C ILE A 142 1.41 -46.09 -0.36
N THR A 143 2.32 -46.93 0.11
CA THR A 143 2.21 -47.45 1.47
C THR A 143 3.54 -47.45 2.22
N SER A 144 4.56 -46.76 1.73
CA SER A 144 5.84 -46.73 2.41
C SER A 144 6.59 -45.48 1.98
N GLU A 145 7.36 -44.92 2.92
CA GLU A 145 8.15 -43.73 2.63
C GLU A 145 9.14 -43.96 1.50
N LEU A 146 9.67 -45.18 1.38
CA LEU A 146 10.56 -45.52 0.28
C LEU A 146 9.91 -45.19 -1.06
N GLN A 147 8.70 -45.70 -1.28
CA GLN A 147 7.96 -45.46 -2.51
C GLN A 147 7.75 -43.98 -2.78
N LEU A 148 7.97 -43.12 -1.79
CA LEU A 148 7.96 -41.68 -2.04
C LEU A 148 9.33 -41.18 -2.49
N TYR A 149 10.37 -41.52 -1.72
CA TYR A 149 11.74 -41.10 -2.04
C TYR A 149 12.03 -41.25 -3.53
N THR A 150 11.89 -42.48 -4.03
CA THR A 150 12.17 -42.76 -5.44
C THR A 150 11.46 -41.77 -6.34
N THR A 151 10.14 -41.63 -6.18
CA THR A 151 9.39 -40.78 -7.11
C THR A 151 9.87 -39.34 -7.02
N ALA A 152 10.27 -38.89 -5.83
CA ALA A 152 10.88 -37.57 -5.70
C ALA A 152 12.04 -37.44 -6.67
N ILE A 153 13.02 -38.35 -6.56
CA ILE A 153 14.14 -38.37 -7.49
C ILE A 153 13.62 -38.36 -8.91
N GLY A 154 12.62 -39.21 -9.19
CA GLY A 154 12.03 -39.24 -10.52
C GLY A 154 11.63 -37.85 -11.00
N GLY A 155 10.82 -37.16 -10.18
CA GLY A 155 10.44 -35.80 -10.55
C GLY A 155 11.65 -34.95 -10.89
N LEU A 156 12.67 -34.97 -10.02
CA LEU A 156 13.86 -34.17 -10.26
C LEU A 156 14.42 -34.44 -11.64
N ILE A 157 14.53 -35.72 -12.01
CA ILE A 157 15.05 -36.07 -13.33
C ILE A 157 14.26 -35.35 -14.41
N PHE A 158 12.93 -35.52 -14.38
CA PHE A 158 12.09 -34.87 -15.38
C PHE A 158 12.35 -33.38 -15.42
N ALA A 159 12.49 -32.75 -14.25
CA ALA A 159 12.81 -31.33 -14.19
C ALA A 159 13.99 -31.02 -15.09
N ALA A 160 15.14 -31.67 -14.81
CA ALA A 160 16.32 -31.46 -15.64
C ALA A 160 15.98 -31.71 -17.10
N LEU A 161 15.32 -32.83 -17.38
CA LEU A 161 14.92 -33.15 -18.75
C LEU A 161 14.19 -31.96 -19.38
N MET A 162 13.16 -31.47 -18.70
CA MET A 162 12.41 -30.34 -19.22
C MET A 162 13.34 -29.18 -19.54
N LEU A 163 14.18 -28.81 -18.56
CA LEU A 163 15.13 -27.72 -18.78
C LEU A 163 15.94 -27.97 -20.03
N PHE A 164 16.48 -29.19 -20.16
CA PHE A 164 17.26 -29.52 -21.35
C PHE A 164 16.46 -29.22 -22.60
N ALA A 165 15.24 -29.77 -22.69
CA ALA A 165 14.39 -29.51 -23.84
C ALA A 165 14.23 -28.02 -24.05
N GLY A 166 13.94 -27.29 -22.96
CA GLY A 166 13.75 -25.86 -23.07
C GLY A 166 14.93 -25.17 -23.72
N TRP A 167 16.15 -25.59 -23.35
CA TRP A 167 17.32 -25.04 -24.02
C TRP A 167 17.38 -25.53 -25.46
N PHE A 168 17.26 -26.85 -25.65
CA PHE A 168 17.47 -27.46 -26.96
C PHE A 168 16.63 -26.77 -28.02
N HIS A 169 15.31 -26.83 -27.86
CA HIS A 169 14.40 -26.32 -28.87
C HIS A 169 14.40 -24.82 -28.96
N TYR A 170 15.31 -24.11 -28.31
CA TYR A 170 15.52 -22.72 -28.64
C TYR A 170 16.90 -22.44 -29.19
N HIS A 171 17.90 -23.25 -28.84
CA HIS A 171 19.28 -22.93 -29.18
C HIS A 171 19.92 -23.90 -30.16
N LYS A 172 19.52 -25.17 -30.14
CA LYS A 172 20.09 -26.15 -31.05
C LYS A 172 19.16 -26.48 -32.21
N ALA A 173 17.89 -26.80 -31.91
CA ALA A 173 16.93 -27.19 -32.93
C ALA A 173 15.62 -26.45 -32.68
N ALA A 174 15.50 -25.24 -33.23
CA ALA A 174 14.22 -24.60 -32.98
C ALA A 174 13.32 -24.70 -34.22
N PRO A 175 12.05 -25.00 -34.03
CA PRO A 175 11.13 -25.10 -35.17
C PRO A 175 10.91 -23.74 -35.83
N LYS A 176 10.22 -23.78 -36.96
CA LYS A 176 9.83 -22.57 -37.67
C LYS A 176 8.31 -22.47 -37.71
N LEU A 177 7.84 -21.24 -37.92
CA LEU A 177 6.42 -20.89 -37.84
C LEU A 177 5.51 -21.90 -38.51
N ALA A 178 5.91 -22.44 -39.66
CA ALA A 178 5.08 -23.38 -40.39
C ALA A 178 4.81 -24.65 -39.61
N TRP A 179 5.62 -24.96 -38.60
CA TRP A 179 5.44 -26.18 -37.82
C TRP A 179 4.37 -26.00 -36.76
N PHE A 180 4.41 -24.88 -36.03
CA PHE A 180 3.42 -24.62 -34.99
C PHE A 180 2.01 -24.51 -35.55
N GLN A 181 1.87 -24.09 -36.81
CA GLN A 181 0.56 -23.80 -37.37
C GLN A 181 -0.25 -25.05 -37.65
N ASN A 182 0.36 -26.24 -37.61
CA ASN A 182 -0.38 -27.48 -37.87
C ASN A 182 -1.25 -27.78 -36.65
N VAL A 183 -2.42 -27.15 -36.61
CA VAL A 183 -3.32 -27.33 -35.47
C VAL A 183 -4.09 -28.63 -35.58
N GLU A 184 -4.30 -29.14 -36.79
CA GLU A 184 -5.02 -30.40 -36.96
C GLU A 184 -4.28 -31.55 -36.30
N SER A 185 -3.00 -31.71 -36.66
CA SER A 185 -2.19 -32.76 -36.04
C SER A 185 -1.97 -32.51 -34.56
N MET A 186 -1.85 -31.24 -34.16
CA MET A 186 -1.69 -30.91 -32.75
C MET A 186 -2.89 -31.39 -31.94
N LEU A 187 -4.10 -31.12 -32.42
CA LEU A 187 -5.29 -31.57 -31.72
C LEU A 187 -5.42 -33.08 -31.78
N ASN A 188 -5.08 -33.68 -32.92
CA ASN A 188 -5.08 -35.13 -33.03
C ASN A 188 -4.22 -35.77 -31.94
N HIS A 189 -3.03 -35.20 -31.73
CA HIS A 189 -2.08 -35.79 -30.78
C HIS A 189 -2.41 -35.45 -29.35
N HIS A 190 -3.04 -34.31 -29.09
CA HIS A 190 -3.46 -34.01 -27.72
C HIS A 190 -4.69 -34.79 -27.33
N LEU A 191 -5.57 -35.11 -28.28
CA LEU A 191 -6.73 -35.94 -27.97
C LEU A 191 -6.35 -37.40 -27.83
N ALA A 192 -5.77 -37.99 -28.88
CA ALA A 192 -5.48 -39.41 -28.86
C ALA A 192 -4.28 -39.72 -27.95
N GLY A 193 -3.23 -38.93 -28.05
CA GLY A 193 -1.98 -39.25 -27.37
C GLY A 193 -1.88 -38.82 -25.93
N LEU A 194 -2.16 -37.55 -25.65
CA LEU A 194 -1.96 -37.04 -24.30
C LEU A 194 -3.11 -37.44 -23.37
N LEU A 195 -4.34 -37.23 -23.79
CA LEU A 195 -5.48 -37.52 -22.92
C LEU A 195 -5.87 -39.00 -22.98
N GLY A 196 -5.97 -39.55 -24.17
CA GLY A 196 -6.37 -40.94 -24.34
C GLY A 196 -5.39 -41.92 -23.73
N LEU A 197 -4.13 -41.88 -24.18
CA LEU A 197 -3.14 -42.80 -23.64
C LEU A 197 -2.85 -42.53 -22.18
N GLY A 198 -2.93 -41.27 -21.74
CA GLY A 198 -2.75 -40.97 -20.34
C GLY A 198 -3.82 -41.60 -19.47
N SER A 199 -5.08 -41.45 -19.89
CA SER A 199 -6.18 -42.08 -19.16
C SER A 199 -6.06 -43.58 -19.18
N LEU A 200 -5.63 -44.15 -20.31
CA LEU A 200 -5.48 -45.60 -20.38
C LEU A 200 -4.38 -46.09 -19.45
N ALA A 201 -3.26 -45.37 -19.39
CA ALA A 201 -2.18 -45.76 -18.49
C ALA A 201 -2.60 -45.65 -17.04
N TRP A 202 -3.34 -44.59 -16.68
CA TRP A 202 -3.78 -44.48 -15.30
C TRP A 202 -4.81 -45.54 -14.95
N ALA A 203 -5.68 -45.89 -15.91
CA ALA A 203 -6.61 -46.98 -15.67
C ALA A 203 -5.86 -48.29 -15.46
N GLY A 204 -4.78 -48.50 -16.21
CA GLY A 204 -3.95 -49.67 -15.99
C GLY A 204 -3.35 -49.71 -14.61
N HIS A 205 -2.74 -48.60 -14.19
CA HIS A 205 -2.17 -48.53 -12.85
C HIS A 205 -3.23 -48.81 -11.80
N GLN A 206 -4.39 -48.16 -11.91
CA GLN A 206 -5.48 -48.41 -10.98
C GLN A 206 -5.81 -49.90 -10.93
N VAL A 207 -6.26 -50.45 -12.05
CA VAL A 207 -6.73 -51.82 -12.12
C VAL A 207 -5.67 -52.84 -11.71
N HIS A 208 -4.39 -52.46 -11.72
CA HIS A 208 -3.37 -53.44 -11.38
C HIS A 208 -2.84 -53.32 -9.97
N VAL A 209 -2.57 -52.11 -9.48
CA VAL A 209 -1.96 -51.93 -8.17
C VAL A 209 -2.90 -51.22 -7.19
N SER A 210 -3.70 -50.26 -7.66
CA SER A 210 -4.42 -49.42 -6.73
C SER A 210 -5.65 -50.12 -6.17
N LEU A 211 -6.20 -51.08 -6.92
CA LEU A 211 -7.40 -51.78 -6.48
C LEU A 211 -7.09 -52.81 -5.41
N PRO A 212 -6.14 -53.73 -5.60
CA PRO A 212 -5.90 -54.75 -4.56
C PRO A 212 -5.34 -54.16 -3.27
N ILE A 213 -4.42 -53.21 -3.38
CA ILE A 213 -3.82 -52.62 -2.19
C ILE A 213 -4.88 -51.89 -1.37
N ASN A 214 -5.72 -51.10 -2.04
CA ASN A 214 -6.75 -50.37 -1.32
C ASN A 214 -7.82 -51.31 -0.77
N ARG A 215 -8.13 -52.38 -1.49
CA ARG A 215 -9.09 -53.35 -0.96
C ARG A 215 -8.55 -54.02 0.29
N LEU A 216 -7.28 -54.40 0.29
CA LEU A 216 -6.68 -54.97 1.49
C LEU A 216 -6.58 -53.95 2.61
N LEU A 217 -6.44 -52.68 2.27
CA LEU A 217 -6.48 -51.64 3.29
C LEU A 217 -7.87 -51.46 3.88
N ASP A 218 -8.91 -51.73 3.09
CA ASP A 218 -10.27 -51.65 3.60
C ASP A 218 -10.63 -52.89 4.43
N ALA A 219 -9.99 -54.03 4.16
CA ALA A 219 -10.24 -55.23 4.94
C ALA A 219 -9.59 -55.19 6.31
N GLY A 220 -8.87 -54.12 6.65
CA GLY A 220 -8.33 -53.95 7.99
C GLY A 220 -6.99 -54.60 8.25
N VAL A 221 -6.19 -54.85 7.22
CA VAL A 221 -4.87 -55.45 7.41
C VAL A 221 -3.84 -54.34 7.62
N ASP A 222 -2.71 -54.73 8.18
CA ASP A 222 -1.65 -53.76 8.45
C ASP A 222 -1.03 -53.30 7.14
N PRO A 223 -0.81 -52.00 6.95
CA PRO A 223 -0.18 -51.53 5.71
C PRO A 223 1.24 -52.05 5.50
N LYS A 224 1.84 -52.70 6.49
CA LYS A 224 3.15 -53.31 6.30
C LYS A 224 3.07 -54.74 5.80
N GLU A 225 1.98 -55.46 6.11
CA GLU A 225 1.80 -56.82 5.64
C GLU A 225 1.26 -56.89 4.22
N ILE A 226 0.75 -55.78 3.68
CA ILE A 226 0.25 -55.79 2.31
C ILE A 226 1.40 -56.09 1.36
N PRO A 227 1.25 -57.06 0.44
CA PRO A 227 2.31 -57.32 -0.53
C PRO A 227 2.64 -56.07 -1.34
N LEU A 228 3.85 -56.07 -1.90
CA LEU A 228 4.31 -54.93 -2.67
C LEU A 228 3.54 -54.84 -3.99
N PRO A 229 3.48 -53.65 -4.59
CA PRO A 229 2.65 -53.47 -5.79
C PRO A 229 3.06 -54.32 -6.98
N HIS A 230 4.20 -55.02 -6.94
CA HIS A 230 4.57 -55.89 -8.03
C HIS A 230 4.24 -57.36 -7.77
N GLU A 231 3.94 -57.73 -6.53
CA GLU A 231 3.48 -59.09 -6.26
C GLU A 231 2.11 -59.37 -6.85
N PHE A 232 1.38 -58.34 -7.27
CA PHE A 232 0.13 -58.49 -7.98
C PHE A 232 0.32 -58.44 -9.49
N ILE A 233 1.52 -58.14 -9.97
CA ILE A 233 1.82 -58.13 -11.39
C ILE A 233 2.45 -59.43 -11.84
N LEU A 234 3.36 -59.99 -11.05
CA LEU A 234 4.00 -61.26 -11.37
C LEU A 234 3.28 -62.43 -10.71
N ASN A 235 2.08 -62.21 -10.18
CA ASN A 235 1.28 -63.29 -9.60
C ASN A 235 -0.19 -62.94 -9.84
N ARG A 236 -0.75 -63.45 -10.93
CA ARG A 236 -2.16 -63.26 -11.20
C ARG A 236 -3.04 -64.01 -10.19
N ASP A 237 -2.49 -65.04 -9.54
CA ASP A 237 -3.26 -65.78 -8.56
C ASP A 237 -3.38 -65.00 -7.24
N LEU A 238 -2.30 -64.32 -6.83
CA LEU A 238 -2.37 -63.49 -5.63
C LEU A 238 -3.32 -62.33 -5.80
N LEU A 239 -3.51 -61.86 -7.03
CA LEU A 239 -4.45 -60.78 -7.29
C LEU A 239 -5.86 -61.30 -7.44
N ALA A 240 -6.03 -62.46 -8.07
CA ALA A 240 -7.34 -63.06 -8.23
C ALA A 240 -7.97 -63.49 -6.91
N GLN A 241 -7.21 -63.50 -5.81
CA GLN A 241 -7.78 -63.83 -4.51
C GLN A 241 -8.86 -62.83 -4.11
N LEU A 242 -8.76 -61.59 -4.60
CA LEU A 242 -9.73 -60.55 -4.31
C LEU A 242 -10.75 -60.41 -5.43
N TYR A 243 -10.29 -60.21 -6.66
CA TYR A 243 -11.14 -60.15 -7.84
C TYR A 243 -10.92 -61.40 -8.68
N PRO A 244 -11.67 -62.47 -8.45
CA PRO A 244 -11.42 -63.73 -9.17
C PRO A 244 -11.55 -63.62 -10.68
N SER A 245 -12.11 -62.52 -11.19
CA SER A 245 -12.23 -62.38 -12.64
C SER A 245 -10.87 -62.43 -13.33
N PHE A 246 -9.81 -62.00 -12.63
CA PHE A 246 -8.48 -62.06 -13.21
C PHE A 246 -8.07 -63.49 -13.54
N SER A 247 -8.65 -64.47 -12.83
CA SER A 247 -8.37 -65.87 -13.15
C SER A 247 -8.75 -66.22 -14.58
N LYS A 248 -9.66 -65.46 -15.20
CA LYS A 248 -10.07 -65.71 -16.57
C LYS A 248 -9.09 -65.14 -17.60
N GLY A 249 -7.95 -64.59 -17.15
CA GLY A 249 -6.98 -64.09 -18.08
C GLY A 249 -7.49 -62.92 -18.92
N LEU A 250 -6.71 -62.61 -19.95
CA LEU A 250 -7.02 -61.53 -20.88
C LEU A 250 -7.95 -61.98 -22.01
N THR A 251 -8.66 -63.08 -21.83
CA THR A 251 -9.52 -63.63 -22.87
C THR A 251 -10.85 -62.88 -22.97
N PRO A 252 -11.55 -62.59 -21.86
CA PRO A 252 -12.81 -61.83 -21.98
C PRO A 252 -12.69 -60.53 -22.75
N PHE A 253 -11.55 -59.84 -22.65
CA PHE A 253 -11.41 -58.57 -23.34
C PHE A 253 -11.36 -58.74 -24.85
N PHE A 254 -10.83 -59.87 -25.34
CA PHE A 254 -10.61 -60.05 -26.77
C PHE A 254 -11.75 -60.78 -27.46
N THR A 255 -12.58 -61.52 -26.73
CA THR A 255 -13.73 -62.20 -27.31
C THR A 255 -15.03 -61.41 -27.13
N LEU A 256 -14.93 -60.14 -26.74
CA LEU A 256 -16.09 -59.27 -26.49
C LEU A 256 -17.03 -59.85 -25.44
N ASN A 257 -16.56 -60.84 -24.67
CA ASN A 257 -17.31 -61.40 -23.56
C ASN A 257 -16.96 -60.73 -22.24
N TRP A 258 -16.57 -59.46 -22.28
CA TRP A 258 -16.04 -58.76 -21.12
C TRP A 258 -17.12 -58.27 -20.16
N SER A 259 -18.32 -58.84 -20.22
CA SER A 259 -19.29 -58.60 -19.17
C SER A 259 -19.00 -59.41 -17.92
N GLU A 260 -17.96 -60.24 -17.95
CA GLU A 260 -17.49 -60.99 -16.79
C GLU A 260 -16.47 -60.22 -15.97
N TYR A 261 -16.10 -59.01 -16.41
CA TYR A 261 -15.19 -58.15 -15.67
C TYR A 261 -15.93 -57.31 -14.62
N SER A 262 -17.17 -57.67 -14.30
CA SER A 262 -17.99 -56.91 -13.37
C SER A 262 -17.45 -56.91 -11.94
N ASP A 263 -16.34 -57.61 -11.68
CA ASP A 263 -15.76 -57.59 -10.35
C ASP A 263 -15.03 -56.27 -10.10
N PHE A 264 -14.09 -55.92 -10.97
CA PHE A 264 -13.29 -54.71 -10.81
C PHE A 264 -13.71 -53.59 -11.75
N LEU A 265 -14.58 -53.85 -12.72
CA LEU A 265 -15.13 -52.82 -13.58
C LEU A 265 -16.63 -52.72 -13.27
N THR A 266 -16.95 -51.92 -12.27
CA THR A 266 -18.31 -51.82 -11.75
C THR A 266 -18.97 -50.52 -12.19
N PHE A 267 -20.26 -50.42 -11.89
CA PHE A 267 -21.03 -49.18 -12.06
C PHE A 267 -21.93 -49.08 -10.84
N ARG A 268 -21.42 -48.41 -9.80
CA ARG A 268 -22.11 -48.31 -8.53
C ARG A 268 -21.97 -46.88 -8.02
N GLY A 269 -23.11 -46.23 -7.76
CA GLY A 269 -23.07 -44.89 -7.21
C GLY A 269 -22.71 -44.88 -5.74
N GLY A 270 -22.97 -43.77 -5.07
CA GLY A 270 -22.65 -43.68 -3.66
C GLY A 270 -21.16 -43.71 -3.39
N LEU A 271 -20.84 -43.75 -2.10
CA LEU A 271 -19.46 -43.78 -1.64
C LEU A 271 -19.18 -45.08 -0.89
N ASN A 272 -17.91 -45.44 -0.85
CA ASN A 272 -17.47 -46.57 -0.05
C ASN A 272 -17.86 -46.35 1.41
N PRO A 273 -18.59 -47.29 2.03
CA PRO A 273 -19.16 -47.03 3.36
C PRO A 273 -18.13 -46.90 4.47
N VAL A 274 -16.87 -47.29 4.23
CA VAL A 274 -15.87 -47.25 5.29
C VAL A 274 -14.83 -46.16 5.08
N THR A 275 -14.58 -45.74 3.84
CA THR A 275 -13.62 -44.69 3.57
C THR A 275 -14.27 -43.35 3.23
N GLY A 276 -15.57 -43.33 3.01
CA GLY A 276 -16.23 -42.09 2.61
C GLY A 276 -15.71 -41.54 1.30
N GLY A 277 -15.48 -42.41 0.32
CA GLY A 277 -15.00 -41.99 -0.98
C GLY A 277 -15.57 -42.89 -2.05
N LEU A 278 -15.29 -42.53 -3.30
CA LEU A 278 -15.79 -43.30 -4.43
C LEU A 278 -15.16 -44.69 -4.45
N TRP A 279 -15.82 -45.60 -5.14
CA TRP A 279 -15.29 -46.93 -5.36
C TRP A 279 -14.21 -46.88 -6.43
N LEU A 280 -13.00 -47.32 -6.09
CA LEU A 280 -11.93 -47.34 -7.09
C LEU A 280 -12.24 -48.31 -8.21
N THR A 281 -13.00 -49.37 -7.91
CA THR A 281 -13.49 -50.26 -8.96
C THR A 281 -14.40 -49.53 -9.95
N ASP A 282 -14.92 -48.37 -9.56
CA ASP A 282 -15.72 -47.53 -10.45
C ASP A 282 -14.86 -46.54 -11.21
N THR A 283 -13.86 -45.93 -10.54
CA THR A 283 -12.98 -44.99 -11.23
C THR A 283 -12.11 -45.69 -12.26
N ALA A 284 -11.77 -46.96 -12.03
CA ALA A 284 -11.02 -47.71 -13.04
C ALA A 284 -11.83 -47.87 -14.31
N HIS A 285 -13.10 -48.25 -14.16
CA HIS A 285 -14.01 -48.34 -15.31
C HIS A 285 -14.17 -46.99 -15.98
N HIS A 286 -14.31 -45.94 -15.18
CA HIS A 286 -14.47 -44.60 -15.73
C HIS A 286 -13.27 -44.21 -16.59
N HIS A 287 -12.06 -44.44 -16.08
CA HIS A 287 -10.87 -44.10 -16.83
C HIS A 287 -10.74 -44.97 -18.07
N LEU A 288 -11.09 -46.25 -17.97
CA LEU A 288 -11.04 -47.13 -19.13
C LEU A 288 -11.97 -46.65 -20.23
N ALA A 289 -13.14 -46.13 -19.86
CA ALA A 289 -14.06 -45.63 -20.86
C ALA A 289 -13.60 -44.29 -21.43
N ILE A 290 -13.13 -43.39 -20.57
CA ILE A 290 -12.67 -42.08 -21.01
C ILE A 290 -11.49 -42.22 -21.97
N ALA A 291 -10.63 -43.22 -21.72
CA ALA A 291 -9.45 -43.41 -22.57
C ALA A 291 -9.86 -43.74 -24.00
N VAL A 292 -10.73 -44.75 -24.17
CA VAL A 292 -11.16 -45.11 -25.52
C VAL A 292 -12.00 -44.00 -26.13
N LEU A 293 -12.75 -43.26 -25.33
CA LEU A 293 -13.49 -42.11 -25.85
C LEU A 293 -12.54 -41.12 -26.50
N PHE A 294 -11.53 -40.67 -25.75
CA PHE A 294 -10.57 -39.72 -26.30
C PHE A 294 -9.76 -40.31 -27.44
N LEU A 295 -9.51 -41.62 -27.42
CA LEU A 295 -8.74 -42.24 -28.49
C LEU A 295 -9.50 -42.22 -29.81
N VAL A 296 -10.76 -42.70 -29.79
CA VAL A 296 -11.56 -42.65 -31.01
C VAL A 296 -11.94 -41.22 -31.37
N ALA A 297 -11.89 -40.28 -30.42
CA ALA A 297 -12.12 -38.89 -30.74
C ALA A 297 -10.88 -38.19 -31.27
N GLY A 298 -9.71 -38.81 -31.14
CA GLY A 298 -8.50 -38.25 -31.69
C GLY A 298 -8.29 -38.54 -33.15
N HIS A 299 -9.25 -39.19 -33.80
CA HIS A 299 -9.25 -39.38 -35.25
C HIS A 299 -10.44 -38.61 -35.79
N MET A 300 -10.26 -37.31 -35.95
CA MET A 300 -11.26 -36.46 -36.59
C MET A 300 -10.66 -35.56 -37.67
N TYR A 301 -9.45 -35.07 -37.47
CA TYR A 301 -8.90 -34.02 -38.30
C TYR A 301 -7.87 -34.59 -39.28
N ARG A 302 -7.72 -33.89 -40.41
CA ARG A 302 -6.97 -34.42 -41.54
C ARG A 302 -5.49 -34.13 -41.40
N THR A 303 -4.68 -35.15 -41.65
CA THR A 303 -3.23 -35.08 -41.77
C THR A 303 -2.87 -35.50 -43.19
N ASN A 304 -1.58 -35.74 -43.42
CA ASN A 304 -1.11 -36.07 -44.75
C ASN A 304 -1.45 -37.50 -45.18
N PHE A 305 -2.39 -38.16 -44.50
CA PHE A 305 -2.81 -39.50 -44.84
C PHE A 305 -4.20 -39.53 -45.48
N GLY A 306 -4.55 -38.48 -46.22
CA GLY A 306 -5.77 -38.49 -47.02
C GLY A 306 -7.11 -38.24 -46.36
N ILE A 307 -7.38 -38.91 -45.25
CA ILE A 307 -8.69 -38.87 -44.61
C ILE A 307 -8.66 -37.86 -43.46
N GLY A 308 -9.84 -37.51 -42.98
CA GLY A 308 -9.98 -36.63 -41.83
C GLY A 308 -10.63 -35.31 -42.21
N HIS A 309 -11.12 -34.62 -41.19
CA HIS A 309 -11.72 -33.31 -41.36
C HIS A 309 -10.65 -32.23 -41.43
N SER A 310 -11.03 -31.07 -41.97
CA SER A 310 -10.19 -29.89 -41.96
C SER A 310 -10.96 -28.76 -41.30
N MET A 311 -10.35 -28.13 -40.30
CA MET A 311 -11.08 -27.12 -39.54
C MET A 311 -11.08 -25.77 -40.26
N LYS A 312 -11.37 -25.79 -41.54
CA LYS A 312 -11.74 -24.61 -42.29
C LYS A 312 -12.99 -24.85 -43.13
N GLU A 313 -13.11 -26.05 -43.71
CA GLU A 313 -14.36 -26.43 -44.35
C GLU A 313 -15.47 -26.65 -43.32
N ILE A 314 -15.10 -27.03 -42.10
CA ILE A 314 -16.08 -27.17 -41.04
C ILE A 314 -16.63 -25.81 -40.64
N LEU A 315 -15.77 -24.79 -40.61
CA LEU A 315 -16.19 -23.48 -40.13
C LEU A 315 -17.07 -22.78 -41.16
N GLU A 316 -16.56 -22.62 -42.39
CA GLU A 316 -17.30 -21.91 -43.43
C GLU A 316 -18.66 -22.52 -43.70
N ALA A 317 -18.81 -23.83 -43.47
CA ALA A 317 -20.08 -24.49 -43.74
C ALA A 317 -21.20 -24.01 -42.84
N HIS A 318 -20.87 -23.38 -41.72
CA HIS A 318 -21.87 -22.87 -40.77
C HIS A 318 -22.03 -21.38 -41.01
N LYS A 319 -23.05 -21.01 -41.79
CA LYS A 319 -23.26 -19.62 -42.18
C LYS A 319 -24.77 -19.46 -42.42
N GLY A 320 -25.46 -18.89 -41.44
CA GLY A 320 -26.90 -18.81 -41.48
C GLY A 320 -27.41 -17.47 -41.99
N PRO A 321 -28.72 -17.31 -42.00
CA PRO A 321 -29.32 -16.04 -42.44
C PRO A 321 -29.03 -14.89 -41.49
N PHE A 322 -29.25 -15.11 -40.19
CA PHE A 322 -29.15 -14.03 -39.22
C PHE A 322 -27.72 -13.53 -39.04
N THR A 323 -26.74 -14.37 -39.30
CA THR A 323 -25.38 -14.13 -38.82
C THR A 323 -24.39 -13.91 -39.96
N GLY A 324 -24.80 -13.16 -40.98
CA GLY A 324 -23.87 -12.73 -42.01
C GLY A 324 -23.17 -13.88 -42.69
N GLU A 325 -21.85 -13.81 -42.76
CA GLU A 325 -21.03 -14.77 -43.49
C GLU A 325 -20.49 -15.89 -42.60
N GLY A 326 -21.17 -16.19 -41.49
CA GLY A 326 -20.82 -17.33 -40.68
C GLY A 326 -19.45 -17.23 -40.03
N HIS A 327 -18.87 -18.39 -39.76
CA HIS A 327 -17.58 -18.49 -39.08
C HIS A 327 -16.39 -18.32 -40.01
N LYS A 328 -16.61 -17.72 -41.17
CA LYS A 328 -15.50 -17.49 -42.10
C LYS A 328 -14.43 -16.62 -41.45
N GLY A 329 -13.18 -16.88 -41.81
CA GLY A 329 -12.08 -16.07 -41.34
C GLY A 329 -11.75 -16.20 -39.87
N LEU A 330 -12.21 -17.25 -39.20
CA LEU A 330 -11.79 -17.51 -37.83
C LEU A 330 -10.63 -18.49 -37.75
N TYR A 331 -10.50 -19.40 -38.72
CA TYR A 331 -9.32 -20.25 -38.79
C TYR A 331 -8.07 -19.43 -39.05
N GLU A 332 -8.21 -18.28 -39.72
CA GLU A 332 -7.08 -17.38 -39.89
C GLU A 332 -6.77 -16.59 -38.63
N ILE A 333 -7.73 -16.49 -37.71
CA ILE A 333 -7.50 -15.74 -36.47
C ILE A 333 -6.75 -16.60 -35.47
N LEU A 334 -7.10 -17.88 -35.35
CA LEU A 334 -6.56 -18.76 -34.32
C LEU A 334 -5.33 -19.51 -34.77
N THR A 335 -4.73 -19.15 -35.90
CA THR A 335 -3.44 -19.71 -36.30
C THR A 335 -2.41 -18.63 -36.64
N THR A 336 -2.77 -17.35 -36.53
CA THR A 336 -1.82 -16.26 -36.74
C THR A 336 -1.88 -15.27 -35.59
N SER A 337 -2.29 -15.71 -34.41
CA SER A 337 -2.37 -14.84 -33.25
C SER A 337 -2.38 -15.70 -32.00
N TRP A 338 -1.36 -15.54 -31.15
CA TRP A 338 -1.28 -16.34 -29.92
C TRP A 338 -2.27 -15.89 -28.86
N HIS A 339 -2.78 -14.66 -28.96
CA HIS A 339 -3.67 -14.14 -27.91
C HIS A 339 -5.08 -14.68 -28.05
N ALA A 340 -5.60 -14.76 -29.28
CA ALA A 340 -6.93 -15.30 -29.50
C ALA A 340 -7.03 -16.77 -29.12
N GLN A 341 -5.91 -17.46 -28.98
CA GLN A 341 -5.92 -18.82 -28.44
C GLN A 341 -5.83 -18.82 -26.93
N LEU A 342 -4.99 -17.95 -26.37
CA LEU A 342 -4.86 -17.86 -24.92
C LEU A 342 -6.18 -17.46 -24.26
N ALA A 343 -6.96 -16.59 -24.92
CA ALA A 343 -8.24 -16.20 -24.36
C ALA A 343 -9.17 -17.40 -24.19
N ILE A 344 -9.36 -18.16 -25.26
CA ILE A 344 -10.25 -19.32 -25.21
C ILE A 344 -9.72 -20.35 -24.21
N ASN A 345 -8.41 -20.60 -24.24
CA ASN A 345 -7.85 -21.61 -23.35
C ASN A 345 -8.01 -21.21 -21.90
N LEU A 346 -7.77 -19.94 -21.57
CA LEU A 346 -7.91 -19.48 -20.20
C LEU A 346 -9.36 -19.52 -19.74
N ALA A 347 -10.29 -19.12 -20.61
CA ALA A 347 -11.71 -19.17 -20.24
C ALA A 347 -12.15 -20.60 -19.96
N MET A 348 -11.81 -21.52 -20.87
CA MET A 348 -12.21 -22.91 -20.69
C MET A 348 -11.53 -23.54 -19.47
N LEU A 349 -10.26 -23.22 -19.23
CA LEU A 349 -9.57 -23.80 -18.10
C LEU A 349 -10.10 -23.26 -16.78
N GLY A 350 -10.45 -21.97 -16.73
CA GLY A 350 -11.06 -21.45 -15.52
C GLY A 350 -12.42 -22.05 -15.24
N SER A 351 -13.26 -22.12 -16.27
CA SER A 351 -14.56 -22.76 -16.09
C SER A 351 -14.40 -24.22 -15.65
N LEU A 352 -13.41 -24.91 -16.22
CA LEU A 352 -13.18 -26.31 -15.86
C LEU A 352 -12.71 -26.42 -14.42
N THR A 353 -11.89 -25.47 -13.96
CA THR A 353 -11.48 -25.47 -12.55
C THR A 353 -12.68 -25.29 -11.63
N ILE A 354 -13.62 -24.42 -12.03
CA ILE A 354 -14.82 -24.24 -11.23
C ILE A 354 -15.64 -25.53 -11.20
N ILE A 355 -15.78 -26.19 -12.35
CA ILE A 355 -16.50 -27.46 -12.40
C ILE A 355 -15.84 -28.49 -11.49
N VAL A 356 -14.51 -28.54 -11.50
CA VAL A 356 -13.78 -29.48 -10.65
C VAL A 356 -14.05 -29.19 -9.19
N ALA A 357 -13.97 -27.92 -8.80
CA ALA A 357 -14.21 -27.54 -7.42
C ALA A 357 -15.63 -27.89 -6.98
N HIS A 358 -16.59 -27.80 -7.91
CA HIS A 358 -17.96 -28.17 -7.56
C HIS A 358 -18.17 -29.67 -7.51
N HIS A 359 -17.45 -30.44 -8.34
CA HIS A 359 -17.65 -31.87 -8.36
C HIS A 359 -16.96 -32.57 -7.20
N MET A 360 -15.75 -32.13 -6.84
CA MET A 360 -14.96 -32.90 -5.88
C MET A 360 -15.57 -32.89 -4.49
N TYR A 361 -16.18 -31.77 -4.08
CA TYR A 361 -16.79 -31.73 -2.75
C TYR A 361 -18.03 -32.60 -2.67
N ALA A 362 -18.73 -32.80 -3.79
CA ALA A 362 -19.97 -33.54 -3.79
C ALA A 362 -19.79 -35.02 -4.04
N MET A 363 -18.68 -35.42 -4.66
CA MET A 363 -18.36 -36.82 -4.91
C MET A 363 -16.90 -37.03 -4.53
N PRO A 364 -16.62 -37.21 -3.24
CA PRO A 364 -15.23 -37.31 -2.78
C PRO A 364 -14.54 -38.51 -3.40
N PRO A 365 -13.50 -38.27 -4.20
CA PRO A 365 -12.83 -39.36 -4.91
C PRO A 365 -11.68 -40.02 -4.17
N TYR A 366 -11.29 -39.50 -3.02
CA TYR A 366 -10.19 -40.07 -2.26
C TYR A 366 -10.68 -40.59 -0.92
N PRO A 367 -10.08 -41.65 -0.41
CA PRO A 367 -10.53 -42.21 0.88
C PRO A 367 -10.23 -41.26 2.03
N TYR A 368 -11.19 -41.16 2.95
CA TYR A 368 -11.08 -40.29 4.12
C TYR A 368 -10.89 -38.84 3.73
N LEU A 369 -11.49 -38.43 2.61
CA LEU A 369 -11.44 -37.04 2.18
C LEU A 369 -12.62 -36.24 2.73
N ALA A 370 -13.84 -36.79 2.62
CA ALA A 370 -15.00 -36.10 3.15
C ALA A 370 -14.96 -36.02 4.67
N THR A 371 -14.17 -36.87 5.32
CA THR A 371 -14.05 -36.81 6.77
C THR A 371 -13.22 -35.62 7.21
N ASP A 372 -12.03 -35.45 6.65
CA ASP A 372 -11.18 -34.31 6.95
C ASP A 372 -11.81 -33.06 6.35
N TYR A 373 -12.42 -32.24 7.18
CA TYR A 373 -13.14 -31.07 6.69
C TYR A 373 -12.19 -30.00 6.18
N ALA A 374 -11.04 -29.85 6.82
CA ALA A 374 -10.08 -28.81 6.42
C ALA A 374 -9.63 -29.01 4.98
N THR A 375 -9.29 -30.25 4.63
CA THR A 375 -8.84 -30.53 3.26
C THR A 375 -9.96 -30.29 2.26
N GLN A 376 -11.18 -30.73 2.58
CA GLN A 376 -12.29 -30.57 1.66
C GLN A 376 -12.70 -29.12 1.50
N LEU A 377 -12.41 -28.26 2.48
CA LEU A 377 -12.71 -26.84 2.34
C LEU A 377 -11.60 -26.13 1.56
N SER A 378 -10.33 -26.47 1.84
CA SER A 378 -9.23 -25.84 1.13
C SER A 378 -9.24 -26.20 -0.35
N LEU A 379 -9.53 -27.46 -0.67
CA LEU A 379 -9.56 -27.87 -2.07
C LEU A 379 -10.69 -27.18 -2.84
N PHE A 380 -11.75 -26.76 -2.16
CA PHE A 380 -12.79 -25.98 -2.80
C PHE A 380 -12.34 -24.54 -3.01
N THR A 381 -11.87 -23.90 -1.94
CA THR A 381 -11.56 -22.47 -2.01
C THR A 381 -10.42 -22.19 -2.98
N HIS A 382 -9.34 -22.96 -2.89
CA HIS A 382 -8.19 -22.77 -3.77
C HIS A 382 -8.61 -22.85 -5.23
N HIS A 383 -9.30 -23.93 -5.61
CA HIS A 383 -9.68 -24.12 -7.00
C HIS A 383 -10.64 -23.03 -7.47
N MET A 384 -11.56 -22.60 -6.59
CA MET A 384 -12.46 -21.52 -6.95
C MET A 384 -11.67 -20.26 -7.29
N TRP A 385 -10.70 -19.91 -6.45
CA TRP A 385 -9.89 -18.72 -6.71
C TRP A 385 -9.12 -18.85 -8.02
N ILE A 386 -8.56 -20.04 -8.28
CA ILE A 386 -7.81 -20.25 -9.51
C ILE A 386 -8.69 -20.02 -10.73
N GLY A 387 -9.88 -20.62 -10.74
CA GLY A 387 -10.79 -20.40 -11.86
C GLY A 387 -11.19 -18.95 -12.02
N GLY A 388 -11.47 -18.28 -10.90
CA GLY A 388 -11.83 -16.88 -10.96
C GLY A 388 -10.73 -16.00 -11.53
N PHE A 389 -9.48 -16.36 -11.26
CA PHE A 389 -8.38 -15.61 -11.87
C PHE A 389 -8.25 -15.91 -13.35
N LEU A 390 -8.39 -17.19 -13.73
CA LEU A 390 -8.17 -17.57 -15.12
C LEU A 390 -9.21 -16.95 -16.04
N VAL A 391 -10.46 -16.84 -15.61
CA VAL A 391 -11.47 -16.26 -16.49
C VAL A 391 -11.18 -14.78 -16.77
N VAL A 392 -10.74 -14.04 -15.74
CA VAL A 392 -10.40 -12.64 -15.93
C VAL A 392 -9.19 -12.52 -16.86
N GLY A 393 -8.24 -13.44 -16.73
CA GLY A 393 -7.12 -13.45 -17.67
C GLY A 393 -7.57 -13.68 -19.10
N ALA A 394 -8.53 -14.58 -19.29
CA ALA A 394 -9.09 -14.79 -20.62
C ALA A 394 -9.67 -13.50 -21.18
N ALA A 395 -10.44 -12.78 -20.36
CA ALA A 395 -11.00 -11.51 -20.80
C ALA A 395 -9.89 -10.54 -21.21
N ALA A 396 -8.85 -10.43 -20.38
CA ALA A 396 -7.76 -9.50 -20.65
C ALA A 396 -7.08 -9.83 -21.98
N HIS A 397 -6.85 -11.12 -22.25
CA HIS A 397 -6.14 -11.46 -23.47
C HIS A 397 -7.02 -11.33 -24.71
N ALA A 398 -8.33 -11.57 -24.57
CA ALA A 398 -9.24 -11.25 -25.67
C ALA A 398 -9.19 -9.76 -25.98
N ALA A 399 -9.14 -8.92 -24.95
CA ALA A 399 -9.01 -7.48 -25.16
C ALA A 399 -7.71 -7.13 -25.87
N ILE A 400 -6.61 -7.78 -25.46
CA ILE A 400 -5.32 -7.52 -26.11
C ILE A 400 -5.38 -7.85 -27.59
N PHE A 401 -5.92 -9.04 -27.92
CA PHE A 401 -6.08 -9.42 -29.32
C PHE A 401 -6.88 -8.37 -30.07
N MET A 402 -8.04 -8.00 -29.54
CA MET A 402 -8.87 -7.00 -30.20
C MET A 402 -8.12 -5.68 -30.38
N VAL A 403 -7.20 -5.36 -29.48
CA VAL A 403 -6.52 -4.08 -29.55
C VAL A 403 -5.46 -4.08 -30.65
N ARG A 404 -4.59 -5.10 -30.68
CA ARG A 404 -3.44 -5.02 -31.57
C ARG A 404 -3.23 -6.18 -32.53
N ASP A 405 -4.16 -7.12 -32.61
CA ASP A 405 -4.09 -8.17 -33.63
C ASP A 405 -5.23 -8.16 -34.62
N TYR A 406 -6.36 -7.55 -34.28
CA TYR A 406 -7.51 -7.50 -35.17
C TYR A 406 -7.26 -6.51 -36.30
N ASP A 407 -7.76 -6.84 -37.50
CA ASP A 407 -7.71 -5.93 -38.63
C ASP A 407 -8.94 -6.18 -39.49
N PRO A 408 -9.54 -5.12 -40.05
CA PRO A 408 -10.80 -5.30 -40.78
C PRO A 408 -10.62 -5.70 -42.24
N THR A 409 -9.46 -5.38 -42.81
CA THR A 409 -9.22 -5.65 -44.23
C THR A 409 -9.46 -7.11 -44.58
N THR A 410 -9.35 -8.02 -43.61
CA THR A 410 -9.74 -9.40 -43.79
C THR A 410 -10.95 -9.79 -42.95
N GLN A 411 -11.27 -9.01 -41.92
CA GLN A 411 -12.42 -9.30 -41.07
C GLN A 411 -13.67 -8.59 -41.55
N TYR A 412 -13.98 -8.72 -42.84
CA TYR A 412 -15.31 -8.44 -43.35
C TYR A 412 -16.21 -9.66 -43.23
N ASN A 413 -15.74 -10.68 -42.51
CA ASN A 413 -16.45 -11.93 -42.32
C ASN A 413 -17.42 -11.73 -41.17
N ASN A 414 -18.69 -11.52 -41.50
CA ASN A 414 -19.63 -10.90 -40.58
C ASN A 414 -20.08 -11.84 -39.46
N LEU A 415 -19.13 -12.27 -38.63
CA LEU A 415 -19.45 -12.84 -37.33
C LEU A 415 -18.86 -12.02 -36.20
N LEU A 416 -17.55 -11.78 -36.20
CA LEU A 416 -16.96 -10.86 -35.25
C LEU A 416 -17.36 -9.42 -35.55
N ASP A 417 -17.45 -9.07 -36.84
CA ASP A 417 -17.87 -7.73 -37.22
C ASP A 417 -19.29 -7.44 -36.74
N ARG A 418 -20.19 -8.44 -36.83
CA ARG A 418 -21.58 -8.19 -36.46
C ARG A 418 -21.73 -7.98 -34.97
N VAL A 419 -20.99 -8.74 -34.16
CA VAL A 419 -21.07 -8.54 -32.72
C VAL A 419 -20.37 -7.25 -32.33
N LEU A 420 -19.36 -6.83 -33.09
CA LEU A 420 -18.76 -5.52 -32.88
C LEU A 420 -19.70 -4.39 -33.27
N ARG A 421 -20.67 -4.66 -34.15
CA ARG A 421 -21.52 -3.61 -34.69
C ARG A 421 -22.82 -3.40 -33.91
N HIS A 422 -23.04 -4.13 -32.81
CA HIS A 422 -24.15 -3.79 -31.92
C HIS A 422 -23.72 -3.90 -30.46
N ARG A 423 -22.51 -3.40 -30.18
CA ARG A 423 -22.01 -3.35 -28.81
C ARG A 423 -22.87 -2.42 -27.96
N ASP A 424 -23.34 -1.32 -28.54
CA ASP A 424 -24.18 -0.39 -27.79
C ASP A 424 -25.50 -1.02 -27.38
N ALA A 425 -25.88 -2.13 -28.00
CA ALA A 425 -27.05 -2.89 -27.57
C ALA A 425 -26.66 -3.98 -26.58
N ILE A 426 -25.62 -4.74 -26.88
CA ILE A 426 -25.18 -5.81 -25.97
C ILE A 426 -24.94 -5.24 -24.58
N ILE A 427 -24.15 -4.17 -24.49
CA ILE A 427 -23.80 -3.63 -23.19
C ILE A 427 -25.00 -2.99 -22.51
N SER A 428 -25.90 -2.37 -23.28
CA SER A 428 -27.08 -1.77 -22.69
C SER A 428 -27.97 -2.82 -22.03
N HIS A 429 -28.21 -3.93 -22.73
CA HIS A 429 -29.06 -4.96 -22.16
C HIS A 429 -28.38 -5.66 -21.00
N LEU A 430 -27.06 -5.86 -21.08
CA LEU A 430 -26.35 -6.45 -19.95
C LEU A 430 -26.39 -5.52 -18.74
N ASN A 431 -26.33 -4.21 -18.96
CA ASN A 431 -26.43 -3.25 -17.88
C ASN A 431 -27.82 -3.30 -17.24
N TRP A 432 -28.87 -3.36 -18.07
CA TRP A 432 -30.22 -3.44 -17.51
C TRP A 432 -30.42 -4.70 -16.69
N VAL A 433 -29.94 -5.85 -17.20
CA VAL A 433 -30.17 -7.09 -16.45
C VAL A 433 -29.32 -7.10 -15.19
N CYS A 434 -28.13 -6.48 -15.23
CA CYS A 434 -27.35 -6.35 -14.00
C CYS A 434 -28.08 -5.53 -12.96
N ILE A 435 -28.69 -4.42 -13.37
CA ILE A 435 -29.44 -3.59 -12.42
C ILE A 435 -30.61 -4.36 -11.85
N PHE A 436 -31.36 -5.04 -12.72
CA PHE A 436 -32.53 -5.80 -12.28
C PHE A 436 -32.12 -6.87 -11.27
N LEU A 437 -31.07 -7.62 -11.58
CA LEU A 437 -30.61 -8.68 -10.69
C LEU A 437 -30.13 -8.11 -9.36
N GLY A 438 -29.33 -7.04 -9.41
CA GLY A 438 -28.85 -6.42 -8.19
C GLY A 438 -29.98 -6.00 -7.27
N PHE A 439 -30.98 -5.30 -7.83
CA PHE A 439 -32.13 -4.92 -7.02
C PHE A 439 -32.83 -6.15 -6.47
N HIS A 440 -33.35 -7.00 -7.35
CA HIS A 440 -34.17 -8.13 -6.90
C HIS A 440 -33.39 -9.19 -6.13
N SER A 441 -32.09 -9.00 -5.90
CA SER A 441 -31.33 -9.88 -5.02
C SER A 441 -30.94 -9.21 -3.71
N PHE A 442 -30.38 -8.01 -3.75
CA PHE A 442 -29.91 -7.36 -2.54
C PHE A 442 -31.00 -6.58 -1.81
N GLY A 443 -31.96 -6.01 -2.56
CA GLY A 443 -33.08 -5.35 -1.90
C GLY A 443 -33.91 -6.30 -1.07
N LEU A 444 -33.94 -7.58 -1.42
CA LEU A 444 -34.64 -8.55 -0.59
C LEU A 444 -33.94 -8.70 0.76
N TYR A 445 -32.61 -8.75 0.75
CA TYR A 445 -31.86 -8.79 2.01
C TYR A 445 -32.09 -7.53 2.82
N ILE A 446 -32.13 -6.37 2.16
CA ILE A 446 -32.36 -5.12 2.88
C ILE A 446 -33.77 -5.10 3.47
N HIS A 447 -34.75 -5.62 2.72
CA HIS A 447 -36.11 -5.77 3.23
C HIS A 447 -36.11 -6.63 4.49
N ASN A 448 -35.49 -7.80 4.42
CA ASN A 448 -35.46 -8.69 5.58
C ASN A 448 -34.79 -8.02 6.78
N ASP A 449 -33.71 -7.27 6.53
CA ASP A 449 -33.02 -6.59 7.61
C ASP A 449 -33.90 -5.53 8.25
N THR A 450 -34.57 -4.72 7.43
CA THR A 450 -35.42 -3.67 7.96
C THR A 450 -36.60 -4.25 8.74
N MET A 451 -37.19 -5.33 8.22
CA MET A 451 -38.31 -5.96 8.92
C MET A 451 -37.87 -6.55 10.25
N SER A 452 -36.81 -7.37 10.24
CA SER A 452 -36.31 -7.92 11.49
C SER A 452 -35.82 -6.85 12.44
N ALA A 453 -35.55 -5.64 11.94
CA ALA A 453 -35.19 -4.52 12.79
C ALA A 453 -36.40 -3.78 13.33
N LEU A 454 -37.50 -3.76 12.58
CA LEU A 454 -38.72 -3.08 12.98
C LEU A 454 -39.64 -3.97 13.81
N GLY A 455 -39.12 -5.06 14.36
CA GLY A 455 -39.93 -5.94 15.19
C GLY A 455 -41.07 -6.62 14.48
N ARG A 456 -41.06 -6.66 13.15
CA ARG A 456 -42.11 -7.31 12.37
C ARG A 456 -41.47 -8.39 11.50
N PRO A 457 -41.14 -9.55 12.08
CA PRO A 457 -40.58 -10.64 11.28
C PRO A 457 -41.58 -11.29 10.35
N GLN A 458 -42.88 -11.17 10.64
CA GLN A 458 -43.91 -11.79 9.81
C GLN A 458 -43.95 -11.22 8.40
N ASP A 459 -43.30 -10.08 8.15
CA ASP A 459 -43.25 -9.49 6.82
C ASP A 459 -41.94 -9.77 6.11
N MET A 460 -41.11 -10.66 6.65
CA MET A 460 -39.81 -10.96 6.06
C MET A 460 -39.97 -11.92 4.88
N PHE A 461 -38.84 -12.33 4.32
CA PHE A 461 -38.79 -13.29 3.22
C PHE A 461 -38.20 -14.62 3.68
N SER A 462 -38.54 -15.03 4.90
CA SER A 462 -37.95 -16.22 5.50
C SER A 462 -38.65 -17.46 4.95
N ASP A 463 -38.37 -18.61 5.57
CA ASP A 463 -39.05 -19.86 5.24
C ASP A 463 -40.34 -20.05 6.02
N THR A 464 -40.59 -19.21 7.03
CA THR A 464 -41.85 -19.17 7.75
C THR A 464 -42.79 -18.11 7.19
N ALA A 465 -42.26 -16.91 6.93
CA ALA A 465 -42.97 -15.85 6.24
C ALA A 465 -42.99 -16.14 4.76
N ILE A 466 -43.26 -15.12 3.94
CA ILE A 466 -43.35 -15.27 2.49
C ILE A 466 -42.19 -16.10 1.98
N GLN A 467 -42.49 -17.17 1.26
CA GLN A 467 -41.51 -18.18 0.90
C GLN A 467 -41.05 -17.99 -0.54
N LEU A 468 -39.80 -18.39 -0.80
CA LEU A 468 -39.20 -18.32 -2.12
C LEU A 468 -38.49 -19.64 -2.43
N GLN A 469 -39.18 -20.74 -2.18
CA GLN A 469 -38.60 -22.07 -2.39
C GLN A 469 -38.17 -22.26 -3.84
N PRO A 470 -36.91 -22.58 -4.10
CA PRO A 470 -36.48 -22.85 -5.48
C PRO A 470 -37.02 -24.19 -5.96
N VAL A 471 -38.01 -24.15 -6.85
CA VAL A 471 -38.69 -25.38 -7.25
C VAL A 471 -37.89 -26.16 -8.29
N PHE A 472 -37.14 -25.47 -9.14
CA PHE A 472 -36.43 -26.16 -10.21
C PHE A 472 -35.27 -26.98 -9.66
N ALA A 473 -34.52 -26.43 -8.71
CA ALA A 473 -33.44 -27.19 -8.10
C ALA A 473 -33.99 -28.39 -7.33
N GLN A 474 -35.10 -28.21 -6.64
CA GLN A 474 -35.73 -29.32 -5.92
C GLN A 474 -36.18 -30.41 -6.88
N TRP A 475 -36.73 -30.00 -8.04
CA TRP A 475 -37.15 -30.99 -9.02
C TRP A 475 -35.94 -31.74 -9.60
N ILE A 476 -34.85 -31.03 -9.86
CA ILE A 476 -33.65 -31.69 -10.37
C ILE A 476 -33.11 -32.68 -9.34
N GLN A 477 -33.15 -32.29 -8.05
CA GLN A 477 -32.69 -33.19 -6.99
C GLN A 477 -33.56 -34.43 -6.94
N ASN A 478 -34.88 -34.27 -7.01
CA ASN A 478 -35.77 -35.42 -6.96
C ASN A 478 -35.63 -36.28 -8.21
N THR A 479 -35.28 -35.68 -9.34
CA THR A 479 -35.10 -36.46 -10.56
C THR A 479 -33.83 -37.30 -10.48
N HIS A 480 -32.73 -36.71 -10.03
CA HIS A 480 -31.50 -37.47 -9.88
C HIS A 480 -31.57 -38.47 -8.74
N ALA A 481 -32.46 -38.26 -7.77
CA ALA A 481 -32.60 -39.20 -6.67
C ALA A 481 -33.21 -40.52 -7.12
N LEU A 482 -34.03 -40.49 -8.17
CA LEU A 482 -34.73 -41.68 -8.66
C LEU A 482 -34.11 -42.25 -9.92
N ALA A 483 -32.97 -41.72 -10.37
CA ALA A 483 -32.37 -42.21 -11.60
C ALA A 483 -31.99 -43.68 -11.59
N PRO A 484 -31.38 -44.24 -10.52
CA PRO A 484 -30.98 -45.65 -10.58
C PRO A 484 -32.13 -46.64 -10.66
N SER A 485 -33.38 -46.18 -10.74
CA SER A 485 -34.53 -47.07 -10.88
C SER A 485 -35.25 -46.94 -12.20
N LEU A 486 -35.27 -45.76 -12.80
CA LEU A 486 -35.96 -45.55 -14.06
C LEU A 486 -35.04 -45.14 -15.20
N THR A 487 -34.22 -44.10 -15.01
CA THR A 487 -33.39 -43.55 -16.07
C THR A 487 -31.94 -44.01 -16.00
N ALA A 488 -31.65 -44.99 -15.16
CA ALA A 488 -30.31 -45.58 -15.08
C ALA A 488 -30.44 -46.96 -14.45
N PRO A 489 -31.01 -47.93 -15.17
CA PRO A 489 -31.32 -49.23 -14.54
C PRO A 489 -30.10 -50.02 -14.12
N ASN A 490 -28.93 -49.77 -14.72
CA ASN A 490 -27.75 -50.55 -14.38
C ASN A 490 -26.95 -49.93 -13.24
N ALA A 491 -26.99 -48.61 -13.08
CA ALA A 491 -26.35 -47.98 -11.94
C ALA A 491 -27.08 -48.37 -10.66
N THR A 492 -26.33 -48.86 -9.67
CA THR A 492 -26.97 -49.37 -8.46
C THR A 492 -27.51 -48.25 -7.58
N ALA A 493 -26.88 -47.08 -7.61
CA ALA A 493 -27.31 -45.97 -6.75
C ALA A 493 -27.06 -44.66 -7.47
N SER A 494 -27.61 -43.59 -6.89
CA SER A 494 -27.44 -42.26 -7.47
C SER A 494 -25.96 -41.87 -7.50
N THR A 495 -25.66 -40.90 -8.37
CA THR A 495 -24.27 -40.50 -8.56
C THR A 495 -23.68 -39.84 -7.32
N SER A 496 -24.51 -39.15 -6.54
CA SER A 496 -24.03 -38.44 -5.36
C SER A 496 -25.04 -38.58 -4.23
N LEU A 497 -24.56 -38.35 -3.01
CA LEU A 497 -25.40 -38.32 -1.83
C LEU A 497 -26.00 -36.93 -1.57
N THR A 498 -25.59 -35.92 -2.33
CA THR A 498 -26.15 -34.59 -2.15
C THR A 498 -27.58 -34.50 -2.69
N TRP A 499 -27.92 -35.34 -3.66
CA TRP A 499 -29.30 -35.43 -4.11
C TRP A 499 -30.20 -35.84 -2.95
N GLY A 500 -31.48 -35.46 -3.04
CA GLY A 500 -32.40 -35.71 -1.95
C GLY A 500 -32.53 -37.18 -1.58
N GLY A 501 -32.29 -38.06 -2.54
CA GLY A 501 -32.37 -39.49 -2.29
C GLY A 501 -31.22 -39.98 -1.44
N GLY A 502 -31.27 -41.28 -1.14
CA GLY A 502 -30.23 -41.89 -0.35
C GLY A 502 -30.37 -41.58 1.13
N ASP A 503 -29.25 -41.72 1.84
CA ASP A 503 -29.24 -41.62 3.29
C ASP A 503 -27.89 -41.06 3.72
N LEU A 504 -27.58 -41.19 5.00
CA LEU A 504 -26.33 -40.70 5.57
C LEU A 504 -25.28 -41.79 5.56
N VAL A 505 -24.01 -41.38 5.51
CA VAL A 505 -22.88 -42.29 5.62
C VAL A 505 -21.92 -41.72 6.66
N ALA A 506 -21.38 -42.60 7.49
CA ALA A 506 -20.47 -42.21 8.56
C ALA A 506 -19.10 -42.84 8.34
N VAL A 507 -18.07 -42.16 8.83
CA VAL A 507 -16.70 -42.62 8.68
C VAL A 507 -16.11 -42.76 10.08
N GLY A 508 -16.93 -43.19 11.04
CA GLY A 508 -16.45 -43.31 12.40
C GLY A 508 -16.63 -42.05 13.20
N GLY A 509 -17.88 -41.63 13.38
CA GLY A 509 -18.18 -40.38 14.04
C GLY A 509 -18.64 -39.31 13.07
N LYS A 510 -17.72 -38.41 12.69
CA LYS A 510 -18.05 -37.31 11.79
C LYS A 510 -18.73 -37.83 10.53
N VAL A 511 -19.65 -37.03 10.00
CA VAL A 511 -20.46 -37.40 8.84
C VAL A 511 -19.72 -36.99 7.58
N ALA A 512 -19.92 -37.75 6.50
CA ALA A 512 -19.29 -37.47 5.22
C ALA A 512 -20.19 -36.66 4.30
N LEU A 513 -21.39 -37.17 4.01
CA LEU A 513 -22.33 -36.48 3.12
C LEU A 513 -23.74 -36.96 3.41
N LEU A 514 -24.70 -36.15 3.01
CA LEU A 514 -26.11 -36.44 3.21
C LEU A 514 -26.91 -35.58 2.23
N PRO A 515 -28.20 -35.89 2.03
CA PRO A 515 -29.00 -35.05 1.13
C PRO A 515 -29.09 -33.61 1.64
N ILE A 516 -28.82 -32.68 0.73
CA ILE A 516 -28.77 -31.26 1.06
C ILE A 516 -30.13 -30.62 0.80
N PRO A 517 -30.72 -29.94 1.78
CA PRO A 517 -31.97 -29.23 1.54
C PRO A 517 -31.73 -27.90 0.85
N LEU A 518 -32.80 -27.38 0.24
CA LEU A 518 -32.75 -26.12 -0.49
C LEU A 518 -33.99 -25.31 -0.16
N GLY A 519 -33.80 -24.20 0.55
CA GLY A 519 -34.91 -23.33 0.88
C GLY A 519 -34.76 -21.94 0.31
N THR A 520 -35.41 -20.95 0.94
CA THR A 520 -35.35 -19.59 0.45
C THR A 520 -33.96 -18.99 0.63
N ALA A 521 -33.30 -19.30 1.74
CA ALA A 521 -31.94 -18.81 1.98
C ALA A 521 -30.98 -19.23 0.88
N ASP A 522 -31.29 -20.30 0.15
CA ASP A 522 -30.47 -20.72 -0.98
C ASP A 522 -30.90 -20.02 -2.26
N PHE A 523 -32.19 -19.78 -2.44
CA PHE A 523 -32.69 -19.00 -3.56
C PHE A 523 -32.02 -17.63 -3.59
N LEU A 524 -32.03 -16.93 -2.46
CA LEU A 524 -31.46 -15.59 -2.40
C LEU A 524 -29.99 -15.60 -2.76
N VAL A 525 -29.21 -16.52 -2.19
CA VAL A 525 -27.77 -16.49 -2.41
C VAL A 525 -27.43 -16.93 -3.82
N HIS A 526 -28.23 -17.83 -4.42
CA HIS A 526 -27.99 -18.19 -5.81
C HIS A 526 -28.26 -17.02 -6.73
N HIS A 527 -29.31 -16.24 -6.45
CA HIS A 527 -29.56 -15.05 -7.25
C HIS A 527 -28.46 -14.01 -7.06
N ILE A 528 -27.90 -13.93 -5.84
CA ILE A 528 -26.78 -13.03 -5.62
C ILE A 528 -25.56 -13.46 -6.43
N HIS A 529 -25.29 -14.77 -6.44
CA HIS A 529 -24.21 -15.30 -7.28
C HIS A 529 -24.42 -14.93 -8.75
N ALA A 530 -25.63 -15.13 -9.26
CA ALA A 530 -25.92 -14.76 -10.63
C ALA A 530 -25.68 -13.28 -10.87
N PHE A 531 -26.09 -12.44 -9.92
CA PHE A 531 -25.93 -10.99 -10.08
C PHE A 531 -24.47 -10.60 -10.15
N THR A 532 -23.64 -11.12 -9.23
CA THR A 532 -22.23 -10.76 -9.24
C THR A 532 -21.54 -11.27 -10.50
N ILE A 533 -21.84 -12.50 -10.92
CA ILE A 533 -21.26 -13.02 -12.16
C ILE A 533 -21.66 -12.13 -13.32
N HIS A 534 -22.91 -11.68 -13.35
CA HIS A 534 -23.37 -10.82 -14.45
C HIS A 534 -22.63 -9.50 -14.46
N VAL A 535 -22.38 -8.91 -13.29
CA VAL A 535 -21.66 -7.64 -13.26
C VAL A 535 -20.22 -7.83 -13.74
N THR A 536 -19.59 -8.93 -13.35
CA THR A 536 -18.23 -9.19 -13.83
C THR A 536 -18.21 -9.35 -15.35
N VAL A 537 -19.15 -10.11 -15.90
CA VAL A 537 -19.25 -10.24 -17.35
C VAL A 537 -19.49 -8.88 -17.99
N LEU A 538 -20.30 -8.04 -17.35
CA LEU A 538 -20.57 -6.70 -17.88
C LEU A 538 -19.28 -5.92 -18.03
N ILE A 539 -18.50 -5.82 -16.96
CA ILE A 539 -17.26 -5.05 -17.01
C ILE A 539 -16.31 -5.61 -18.07
N LEU A 540 -16.09 -6.93 -18.02
CA LEU A 540 -15.09 -7.51 -18.92
C LEU A 540 -15.52 -7.41 -20.38
N LEU A 541 -16.80 -7.68 -20.67
CA LEU A 541 -17.28 -7.62 -22.05
C LEU A 541 -17.30 -6.19 -22.57
N LYS A 542 -17.65 -5.23 -21.71
CA LYS A 542 -17.58 -3.83 -22.13
C LYS A 542 -16.16 -3.46 -22.51
N GLY A 543 -15.19 -3.84 -21.68
CA GLY A 543 -13.79 -3.57 -22.02
C GLY A 543 -13.39 -4.20 -23.33
N VAL A 544 -13.73 -5.49 -23.52
CA VAL A 544 -13.33 -6.21 -24.72
C VAL A 544 -13.94 -5.57 -25.96
N LEU A 545 -15.23 -5.22 -25.91
CA LEU A 545 -15.88 -4.68 -27.09
C LEU A 545 -15.40 -3.26 -27.40
N PHE A 546 -15.27 -2.41 -26.40
CA PHE A 546 -14.81 -1.04 -26.60
C PHE A 546 -13.29 -0.91 -26.53
N ALA A 547 -12.56 -2.01 -26.69
CA ALA A 547 -11.11 -1.93 -26.72
C ALA A 547 -10.59 -1.15 -27.92
N ARG A 548 -11.33 -1.13 -29.02
CA ARG A 548 -10.85 -0.47 -30.24
C ARG A 548 -11.24 1.01 -30.28
N SER A 549 -12.52 1.31 -30.12
CA SER A 549 -13.00 2.68 -30.25
C SER A 549 -14.33 2.80 -29.53
N SER A 550 -14.77 4.05 -29.37
CA SER A 550 -16.05 4.35 -28.75
C SER A 550 -16.46 5.76 -29.16
N ARG A 551 -17.64 6.18 -28.71
CA ARG A 551 -18.10 7.54 -28.99
C ARG A 551 -17.18 8.57 -28.36
N LEU A 552 -16.63 8.28 -27.18
CA LEU A 552 -15.76 9.23 -26.50
C LEU A 552 -14.43 9.38 -27.24
N ILE A 553 -13.75 8.28 -27.49
CA ILE A 553 -12.46 8.28 -28.15
C ILE A 553 -12.54 7.39 -29.38
N PRO A 554 -12.71 7.96 -30.57
CA PRO A 554 -12.84 7.14 -31.78
C PRO A 554 -11.53 6.50 -32.23
N ASP A 555 -10.39 6.95 -31.73
CA ASP A 555 -9.11 6.39 -32.16
C ASP A 555 -8.35 5.79 -30.99
N LYS A 556 -9.05 5.03 -30.15
CA LYS A 556 -8.43 4.45 -28.97
C LYS A 556 -7.43 3.36 -29.34
N ALA A 557 -7.66 2.65 -30.44
CA ALA A 557 -6.74 1.59 -30.85
C ALA A 557 -5.37 2.14 -31.20
N ASN A 558 -5.28 3.42 -31.60
CA ASN A 558 -3.98 4.03 -31.83
C ASN A 558 -3.23 4.25 -30.53
N LEU A 559 -3.94 4.52 -29.44
CA LEU A 559 -3.28 4.76 -28.16
C LEU A 559 -2.67 3.47 -27.62
N GLY A 560 -3.38 2.36 -27.73
CA GLY A 560 -2.86 1.06 -27.35
C GLY A 560 -3.76 0.36 -26.35
N PHE A 561 -3.29 -0.80 -25.90
CA PHE A 561 -4.04 -1.61 -24.94
C PHE A 561 -3.91 -1.06 -23.53
N ARG A 562 -2.72 -0.58 -23.17
CA ARG A 562 -2.43 -0.14 -21.80
C ARG A 562 -1.98 1.31 -21.84
N PHE A 563 -2.83 2.21 -21.31
CA PHE A 563 -2.50 3.61 -21.21
C PHE A 563 -3.43 4.25 -20.19
N PRO A 564 -2.95 5.22 -19.41
CA PRO A 564 -3.76 5.75 -18.31
C PRO A 564 -5.05 6.44 -18.72
N CYS A 565 -4.95 7.47 -19.56
CA CYS A 565 -6.10 8.29 -19.89
C CYS A 565 -5.74 9.20 -21.05
N ASP A 566 -6.77 9.64 -21.77
CA ASP A 566 -6.61 10.64 -22.83
C ASP A 566 -7.00 12.01 -22.28
N GLY A 567 -6.11 12.57 -21.47
CA GLY A 567 -6.27 13.92 -20.98
C GLY A 567 -7.42 14.11 -20.03
N PRO A 568 -7.48 15.27 -19.38
CA PRO A 568 -8.62 15.60 -18.51
C PRO A 568 -9.75 16.23 -19.29
N GLY A 569 -9.71 16.13 -20.61
CA GLY A 569 -10.71 16.74 -21.45
C GLY A 569 -11.94 15.86 -21.61
N ARG A 570 -12.88 16.37 -22.41
CA ARG A 570 -14.18 15.71 -22.61
C ARG A 570 -14.88 15.47 -21.29
N GLY A 571 -14.63 16.34 -20.31
CA GLY A 571 -15.10 16.17 -18.95
C GLY A 571 -14.14 15.35 -18.12
N GLY A 572 -13.54 14.32 -18.73
CA GLY A 572 -12.59 13.46 -18.09
C GLY A 572 -12.58 12.09 -18.73
N THR A 573 -11.41 11.54 -18.97
CA THR A 573 -11.27 10.26 -19.67
C THR A 573 -10.32 9.33 -18.93
N CYS A 574 -10.35 9.37 -17.60
CA CYS A 574 -9.50 8.51 -16.80
C CYS A 574 -10.05 7.09 -16.78
N GLN A 575 -9.14 6.10 -16.87
CA GLN A 575 -9.51 4.69 -16.85
C GLN A 575 -10.42 4.35 -18.03
N VAL A 576 -9.90 4.53 -19.23
CA VAL A 576 -10.69 4.35 -20.45
C VAL A 576 -10.19 3.20 -21.32
N SER A 577 -9.07 2.58 -21.00
CA SER A 577 -8.54 1.49 -21.81
C SER A 577 -9.11 0.16 -21.36
N ALA A 578 -8.73 -0.91 -22.05
CA ALA A 578 -9.19 -2.25 -21.69
C ALA A 578 -8.44 -2.78 -20.47
N TRP A 579 -7.17 -2.43 -20.34
CA TRP A 579 -6.43 -2.77 -19.13
C TRP A 579 -7.13 -2.26 -17.88
N ASP A 580 -7.73 -1.06 -17.97
CA ASP A 580 -8.44 -0.53 -16.83
C ASP A 580 -9.75 -1.27 -16.59
N HIS A 581 -10.36 -1.80 -17.64
CA HIS A 581 -11.54 -2.63 -17.44
C HIS A 581 -11.19 -3.95 -16.75
N VAL A 582 -10.03 -4.53 -17.08
CA VAL A 582 -9.56 -5.71 -16.36
C VAL A 582 -9.27 -5.36 -14.91
N PHE A 583 -8.63 -4.21 -14.68
CA PHE A 583 -8.39 -3.70 -13.34
C PHE A 583 -9.69 -3.60 -12.55
N LEU A 584 -10.75 -3.10 -13.18
CA LEU A 584 -12.03 -2.96 -12.49
C LEU A 584 -12.75 -4.29 -12.31
N GLY A 585 -12.55 -5.24 -13.23
CA GLY A 585 -13.20 -6.52 -13.12
C GLY A 585 -12.55 -7.47 -12.12
N LEU A 586 -11.27 -7.25 -11.81
CA LEU A 586 -10.62 -8.07 -10.79
C LEU A 586 -11.33 -7.95 -9.45
N PHE A 587 -11.76 -6.74 -9.08
CA PHE A 587 -12.41 -6.55 -7.79
C PHE A 587 -13.76 -7.27 -7.74
N TRP A 588 -14.51 -7.23 -8.85
CA TRP A 588 -15.80 -7.90 -8.85
C TRP A 588 -15.65 -9.41 -8.89
N MET A 589 -14.61 -9.92 -9.55
CA MET A 589 -14.31 -11.34 -9.45
C MET A 589 -13.99 -11.73 -8.02
N TYR A 590 -13.19 -10.89 -7.33
CA TYR A 590 -12.88 -11.14 -5.93
C TYR A 590 -14.16 -11.19 -5.09
N ASN A 591 -15.04 -10.20 -5.29
CA ASN A 591 -16.31 -10.16 -4.57
C ASN A 591 -17.11 -11.44 -4.80
N ALA A 592 -17.28 -11.82 -6.06
CA ALA A 592 -18.08 -13.00 -6.39
C ALA A 592 -17.51 -14.26 -5.74
N ILE A 593 -16.21 -14.50 -5.92
CA ILE A 593 -15.63 -15.73 -5.37
C ILE A 593 -15.65 -15.73 -3.86
N SER A 594 -15.50 -14.56 -3.22
CA SER A 594 -15.59 -14.51 -1.77
C SER A 594 -17.00 -14.86 -1.29
N VAL A 595 -18.02 -14.36 -1.99
CA VAL A 595 -19.38 -14.70 -1.62
C VAL A 595 -19.62 -16.20 -1.81
N VAL A 596 -19.09 -16.78 -2.89
CA VAL A 596 -19.26 -18.21 -3.14
C VAL A 596 -18.63 -19.03 -2.01
N ILE A 597 -17.41 -18.69 -1.62
CA ILE A 597 -16.74 -19.49 -0.61
C ILE A 597 -17.37 -19.30 0.76
N PHE A 598 -17.88 -18.11 1.06
CA PHE A 598 -18.64 -17.92 2.30
C PHE A 598 -19.89 -18.78 2.30
N HIS A 599 -20.65 -18.76 1.21
CA HIS A 599 -21.80 -19.62 1.04
C HIS A 599 -21.45 -21.07 1.34
N PHE A 600 -20.42 -21.58 0.67
CA PHE A 600 -20.05 -22.99 0.83
C PHE A 600 -19.66 -23.30 2.26
N SER A 601 -18.82 -22.46 2.86
CA SER A 601 -18.37 -22.70 4.23
C SER A 601 -19.55 -22.77 5.19
N TRP A 602 -20.40 -21.75 5.19
CA TRP A 602 -21.48 -21.73 6.16
C TRP A 602 -22.48 -22.85 5.91
N LYS A 603 -22.87 -23.06 4.65
CA LYS A 603 -23.86 -24.10 4.35
C LYS A 603 -23.33 -25.48 4.73
N MET A 604 -22.05 -25.74 4.50
CA MET A 604 -21.50 -27.05 4.85
C MET A 604 -21.42 -27.22 6.35
N GLN A 605 -20.91 -26.22 7.07
CA GLN A 605 -20.84 -26.35 8.52
C GLN A 605 -22.21 -26.41 9.16
N SER A 606 -23.24 -25.90 8.49
CA SER A 606 -24.57 -25.82 9.11
C SER A 606 -25.46 -27.01 8.78
N ASP A 607 -25.46 -27.47 7.52
CA ASP A 607 -26.42 -28.48 7.09
C ASP A 607 -25.81 -29.77 6.57
N VAL A 608 -24.48 -29.90 6.57
CA VAL A 608 -23.87 -31.11 6.03
C VAL A 608 -23.01 -31.80 7.08
N TRP A 609 -21.97 -31.11 7.55
CA TRP A 609 -21.02 -31.74 8.46
C TRP A 609 -21.61 -31.88 9.85
N GLY A 610 -20.81 -32.41 10.76
CA GLY A 610 -21.22 -32.66 12.12
C GLY A 610 -20.58 -33.94 12.62
N SER A 611 -21.05 -34.41 13.78
CA SER A 611 -20.57 -35.65 14.36
C SER A 611 -21.77 -36.43 14.87
N ILE A 612 -22.07 -37.55 14.24
CA ILE A 612 -23.23 -38.35 14.66
C ILE A 612 -22.83 -39.21 15.84
N SER A 613 -23.79 -39.43 16.74
CA SER A 613 -23.62 -40.34 17.86
C SER A 613 -24.47 -41.59 17.61
N ASP A 614 -24.35 -42.56 18.51
CA ASP A 614 -25.16 -43.75 18.42
C ASP A 614 -26.64 -43.39 18.48
N GLN A 615 -27.47 -44.35 18.06
CA GLN A 615 -28.92 -44.20 17.86
C GLN A 615 -29.27 -43.28 16.71
N GLY A 616 -28.28 -42.70 16.02
CA GLY A 616 -28.52 -41.94 14.81
C GLY A 616 -28.50 -40.43 14.96
N VAL A 617 -28.55 -39.91 16.18
CA VAL A 617 -28.64 -38.47 16.38
C VAL A 617 -27.40 -37.79 15.81
N VAL A 618 -27.62 -36.83 14.92
CA VAL A 618 -26.56 -36.10 14.25
C VAL A 618 -26.70 -34.62 14.58
N THR A 619 -25.65 -34.02 15.10
CA THR A 619 -25.61 -32.59 15.42
C THR A 619 -24.55 -31.94 14.54
N HIS A 620 -24.98 -31.04 13.66
CA HIS A 620 -24.05 -30.32 12.82
C HIS A 620 -23.20 -29.35 13.65
N ILE A 621 -22.19 -28.79 13.00
CA ILE A 621 -21.23 -27.95 13.73
C ILE A 621 -21.91 -26.72 14.30
N THR A 622 -22.49 -25.89 13.42
CA THR A 622 -23.14 -24.67 13.89
C THR A 622 -24.53 -24.95 14.46
N GLY A 623 -25.22 -25.97 13.94
CA GLY A 623 -26.52 -26.33 14.47
C GLY A 623 -27.67 -26.00 13.55
N GLY A 624 -27.43 -26.06 12.24
CA GLY A 624 -28.49 -25.83 11.27
C GLY A 624 -29.09 -24.44 11.33
N ASN A 625 -28.28 -23.43 11.65
CA ASN A 625 -28.76 -22.06 11.74
C ASN A 625 -28.57 -21.28 10.44
N PHE A 626 -28.35 -21.97 9.32
CA PHE A 626 -28.17 -21.29 8.05
C PHE A 626 -29.51 -20.97 7.39
N ALA A 627 -30.51 -21.84 7.55
CA ALA A 627 -31.79 -21.62 6.88
C ALA A 627 -32.52 -20.41 7.45
N GLN A 628 -32.25 -20.04 8.69
CA GLN A 628 -32.99 -18.97 9.35
C GLN A 628 -32.19 -17.70 9.57
N SER A 629 -30.88 -17.80 9.76
CA SER A 629 -30.07 -16.63 10.10
C SER A 629 -29.31 -16.05 8.91
N SER A 630 -29.37 -16.68 7.74
CA SER A 630 -28.64 -16.21 6.57
C SER A 630 -29.50 -15.36 5.66
N ILE A 631 -30.68 -14.94 6.10
CA ILE A 631 -31.56 -14.11 5.30
C ILE A 631 -31.40 -12.63 5.57
N THR A 632 -30.51 -12.27 6.50
CA THR A 632 -30.29 -10.87 6.86
C THR A 632 -28.78 -10.63 6.97
N ILE A 633 -28.34 -9.46 6.51
CA ILE A 633 -26.92 -9.13 6.53
C ILE A 633 -26.37 -9.18 7.95
N ASN A 634 -27.17 -8.78 8.94
CA ASN A 634 -26.75 -8.90 10.32
C ASN A 634 -26.44 -10.34 10.68
N GLY A 635 -27.19 -11.30 10.12
CA GLY A 635 -26.90 -12.70 10.37
C GLY A 635 -25.55 -13.12 9.83
N TRP A 636 -25.21 -12.65 8.63
CA TRP A 636 -23.88 -12.90 8.10
C TRP A 636 -22.81 -12.16 8.89
N LEU A 637 -23.17 -11.08 9.58
CA LEU A 637 -22.17 -10.37 10.37
C LEU A 637 -21.87 -11.07 11.68
N ARG A 638 -22.90 -11.47 12.42
CA ARG A 638 -22.64 -12.09 13.72
C ARG A 638 -22.54 -13.61 13.64
N ASP A 639 -23.52 -14.26 13.01
CA ASP A 639 -23.55 -15.72 13.01
C ASP A 639 -22.48 -16.34 12.14
N PHE A 640 -21.87 -15.58 11.23
CA PHE A 640 -20.79 -16.11 10.40
C PHE A 640 -19.46 -15.42 10.69
N LEU A 641 -19.37 -14.10 10.59
CA LEU A 641 -18.09 -13.43 10.80
C LEU A 641 -17.73 -13.38 12.28
N TRP A 642 -18.60 -12.79 13.10
CA TRP A 642 -18.30 -12.63 14.51
C TRP A 642 -18.17 -13.97 15.22
N ALA A 643 -19.06 -14.91 14.92
CA ALA A 643 -19.05 -16.19 15.63
C ALA A 643 -17.87 -17.04 15.20
N GLN A 644 -17.74 -17.29 13.90
CA GLN A 644 -16.68 -18.18 13.42
C GLN A 644 -15.29 -17.55 13.49
N ALA A 645 -15.21 -16.23 13.56
CA ALA A 645 -13.92 -15.56 13.71
C ALA A 645 -13.41 -15.61 15.13
N SER A 646 -14.06 -16.36 16.02
CA SER A 646 -13.64 -16.44 17.41
C SER A 646 -12.57 -17.48 17.65
N GLN A 647 -12.18 -18.25 16.63
CA GLN A 647 -11.11 -19.22 16.78
C GLN A 647 -9.75 -18.63 16.41
N VAL A 648 -9.70 -17.84 15.35
CA VAL A 648 -8.43 -17.30 14.87
C VAL A 648 -7.90 -16.23 15.83
N ILE A 649 -8.79 -15.39 16.35
CA ILE A 649 -8.34 -14.23 17.13
C ILE A 649 -7.69 -14.68 18.43
N GLN A 650 -8.21 -15.73 19.07
CA GLN A 650 -7.67 -16.22 20.33
C GLN A 650 -6.78 -17.44 20.12
N SER A 651 -6.08 -17.51 19.00
CA SER A 651 -5.17 -18.61 18.71
C SER A 651 -3.76 -18.34 19.17
N TYR A 652 -3.52 -17.24 19.88
CA TYR A 652 -2.19 -16.91 20.35
C TYR A 652 -1.73 -17.89 21.42
N GLY A 653 -0.45 -18.25 21.37
CA GLY A 653 0.09 -19.21 22.31
C GLY A 653 -0.26 -20.64 22.02
N SER A 654 -0.73 -20.95 20.82
CA SER A 654 -1.11 -22.30 20.42
C SER A 654 -0.42 -22.66 19.12
N SER A 655 -0.60 -23.91 18.70
CA SER A 655 -0.03 -24.37 17.44
C SER A 655 -0.66 -23.69 16.23
N LEU A 656 -1.78 -22.99 16.41
CA LEU A 656 -2.45 -22.26 15.33
C LEU A 656 -2.14 -20.77 15.39
N SER A 657 -0.94 -20.40 15.82
CA SER A 657 -0.63 -18.99 16.04
C SER A 657 -0.34 -18.26 14.74
N ALA A 658 0.28 -18.95 13.77
CA ALA A 658 0.63 -18.30 12.51
C ALA A 658 -0.60 -17.80 11.77
N TYR A 659 -1.73 -18.51 11.90
CA TYR A 659 -2.97 -18.02 11.31
C TYR A 659 -3.43 -16.74 11.98
N GLY A 660 -3.33 -16.66 13.30
CA GLY A 660 -3.68 -15.43 13.99
C GLY A 660 -2.78 -14.27 13.63
N LEU A 661 -1.51 -14.56 13.31
CA LEU A 661 -0.61 -13.49 12.88
C LEU A 661 -0.94 -13.05 11.47
N LEU A 662 -1.17 -14.00 10.56
CA LEU A 662 -1.42 -13.66 9.17
C LEU A 662 -2.79 -13.03 8.96
N PHE A 663 -3.73 -13.26 9.87
CA PHE A 663 -4.97 -12.49 9.88
C PHE A 663 -4.67 -10.99 9.87
N LEU A 664 -3.94 -10.53 10.88
CA LEU A 664 -3.62 -9.11 10.99
C LEU A 664 -2.65 -8.67 9.90
N GLY A 665 -1.73 -9.53 9.49
CA GLY A 665 -0.84 -9.18 8.39
C GLY A 665 -1.60 -8.90 7.10
N ALA A 666 -2.56 -9.76 6.77
CA ALA A 666 -3.35 -9.57 5.57
C ALA A 666 -4.27 -8.36 5.70
N HIS A 667 -4.79 -8.11 6.90
CA HIS A 667 -5.54 -6.87 7.12
C HIS A 667 -4.68 -5.65 6.82
N PHE A 668 -3.44 -5.66 7.29
CA PHE A 668 -2.53 -4.55 7.03
C PHE A 668 -2.27 -4.39 5.54
N VAL A 669 -2.04 -5.50 4.84
CA VAL A 669 -1.75 -5.41 3.40
C VAL A 669 -2.97 -4.87 2.65
N TRP A 670 -4.16 -5.36 2.99
CA TRP A 670 -5.38 -4.86 2.36
C TRP A 670 -5.53 -3.36 2.58
N ALA A 671 -5.38 -2.91 3.82
CA ALA A 671 -5.51 -1.47 4.09
C ALA A 671 -4.39 -0.68 3.43
N PHE A 672 -3.21 -1.30 3.26
CA PHE A 672 -2.10 -0.64 2.58
C PHE A 672 -2.43 -0.41 1.11
N SER A 673 -3.18 -1.33 0.51
CA SER A 673 -3.58 -1.18 -0.89
C SER A 673 -4.33 0.13 -1.14
N LEU A 674 -5.06 0.62 -0.13
CA LEU A 674 -5.89 1.81 -0.33
C LEU A 674 -5.06 3.05 -0.59
N MET A 675 -3.84 3.11 -0.05
CA MET A 675 -2.97 4.26 -0.32
C MET A 675 -2.72 4.42 -1.81
N PHE A 676 -2.50 3.30 -2.51
CA PHE A 676 -2.28 3.35 -3.96
C PHE A 676 -3.60 3.47 -4.71
N LEU A 677 -4.67 2.85 -4.19
CA LEU A 677 -5.92 2.85 -4.92
C LEU A 677 -6.60 4.22 -4.89
N PHE A 678 -6.35 5.03 -3.86
CA PHE A 678 -7.05 6.30 -3.72
C PHE A 678 -6.24 7.48 -4.23
N SER A 679 -4.93 7.44 -4.09
CA SER A 679 -4.09 8.60 -4.37
C SER A 679 -3.80 8.72 -5.87
N GLY A 680 -2.88 9.61 -6.22
CA GLY A 680 -2.51 9.81 -7.61
C GLY A 680 -1.07 10.23 -7.74
N ARG A 681 -0.54 10.12 -8.97
CA ARG A 681 0.89 10.22 -9.17
C ARG A 681 1.44 11.61 -8.89
N GLY A 682 0.65 12.66 -9.14
CA GLY A 682 1.18 14.01 -9.06
C GLY A 682 1.62 14.39 -7.66
N TYR A 683 0.82 14.06 -6.66
CA TYR A 683 1.17 14.39 -5.28
C TYR A 683 2.49 13.75 -4.87
N TRP A 684 2.66 12.46 -5.20
CA TRP A 684 3.88 11.77 -4.81
C TRP A 684 5.09 12.28 -5.58
N GLN A 685 4.91 12.55 -6.88
CA GLN A 685 6.01 13.09 -7.67
C GLN A 685 6.45 14.44 -7.13
N GLU A 686 5.51 15.25 -6.66
CA GLU A 686 5.87 16.53 -6.06
C GLU A 686 6.56 16.34 -4.73
N LEU A 687 6.03 15.45 -3.88
CA LEU A 687 6.64 15.20 -2.58
C LEU A 687 8.06 14.69 -2.71
N ILE A 688 8.33 13.89 -3.74
CA ILE A 688 9.67 13.33 -3.93
C ILE A 688 10.70 14.42 -4.17
N GLU A 689 10.28 15.55 -4.75
CA GLU A 689 11.20 16.65 -5.00
C GLU A 689 11.75 17.21 -3.70
N SER A 690 10.90 17.32 -2.67
CA SER A 690 11.36 17.85 -1.39
C SER A 690 12.27 16.90 -0.65
N ILE A 691 12.32 15.63 -1.04
CA ILE A 691 13.30 14.69 -0.49
C ILE A 691 14.58 14.71 -1.30
N VAL A 692 14.45 14.83 -2.62
CA VAL A 692 15.63 14.99 -3.47
C VAL A 692 16.37 16.27 -3.09
N TRP A 693 15.66 17.28 -2.61
CA TRP A 693 16.33 18.49 -2.15
C TRP A 693 17.22 18.19 -0.96
N ALA A 694 16.68 17.51 0.05
CA ALA A 694 17.48 17.14 1.22
C ALA A 694 18.64 16.25 0.83
N HIS A 695 18.47 15.42 -0.19
CA HIS A 695 19.56 14.57 -0.64
C HIS A 695 20.66 15.40 -1.30
N ASN A 696 20.28 16.31 -2.21
CA ASN A 696 21.25 17.18 -2.85
C ASN A 696 22.00 18.01 -1.81
N LYS A 697 21.30 18.45 -0.77
CA LYS A 697 21.94 19.26 0.27
C LYS A 697 23.12 18.53 0.91
N LEU A 698 23.10 17.20 0.90
CA LEU A 698 24.17 16.41 1.49
C LEU A 698 24.93 15.58 0.46
N LYS A 699 24.75 15.87 -0.83
CA LYS A 699 25.51 15.25 -1.91
C LYS A 699 25.26 13.75 -2.01
N VAL A 700 24.01 13.33 -1.75
CA VAL A 700 23.65 11.93 -1.88
C VAL A 700 22.58 11.78 -2.96
N ALA A 701 22.62 12.65 -3.96
CA ALA A 701 21.66 12.57 -5.05
C ALA A 701 21.99 11.38 -5.94
N PRO A 702 21.10 10.42 -6.10
CA PRO A 702 21.37 9.29 -7.00
C PRO A 702 21.38 9.74 -8.45
N ALA A 703 22.08 8.96 -9.27
CA ALA A 703 22.15 9.28 -10.69
C ALA A 703 20.91 8.80 -11.43
N ILE A 704 20.23 7.79 -10.90
CA ILE A 704 18.97 7.31 -11.46
C ILE A 704 17.86 8.13 -10.80
N GLN A 705 17.32 9.10 -11.53
CA GLN A 705 16.46 10.09 -10.94
C GLN A 705 15.18 9.45 -10.40
N PRO A 706 14.82 9.70 -9.15
CA PRO A 706 13.66 9.02 -8.54
C PRO A 706 12.32 9.56 -8.99
N ARG A 707 11.81 9.08 -10.13
CA ARG A 707 10.44 9.37 -10.52
C ARG A 707 9.47 8.46 -9.79
N ALA A 708 8.23 8.91 -9.65
CA ALA A 708 7.20 8.15 -8.99
C ALA A 708 6.56 7.16 -9.96
N LEU A 709 5.87 6.17 -9.40
CA LEU A 709 5.25 5.12 -10.19
C LEU A 709 4.28 5.71 -11.20
N SER A 710 4.24 5.11 -12.38
CA SER A 710 3.33 5.56 -13.43
C SER A 710 1.88 5.39 -13.01
N ILE A 711 0.97 6.03 -13.76
CA ILE A 711 -0.44 6.01 -13.40
C ILE A 711 -1.02 4.60 -13.49
N VAL A 712 -0.42 3.76 -14.33
CA VAL A 712 -0.90 2.39 -14.45
C VAL A 712 -0.27 1.48 -13.41
N GLN A 713 1.00 1.70 -13.06
CA GLN A 713 1.63 0.87 -12.04
C GLN A 713 1.02 1.12 -10.67
N GLY A 714 0.55 2.34 -10.41
CA GLY A 714 -0.17 2.58 -9.16
C GLY A 714 -1.40 1.72 -9.05
N ARG A 715 -2.19 1.65 -10.12
CA ARG A 715 -3.38 0.81 -10.12
C ARG A 715 -3.02 -0.66 -9.99
N ALA A 716 -1.97 -1.10 -10.71
CA ALA A 716 -1.54 -2.50 -10.60
C ALA A 716 -1.17 -2.85 -9.17
N VAL A 717 -0.33 -2.01 -8.54
CA VAL A 717 0.08 -2.24 -7.16
C VAL A 717 -1.12 -2.25 -6.23
N GLY A 718 -2.05 -1.31 -6.43
CA GLY A 718 -3.22 -1.25 -5.58
C GLY A 718 -4.06 -2.51 -5.65
N VAL A 719 -4.36 -2.97 -6.86
CA VAL A 719 -5.20 -4.15 -6.99
C VAL A 719 -4.45 -5.39 -6.51
N ALA A 720 -3.14 -5.46 -6.71
CA ALA A 720 -2.38 -6.62 -6.24
C ALA A 720 -2.41 -6.70 -4.72
N HIS A 721 -2.13 -5.58 -4.05
CA HIS A 721 -2.16 -5.58 -2.59
C HIS A 721 -3.57 -5.86 -2.06
N TYR A 722 -4.59 -5.30 -2.73
CA TYR A 722 -5.97 -5.55 -2.31
C TYR A 722 -6.30 -7.03 -2.36
N LEU A 723 -6.02 -7.67 -3.50
CA LEU A 723 -6.33 -9.08 -3.65
C LEU A 723 -5.52 -9.92 -2.67
N LEU A 724 -4.23 -9.63 -2.52
CA LEU A 724 -3.41 -10.38 -1.58
C LEU A 724 -3.98 -10.29 -0.17
N GLY A 725 -4.26 -9.07 0.29
CA GLY A 725 -4.79 -8.90 1.63
C GLY A 725 -6.11 -9.63 1.84
N GLY A 726 -7.05 -9.46 0.91
CA GLY A 726 -8.35 -10.11 1.07
C GLY A 726 -8.25 -11.62 1.09
N ILE A 727 -7.55 -12.19 0.10
CA ILE A 727 -7.49 -13.64 -0.01
C ILE A 727 -6.71 -14.22 1.16
N ALA A 728 -5.65 -13.54 1.62
CA ALA A 728 -4.89 -14.07 2.75
C ALA A 728 -5.68 -13.99 4.04
N THR A 729 -6.47 -12.93 4.22
CA THR A 729 -7.36 -12.86 5.38
C THR A 729 -8.34 -14.02 5.38
N THR A 730 -9.00 -14.25 4.25
CA THR A 730 -9.98 -15.34 4.19
C THR A 730 -9.29 -16.68 4.38
N TRP A 731 -8.08 -16.84 3.83
CA TRP A 731 -7.27 -18.04 4.02
C TRP A 731 -7.04 -18.32 5.49
N ALA A 732 -6.49 -17.32 6.21
CA ALA A 732 -6.20 -17.51 7.62
C ALA A 732 -7.47 -17.80 8.41
N PHE A 733 -8.55 -17.07 8.14
CA PHE A 733 -9.79 -17.26 8.87
C PHE A 733 -10.33 -18.68 8.66
N PHE A 734 -10.46 -19.09 7.40
CA PHE A 734 -10.98 -20.41 7.07
C PHE A 734 -10.15 -21.51 7.71
N LEU A 735 -8.82 -21.43 7.58
CA LEU A 735 -7.99 -22.50 8.11
C LEU A 735 -8.03 -22.53 9.63
N ALA A 736 -7.89 -21.38 10.28
CA ALA A 736 -7.90 -21.37 11.74
C ALA A 736 -9.23 -21.82 12.30
N ARG A 737 -10.32 -21.62 11.56
CA ARG A 737 -11.61 -22.14 11.99
C ARG A 737 -11.69 -23.65 11.80
N ILE A 738 -11.49 -24.11 10.56
CA ILE A 738 -11.79 -25.50 10.24
C ILE A 738 -10.78 -26.46 10.86
N ILE A 739 -9.54 -26.04 11.04
CA ILE A 739 -8.55 -26.93 11.64
C ILE A 739 -8.93 -27.25 13.08
N SER A 740 -9.39 -26.23 13.82
CA SER A 740 -9.74 -26.43 15.22
C SER A 740 -11.10 -27.11 15.38
N VAL A 741 -12.10 -26.70 14.60
CA VAL A 741 -13.46 -27.19 14.80
C VAL A 741 -13.84 -28.26 13.78
N GLY A 742 -12.90 -28.73 12.98
CA GLY A 742 -13.21 -29.75 11.98
C GLY A 742 -12.27 -30.95 12.02
N ALA B 1 -26.82 34.08 -16.40
CA ALA B 1 -27.70 34.67 -15.42
C ALA B 1 -29.17 34.41 -15.74
N SER B 2 -29.39 33.65 -16.82
CA SER B 2 -30.74 33.28 -17.23
C SER B 2 -31.08 31.84 -16.88
N ARG B 3 -30.19 31.13 -16.21
CA ARG B 3 -30.42 29.73 -15.83
C ARG B 3 -30.24 29.58 -14.33
N PHE B 4 -30.17 28.34 -13.84
CA PHE B 4 -30.12 28.05 -12.41
C PHE B 4 -29.01 28.87 -11.74
N PRO B 5 -27.74 28.70 -12.09
CA PRO B 5 -26.73 29.56 -11.45
C PRO B 5 -26.71 30.94 -12.09
N LYS B 6 -27.30 31.92 -11.41
CA LYS B 6 -27.34 33.27 -11.94
C LYS B 6 -26.09 34.07 -11.60
N PHE B 7 -25.19 33.52 -10.80
CA PHE B 7 -23.96 34.18 -10.41
C PHE B 7 -22.77 33.74 -11.28
N SER B 8 -23.02 33.00 -12.35
CA SER B 8 -21.96 32.53 -13.21
C SER B 8 -22.53 32.24 -14.59
N ARG B 9 -21.76 32.60 -15.62
CA ARG B 9 -22.16 32.32 -17.00
C ARG B 9 -21.66 30.98 -17.50
N GLY B 10 -20.49 30.53 -17.03
CA GLY B 10 -19.96 29.26 -17.48
C GLY B 10 -20.86 28.09 -17.19
N LEU B 11 -21.52 28.11 -16.02
CA LEU B 11 -22.44 27.04 -15.68
C LEU B 11 -23.80 27.24 -16.34
N SER B 12 -24.18 28.49 -16.64
CA SER B 12 -25.47 28.74 -17.29
C SER B 12 -25.52 28.13 -18.68
N GLN B 13 -24.45 28.32 -19.46
CA GLN B 13 -24.37 27.81 -20.82
C GLN B 13 -24.00 26.33 -20.88
N ASP B 14 -23.99 25.63 -19.74
CA ASP B 14 -23.64 24.22 -19.69
C ASP B 14 -24.87 23.38 -20.00
N PRO B 15 -24.92 22.72 -21.16
CA PRO B 15 -26.11 21.91 -21.49
C PRO B 15 -26.18 20.62 -20.70
N THR B 16 -25.04 20.11 -20.23
CA THR B 16 -25.00 18.82 -19.56
C THR B 16 -25.67 18.91 -18.19
N THR B 17 -25.72 17.76 -17.51
CA THR B 17 -26.24 17.72 -16.15
C THR B 17 -25.30 18.40 -15.17
N ARG B 18 -24.01 18.50 -15.52
CA ARG B 18 -23.02 19.09 -14.63
C ARG B 18 -23.42 20.48 -14.16
N ARG B 19 -24.15 21.23 -15.00
CA ARG B 19 -24.63 22.55 -14.61
C ARG B 19 -25.32 22.53 -13.25
N ILE B 20 -26.13 21.51 -13.00
CA ILE B 20 -26.77 21.38 -11.70
C ILE B 20 -25.72 21.23 -10.60
N TRP B 21 -24.85 20.23 -10.74
CA TRP B 21 -23.93 19.88 -9.68
C TRP B 21 -23.05 21.08 -9.30
N PHE B 22 -22.28 21.58 -10.26
CA PHE B 22 -21.40 22.71 -10.00
C PHE B 22 -22.16 23.99 -9.68
N GLY B 23 -23.48 23.97 -9.69
CA GLY B 23 -24.25 25.11 -9.23
C GLY B 23 -24.41 25.07 -7.73
N ILE B 24 -24.56 23.85 -7.18
CA ILE B 24 -24.66 23.70 -5.74
C ILE B 24 -23.28 23.77 -5.09
N ALA B 25 -22.23 23.36 -5.80
CA ALA B 25 -20.89 23.38 -5.22
C ALA B 25 -20.38 24.80 -5.07
N THR B 26 -20.24 25.52 -6.18
CA THR B 26 -19.75 26.89 -6.15
C THR B 26 -20.87 27.88 -5.87
N ALA B 27 -21.62 27.65 -4.81
CA ALA B 27 -22.71 28.54 -4.43
C ALA B 27 -22.34 29.53 -3.33
N HIS B 28 -21.28 29.24 -2.56
CA HIS B 28 -20.83 30.12 -1.49
C HIS B 28 -19.47 30.73 -1.75
N ASP B 29 -18.88 30.50 -2.92
CA ASP B 29 -17.62 31.14 -3.28
C ASP B 29 -17.93 32.50 -3.92
N PHE B 30 -18.31 33.44 -3.04
CA PHE B 30 -18.71 34.76 -3.50
C PHE B 30 -17.59 35.48 -4.24
N GLU B 31 -16.33 35.14 -3.95
CA GLU B 31 -15.22 35.80 -4.60
C GLU B 31 -15.20 35.52 -6.09
N SER B 32 -15.36 34.25 -6.48
CA SER B 32 -15.31 33.86 -7.88
C SER B 32 -16.72 33.79 -8.48
N HIS B 33 -17.43 34.91 -8.39
CA HIS B 33 -18.72 35.07 -9.03
C HIS B 33 -18.60 36.10 -10.15
N ASP B 34 -19.74 36.42 -10.77
CA ASP B 34 -19.78 37.39 -11.85
C ASP B 34 -20.03 38.79 -11.31
N ASP B 35 -19.19 39.74 -11.73
CA ASP B 35 -19.34 41.15 -11.40
C ASP B 35 -19.33 41.38 -9.88
N MET B 36 -18.30 40.85 -9.23
CA MET B 36 -18.15 40.97 -7.78
C MET B 36 -17.16 42.08 -7.44
N THR B 37 -17.54 42.90 -6.47
CA THR B 37 -16.68 43.97 -5.97
C THR B 37 -16.47 43.78 -4.47
N GLU B 38 -15.48 44.47 -3.93
CA GLU B 38 -15.13 44.31 -2.52
C GLU B 38 -16.16 44.93 -1.58
N GLU B 39 -17.28 45.49 -2.03
CA GLU B 39 -18.31 45.96 -1.11
C GLU B 39 -19.58 45.14 -1.14
N ARG B 40 -19.83 44.38 -2.21
CA ARG B 40 -20.93 43.42 -2.20
C ARG B 40 -20.53 42.16 -1.46
N LEU B 41 -19.28 41.73 -1.63
CA LEU B 41 -18.79 40.53 -0.96
C LEU B 41 -18.93 40.64 0.55
N TYR B 42 -18.42 41.73 1.13
CA TYR B 42 -18.42 41.87 2.58
C TYR B 42 -19.83 41.93 3.13
N GLN B 43 -20.74 42.61 2.44
CA GLN B 43 -22.12 42.68 2.92
C GLN B 43 -22.81 41.33 2.82
N LYS B 44 -22.49 40.54 1.79
CA LYS B 44 -23.02 39.19 1.73
C LYS B 44 -22.49 38.33 2.87
N ILE B 45 -21.21 38.50 3.21
CA ILE B 45 -20.66 37.79 4.37
C ILE B 45 -21.42 38.17 5.63
N PHE B 46 -21.67 39.47 5.81
CA PHE B 46 -22.38 39.95 6.99
C PHE B 46 -23.77 39.31 7.08
N ALA B 47 -24.52 39.35 5.97
CA ALA B 47 -25.88 38.82 6.00
C ALA B 47 -25.89 37.31 6.21
N SER B 48 -24.91 36.60 5.64
CA SER B 48 -24.83 35.16 5.84
C SER B 48 -24.47 34.84 7.29
N HIS B 49 -23.63 35.66 7.91
CA HIS B 49 -23.33 35.49 9.33
C HIS B 49 -24.59 35.65 10.18
N PHE B 50 -25.39 36.66 9.86
CA PHE B 50 -26.64 36.86 10.59
C PHE B 50 -27.57 35.66 10.42
N GLY B 51 -27.69 35.16 9.19
CA GLY B 51 -28.49 33.96 8.97
C GLY B 51 -27.98 32.76 9.74
N GLN B 52 -26.66 32.60 9.81
CA GLN B 52 -26.08 31.48 10.55
C GLN B 52 -26.40 31.58 12.03
N LEU B 53 -26.27 32.77 12.61
CA LEU B 53 -26.64 32.96 14.01
C LEU B 53 -28.11 32.63 14.23
N ALA B 54 -28.98 33.08 13.31
CA ALA B 54 -30.40 32.76 13.41
C ALA B 54 -30.62 31.25 13.44
N ILE B 55 -29.93 30.52 12.56
CA ILE B 55 -30.11 29.08 12.49
C ILE B 55 -29.64 28.42 13.79
N ILE B 56 -28.50 28.86 14.31
CA ILE B 56 -27.98 28.29 15.56
C ILE B 56 -28.99 28.47 16.68
N PHE B 57 -29.52 29.69 16.82
CA PHE B 57 -30.44 29.94 17.92
C PHE B 57 -31.77 29.22 17.73
N LEU B 58 -32.22 29.07 16.48
CA LEU B 58 -33.41 28.27 16.22
C LEU B 58 -33.20 26.82 16.63
N TRP B 59 -32.02 26.28 16.35
CA TRP B 59 -31.70 24.91 16.76
C TRP B 59 -31.74 24.77 18.28
N THR B 60 -31.13 25.72 18.99
CA THR B 60 -31.12 25.66 20.45
C THR B 60 -32.53 25.76 21.01
N SER B 61 -33.35 26.66 20.45
CA SER B 61 -34.72 26.80 20.91
C SER B 61 -35.52 25.52 20.64
N GLY B 62 -35.26 24.88 19.51
CA GLY B 62 -35.92 23.61 19.23
C GLY B 62 -35.55 22.54 20.24
N ASN B 63 -34.26 22.46 20.60
CA ASN B 63 -33.85 21.52 21.64
C ASN B 63 -34.58 21.79 22.95
N LEU B 64 -34.62 23.06 23.37
CA LEU B 64 -35.32 23.42 24.60
C LEU B 64 -36.78 23.01 24.54
N PHE B 65 -37.48 23.37 23.46
CA PHE B 65 -38.90 23.10 23.34
C PHE B 65 -39.17 21.60 23.34
N HIS B 66 -38.32 20.81 22.68
CA HIS B 66 -38.58 19.39 22.59
C HIS B 66 -38.23 18.66 23.89
N VAL B 67 -37.29 19.18 24.67
CA VAL B 67 -37.07 18.59 25.99
C VAL B 67 -38.20 18.99 26.94
N ALA B 68 -38.76 20.19 26.76
CA ALA B 68 -39.83 20.63 27.65
C ALA B 68 -41.15 19.94 27.34
N TRP B 69 -41.41 19.64 26.08
CA TRP B 69 -42.71 19.12 25.68
C TRP B 69 -42.81 17.61 25.90
N GLN B 70 -41.79 16.85 25.48
CA GLN B 70 -41.83 15.41 25.53
C GLN B 70 -40.88 14.78 26.54
N GLY B 71 -39.92 15.54 27.06
CA GLY B 71 -38.95 15.00 27.98
C GLY B 71 -39.49 14.79 29.38
N ASN B 72 -38.64 14.20 30.22
CA ASN B 72 -38.98 13.93 31.61
C ASN B 72 -38.01 14.66 32.53
N PHE B 73 -37.76 15.94 32.23
CA PHE B 73 -36.75 16.70 32.95
C PHE B 73 -37.07 16.79 34.44
N GLU B 74 -38.34 17.05 34.79
CA GLU B 74 -38.71 17.19 36.19
C GLU B 74 -38.44 15.91 36.98
N ALA B 75 -38.82 14.77 36.40
CA ALA B 75 -38.54 13.49 37.07
C ALA B 75 -37.05 13.27 37.22
N TRP B 76 -36.28 13.55 36.17
CA TRP B 76 -34.84 13.38 36.22
C TRP B 76 -34.21 14.28 37.29
N GLY B 77 -34.82 15.43 37.56
CA GLY B 77 -34.25 16.34 38.54
C GLY B 77 -34.17 15.76 39.94
N GLN B 78 -35.13 14.92 40.31
CA GLN B 78 -35.21 14.38 41.66
C GLN B 78 -34.61 12.98 41.79
N ASP B 79 -34.04 12.44 40.71
CA ASP B 79 -33.37 11.14 40.76
C ASP B 79 -32.44 11.02 39.56
N PRO B 80 -31.32 11.74 39.55
CA PRO B 80 -30.49 11.80 38.35
C PRO B 80 -29.56 10.61 38.18
N LEU B 81 -29.78 9.54 38.94
CA LEU B 81 -28.97 8.34 38.83
C LEU B 81 -29.75 7.10 38.41
N HIS B 82 -31.07 7.07 38.62
CA HIS B 82 -31.89 5.91 38.30
C HIS B 82 -33.01 6.29 37.34
N VAL B 83 -32.70 7.15 36.37
CA VAL B 83 -33.64 7.52 35.32
C VAL B 83 -32.83 7.95 34.10
N ARG B 84 -33.42 7.79 32.93
CA ARG B 84 -32.74 8.09 31.68
C ARG B 84 -33.33 9.34 31.06
N PRO B 85 -32.50 10.29 30.64
CA PRO B 85 -33.04 11.53 30.07
C PRO B 85 -33.61 11.29 28.68
N ILE B 86 -34.81 11.79 28.45
CA ILE B 86 -35.51 11.60 27.18
C ILE B 86 -35.19 12.76 26.26
N ALA B 87 -34.81 12.45 25.02
CA ALA B 87 -34.51 13.49 24.05
C ALA B 87 -35.76 14.01 23.38
N HIS B 88 -36.57 13.12 22.80
CA HIS B 88 -37.85 13.49 22.21
C HIS B 88 -38.63 12.20 21.99
N ALA B 89 -39.84 12.34 21.47
CA ALA B 89 -40.69 11.20 21.16
C ALA B 89 -40.57 10.86 19.68
N ILE B 90 -40.87 9.60 19.36
CA ILE B 90 -40.79 9.10 18.00
C ILE B 90 -42.19 8.69 17.56
N TRP B 91 -42.49 8.94 16.28
CA TRP B 91 -43.77 8.53 15.69
C TRP B 91 -43.44 8.00 14.30
N ASP B 92 -43.20 6.69 14.21
CA ASP B 92 -42.79 6.05 12.98
C ASP B 92 -43.90 5.11 12.52
N PRO B 93 -44.62 5.44 11.44
CA PRO B 93 -45.73 4.57 10.99
C PRO B 93 -45.28 3.21 10.49
N HIS B 94 -43.98 2.97 10.35
CA HIS B 94 -43.47 1.67 9.94
C HIS B 94 -43.19 0.75 11.12
N PHE B 95 -43.27 1.26 12.34
CA PHE B 95 -42.94 0.47 13.51
C PHE B 95 -43.86 -0.74 13.64
N GLY B 96 -43.38 -1.76 14.36
CA GLY B 96 -44.17 -2.89 14.74
C GLY B 96 -44.37 -2.88 16.26
N GLN B 97 -45.29 -3.73 16.71
CA GLN B 97 -45.63 -3.77 18.13
C GLN B 97 -44.41 -4.04 19.01
N PRO B 98 -43.55 -5.04 18.73
CA PRO B 98 -42.36 -5.21 19.59
C PRO B 98 -41.46 -3.99 19.61
N ALA B 99 -41.37 -3.25 18.50
CA ALA B 99 -40.54 -2.05 18.49
C ALA B 99 -41.13 -0.97 19.39
N VAL B 100 -42.47 -0.83 19.37
CA VAL B 100 -43.12 0.13 20.26
C VAL B 100 -42.89 -0.26 21.71
N GLU B 101 -43.01 -1.56 22.03
CA GLU B 101 -42.78 -1.98 23.40
C GLU B 101 -41.32 -1.85 23.80
N ALA B 102 -40.40 -1.90 22.84
CA ALA B 102 -38.98 -1.81 23.15
C ALA B 102 -38.56 -0.36 23.39
N PHE B 103 -39.01 0.56 22.55
CA PHE B 103 -38.57 1.94 22.62
C PHE B 103 -39.41 2.79 23.57
N THR B 104 -40.39 2.20 24.26
CA THR B 104 -41.22 2.94 25.20
C THR B 104 -40.62 2.97 26.61
N ARG B 105 -39.30 2.83 26.73
CA ARG B 105 -38.66 2.76 28.03
C ARG B 105 -38.62 4.16 28.65
N GLY B 106 -37.98 4.27 29.81
CA GLY B 106 -37.94 5.53 30.54
C GLY B 106 -39.20 5.69 31.38
N GLY B 107 -39.80 6.87 31.29
CA GLY B 107 -41.05 7.12 31.99
C GLY B 107 -42.17 7.52 31.05
N ALA B 108 -41.84 7.68 29.77
CA ALA B 108 -42.79 8.18 28.80
C ALA B 108 -43.94 7.21 28.60
N SER B 109 -45.02 7.72 27.99
CA SER B 109 -46.20 6.93 27.68
C SER B 109 -46.12 6.26 26.32
N GLY B 110 -45.24 6.73 25.44
CA GLY B 110 -45.02 6.11 24.16
C GLY B 110 -43.55 5.80 23.94
N PRO B 111 -43.16 5.56 22.69
CA PRO B 111 -41.75 5.31 22.40
C PRO B 111 -40.99 6.63 22.25
N VAL B 112 -39.78 6.66 22.78
CA VAL B 112 -38.97 7.88 22.85
C VAL B 112 -37.50 7.52 22.67
N ASN B 113 -36.69 8.55 22.47
CA ASN B 113 -35.23 8.42 22.44
C ASN B 113 -34.64 8.94 23.75
N ILE B 114 -33.43 8.47 24.04
CA ILE B 114 -32.73 8.83 25.27
C ILE B 114 -31.60 9.81 24.92
N ALA B 115 -31.59 10.95 25.60
CA ALA B 115 -30.70 12.05 25.26
C ALA B 115 -29.28 11.72 25.71
N TYR B 116 -28.38 11.49 24.75
CA TYR B 116 -26.97 11.29 25.01
C TYR B 116 -26.15 12.55 24.70
N SER B 117 -26.77 13.72 24.77
CA SER B 117 -26.10 14.98 24.50
C SER B 117 -25.74 15.75 25.77
N GLY B 118 -26.14 15.27 26.93
CA GLY B 118 -25.77 15.91 28.18
C GLY B 118 -26.42 17.24 28.46
N VAL B 119 -27.50 17.58 27.75
CA VAL B 119 -28.15 18.87 27.99
C VAL B 119 -28.90 18.88 29.32
N TYR B 120 -29.29 17.72 29.83
CA TYR B 120 -30.02 17.67 31.09
C TYR B 120 -29.17 18.16 32.24
N GLN B 121 -27.96 17.61 32.37
CA GLN B 121 -27.07 18.03 33.45
C GLN B 121 -26.69 19.50 33.31
N TRP B 122 -26.45 19.95 32.08
CA TRP B 122 -26.12 21.35 31.85
C TRP B 122 -27.25 22.26 32.34
N TRP B 123 -28.46 22.03 31.84
CA TRP B 123 -29.59 22.86 32.23
C TRP B 123 -29.87 22.78 33.73
N TYR B 124 -29.67 21.61 34.33
CA TYR B 124 -29.94 21.46 35.76
C TYR B 124 -28.90 22.19 36.60
N THR B 125 -27.65 22.22 36.15
CA THR B 125 -26.61 22.91 36.90
C THR B 125 -26.88 24.40 36.96
N ILE B 126 -27.15 25.02 35.82
CA ILE B 126 -27.28 26.48 35.73
C ILE B 126 -28.59 26.96 36.34
N GLY B 127 -29.41 26.04 36.83
CA GLY B 127 -30.56 26.43 37.62
C GLY B 127 -31.91 26.39 36.92
N LEU B 128 -32.17 25.34 36.17
CA LEU B 128 -33.48 25.13 35.56
C LEU B 128 -34.12 23.89 36.17
N ARG B 129 -35.33 24.05 36.71
CA ARG B 129 -35.96 22.99 37.49
C ARG B 129 -37.37 22.64 37.04
N THR B 130 -37.87 23.24 35.95
CA THR B 130 -39.26 23.02 35.56
C THR B 130 -39.38 23.22 34.06
N ASN B 131 -40.31 22.47 33.44
CA ASN B 131 -40.58 22.62 32.02
C ASN B 131 -40.96 24.05 31.66
N GLN B 132 -41.52 24.80 32.62
CA GLN B 132 -41.87 26.19 32.35
C GLN B 132 -40.63 27.01 32.03
N ASP B 133 -39.54 26.78 32.76
CA ASP B 133 -38.29 27.49 32.47
C ASP B 133 -37.76 27.15 31.09
N LEU B 134 -37.84 25.87 30.70
CA LEU B 134 -37.39 25.47 29.38
C LEU B 134 -38.24 26.12 28.29
N TYR B 135 -39.56 26.20 28.50
CA TYR B 135 -40.42 26.84 27.51
C TYR B 135 -40.13 28.34 27.41
N GLY B 136 -39.91 28.98 28.55
CA GLY B 136 -39.54 30.40 28.52
C GLY B 136 -38.24 30.63 27.76
N GLY B 137 -37.24 29.80 28.03
CA GLY B 137 -36.00 29.88 27.26
C GLY B 137 -36.24 29.67 25.78
N SER B 138 -37.12 28.72 25.42
CA SER B 138 -37.37 28.42 24.02
C SER B 138 -38.01 29.61 23.31
N ILE B 139 -39.03 30.21 23.92
CA ILE B 139 -39.68 31.34 23.26
C ILE B 139 -38.73 32.54 23.20
N PHE B 140 -37.91 32.74 24.24
CA PHE B 140 -36.95 33.83 24.20
C PHE B 140 -35.92 33.62 23.10
N LEU B 141 -35.54 32.37 22.86
CA LEU B 141 -34.57 32.10 21.79
C LEU B 141 -35.19 32.27 20.42
N LEU B 142 -36.47 31.89 20.28
CA LEU B 142 -37.21 32.24 19.06
C LEU B 142 -37.19 33.74 18.82
N PHE B 143 -37.40 34.52 19.90
CA PHE B 143 -37.40 35.96 19.77
C PHE B 143 -36.04 36.50 19.31
N VAL B 144 -34.97 36.03 19.94
CA VAL B 144 -33.65 36.56 19.57
C VAL B 144 -33.26 36.12 18.17
N SER B 145 -33.69 34.94 17.73
CA SER B 145 -33.42 34.54 16.35
C SER B 145 -34.19 35.41 15.36
N ALA B 146 -35.45 35.74 15.69
CA ALA B 146 -36.20 36.67 14.86
C ALA B 146 -35.49 38.02 14.79
N LEU B 147 -34.92 38.47 15.91
CA LEU B 147 -34.20 39.74 15.92
C LEU B 147 -32.96 39.68 15.04
N PHE B 148 -32.24 38.54 15.08
CA PHE B 148 -31.06 38.41 14.23
C PHE B 148 -31.44 38.40 12.75
N LEU B 149 -32.55 37.75 12.41
CA LEU B 149 -33.02 37.79 11.02
C LEU B 149 -33.40 39.21 10.62
N ILE B 150 -34.05 39.94 11.52
CA ILE B 150 -34.40 41.33 11.25
C ILE B 150 -33.16 42.15 10.94
N ALA B 151 -32.13 42.01 11.77
CA ALA B 151 -30.90 42.77 11.55
C ALA B 151 -30.20 42.35 10.27
N GLY B 152 -30.21 41.05 9.97
CA GLY B 152 -29.59 40.58 8.74
C GLY B 152 -30.25 41.14 7.51
N TRP B 153 -31.59 41.25 7.53
CA TRP B 153 -32.27 41.89 6.41
C TRP B 153 -32.01 43.39 6.40
N LEU B 154 -31.97 44.01 7.58
CA LEU B 154 -31.80 45.46 7.67
C LEU B 154 -30.48 45.90 7.06
N HIS B 155 -29.40 45.22 7.40
CA HIS B 155 -28.08 45.65 6.95
C HIS B 155 -27.79 45.31 5.50
N LEU B 156 -28.80 44.88 4.73
CA LEU B 156 -28.66 44.74 3.29
C LEU B 156 -29.41 45.82 2.53
N GLN B 157 -30.27 46.58 3.20
CA GLN B 157 -30.97 47.68 2.54
C GLN B 157 -29.98 48.79 2.20
N PRO B 158 -30.20 49.49 1.07
CA PRO B 158 -29.20 50.46 0.60
C PRO B 158 -28.85 51.53 1.61
N LYS B 159 -29.82 51.99 2.40
CA LYS B 159 -29.56 53.07 3.34
C LYS B 159 -28.56 52.66 4.42
N TRP B 160 -28.56 51.38 4.81
CA TRP B 160 -27.83 50.95 5.99
C TRP B 160 -26.68 50.00 5.69
N LYS B 161 -26.30 49.81 4.44
CA LYS B 161 -25.15 48.96 4.14
C LYS B 161 -23.89 49.57 4.73
N PRO B 162 -23.06 48.78 5.39
CA PRO B 162 -21.74 49.27 5.80
C PRO B 162 -20.77 49.29 4.63
N SER B 163 -19.81 50.20 4.70
CA SER B 163 -18.82 50.30 3.66
C SER B 163 -17.69 49.29 3.87
N VAL B 164 -16.98 48.99 2.78
CA VAL B 164 -15.87 48.04 2.87
C VAL B 164 -14.79 48.57 3.79
N SER B 165 -14.63 49.89 3.87
CA SER B 165 -13.63 50.47 4.77
C SER B 165 -14.04 50.36 6.23
N TRP B 166 -15.33 50.17 6.51
CA TRP B 166 -15.77 49.96 7.89
C TRP B 166 -15.39 48.58 8.38
N PHE B 167 -15.51 47.57 7.52
CA PHE B 167 -15.15 46.20 7.90
C PHE B 167 -13.66 46.11 8.23
N LYS B 168 -12.82 46.76 7.42
CA LYS B 168 -11.38 46.67 7.61
C LYS B 168 -10.87 47.43 8.82
N ASN B 169 -11.76 48.03 9.63
CA ASN B 169 -11.35 48.69 10.86
C ASN B 169 -11.06 47.60 11.89
N ALA B 170 -9.84 47.05 11.81
CA ALA B 170 -9.46 45.94 12.66
C ALA B 170 -9.26 46.37 14.10
N GLU B 171 -8.72 47.56 14.31
CA GLU B 171 -8.41 48.02 15.67
C GLU B 171 -9.67 48.10 16.52
N SER B 172 -10.67 48.84 16.05
CA SER B 172 -11.91 49.01 16.82
C SER B 172 -12.66 47.69 16.95
N ARG B 173 -12.65 46.87 15.89
CA ARG B 173 -13.36 45.60 15.96
C ARG B 173 -12.75 44.69 17.02
N LEU B 174 -11.42 44.58 17.03
CA LEU B 174 -10.77 43.75 18.04
C LEU B 174 -10.97 44.32 19.44
N ASN B 175 -10.83 45.63 19.59
CA ASN B 175 -11.10 46.29 20.86
C ASN B 175 -12.48 45.93 21.39
N HIS B 176 -13.51 46.09 20.54
CA HIS B 176 -14.88 45.88 20.99
C HIS B 176 -15.17 44.41 21.23
N HIS B 177 -14.70 43.53 20.36
CA HIS B 177 -14.86 42.10 20.60
C HIS B 177 -14.26 41.72 21.95
N LEU B 178 -12.96 41.97 22.13
CA LEU B 178 -12.29 41.65 23.39
C LEU B 178 -13.05 42.20 24.59
N SER B 179 -13.32 43.50 24.60
CA SER B 179 -13.99 44.08 25.76
C SER B 179 -15.40 43.51 25.91
N GLY B 180 -16.31 43.86 25.01
CA GLY B 180 -17.69 43.46 25.17
C GLY B 180 -17.89 41.97 25.08
N LEU B 181 -17.70 41.41 23.87
CA LEU B 181 -18.18 40.07 23.57
C LEU B 181 -17.59 39.03 24.51
N PHE B 182 -16.42 39.29 25.08
CA PHE B 182 -15.80 38.37 26.02
C PHE B 182 -15.99 38.81 27.47
N GLY B 183 -15.48 39.98 27.84
CA GLY B 183 -15.51 40.37 29.23
C GLY B 183 -16.91 40.65 29.75
N VAL B 184 -17.71 41.42 29.00
CA VAL B 184 -19.03 41.76 29.51
C VAL B 184 -19.93 40.54 29.50
N SER B 185 -19.74 39.63 28.54
CA SER B 185 -20.52 38.40 28.53
C SER B 185 -20.14 37.51 29.71
N SER B 186 -18.84 37.39 30.01
CA SER B 186 -18.43 36.62 31.18
C SER B 186 -18.91 37.27 32.47
N LEU B 187 -18.98 38.60 32.50
CA LEU B 187 -19.49 39.29 33.68
C LEU B 187 -20.98 39.02 33.87
N ALA B 188 -21.75 39.04 32.78
CA ALA B 188 -23.17 38.73 32.87
C ALA B 188 -23.37 37.28 33.30
N TRP B 189 -22.54 36.37 32.81
CA TRP B 189 -22.65 34.98 33.24
C TRP B 189 -22.30 34.84 34.72
N THR B 190 -21.30 35.58 35.19
CA THR B 190 -21.00 35.61 36.62
C THR B 190 -22.19 36.10 37.42
N GLY B 191 -22.85 37.15 36.93
CA GLY B 191 -24.04 37.65 37.60
C GLY B 191 -25.14 36.61 37.68
N HIS B 192 -25.37 35.87 36.59
CA HIS B 192 -26.39 34.84 36.61
C HIS B 192 -26.01 33.71 37.57
N LEU B 193 -24.75 33.28 37.54
CA LEU B 193 -24.30 32.23 38.45
C LEU B 193 -24.45 32.65 39.90
N VAL B 194 -24.20 33.92 40.19
CA VAL B 194 -24.29 34.40 41.56
C VAL B 194 -25.76 34.53 41.99
N HIS B 195 -26.62 35.00 41.10
CA HIS B 195 -28.00 35.31 41.45
C HIS B 195 -28.93 34.11 41.37
N VAL B 196 -28.85 33.34 40.28
CA VAL B 196 -29.84 32.31 40.00
C VAL B 196 -29.28 30.92 40.18
N ALA B 197 -28.05 30.66 39.75
CA ALA B 197 -27.53 29.30 39.77
C ALA B 197 -27.14 28.86 41.17
N ILE B 198 -26.29 29.63 41.84
CA ILE B 198 -25.80 29.23 43.17
C ILE B 198 -26.92 29.17 44.20
N PRO B 199 -27.84 30.15 44.29
CA PRO B 199 -28.94 29.99 45.25
C PRO B 199 -29.85 28.82 44.94
N GLU B 200 -30.17 28.58 43.66
CA GLU B 200 -30.98 27.41 43.32
C GLU B 200 -30.25 26.12 43.65
N SER B 201 -28.93 26.13 43.63
CA SER B 201 -28.18 24.97 44.11
C SER B 201 -28.25 24.86 45.63
N ARG B 202 -28.28 25.99 46.33
CA ARG B 202 -28.45 25.95 47.78
C ARG B 202 -29.86 25.52 48.17
N GLY B 203 -30.85 25.79 47.31
CA GLY B 203 -32.18 25.29 47.55
C GLY B 203 -33.30 26.29 47.31
N GLU B 204 -33.01 27.58 47.40
CA GLU B 204 -34.04 28.61 47.37
C GLU B 204 -34.36 29.02 45.93
N HIS B 205 -35.65 29.15 45.65
CA HIS B 205 -36.11 29.55 44.33
C HIS B 205 -35.83 31.03 44.09
N VAL B 206 -35.26 31.34 42.94
CA VAL B 206 -34.98 32.72 42.53
C VAL B 206 -35.29 32.85 41.05
N ARG B 207 -36.22 33.73 40.71
CA ARG B 207 -36.66 33.93 39.33
C ARG B 207 -36.81 35.42 39.09
N TRP B 208 -37.43 35.77 37.95
CA TRP B 208 -37.62 37.17 37.60
C TRP B 208 -38.51 37.88 38.61
N ASN B 209 -39.51 37.20 39.14
CA ASN B 209 -40.50 37.84 40.00
C ASN B 209 -39.90 38.34 41.32
N ASN B 210 -38.73 37.85 41.71
CA ASN B 210 -38.12 38.24 42.97
C ASN B 210 -36.63 38.52 42.81
N LEU B 211 -36.21 39.00 41.65
CA LEU B 211 -34.79 39.28 41.43
C LEU B 211 -34.30 40.39 42.34
N LEU B 212 -35.00 41.52 42.36
CA LEU B 212 -34.60 42.66 43.16
C LEU B 212 -34.91 42.50 44.64
N THR B 213 -35.55 41.39 45.03
CA THR B 213 -35.88 41.15 46.44
C THR B 213 -34.81 40.31 47.12
N ALA B 214 -34.54 39.12 46.58
CA ALA B 214 -33.60 38.19 47.19
C ALA B 214 -32.19 38.54 46.75
N LEU B 215 -31.34 38.91 47.72
CA LEU B 215 -29.93 39.22 47.51
C LEU B 215 -29.08 37.96 47.72
N PRO B 216 -28.02 37.80 46.93
CA PRO B 216 -27.25 36.55 46.97
C PRO B 216 -26.24 36.46 48.11
N HIS B 217 -26.18 37.46 49.00
CA HIS B 217 -25.24 37.38 50.11
C HIS B 217 -25.82 38.14 51.29
N PRO B 218 -25.76 37.56 52.50
CA PRO B 218 -26.35 38.20 53.68
C PRO B 218 -25.94 39.65 53.91
N GLN B 219 -24.81 40.06 53.34
CA GLN B 219 -24.29 41.42 53.45
C GLN B 219 -23.90 41.96 52.09
N GLY B 220 -24.80 41.78 51.12
CA GLY B 220 -24.55 42.10 49.74
C GLY B 220 -24.07 43.51 49.43
N LEU B 221 -23.01 43.60 48.64
CA LEU B 221 -22.46 44.81 48.02
C LEU B 221 -21.83 45.77 49.02
N GLY B 222 -21.87 45.49 50.32
CA GLY B 222 -21.19 46.32 51.28
C GLY B 222 -19.70 46.09 51.26
N PRO B 223 -19.29 44.87 51.63
CA PRO B 223 -17.86 44.52 51.55
C PRO B 223 -17.23 44.74 50.18
N PHE B 224 -18.00 44.63 49.10
CA PHE B 224 -17.44 44.81 47.76
C PHE B 224 -16.91 46.22 47.57
N PHE B 225 -17.76 47.23 47.81
CA PHE B 225 -17.36 48.60 47.61
C PHE B 225 -16.44 49.13 48.70
N ALA B 226 -16.18 48.34 49.74
CA ALA B 226 -15.26 48.71 50.80
C ALA B 226 -13.94 47.94 50.71
N GLY B 227 -13.74 47.16 49.66
CA GLY B 227 -12.50 46.43 49.45
C GLY B 227 -12.33 45.17 50.27
N GLN B 228 -13.19 44.94 51.25
CA GLN B 228 -13.13 43.71 52.06
C GLN B 228 -13.74 42.57 51.24
N TRP B 229 -12.96 42.06 50.30
CA TRP B 229 -13.47 41.11 49.32
C TRP B 229 -13.50 39.67 49.82
N ASN B 230 -12.71 39.34 50.85
CA ASN B 230 -12.72 37.98 51.36
C ASN B 230 -14.03 37.61 52.04
N VAL B 231 -14.88 38.59 52.33
CA VAL B 231 -16.16 38.32 53.00
C VAL B 231 -17.03 37.39 52.16
N TYR B 232 -16.87 37.44 50.85
CA TYR B 232 -17.65 36.58 49.95
C TYR B 232 -17.10 35.17 49.86
N ALA B 233 -16.11 34.82 50.68
CA ALA B 233 -15.53 33.49 50.70
C ALA B 233 -15.49 32.93 52.12
N GLN B 234 -16.48 33.27 52.94
CA GLN B 234 -16.41 32.98 54.36
C GLN B 234 -16.68 31.50 54.65
N ASN B 235 -17.88 31.02 54.32
CA ASN B 235 -18.25 29.63 54.58
C ASN B 235 -18.84 29.02 53.32
N PRO B 236 -18.11 28.14 52.64
CA PRO B 236 -18.67 27.45 51.48
C PRO B 236 -19.48 26.23 51.90
N ASP B 237 -19.96 25.46 50.93
CA ASP B 237 -20.65 24.22 51.24
C ASP B 237 -19.65 23.16 51.69
N SER B 238 -20.13 22.22 52.49
CA SER B 238 -19.28 21.19 53.07
C SER B 238 -19.44 19.88 52.30
N ASN B 239 -18.77 18.83 52.79
CA ASN B 239 -18.88 17.53 52.15
C ASN B 239 -20.27 16.92 52.29
N SER B 240 -21.09 17.43 53.20
CA SER B 240 -22.43 16.91 53.44
C SER B 240 -23.50 17.62 52.61
N HIS B 241 -23.13 18.60 51.81
CA HIS B 241 -24.11 19.35 51.03
C HIS B 241 -24.77 18.44 50.00
N LEU B 242 -26.10 18.51 49.95
CA LEU B 242 -26.89 17.81 48.93
C LEU B 242 -27.25 18.81 47.85
N PHE B 243 -26.74 18.59 46.64
CA PHE B 243 -26.96 19.53 45.55
C PHE B 243 -28.44 19.64 45.22
N GLY B 244 -29.03 20.79 45.52
CA GLY B 244 -30.46 20.98 45.32
C GLY B 244 -31.16 21.37 46.61
N THR B 245 -30.73 20.79 47.71
CA THR B 245 -31.27 21.08 49.03
C THR B 245 -30.29 21.92 49.84
N SER B 246 -30.75 22.36 51.01
CA SER B 246 -29.95 23.18 51.91
C SER B 246 -29.33 22.38 53.04
N GLU B 247 -29.23 21.05 52.88
CA GLU B 247 -28.69 20.18 53.92
C GLU B 247 -27.18 20.33 53.96
N GLY B 248 -26.70 21.34 54.70
CA GLY B 248 -25.28 21.56 54.86
C GLY B 248 -24.68 22.43 53.77
N ALA B 249 -25.29 23.59 53.53
CA ALA B 249 -24.85 24.51 52.50
C ALA B 249 -24.41 25.82 53.15
N GLY B 250 -23.37 26.43 52.59
CA GLY B 250 -22.83 27.67 53.09
C GLY B 250 -23.50 28.88 52.46
N THR B 251 -22.76 29.99 52.47
CA THR B 251 -23.28 31.25 51.92
C THR B 251 -22.26 32.00 51.06
N ALA B 252 -21.06 31.46 50.86
CA ALA B 252 -20.07 32.15 50.03
C ALA B 252 -20.45 32.06 48.57
N ILE B 253 -20.18 33.14 47.83
CA ILE B 253 -20.54 33.20 46.42
C ILE B 253 -19.29 33.00 45.56
N LEU B 254 -18.14 33.46 46.05
CA LEU B 254 -16.88 33.33 45.32
C LEU B 254 -15.84 32.70 46.24
N THR B 255 -15.06 31.77 45.69
CA THR B 255 -13.99 31.12 46.44
C THR B 255 -13.09 30.39 45.46
N PHE B 256 -12.06 29.75 46.00
CA PHE B 256 -11.10 28.95 45.22
C PHE B 256 -10.88 27.68 46.03
N LEU B 257 -11.68 26.65 45.76
CA LEU B 257 -11.62 25.40 46.50
C LEU B 257 -10.90 24.29 45.77
N GLY B 258 -11.04 24.19 44.45
CA GLY B 258 -10.43 23.12 43.70
C GLY B 258 -11.08 21.78 43.97
N GLY B 259 -10.88 20.84 43.07
CA GLY B 259 -11.45 19.52 43.25
C GLY B 259 -12.92 19.46 42.86
N PHE B 260 -13.55 18.34 43.22
CA PHE B 260 -14.90 18.04 42.82
C PHE B 260 -15.84 18.03 44.02
N HIS B 261 -17.09 18.41 43.78
CA HIS B 261 -18.13 18.25 44.77
C HIS B 261 -18.29 16.78 45.12
N PRO B 262 -18.20 16.39 46.39
CA PRO B 262 -18.19 14.96 46.71
C PRO B 262 -19.42 14.19 46.28
N GLN B 263 -20.58 14.85 46.17
CA GLN B 263 -21.78 14.16 45.71
C GLN B 263 -21.84 14.10 44.19
N THR B 264 -21.88 15.27 43.53
CA THR B 264 -22.04 15.32 42.08
C THR B 264 -20.77 14.96 41.33
N GLN B 265 -19.62 14.94 42.01
CA GLN B 265 -18.34 14.66 41.38
C GLN B 265 -18.06 15.63 40.22
N SER B 266 -18.40 16.90 40.44
CA SER B 266 -18.15 17.96 39.46
C SER B 266 -17.59 19.17 40.19
N LEU B 267 -17.16 20.16 39.42
CA LEU B 267 -16.54 21.34 39.99
C LEU B 267 -17.56 22.17 40.78
N TRP B 268 -17.03 22.98 41.69
CA TRP B 268 -17.88 23.81 42.54
C TRP B 268 -18.41 25.00 41.76
N LEU B 269 -19.70 25.30 41.94
CA LEU B 269 -20.32 26.42 41.22
C LEU B 269 -19.63 27.74 41.56
N THR B 270 -19.38 27.97 42.85
CA THR B 270 -18.69 29.18 43.27
C THR B 270 -17.34 29.31 42.57
N ASP B 271 -16.67 28.20 42.31
CA ASP B 271 -15.40 28.24 41.58
C ASP B 271 -15.61 28.76 40.16
N MET B 272 -16.67 28.30 39.49
CA MET B 272 -16.95 28.78 38.15
C MET B 272 -17.28 30.26 38.16
N ALA B 273 -18.08 30.70 39.14
CA ALA B 273 -18.39 32.12 39.26
C ALA B 273 -17.12 32.95 39.44
N HIS B 274 -16.23 32.51 40.33
CA HIS B 274 -14.98 33.24 40.56
C HIS B 274 -14.12 33.27 39.31
N HIS B 275 -14.01 32.14 38.61
CA HIS B 275 -13.23 32.08 37.39
C HIS B 275 -13.78 33.02 36.33
N HIS B 276 -15.11 33.07 36.18
CA HIS B 276 -15.70 33.94 35.18
C HIS B 276 -15.51 35.40 35.55
N LEU B 277 -15.61 35.74 36.83
CA LEU B 277 -15.33 37.10 37.26
C LEU B 277 -13.89 37.49 36.93
N ALA B 278 -12.95 36.60 37.23
CA ALA B 278 -11.53 36.88 36.98
C ALA B 278 -11.28 37.11 35.50
N ILE B 279 -11.73 36.18 34.65
CA ILE B 279 -11.47 36.34 33.22
C ILE B 279 -12.24 37.50 32.63
N ALA B 280 -13.39 37.85 33.19
CA ALA B 280 -14.11 39.04 32.73
C ALA B 280 -13.30 40.29 32.98
N VAL B 281 -12.77 40.43 34.20
CA VAL B 281 -11.92 41.58 34.51
C VAL B 281 -10.70 41.59 33.60
N ILE B 282 -10.09 40.42 33.38
CA ILE B 282 -8.90 40.35 32.55
C ILE B 282 -9.21 40.81 31.12
N PHE B 283 -10.31 40.33 30.55
CA PHE B 283 -10.65 40.69 29.18
C PHE B 283 -11.02 42.15 29.06
N ILE B 284 -11.77 42.68 30.03
CA ILE B 284 -12.13 44.10 30.00
C ILE B 284 -10.88 44.96 30.05
N ILE B 285 -9.92 44.59 30.90
CA ILE B 285 -8.67 45.36 30.97
C ILE B 285 -7.90 45.25 29.67
N ALA B 286 -7.84 44.04 29.09
CA ALA B 286 -7.09 43.82 27.86
C ALA B 286 -7.77 44.45 26.64
N GLY B 287 -9.02 44.89 26.77
CA GLY B 287 -9.69 45.52 25.64
C GLY B 287 -9.03 46.82 25.21
N HIS B 288 -8.82 47.73 26.17
CA HIS B 288 -8.34 49.06 25.85
C HIS B 288 -6.87 49.04 25.47
N MET B 289 -6.55 48.55 24.28
CA MET B 289 -5.15 48.49 23.87
C MET B 289 -4.90 49.19 22.55
N TYR B 290 -5.84 49.14 21.61
CA TYR B 290 -5.63 49.68 20.28
C TYR B 290 -6.35 51.02 20.11
N ARG B 291 -5.69 51.92 19.38
CA ARG B 291 -6.20 53.28 19.18
C ARG B 291 -7.43 53.26 18.29
N THR B 292 -8.59 53.67 18.83
CA THR B 292 -9.76 53.74 17.96
C THR B 292 -9.96 55.14 17.41
N ASN B 293 -10.39 56.09 18.25
CA ASN B 293 -10.36 57.50 17.87
C ASN B 293 -10.19 58.42 19.07
N PHE B 294 -9.51 57.97 20.13
CA PHE B 294 -9.44 58.74 21.36
C PHE B 294 -8.01 59.17 21.72
N GLY B 295 -7.09 59.10 20.76
CA GLY B 295 -5.74 59.56 21.02
C GLY B 295 -4.82 58.48 21.56
N ILE B 296 -5.21 57.87 22.67
CA ILE B 296 -4.40 56.81 23.27
C ILE B 296 -4.66 55.50 22.52
N GLY B 297 -3.80 54.52 22.72
CA GLY B 297 -3.94 53.24 22.05
C GLY B 297 -2.85 53.03 21.01
N HIS B 298 -2.70 51.77 20.60
CA HIS B 298 -1.65 51.36 19.70
C HIS B 298 -2.09 51.46 18.24
N SER B 299 -1.11 51.45 17.36
CA SER B 299 -1.31 51.33 15.91
C SER B 299 -0.81 49.95 15.52
N MET B 300 -1.74 49.02 15.28
CA MET B 300 -1.41 47.62 15.10
C MET B 300 -0.55 47.36 13.86
N LYS B 301 -0.27 48.40 13.08
CA LYS B 301 0.62 48.27 11.94
C LYS B 301 2.07 48.56 12.33
N GLU B 302 2.30 49.61 13.11
CA GLU B 302 3.65 49.94 13.53
C GLU B 302 4.17 48.95 14.57
N ILE B 303 3.29 48.24 15.26
CA ILE B 303 3.74 47.14 16.11
C ILE B 303 4.33 46.03 15.26
N LEU B 304 3.63 45.63 14.20
CA LEU B 304 4.15 44.62 13.29
C LEU B 304 5.44 45.08 12.63
N GLU B 305 5.49 46.34 12.19
CA GLU B 305 6.67 46.83 11.48
C GLU B 305 7.89 46.91 12.39
N ALA B 306 7.69 47.11 13.68
CA ALA B 306 8.78 47.36 14.61
C ALA B 306 9.51 46.10 15.06
N HIS B 307 9.14 44.93 14.55
CA HIS B 307 9.67 43.69 15.09
C HIS B 307 10.56 42.96 14.08
N THR B 308 11.43 43.71 13.41
CA THR B 308 12.49 43.11 12.60
C THR B 308 13.76 43.11 13.42
N PRO B 309 14.19 41.98 13.96
CA PRO B 309 15.40 41.96 14.79
C PRO B 309 16.62 42.39 14.00
N PRO B 310 17.52 43.15 14.61
CA PRO B 310 18.71 43.61 13.89
C PRO B 310 19.71 42.47 13.71
N GLY B 311 20.12 42.25 12.47
CA GLY B 311 21.01 41.16 12.16
C GLY B 311 20.52 40.33 10.98
N GLY B 312 19.37 40.71 10.44
CA GLY B 312 18.83 40.06 9.27
C GLY B 312 18.62 38.57 9.40
N ARG B 313 18.41 38.07 10.63
CA ARG B 313 18.28 36.63 10.81
C ARG B 313 17.02 36.10 10.14
N LEU B 314 15.95 36.89 10.08
CA LEU B 314 14.73 36.49 9.39
C LEU B 314 14.26 37.59 8.44
N GLY B 315 15.20 38.23 7.76
CA GLY B 315 14.84 39.20 6.74
C GLY B 315 14.21 40.45 7.30
N ARG B 316 13.24 40.97 6.56
CA ARG B 316 12.58 42.24 6.86
C ARG B 316 11.54 42.14 7.96
N GLY B 317 11.54 41.04 8.71
CA GLY B 317 10.65 40.94 9.86
C GLY B 317 9.19 40.83 9.44
N HIS B 318 8.33 41.51 10.19
CA HIS B 318 6.89 41.48 9.96
C HIS B 318 6.40 42.69 9.18
N LYS B 319 7.28 43.32 8.42
CA LYS B 319 6.89 44.50 7.65
C LYS B 319 5.97 44.08 6.50
N GLY B 320 4.76 44.61 6.50
CA GLY B 320 3.79 44.30 5.48
C GLY B 320 2.79 43.23 5.86
N LEU B 321 2.96 42.57 7.01
CA LEU B 321 2.03 41.53 7.42
C LEU B 321 0.69 42.07 7.90
N TYR B 322 0.48 43.38 7.87
CA TYR B 322 -0.81 43.94 8.24
C TYR B 322 -1.77 43.96 7.06
N ASP B 323 -1.28 44.42 5.89
CA ASP B 323 -2.15 44.52 4.73
C ASP B 323 -2.58 43.15 4.22
N THR B 324 -1.69 42.16 4.29
CA THR B 324 -2.05 40.83 3.82
C THR B 324 -3.19 40.25 4.65
N ILE B 325 -3.10 40.36 5.97
CA ILE B 325 -4.14 39.81 6.82
C ILE B 325 -5.41 40.66 6.75
N ASN B 326 -5.28 41.95 6.49
CA ASN B 326 -6.48 42.80 6.42
C ASN B 326 -7.25 42.59 5.14
N ASN B 327 -6.57 42.62 3.99
CA ASN B 327 -7.26 42.55 2.71
C ASN B 327 -7.73 41.15 2.36
N SER B 328 -6.99 40.12 2.79
CA SER B 328 -7.30 38.75 2.42
C SER B 328 -8.20 38.12 3.48
N LEU B 329 -9.38 37.67 3.05
CA LEU B 329 -10.31 37.02 3.97
C LEU B 329 -9.88 35.60 4.32
N HIS B 330 -9.13 34.96 3.43
CA HIS B 330 -8.72 33.58 3.68
C HIS B 330 -7.65 33.49 4.76
N PHE B 331 -6.79 34.51 4.87
CA PHE B 331 -5.83 34.53 5.97
C PHE B 331 -6.53 34.60 7.31
N GLN B 332 -7.51 35.50 7.44
CA GLN B 332 -8.25 35.61 8.68
C GLN B 332 -9.05 34.35 8.95
N LEU B 333 -9.61 33.75 7.90
CA LEU B 333 -10.38 32.51 8.08
C LEU B 333 -9.46 31.38 8.56
N GLY B 334 -8.25 31.29 8.02
CA GLY B 334 -7.34 30.25 8.45
C GLY B 334 -6.88 30.45 9.89
N LEU B 335 -6.53 31.69 10.24
CA LEU B 335 -6.16 31.97 11.64
C LEU B 335 -7.32 31.65 12.58
N ALA B 336 -8.52 32.07 12.23
CA ALA B 336 -9.69 31.81 13.06
C ALA B 336 -9.93 30.32 13.22
N LEU B 337 -9.85 29.58 12.11
CA LEU B 337 -10.11 28.14 12.18
C LEU B 337 -9.05 27.42 13.00
N ALA B 338 -7.78 27.79 12.86
CA ALA B 338 -6.74 27.13 13.64
C ALA B 338 -6.91 27.42 15.13
N SER B 339 -7.09 28.69 15.49
CA SER B 339 -7.24 29.05 16.89
C SER B 339 -8.52 28.47 17.49
N LEU B 340 -9.55 28.27 16.67
CA LEU B 340 -10.78 27.67 17.16
C LEU B 340 -10.62 26.16 17.30
N GLY B 341 -9.91 25.52 16.38
CA GLY B 341 -9.71 24.08 16.43
C GLY B 341 -8.76 23.63 17.50
N VAL B 342 -7.91 24.53 18.01
CA VAL B 342 -7.10 24.16 19.16
C VAL B 342 -7.95 24.15 20.43
N ILE B 343 -8.80 25.17 20.62
CA ILE B 343 -9.60 25.21 21.83
C ILE B 343 -10.79 24.25 21.79
N THR B 344 -11.26 23.86 20.61
CA THR B 344 -12.33 22.86 20.57
C THR B 344 -11.79 21.45 20.74
N SER B 345 -10.47 21.28 20.82
CA SER B 345 -9.87 20.08 21.37
C SER B 345 -9.53 20.25 22.84
N LEU B 346 -9.18 21.47 23.25
CA LEU B 346 -8.96 21.76 24.66
C LEU B 346 -10.21 21.46 25.48
N VAL B 347 -11.38 21.86 24.99
CA VAL B 347 -12.61 21.60 25.72
C VAL B 347 -12.85 20.11 25.86
N ALA B 348 -12.59 19.35 24.78
CA ALA B 348 -12.76 17.90 24.85
C ALA B 348 -11.83 17.28 25.88
N GLN B 349 -10.56 17.70 25.86
CA GLN B 349 -9.59 17.15 26.80
C GLN B 349 -9.86 17.58 28.24
N HIS B 350 -10.56 18.69 28.44
CA HIS B 350 -10.80 19.18 29.79
C HIS B 350 -12.10 18.66 30.40
N MET B 351 -13.19 18.69 29.63
CA MET B 351 -14.51 18.38 30.17
C MET B 351 -14.62 16.96 30.71
N TYR B 352 -13.76 16.05 30.26
CA TYR B 352 -13.83 14.69 30.78
C TYR B 352 -13.01 14.53 32.05
N SER B 353 -11.86 15.19 32.14
CA SER B 353 -11.05 15.15 33.35
C SER B 353 -11.73 15.92 34.48
N LEU B 354 -12.16 17.15 34.20
CA LEU B 354 -12.86 17.97 35.17
C LEU B 354 -14.30 18.19 34.72
N PRO B 355 -15.21 17.26 35.01
CA PRO B 355 -16.59 17.42 34.58
C PRO B 355 -17.21 18.65 35.20
N PRO B 356 -17.74 19.57 34.38
CA PRO B 356 -18.26 20.84 34.89
C PRO B 356 -19.75 20.86 35.18
N TYR B 357 -20.47 19.77 34.97
CA TYR B 357 -21.91 19.76 35.15
C TYR B 357 -22.30 18.74 36.21
N ALA B 358 -23.38 19.05 36.93
CA ALA B 358 -23.82 18.20 38.03
C ALA B 358 -24.20 16.81 37.53
N PHE B 359 -23.69 15.79 38.21
CA PHE B 359 -24.00 14.39 37.94
C PHE B 359 -23.53 13.93 36.56
N LEU B 360 -22.62 14.69 35.95
CA LEU B 360 -21.82 14.13 34.87
C LEU B 360 -20.77 13.19 35.48
N ALA B 361 -20.06 12.48 34.61
CA ALA B 361 -19.12 11.42 34.95
C ALA B 361 -19.83 10.21 35.52
N GLN B 362 -21.15 10.26 35.69
CA GLN B 362 -21.96 9.09 36.01
C GLN B 362 -22.82 8.67 34.84
N ASP B 363 -22.88 9.47 33.77
CA ASP B 363 -23.53 9.07 32.52
C ASP B 363 -22.42 8.58 31.60
N PHE B 364 -22.01 7.34 31.84
CA PHE B 364 -20.86 6.76 31.14
C PHE B 364 -21.04 6.74 29.63
N THR B 365 -22.27 6.90 29.13
CA THR B 365 -22.53 6.91 27.71
C THR B 365 -22.63 8.31 27.14
N THR B 366 -22.64 9.34 27.98
CA THR B 366 -22.70 10.72 27.50
C THR B 366 -21.31 11.32 27.32
N GLN B 367 -20.41 11.12 28.29
CA GLN B 367 -19.07 11.67 28.18
C GLN B 367 -18.35 11.15 26.94
N ALA B 368 -18.55 9.88 26.61
CA ALA B 368 -17.93 9.31 25.42
C ALA B 368 -18.44 10.02 24.17
N ALA B 369 -19.75 10.22 24.07
CA ALA B 369 -20.33 10.90 22.92
C ALA B 369 -19.79 12.32 22.81
N LEU B 370 -19.74 13.04 23.94
CA LEU B 370 -19.25 14.41 23.93
C LEU B 370 -17.80 14.47 23.44
N TYR B 371 -16.94 13.61 24.00
CA TYR B 371 -15.54 13.61 23.63
C TYR B 371 -15.36 13.29 22.15
N THR B 372 -16.02 12.23 21.68
CA THR B 372 -15.89 11.84 20.27
C THR B 372 -16.37 12.94 19.35
N HIS B 373 -17.54 13.50 19.64
CA HIS B 373 -18.10 14.59 18.86
C HIS B 373 -17.11 15.75 18.74
N HIS B 374 -16.65 16.25 19.88
CA HIS B 374 -15.80 17.44 19.86
C HIS B 374 -14.46 17.15 19.20
N GLN B 375 -13.93 15.93 19.34
CA GLN B 375 -12.65 15.63 18.70
C GLN B 375 -12.78 15.53 17.19
N TYR B 376 -13.89 14.97 16.70
CA TYR B 376 -14.08 14.93 15.25
C TYR B 376 -14.31 16.33 14.68
N ILE B 377 -15.07 17.15 15.40
CA ILE B 377 -15.23 18.55 15.00
C ILE B 377 -13.88 19.25 14.94
N ALA B 378 -13.03 19.02 15.94
CA ALA B 378 -11.73 19.65 15.98
C ALA B 378 -10.86 19.18 14.83
N GLY B 379 -10.93 17.89 14.48
CA GLY B 379 -10.18 17.41 13.34
C GLY B 379 -10.60 18.08 12.05
N PHE B 380 -11.90 18.14 11.80
CA PHE B 380 -12.39 18.79 10.59
C PHE B 380 -11.97 20.26 10.54
N ILE B 381 -12.03 20.94 11.69
CA ILE B 381 -11.68 22.36 11.72
C ILE B 381 -10.18 22.55 11.46
N MET B 382 -9.35 21.70 12.05
CA MET B 382 -7.91 21.79 11.83
C MET B 382 -7.55 21.50 10.37
N THR B 383 -8.34 20.66 9.69
CA THR B 383 -8.12 20.46 8.27
C THR B 383 -8.55 21.68 7.46
N GLY B 384 -9.67 22.29 7.85
CA GLY B 384 -10.14 23.47 7.14
C GLY B 384 -9.21 24.66 7.26
N ALA B 385 -8.55 24.80 8.41
CA ALA B 385 -7.60 25.89 8.58
C ALA B 385 -6.48 25.82 7.54
N PHE B 386 -5.93 24.63 7.33
CA PHE B 386 -4.87 24.47 6.34
C PHE B 386 -5.41 24.61 4.92
N ALA B 387 -6.63 24.11 4.67
CA ALA B 387 -7.25 24.32 3.37
C ALA B 387 -7.31 25.80 3.02
N HIS B 388 -7.78 26.61 3.96
CA HIS B 388 -7.93 28.04 3.66
C HIS B 388 -6.58 28.76 3.63
N GLY B 389 -5.59 28.29 4.40
CA GLY B 389 -4.25 28.80 4.21
C GLY B 389 -3.74 28.57 2.80
N ALA B 390 -4.00 27.38 2.25
CA ALA B 390 -3.60 27.09 0.88
C ALA B 390 -4.34 28.00 -0.11
N ILE B 391 -5.64 28.20 0.10
CA ILE B 391 -6.39 29.08 -0.79
C ILE B 391 -5.82 30.50 -0.74
N PHE B 392 -5.48 30.98 0.45
CA PHE B 392 -4.84 32.28 0.57
C PHE B 392 -3.56 32.34 -0.24
N PHE B 393 -2.69 31.34 -0.06
CA PHE B 393 -1.43 31.32 -0.79
C PHE B 393 -1.66 31.32 -2.29
N ILE B 394 -2.73 30.67 -2.75
CA ILE B 394 -2.96 30.57 -4.20
C ILE B 394 -3.47 31.90 -4.75
N ARG B 395 -4.54 32.43 -4.18
CA ARG B 395 -5.28 33.51 -4.82
C ARG B 395 -5.21 34.85 -4.10
N ASP B 396 -4.53 34.94 -2.97
CA ASP B 396 -4.48 36.20 -2.22
C ASP B 396 -3.08 36.70 -1.92
N TYR B 397 -2.03 35.92 -2.19
CA TYR B 397 -0.68 36.29 -1.79
C TYR B 397 -0.01 37.12 -2.88
N ASN B 398 0.55 38.27 -2.47
CA ASN B 398 1.24 39.16 -3.40
C ASN B 398 2.73 39.11 -3.12
N PRO B 399 3.55 38.50 -3.99
CA PRO B 399 4.98 38.37 -3.70
C PRO B 399 5.75 39.68 -3.71
N GLU B 400 5.15 40.77 -4.18
CA GLU B 400 5.85 42.05 -4.22
C GLU B 400 5.68 42.84 -2.93
N GLN B 401 4.47 42.88 -2.39
CA GLN B 401 4.27 43.54 -1.10
C GLN B 401 4.95 42.77 0.02
N ASN B 402 4.78 41.45 0.03
CA ASN B 402 5.44 40.59 1.01
C ASN B 402 6.88 40.30 0.59
N LYS B 403 7.64 41.38 0.43
CA LYS B 403 9.03 41.27 -0.03
C LYS B 403 9.92 41.00 1.17
N ASP B 404 10.39 39.75 1.29
CA ASP B 404 11.40 39.33 2.24
C ASP B 404 10.95 39.40 3.69
N ASN B 405 9.65 39.32 3.95
CA ASN B 405 9.17 39.18 5.32
C ASN B 405 9.25 37.70 5.70
N VAL B 406 8.67 37.35 6.84
CA VAL B 406 8.71 35.95 7.27
C VAL B 406 7.86 35.07 6.36
N LEU B 407 6.73 35.61 5.88
CA LEU B 407 5.84 34.84 5.03
C LEU B 407 6.51 34.46 3.72
N ALA B 408 7.40 35.30 3.21
CA ALA B 408 8.12 34.97 1.99
C ALA B 408 9.24 33.96 2.26
N ARG B 409 9.92 34.10 3.40
CA ARG B 409 10.97 33.15 3.74
C ARG B 409 10.43 31.78 4.12
N MET B 410 9.12 31.67 4.41
CA MET B 410 8.53 30.35 4.55
C MET B 410 8.46 29.63 3.22
N LEU B 411 8.11 30.35 2.15
CA LEU B 411 8.17 29.77 0.81
C LEU B 411 9.60 29.61 0.33
N GLU B 412 10.53 30.39 0.87
CA GLU B 412 11.91 30.33 0.39
C GLU B 412 12.60 29.02 0.76
N HIS B 413 12.20 28.38 1.86
CA HIS B 413 12.88 27.19 2.33
C HIS B 413 11.90 26.05 2.61
N LYS B 414 10.81 25.98 1.84
CA LYS B 414 9.78 24.99 2.12
C LYS B 414 10.27 23.56 1.93
N GLU B 415 11.30 23.36 1.11
CA GLU B 415 11.81 22.02 0.89
C GLU B 415 12.36 21.43 2.18
N ALA B 416 13.04 22.24 2.99
CA ALA B 416 13.56 21.76 4.26
C ALA B 416 12.43 21.36 5.20
N ILE B 417 11.38 22.17 5.26
CA ILE B 417 10.25 21.88 6.13
C ILE B 417 9.60 20.57 5.73
N ILE B 418 9.34 20.39 4.43
CA ILE B 418 8.69 19.16 3.99
C ILE B 418 9.60 17.96 4.21
N SER B 419 10.90 18.12 3.99
CA SER B 419 11.84 17.02 4.22
C SER B 419 11.84 16.59 5.67
N HIS B 420 11.86 17.56 6.59
CA HIS B 420 11.95 17.20 8.00
C HIS B 420 10.63 16.64 8.52
N LEU B 421 9.49 17.14 8.03
CA LEU B 421 8.23 16.53 8.38
C LEU B 421 8.15 15.09 7.87
N SER B 422 8.64 14.87 6.64
CA SER B 422 8.73 13.53 6.10
C SER B 422 9.57 12.62 7.00
N TRP B 423 10.73 13.11 7.42
CA TRP B 423 11.61 12.29 8.26
C TRP B 423 10.93 11.97 9.58
N ALA B 424 10.31 12.95 10.21
CA ALA B 424 9.65 12.70 11.51
C ALA B 424 8.55 11.68 11.37
N SER B 425 7.70 11.82 10.34
CA SER B 425 6.61 10.88 10.16
C SER B 425 7.13 9.48 9.87
N LEU B 426 8.15 9.36 9.01
CA LEU B 426 8.71 8.06 8.69
C LEU B 426 9.29 7.39 9.92
N PHE B 427 10.06 8.15 10.70
CA PHE B 427 10.66 7.62 11.92
C PHE B 427 9.59 7.11 12.88
N LEU B 428 8.60 7.96 13.17
CA LEU B 428 7.54 7.58 14.10
C LEU B 428 6.81 6.33 13.63
N GLY B 429 6.44 6.29 12.34
CA GLY B 429 5.68 5.15 11.84
C GLY B 429 6.50 3.86 11.87
N PHE B 430 7.72 3.93 11.32
CA PHE B 430 8.62 2.78 11.37
C PHE B 430 8.70 2.21 12.77
N HIS B 431 9.00 3.05 13.76
CA HIS B 431 9.30 2.50 15.08
C HIS B 431 8.05 2.05 15.81
N THR B 432 6.94 2.78 15.67
CA THR B 432 5.70 2.36 16.31
C THR B 432 5.22 1.02 15.75
N LEU B 433 5.19 0.91 14.42
CA LEU B 433 4.78 -0.34 13.80
C LEU B 433 5.74 -1.47 14.17
N GLY B 434 7.05 -1.19 14.21
CA GLY B 434 8.00 -2.22 14.58
C GLY B 434 7.76 -2.76 15.97
N LEU B 435 7.59 -1.86 16.94
CA LEU B 435 7.35 -2.32 18.31
C LEU B 435 6.04 -3.08 18.43
N TYR B 436 4.99 -2.59 17.76
CA TYR B 436 3.70 -3.28 17.85
C TYR B 436 3.78 -4.68 17.26
N VAL B 437 4.45 -4.82 16.11
CA VAL B 437 4.57 -6.13 15.49
C VAL B 437 5.47 -7.04 16.31
N HIS B 438 6.51 -6.49 16.94
CA HIS B 438 7.36 -7.32 17.79
C HIS B 438 6.56 -7.87 18.96
N ASN B 439 5.77 -7.02 19.63
CA ASN B 439 4.94 -7.50 20.72
C ASN B 439 3.90 -8.49 20.23
N ASP B 440 3.37 -8.30 19.01
CA ASP B 440 2.41 -9.24 18.46
C ASP B 440 3.05 -10.62 18.27
N VAL B 441 4.25 -10.67 17.70
CA VAL B 441 4.93 -11.96 17.54
C VAL B 441 5.24 -12.57 18.89
N MET B 442 5.67 -11.75 19.85
CA MET B 442 6.01 -12.28 21.17
C MET B 442 4.80 -12.90 21.86
N LEU B 443 3.64 -12.24 21.77
CA LEU B 443 2.44 -12.84 22.32
C LEU B 443 1.97 -14.03 21.51
N ALA B 444 2.29 -14.06 20.21
CA ALA B 444 1.86 -15.17 19.37
C ALA B 444 2.62 -16.45 19.69
N PHE B 445 3.90 -16.33 20.03
CA PHE B 445 4.73 -17.49 20.35
C PHE B 445 4.64 -17.89 21.81
N GLY B 446 3.64 -17.40 22.54
CA GLY B 446 3.40 -17.82 23.91
C GLY B 446 4.37 -17.29 24.94
N THR B 447 5.27 -16.37 24.56
CA THR B 447 6.26 -15.79 25.48
C THR B 447 5.96 -14.31 25.64
N PRO B 448 5.03 -13.94 26.52
CA PRO B 448 4.70 -12.52 26.68
C PRO B 448 5.76 -11.72 27.42
N GLU B 449 6.75 -12.37 28.02
CA GLU B 449 7.78 -11.68 28.78
C GLU B 449 8.93 -11.18 27.92
N LYS B 450 8.85 -11.32 26.60
CA LYS B 450 9.90 -10.88 25.70
C LYS B 450 9.47 -9.70 24.83
N GLN B 451 8.45 -8.97 25.23
CA GLN B 451 7.99 -7.82 24.46
C GLN B 451 8.55 -6.54 25.05
N ILE B 452 8.74 -5.55 24.16
CA ILE B 452 9.36 -4.29 24.54
C ILE B 452 8.31 -3.39 25.18
N LEU B 453 8.21 -3.44 26.51
CA LEU B 453 7.31 -2.59 27.27
C LEU B 453 8.09 -1.41 27.80
N ILE B 454 7.65 -0.20 27.47
CA ILE B 454 8.36 1.03 27.79
C ILE B 454 7.50 1.88 28.70
N GLU B 455 7.98 2.16 29.90
CA GLU B 455 7.24 3.00 30.82
C GLU B 455 7.34 4.45 30.40
N PRO B 456 6.23 5.18 30.30
CA PRO B 456 6.27 6.61 29.93
C PRO B 456 6.75 7.49 31.08
N VAL B 457 8.07 7.52 31.26
CA VAL B 457 8.63 8.15 32.45
C VAL B 457 8.41 9.65 32.45
N PHE B 458 8.37 10.29 31.28
CA PHE B 458 8.22 11.74 31.24
C PHE B 458 6.82 12.16 31.70
N ALA B 459 5.79 11.53 31.13
CA ALA B 459 4.43 11.87 31.54
C ALA B 459 4.14 11.47 32.98
N GLN B 460 4.72 10.36 33.44
CA GLN B 460 4.57 9.98 34.84
C GLN B 460 5.25 10.98 35.76
N TRP B 461 6.41 11.49 35.34
CA TRP B 461 7.08 12.53 36.11
C TRP B 461 6.25 13.81 36.16
N ILE B 462 5.59 14.15 35.05
CA ILE B 462 4.72 15.32 35.03
C ILE B 462 3.56 15.12 36.00
N GLN B 463 2.92 13.95 35.94
CA GLN B 463 1.82 13.67 36.85
C GLN B 463 2.28 13.75 38.31
N SER B 464 3.47 13.24 38.60
CA SER B 464 4.02 13.35 39.95
C SER B 464 4.26 14.81 40.31
N ALA B 465 4.68 15.62 39.35
CA ALA B 465 4.84 17.05 39.55
C ALA B 465 3.51 17.77 39.69
N HIS B 466 2.40 17.10 39.40
CA HIS B 466 1.08 17.67 39.62
C HIS B 466 0.45 17.22 40.93
N GLY B 467 1.12 16.35 41.69
CA GLY B 467 0.63 15.92 42.98
C GLY B 467 0.25 14.46 43.08
N LYS B 468 0.37 13.69 42.00
CA LYS B 468 0.09 12.27 42.07
C LYS B 468 1.18 11.55 42.85
N ALA B 469 0.78 10.56 43.64
CA ALA B 469 1.70 9.86 44.54
C ALA B 469 1.64 8.35 44.29
N LEU B 470 1.70 7.98 43.01
CA LEU B 470 1.75 6.56 42.62
C LEU B 470 3.15 6.12 42.23
N TYR B 471 3.89 6.95 41.50
CA TYR B 471 5.21 6.59 41.00
C TYR B 471 6.33 6.97 41.96
N GLY B 472 6.00 7.59 43.09
CA GLY B 472 7.01 7.94 44.09
C GLY B 472 8.11 8.85 43.60
N PHE B 473 7.85 9.62 42.54
CA PHE B 473 8.88 10.54 42.05
C PHE B 473 9.15 11.67 43.05
N ASP B 474 8.10 12.18 43.68
CA ASP B 474 8.20 13.17 44.75
C ASP B 474 8.94 14.43 44.26
N VAL B 475 8.32 15.10 43.30
CA VAL B 475 8.92 16.23 42.62
C VAL B 475 7.93 17.39 42.58
N LEU B 476 8.23 18.44 43.35
CA LEU B 476 7.72 19.80 43.12
C LEU B 476 6.24 19.98 43.44
N LEU B 477 5.50 18.89 43.59
CA LEU B 477 4.18 18.99 44.21
C LEU B 477 3.86 17.83 45.13
N SER B 478 4.60 16.71 45.04
CA SER B 478 4.53 15.67 46.06
C SER B 478 5.54 15.90 47.16
N SER B 479 6.59 16.67 46.89
CA SER B 479 7.52 17.09 47.92
C SER B 479 6.83 18.07 48.87
N ALA B 480 6.93 17.80 50.17
CA ALA B 480 6.30 18.65 51.16
C ALA B 480 7.11 19.90 51.49
N ASP B 481 8.34 19.99 50.98
CA ASP B 481 9.21 21.13 51.26
C ASP B 481 9.34 22.10 50.10
N SER B 482 8.82 21.76 48.93
CA SER B 482 8.94 22.64 47.78
C SER B 482 8.11 23.90 48.00
N PRO B 483 8.64 25.08 47.64
CA PRO B 483 7.85 26.31 47.80
C PRO B 483 6.58 26.32 46.97
N ALA B 484 6.57 25.64 45.82
CA ALA B 484 5.34 25.50 45.05
C ALA B 484 4.25 24.83 45.86
N PHE B 485 4.62 23.89 46.74
CA PHE B 485 3.64 23.23 47.58
C PHE B 485 3.12 24.16 48.67
N ASN B 486 4.04 24.81 49.40
CA ASN B 486 3.62 25.67 50.50
C ASN B 486 2.84 26.88 50.03
N ALA B 487 3.05 27.30 48.78
CA ALA B 487 2.36 28.48 48.27
C ALA B 487 0.86 28.24 48.17
N GLY B 488 0.47 27.12 47.56
CA GLY B 488 -0.94 26.84 47.36
C GLY B 488 -1.53 25.92 48.40
N GLN B 489 -0.88 25.82 49.56
CA GLN B 489 -1.34 24.90 50.59
C GLN B 489 -2.61 25.40 51.27
N THR B 490 -2.77 26.72 51.38
CA THR B 490 -3.94 27.26 52.05
C THR B 490 -5.13 27.42 51.12
N LEU B 491 -4.88 27.57 49.81
CA LEU B 491 -5.93 28.04 48.88
C LEU B 491 -6.70 26.89 48.24
N TRP B 492 -6.02 26.04 47.47
CA TRP B 492 -6.72 25.06 46.65
C TRP B 492 -6.13 23.66 46.68
N LEU B 493 -4.87 23.48 47.07
CA LEU B 493 -4.28 22.15 47.06
C LEU B 493 -5.01 21.14 47.94
N PRO B 494 -5.60 21.49 49.08
CA PRO B 494 -6.43 20.51 49.80
C PRO B 494 -7.45 19.80 48.95
N GLY B 495 -8.01 20.47 47.94
CA GLY B 495 -8.99 19.83 47.07
C GLY B 495 -8.38 19.23 45.83
N TRP B 496 -7.38 19.91 45.26
CA TRP B 496 -6.73 19.42 44.06
C TRP B 496 -6.00 18.12 44.32
N LEU B 497 -5.17 18.08 45.38
CA LEU B 497 -4.46 16.85 45.73
C LEU B 497 -5.42 15.75 46.14
N ASP B 498 -6.57 16.10 46.69
CA ASP B 498 -7.56 15.09 47.06
C ASP B 498 -8.18 14.47 45.82
N ALA B 499 -8.55 15.29 44.85
CA ALA B 499 -9.18 14.77 43.63
C ALA B 499 -8.19 13.99 42.78
N ILE B 500 -6.97 14.51 42.61
CA ILE B 500 -6.01 13.85 41.72
C ILE B 500 -5.50 12.54 42.31
N ASN B 501 -5.53 12.38 43.63
CA ASN B 501 -5.05 11.16 44.27
C ASN B 501 -6.18 10.19 44.57
N ASN B 502 -7.33 10.33 43.91
CA ASN B 502 -8.43 9.39 44.01
C ASN B 502 -8.51 8.67 42.68
N ASN B 503 -8.20 7.37 42.69
CA ASN B 503 -8.11 6.58 41.46
C ASN B 503 -9.45 5.97 41.08
N SER B 504 -10.49 6.82 41.00
CA SER B 504 -11.80 6.39 40.53
C SER B 504 -12.43 7.37 39.54
N ASN B 505 -11.85 8.54 39.34
CA ASN B 505 -12.33 9.54 38.39
C ASN B 505 -11.38 9.60 37.20
N SER B 506 -11.68 10.53 36.29
CA SER B 506 -10.88 10.72 35.09
C SER B 506 -9.80 11.77 35.25
N LEU B 507 -9.52 12.20 36.48
CA LEU B 507 -8.50 13.21 36.73
C LEU B 507 -7.14 12.54 36.74
N PHE B 508 -6.40 12.67 35.62
CA PHE B 508 -5.04 12.17 35.50
C PHE B 508 -4.97 10.67 35.81
N LEU B 509 -5.65 9.90 34.96
CA LEU B 509 -5.62 8.45 35.08
C LEU B 509 -4.19 7.95 35.01
N THR B 510 -3.93 6.82 35.68
CA THR B 510 -2.61 6.24 35.65
C THR B 510 -2.30 5.71 34.25
N ILE B 511 -1.01 5.63 33.94
CA ILE B 511 -0.54 5.27 32.61
C ILE B 511 0.60 4.28 32.72
N GLY B 512 0.69 3.39 31.74
CA GLY B 512 1.76 2.40 31.69
C GLY B 512 2.32 2.25 30.30
N PRO B 513 2.87 1.06 30.00
CA PRO B 513 3.46 0.85 28.68
C PRO B 513 2.46 0.91 27.55
N GLY B 514 1.19 0.59 27.80
CA GLY B 514 0.20 0.63 26.75
C GLY B 514 -0.18 2.02 26.31
N ASP B 515 0.02 3.02 27.16
CA ASP B 515 -0.29 4.40 26.79
C ASP B 515 0.82 5.02 25.95
N PHE B 516 2.06 4.62 26.22
CA PHE B 516 3.21 5.10 25.47
C PHE B 516 3.03 4.86 23.97
N LEU B 517 2.71 3.62 23.59
CA LEU B 517 2.62 3.27 22.18
C LEU B 517 1.48 4.02 21.50
N VAL B 518 0.35 4.18 22.18
CA VAL B 518 -0.77 4.88 21.57
C VAL B 518 -0.47 6.36 21.43
N HIS B 519 0.24 6.95 22.40
CA HIS B 519 0.64 8.34 22.25
C HIS B 519 1.59 8.52 21.07
N HIS B 520 2.46 7.53 20.84
CA HIS B 520 3.35 7.63 19.69
C HIS B 520 2.60 7.44 18.38
N ALA B 521 1.59 6.57 18.36
CA ALA B 521 0.75 6.45 17.16
C ALA B 521 0.01 7.75 16.89
N ILE B 522 -0.43 8.44 17.96
CA ILE B 522 -1.10 9.72 17.80
C ILE B 522 -0.13 10.76 17.24
N ALA B 523 1.10 10.78 17.75
CA ALA B 523 2.11 11.68 17.21
C ALA B 523 2.35 11.41 15.73
N LEU B 524 2.45 10.13 15.35
CA LEU B 524 2.62 9.79 13.95
C LEU B 524 1.46 10.29 13.10
N GLY B 525 0.24 10.12 13.59
CA GLY B 525 -0.92 10.59 12.84
C GLY B 525 -0.89 12.09 12.64
N LEU B 526 -0.69 12.83 13.74
CA LEU B 526 -0.57 14.28 13.64
C LEU B 526 0.50 14.69 12.65
N HIS B 527 1.66 14.05 12.73
CA HIS B 527 2.78 14.44 11.88
C HIS B 527 2.49 14.19 10.41
N THR B 528 1.91 13.03 10.08
CA THR B 528 1.60 12.76 8.68
C THR B 528 0.52 13.71 8.16
N THR B 529 -0.49 14.00 8.98
CA THR B 529 -1.55 14.90 8.54
C THR B 529 -1.00 16.31 8.26
N THR B 530 -0.22 16.84 9.20
CA THR B 530 0.39 18.15 8.97
C THR B 530 1.36 18.12 7.81
N LEU B 531 2.03 16.99 7.57
CA LEU B 531 2.92 16.88 6.43
C LEU B 531 2.14 17.04 5.13
N ILE B 532 1.04 16.30 4.98
CA ILE B 532 0.22 16.42 3.78
C ILE B 532 -0.28 17.84 3.61
N LEU B 533 -0.84 18.42 4.69
CA LEU B 533 -1.47 19.73 4.57
C LEU B 533 -0.44 20.81 4.29
N VAL B 534 0.74 20.73 4.90
CA VAL B 534 1.77 21.74 4.70
C VAL B 534 2.38 21.62 3.31
N LYS B 535 2.62 20.38 2.85
CA LYS B 535 3.07 20.19 1.48
C LYS B 535 2.09 20.81 0.49
N GLY B 536 0.80 20.58 0.70
CA GLY B 536 -0.19 21.18 -0.18
C GLY B 536 -0.15 22.70 -0.14
N ALA B 537 -0.25 23.27 1.06
CA ALA B 537 -0.30 24.73 1.20
C ALA B 537 0.95 25.38 0.63
N LEU B 538 2.10 24.73 0.71
CA LEU B 538 3.33 25.34 0.22
C LEU B 538 3.49 25.15 -1.28
N ASP B 539 3.45 23.89 -1.76
CA ASP B 539 3.44 23.69 -3.20
C ASP B 539 2.01 23.82 -3.74
N ALA B 540 1.32 24.88 -3.32
CA ALA B 540 0.07 25.28 -3.95
C ALA B 540 0.26 26.36 -5.01
N ARG B 541 1.35 27.13 -4.93
CA ARG B 541 1.64 28.14 -5.93
C ARG B 541 2.42 27.60 -7.12
N GLY B 542 3.10 26.48 -6.97
CA GLY B 542 3.85 25.89 -8.06
C GLY B 542 4.96 24.98 -7.60
N SER B 543 5.23 23.93 -8.38
CA SER B 543 6.31 22.99 -8.10
C SER B 543 7.07 22.75 -9.40
N LYS B 544 8.12 21.92 -9.31
CA LYS B 544 8.92 21.64 -10.50
C LYS B 544 8.13 20.87 -11.54
N LEU B 545 7.17 20.04 -11.12
CA LEU B 545 6.36 19.30 -12.08
C LEU B 545 5.39 20.21 -12.80
N MET B 546 4.99 21.32 -12.19
CA MET B 546 3.98 22.21 -12.75
C MET B 546 4.19 23.61 -12.20
N PRO B 547 5.17 24.35 -12.73
CA PRO B 547 5.49 25.65 -12.14
C PRO B 547 4.62 26.79 -12.65
N ASP B 548 3.31 26.54 -12.78
CA ASP B 548 2.36 27.62 -12.98
C ASP B 548 1.05 27.35 -12.25
N LYS B 549 1.08 26.52 -11.21
CA LYS B 549 -0.14 26.04 -10.56
C LYS B 549 -1.03 27.19 -10.07
N LYS B 550 -0.46 28.37 -9.83
CA LYS B 550 -1.27 29.48 -9.36
C LYS B 550 -2.25 29.95 -10.43
N GLU B 551 -1.94 29.75 -11.70
CA GLU B 551 -2.81 30.21 -12.78
C GLU B 551 -3.98 29.29 -13.03
N PHE B 552 -3.95 28.07 -12.49
CA PHE B 552 -5.02 27.11 -12.73
C PHE B 552 -6.06 27.07 -11.61
N GLY B 553 -5.72 27.56 -10.42
CA GLY B 553 -6.67 27.69 -9.34
C GLY B 553 -6.42 26.70 -8.23
N TYR B 554 -7.41 26.59 -7.34
CA TYR B 554 -7.30 25.71 -6.19
C TYR B 554 -7.54 24.26 -6.57
N SER B 555 -8.72 23.96 -7.12
CA SER B 555 -9.12 22.60 -7.43
C SER B 555 -9.24 22.45 -8.94
N PHE B 556 -8.36 21.63 -9.51
CA PHE B 556 -8.43 21.22 -10.90
C PHE B 556 -8.03 19.75 -10.98
N PRO B 557 -8.60 19.00 -11.92
CA PRO B 557 -8.42 17.54 -11.91
C PRO B 557 -6.98 17.09 -12.05
N CYS B 558 -6.32 17.50 -13.13
CA CYS B 558 -4.94 17.14 -13.39
C CYS B 558 -4.41 18.03 -14.50
N ASP B 559 -3.20 17.74 -14.99
CA ASP B 559 -2.59 18.48 -16.07
C ASP B 559 -2.26 17.56 -17.25
N GLY B 560 -3.09 16.55 -17.47
CA GLY B 560 -2.90 15.63 -18.57
C GLY B 560 -2.08 14.44 -18.18
N PRO B 561 -2.00 13.45 -19.09
CA PRO B 561 -1.14 12.28 -18.83
C PRO B 561 0.32 12.53 -19.12
N GLY B 562 0.65 13.57 -19.89
CA GLY B 562 2.02 13.85 -20.28
C GLY B 562 2.94 14.17 -19.12
N ARG B 563 4.23 14.35 -19.43
CA ARG B 563 5.26 14.63 -18.43
C ARG B 563 5.29 13.57 -17.34
N GLY B 564 5.01 12.32 -17.73
CA GLY B 564 5.07 11.19 -16.83
C GLY B 564 3.76 10.89 -16.13
N GLY B 565 2.84 11.84 -16.04
CA GLY B 565 1.61 11.64 -15.32
C GLY B 565 1.47 12.61 -14.17
N THR B 566 0.47 13.48 -14.24
CA THR B 566 0.27 14.55 -13.27
C THR B 566 -1.12 14.46 -12.64
N CYS B 567 -1.62 13.25 -12.47
CA CYS B 567 -2.91 13.06 -11.82
C CYS B 567 -2.82 13.45 -10.35
N ASP B 568 -3.91 14.03 -9.83
CA ASP B 568 -4.06 14.27 -8.40
C ASP B 568 -3.02 15.25 -7.87
N ILE B 569 -2.86 16.37 -8.57
CA ILE B 569 -1.72 17.25 -8.34
C ILE B 569 -2.10 18.54 -7.60
N SER B 570 -3.36 18.97 -7.63
CA SER B 570 -3.72 20.26 -7.08
C SER B 570 -3.61 20.26 -5.55
N ALA B 571 -3.86 21.42 -4.95
CA ALA B 571 -3.82 21.54 -3.50
C ALA B 571 -5.12 21.07 -2.86
N TRP B 572 -6.24 21.24 -3.55
CA TRP B 572 -7.48 20.62 -3.11
C TRP B 572 -7.31 19.12 -2.98
N ASP B 573 -6.51 18.50 -3.84
CA ASP B 573 -6.25 17.08 -3.73
C ASP B 573 -5.37 16.77 -2.53
N ALA B 574 -4.44 17.66 -2.19
CA ALA B 574 -3.69 17.51 -0.94
C ALA B 574 -4.63 17.50 0.25
N PHE B 575 -5.60 18.41 0.27
CA PHE B 575 -6.58 18.44 1.35
C PHE B 575 -7.42 17.15 1.35
N TYR B 576 -7.81 16.69 0.16
CA TYR B 576 -8.63 15.50 0.06
C TYR B 576 -7.87 14.26 0.56
N LEU B 577 -6.56 14.23 0.33
CA LEU B 577 -5.75 13.14 0.87
C LEU B 577 -5.57 13.27 2.37
N ALA B 578 -5.46 14.50 2.88
CA ALA B 578 -5.24 14.71 4.30
C ALA B 578 -6.48 14.43 5.14
N VAL B 579 -7.68 14.52 4.53
CA VAL B 579 -8.90 14.21 5.28
C VAL B 579 -8.88 12.77 5.78
N PHE B 580 -8.39 11.84 4.95
CA PHE B 580 -8.30 10.44 5.36
C PHE B 580 -7.43 10.30 6.61
N TRP B 581 -6.24 10.93 6.60
CA TRP B 581 -5.34 10.82 7.73
C TRP B 581 -5.91 11.51 8.97
N MET B 582 -6.65 12.60 8.79
CA MET B 582 -7.32 13.23 9.93
C MET B 582 -8.32 12.26 10.55
N LEU B 583 -9.15 11.65 9.72
CA LEU B 583 -10.13 10.69 10.23
C LEU B 583 -9.45 9.52 10.93
N ASN B 584 -8.32 9.06 10.38
CA ASN B 584 -7.62 7.93 10.99
C ASN B 584 -7.02 8.31 12.34
N THR B 585 -6.40 9.48 12.43
CA THR B 585 -5.85 9.94 13.70
C THR B 585 -6.93 10.08 14.75
N ILE B 586 -8.06 10.70 14.38
CA ILE B 586 -9.13 10.88 15.35
C ILE B 586 -9.72 9.53 15.75
N GLY B 587 -9.78 8.57 14.82
CA GLY B 587 -10.23 7.24 15.17
C GLY B 587 -9.32 6.57 16.18
N TRP B 588 -7.99 6.70 15.99
CA TRP B 588 -7.06 6.16 16.98
C TRP B 588 -7.28 6.79 18.34
N VAL B 589 -7.40 8.13 18.38
CA VAL B 589 -7.57 8.83 19.66
C VAL B 589 -8.84 8.37 20.35
N THR B 590 -9.94 8.26 19.60
CA THR B 590 -11.22 7.87 20.20
C THR B 590 -11.21 6.41 20.63
N PHE B 591 -10.57 5.53 19.86
CA PHE B 591 -10.41 4.15 20.30
C PHE B 591 -9.69 4.08 21.64
N TYR B 592 -8.55 4.78 21.73
CA TYR B 592 -7.78 4.82 22.97
C TYR B 592 -8.65 5.28 24.14
N TRP B 593 -9.30 6.44 23.98
CA TRP B 593 -10.10 7.00 25.05
C TRP B 593 -11.22 6.05 25.46
N HIS B 594 -11.94 5.50 24.49
CA HIS B 594 -13.09 4.67 24.79
C HIS B 594 -12.70 3.38 25.47
N TRP B 595 -11.61 2.73 25.02
CA TRP B 595 -11.20 1.50 25.67
C TRP B 595 -10.71 1.78 27.09
N LYS B 596 -9.87 2.81 27.26
CA LYS B 596 -9.41 3.16 28.60
C LYS B 596 -10.58 3.38 29.55
N HIS B 597 -11.59 4.13 29.10
CA HIS B 597 -12.69 4.45 30.02
C HIS B 597 -13.66 3.30 30.21
N ILE B 598 -13.88 2.46 29.19
CA ILE B 598 -14.66 1.25 29.39
C ILE B 598 -14.03 0.38 30.46
N THR B 599 -12.71 0.16 30.35
CA THR B 599 -12.05 -0.68 31.34
C THR B 599 -12.02 -0.02 32.71
N LEU B 600 -11.97 1.31 32.76
CA LEU B 600 -12.05 1.98 34.06
C LEU B 600 -13.44 1.82 34.68
N TRP B 601 -14.49 1.95 33.88
CA TRP B 601 -15.84 1.94 34.43
C TRP B 601 -16.28 0.53 34.82
N GLN B 602 -15.86 -0.47 34.06
CA GLN B 602 -16.22 -1.85 34.39
C GLN B 602 -15.64 -2.25 35.74
N GLY B 603 -14.34 -2.08 35.93
CA GLY B 603 -13.71 -2.40 37.18
C GLY B 603 -12.36 -3.07 37.02
N ASN B 604 -12.07 -3.53 35.81
CA ASN B 604 -10.81 -4.21 35.51
C ASN B 604 -10.00 -3.30 34.58
N VAL B 605 -9.25 -2.37 35.18
CA VAL B 605 -8.30 -1.58 34.42
C VAL B 605 -7.13 -2.44 33.95
N ALA B 606 -6.88 -3.56 34.64
CA ALA B 606 -5.77 -4.44 34.30
C ALA B 606 -6.04 -5.28 33.06
N GLN B 607 -7.15 -5.05 32.36
CA GLN B 607 -7.33 -5.68 31.05
C GLN B 607 -6.76 -4.79 29.95
N PHE B 608 -7.07 -3.50 29.99
CA PHE B 608 -6.39 -2.56 29.09
C PHE B 608 -4.91 -2.48 29.44
N ASN B 609 -4.59 -2.38 30.73
CA ASN B 609 -3.22 -2.22 31.17
C ASN B 609 -2.33 -3.39 30.75
N GLU B 610 -2.90 -4.47 30.23
CA GLU B 610 -2.12 -5.66 29.91
C GLU B 610 -2.38 -6.21 28.51
N SER B 611 -3.50 -5.89 27.86
CA SER B 611 -3.85 -6.44 26.56
C SER B 611 -3.74 -5.41 25.44
N SER B 612 -3.22 -4.23 25.72
CA SER B 612 -3.08 -3.20 24.70
C SER B 612 -1.67 -3.09 24.15
N THR B 613 -0.68 -3.66 24.83
CA THR B 613 0.71 -3.58 24.37
C THR B 613 0.95 -4.33 23.07
N TYR B 614 0.02 -5.18 22.64
CA TYR B 614 0.07 -5.81 21.34
C TYR B 614 -1.18 -5.42 20.56
N LEU B 615 -1.23 -5.85 19.30
CA LEU B 615 -2.23 -5.33 18.37
C LEU B 615 -3.43 -6.24 18.19
N MET B 616 -3.26 -7.56 18.39
CA MET B 616 -4.43 -8.44 18.39
C MET B 616 -5.31 -8.17 19.60
N GLY B 617 -4.73 -7.65 20.69
CA GLY B 617 -5.54 -7.30 21.84
C GLY B 617 -6.56 -6.24 21.53
N TRP B 618 -6.20 -5.27 20.69
CA TRP B 618 -7.16 -4.24 20.29
C TRP B 618 -8.28 -4.84 19.45
N LEU B 619 -7.95 -5.81 18.59
CA LEU B 619 -8.96 -6.38 17.70
C LEU B 619 -9.87 -7.36 18.41
N ARG B 620 -9.40 -7.99 19.49
CA ARG B 620 -10.17 -9.03 20.17
C ARG B 620 -10.82 -8.56 21.46
N ASP B 621 -10.11 -7.81 22.29
CA ASP B 621 -10.62 -7.39 23.58
C ASP B 621 -11.39 -6.08 23.53
N TYR B 622 -11.29 -5.32 22.45
CA TYR B 622 -12.02 -4.07 22.31
C TYR B 622 -13.06 -4.13 21.20
N LEU B 623 -12.66 -4.44 19.96
CA LEU B 623 -13.60 -4.41 18.86
C LEU B 623 -14.51 -5.64 18.87
N TRP B 624 -13.92 -6.83 18.95
CA TRP B 624 -14.72 -8.05 18.85
C TRP B 624 -15.51 -8.32 20.12
N LEU B 625 -14.96 -7.95 21.29
CA LEU B 625 -15.62 -8.27 22.54
C LEU B 625 -16.80 -7.33 22.82
N ASN B 626 -16.61 -6.03 22.62
CA ASN B 626 -17.63 -5.05 22.93
C ASN B 626 -18.69 -4.92 21.84
N SER B 627 -18.77 -5.89 20.93
CA SER B 627 -19.77 -5.88 19.87
C SER B 627 -20.82 -6.96 20.05
N SER B 628 -20.98 -7.48 21.26
CA SER B 628 -21.86 -8.63 21.48
C SER B 628 -23.31 -8.22 21.65
N GLN B 629 -23.58 -7.05 22.21
CA GLN B 629 -24.96 -6.56 22.30
C GLN B 629 -25.33 -5.67 21.12
N LEU B 630 -24.35 -5.12 20.41
CA LEU B 630 -24.62 -4.32 19.23
C LEU B 630 -25.28 -5.16 18.14
N ILE B 631 -24.57 -6.17 17.65
CA ILE B 631 -25.08 -6.99 16.55
C ILE B 631 -26.28 -7.82 16.97
N ASN B 632 -26.42 -8.10 18.26
CA ASN B 632 -27.60 -8.80 18.78
C ASN B 632 -28.76 -7.87 19.04
N GLY B 633 -28.73 -6.65 18.49
CA GLY B 633 -29.86 -5.74 18.60
C GLY B 633 -31.14 -6.28 18.01
N TYR B 634 -31.03 -7.26 17.10
CA TYR B 634 -32.18 -7.99 16.60
C TYR B 634 -31.69 -9.30 16.00
N ASN B 635 -32.53 -10.33 16.09
CA ASN B 635 -32.15 -11.68 15.74
C ASN B 635 -33.42 -12.47 15.47
N PRO B 636 -33.30 -13.73 14.99
CA PRO B 636 -34.50 -14.53 14.75
C PRO B 636 -35.29 -14.87 16.01
N PHE B 637 -34.87 -14.35 17.16
CA PHE B 637 -35.59 -14.55 18.41
C PHE B 637 -36.28 -13.29 18.92
N GLY B 638 -36.07 -12.16 18.27
CA GLY B 638 -36.77 -10.94 18.65
C GLY B 638 -35.91 -9.71 18.35
N MET B 639 -36.10 -8.69 19.19
CA MET B 639 -35.38 -7.43 19.07
C MET B 639 -35.46 -6.70 20.40
N ASN B 640 -34.59 -5.71 20.58
CA ASN B 640 -34.54 -4.96 21.82
C ASN B 640 -34.17 -3.51 21.50
N SER B 641 -33.91 -2.73 22.55
CA SER B 641 -33.76 -1.29 22.40
C SER B 641 -32.58 -0.92 21.51
N LEU B 642 -31.55 -1.76 21.45
CA LEU B 642 -30.37 -1.46 20.65
C LEU B 642 -30.59 -1.68 19.16
N SER B 643 -31.76 -2.19 18.77
CA SER B 643 -32.00 -2.56 17.38
C SER B 643 -31.68 -1.42 16.42
N VAL B 644 -32.13 -0.21 16.76
CA VAL B 644 -31.87 0.94 15.89
C VAL B 644 -30.38 1.09 15.62
N TRP B 645 -29.56 1.02 16.68
CA TRP B 645 -28.13 1.10 16.48
C TRP B 645 -27.64 -0.07 15.62
N ALA B 646 -28.14 -1.28 15.90
CA ALA B 646 -27.78 -2.43 15.07
C ALA B 646 -28.11 -2.18 13.61
N TRP B 647 -29.14 -1.38 13.34
CA TRP B 647 -29.37 -0.93 11.98
C TRP B 647 -28.32 0.09 11.56
N MET B 648 -28.24 1.20 12.30
CA MET B 648 -27.36 2.30 11.94
C MET B 648 -25.94 1.81 11.70
N PHE B 649 -25.41 1.02 12.63
CA PHE B 649 -24.11 0.38 12.48
C PHE B 649 -23.94 -0.19 11.07
N LEU B 650 -24.80 -1.16 10.72
CA LEU B 650 -24.73 -1.75 9.39
C LEU B 650 -24.83 -0.68 8.32
N PHE B 651 -25.82 0.22 8.48
CA PHE B 651 -25.96 1.35 7.56
C PHE B 651 -24.63 2.01 7.30
N GLY B 652 -23.92 2.39 8.36
CA GLY B 652 -22.62 3.01 8.24
C GLY B 652 -21.76 2.26 7.26
N HIS B 653 -21.55 0.97 7.54
CA HIS B 653 -20.69 0.14 6.69
C HIS B 653 -21.05 0.33 5.22
N LEU B 654 -22.34 0.16 4.90
CA LEU B 654 -22.78 0.29 3.51
C LEU B 654 -22.28 1.60 2.92
N VAL B 655 -22.64 2.71 3.54
CA VAL B 655 -22.23 4.01 3.04
C VAL B 655 -20.72 4.05 2.86
N TRP B 656 -19.99 3.60 3.90
CA TRP B 656 -18.54 3.58 3.84
C TRP B 656 -18.07 2.83 2.62
N ALA B 657 -18.59 1.61 2.41
CA ALA B 657 -18.16 0.82 1.27
C ALA B 657 -18.49 1.53 -0.03
N THR B 658 -19.65 2.21 -0.08
CA THR B 658 -20.03 2.88 -1.31
C THR B 658 -19.03 3.96 -1.66
N GLY B 659 -18.39 4.56 -0.66
CA GLY B 659 -17.35 5.54 -0.95
C GLY B 659 -16.27 4.97 -1.85
N PHE B 660 -15.87 3.73 -1.59
CA PHE B 660 -14.84 3.10 -2.40
C PHE B 660 -15.22 3.12 -3.88
N MET B 661 -16.52 2.98 -4.16
CA MET B 661 -16.98 2.95 -5.55
C MET B 661 -16.57 4.21 -6.29
N PHE B 662 -16.57 5.35 -5.62
CA PHE B 662 -16.23 6.61 -6.26
C PHE B 662 -14.74 6.90 -6.22
N LEU B 663 -13.96 6.15 -5.45
CA LEU B 663 -12.54 6.42 -5.33
C LEU B 663 -11.67 5.45 -6.14
N ILE B 664 -12.16 4.27 -6.45
CA ILE B 664 -11.38 3.28 -7.19
C ILE B 664 -11.64 3.38 -8.69
N SER B 665 -12.90 3.41 -9.10
CA SER B 665 -13.27 3.53 -10.50
C SER B 665 -13.33 5.00 -10.89
N TRP B 666 -12.84 5.31 -12.08
CA TRP B 666 -12.73 6.69 -12.55
C TRP B 666 -13.61 6.91 -13.77
N ARG B 667 -13.60 8.15 -14.27
CA ARG B 667 -14.71 8.66 -15.07
C ARG B 667 -14.83 7.97 -16.43
N GLY B 668 -13.71 7.73 -17.10
CA GLY B 668 -13.75 7.28 -18.48
C GLY B 668 -14.53 6.00 -18.71
N TYR B 669 -14.72 5.20 -17.66
CA TYR B 669 -15.57 4.02 -17.76
C TYR B 669 -17.05 4.41 -17.70
N TRP B 670 -17.39 5.27 -16.75
CA TRP B 670 -18.79 5.62 -16.54
C TRP B 670 -19.33 6.47 -17.68
N GLN B 671 -18.50 7.32 -18.28
CA GLN B 671 -18.97 8.10 -19.43
C GLN B 671 -19.24 7.20 -20.63
N GLU B 672 -18.33 6.26 -20.92
CA GLU B 672 -18.57 5.31 -22.00
C GLU B 672 -19.74 4.39 -21.69
N LEU B 673 -20.13 4.25 -20.42
CA LEU B 673 -21.36 3.51 -20.12
C LEU B 673 -22.61 4.36 -20.35
N ILE B 674 -22.58 5.61 -19.92
CA ILE B 674 -23.72 6.50 -20.11
C ILE B 674 -23.98 6.73 -21.59
N GLU B 675 -22.93 6.71 -22.41
CA GLU B 675 -23.12 6.98 -23.83
C GLU B 675 -23.94 5.90 -24.51
N THR B 676 -23.87 4.66 -24.02
CA THR B 676 -24.74 3.61 -24.54
C THR B 676 -26.07 3.52 -23.81
N LEU B 677 -26.12 3.91 -22.53
CA LEU B 677 -27.40 4.00 -21.86
C LEU B 677 -28.33 5.00 -22.56
N ALA B 678 -27.77 6.12 -22.99
CA ALA B 678 -28.57 7.12 -23.72
C ALA B 678 -29.09 6.55 -25.04
N TRP B 679 -28.23 5.82 -25.75
CA TRP B 679 -28.67 5.12 -26.96
C TRP B 679 -29.85 4.22 -26.66
N ALA B 680 -29.70 3.36 -25.65
CA ALA B 680 -30.78 2.43 -25.29
C ALA B 680 -32.07 3.16 -24.96
N HIS B 681 -31.98 4.33 -24.32
CA HIS B 681 -33.19 5.08 -24.04
C HIS B 681 -33.79 5.67 -25.31
N GLU B 682 -32.95 6.12 -26.25
CA GLU B 682 -33.47 6.77 -27.44
C GLU B 682 -34.11 5.76 -28.40
N ARG B 683 -33.55 4.55 -28.50
CA ARG B 683 -33.97 3.58 -29.50
C ARG B 683 -35.00 2.60 -28.97
N THR B 684 -35.85 3.01 -28.01
CA THR B 684 -36.92 2.14 -27.56
C THR B 684 -38.27 2.81 -27.77
N PRO B 685 -39.27 2.07 -28.24
CA PRO B 685 -40.61 2.64 -28.36
C PRO B 685 -41.26 2.80 -27.00
N LEU B 686 -42.26 3.68 -26.96
CA LEU B 686 -43.14 3.89 -25.81
C LEU B 686 -42.40 4.59 -24.68
N ALA B 687 -41.10 4.81 -24.85
CA ALA B 687 -40.29 5.49 -23.85
C ALA B 687 -39.47 6.63 -24.43
N ASN B 688 -39.59 6.90 -25.73
CA ASN B 688 -38.95 8.06 -26.33
C ASN B 688 -39.90 9.23 -26.48
N LEU B 689 -41.10 9.13 -25.89
CA LEU B 689 -41.96 10.30 -25.77
C LEU B 689 -41.44 11.24 -24.70
N VAL B 690 -40.95 10.69 -23.60
CA VAL B 690 -40.22 11.46 -22.60
C VAL B 690 -38.88 11.84 -23.18
N ARG B 691 -38.20 12.80 -22.55
CA ARG B 691 -36.94 13.30 -23.09
C ARG B 691 -36.26 14.13 -22.02
N TRP B 692 -34.95 13.95 -21.87
CA TRP B 692 -34.19 14.71 -20.90
C TRP B 692 -33.84 16.08 -21.44
N LYS B 693 -33.76 17.06 -20.53
CA LYS B 693 -33.29 18.39 -20.89
C LYS B 693 -31.77 18.48 -20.74
N ASP B 694 -31.26 18.17 -19.55
CA ASP B 694 -29.83 18.16 -19.30
C ASP B 694 -29.22 16.86 -19.81
N LYS B 695 -28.23 16.97 -20.69
CA LYS B 695 -27.58 15.79 -21.24
C LYS B 695 -26.93 15.00 -20.10
N PRO B 696 -27.21 13.70 -19.98
CA PRO B 696 -26.61 12.92 -18.88
C PRO B 696 -25.12 12.68 -19.14
N VAL B 697 -24.29 13.06 -18.17
CA VAL B 697 -22.86 12.84 -18.23
C VAL B 697 -22.38 12.27 -16.90
N ALA B 698 -21.22 11.64 -16.94
CA ALA B 698 -20.60 11.11 -15.74
C ALA B 698 -20.11 12.23 -14.85
N LEU B 699 -20.05 11.95 -13.55
CA LEU B 699 -19.54 12.93 -12.60
C LEU B 699 -18.12 13.34 -12.96
N SER B 700 -17.77 14.58 -12.62
CA SER B 700 -16.45 15.09 -12.93
C SER B 700 -15.41 14.39 -12.05
N ILE B 701 -14.14 14.76 -12.24
CA ILE B 701 -13.05 14.11 -11.52
C ILE B 701 -13.02 14.57 -10.08
N VAL B 702 -12.84 15.88 -9.86
CA VAL B 702 -12.84 16.42 -8.50
C VAL B 702 -14.19 16.19 -7.84
N GLN B 703 -15.27 16.21 -8.63
CA GLN B 703 -16.58 15.90 -8.07
C GLN B 703 -16.65 14.45 -7.59
N ALA B 704 -16.06 13.52 -8.35
CA ALA B 704 -16.03 12.14 -7.92
C ALA B 704 -15.21 11.98 -6.64
N ARG B 705 -14.05 12.64 -6.57
CA ARG B 705 -13.27 12.60 -5.34
C ARG B 705 -14.06 13.15 -4.16
N LEU B 706 -14.81 14.23 -4.39
CA LEU B 706 -15.59 14.84 -3.31
C LEU B 706 -16.69 13.92 -2.84
N VAL B 707 -17.44 13.32 -3.76
CA VAL B 707 -18.51 12.40 -3.38
C VAL B 707 -17.94 11.18 -2.66
N GLY B 708 -16.82 10.65 -3.15
CA GLY B 708 -16.19 9.52 -2.48
C GLY B 708 -15.78 9.86 -1.06
N LEU B 709 -15.15 11.03 -0.88
CA LEU B 709 -14.74 11.43 0.46
C LEU B 709 -15.93 11.66 1.36
N ALA B 710 -17.02 12.21 0.82
CA ALA B 710 -18.21 12.44 1.63
C ALA B 710 -18.81 11.12 2.09
N HIS B 711 -18.90 10.13 1.20
CA HIS B 711 -19.42 8.83 1.60
C HIS B 711 -18.51 8.18 2.63
N PHE B 712 -17.20 8.16 2.38
CA PHE B 712 -16.25 7.61 3.33
C PHE B 712 -16.41 8.24 4.70
N SER B 713 -16.54 9.57 4.75
CA SER B 713 -16.61 10.27 6.03
C SER B 713 -17.93 10.00 6.74
N VAL B 714 -19.05 10.03 6.01
CA VAL B 714 -20.34 9.76 6.63
C VAL B 714 -20.38 8.35 7.20
N GLY B 715 -19.88 7.37 6.43
CA GLY B 715 -19.85 6.01 6.93
C GLY B 715 -18.94 5.87 8.14
N TYR B 716 -17.75 6.45 8.05
CA TYR B 716 -16.79 6.39 9.15
C TYR B 716 -17.39 6.96 10.43
N ILE B 717 -18.11 8.07 10.32
CA ILE B 717 -18.69 8.69 11.51
C ILE B 717 -19.84 7.84 12.04
N PHE B 718 -20.69 7.32 11.15
CA PHE B 718 -21.91 6.67 11.61
C PHE B 718 -21.63 5.30 12.22
N THR B 719 -20.80 4.49 11.57
CA THR B 719 -20.56 3.15 12.11
C THR B 719 -19.75 3.18 13.39
N TYR B 720 -19.17 4.31 13.75
CA TYR B 720 -18.50 4.43 15.05
C TYR B 720 -19.38 5.11 16.10
N ALA B 721 -20.19 6.08 15.70
CA ALA B 721 -21.16 6.63 16.64
C ALA B 721 -22.11 5.54 17.13
N ALA B 722 -22.64 4.74 16.20
CA ALA B 722 -23.52 3.65 16.58
C ALA B 722 -22.84 2.69 17.55
N PHE B 723 -21.58 2.34 17.27
CA PHE B 723 -20.88 1.37 18.10
C PHE B 723 -20.58 1.94 19.48
N LEU B 724 -20.07 3.18 19.53
CA LEU B 724 -19.74 3.77 20.82
C LEU B 724 -20.96 4.00 21.67
N ILE B 725 -22.13 4.26 21.06
CA ILE B 725 -23.32 4.44 21.87
C ILE B 725 -23.90 3.10 22.31
N ALA B 726 -23.92 2.11 21.41
CA ALA B 726 -24.56 0.83 21.73
C ALA B 726 -23.73 0.04 22.74
N SER B 727 -22.42 -0.05 22.53
CA SER B 727 -21.58 -0.86 23.40
C SER B 727 -21.48 -0.27 24.80
N THR B 728 -21.62 1.04 24.93
CA THR B 728 -21.55 1.68 26.24
C THR B 728 -22.93 1.72 26.91
N SER B 729 -23.91 2.35 26.26
CA SER B 729 -25.23 2.48 26.85
C SER B 729 -25.90 1.13 27.04
N GLY B 730 -25.53 0.13 26.25
CA GLY B 730 -26.02 -1.21 26.48
C GLY B 730 -25.46 -1.87 27.72
N LYS B 731 -24.45 -1.26 28.34
CA LYS B 731 -23.83 -1.80 29.54
C LYS B 731 -23.73 -0.72 30.61
N PHE B 732 -23.68 0.54 30.16
CA PHE B 732 -23.47 1.69 31.04
C PHE B 732 -22.20 1.53 31.86
N GLY B 733 -21.09 1.33 31.16
CA GLY B 733 -19.80 1.14 31.81
C GLY B 733 -19.67 -0.23 32.44
N ALA C 1 -14.49 25.79 -25.51
CA ALA C 1 -14.43 27.11 -24.90
C ALA C 1 -13.17 27.24 -24.05
N HIS C 2 -12.38 26.17 -24.00
CA HIS C 2 -11.11 26.22 -23.29
C HIS C 2 -10.16 27.20 -23.97
N SER C 3 -9.20 27.72 -23.20
CA SER C 3 -8.33 28.78 -23.66
C SER C 3 -6.94 28.21 -23.95
N VAL C 4 -6.55 28.22 -25.20
CA VAL C 4 -5.21 27.78 -25.60
C VAL C 4 -4.32 29.00 -25.76
N LYS C 5 -3.05 28.85 -25.43
CA LYS C 5 -2.09 29.93 -25.53
C LYS C 5 -0.78 29.39 -26.08
N ILE C 6 -0.09 30.20 -26.88
CA ILE C 6 1.17 29.83 -27.51
C ILE C 6 2.19 30.91 -27.18
N TYR C 7 3.06 30.64 -26.23
CA TYR C 7 4.07 31.60 -25.82
C TYR C 7 5.24 31.59 -26.80
N ASP C 8 6.03 32.66 -26.77
CA ASP C 8 7.03 32.88 -27.81
C ASP C 8 8.29 32.05 -27.58
N THR C 9 8.13 30.75 -27.34
CA THR C 9 9.26 29.84 -27.24
C THR C 9 9.14 28.67 -28.20
N CYS C 10 8.08 28.61 -29.00
CA CYS C 10 7.92 27.53 -29.96
C CYS C 10 9.05 27.56 -30.98
N ILE C 11 9.74 26.44 -31.13
CA ILE C 11 10.83 26.32 -32.08
C ILE C 11 10.28 25.80 -33.41
N GLY C 12 8.97 25.78 -33.54
CA GLY C 12 8.35 25.32 -34.77
C GLY C 12 8.45 23.83 -34.99
N CYS C 13 8.29 23.04 -33.92
CA CYS C 13 8.35 21.59 -34.05
C CYS C 13 7.16 21.03 -34.82
N THR C 14 6.07 21.80 -34.94
CA THR C 14 4.86 21.43 -35.67
C THR C 14 4.19 20.19 -35.08
N GLN C 15 4.66 19.70 -33.94
CA GLN C 15 4.08 18.51 -33.35
C GLN C 15 2.76 18.79 -32.68
N CYS C 16 2.61 19.98 -32.08
CA CYS C 16 1.36 20.36 -31.44
C CYS C 16 0.19 20.22 -32.40
N VAL C 17 0.33 20.75 -33.61
CA VAL C 17 -0.76 20.71 -34.57
C VAL C 17 -0.93 19.32 -35.16
N ARG C 18 0.16 18.55 -35.25
CA ARG C 18 0.04 17.18 -35.73
C ARG C 18 -0.71 16.30 -34.75
N ALA C 19 -0.62 16.60 -33.45
CA ALA C 19 -1.20 15.75 -32.43
C ALA C 19 -2.65 16.07 -32.13
N CYS C 20 -3.05 17.34 -32.24
CA CYS C 20 -4.39 17.76 -31.84
C CYS C 20 -5.46 17.09 -32.71
N PRO C 21 -6.30 16.23 -32.15
CA PRO C 21 -7.31 15.55 -32.96
C PRO C 21 -8.60 16.34 -33.13
N THR C 22 -8.52 17.65 -33.38
CA THR C 22 -9.72 18.42 -33.64
C THR C 22 -9.53 19.52 -34.68
N ASP C 23 -8.35 19.61 -35.31
CA ASP C 23 -8.03 20.73 -36.20
C ASP C 23 -8.25 22.06 -35.50
N VAL C 24 -7.49 22.25 -34.42
CA VAL C 24 -7.53 23.47 -33.63
C VAL C 24 -6.26 24.29 -33.81
N LEU C 25 -5.11 23.63 -33.75
CA LEU C 25 -3.83 24.30 -33.88
C LEU C 25 -3.36 24.26 -35.33
N GLU C 26 -2.78 25.37 -35.78
CA GLU C 26 -2.28 25.46 -37.15
C GLU C 26 -0.99 26.26 -37.15
N MET C 27 -0.16 26.03 -38.16
CA MET C 27 1.09 26.75 -38.27
C MET C 27 0.85 28.15 -38.83
N VAL C 28 1.77 29.05 -38.53
CA VAL C 28 1.64 30.45 -38.94
C VAL C 28 3.04 31.01 -39.19
N PRO C 29 3.22 31.86 -40.19
CA PRO C 29 4.54 32.50 -40.38
C PRO C 29 4.82 33.48 -39.25
N TRP C 30 5.95 33.27 -38.58
CA TRP C 30 6.38 34.18 -37.52
C TRP C 30 7.89 34.04 -37.39
N ASP C 31 8.63 35.03 -37.87
CA ASP C 31 10.07 34.96 -37.84
C ASP C 31 10.58 35.07 -36.40
N GLY C 32 11.67 34.39 -36.11
CA GLY C 32 12.29 34.53 -34.81
C GLY C 32 12.90 33.30 -34.17
N CYS C 33 12.42 32.09 -34.49
CA CYS C 33 13.06 30.95 -33.82
C CYS C 33 14.14 30.32 -34.69
N LYS C 34 13.75 29.58 -35.73
CA LYS C 34 14.70 29.14 -36.74
C LYS C 34 14.13 29.26 -38.15
N ALA C 35 12.85 28.90 -38.30
CA ALA C 35 12.23 28.69 -39.59
C ALA C 35 11.03 29.58 -39.83
N SER C 36 10.90 30.66 -39.06
CA SER C 36 9.79 31.62 -39.18
C SER C 36 8.43 30.94 -39.04
N GLN C 37 8.37 29.87 -38.26
CA GLN C 37 7.11 29.19 -37.97
C GLN C 37 6.74 29.39 -36.51
N ILE C 38 5.42 29.38 -36.24
CA ILE C 38 4.91 29.35 -34.88
C ILE C 38 3.55 28.69 -34.90
N ALA C 39 3.08 28.28 -33.73
CA ALA C 39 1.75 27.70 -33.62
C ALA C 39 0.70 28.80 -33.47
N SER C 40 -0.55 28.44 -33.71
CA SER C 40 -1.65 29.38 -33.54
C SER C 40 -2.93 28.59 -33.29
N ALA C 41 -3.74 29.08 -32.36
CA ALA C 41 -4.99 28.42 -32.00
C ALA C 41 -6.18 29.29 -32.36
N PRO C 42 -6.64 29.27 -33.61
CA PRO C 42 -7.81 30.06 -33.98
C PRO C 42 -9.13 29.37 -33.64
N ARG C 43 -9.12 28.05 -33.60
CA ARG C 43 -10.33 27.25 -33.44
C ARG C 43 -10.46 26.69 -32.03
N THR C 44 -10.11 27.48 -31.00
CA THR C 44 -10.24 27.03 -29.62
C THR C 44 -11.66 26.61 -29.26
N GLU C 45 -12.65 27.01 -30.04
CA GLU C 45 -14.03 26.61 -29.77
C GLU C 45 -14.26 25.11 -29.97
N ASP C 46 -13.25 24.37 -30.41
CA ASP C 46 -13.37 22.94 -30.64
C ASP C 46 -12.49 22.09 -29.75
N CYS C 47 -11.59 22.69 -28.98
CA CYS C 47 -10.72 21.91 -28.10
C CYS C 47 -11.54 21.26 -26.99
N VAL C 48 -11.32 19.97 -26.80
CA VAL C 48 -12.01 19.24 -25.74
C VAL C 48 -11.23 19.23 -24.43
N GLY C 49 -9.95 19.60 -24.45
CA GLY C 49 -9.08 19.42 -23.32
C GLY C 49 -8.21 18.19 -23.38
N CYS C 50 -8.04 17.63 -24.59
CA CYS C 50 -7.25 16.39 -24.82
C CYS C 50 -5.83 16.50 -24.25
N LYS C 51 -5.28 17.72 -24.18
CA LYS C 51 -3.92 17.98 -23.74
C LYS C 51 -2.88 17.14 -24.48
N ARG C 52 -3.25 16.60 -25.64
CA ARG C 52 -2.25 15.99 -26.51
C ARG C 52 -1.27 17.03 -27.03
N CYS C 53 -1.70 18.29 -27.13
CA CYS C 53 -0.79 19.35 -27.55
C CYS C 53 0.37 19.50 -26.57
N GLU C 54 0.05 19.63 -25.28
CA GLU C 54 1.09 19.87 -24.29
C GLU C 54 2.02 18.66 -24.13
N SER C 55 1.52 17.47 -24.42
CA SER C 55 2.31 16.25 -24.32
C SER C 55 3.28 16.08 -25.49
N ALA C 56 3.43 17.09 -26.34
CA ALA C 56 4.28 16.97 -27.52
C ALA C 56 5.35 18.05 -27.63
N CYS C 57 5.09 19.25 -27.13
CA CYS C 57 6.05 20.35 -27.27
C CYS C 57 7.32 20.06 -26.47
N PRO C 58 8.47 19.85 -27.12
CA PRO C 58 9.71 19.53 -26.40
C PRO C 58 10.45 20.78 -25.94
N THR C 59 9.74 21.71 -25.31
CA THR C 59 10.33 22.93 -24.79
C THR C 59 10.68 22.74 -23.33
N ASP C 60 11.33 23.75 -22.74
CA ASP C 60 11.83 23.65 -21.37
C ASP C 60 10.72 23.27 -20.41
N PHE C 61 9.77 24.18 -20.18
CA PHE C 61 8.55 23.77 -19.50
C PHE C 61 7.49 23.44 -20.53
N LEU C 62 7.10 24.43 -21.32
CA LEU C 62 6.05 24.29 -22.33
C LEU C 62 5.97 25.60 -23.09
N SER C 63 5.41 25.53 -24.30
CA SER C 63 5.11 26.70 -25.09
C SER C 63 3.65 26.80 -25.49
N VAL C 64 2.90 25.69 -25.46
CA VAL C 64 1.47 25.69 -25.71
C VAL C 64 0.78 25.22 -24.44
N ARG C 65 -0.12 26.06 -23.91
CA ARG C 65 -0.77 25.80 -22.64
C ARG C 65 -2.28 25.85 -22.81
N VAL C 66 -2.96 24.82 -22.33
CA VAL C 66 -4.41 24.73 -22.38
C VAL C 66 -4.96 24.98 -20.98
N TYR C 67 -5.93 25.90 -20.88
CA TYR C 67 -6.60 26.23 -19.63
C TYR C 67 -8.06 25.86 -19.76
N LEU C 68 -8.51 24.90 -18.94
CA LEU C 68 -9.86 24.40 -19.02
C LEU C 68 -10.84 25.43 -18.49
N GLY C 69 -11.79 25.84 -19.32
CA GLY C 69 -12.75 26.86 -18.92
C GLY C 69 -14.18 26.39 -18.96
N ALA C 70 -15.06 27.22 -19.50
CA ALA C 70 -16.48 26.90 -19.54
C ALA C 70 -16.73 25.68 -20.42
N GLU C 71 -17.61 24.80 -19.95
CA GLU C 71 -17.90 23.57 -20.65
C GLU C 71 -19.09 23.74 -21.59
N THR C 72 -19.02 23.12 -22.76
CA THR C 72 -20.07 23.19 -23.76
C THR C 72 -20.30 21.77 -24.30
N THR C 73 -21.06 21.68 -25.39
CA THR C 73 -21.31 20.38 -26.01
C THR C 73 -20.12 19.91 -26.83
N ARG C 74 -19.50 20.82 -27.60
CA ARG C 74 -18.34 20.44 -28.40
C ARG C 74 -17.17 20.05 -27.51
N SER C 75 -16.90 20.81 -26.46
CA SER C 75 -15.77 20.55 -25.58
C SER C 75 -15.97 19.32 -24.71
N MET C 76 -17.22 18.95 -24.42
CA MET C 76 -17.49 17.76 -23.62
C MET C 76 -17.30 16.48 -24.41
N GLY C 77 -17.16 16.56 -25.74
CA GLY C 77 -16.97 15.37 -26.53
C GLY C 77 -18.21 14.51 -26.66
N LEU C 78 -19.40 15.09 -26.50
CA LEU C 78 -20.63 14.32 -26.54
C LEU C 78 -21.03 14.02 -27.98
N ALA C 79 -21.66 12.86 -28.16
CA ALA C 79 -22.22 12.47 -29.44
C ALA C 79 -23.71 12.18 -29.36
N TYR C 80 -24.33 12.48 -28.23
CA TYR C 80 -25.76 12.24 -28.05
C TYR C 80 -26.48 13.49 -27.57
N THR D 1 -8.76 30.72 -50.78
CA THR D 1 -9.25 29.76 -51.76
C THR D 1 -10.74 29.52 -51.56
N PRO D 2 -11.48 29.34 -52.66
CA PRO D 2 -12.90 29.04 -52.57
C PRO D 2 -13.12 27.67 -51.96
N PRO D 3 -13.80 27.60 -50.82
CA PRO D 3 -14.07 26.29 -50.19
C PRO D 3 -14.89 25.40 -51.10
N THR D 4 -14.49 24.13 -51.17
CA THR D 4 -15.21 23.16 -51.99
C THR D 4 -16.68 23.10 -51.57
N LEU D 5 -17.54 22.74 -52.53
CA LEU D 5 -18.97 22.70 -52.32
C LEU D 5 -19.45 21.26 -52.24
N ASN D 6 -20.45 21.02 -51.38
CA ASN D 6 -21.01 19.69 -51.22
C ASN D 6 -21.75 19.26 -52.49
N ALA D 7 -22.08 17.98 -52.55
CA ALA D 7 -22.78 17.41 -53.69
C ALA D 7 -23.63 16.23 -53.19
N ASP D 8 -24.07 15.39 -54.11
CA ASP D 8 -24.82 14.19 -53.75
C ASP D 8 -24.06 12.94 -54.19
N THR D 9 -22.76 12.91 -53.91
CA THR D 9 -21.95 11.73 -54.17
C THR D 9 -22.49 10.53 -53.39
N PRO D 10 -22.22 9.31 -53.86
CA PRO D 10 -22.74 8.13 -53.15
C PRO D 10 -22.06 7.91 -51.81
N ALA D 11 -22.44 6.84 -51.12
CA ALA D 11 -21.92 6.54 -49.80
C ALA D 11 -21.26 5.17 -49.78
N PRO D 12 -20.32 4.93 -48.87
CA PRO D 12 -19.68 3.62 -48.81
C PRO D 12 -20.67 2.53 -48.41
N ILE D 13 -20.36 1.31 -48.84
CA ILE D 13 -21.22 0.17 -48.55
C ILE D 13 -21.05 -0.21 -47.09
N PHE D 14 -22.18 -0.31 -46.37
CA PHE D 14 -22.14 -0.61 -44.95
C PHE D 14 -23.44 -1.28 -44.56
N GLY D 15 -23.35 -2.39 -43.84
CA GLY D 15 -24.52 -3.13 -43.41
C GLY D 15 -25.26 -2.57 -42.23
N GLY D 16 -24.84 -1.43 -41.70
CA GLY D 16 -25.47 -0.81 -40.56
C GLY D 16 -24.59 -0.93 -39.32
N SER D 17 -25.05 -0.26 -38.26
CA SER D 17 -24.35 -0.21 -36.99
C SER D 17 -25.23 0.49 -35.97
N THR D 18 -24.92 0.27 -34.68
CA THR D 18 -25.59 0.96 -33.59
C THR D 18 -24.75 2.11 -33.05
N GLY D 19 -23.74 2.54 -33.79
CA GLY D 19 -22.91 3.65 -33.37
C GLY D 19 -22.98 4.80 -34.36
N GLY D 20 -24.17 5.05 -34.89
CA GLY D 20 -24.39 6.08 -35.88
C GLY D 20 -24.96 7.35 -35.29
N LEU D 21 -25.70 8.09 -36.11
CA LEU D 21 -26.26 9.36 -35.69
C LEU D 21 -27.31 9.17 -34.59
N LEU D 22 -27.55 10.24 -33.85
CA LEU D 22 -28.56 10.29 -32.80
C LEU D 22 -29.36 11.57 -32.96
N ARG D 23 -30.25 11.83 -31.99
CA ARG D 23 -31.13 12.98 -32.09
C ARG D 23 -30.35 14.29 -32.11
N LYS D 24 -29.11 14.28 -31.60
CA LYS D 24 -28.28 15.48 -31.65
C LYS D 24 -28.13 16.00 -33.08
N ALA D 25 -28.19 15.11 -34.07
CA ALA D 25 -27.97 15.50 -35.45
C ALA D 25 -29.16 16.19 -36.11
N GLN D 26 -30.34 16.16 -35.49
CA GLN D 26 -31.50 16.82 -36.05
C GLN D 26 -31.91 18.07 -35.29
N VAL D 27 -31.37 18.29 -34.09
CA VAL D 27 -31.62 19.50 -33.33
C VAL D 27 -30.38 20.35 -33.16
N GLU D 28 -29.24 19.91 -33.69
CA GLU D 28 -27.98 20.61 -33.54
C GLU D 28 -27.10 20.23 -34.73
N GLU D 29 -25.81 20.53 -34.63
CA GLU D 29 -24.89 20.30 -35.74
C GLU D 29 -24.66 18.81 -35.97
N PHE D 30 -24.15 18.51 -37.16
CA PHE D 30 -23.61 17.19 -37.47
C PHE D 30 -22.65 17.37 -38.64
N TYR D 31 -21.82 16.36 -38.86
CA TYR D 31 -20.68 16.49 -39.77
C TYR D 31 -20.78 15.47 -40.89
N VAL D 32 -20.07 15.76 -41.98
CA VAL D 32 -20.05 14.89 -43.16
C VAL D 32 -18.68 15.02 -43.81
N ILE D 33 -18.09 13.88 -44.17
CA ILE D 33 -16.74 13.82 -44.70
C ILE D 33 -16.78 13.18 -46.08
N THR D 34 -15.96 13.69 -46.99
CA THR D 34 -15.84 13.17 -48.35
C THR D 34 -14.37 12.94 -48.69
N TRP D 35 -14.13 12.12 -49.71
CA TRP D 35 -12.80 11.88 -50.22
C TRP D 35 -12.90 11.21 -51.59
N GLU D 36 -11.75 10.98 -52.20
CA GLU D 36 -11.67 10.36 -53.52
C GLU D 36 -10.69 9.19 -53.47
N SER D 37 -11.09 8.05 -54.00
CA SER D 37 -10.28 6.83 -53.98
C SER D 37 -10.12 6.29 -55.38
N PRO D 38 -9.00 5.61 -55.67
CA PRO D 38 -8.78 5.05 -57.00
C PRO D 38 -9.26 3.61 -57.20
N LYS D 39 -9.63 2.92 -56.13
CA LYS D 39 -10.09 1.54 -56.23
C LYS D 39 -11.10 1.30 -55.11
N GLU D 40 -11.39 0.03 -54.84
CA GLU D 40 -12.35 -0.36 -53.81
C GLU D 40 -11.64 -1.17 -52.75
N GLN D 41 -11.38 -0.56 -51.59
CA GLN D 41 -10.67 -1.19 -50.50
C GLN D 41 -11.64 -1.49 -49.35
N ILE D 42 -11.09 -1.98 -48.24
CA ILE D 42 -11.85 -2.20 -47.01
C ILE D 42 -11.23 -1.30 -45.95
N PHE D 43 -12.03 -0.38 -45.41
CA PHE D 43 -11.55 0.55 -44.40
C PHE D 43 -12.36 0.40 -43.12
N GLU D 44 -11.69 0.60 -41.99
CA GLU D 44 -12.32 0.47 -40.70
C GLU D 44 -13.10 1.73 -40.36
N MET D 45 -14.34 1.57 -39.95
CA MET D 45 -15.17 2.71 -39.62
C MET D 45 -14.84 3.22 -38.22
N PRO D 46 -14.81 4.54 -38.01
CA PRO D 46 -14.58 5.07 -36.65
C PRO D 46 -15.74 4.85 -35.71
N THR D 47 -16.79 4.15 -36.14
CA THR D 47 -17.95 3.88 -35.30
C THR D 47 -18.11 2.39 -35.01
N GLY D 48 -17.12 1.57 -35.35
CA GLY D 48 -17.22 0.13 -35.18
C GLY D 48 -17.58 -0.58 -36.45
N GLY D 49 -16.79 -1.59 -36.82
CA GLY D 49 -17.05 -2.33 -38.03
C GLY D 49 -16.23 -1.85 -39.21
N ALA D 50 -16.37 -2.58 -40.31
CA ALA D 50 -15.65 -2.29 -41.54
C ALA D 50 -16.62 -1.97 -42.66
N ALA D 51 -16.13 -1.21 -43.64
CA ALA D 51 -16.91 -0.85 -44.81
C ALA D 51 -16.00 -0.82 -46.02
N ILE D 52 -16.58 -1.06 -47.19
CA ILE D 52 -15.87 -1.03 -48.45
C ILE D 52 -16.18 0.30 -49.13
N MET D 53 -15.18 1.18 -49.20
CA MET D 53 -15.35 2.43 -49.93
C MET D 53 -15.45 2.14 -51.42
N ARG D 54 -16.09 3.05 -52.14
CA ARG D 54 -16.31 2.90 -53.57
C ARG D 54 -15.28 3.69 -54.36
N SER D 55 -15.12 3.33 -55.63
CA SER D 55 -14.19 4.02 -56.50
C SER D 55 -14.69 5.43 -56.80
N GLY D 56 -13.76 6.35 -56.98
CA GLY D 56 -14.09 7.73 -57.24
C GLY D 56 -14.51 8.46 -55.99
N PRO D 57 -15.71 9.06 -56.02
CA PRO D 57 -16.16 9.88 -54.90
C PRO D 57 -16.94 9.08 -53.86
N ASN D 58 -16.78 9.50 -52.61
CA ASN D 58 -17.49 8.91 -51.49
C ASN D 58 -17.86 10.02 -50.50
N LEU D 59 -18.97 9.83 -49.81
CA LEU D 59 -19.45 10.82 -48.84
C LEU D 59 -19.99 10.09 -47.63
N LEU D 60 -19.58 10.52 -46.44
CA LEU D 60 -19.93 9.86 -45.20
C LEU D 60 -20.26 10.91 -44.15
N LYS D 61 -21.42 10.76 -43.51
CA LYS D 61 -21.85 11.68 -42.46
C LYS D 61 -21.73 11.00 -41.10
N LEU D 62 -21.14 11.73 -40.14
CA LEU D 62 -20.88 11.22 -38.81
C LEU D 62 -21.51 12.16 -37.78
N ALA D 63 -21.22 11.91 -36.50
CA ALA D 63 -21.89 12.60 -35.41
C ALA D 63 -21.02 13.59 -34.68
N ARG D 64 -19.69 13.49 -34.76
CA ARG D 64 -18.80 14.43 -34.10
C ARG D 64 -17.77 14.93 -35.12
N LYS D 65 -16.97 15.89 -34.67
CA LYS D 65 -15.85 16.35 -35.50
C LYS D 65 -14.64 15.46 -35.33
N GLU D 66 -14.38 14.99 -34.10
CA GLU D 66 -13.23 14.15 -33.84
C GLU D 66 -13.29 12.85 -34.65
N GLN D 67 -14.49 12.34 -34.89
CA GLN D 67 -14.63 11.15 -35.73
C GLN D 67 -14.11 11.41 -37.14
N CYS D 68 -14.51 12.55 -37.72
CA CYS D 68 -14.09 12.89 -39.06
C CYS D 68 -12.58 13.06 -39.14
N LEU D 69 -11.98 13.74 -38.15
CA LEU D 69 -10.55 13.95 -38.18
C LEU D 69 -9.79 12.64 -37.98
N ALA D 70 -10.29 11.76 -37.13
CA ALA D 70 -9.67 10.45 -36.96
C ALA D 70 -9.69 9.67 -38.27
N LEU D 71 -10.87 9.56 -38.90
CA LEU D 71 -10.97 8.84 -40.16
C LEU D 71 -10.08 9.48 -41.23
N GLY D 72 -10.02 10.80 -41.26
CA GLY D 72 -9.23 11.47 -42.28
C GLY D 72 -7.73 11.27 -42.08
N ALA D 73 -7.27 11.31 -40.83
CA ALA D 73 -5.87 11.02 -40.55
C ALA D 73 -5.53 9.58 -40.94
N ARG D 74 -6.42 8.64 -40.61
CA ARG D 74 -6.19 7.26 -41.00
C ARG D 74 -6.10 7.12 -42.51
N LEU D 75 -7.00 7.79 -43.24
CA LEU D 75 -6.94 7.79 -44.70
C LEU D 75 -5.62 8.34 -45.19
N ARG D 76 -5.29 9.58 -44.81
CA ARG D 76 -4.09 10.24 -45.30
C ARG D 76 -2.83 9.46 -44.96
N THR D 77 -2.86 8.65 -43.90
CA THR D 77 -1.66 7.92 -43.53
C THR D 77 -1.56 6.55 -44.20
N LYS D 78 -2.67 5.80 -44.26
CA LYS D 78 -2.62 4.44 -44.76
C LYS D 78 -2.91 4.32 -46.25
N PHE D 79 -3.88 5.09 -46.76
CA PHE D 79 -4.28 5.00 -48.16
C PHE D 79 -3.75 6.12 -49.03
N LYS D 80 -3.14 7.15 -48.44
CA LYS D 80 -2.63 8.31 -49.17
C LYS D 80 -3.76 9.01 -49.93
N ILE D 81 -4.83 9.31 -49.21
CA ILE D 81 -6.04 9.88 -49.80
C ILE D 81 -6.31 11.23 -49.15
N GLN D 82 -6.55 12.25 -49.97
CA GLN D 82 -6.88 13.58 -49.47
C GLN D 82 -8.39 13.72 -49.32
N TYR D 83 -8.80 14.59 -48.41
CA TYR D 83 -10.19 14.62 -47.96
C TYR D 83 -10.53 16.00 -47.44
N GLN D 84 -11.83 16.23 -47.26
CA GLN D 84 -12.36 17.39 -46.56
C GLN D 84 -13.59 16.94 -45.77
N PHE D 85 -14.01 17.76 -44.82
CA PHE D 85 -15.27 17.50 -44.15
C PHE D 85 -15.90 18.81 -43.70
N TYR D 86 -17.24 18.80 -43.64
CA TYR D 86 -18.04 19.97 -43.35
C TYR D 86 -18.86 19.75 -42.09
N ARG D 87 -19.56 20.79 -41.66
CA ARG D 87 -20.51 20.73 -40.56
C ARG D 87 -21.84 21.28 -41.03
N VAL D 88 -22.91 20.52 -40.82
CA VAL D 88 -24.24 20.87 -41.31
C VAL D 88 -25.16 21.13 -40.13
N PHE D 89 -25.90 22.23 -40.21
CA PHE D 89 -26.83 22.64 -39.16
C PHE D 89 -28.19 22.04 -39.43
N PRO D 90 -29.12 22.15 -38.47
CA PRO D 90 -30.49 21.67 -38.72
C PRO D 90 -31.13 22.29 -39.95
N ASN D 91 -30.93 23.58 -40.17
CA ASN D 91 -31.55 24.28 -41.29
C ASN D 91 -30.78 24.11 -42.60
N GLY D 92 -29.88 23.13 -42.67
CA GLY D 92 -29.17 22.87 -43.91
C GLY D 92 -28.17 23.93 -44.30
N GLU D 93 -27.41 24.46 -43.34
CA GLU D 93 -26.38 25.45 -43.60
C GLU D 93 -25.02 24.77 -43.49
N VAL D 94 -24.41 24.49 -44.64
CA VAL D 94 -23.13 23.78 -44.67
C VAL D 94 -22.01 24.74 -44.33
N GLN D 95 -21.05 24.27 -43.53
CA GLN D 95 -19.88 25.05 -43.15
C GLN D 95 -18.63 24.20 -43.36
N TYR D 96 -17.65 24.76 -44.06
CA TYR D 96 -16.46 24.04 -44.47
C TYR D 96 -15.33 24.29 -43.49
N LEU D 97 -14.76 23.22 -42.94
CA LEU D 97 -13.92 23.33 -41.75
C LEU D 97 -12.47 22.94 -41.98
N HIS D 98 -12.19 21.70 -42.41
CA HIS D 98 -10.87 21.14 -42.13
C HIS D 98 -9.76 21.72 -43.03
N PRO D 99 -9.83 21.58 -44.35
CA PRO D 99 -8.78 22.23 -45.17
C PRO D 99 -9.14 23.69 -45.45
N LYS D 100 -9.21 24.48 -44.38
CA LYS D 100 -9.81 25.81 -44.44
C LYS D 100 -9.20 26.66 -45.54
N ASP D 101 -7.91 26.50 -45.80
CA ASP D 101 -7.23 27.21 -46.86
C ASP D 101 -6.50 26.26 -47.80
N GLY D 102 -6.97 25.02 -47.89
CA GLY D 102 -6.40 24.02 -48.77
C GLY D 102 -5.24 23.23 -48.18
N VAL D 103 -4.30 23.94 -47.54
CA VAL D 103 -3.13 23.31 -46.96
C VAL D 103 -3.46 22.88 -45.53
N TYR D 104 -3.08 21.66 -45.17
CA TYR D 104 -3.34 21.14 -43.84
C TYR D 104 -2.56 21.94 -42.80
N PRO D 105 -3.05 22.00 -41.55
CA PRO D 105 -2.45 22.89 -40.55
C PRO D 105 -1.00 22.59 -40.21
N GLU D 106 -0.40 21.52 -40.75
CA GLU D 106 0.99 21.22 -40.44
C GLU D 106 1.95 22.08 -41.27
N LYS D 107 1.77 22.09 -42.59
CA LYS D 107 2.64 22.88 -43.45
C LYS D 107 2.32 24.36 -43.31
N VAL D 108 3.38 25.19 -43.33
CA VAL D 108 3.18 26.63 -43.21
C VAL D 108 2.44 27.16 -44.43
N ASN D 109 1.88 28.36 -44.29
CA ASN D 109 1.10 28.96 -45.36
C ASN D 109 1.03 30.46 -45.14
N ALA D 110 1.10 31.22 -46.24
CA ALA D 110 0.95 32.66 -46.18
C ALA D 110 -0.52 33.02 -46.02
N GLY D 111 -0.76 34.25 -45.58
CA GLY D 111 -2.13 34.69 -45.35
C GLY D 111 -2.79 33.99 -44.18
N ARG D 112 -2.04 33.68 -43.14
CA ARG D 112 -2.56 33.07 -41.93
C ARG D 112 -2.27 33.98 -40.75
N SER D 113 -3.28 34.24 -39.93
CA SER D 113 -3.07 35.14 -38.82
C SER D 113 -2.73 34.39 -37.55
N PRO D 114 -1.91 34.97 -36.67
CA PRO D 114 -1.62 34.30 -35.40
C PRO D 114 -2.67 34.60 -34.34
N VAL D 115 -3.21 33.55 -33.72
CA VAL D 115 -4.23 33.68 -32.70
C VAL D 115 -3.72 33.06 -31.40
N GLY D 116 -3.98 33.72 -30.28
CA GLY D 116 -3.57 33.20 -28.99
C GLY D 116 -2.07 33.15 -28.77
N VAL D 117 -1.32 34.00 -29.43
CA VAL D 117 0.14 34.02 -29.33
C VAL D 117 0.54 35.12 -28.37
N ASN D 118 1.25 34.76 -27.30
CA ASN D 118 1.74 35.72 -26.31
C ASN D 118 3.21 36.00 -26.56
N ASN D 119 3.58 37.27 -26.48
CA ASN D 119 4.96 37.69 -26.73
C ASN D 119 5.80 37.69 -25.45
N ARG D 120 5.80 36.57 -24.75
CA ARG D 120 6.60 36.42 -23.54
C ARG D 120 6.75 34.94 -23.23
N SER D 121 7.65 34.65 -22.30
CA SER D 121 7.86 33.27 -21.85
C SER D 121 6.78 32.91 -20.83
N ILE D 122 6.37 31.64 -20.85
CA ILE D 122 5.25 31.18 -20.04
C ILE D 122 5.45 31.48 -18.56
N GLY D 123 6.71 31.51 -18.12
CA GLY D 123 6.99 31.73 -16.71
C GLY D 123 7.05 33.19 -16.30
N LYS D 124 6.40 34.07 -17.06
CA LYS D 124 6.42 35.50 -16.78
C LYS D 124 5.07 36.09 -16.43
N ASN D 125 3.99 35.31 -16.52
CA ASN D 125 2.66 35.83 -16.24
C ASN D 125 2.56 36.33 -14.80
N ALA D 126 1.81 37.41 -14.61
CA ALA D 126 1.63 37.99 -13.29
C ALA D 126 0.81 37.05 -12.41
N ASN D 127 0.95 37.23 -11.10
CA ASN D 127 0.25 36.40 -10.13
C ASN D 127 -1.26 36.61 -10.24
N PRO D 128 -2.05 35.67 -9.73
CA PRO D 128 -3.51 35.85 -9.75
C PRO D 128 -4.02 36.62 -8.55
N ALA D 129 -3.12 37.31 -7.84
CA ALA D 129 -3.49 38.07 -6.66
C ALA D 129 -3.41 39.57 -6.85
N GLU D 130 -2.92 40.04 -7.98
CA GLU D 130 -3.04 41.46 -8.33
C GLU D 130 -4.27 41.73 -9.17
N LEU D 131 -4.62 40.79 -10.03
CA LEU D 131 -5.79 40.93 -10.91
C LEU D 131 -7.04 40.33 -10.26
N LYS D 132 -7.34 40.76 -9.04
CA LYS D 132 -8.56 40.36 -8.35
C LYS D 132 -9.52 41.54 -8.34
N PHE D 133 -10.81 41.23 -8.41
CA PHE D 133 -11.86 42.20 -8.74
C PHE D 133 -11.55 42.84 -10.09
N ALA D 134 -10.98 42.04 -10.98
CA ALA D 134 -10.71 42.42 -12.37
C ALA D 134 -10.61 41.12 -13.15
N HIS D 135 -11.53 40.91 -14.08
CA HIS D 135 -11.75 39.59 -14.64
C HIS D 135 -10.68 39.14 -15.64
N LYS D 136 -9.64 39.95 -15.86
CA LYS D 136 -8.49 39.46 -16.60
C LYS D 136 -7.79 38.37 -15.79
N GLN D 137 -7.57 37.21 -16.40
CA GLN D 137 -7.27 36.06 -15.56
C GLN D 137 -5.81 36.01 -15.11
N ALA D 138 -4.91 35.56 -15.98
CA ALA D 138 -3.48 35.74 -15.76
C ALA D 138 -2.75 35.86 -17.09
N TYR D 139 -3.40 35.41 -18.16
CA TYR D 139 -2.73 35.11 -19.42
C TYR D 139 -3.35 35.78 -20.63
N ASP D 140 -4.60 36.21 -20.55
CA ASP D 140 -5.20 36.97 -21.64
C ASP D 140 -4.48 38.29 -21.89
N LEU D 141 -3.58 38.68 -20.99
CA LEU D 141 -2.78 39.88 -21.16
C LEU D 141 -1.55 39.60 -22.02
N GLY E 1 26.43 35.04 -28.10
CA GLY E 1 26.41 34.86 -26.66
C GLY E 1 27.68 34.23 -26.11
N PRO E 2 27.53 33.19 -25.29
CA PRO E 2 28.70 32.52 -24.73
C PRO E 2 29.40 31.65 -25.76
N LYS E 3 30.56 31.14 -25.37
CA LYS E 3 31.36 30.33 -26.26
C LYS E 3 30.81 28.91 -26.36
N ARG E 4 31.22 28.21 -27.42
CA ARG E 4 30.87 26.81 -27.56
C ARG E 4 31.58 25.98 -26.50
N GLY E 5 30.96 24.85 -26.14
CA GLY E 5 31.53 23.98 -25.14
C GLY E 5 31.77 24.63 -23.79
N SER E 6 31.10 25.74 -23.52
CA SER E 6 31.23 26.43 -22.23
C SER E 6 30.20 25.91 -21.25
N ILE E 7 30.59 25.79 -19.99
CA ILE E 7 29.72 25.26 -18.95
C ILE E 7 29.02 26.43 -18.28
N VAL E 8 27.71 26.53 -18.50
CA VAL E 8 26.92 27.63 -17.96
C VAL E 8 25.83 27.06 -17.07
N LYS E 9 25.40 27.87 -16.10
CA LYS E 9 24.40 27.48 -15.12
C LYS E 9 23.13 28.29 -15.37
N VAL E 10 21.99 27.62 -15.32
CA VAL E 10 20.73 28.21 -15.76
C VAL E 10 20.16 29.12 -14.69
N LEU E 11 19.37 30.11 -15.12
CA LEU E 11 18.67 31.01 -14.23
C LEU E 11 17.18 31.10 -14.55
N ARG E 12 16.70 30.36 -15.56
CA ARG E 12 15.28 30.38 -15.89
C ARG E 12 14.46 29.80 -14.76
N ARG E 13 13.59 30.63 -14.17
CA ARG E 13 12.92 30.24 -12.94
C ARG E 13 11.96 29.08 -13.13
N GLU E 14 11.45 28.88 -14.35
CA GLU E 14 10.51 27.79 -14.62
C GLU E 14 11.16 26.68 -15.45
N SER E 15 12.46 26.48 -15.24
CA SER E 15 13.21 25.45 -15.93
C SER E 15 13.43 24.25 -15.02
N TYR E 16 13.38 23.06 -15.60
CA TYR E 16 13.73 21.85 -14.86
C TYR E 16 15.20 21.89 -14.42
N TRP E 17 16.06 22.53 -15.22
CA TRP E 17 17.49 22.57 -14.96
C TRP E 17 17.91 23.85 -14.25
N PHE E 18 16.99 24.51 -13.54
CA PHE E 18 17.33 25.72 -12.80
C PHE E 18 18.44 25.42 -11.80
N ASN E 19 19.41 26.32 -11.72
CA ASN E 19 20.59 26.19 -10.87
C ASN E 19 21.41 24.94 -11.19
N ASP E 20 21.30 24.42 -12.41
CA ASP E 20 22.09 23.30 -12.86
C ASP E 20 22.99 23.73 -14.02
N THR E 21 24.03 22.95 -14.26
CA THR E 21 25.03 23.29 -15.26
C THR E 21 24.82 22.49 -16.54
N GLY E 22 25.32 23.05 -17.64
CA GLY E 22 25.24 22.39 -18.92
C GLY E 22 26.18 23.04 -19.91
N LYS E 23 26.61 22.28 -20.91
CA LYS E 23 27.58 22.76 -21.88
C LYS E 23 26.85 23.19 -23.16
N VAL E 24 27.17 24.40 -23.62
CA VAL E 24 26.56 24.92 -24.84
C VAL E 24 26.90 24.03 -26.03
N VAL E 25 25.99 23.96 -26.99
CA VAL E 25 26.21 23.19 -28.19
C VAL E 25 26.58 24.11 -29.34
N ALA E 26 25.65 24.98 -29.73
CA ALA E 26 25.88 25.94 -30.81
C ALA E 26 24.87 27.06 -30.70
N VAL E 27 25.33 28.27 -30.45
CA VAL E 27 24.45 29.44 -30.36
C VAL E 27 24.24 30.00 -31.76
N ASP E 28 22.98 30.11 -32.16
CA ASP E 28 22.67 30.69 -33.46
C ASP E 28 22.89 32.19 -33.44
N GLN E 29 23.50 32.71 -34.50
CA GLN E 29 23.87 34.11 -34.59
C GLN E 29 23.02 34.86 -35.61
N ALA E 30 21.74 34.52 -35.70
CA ALA E 30 20.81 35.23 -36.56
C ALA E 30 20.47 36.58 -35.92
N PRO E 31 19.88 37.51 -36.67
CA PRO E 31 19.60 38.84 -36.11
C PRO E 31 18.40 38.88 -35.19
N GLY E 32 17.37 38.07 -35.45
CA GLY E 32 16.12 38.20 -34.73
C GLY E 32 15.71 37.02 -33.88
N VAL E 33 16.67 36.20 -33.46
CA VAL E 33 16.37 35.04 -32.62
C VAL E 33 16.26 35.47 -31.17
N ARG E 34 15.21 35.00 -30.50
CA ARG E 34 14.95 35.39 -29.12
C ARG E 34 15.60 34.46 -28.10
N TYR E 35 15.90 33.23 -28.47
CA TYR E 35 16.52 32.25 -27.57
C TYR E 35 17.54 31.44 -28.37
N PRO E 36 18.69 32.02 -28.67
CA PRO E 36 19.62 31.37 -29.61
C PRO E 36 20.51 30.31 -28.97
N VAL E 37 20.84 30.47 -27.68
CA VAL E 37 21.78 29.56 -27.04
C VAL E 37 21.14 28.18 -26.91
N VAL E 38 21.91 27.14 -27.27
CA VAL E 38 21.44 25.76 -27.18
C VAL E 38 22.36 25.02 -26.22
N VAL E 39 21.79 24.45 -25.17
CA VAL E 39 22.55 23.77 -24.12
C VAL E 39 21.95 22.38 -23.90
N ARG E 40 22.82 21.39 -23.73
CA ARG E 40 22.43 20.01 -23.50
C ARG E 40 22.86 19.60 -22.10
N PHE E 41 21.95 18.98 -21.36
CA PHE E 41 22.20 18.59 -19.98
C PHE E 41 22.30 17.07 -19.87
N ASP E 42 23.00 16.62 -18.82
CA ASP E 42 23.21 15.20 -18.58
C ASP E 42 22.16 14.59 -17.66
N LYS E 43 20.96 15.16 -17.62
CA LYS E 43 19.87 14.60 -16.84
C LYS E 43 18.57 15.02 -17.48
N VAL E 44 17.76 14.05 -17.90
CA VAL E 44 16.51 14.35 -18.57
C VAL E 44 15.51 14.93 -17.59
N ASN E 45 14.47 15.56 -18.12
CA ASN E 45 13.40 16.13 -17.32
C ASN E 45 12.23 15.15 -17.28
N TYR E 46 11.12 15.62 -16.70
CA TYR E 46 9.94 14.77 -16.58
C TYR E 46 9.43 14.30 -17.93
N ALA E 47 9.67 15.07 -18.99
CA ALA E 47 9.28 14.66 -20.33
C ALA E 47 10.31 13.77 -21.01
N GLY E 48 11.56 13.83 -20.58
CA GLY E 48 12.60 12.98 -21.12
C GLY E 48 13.63 13.67 -21.99
N VAL E 49 13.47 14.95 -22.26
CA VAL E 49 14.39 15.68 -23.14
C VAL E 49 15.52 16.26 -22.32
N SER E 50 16.68 16.44 -22.96
CA SER E 50 17.87 16.95 -22.30
C SER E 50 18.47 18.18 -22.96
N THR E 51 17.97 18.59 -24.12
CA THR E 51 18.45 19.76 -24.82
C THR E 51 17.41 20.87 -24.74
N ASN E 52 17.88 22.11 -24.59
CA ASN E 52 16.96 23.24 -24.51
C ASN E 52 17.70 24.51 -24.91
N ASN E 53 16.93 25.48 -25.37
CA ASN E 53 17.49 26.75 -25.85
C ASN E 53 17.05 27.89 -24.94
N TYR E 54 18.00 28.75 -24.61
CA TYR E 54 17.79 29.91 -23.77
C TYR E 54 18.34 31.15 -24.45
N SER E 55 17.97 32.30 -23.91
CA SER E 55 18.52 33.58 -24.31
C SER E 55 19.80 33.88 -23.52
N PRO E 56 20.74 34.63 -24.12
CA PRO E 56 22.04 34.82 -23.44
C PRO E 56 21.93 35.52 -22.09
N ASP E 57 20.92 36.36 -21.90
CA ASP E 57 20.73 37.02 -20.61
C ASP E 57 20.01 36.16 -19.60
N GLU E 58 19.64 34.93 -19.96
CA GLU E 58 18.87 34.07 -19.08
C GLU E 58 19.70 32.99 -18.39
N LEU E 59 20.98 32.88 -18.73
CA LEU E 59 21.82 31.85 -18.11
C LEU E 59 23.28 32.23 -18.28
N GLU E 60 23.97 32.44 -17.16
CA GLU E 60 25.42 32.54 -17.16
C GLU E 60 26.00 32.45 -15.75
N ALA E 61 26.88 31.49 -15.52
CA ALA E 61 27.68 31.45 -14.31
C ALA E 61 29.14 31.09 -14.53
N ALA E 62 29.49 30.47 -15.66
CA ALA E 62 30.84 30.00 -15.93
C ALA E 62 31.35 29.07 -14.83
N ASP F 1 11.46 0.15 42.05
CA ASP F 1 12.04 1.43 42.44
C ASP F 1 11.42 2.56 41.64
N VAL F 2 12.13 3.02 40.61
CA VAL F 2 11.66 4.14 39.80
C VAL F 2 10.38 3.73 39.06
N ALA F 3 9.43 4.66 38.99
CA ALA F 3 8.14 4.48 38.33
C ALA F 3 7.26 3.45 39.02
N GLY F 4 7.54 3.15 40.28
CA GLY F 4 6.71 2.21 41.03
C GLY F 4 6.74 0.79 40.49
N LEU F 5 7.92 0.32 40.08
CA LEU F 5 8.08 -1.03 39.56
C LEU F 5 9.08 -1.78 40.44
N THR F 6 8.75 -2.99 40.76
CA THR F 6 9.70 -3.74 41.59
C THR F 6 10.69 -4.49 40.71
N PRO F 7 11.91 -4.72 41.22
CA PRO F 7 12.86 -5.54 40.47
C PRO F 7 12.29 -6.92 40.20
N CYS F 8 12.75 -7.53 39.09
CA CYS F 8 12.08 -8.72 38.59
C CYS F 8 12.43 -9.97 39.40
N LYS F 9 13.60 -10.01 40.02
CA LYS F 9 13.98 -11.18 40.81
C LYS F 9 13.29 -11.22 42.18
N GLU F 10 12.43 -10.25 42.48
CA GLU F 10 11.60 -10.29 43.68
C GLU F 10 10.11 -10.24 43.35
N SER F 11 9.74 -10.06 42.08
CA SER F 11 8.34 -9.94 41.70
C SER F 11 7.62 -11.27 41.93
N LYS F 12 6.59 -11.26 42.77
CA LYS F 12 5.77 -12.43 43.03
C LYS F 12 4.80 -12.72 41.90
N GLY F 13 4.89 -12.00 40.78
CA GLY F 13 4.07 -12.27 39.62
C GLY F 13 4.89 -12.86 38.50
N PHE F 14 6.21 -12.76 38.63
CA PHE F 14 7.11 -13.41 37.69
C PHE F 14 7.15 -14.92 37.93
N ALA F 15 7.10 -15.32 39.20
CA ALA F 15 7.07 -16.74 39.55
C ALA F 15 5.94 -17.46 38.83
N LYS F 16 4.77 -16.84 38.77
CA LYS F 16 3.64 -17.46 38.08
C LYS F 16 3.85 -17.48 36.57
N ARG F 17 4.29 -16.35 36.01
CA ARG F 17 4.59 -16.29 34.58
C ARG F 17 5.63 -17.33 34.17
N GLU F 18 6.43 -17.83 35.11
CA GLU F 18 7.36 -18.92 34.85
C GLU F 18 6.75 -20.30 35.05
N LYS F 19 6.09 -20.51 36.19
CA LYS F 19 5.64 -21.85 36.54
C LYS F 19 4.47 -22.28 35.68
N GLN F 20 3.60 -21.35 35.29
CA GLN F 20 2.49 -21.68 34.40
C GLN F 20 3.00 -22.15 33.05
N GLU F 21 3.96 -21.42 32.49
CA GLU F 21 4.56 -21.81 31.21
C GLU F 21 5.25 -23.15 31.32
N ILE F 22 5.99 -23.36 32.41
CA ILE F 22 6.67 -24.63 32.63
C ILE F 22 5.67 -25.76 32.67
N LYS F 23 4.58 -25.58 33.42
CA LYS F 23 3.58 -26.64 33.56
C LYS F 23 2.88 -26.92 32.24
N LYS F 24 2.62 -25.88 31.45
CA LYS F 24 2.06 -26.08 30.11
C LYS F 24 3.00 -26.93 29.26
N LEU F 25 4.29 -26.60 29.28
CA LEU F 25 5.26 -27.39 28.52
C LEU F 25 5.30 -28.84 29.00
N GLU F 26 5.19 -29.06 30.31
CA GLU F 26 5.23 -30.44 30.82
C GLU F 26 3.96 -31.20 30.44
N SER F 27 2.82 -30.51 30.43
CA SER F 27 1.59 -31.15 29.96
C SER F 27 1.71 -31.56 28.51
N ARG F 28 2.33 -30.72 27.68
CA ARG F 28 2.63 -31.12 26.32
C ARG F 28 3.58 -32.31 26.30
N LEU F 29 4.59 -32.31 27.17
CA LEU F 29 5.62 -33.34 27.16
C LEU F 29 5.07 -34.71 27.54
N LYS F 30 4.07 -34.76 28.40
CA LYS F 30 3.65 -36.08 28.88
C LYS F 30 2.87 -36.90 27.84
N LEU F 31 2.85 -36.48 26.58
CA LEU F 31 2.16 -37.23 25.51
C LEU F 31 3.11 -38.08 24.68
N TYR F 32 4.37 -38.21 25.10
CA TYR F 32 5.34 -39.00 24.35
C TYR F 32 6.18 -39.80 25.34
N ALA F 33 7.19 -40.52 24.80
CA ALA F 33 8.19 -41.28 25.53
C ALA F 33 9.43 -40.43 25.77
N PRO F 34 10.17 -40.67 26.85
CA PRO F 34 11.31 -39.80 27.17
C PRO F 34 12.53 -40.02 26.29
N ASP F 35 12.37 -40.79 25.21
CA ASP F 35 13.45 -41.07 24.28
C ASP F 35 12.98 -40.91 22.84
N SER F 36 12.21 -39.84 22.59
CA SER F 36 11.69 -39.55 21.26
C SER F 36 11.95 -38.09 20.94
N ALA F 37 12.04 -37.78 19.64
CA ALA F 37 12.32 -36.42 19.19
C ALA F 37 11.40 -35.37 19.78
N PRO F 38 10.08 -35.57 19.88
CA PRO F 38 9.26 -34.54 20.53
C PRO F 38 9.65 -34.28 21.98
N ALA F 39 9.99 -35.33 22.72
CA ALA F 39 10.37 -35.15 24.11
C ALA F 39 11.69 -34.40 24.22
N LEU F 40 12.66 -34.70 23.35
CA LEU F 40 13.91 -33.97 23.36
C LEU F 40 13.70 -32.50 23.02
N ALA F 41 12.88 -32.23 22.00
CA ALA F 41 12.59 -30.84 21.64
C ALA F 41 11.92 -30.10 22.79
N LEU F 42 10.96 -30.75 23.46
CA LEU F 42 10.24 -30.09 24.54
C LEU F 42 11.16 -29.84 25.74
N ASN F 43 12.04 -30.80 26.05
CA ASN F 43 12.99 -30.59 27.14
C ASN F 43 13.96 -29.46 26.81
N ALA F 44 14.38 -29.36 25.54
CA ALA F 44 15.20 -28.24 25.13
C ALA F 44 14.46 -26.92 25.30
N THR F 45 13.18 -26.89 24.93
CA THR F 45 12.38 -25.69 25.12
C THR F 45 12.27 -25.31 26.59
N ILE F 46 12.11 -26.29 27.46
CA ILE F 46 11.99 -26.02 28.89
C ILE F 46 13.32 -25.47 29.44
N GLU F 47 14.44 -26.06 29.02
CA GLU F 47 15.73 -25.55 29.45
C GLU F 47 15.96 -24.13 28.96
N LYS F 48 15.55 -23.84 27.72
CA LYS F 48 15.67 -22.48 27.20
C LYS F 48 14.82 -21.51 28.01
N THR F 49 13.61 -21.93 28.38
CA THR F 49 12.73 -21.07 29.19
C THR F 49 13.37 -20.77 30.54
N LYS F 50 13.94 -21.79 31.18
CA LYS F 50 14.61 -21.57 32.46
C LYS F 50 15.81 -20.64 32.31
N ARG F 51 16.64 -20.87 31.29
CA ARG F 51 17.78 -20.01 31.05
C ARG F 51 17.38 -18.57 30.76
N ARG F 52 16.24 -18.36 30.11
CA ARG F 52 15.76 -17.01 29.84
C ARG F 52 15.25 -16.34 31.11
N PHE F 53 14.48 -17.05 31.92
CA PHE F 53 13.95 -16.46 33.14
C PHE F 53 15.01 -16.26 34.21
N ALA F 54 16.14 -16.98 34.13
CA ALA F 54 17.24 -16.80 35.06
C ALA F 54 18.31 -15.85 34.52
N PHE F 55 17.91 -14.90 33.67
CA PHE F 55 18.83 -13.91 33.16
C PHE F 55 18.25 -12.52 33.36
N TYR F 56 16.93 -12.39 33.19
CA TYR F 56 16.28 -11.10 33.41
C TYR F 56 16.37 -10.69 34.87
N GLY F 57 16.14 -11.61 35.79
CA GLY F 57 16.27 -11.28 37.20
C GLY F 57 17.67 -10.85 37.57
N ASN F 58 18.68 -11.47 36.95
CA ASN F 58 20.06 -11.13 37.27
C ASN F 58 20.51 -9.83 36.60
N GLU F 59 19.85 -9.44 35.52
CA GLU F 59 20.25 -8.21 34.83
C GLU F 59 19.87 -6.97 35.62
N GLY F 60 18.62 -6.90 36.06
CA GLY F 60 18.18 -5.78 36.87
C GLY F 60 16.96 -5.06 36.32
N LEU F 61 16.22 -5.70 35.42
CA LEU F 61 15.02 -5.09 34.88
C LEU F 61 13.92 -5.04 35.94
N LEU F 62 13.06 -4.04 35.82
CA LEU F 62 11.96 -3.83 36.76
C LEU F 62 10.68 -4.39 36.16
N CYS F 63 10.04 -5.30 36.89
CA CYS F 63 8.79 -5.89 36.44
C CYS F 63 7.61 -5.03 36.86
N GLY F 64 6.44 -5.36 36.32
CA GLY F 64 5.22 -4.62 36.56
C GLY F 64 4.27 -5.33 37.50
N THR F 65 3.11 -4.70 37.69
CA THR F 65 2.06 -5.25 38.54
C THR F 65 1.46 -6.51 37.95
N ASP F 66 1.85 -6.85 36.73
CA ASP F 66 1.38 -8.05 36.05
C ASP F 66 2.48 -9.08 35.84
N GLY F 67 3.70 -8.81 36.30
CA GLY F 67 4.81 -9.71 36.10
C GLY F 67 5.33 -9.69 34.68
N LEU F 68 5.78 -8.52 34.22
CA LEU F 68 6.33 -8.37 32.88
C LEU F 68 7.38 -7.28 32.95
N PRO F 69 8.53 -7.45 32.29
CA PRO F 69 9.57 -6.43 32.36
C PRO F 69 9.12 -5.12 31.73
N HIS F 70 9.67 -4.03 32.26
CA HIS F 70 9.40 -2.70 31.74
C HIS F 70 10.71 -1.97 31.55
N LEU F 71 10.88 -1.35 30.38
CA LEU F 71 12.14 -0.71 30.02
C LEU F 71 12.10 0.75 30.42
N ILE F 72 13.09 1.18 31.20
CA ILE F 72 13.21 2.57 31.62
C ILE F 72 14.16 3.24 30.64
N VAL F 73 13.60 3.77 29.55
CA VAL F 73 14.38 4.48 28.54
C VAL F 73 14.40 5.95 28.98
N ASP F 74 15.27 6.24 29.95
CA ASP F 74 15.25 7.54 30.61
C ASP F 74 16.63 8.18 30.60
N GLY F 75 17.66 7.36 30.57
CA GLY F 75 19.01 7.80 30.84
C GLY F 75 19.54 7.36 32.20
N ASP F 76 18.71 6.68 32.98
CA ASP F 76 19.11 6.18 34.30
C ASP F 76 20.36 5.33 34.19
N GLN F 77 21.37 5.66 34.99
CA GLN F 77 22.64 4.95 34.94
C GLN F 77 22.48 3.49 35.32
N ALA F 78 21.56 3.18 36.22
CA ALA F 78 21.29 1.79 36.59
C ALA F 78 20.55 1.02 35.51
N HIS F 79 20.25 1.64 34.37
CA HIS F 79 19.49 0.97 33.32
C HIS F 79 20.04 1.27 31.92
N LEU F 80 21.32 1.62 31.81
CA LEU F 80 21.88 1.97 30.51
C LEU F 80 21.86 0.80 29.53
N GLY F 81 21.76 -0.44 30.03
CA GLY F 81 21.73 -1.59 29.16
C GLY F 81 20.44 -1.81 28.40
N GLU F 82 19.46 -0.92 28.57
CA GLU F 82 18.17 -1.07 27.92
C GLU F 82 18.02 -0.22 26.66
N PHE F 83 18.41 1.06 26.70
CA PHE F 83 18.26 1.91 25.52
C PHE F 83 19.59 2.45 25.01
N VAL F 84 20.39 3.10 25.86
CA VAL F 84 21.52 3.88 25.34
C VAL F 84 22.66 2.98 24.93
N TYR F 85 22.92 1.91 25.67
CA TYR F 85 24.01 1.00 25.30
C TYR F 85 23.74 0.30 23.97
N PRO F 86 22.57 -0.28 23.70
CA PRO F 86 22.33 -0.81 22.35
C PRO F 86 22.09 0.30 21.33
N GLY F 87 21.55 1.43 21.75
CA GLY F 87 21.33 2.53 20.83
C GLY F 87 22.61 3.07 20.23
N LEU F 88 23.68 3.11 21.03
CA LEU F 88 24.95 3.61 20.52
C LEU F 88 25.51 2.70 19.44
N VAL F 89 25.48 1.38 19.66
CA VAL F 89 25.99 0.47 18.64
C VAL F 89 25.10 0.50 17.41
N PHE F 90 23.78 0.65 17.58
CA PHE F 90 22.94 0.78 16.39
C PHE F 90 23.29 2.02 15.61
N LEU F 91 23.45 3.16 16.30
CA LEU F 91 23.82 4.39 15.60
C LEU F 91 25.13 4.23 14.88
N TYR F 92 26.08 3.51 15.49
CA TYR F 92 27.34 3.22 14.83
C TYR F 92 27.13 2.46 13.52
N ILE F 93 26.35 1.38 13.58
CA ILE F 93 26.12 0.56 12.38
C ILE F 93 25.39 1.37 11.30
N ALA F 94 24.39 2.16 11.71
CA ALA F 94 23.60 2.90 10.73
C ALA F 94 24.42 4.02 10.09
N GLY F 95 25.22 4.73 10.89
CA GLY F 95 26.14 5.70 10.32
C GLY F 95 27.15 5.06 9.39
N TRP F 96 27.61 3.86 9.73
CA TRP F 96 28.49 3.11 8.83
C TRP F 96 27.82 2.89 7.47
N ILE F 97 26.60 2.33 7.48
CA ILE F 97 25.89 2.07 6.25
C ILE F 97 25.72 3.35 5.45
N GLY F 98 25.21 4.40 6.08
CA GLY F 98 24.96 5.64 5.37
C GLY F 98 26.22 6.25 4.79
N TRP F 99 27.30 6.25 5.58
CA TRP F 99 28.55 6.86 5.13
C TRP F 99 29.13 6.11 3.94
N VAL F 100 29.15 4.78 4.00
CA VAL F 100 29.72 4.04 2.88
C VAL F 100 28.85 4.16 1.64
N GLY F 101 27.53 4.22 1.81
CA GLY F 101 26.67 4.44 0.66
C GLY F 101 26.90 5.81 0.03
N ARG F 102 26.99 6.84 0.86
CA ARG F 102 27.25 8.19 0.37
C ARG F 102 28.59 8.24 -0.37
N ALA F 103 29.62 7.63 0.21
CA ALA F 103 30.93 7.66 -0.43
C ALA F 103 30.93 6.91 -1.75
N TYR F 104 30.21 5.78 -1.83
CA TYR F 104 30.10 5.06 -3.09
C TYR F 104 29.42 5.93 -4.14
N LEU F 105 28.34 6.62 -3.75
CA LEU F 105 27.66 7.50 -4.70
C LEU F 105 28.59 8.61 -5.18
N ILE F 106 29.31 9.25 -4.24
CA ILE F 106 30.23 10.33 -4.59
C ILE F 106 31.29 9.83 -5.57
N ASP F 107 31.84 8.65 -5.33
CA ASP F 107 32.90 8.14 -6.21
C ASP F 107 32.34 7.76 -7.57
N VAL F 108 31.19 7.08 -7.60
CA VAL F 108 30.61 6.66 -8.87
C VAL F 108 30.23 7.86 -9.72
N ARG F 109 29.77 8.94 -9.09
CA ARG F 109 29.23 10.07 -9.83
C ARG F 109 30.23 10.65 -10.84
N THR F 110 31.52 10.53 -10.56
CA THR F 110 32.55 11.02 -11.48
C THR F 110 33.11 9.85 -12.29
N SER F 111 32.33 9.42 -13.28
CA SER F 111 32.73 8.32 -14.13
C SER F 111 32.15 8.55 -15.52
N LYS F 112 32.17 7.52 -16.36
CA LYS F 112 31.66 7.66 -17.72
C LYS F 112 30.15 7.53 -17.76
N LYS F 113 29.62 6.38 -17.34
CA LYS F 113 28.18 6.18 -17.24
C LYS F 113 27.82 5.96 -15.77
N PRO F 114 27.63 7.01 -14.98
CA PRO F 114 27.32 6.82 -13.57
C PRO F 114 26.00 6.09 -13.33
N THR F 115 25.05 6.19 -14.26
CA THR F 115 23.80 5.45 -14.12
C THR F 115 24.01 3.96 -14.33
N GLU F 116 25.03 3.57 -15.10
CA GLU F 116 25.30 2.15 -15.29
C GLU F 116 25.89 1.53 -14.03
N LYS F 117 26.71 2.29 -13.31
CA LYS F 117 27.34 1.80 -12.09
C LYS F 117 26.40 1.78 -10.89
N GLU F 118 25.10 1.97 -11.11
CA GLU F 118 24.12 1.88 -10.04
C GLU F 118 23.15 0.72 -10.17
N ILE F 119 22.98 0.18 -11.37
CA ILE F 119 22.30 -1.11 -11.53
C ILE F 119 23.31 -2.25 -11.63
N ILE F 120 24.56 -1.97 -11.92
CA ILE F 120 25.63 -2.98 -12.00
C ILE F 120 26.75 -2.48 -11.10
N ILE F 121 26.76 -2.93 -9.85
CA ILE F 121 27.76 -2.50 -8.89
C ILE F 121 29.13 -3.01 -9.31
N ASP F 122 30.17 -2.24 -8.99
CA ASP F 122 31.56 -2.67 -9.18
C ASP F 122 32.10 -3.05 -7.82
N VAL F 123 32.15 -4.34 -7.55
CA VAL F 123 32.42 -4.91 -6.24
C VAL F 123 33.78 -4.50 -5.68
N PRO F 124 34.85 -4.38 -6.48
CA PRO F 124 36.12 -3.91 -5.88
C PRO F 124 36.01 -2.56 -5.19
N LEU F 125 35.51 -1.54 -5.87
CA LEU F 125 35.40 -0.22 -5.28
C LEU F 125 34.43 -0.21 -4.10
N ALA F 126 33.27 -0.86 -4.26
CA ALA F 126 32.31 -0.93 -3.16
C ALA F 126 32.93 -1.59 -1.93
N LEU F 127 33.69 -2.66 -2.13
CA LEU F 127 34.33 -3.33 -1.02
C LEU F 127 35.38 -2.46 -0.36
N ARG F 128 36.18 -1.76 -1.17
CA ARG F 128 37.15 -0.80 -0.64
C ARG F 128 36.47 0.22 0.27
N ILE F 129 35.36 0.78 -0.20
CA ILE F 129 34.67 1.82 0.58
C ILE F 129 34.04 1.22 1.84
N MET F 130 33.44 0.04 1.72
CA MET F 130 32.88 -0.62 2.90
C MET F 130 33.97 -0.87 3.94
N SER F 131 35.15 -1.28 3.51
CA SER F 131 36.26 -1.48 4.43
C SER F 131 36.67 -0.18 5.11
N LYS F 132 36.85 0.87 4.32
CA LYS F 132 37.31 2.15 4.86
C LYS F 132 36.23 2.82 5.72
N GLY F 133 35.00 2.33 5.64
CA GLY F 133 33.92 2.93 6.40
C GLY F 133 33.84 2.57 7.87
N LEU F 134 34.95 2.08 8.44
CA LEU F 134 34.94 1.73 9.86
C LEU F 134 35.05 2.97 10.74
N THR F 135 35.91 3.91 10.38
CA THR F 135 36.05 5.15 11.14
C THR F 135 35.22 6.25 10.50
N TRP F 136 33.91 6.07 10.45
CA TRP F 136 33.05 7.05 9.80
C TRP F 136 32.84 8.33 10.62
N PRO F 137 32.75 8.29 11.96
CA PRO F 137 32.58 9.57 12.67
C PRO F 137 33.78 10.50 12.51
N VAL F 138 35.00 9.97 12.65
CA VAL F 138 36.20 10.75 12.43
C VAL F 138 36.32 11.27 11.01
N ALA F 139 35.54 10.72 10.08
CA ALA F 139 35.50 11.22 8.71
C ALA F 139 34.34 12.18 8.47
N ALA F 140 33.17 11.90 9.05
CA ALA F 140 32.04 12.80 8.88
C ALA F 140 32.30 14.15 9.56
N ILE F 141 32.82 14.12 10.78
CA ILE F 141 33.13 15.37 11.46
C ILE F 141 34.25 16.11 10.74
N GLY F 142 35.21 15.38 10.17
CA GLY F 142 36.27 16.02 9.42
C GLY F 142 35.78 16.66 8.14
N GLU F 143 34.79 16.04 7.49
CA GLU F 143 34.21 16.64 6.29
C GLU F 143 33.31 17.82 6.64
N LEU F 144 32.69 17.80 7.82
CA LEU F 144 31.92 18.95 8.27
C LEU F 144 32.82 20.14 8.56
N ARG F 145 33.89 19.91 9.31
CA ARG F 145 34.81 20.99 9.66
C ARG F 145 35.45 21.60 8.41
N SER F 146 35.78 20.76 7.43
CA SER F 146 36.45 21.22 6.22
C SER F 146 35.49 21.78 5.18
N GLY F 147 34.21 21.92 5.51
CA GLY F 147 33.26 22.49 4.58
C GLY F 147 33.05 21.68 3.32
N LYS F 148 33.23 20.36 3.38
CA LYS F 148 33.04 19.48 2.24
C LYS F 148 31.76 18.66 2.31
N LEU F 149 30.93 18.87 3.33
CA LEU F 149 29.79 17.99 3.56
C LEU F 149 28.53 18.41 2.80
N VAL F 150 28.31 19.70 2.60
CA VAL F 150 27.06 20.19 2.03
C VAL F 150 27.33 21.03 0.79
N GLU F 151 26.31 21.12 -0.07
CA GLU F 151 26.33 21.97 -1.23
C GLU F 151 25.55 23.26 -0.94
N LYS F 152 25.65 24.20 -1.88
CA LYS F 152 24.98 25.49 -1.71
C LYS F 152 24.16 25.86 -2.94
N SER F 153 24.56 25.34 -4.10
CA SER F 153 23.86 25.61 -5.36
C SER F 153 22.90 24.46 -5.70
N ALA F 154 21.88 24.30 -4.86
CA ALA F 154 20.87 23.29 -5.08
C ALA F 154 19.93 23.71 -6.20
N ASN F 155 19.37 22.71 -6.88
CA ASN F 155 18.64 22.94 -8.14
C ASN F 155 17.13 22.95 -7.93
N ILE F 156 16.66 23.48 -6.81
CA ILE F 156 15.22 23.59 -6.58
C ILE F 156 14.71 24.85 -7.26
N THR F 157 13.53 24.76 -7.87
CA THR F 157 12.90 25.90 -8.51
C THR F 157 11.41 25.89 -8.22
N VAL F 158 10.85 27.07 -7.98
CA VAL F 158 9.43 27.25 -7.80
C VAL F 158 9.00 28.60 -8.37
N SER F 159 8.19 28.57 -9.42
CA SER F 159 7.70 29.80 -10.01
C SER F 159 6.39 30.23 -9.35
N GLU G 1 -7.45 47.81 60.77
CA GLU G 1 -8.37 47.57 59.66
C GLU G 1 -7.93 48.33 58.42
N ALA G 2 -8.08 47.69 57.26
CA ALA G 2 -7.72 48.31 55.99
C ALA G 2 -8.73 49.39 55.66
N ASN G 3 -8.34 50.65 55.88
CA ASN G 3 -9.17 51.78 55.48
C ASN G 3 -9.00 52.02 53.98
N THR G 4 -10.09 52.40 53.33
CA THR G 4 -10.14 52.46 51.87
C THR G 4 -9.99 53.87 51.31
N ALA G 5 -10.81 54.80 51.81
CA ALA G 5 -10.86 56.15 51.26
C ALA G 5 -9.50 56.81 51.16
N LEU G 6 -8.52 56.37 51.95
CA LEU G 6 -7.19 56.92 51.85
C LEU G 6 -6.27 56.09 50.96
N THR G 7 -6.39 54.76 50.97
CA THR G 7 -5.47 53.95 50.18
C THR G 7 -5.78 54.08 48.69
N ILE G 8 -7.05 54.08 48.30
CA ILE G 8 -7.30 54.16 46.87
C ILE G 8 -7.10 55.59 46.36
N THR G 9 -7.31 56.60 47.21
CA THR G 9 -6.99 57.96 46.77
C THR G 9 -5.48 58.15 46.68
N LEU G 10 -4.70 57.48 47.54
CA LEU G 10 -3.25 57.56 47.42
C LEU G 10 -2.77 56.86 46.16
N SER G 11 -3.36 55.71 45.83
CA SER G 11 -3.00 55.01 44.60
C SER G 11 -3.32 55.85 43.38
N THR G 12 -4.54 56.41 43.33
CA THR G 12 -4.92 57.24 42.19
C THR G 12 -4.03 58.46 42.07
N GLY G 13 -3.72 59.10 43.21
CA GLY G 13 -2.84 60.26 43.17
C GLY G 13 -1.45 59.91 42.69
N ALA G 14 -0.93 58.76 43.14
CA ALA G 14 0.41 58.34 42.72
C ALA G 14 0.45 58.09 41.22
N LEU G 15 -0.54 57.38 40.69
CA LEU G 15 -0.51 57.11 39.25
C LEU G 15 -0.84 58.34 38.42
N LEU G 16 -1.62 59.27 38.96
CA LEU G 16 -1.85 60.53 38.24
C LEU G 16 -0.58 61.36 38.22
N PHE G 17 0.15 61.40 39.33
CA PHE G 17 1.48 62.00 39.35
C PHE G 17 2.37 61.39 38.27
N LEU G 18 2.43 60.06 38.25
CA LEU G 18 3.27 59.36 37.28
C LEU G 18 2.89 59.73 35.85
N GLY G 19 1.59 59.80 35.57
CA GLY G 19 1.15 60.10 34.22
C GLY G 19 1.42 61.54 33.81
N ARG G 20 1.05 62.49 34.67
CA ARG G 20 1.16 63.89 34.32
C ARG G 20 2.61 64.38 34.32
N PHE G 21 3.46 63.80 35.16
CA PHE G 21 4.76 64.39 35.43
C PHE G 21 5.93 63.63 34.82
N VAL G 22 6.02 62.32 35.05
CA VAL G 22 7.27 61.61 34.78
C VAL G 22 7.22 60.84 33.47
N PHE G 23 6.04 60.42 33.03
CA PHE G 23 5.90 59.62 31.81
C PHE G 23 5.20 60.36 30.68
N LEU G 24 4.86 61.63 30.86
CA LEU G 24 4.11 62.34 29.83
C LEU G 24 4.90 62.54 28.54
N PRO G 25 6.17 62.96 28.55
CA PRO G 25 6.91 63.05 27.27
C PRO G 25 7.07 61.70 26.60
N PHE G 26 7.38 60.67 27.38
CA PHE G 26 7.48 59.32 26.83
C PHE G 26 6.19 58.90 26.15
N GLN G 27 5.06 59.09 26.85
CA GLN G 27 3.76 58.71 26.31
C GLN G 27 3.44 59.51 25.04
N ARG G 28 3.72 60.82 25.05
CA ARG G 28 3.42 61.65 23.89
C ARG G 28 4.26 61.22 22.69
N ASP G 29 5.55 60.98 22.89
CA ASP G 29 6.42 60.60 21.79
C ASP G 29 6.05 59.22 21.26
N ASN G 30 5.67 58.29 22.14
CA ASN G 30 5.30 56.96 21.68
C ASN G 30 3.96 56.98 20.95
N VAL G 31 3.04 57.88 21.32
CA VAL G 31 1.79 57.99 20.59
C VAL G 31 2.03 58.62 19.22
N SER G 32 2.81 59.70 19.18
CA SER G 32 3.10 60.35 17.91
C SER G 32 3.89 59.44 16.97
N ARG G 33 4.73 58.57 17.53
CA ARG G 33 5.50 57.63 16.72
C ARG G 33 4.57 56.76 15.87
N GLN G 34 3.67 56.03 16.52
CA GLN G 34 2.67 55.22 15.83
C GLN G 34 1.33 55.96 15.92
N GLY G 35 1.14 56.89 15.00
CA GLY G 35 0.03 57.83 15.11
C GLY G 35 -1.35 57.28 14.91
N LEU G 36 -1.68 56.89 13.67
CA LEU G 36 -3.05 56.53 13.32
C LEU G 36 -3.08 55.15 12.70
N PRO G 37 -4.02 54.30 13.09
CA PRO G 37 -4.24 53.04 12.35
C PRO G 37 -4.45 53.30 10.87
N VAL G 38 -3.78 52.51 10.04
CA VAL G 38 -3.71 52.75 8.61
C VAL G 38 -4.00 51.45 7.88
N GLN G 39 -4.85 51.51 6.86
CA GLN G 39 -5.20 50.37 6.03
C GLN G 39 -4.86 50.67 4.59
N ASN G 40 -4.01 49.85 3.99
CA ASN G 40 -3.58 49.94 2.60
C ASN G 40 -2.77 51.21 2.31
N GLY G 41 -2.34 51.93 3.35
CA GLY G 41 -1.52 53.11 3.19
C GLY G 41 -2.12 54.39 3.70
N VAL G 42 -3.40 54.39 4.08
CA VAL G 42 -4.07 55.61 4.52
C VAL G 42 -4.99 55.25 5.68
N THR G 43 -5.20 56.22 6.58
CA THR G 43 -5.95 55.98 7.80
C THR G 43 -7.39 55.58 7.49
N HIS G 44 -8.09 55.13 8.54
CA HIS G 44 -9.46 54.63 8.37
C HIS G 44 -10.40 55.74 7.93
N PHE G 45 -10.32 56.90 8.59
CA PHE G 45 -11.20 58.01 8.26
C PHE G 45 -11.06 58.40 6.79
N ASP G 46 -9.82 58.55 6.31
CA ASP G 46 -9.63 58.95 4.92
C ASP G 46 -9.93 57.81 3.95
N ALA G 47 -9.75 56.57 4.37
CA ALA G 47 -10.25 55.45 3.58
C ALA G 47 -11.77 55.43 3.53
N GLY G 48 -12.43 56.16 4.42
CA GLY G 48 -13.86 56.35 4.38
C GLY G 48 -14.58 55.69 5.55
N ASP G 49 -14.85 56.47 6.59
CA ASP G 49 -15.52 55.96 7.79
C ASP G 49 -16.07 57.16 8.55
N SER G 50 -17.39 57.29 8.61
CA SER G 50 -17.97 58.33 9.44
C SER G 50 -17.76 58.09 10.93
N ARG G 51 -17.22 56.93 11.30
CA ARG G 51 -17.06 56.56 12.71
C ARG G 51 -15.60 56.38 13.12
N ALA G 52 -14.66 56.64 12.22
CA ALA G 52 -13.24 56.60 12.55
C ALA G 52 -12.66 57.99 12.79
N GLN G 53 -13.50 58.94 13.18
CA GLN G 53 -13.09 60.33 13.36
C GLN G 53 -12.79 60.60 14.82
N GLU G 54 -11.59 61.11 15.10
CA GLU G 54 -11.26 61.51 16.46
C GLU G 54 -12.18 62.63 16.91
N VAL G 55 -12.36 62.71 18.22
CA VAL G 55 -13.25 63.72 18.80
C VAL G 55 -12.44 64.81 19.49
N THR G 56 -12.16 65.89 18.75
CA THR G 56 -11.40 67.01 19.31
C THR G 56 -12.24 67.85 20.26
N SER G 57 -13.57 67.87 20.07
CA SER G 57 -14.45 68.52 21.03
C SER G 57 -14.36 67.86 22.40
N PHE G 58 -13.89 66.62 22.46
CA PHE G 58 -13.60 65.92 23.71
C PHE G 58 -12.13 66.02 24.09
N LEU G 59 -11.26 66.44 23.18
CA LEU G 59 -9.82 66.48 23.43
C LEU G 59 -9.30 67.89 23.69
N LYS G 60 -10.07 68.93 23.36
CA LYS G 60 -9.64 70.30 23.59
C LYS G 60 -9.46 70.55 25.08
N THR G 61 -8.23 70.73 25.52
CA THR G 61 -7.91 70.91 26.94
C THR G 61 -7.11 72.20 27.13
N ASN G 62 -6.76 72.48 28.38
CA ASN G 62 -6.01 73.67 28.71
C ASN G 62 -4.84 73.45 29.66
N ASP G 63 -4.62 72.23 30.14
CA ASP G 63 -3.49 71.97 31.03
C ASP G 63 -2.19 72.31 30.30
N PRO G 64 -1.25 73.04 30.94
CA PRO G 64 -0.03 73.46 30.25
C PRO G 64 0.74 72.34 29.56
N ALA G 65 0.55 71.10 29.99
CA ALA G 65 1.25 69.97 29.42
C ALA G 65 0.40 69.20 28.41
N GLY G 66 -0.85 69.60 28.20
CA GLY G 66 -1.72 68.89 27.28
C GLY G 66 -2.23 67.59 27.86
N PHE G 67 -2.85 67.68 29.04
CA PHE G 67 -3.38 66.51 29.75
C PHE G 67 -4.88 66.48 29.50
N THR G 68 -5.28 65.84 28.40
CA THR G 68 -6.68 65.77 28.03
C THR G 68 -7.45 64.87 29.00
N ILE G 69 -8.76 64.77 28.77
CA ILE G 69 -9.61 64.03 29.69
C ILE G 69 -9.39 62.53 29.59
N VAL G 70 -9.05 62.03 28.39
CA VAL G 70 -8.85 60.60 28.24
C VAL G 70 -7.59 60.14 28.97
N ASP G 71 -6.56 61.00 29.04
CA ASP G 71 -5.38 60.67 29.83
C ASP G 71 -5.73 60.55 31.30
N VAL G 72 -6.53 61.50 31.81
CA VAL G 72 -6.98 61.42 33.19
C VAL G 72 -7.77 60.13 33.42
N LEU G 73 -8.67 59.81 32.49
CA LEU G 73 -9.46 58.59 32.61
C LEU G 73 -8.56 57.35 32.70
N ALA G 74 -7.59 57.26 31.79
CA ALA G 74 -6.74 56.07 31.75
C ALA G 74 -5.87 55.95 32.99
N TRP G 75 -5.20 57.05 33.37
CA TRP G 75 -4.32 56.98 34.54
C TRP G 75 -5.11 56.78 35.82
N GLY G 76 -6.32 57.32 35.92
CA GLY G 76 -7.14 57.06 37.08
C GLY G 76 -7.68 55.66 37.11
N ALA G 77 -7.96 55.07 35.95
CA ALA G 77 -8.35 53.67 35.90
C ALA G 77 -7.23 52.78 36.41
N LEU G 78 -6.01 53.03 35.94
CA LEU G 78 -4.86 52.29 36.47
C LEU G 78 -4.70 52.52 37.96
N GLY G 79 -4.92 53.75 38.42
CA GLY G 79 -4.81 54.04 39.84
C GLY G 79 -5.81 53.25 40.66
N HIS G 80 -7.06 53.21 40.23
CA HIS G 80 -8.07 52.44 40.93
C HIS G 80 -7.76 50.94 40.88
N ALA G 81 -7.23 50.48 39.75
CA ALA G 81 -6.86 49.06 39.65
C ALA G 81 -5.80 48.70 40.68
N VAL G 82 -4.72 49.47 40.73
CA VAL G 82 -3.66 49.19 41.71
C VAL G 82 -4.17 49.37 43.13
N GLY G 83 -5.03 50.38 43.35
CA GLY G 83 -5.56 50.60 44.69
C GLY G 83 -6.38 49.43 45.19
N PHE G 84 -7.26 48.89 44.33
CA PHE G 84 -8.05 47.75 44.76
C PHE G 84 -7.23 46.47 44.82
N PHE G 85 -6.21 46.34 43.98
CA PHE G 85 -5.29 45.22 44.08
C PHE G 85 -4.54 45.24 45.40
N ILE G 86 -4.25 46.43 45.91
CA ILE G 86 -3.63 46.54 47.24
C ILE G 86 -4.66 46.27 48.33
N LEU G 87 -5.86 46.81 48.17
CA LEU G 87 -6.90 46.66 49.20
C LEU G 87 -7.26 45.19 49.41
N ALA G 88 -7.53 44.46 48.33
CA ALA G 88 -7.97 43.08 48.44
C ALA G 88 -6.93 42.18 49.08
N THR G 89 -5.65 42.56 49.04
CA THR G 89 -4.58 41.70 49.50
C THR G 89 -4.34 41.79 51.01
N ILE G 90 -4.42 43.00 51.57
CA ILE G 90 -3.98 43.22 52.94
C ILE G 90 -5.07 42.87 53.95
N ASN G 91 -6.15 42.25 53.48
CA ASN G 91 -7.26 41.89 54.37
C ASN G 91 -7.21 40.44 54.84
N ASN G 92 -6.39 39.58 54.22
CA ASN G 92 -6.39 38.16 54.55
C ASN G 92 -5.30 37.81 55.57
N GLY G 93 -4.03 38.03 55.23
CA GLY G 93 -2.94 37.57 56.06
C GLY G 93 -2.57 36.13 55.75
N TYR G 94 -1.34 35.88 55.34
CA TYR G 94 -0.94 34.58 54.83
C TYR G 94 0.52 34.34 55.19
N ASN G 95 1.13 33.33 54.57
CA ASN G 95 2.57 33.09 54.68
C ASN G 95 3.11 32.30 53.48
N PRO G 96 2.97 32.81 52.24
CA PRO G 96 3.44 32.05 51.06
C PRO G 96 4.89 32.35 50.68
N GLN G 97 5.83 31.82 51.45
CA GLN G 97 7.25 32.08 51.25
C GLN G 97 7.98 30.78 50.91
N PHE G 98 9.30 30.88 50.83
CA PHE G 98 10.18 29.75 50.53
C PHE G 98 9.87 28.53 51.41
N SER H 1 -29.82 5.79 -54.18
CA SER H 1 -28.50 5.22 -53.93
C SER H 1 -27.66 6.19 -53.08
N VAL H 2 -28.08 7.44 -53.03
CA VAL H 2 -27.39 8.49 -52.29
C VAL H 2 -28.15 8.74 -50.99
N TYR H 3 -27.41 8.93 -49.91
CA TYR H 3 -27.98 9.07 -48.58
C TYR H 3 -27.64 10.43 -47.98
N PHE H 4 -27.73 11.50 -48.79
CA PHE H 4 -27.54 12.85 -48.29
C PHE H 4 -28.27 13.82 -49.19
N ASP H 5 -28.74 14.92 -48.59
CA ASP H 5 -29.48 15.97 -49.28
C ASP H 5 -29.64 17.13 -48.33
N LEU H 6 -29.61 18.34 -48.89
CA LEU H 6 -29.86 19.54 -48.09
C LEU H 6 -31.32 19.95 -48.11
N GLY H 7 -32.06 19.61 -49.17
CA GLY H 7 -33.48 19.88 -49.22
C GLY H 7 -34.26 19.02 -48.26
N GLU H 8 -34.29 17.71 -48.50
CA GLU H 8 -34.92 16.76 -47.58
C GLU H 8 -33.91 16.43 -46.48
N ILE H 9 -33.76 17.38 -45.56
CA ILE H 9 -32.80 17.21 -44.48
C ILE H 9 -33.28 16.19 -43.46
N ASP H 10 -34.60 16.02 -43.34
CA ASP H 10 -35.14 15.07 -42.39
C ASP H 10 -34.98 13.63 -42.84
N ASN H 11 -34.83 13.40 -44.16
CA ASN H 11 -34.51 12.07 -44.64
C ASN H 11 -33.09 11.67 -44.28
N THR H 12 -32.17 12.63 -44.20
CA THR H 12 -30.76 12.35 -43.92
C THR H 12 -30.37 12.72 -42.50
N THR H 13 -31.32 12.69 -41.56
CA THR H 13 -30.98 12.82 -40.15
C THR H 13 -31.77 11.85 -39.26
N GLY H 14 -32.65 11.05 -39.83
CA GLY H 14 -33.41 10.09 -39.05
C GLY H 14 -34.47 10.73 -38.16
N ASN H 15 -35.32 11.57 -38.74
CA ASN H 15 -36.40 12.20 -38.00
C ASN H 15 -37.75 11.55 -38.27
N TRP H 16 -37.76 10.36 -38.88
CA TRP H 16 -39.01 9.69 -39.17
C TRP H 16 -39.70 9.25 -37.88
N ASP H 17 -41.03 9.16 -37.94
CA ASP H 17 -41.83 8.61 -36.85
C ASP H 17 -42.16 7.16 -37.21
N LEU H 18 -41.47 6.22 -36.56
CA LEU H 18 -41.49 4.83 -36.99
C LEU H 18 -42.84 4.15 -36.74
N TYR H 19 -43.67 4.69 -35.87
CA TYR H 19 -44.99 4.11 -35.56
C TYR H 19 -46.00 5.25 -35.46
N GLY H 20 -46.63 5.57 -36.58
CA GLY H 20 -47.62 6.62 -36.60
C GLY H 20 -48.97 6.17 -37.13
N ASN H 21 -49.98 6.15 -36.25
CA ASN H 21 -51.35 5.84 -36.63
C ASN H 21 -52.10 7.16 -36.78
N ASP H 22 -52.41 7.54 -38.02
CA ASP H 22 -53.05 8.81 -38.33
C ASP H 22 -54.56 8.76 -38.21
N ASP H 23 -55.11 7.73 -37.56
CA ASP H 23 -56.55 7.60 -37.42
C ASP H 23 -57.10 8.77 -36.60
N PRO H 24 -58.04 9.55 -37.13
CA PRO H 24 -58.53 10.72 -36.38
C PRO H 24 -59.52 10.39 -35.28
N ASN H 25 -60.18 9.23 -35.33
CA ASN H 25 -61.15 8.87 -34.30
C ASN H 25 -61.22 7.36 -34.16
N ARG H 26 -61.14 6.88 -32.92
CA ARG H 26 -61.14 5.45 -32.63
C ARG H 26 -62.25 5.01 -31.69
N TYR H 27 -62.84 5.90 -30.92
CA TYR H 27 -63.80 5.55 -29.89
C TYR H 27 -65.18 6.10 -30.23
N ASN H 28 -66.16 5.72 -29.41
CA ASN H 28 -67.54 6.13 -29.63
C ASN H 28 -67.71 7.61 -29.31
N GLY H 29 -68.37 8.34 -30.22
CA GLY H 29 -68.56 9.77 -30.03
C GLY H 29 -69.27 10.09 -28.73
N PHE H 30 -70.27 9.30 -28.36
CA PHE H 30 -70.96 9.50 -27.08
C PHE H 30 -70.00 9.30 -25.92
N GLN H 31 -69.20 8.24 -25.97
CA GLN H 31 -68.25 7.98 -24.90
C GLN H 31 -67.18 9.06 -24.83
N ASN H 32 -66.72 9.54 -25.99
CA ASN H 32 -65.75 10.64 -25.98
C ASN H 32 -66.35 11.90 -25.37
N LYS H 33 -67.59 12.22 -25.73
CA LYS H 33 -68.23 13.40 -25.17
C LYS H 33 -68.42 13.25 -23.66
N PHE H 34 -68.78 12.06 -23.20
CA PHE H 34 -68.96 11.83 -21.77
C PHE H 34 -67.64 11.73 -21.03
N PHE H 35 -66.52 11.55 -21.74
CA PHE H 35 -65.21 11.54 -21.12
C PHE H 35 -64.54 12.91 -21.08
N GLU H 36 -64.83 13.77 -22.05
CA GLU H 36 -64.19 15.09 -22.08
C GLU H 36 -64.92 16.11 -21.22
N THR H 37 -66.23 15.93 -20.98
CA THR H 37 -66.96 16.82 -20.09
C THR H 37 -66.65 16.57 -18.62
N PHE H 38 -66.03 15.42 -18.30
CA PHE H 38 -65.68 15.08 -16.92
C PHE H 38 -64.19 15.17 -16.64
N ALA H 39 -63.35 14.89 -17.63
CA ALA H 39 -61.91 14.99 -17.50
C ALA H 39 -61.36 16.19 -18.28
N GLY H 40 -62.17 17.22 -18.45
CA GLY H 40 -61.77 18.39 -19.20
C GLY H 40 -61.24 19.51 -18.32
N ALA H 41 -61.92 19.77 -17.21
CA ALA H 41 -61.45 20.80 -16.28
C ALA H 41 -60.09 20.44 -15.68
N PHE H 42 -59.73 19.17 -15.66
CA PHE H 42 -58.43 18.73 -15.16
C PHE H 42 -57.30 19.11 -16.10
N THR H 43 -57.57 19.81 -17.21
CA THR H 43 -56.53 20.19 -18.14
C THR H 43 -55.67 21.33 -17.60
N LYS H 44 -56.26 22.23 -16.81
CA LYS H 44 -55.55 23.43 -16.36
C LYS H 44 -54.47 23.03 -15.37
N ARG H 45 -53.22 22.95 -15.84
CA ARG H 45 -52.13 22.48 -15.00
C ARG H 45 -51.85 23.45 -13.86
N GLY H 46 -52.01 24.76 -14.11
CA GLY H 46 -51.83 25.72 -13.03
C GLY H 46 -52.84 25.54 -11.92
N LEU H 47 -54.07 25.16 -12.27
CA LEU H 47 -55.12 24.87 -11.30
C LEU H 47 -55.24 23.38 -11.02
N LEU H 48 -54.25 22.58 -11.40
CA LEU H 48 -54.21 21.15 -11.08
C LEU H 48 -53.09 20.79 -10.13
N LEU H 49 -51.92 21.43 -10.25
CA LEU H 49 -50.84 21.17 -9.31
C LEU H 49 -51.22 21.64 -7.91
N LYS H 50 -51.75 22.87 -7.80
CA LYS H 50 -52.19 23.39 -6.51
C LYS H 50 -53.42 22.67 -5.99
N PHE H 51 -54.11 21.92 -6.85
CA PHE H 51 -55.20 21.07 -6.40
C PHE H 51 -54.67 19.75 -5.85
N LEU H 52 -53.69 19.16 -6.55
CA LEU H 52 -53.12 17.90 -6.12
C LEU H 52 -52.38 18.04 -4.80
N VAL H 53 -51.61 19.12 -4.63
CA VAL H 53 -50.86 19.29 -3.39
C VAL H 53 -51.81 19.41 -2.19
N LEU H 54 -52.89 20.17 -2.35
CA LEU H 54 -53.84 20.33 -1.25
C LEU H 54 -54.62 19.05 -1.00
N GLY H 55 -55.00 18.34 -2.06
CA GLY H 55 -55.67 17.06 -1.88
C GLY H 55 -54.82 16.07 -1.12
N GLY H 56 -53.56 15.91 -1.54
CA GLY H 56 -52.66 15.00 -0.84
C GLY H 56 -52.37 15.43 0.58
N ALA H 57 -52.17 16.72 0.81
CA ALA H 57 -51.96 17.21 2.17
C ALA H 57 -53.13 16.85 3.07
N THR H 58 -54.34 17.23 2.66
CA THR H 58 -55.52 16.93 3.47
C THR H 58 -55.75 15.43 3.61
N THR H 59 -55.38 14.65 2.59
CA THR H 59 -55.59 13.20 2.65
C THR H 59 -54.67 12.55 3.68
N ILE H 60 -53.37 12.82 3.60
CA ILE H 60 -52.46 12.27 4.60
C ILE H 60 -52.67 12.91 5.96
N GLY H 61 -53.35 14.05 6.01
CA GLY H 61 -53.74 14.61 7.29
C GLY H 61 -54.87 13.83 7.94
N TYR H 62 -56.01 13.75 7.25
CA TYR H 62 -57.16 13.03 7.79
C TYR H 62 -56.82 11.57 8.08
N LEU H 63 -56.10 10.92 7.16
CA LEU H 63 -55.73 9.53 7.39
C LEU H 63 -54.65 9.41 8.46
N GLY H 64 -53.76 10.40 8.55
CA GLY H 64 -52.76 10.39 9.60
C GLY H 64 -53.33 10.68 10.98
N SER H 65 -54.38 11.48 11.04
CA SER H 65 -55.00 11.85 12.31
C SER H 65 -56.12 10.90 12.70
N THR H 66 -57.10 10.68 11.81
CA THR H 66 -58.23 9.82 12.10
C THR H 66 -57.92 8.39 11.68
N SER H 67 -56.88 7.85 12.29
CA SER H 67 -56.43 6.49 12.03
C SER H 67 -57.25 5.52 12.89
N SER H 68 -56.82 4.26 12.94
CA SER H 68 -57.45 3.25 13.75
C SER H 68 -56.45 2.67 14.75
N PRO H 69 -56.90 2.19 15.90
CA PRO H 69 -55.96 1.67 16.90
C PRO H 69 -55.37 0.33 16.52
N ASP H 70 -56.18 -0.51 15.85
CA ASP H 70 -55.71 -1.84 15.45
C ASP H 70 -54.78 -1.77 14.25
N LEU H 71 -55.05 -0.86 13.32
CA LEU H 71 -54.26 -0.79 12.09
C LEU H 71 -52.80 -0.46 12.38
N LEU H 72 -52.56 0.72 12.94
CA LEU H 72 -51.19 1.17 13.15
C LEU H 72 -50.61 0.54 14.42
N ALA H 73 -49.28 0.44 14.42
CA ALA H 73 -48.55 0.00 15.60
C ALA H 73 -48.02 1.13 16.45
N ILE H 74 -47.68 2.27 15.83
CA ILE H 74 -47.27 3.45 16.58
C ILE H 74 -48.45 4.21 17.16
N LYS H 75 -49.66 3.91 16.71
CA LYS H 75 -50.86 4.53 17.26
C LYS H 75 -51.46 3.73 18.40
N ASN H 76 -51.25 2.40 18.40
CA ASN H 76 -51.76 1.55 19.46
C ASN H 76 -50.96 1.68 20.75
N GLY H 77 -49.78 2.31 20.71
CA GLY H 77 -48.98 2.54 21.88
C GLY H 77 -48.50 1.27 22.54
N PRO H 78 -47.77 1.41 23.65
CA PRO H 78 -47.32 0.23 24.39
C PRO H 78 -48.44 -0.36 25.23
N LYS H 79 -48.52 -1.69 25.24
CA LYS H 79 -49.51 -2.42 26.02
C LYS H 79 -48.84 -3.46 26.89
N GLN H 80 -47.70 -3.12 27.46
CA GLN H 80 -46.91 -4.04 28.29
C GLN H 80 -46.21 -3.21 29.36
N VAL H 81 -45.23 -3.82 30.02
CA VAL H 81 -44.43 -3.13 31.03
C VAL H 81 -43.07 -2.82 30.43
N PRO H 82 -42.44 -1.69 30.77
CA PRO H 82 -41.14 -1.37 30.20
C PRO H 82 -40.01 -2.13 30.85
N VAL H 83 -39.00 -2.47 30.04
CA VAL H 83 -37.80 -3.09 30.58
C VAL H 83 -37.03 -2.07 31.42
N MET H 84 -36.11 -2.59 32.23
CA MET H 84 -35.37 -1.76 33.16
C MET H 84 -33.99 -1.40 32.61
N GLY H 85 -33.37 -0.40 33.22
CA GLY H 85 -32.06 0.06 32.82
C GLY H 85 -30.96 -0.89 33.27
N PRO H 86 -29.99 -1.14 32.39
CA PRO H 86 -28.90 -2.07 32.73
C PRO H 86 -28.09 -1.63 33.95
N ARG H 87 -28.08 -0.35 34.30
CA ARG H 87 -27.36 0.14 35.47
C ARG H 87 -28.31 0.61 36.56
N GLY H 88 -29.42 -0.12 36.76
CA GLY H 88 -30.39 0.26 37.76
C GLY H 88 -31.12 1.55 37.46
N ARG H 89 -31.22 1.94 36.21
CA ARG H 89 -31.95 3.13 35.81
C ARG H 89 -33.37 2.75 35.39
N LYS H 90 -34.16 3.76 35.05
CA LYS H 90 -35.53 3.52 34.61
C LYS H 90 -35.81 4.26 33.30
N MET I 1 -46.74 13.92 26.79
CA MET I 1 -47.08 14.71 25.61
C MET I 1 -48.50 15.24 25.72
N THR I 2 -48.65 16.56 25.67
CA THR I 2 -49.95 17.18 25.87
C THR I 2 -50.87 16.93 24.70
N ALA I 3 -50.50 17.43 23.52
CA ALA I 3 -51.34 17.24 22.34
C ALA I 3 -51.45 15.78 21.97
N SER I 4 -50.34 15.16 21.59
CA SER I 4 -50.24 13.74 21.24
C SER I 4 -50.98 13.42 19.95
N TYR I 5 -51.67 14.41 19.37
CA TYR I 5 -52.23 14.29 18.05
C TYR I 5 -51.47 15.09 17.00
N LEU I 6 -50.49 15.88 17.44
CA LEU I 6 -49.68 16.70 16.54
C LEU I 6 -48.61 15.87 15.84
N PRO I 7 -47.91 14.95 16.51
CA PRO I 7 -46.97 14.08 15.78
C PRO I 7 -47.63 13.26 14.68
N SER I 8 -48.93 12.99 14.79
CA SER I 8 -49.62 12.34 13.68
C SER I 8 -50.03 13.31 12.59
N ILE I 9 -49.83 14.60 12.80
CA ILE I 9 -50.24 15.62 11.84
C ILE I 9 -49.01 16.17 11.12
N PHE I 10 -47.88 16.23 11.82
CA PHE I 10 -46.74 16.98 11.32
C PHE I 10 -45.74 16.14 10.52
N VAL I 11 -45.37 14.96 11.02
CA VAL I 11 -44.36 14.17 10.30
C VAL I 11 -44.93 13.67 8.98
N PRO I 12 -46.23 13.39 8.84
CA PRO I 12 -46.76 13.19 7.48
C PRO I 12 -46.73 14.46 6.65
N LEU I 13 -46.79 15.62 7.28
CA LEU I 13 -46.74 16.91 6.59
C LEU I 13 -45.32 17.45 6.47
N ILE I 14 -44.32 16.73 6.96
CA ILE I 14 -42.94 17.21 6.88
C ILE I 14 -41.99 16.19 6.27
N GLY I 15 -42.35 14.90 6.19
CA GLY I 15 -41.49 13.93 5.56
C GLY I 15 -42.04 13.46 4.24
N LEU I 16 -43.30 13.79 3.98
CA LEU I 16 -43.98 13.40 2.75
C LEU I 16 -44.37 14.58 1.88
N VAL I 17 -45.05 15.58 2.45
CA VAL I 17 -45.60 16.66 1.65
C VAL I 17 -44.54 17.74 1.39
N PHE I 18 -43.81 18.12 2.45
CA PHE I 18 -42.79 19.16 2.31
C PHE I 18 -41.75 18.83 1.25
N PRO I 19 -41.10 17.66 1.25
CA PRO I 19 -40.20 17.34 0.12
C PRO I 19 -40.93 17.26 -1.20
N ALA I 20 -42.15 16.70 -1.21
CA ALA I 20 -42.89 16.55 -2.45
C ALA I 20 -43.12 17.90 -3.13
N ILE I 21 -43.35 18.95 -2.36
CA ILE I 21 -43.59 20.25 -2.98
C ILE I 21 -42.31 21.03 -3.21
N THR I 22 -41.32 20.93 -2.31
CA THR I 22 -40.11 21.70 -2.52
C THR I 22 -39.27 21.12 -3.66
N MET I 23 -39.29 19.81 -3.85
CA MET I 23 -38.58 19.22 -4.99
C MET I 23 -39.22 19.64 -6.30
N ALA I 24 -40.55 19.73 -6.34
CA ALA I 24 -41.23 20.19 -7.54
C ALA I 24 -40.89 21.65 -7.82
N SER I 25 -40.94 22.49 -6.80
CA SER I 25 -40.60 23.90 -6.99
C SER I 25 -39.17 24.07 -7.47
N LEU I 26 -38.23 23.35 -6.84
CA LEU I 26 -36.83 23.47 -7.23
C LEU I 26 -36.58 22.87 -8.61
N PHE I 27 -37.35 21.85 -9.00
CA PHE I 27 -37.20 21.31 -10.35
C PHE I 27 -37.74 22.27 -11.39
N ILE I 28 -38.81 22.99 -11.08
CA ILE I 28 -39.29 24.03 -11.99
C ILE I 28 -38.28 25.16 -12.09
N TYR I 29 -37.62 25.49 -10.97
CA TYR I 29 -36.63 26.57 -11.03
C TYR I 29 -35.35 26.14 -11.73
N ILE I 30 -34.98 24.85 -11.63
CA ILE I 30 -33.76 24.39 -12.28
C ILE I 30 -33.96 24.28 -13.79
N GLU I 31 -35.04 23.61 -14.20
CA GLU I 31 -35.29 23.36 -15.62
C GLU I 31 -36.16 24.47 -16.20
N GLN I 32 -35.57 25.65 -16.25
CA GLN I 32 -36.19 26.79 -16.90
C GLN I 32 -35.10 27.68 -17.46
N ASP I 33 -35.36 28.27 -18.62
CA ASP I 33 -34.36 29.06 -19.32
C ASP I 33 -34.59 30.56 -19.20
N GLU I 34 -35.70 30.98 -18.61
CA GLU I 34 -36.00 32.40 -18.38
C GLU I 34 -35.91 33.22 -19.66
N MET J 1 33.61 -15.70 -18.99
CA MET J 1 33.75 -15.62 -17.54
C MET J 1 33.61 -14.18 -17.06
N GLN J 2 33.99 -13.23 -17.90
CA GLN J 2 33.87 -11.83 -17.54
C GLN J 2 32.39 -11.41 -17.47
N ASP J 3 31.60 -11.85 -18.45
CA ASP J 3 30.18 -11.53 -18.44
C ASP J 3 29.46 -12.23 -17.28
N VAL J 4 29.97 -13.39 -16.84
CA VAL J 4 29.40 -14.03 -15.67
C VAL J 4 29.61 -13.17 -14.44
N LYS J 5 30.80 -12.60 -14.29
CA LYS J 5 31.06 -11.71 -13.17
C LYS J 5 30.22 -10.45 -13.27
N THR J 6 30.07 -9.90 -14.48
CA THR J 6 29.20 -8.75 -14.66
C THR J 6 27.77 -9.05 -14.25
N TYR J 7 27.24 -10.21 -14.65
CA TYR J 7 25.90 -10.60 -14.25
C TYR J 7 25.80 -10.77 -12.74
N LEU J 8 26.81 -11.39 -12.12
CA LEU J 8 26.82 -11.49 -10.66
C LEU J 8 26.97 -10.13 -10.00
N SER J 9 27.38 -9.11 -10.73
CA SER J 9 27.46 -7.75 -10.22
C SER J 9 26.16 -6.98 -10.37
N THR J 10 25.05 -7.67 -10.66
CA THR J 10 23.77 -6.99 -10.85
C THR J 10 23.16 -6.64 -9.49
N ALA J 11 22.11 -5.82 -9.54
CA ALA J 11 21.48 -5.36 -8.29
C ALA J 11 20.72 -6.48 -7.58
N PRO J 12 19.84 -7.24 -8.24
CA PRO J 12 19.10 -8.28 -7.49
C PRO J 12 19.99 -9.36 -6.92
N VAL J 13 21.03 -9.77 -7.65
CA VAL J 13 21.88 -10.86 -7.18
C VAL J 13 22.71 -10.42 -5.98
N LEU J 14 23.31 -9.24 -6.05
CA LEU J 14 24.04 -8.72 -4.90
C LEU J 14 23.11 -8.49 -3.72
N ALA J 15 21.89 -8.01 -4.00
CA ALA J 15 20.92 -7.80 -2.92
C ALA J 15 20.59 -9.10 -2.22
N THR J 16 20.30 -10.16 -2.97
CA THR J 16 19.90 -11.41 -2.33
C THR J 16 21.09 -12.07 -1.64
N LEU J 17 22.29 -11.96 -2.21
CA LEU J 17 23.46 -12.51 -1.53
C LEU J 17 23.71 -11.80 -0.21
N TRP J 18 23.66 -10.46 -0.22
CA TRP J 18 23.87 -9.68 0.99
C TRP J 18 22.81 -10.01 2.03
N PHE J 19 21.54 -10.00 1.64
CA PHE J 19 20.47 -10.24 2.60
C PHE J 19 20.49 -11.67 3.12
N GLY J 20 20.90 -12.64 2.30
CA GLY J 20 21.01 -14.01 2.78
C GLY J 20 22.15 -14.18 3.75
N PHE J 21 23.30 -13.56 3.47
CA PHE J 21 24.42 -13.60 4.42
C PHE J 21 24.03 -12.94 5.74
N LEU J 22 23.32 -11.81 5.66
CA LEU J 22 22.90 -11.13 6.89
C LEU J 22 21.87 -11.96 7.66
N ALA J 23 20.94 -12.59 6.95
CA ALA J 23 19.97 -13.45 7.61
C ALA J 23 20.66 -14.62 8.30
N GLY J 24 21.63 -15.25 7.62
CA GLY J 24 22.39 -16.32 8.26
C GLY J 24 23.12 -15.84 9.51
N LEU J 25 23.75 -14.66 9.42
CA LEU J 25 24.46 -14.12 10.57
C LEU J 25 23.51 -13.90 11.75
N LEU J 26 22.38 -13.21 11.51
CA LEU J 26 21.45 -12.93 12.58
C LEU J 26 20.85 -14.20 13.15
N ILE J 27 20.57 -15.18 12.29
CA ILE J 27 19.99 -16.44 12.74
C ILE J 27 20.97 -17.20 13.62
N GLU J 28 22.24 -17.23 13.24
CA GLU J 28 23.25 -17.87 14.07
C GLU J 28 23.39 -17.17 15.41
N ILE J 29 23.43 -15.84 15.39
CA ILE J 29 23.55 -15.08 16.63
C ILE J 29 22.37 -15.39 17.55
N ASN J 30 21.16 -15.44 17.01
CA ASN J 30 20.00 -15.71 17.84
C ASN J 30 19.95 -17.16 18.30
N ARG J 31 20.52 -18.08 17.52
CA ARG J 31 20.59 -19.46 17.98
C ARG J 31 21.63 -19.65 19.07
N PHE J 32 22.64 -18.78 19.12
CA PHE J 32 23.65 -18.86 20.16
C PHE J 32 23.44 -17.88 21.29
N PHE J 33 22.81 -16.74 21.02
CA PHE J 33 22.52 -15.72 22.04
C PHE J 33 21.03 -15.43 22.00
N PRO J 34 20.21 -16.31 22.56
CA PRO J 34 18.76 -16.15 22.46
C PRO J 34 18.16 -15.30 23.57
N ASP J 35 17.00 -14.71 23.25
CA ASP J 35 16.18 -13.99 24.22
C ASP J 35 16.92 -12.78 24.78
N ALA J 36 17.58 -12.04 23.90
CA ALA J 36 18.35 -10.85 24.30
C ALA J 36 17.43 -9.65 24.35
N LEU J 37 17.14 -9.18 25.56
CA LEU J 37 16.33 -7.97 25.76
C LEU J 37 17.14 -6.81 26.29
N VAL J 38 18.11 -7.06 27.16
CA VAL J 38 18.96 -6.03 27.74
C VAL J 38 20.41 -6.34 27.43
N LEU J 39 21.16 -5.33 27.01
CA LEU J 39 22.57 -5.51 26.73
C LEU J 39 23.33 -5.71 28.04
N PRO J 40 23.95 -6.87 28.25
CA PRO J 40 24.62 -7.12 29.54
C PRO J 40 25.92 -6.35 29.74
N LEU J 41 26.32 -5.51 28.79
CA LEU J 41 27.57 -4.77 28.90
C LEU J 41 27.50 -3.73 30.02
N TYR K 1 -14.78 -71.96 -31.92
CA TYR K 1 -15.32 -70.63 -31.62
C TYR K 1 -15.52 -69.84 -32.92
N ILE K 2 -14.83 -70.28 -33.98
CA ILE K 2 -14.94 -69.59 -35.26
C ILE K 2 -16.35 -69.69 -35.82
N GLY K 3 -17.09 -70.71 -35.42
CA GLY K 3 -18.45 -70.92 -35.90
C GLY K 3 -19.54 -70.30 -35.05
N SER K 4 -19.18 -69.51 -34.04
CA SER K 4 -20.17 -68.92 -33.15
C SER K 4 -20.69 -67.60 -33.72
N SER K 5 -21.85 -67.19 -33.21
CA SER K 5 -22.45 -65.93 -33.65
C SER K 5 -21.69 -64.73 -33.12
N THR K 6 -21.03 -64.87 -31.97
CA THR K 6 -20.28 -63.74 -31.40
C THR K 6 -19.14 -63.32 -32.31
N ASN K 7 -18.54 -64.26 -33.03
CA ASN K 7 -17.52 -63.93 -34.01
C ASN K 7 -18.10 -63.70 -35.40
N LEU K 8 -19.34 -64.13 -35.64
CA LEU K 8 -19.94 -64.00 -36.96
C LEU K 8 -20.29 -62.56 -37.30
N ILE K 9 -20.43 -61.69 -36.31
CA ILE K 9 -20.77 -60.29 -36.56
C ILE K 9 -19.52 -59.44 -36.76
N MET K 10 -18.45 -59.74 -36.04
CA MET K 10 -17.21 -58.98 -36.19
C MET K 10 -16.55 -59.22 -37.54
N VAL K 11 -16.80 -60.36 -38.17
CA VAL K 11 -16.29 -60.58 -39.52
C VAL K 11 -17.19 -59.91 -40.55
N ALA K 12 -18.51 -60.04 -40.39
CA ALA K 12 -19.44 -59.46 -41.36
C ALA K 12 -19.33 -57.94 -41.39
N SER K 13 -19.30 -57.32 -40.21
CA SER K 13 -19.20 -55.87 -40.15
C SER K 13 -17.88 -55.38 -40.75
N THR K 14 -16.80 -56.12 -40.51
CA THR K 14 -15.50 -55.68 -41.00
C THR K 14 -15.34 -55.90 -42.50
N THR K 15 -15.98 -56.92 -43.07
CA THR K 15 -15.96 -57.07 -44.52
C THR K 15 -16.86 -56.04 -45.20
N LEU K 16 -18.11 -55.91 -44.74
CA LEU K 16 -19.01 -54.93 -45.34
C LEU K 16 -18.45 -53.52 -45.23
N MET K 17 -17.84 -53.18 -44.10
CA MET K 17 -17.19 -51.88 -43.99
C MET K 17 -15.95 -51.79 -44.86
N LEU K 18 -15.33 -52.93 -45.15
CA LEU K 18 -14.19 -52.96 -46.07
C LEU K 18 -14.62 -52.89 -47.53
N PHE K 19 -15.92 -52.96 -47.82
CA PHE K 19 -16.39 -52.79 -49.19
C PHE K 19 -16.69 -51.34 -49.48
N ALA K 20 -15.78 -50.46 -49.06
CA ALA K 20 -15.85 -49.04 -49.41
C ALA K 20 -14.51 -48.45 -49.83
N GLY K 21 -13.38 -49.03 -49.41
CA GLY K 21 -12.09 -48.53 -49.82
C GLY K 21 -11.70 -48.90 -51.24
N ARG K 22 -12.42 -49.85 -51.84
CA ARG K 22 -12.16 -50.29 -53.20
C ARG K 22 -13.22 -49.81 -54.18
N PHE K 23 -14.49 -50.03 -53.86
CA PHE K 23 -15.60 -49.63 -54.73
C PHE K 23 -16.18 -48.32 -54.25
N GLY K 24 -16.72 -47.54 -55.19
CA GLY K 24 -17.26 -46.24 -54.84
C GLY K 24 -18.35 -46.33 -53.80
N LEU K 25 -17.99 -45.99 -52.57
CA LEU K 25 -18.84 -46.13 -51.39
C LEU K 25 -18.26 -45.21 -50.31
N ALA K 26 -18.57 -45.51 -49.05
CA ALA K 26 -18.20 -44.72 -47.88
C ALA K 26 -16.79 -44.14 -47.99
N PRO K 27 -16.58 -42.91 -47.51
CA PRO K 27 -15.37 -42.18 -47.87
C PRO K 27 -14.09 -42.88 -47.43
N SER K 28 -13.01 -42.58 -48.14
CA SER K 28 -11.70 -43.18 -47.87
C SER K 28 -10.64 -42.17 -48.27
N ALA K 29 -9.41 -42.64 -48.43
CA ALA K 29 -8.29 -41.75 -48.71
C ALA K 29 -8.48 -41.02 -50.05
N ASN K 30 -8.75 -41.76 -51.11
CA ASN K 30 -8.77 -41.18 -52.44
C ASN K 30 -10.11 -40.51 -52.79
N ARG K 31 -11.10 -40.56 -51.90
CA ARG K 31 -12.39 -39.94 -52.15
C ARG K 31 -12.83 -39.17 -50.91
N LYS K 32 -12.98 -37.86 -51.05
CA LYS K 32 -13.45 -37.01 -49.97
C LYS K 32 -14.95 -36.78 -50.11
N SER K 33 -15.58 -36.39 -49.00
CA SER K 33 -17.00 -36.11 -48.97
C SER K 33 -17.24 -34.61 -49.14
N THR K 34 -18.48 -34.19 -48.94
CA THR K 34 -18.88 -32.79 -49.10
C THR K 34 -20.01 -32.51 -48.11
N ALA K 35 -20.25 -31.23 -47.87
CA ALA K 35 -21.36 -30.83 -47.00
C ALA K 35 -22.69 -31.43 -47.48
N GLY K 36 -22.82 -31.67 -48.78
CA GLY K 36 -23.94 -32.37 -49.35
C GLY K 36 -23.74 -33.86 -49.51
N LEU K 37 -22.65 -34.41 -48.98
CA LEU K 37 -22.32 -35.83 -49.09
C LEU K 37 -22.21 -36.24 -50.57
N LYS K 38 -21.42 -35.48 -51.31
CA LYS K 38 -21.31 -35.71 -52.75
C LYS K 38 -20.33 -36.84 -53.08
N LEU K 39 -19.30 -37.04 -52.24
CA LEU K 39 -18.34 -38.14 -52.40
C LEU K 39 -17.56 -38.00 -53.71
N VAL K 40 -17.27 -36.77 -54.12
CA VAL K 40 -16.58 -36.51 -55.39
C VAL K 40 -15.41 -35.58 -55.07
N ASP K 41 -14.25 -36.17 -54.79
CA ASP K 41 -12.98 -35.44 -54.82
C ASP K 41 -11.99 -36.07 -55.78
N ARG K 42 -11.77 -37.39 -55.67
CA ARG K 42 -10.88 -38.14 -56.55
C ARG K 42 -9.52 -37.46 -56.68
N ASP K 43 -8.84 -37.32 -55.54
CA ASP K 43 -7.54 -36.67 -55.50
C ASP K 43 -6.85 -37.02 -54.19
N SER K 44 -5.59 -37.44 -54.29
CA SER K 44 -4.74 -37.75 -53.14
C SER K 44 -3.34 -38.05 -53.66
N GLY K 45 -2.41 -38.28 -52.74
CA GLY K 45 -1.11 -38.81 -53.10
C GLY K 45 -0.70 -39.95 -52.20
N LEU K 46 -0.57 -41.14 -52.78
CA LEU K 46 -0.24 -42.35 -52.03
C LEU K 46 0.03 -43.47 -53.04
N GLN K 47 1.06 -44.26 -52.78
CA GLN K 47 1.47 -45.31 -53.71
C GLN K 47 0.84 -46.64 -53.30
N THR K 48 0.02 -47.20 -54.18
CA THR K 48 -0.58 -48.52 -53.98
C THR K 48 -0.06 -49.47 -55.07
N GLY K 49 -0.57 -50.69 -55.08
CA GLY K 49 -0.10 -51.69 -56.01
C GLY K 49 -1.11 -52.05 -57.08
N ASP K 50 -2.39 -51.87 -56.77
CA ASP K 50 -3.49 -52.28 -57.64
C ASP K 50 -3.91 -51.13 -58.54
N PRO K 51 -4.88 -51.34 -59.47
CA PRO K 51 -5.33 -50.23 -60.33
C PRO K 51 -5.65 -48.94 -59.60
N ALA K 52 -6.57 -48.97 -58.64
CA ALA K 52 -7.01 -47.74 -58.01
C ALA K 52 -7.91 -48.06 -56.82
N GLY K 53 -8.07 -47.07 -55.95
CA GLY K 53 -8.99 -47.16 -54.84
C GLY K 53 -8.40 -47.53 -53.49
N PHE K 54 -7.90 -48.75 -53.34
CA PHE K 54 -7.50 -49.23 -52.02
C PHE K 54 -6.03 -48.94 -51.79
N THR K 55 -5.74 -48.27 -50.67
CA THR K 55 -4.38 -47.85 -50.32
C THR K 55 -3.97 -48.55 -49.01
N ALA K 56 -2.81 -48.13 -48.49
CA ALA K 56 -2.28 -48.74 -47.27
C ALA K 56 -2.83 -48.12 -46.00
N THR K 57 -3.44 -46.93 -46.08
CA THR K 57 -3.98 -46.25 -44.91
C THR K 57 -5.47 -46.45 -44.74
N ASP K 58 -6.24 -46.30 -45.83
CA ASP K 58 -7.69 -46.42 -45.75
C ASP K 58 -8.13 -47.82 -45.31
N THR K 59 -7.29 -48.84 -45.54
CA THR K 59 -7.63 -50.17 -45.05
C THR K 59 -7.68 -50.20 -43.53
N LEU K 60 -6.71 -49.56 -42.87
CA LEU K 60 -6.71 -49.50 -41.41
C LEU K 60 -7.92 -48.74 -40.89
N ALA K 61 -8.30 -47.64 -41.57
CA ALA K 61 -9.44 -46.85 -41.13
C ALA K 61 -10.74 -47.63 -41.30
N CYS K 62 -10.91 -48.26 -42.45
CA CYS K 62 -12.11 -49.07 -42.67
C CYS K 62 -12.19 -50.20 -41.66
N GLY K 63 -11.06 -50.84 -41.37
CA GLY K 63 -11.06 -51.90 -40.36
C GLY K 63 -11.42 -51.38 -38.98
N ALA K 64 -10.86 -50.23 -38.60
CA ALA K 64 -11.16 -49.67 -37.28
C ALA K 64 -12.64 -49.30 -37.16
N LEU K 65 -13.20 -48.69 -38.20
CA LEU K 65 -14.61 -48.32 -38.15
C LEU K 65 -15.50 -49.55 -38.12
N GLY K 66 -15.20 -50.55 -38.96
CA GLY K 66 -15.95 -51.79 -38.90
C GLY K 66 -15.85 -52.47 -37.56
N HIS K 67 -14.70 -52.33 -36.89
CA HIS K 67 -14.54 -52.93 -35.56
C HIS K 67 -15.35 -52.20 -34.52
N VAL K 68 -15.36 -50.86 -34.57
CA VAL K 68 -16.21 -50.10 -33.67
C VAL K 68 -17.67 -50.52 -33.84
N ILE K 69 -18.13 -50.60 -35.09
CA ILE K 69 -19.52 -50.96 -35.34
C ILE K 69 -19.80 -52.39 -34.90
N GLY K 70 -18.85 -53.31 -35.15
CA GLY K 70 -19.07 -54.70 -34.78
C GLY K 70 -19.11 -54.90 -33.28
N VAL K 71 -18.24 -54.20 -32.55
CA VAL K 71 -18.27 -54.27 -31.09
C VAL K 71 -19.58 -53.68 -30.58
N GLY K 72 -20.03 -52.58 -31.18
CA GLY K 72 -21.30 -52.00 -30.80
C GLY K 72 -22.47 -52.95 -31.01
N ILE K 73 -22.44 -53.70 -32.11
CA ILE K 73 -23.53 -54.63 -32.39
C ILE K 73 -23.46 -55.85 -31.49
N VAL K 74 -22.25 -56.33 -31.20
CA VAL K 74 -22.10 -57.51 -30.34
C VAL K 74 -22.51 -57.18 -28.92
N LEU K 75 -22.17 -55.99 -28.43
CA LEU K 75 -22.57 -55.57 -27.10
C LEU K 75 -24.00 -55.04 -27.05
N GLY K 76 -24.58 -54.73 -28.21
CA GLY K 76 -25.97 -54.32 -28.26
C GLY K 76 -26.96 -55.46 -28.32
N LEU K 77 -26.49 -56.67 -28.62
CA LEU K 77 -27.33 -57.86 -28.59
C LEU K 77 -27.31 -58.52 -27.22
N LYS K 78 -27.54 -57.72 -26.19
CA LYS K 78 -27.58 -58.13 -24.80
C LYS K 78 -28.80 -57.56 -24.10
N ALA K 79 -29.89 -57.41 -24.85
CA ALA K 79 -31.12 -56.85 -24.33
C ALA K 79 -32.28 -57.15 -25.27
N LYS L 1 -37.08 -13.54 -46.18
CA LYS L 1 -36.60 -14.56 -45.28
C LYS L 1 -35.10 -14.81 -45.46
N TYR L 2 -34.54 -14.25 -46.54
CA TYR L 2 -33.13 -14.44 -46.84
C TYR L 2 -32.24 -13.85 -45.76
N GLN L 3 -32.29 -12.54 -45.57
CA GLN L 3 -31.50 -11.83 -44.56
C GLN L 3 -32.43 -10.87 -43.84
N VAL L 4 -32.78 -11.20 -42.59
CA VAL L 4 -33.83 -10.49 -41.89
C VAL L 4 -33.35 -9.21 -41.22
N ILE L 5 -32.05 -8.98 -41.12
CA ILE L 5 -31.50 -7.81 -40.45
C ILE L 5 -31.21 -6.73 -41.49
N GLU L 6 -31.62 -5.51 -41.19
CA GLU L 6 -31.48 -4.38 -42.09
C GLU L 6 -31.21 -3.12 -41.28
N PRO L 7 -30.50 -2.15 -41.86
CA PRO L 7 -30.37 -0.84 -41.21
C PRO L 7 -31.68 -0.09 -41.22
N LEU L 8 -31.76 0.93 -40.36
CA LEU L 8 -32.99 1.71 -40.21
C LEU L 8 -33.31 2.42 -41.51
N ASN L 9 -34.51 2.17 -42.04
CA ASN L 9 -35.00 2.80 -43.27
C ASN L 9 -34.03 2.61 -44.43
N GLY L 10 -33.22 1.55 -44.38
CA GLY L 10 -32.21 1.34 -45.39
C GLY L 10 -31.06 2.32 -45.36
N ASP L 11 -30.89 3.05 -44.26
CA ASP L 11 -29.79 4.01 -44.12
C ASP L 11 -28.78 3.47 -43.13
N PRO L 12 -27.57 3.11 -43.56
CA PRO L 12 -26.61 2.49 -42.64
C PRO L 12 -26.04 3.44 -41.60
N PHE L 13 -26.18 4.75 -41.78
CA PHE L 13 -25.50 5.73 -40.93
C PHE L 13 -26.43 6.28 -39.85
N ILE L 14 -27.35 5.46 -39.34
CA ILE L 14 -28.16 5.79 -38.19
C ILE L 14 -27.93 4.72 -37.14
N GLY L 15 -28.14 5.08 -35.88
CA GLY L 15 -27.81 4.22 -34.76
C GLY L 15 -28.84 3.16 -34.41
N GLY L 16 -28.92 2.09 -35.20
CA GLY L 16 -29.84 1.01 -34.89
C GLY L 16 -29.88 -0.01 -36.01
N PHE L 17 -30.93 -0.84 -35.97
CA PHE L 17 -31.14 -1.87 -36.98
C PHE L 17 -32.64 -2.10 -37.13
N GLU L 18 -33.02 -2.67 -38.27
CA GLU L 18 -34.40 -3.14 -38.47
C GLU L 18 -34.50 -4.65 -38.23
N THR L 19 -34.23 -5.03 -36.99
CA THR L 19 -34.33 -6.43 -36.58
C THR L 19 -35.80 -6.86 -36.54
N PRO L 20 -36.05 -8.17 -36.50
CA PRO L 20 -37.44 -8.63 -36.36
C PRO L 20 -38.15 -8.11 -35.11
N VAL L 21 -37.40 -7.62 -34.12
CA VAL L 21 -38.02 -7.12 -32.91
C VAL L 21 -38.57 -5.71 -33.13
N THR L 22 -37.74 -4.81 -33.67
CA THR L 22 -38.20 -3.44 -33.91
C THR L 22 -39.12 -3.35 -35.12
N SER L 23 -38.64 -3.78 -36.29
CA SER L 23 -39.38 -3.67 -37.54
C SER L 23 -39.91 -5.04 -37.93
N SER L 24 -41.23 -5.15 -38.04
CA SER L 24 -41.93 -6.37 -38.41
C SER L 24 -43.40 -6.03 -38.63
N PRO L 25 -44.10 -6.72 -39.54
CA PRO L 25 -45.52 -6.37 -39.76
C PRO L 25 -46.36 -6.48 -38.50
N LEU L 26 -46.32 -7.61 -37.80
CA LEU L 26 -47.11 -7.77 -36.60
C LEU L 26 -46.69 -6.79 -35.52
N ILE L 27 -45.38 -6.60 -35.34
CA ILE L 27 -44.89 -5.70 -34.30
C ILE L 27 -45.22 -4.26 -34.63
N ALA L 28 -45.02 -3.85 -35.88
CA ALA L 28 -45.35 -2.48 -36.27
C ALA L 28 -46.85 -2.22 -36.13
N TRP L 29 -47.67 -3.22 -36.45
CA TRP L 29 -49.12 -3.04 -36.29
C TRP L 29 -49.50 -2.92 -34.82
N TYR L 30 -48.96 -3.80 -33.97
CA TYR L 30 -49.28 -3.74 -32.55
C TYR L 30 -48.80 -2.45 -31.91
N LEU L 31 -47.67 -1.92 -32.39
CA LEU L 31 -47.10 -0.73 -31.78
C LEU L 31 -47.75 0.55 -32.29
N SER L 32 -48.20 0.55 -33.56
CA SER L 32 -48.90 1.71 -34.09
C SER L 32 -50.29 1.85 -33.49
N ASN L 33 -50.94 0.73 -33.17
CA ASN L 33 -52.29 0.74 -32.64
C ASN L 33 -52.32 0.94 -31.13
N LEU L 34 -51.25 1.45 -30.54
CA LEU L 34 -51.28 1.77 -29.11
C LEU L 34 -51.66 3.24 -28.94
N PRO L 35 -52.41 3.56 -27.87
CA PRO L 35 -52.93 4.93 -27.73
C PRO L 35 -51.84 6.00 -27.71
N ALA L 36 -50.66 5.70 -27.17
CA ALA L 36 -49.60 6.69 -27.14
C ALA L 36 -48.99 6.95 -28.50
N TYR L 37 -49.22 6.06 -29.47
CA TYR L 37 -48.68 6.23 -30.81
C TYR L 37 -49.73 6.56 -31.85
N ARG L 38 -51.02 6.46 -31.51
CA ARG L 38 -52.07 6.98 -32.37
C ARG L 38 -51.97 8.50 -32.40
N THR L 39 -51.70 9.07 -33.57
CA THR L 39 -51.28 10.47 -33.63
C THR L 39 -52.47 11.43 -33.65
N ALA L 40 -53.45 11.18 -34.51
CA ALA L 40 -54.47 12.18 -34.77
C ALA L 40 -55.51 12.28 -33.66
N VAL L 41 -55.68 11.23 -32.86
CA VAL L 41 -56.67 11.25 -31.80
C VAL L 41 -56.29 12.29 -30.74
N ALA L 42 -57.30 12.93 -30.15
CA ALA L 42 -57.06 14.00 -29.20
C ALA L 42 -56.31 13.48 -27.98
N PRO L 43 -55.35 14.24 -27.44
CA PRO L 43 -54.55 13.75 -26.32
C PRO L 43 -55.37 13.35 -25.09
N LEU L 44 -56.51 14.00 -24.86
CA LEU L 44 -57.29 13.69 -23.67
C LEU L 44 -57.78 12.26 -23.68
N LEU L 45 -58.21 11.76 -24.83
CA LEU L 45 -58.74 10.40 -24.92
C LEU L 45 -57.65 9.37 -24.71
N ARG L 46 -56.47 9.60 -25.31
CA ARG L 46 -55.34 8.71 -25.09
C ARG L 46 -54.93 8.69 -23.63
N GLY L 47 -54.89 9.88 -22.99
CA GLY L 47 -54.58 9.93 -21.58
C GLY L 47 -55.59 9.16 -20.74
N VAL L 48 -56.88 9.30 -21.06
CA VAL L 48 -57.91 8.57 -20.33
C VAL L 48 -57.71 7.07 -20.45
N GLU L 49 -57.49 6.59 -21.68
CA GLU L 49 -57.29 5.16 -21.89
C GLU L 49 -56.07 4.65 -21.13
N ILE L 50 -54.95 5.36 -21.24
CA ILE L 50 -53.71 4.92 -20.61
C ILE L 50 -53.85 4.90 -19.10
N GLY L 51 -54.43 5.97 -18.53
CA GLY L 51 -54.65 6.01 -17.10
C GLY L 51 -55.57 4.90 -16.62
N LEU L 52 -56.63 4.62 -17.39
CA LEU L 52 -57.51 3.51 -17.07
C LEU L 52 -56.73 2.21 -16.97
N ALA L 53 -55.96 1.89 -18.01
CA ALA L 53 -55.19 0.65 -18.02
C ALA L 53 -54.25 0.58 -16.82
N HIS L 54 -53.52 1.66 -16.55
CA HIS L 54 -52.49 1.61 -15.53
C HIS L 54 -53.09 1.53 -14.13
N GLY L 55 -54.08 2.38 -13.84
CA GLY L 55 -54.75 2.30 -12.55
C GLY L 55 -55.44 0.97 -12.33
N TYR L 56 -55.94 0.35 -13.40
CA TYR L 56 -56.58 -0.95 -13.25
C TYR L 56 -55.55 -2.03 -12.95
N LEU L 57 -54.39 -1.97 -13.59
CA LEU L 57 -53.39 -3.01 -13.35
C LEU L 57 -52.69 -2.82 -12.00
N LEU L 58 -52.66 -1.57 -11.49
CA LEU L 58 -51.83 -1.30 -10.32
C LEU L 58 -52.40 -1.86 -9.02
N VAL L 59 -53.69 -2.19 -8.97
CA VAL L 59 -54.28 -2.63 -7.71
C VAL L 59 -53.71 -3.96 -7.24
N GLY L 60 -53.11 -4.73 -8.13
CA GLY L 60 -52.63 -6.05 -7.81
C GLY L 60 -51.49 -6.08 -6.82
N PRO L 61 -50.32 -5.57 -7.21
CA PRO L 61 -49.14 -5.63 -6.33
C PRO L 61 -49.28 -4.83 -5.04
N PHE L 62 -50.39 -4.10 -4.89
CA PHE L 62 -50.63 -3.33 -3.67
C PHE L 62 -51.51 -4.06 -2.67
N VAL L 63 -52.50 -4.82 -3.15
CA VAL L 63 -53.43 -5.51 -2.26
C VAL L 63 -52.88 -6.85 -1.80
N LEU L 64 -52.29 -7.62 -2.72
CA LEU L 64 -51.83 -8.96 -2.38
C LEU L 64 -50.63 -8.91 -1.42
N THR L 65 -49.73 -7.96 -1.62
CA THR L 65 -48.53 -7.84 -0.81
C THR L 65 -48.43 -6.41 -0.28
N GLY L 66 -49.05 -6.17 0.87
CA GLY L 66 -48.96 -4.90 1.52
C GLY L 66 -48.60 -5.07 2.99
N PRO L 67 -48.73 -4.01 3.77
CA PRO L 67 -48.53 -4.12 5.21
C PRO L 67 -49.79 -4.55 5.93
N LEU L 68 -50.94 -4.36 5.27
CA LEU L 68 -52.24 -4.78 5.77
C LEU L 68 -52.86 -5.83 4.87
N ARG L 69 -52.02 -6.72 4.33
CA ARG L 69 -52.50 -7.80 3.48
C ARG L 69 -53.15 -8.93 4.24
N ASN L 70 -53.29 -8.81 5.56
CA ASN L 70 -53.85 -9.85 6.41
C ASN L 70 -54.88 -9.26 7.37
N SER L 71 -55.77 -8.44 6.84
CA SER L 71 -56.78 -7.78 7.66
C SER L 71 -58.08 -7.67 6.87
N ALA L 72 -59.13 -7.23 7.55
CA ALA L 72 -60.42 -7.02 6.91
C ALA L 72 -60.41 -5.84 5.95
N VAL L 73 -59.38 -4.99 6.03
CA VAL L 73 -59.25 -3.82 5.19
C VAL L 73 -58.27 -4.15 4.07
N ARG L 74 -58.16 -5.44 3.77
CA ARG L 74 -57.19 -5.95 2.80
C ARG L 74 -57.21 -5.14 1.49
N GLY L 75 -58.36 -5.09 0.83
CA GLY L 75 -58.41 -4.44 -0.48
C GLY L 75 -58.45 -2.93 -0.42
N GLU L 76 -59.02 -2.36 0.65
CA GLU L 76 -59.18 -0.92 0.72
C GLU L 76 -57.83 -0.21 0.85
N ALA L 77 -56.94 -0.75 1.68
CA ALA L 77 -55.62 -0.15 1.82
C ALA L 77 -54.84 -0.19 0.52
N GLY L 78 -54.92 -1.32 -0.20
CA GLY L 78 -54.23 -1.41 -1.49
C GLY L 78 -54.81 -0.46 -2.52
N SER L 79 -56.14 -0.32 -2.55
CA SER L 79 -56.75 0.62 -3.48
C SER L 79 -56.35 2.05 -3.16
N LEU L 80 -56.29 2.39 -1.87
CA LEU L 80 -55.87 3.73 -1.49
C LEU L 80 -54.41 3.99 -1.86
N ALA L 81 -53.55 2.98 -1.69
CA ALA L 81 -52.16 3.12 -2.10
C ALA L 81 -52.05 3.30 -3.61
N ALA L 82 -52.86 2.58 -4.37
CA ALA L 82 -52.85 2.74 -5.82
C ALA L 82 -53.29 4.14 -6.22
N ALA L 83 -54.35 4.66 -5.59
CA ALA L 83 -54.78 6.02 -5.87
C ALA L 83 -53.69 7.03 -5.52
N GLY L 84 -52.99 6.80 -4.41
CA GLY L 84 -51.88 7.67 -4.07
C GLY L 84 -50.77 7.64 -5.10
N LEU L 85 -50.46 6.46 -5.61
CA LEU L 85 -49.43 6.35 -6.63
C LEU L 85 -49.85 7.06 -7.91
N VAL L 86 -51.12 6.95 -8.29
CA VAL L 86 -51.53 7.60 -9.54
C VAL L 86 -51.58 9.12 -9.38
N THR L 87 -51.95 9.65 -8.20
CA THR L 87 -51.91 11.10 -8.07
C THR L 87 -50.47 11.61 -8.00
N ILE L 88 -49.57 10.85 -7.38
CA ILE L 88 -48.15 11.22 -7.41
C ILE L 88 -47.64 11.25 -8.84
N LEU L 89 -47.98 10.23 -9.64
CA LEU L 89 -47.55 10.21 -11.03
C LEU L 89 -48.17 11.35 -11.82
N THR L 90 -49.40 11.73 -11.49
CA THR L 90 -50.00 12.91 -12.12
C THR L 90 -49.21 14.17 -11.80
N MET L 91 -48.76 14.31 -10.55
CA MET L 91 -47.95 15.47 -10.20
C MET L 91 -46.63 15.49 -10.96
N CYS L 92 -45.97 14.32 -11.05
CA CYS L 92 -44.73 14.24 -11.82
C CYS L 92 -44.96 14.60 -13.28
N LEU L 93 -46.03 14.08 -13.88
CA LEU L 93 -46.37 14.41 -15.26
C LEU L 93 -46.60 15.91 -15.42
N THR L 94 -47.27 16.53 -14.45
CA THR L 94 -47.53 17.97 -14.52
C THR L 94 -46.23 18.76 -14.50
N ILE L 95 -45.34 18.44 -13.56
CA ILE L 95 -44.10 19.21 -13.48
C ILE L 95 -43.23 18.94 -14.71
N TYR L 96 -43.28 17.74 -15.28
CA TYR L 96 -42.56 17.48 -16.52
C TYR L 96 -43.11 18.33 -17.65
N GLY L 97 -44.44 18.40 -17.76
CA GLY L 97 -45.04 19.24 -18.79
C GLY L 97 -44.66 20.70 -18.64
N ILE L 98 -44.60 21.19 -17.40
CA ILE L 98 -44.22 22.58 -17.19
C ILE L 98 -42.77 22.81 -17.58
N ALA L 99 -41.87 21.91 -17.16
CA ALA L 99 -40.45 22.13 -17.37
C ALA L 99 -40.02 21.91 -18.82
N SER L 100 -40.69 21.01 -19.54
CA SER L 100 -40.22 20.60 -20.85
C SER L 100 -40.94 21.27 -22.01
N PHE L 101 -42.09 21.90 -21.78
CA PHE L 101 -42.92 22.41 -22.86
C PHE L 101 -43.18 23.90 -22.67
N LYS L 102 -43.14 24.63 -23.77
CA LYS L 102 -43.45 26.06 -23.81
C LYS L 102 -44.81 26.26 -24.46
N GLU L 103 -45.40 27.44 -24.24
CA GLU L 103 -46.72 27.76 -24.74
C GLU L 103 -46.68 28.47 -26.09
N GLY L 104 -45.54 28.46 -26.78
CA GLY L 104 -45.45 29.06 -28.09
C GLY L 104 -44.86 28.14 -29.15
N GLU L 105 -44.17 27.10 -28.72
CA GLU L 105 -43.49 26.22 -29.66
C GLU L 105 -44.52 25.38 -30.42
N PRO L 106 -44.36 25.22 -31.75
CA PRO L 106 -45.35 24.49 -32.53
C PRO L 106 -45.47 23.01 -32.18
N SER L 107 -44.36 22.27 -32.30
CA SER L 107 -44.35 20.84 -31.99
C SER L 107 -42.91 20.34 -32.03
N LYS L 108 -42.56 19.50 -31.07
CA LYS L 108 -41.29 18.78 -31.09
C LYS L 108 -41.42 17.37 -31.66
N ALA L 109 -42.63 16.92 -31.96
CA ALA L 109 -42.85 15.56 -32.42
C ALA L 109 -42.30 15.38 -33.84
N PRO L 110 -41.99 14.15 -34.22
CA PRO L 110 -41.64 13.89 -35.63
C PRO L 110 -42.81 14.15 -36.55
N SER L 111 -42.50 14.49 -37.80
CA SER L 111 -43.51 14.83 -38.78
C SER L 111 -43.61 13.84 -39.93
N LEU L 112 -42.55 13.10 -40.22
CA LEU L 112 -42.53 12.19 -41.35
C LEU L 112 -42.94 10.78 -40.93
N THR L 113 -43.35 9.99 -41.92
CA THR L 113 -43.62 8.58 -41.72
C THR L 113 -42.34 7.78 -41.99
N LEU L 114 -42.45 6.46 -42.08
CA LEU L 114 -41.29 5.63 -42.36
C LEU L 114 -40.75 5.85 -43.77
N THR L 115 -41.54 6.47 -44.66
CA THR L 115 -41.14 6.68 -46.04
C THR L 115 -41.06 8.16 -46.41
N GLY L 116 -40.90 9.03 -45.41
CA GLY L 116 -40.71 10.45 -45.69
C GLY L 116 -41.95 11.19 -46.13
N ARG L 117 -43.14 10.67 -45.82
CA ARG L 117 -44.37 11.39 -46.13
C ARG L 117 -44.52 12.59 -45.19
N GLN L 118 -44.79 13.75 -45.76
CA GLN L 118 -44.92 14.99 -44.99
C GLN L 118 -46.27 14.97 -44.27
N LYS L 119 -46.30 14.26 -43.15
CA LYS L 119 -47.47 14.22 -42.28
C LYS L 119 -47.37 15.35 -41.27
N ASP L 120 -48.24 15.33 -40.26
CA ASP L 120 -48.27 16.37 -39.23
C ASP L 120 -47.79 15.81 -37.91
N ALA L 121 -47.05 16.62 -37.17
CA ALA L 121 -46.49 16.21 -35.90
C ALA L 121 -47.59 15.96 -34.87
N ASP L 122 -47.25 15.17 -33.85
CA ASP L 122 -48.21 14.81 -32.82
C ASP L 122 -48.48 16.01 -31.91
N LYS L 123 -49.76 16.30 -31.68
CA LYS L 123 -50.15 17.39 -30.81
C LYS L 123 -49.84 17.11 -29.34
N LEU L 124 -49.39 15.90 -29.01
CA LEU L 124 -49.09 15.58 -27.62
C LEU L 124 -47.84 16.33 -27.13
N GLN L 125 -46.94 16.67 -28.04
CA GLN L 125 -45.71 17.37 -27.68
C GLN L 125 -45.90 18.87 -27.59
N THR L 126 -47.14 19.34 -27.41
CA THR L 126 -47.42 20.72 -27.07
C THR L 126 -47.70 20.83 -25.57
N ALA L 127 -47.63 22.06 -25.07
CA ALA L 127 -47.88 22.29 -23.64
C ALA L 127 -49.31 21.94 -23.29
N GLU L 128 -50.27 22.51 -24.01
CA GLU L 128 -51.68 22.20 -23.75
C GLU L 128 -52.00 20.75 -24.05
N GLY L 129 -51.32 20.16 -25.05
CA GLY L 129 -51.51 18.74 -25.31
C GLY L 129 -51.11 17.89 -24.12
N TRP L 130 -49.95 18.19 -23.54
CA TRP L 130 -49.50 17.45 -22.37
C TRP L 130 -50.38 17.73 -21.16
N ALA L 131 -50.92 18.95 -21.05
CA ALA L 131 -51.84 19.23 -19.95
C ALA L 131 -53.11 18.39 -20.07
N SER L 132 -53.68 18.31 -21.27
CA SER L 132 -54.84 17.46 -21.49
C SER L 132 -54.50 16.00 -21.24
N PHE L 133 -53.32 15.55 -21.69
CA PHE L 133 -52.88 14.19 -21.42
C PHE L 133 -52.82 13.92 -19.93
N THR L 134 -52.29 14.85 -19.15
CA THR L 134 -52.16 14.67 -17.71
C THR L 134 -53.52 14.62 -17.04
N GLY L 135 -54.44 15.51 -17.42
CA GLY L 135 -55.78 15.47 -16.85
C GLY L 135 -56.49 14.17 -17.16
N GLY L 136 -56.46 13.75 -18.43
CA GLY L 136 -57.08 12.50 -18.80
C GLY L 136 -56.46 11.31 -18.10
N TRP L 137 -55.15 11.35 -17.88
CA TRP L 137 -54.48 10.25 -17.20
C TRP L 137 -54.88 10.20 -15.73
N PHE L 138 -54.96 11.36 -15.07
CA PHE L 138 -55.45 11.42 -13.70
C PHE L 138 -56.83 10.79 -13.59
N PHE L 139 -57.76 11.23 -14.45
CA PHE L 139 -59.12 10.71 -14.40
C PHE L 139 -59.16 9.21 -14.67
N GLY L 140 -58.44 8.77 -15.71
CA GLY L 140 -58.44 7.36 -16.05
C GLY L 140 -57.85 6.50 -14.95
N GLY L 141 -56.78 6.97 -14.31
CA GLY L 141 -56.18 6.21 -13.23
C GLY L 141 -57.11 6.07 -12.04
N LEU L 142 -57.75 7.18 -11.64
CA LEU L 142 -58.68 7.10 -10.53
C LEU L 142 -59.84 6.15 -10.85
N SER L 143 -60.42 6.30 -12.05
CA SER L 143 -61.55 5.45 -12.42
C SER L 143 -61.13 3.98 -12.51
N GLY L 144 -59.92 3.72 -12.99
CA GLY L 144 -59.47 2.34 -13.11
C GLY L 144 -59.22 1.70 -11.77
N VAL L 145 -58.61 2.44 -10.84
CA VAL L 145 -58.44 1.92 -9.48
C VAL L 145 -59.79 1.63 -8.85
N ALA L 146 -60.73 2.56 -9.00
CA ALA L 146 -62.06 2.36 -8.42
C ALA L 146 -62.74 1.14 -9.02
N TRP L 147 -62.64 0.97 -10.34
CA TRP L 147 -63.30 -0.16 -10.99
C TRP L 147 -62.66 -1.48 -10.59
N ALA L 148 -61.33 -1.50 -10.48
CA ALA L 148 -60.64 -2.71 -10.02
C ALA L 148 -61.11 -3.09 -8.62
N TYR L 149 -61.17 -2.11 -7.71
CA TYR L 149 -61.63 -2.39 -6.36
C TYR L 149 -63.08 -2.88 -6.36
N ILE L 150 -63.92 -2.27 -7.19
CA ILE L 150 -65.31 -2.69 -7.28
C ILE L 150 -65.40 -4.14 -7.72
N LEU L 151 -64.69 -4.50 -8.78
CA LEU L 151 -64.75 -5.87 -9.29
C LEU L 151 -64.16 -6.87 -8.29
N LEU L 152 -63.14 -6.47 -7.53
CA LEU L 152 -62.48 -7.42 -6.65
C LEU L 152 -63.22 -7.59 -5.33
N TYR L 153 -63.32 -6.52 -4.55
CA TYR L 153 -63.76 -6.63 -3.16
C TYR L 153 -65.18 -6.11 -2.95
N VAL L 154 -66.00 -6.14 -4.00
CA VAL L 154 -67.43 -5.94 -3.87
C VAL L 154 -68.25 -7.05 -4.49
N LEU L 155 -67.73 -7.78 -5.48
CA LEU L 155 -68.52 -8.76 -6.22
C LEU L 155 -67.89 -10.14 -6.21
N ASN L 156 -68.42 -11.04 -7.03
CA ASN L 156 -68.06 -12.45 -7.07
C ASN L 156 -66.91 -12.67 -8.06
N LEU L 157 -66.70 -13.92 -8.46
CA LEU L 157 -65.67 -14.36 -9.41
C LEU L 157 -64.27 -14.17 -8.85
N PRO L 158 -63.91 -14.92 -7.81
CA PRO L 158 -62.53 -14.84 -7.30
C PRO L 158 -61.55 -15.40 -8.32
N TYR L 159 -60.27 -15.20 -8.03
CA TYR L 159 -59.21 -15.63 -8.93
C TYR L 159 -58.21 -16.52 -8.21
N SER M 1 -43.58 23.26 27.96
CA SER M 1 -44.85 23.48 27.27
C SER M 1 -45.89 22.47 27.71
N ILE M 2 -46.01 22.29 29.03
CA ILE M 2 -46.99 21.36 29.58
C ILE M 2 -48.42 21.83 29.34
N SER M 3 -48.62 23.07 28.92
CA SER M 3 -49.96 23.59 28.66
C SER M 3 -50.33 23.39 27.19
N ASP M 4 -51.48 23.92 26.81
CA ASP M 4 -52.02 23.73 25.46
C ASP M 4 -51.86 24.97 24.59
N SER M 5 -52.20 26.15 25.12
CA SER M 5 -52.04 27.37 24.36
C SER M 5 -50.59 27.66 24.03
N GLN M 6 -49.67 27.25 24.92
CA GLN M 6 -48.26 27.53 24.72
C GLN M 6 -47.73 26.91 23.43
N ILE M 7 -48.27 25.76 23.03
CA ILE M 7 -47.88 25.16 21.77
C ILE M 7 -48.31 26.03 20.60
N ILE M 8 -49.51 26.61 20.69
CA ILE M 8 -49.98 27.51 19.63
C ILE M 8 -49.13 28.77 19.58
N VAL M 9 -48.72 29.27 20.75
CA VAL M 9 -47.83 30.44 20.79
C VAL M 9 -46.51 30.11 20.11
N ALA M 10 -45.94 28.95 20.43
CA ALA M 10 -44.70 28.53 19.78
C ALA M 10 -44.88 28.41 18.28
N LEU M 11 -46.01 27.87 17.83
CA LEU M 11 -46.26 27.70 16.40
C LEU M 11 -46.33 29.04 15.68
N VAL M 12 -47.10 29.97 16.22
CA VAL M 12 -47.24 31.27 15.55
C VAL M 12 -45.93 32.04 15.57
N SER M 13 -45.16 31.92 16.66
CA SER M 13 -43.87 32.58 16.71
C SER M 13 -42.91 31.98 15.69
N ALA M 14 -42.93 30.65 15.54
CA ALA M 14 -42.11 30.01 14.53
C ALA M 14 -42.52 30.47 13.13
N PHE M 15 -43.82 30.69 12.92
CA PHE M 15 -44.29 31.18 11.62
C PHE M 15 -43.78 32.59 11.35
N ILE M 16 -43.84 33.48 12.34
CA ILE M 16 -43.30 34.82 12.18
C ILE M 16 -41.81 34.76 11.85
N THR M 17 -41.07 33.94 12.59
CA THR M 17 -39.64 33.80 12.32
C THR M 17 -39.40 33.26 10.92
N GLY M 18 -40.28 32.36 10.44
CA GLY M 18 -40.16 31.86 9.09
C GLY M 18 -40.36 32.93 8.05
N ILE M 19 -41.35 33.80 8.25
CA ILE M 19 -41.56 34.90 7.31
C ILE M 19 -40.34 35.83 7.31
N LEU M 20 -39.76 36.07 8.48
CA LEU M 20 -38.57 36.90 8.55
C LEU M 20 -37.41 36.28 7.78
N ALA M 21 -37.20 34.97 7.98
CA ALA M 21 -36.15 34.27 7.23
C ALA M 21 -36.42 34.30 5.74
N LEU M 22 -37.70 34.23 5.34
CA LEU M 22 -38.05 34.32 3.93
C LEU M 22 -37.64 35.67 3.34
N ARG M 23 -38.00 36.75 4.03
CA ARG M 23 -37.60 38.07 3.56
C ARG M 23 -36.09 38.21 3.47
N LEU M 24 -35.38 37.69 4.48
CA LEU M 24 -33.92 37.78 4.46
C LEU M 24 -33.35 37.00 3.27
N GLY M 25 -33.86 35.80 3.02
CA GLY M 25 -33.38 35.03 1.88
C GLY M 25 -33.65 35.73 0.56
N LYS M 26 -34.85 36.30 0.41
CA LYS M 26 -35.14 37.08 -0.79
C LYS M 26 -34.16 38.23 -0.95
N SER M 27 -33.81 38.90 0.15
CA SER M 27 -32.86 40.00 0.07
C SER M 27 -31.46 39.51 -0.29
N LEU M 28 -31.11 38.29 0.13
CA LEU M 28 -29.79 37.72 -0.16
C LEU M 28 -29.65 37.20 -1.58
N TYR M 29 -30.70 37.27 -2.39
CA TYR M 29 -30.68 36.65 -3.71
C TYR M 29 -31.07 37.63 -4.80
N ASN N 5 52.92 -27.43 -31.08
CA ASN N 5 51.50 -27.43 -31.39
C ASN N 5 50.89 -28.81 -31.19
N ASP N 6 51.72 -29.85 -31.32
CA ASP N 6 51.31 -31.22 -31.11
C ASP N 6 51.36 -31.53 -29.62
N ARG N 7 50.22 -31.94 -29.05
CA ARG N 7 50.15 -32.30 -27.64
C ARG N 7 48.89 -33.11 -27.42
N PRO N 8 48.90 -34.04 -26.47
CA PRO N 8 47.70 -34.85 -26.21
C PRO N 8 46.71 -34.11 -25.34
N LEU N 9 45.44 -34.45 -25.53
CA LEU N 9 44.33 -33.78 -24.86
C LEU N 9 43.60 -34.75 -23.96
N TRP N 10 42.77 -34.18 -23.08
CA TRP N 10 41.90 -34.96 -22.18
C TRP N 10 40.77 -35.65 -22.92
N PHE N 11 40.64 -35.44 -24.21
CA PHE N 11 39.49 -35.93 -24.96
C PHE N 11 39.87 -36.01 -26.42
N PRO N 12 40.39 -37.15 -26.89
CA PRO N 12 40.95 -37.22 -28.24
C PRO N 12 39.94 -36.79 -29.30
N GLY N 13 40.44 -36.11 -30.32
CA GLY N 13 39.62 -35.56 -31.37
C GLY N 13 39.08 -34.18 -31.09
N SER N 14 39.05 -33.75 -29.84
CA SER N 14 38.56 -32.43 -29.49
C SER N 14 39.57 -31.36 -29.87
N LYS N 15 39.18 -30.10 -29.68
CA LYS N 15 40.03 -28.95 -29.92
C LYS N 15 40.28 -28.22 -28.62
N ALA N 16 41.55 -27.95 -28.32
CA ALA N 16 41.88 -27.23 -27.10
C ALA N 16 41.26 -25.83 -27.14
N PRO N 17 40.72 -25.34 -26.02
CA PRO N 17 40.13 -24.00 -26.02
C PRO N 17 41.19 -22.94 -26.29
N GLU N 18 40.71 -21.74 -26.64
CA GLU N 18 41.62 -20.67 -27.04
C GLU N 18 42.49 -20.21 -25.87
N TRP N 19 41.93 -20.16 -24.67
CA TRP N 19 42.67 -19.67 -23.52
C TRP N 19 43.68 -20.68 -22.98
N LEU N 20 43.69 -21.90 -23.51
CA LEU N 20 44.66 -22.91 -23.13
C LEU N 20 45.56 -23.21 -24.32
N ASP N 21 46.87 -23.29 -24.06
CA ASP N 21 47.83 -23.48 -25.14
C ASP N 21 48.93 -24.47 -24.80
N GLY N 22 48.88 -25.14 -23.65
CA GLY N 22 49.94 -26.03 -23.26
C GLY N 22 51.24 -25.37 -22.88
N SER N 23 51.24 -24.05 -22.71
CA SER N 23 52.46 -23.36 -22.28
C SER N 23 52.77 -23.66 -20.82
N LEU N 24 51.76 -23.59 -19.96
CA LEU N 24 51.84 -23.89 -18.54
C LEU N 24 51.73 -25.39 -18.30
N PRO N 25 52.48 -25.92 -17.36
CA PRO N 25 52.51 -27.38 -17.15
C PRO N 25 51.15 -27.93 -16.77
N GLY N 26 51.02 -29.25 -16.89
CA GLY N 26 49.78 -29.93 -16.59
C GLY N 26 48.61 -29.57 -17.47
N ASP N 27 48.86 -28.92 -18.60
CA ASP N 27 47.77 -28.49 -19.48
C ASP N 27 47.37 -29.66 -20.38
N PHE N 28 46.08 -30.02 -20.34
CA PHE N 28 45.54 -31.04 -21.23
C PHE N 28 44.31 -30.53 -21.97
N GLY N 29 44.10 -29.22 -21.97
CA GLY N 29 42.93 -28.66 -22.63
C GLY N 29 41.62 -28.91 -21.94
N PHE N 30 41.64 -29.40 -20.69
CA PHE N 30 40.41 -29.71 -19.97
C PHE N 30 39.90 -28.44 -19.30
N ASP N 31 38.89 -27.82 -19.90
CA ASP N 31 38.19 -26.70 -19.30
C ASP N 31 36.82 -26.58 -19.95
N PRO N 32 35.89 -27.50 -19.66
CA PRO N 32 34.58 -27.44 -20.33
C PRO N 32 33.79 -26.19 -19.96
N LEU N 33 33.69 -25.88 -18.67
CA LEU N 33 32.87 -24.76 -18.22
C LEU N 33 33.50 -23.40 -18.50
N GLY N 34 34.69 -23.35 -19.08
CA GLY N 34 35.32 -22.08 -19.37
C GLY N 34 35.69 -21.28 -18.13
N LEU N 35 35.99 -21.97 -17.03
CA LEU N 35 36.31 -21.30 -15.77
C LEU N 35 37.61 -20.51 -15.82
N GLY N 36 38.45 -20.72 -16.84
CA GLY N 36 39.69 -19.99 -16.96
C GLY N 36 39.78 -19.16 -18.21
N SER N 37 38.69 -18.46 -18.54
CA SER N 37 38.63 -17.73 -19.80
C SER N 37 39.64 -16.58 -19.83
N ASP N 38 39.53 -15.64 -18.87
CA ASP N 38 40.43 -14.49 -18.96
C ASP N 38 41.71 -14.76 -18.17
N PRO N 39 42.84 -14.22 -18.65
CA PRO N 39 44.12 -14.49 -17.98
C PRO N 39 44.19 -13.95 -16.57
N GLU N 40 43.48 -12.86 -16.27
CA GLU N 40 43.47 -12.31 -14.93
C GLU N 40 43.04 -13.35 -13.90
N LEU N 41 42.11 -14.23 -14.28
CA LEU N 41 41.68 -15.30 -13.40
C LEU N 41 42.51 -16.57 -13.56
N LEU N 42 43.11 -16.77 -14.73
CA LEU N 42 43.96 -17.95 -14.92
C LEU N 42 45.21 -17.88 -14.07
N LYS N 43 45.85 -16.71 -14.02
CA LYS N 43 47.06 -16.56 -13.21
C LYS N 43 46.79 -16.73 -11.73
N TRP N 44 45.54 -16.61 -11.30
CA TRP N 44 45.15 -16.88 -9.93
C TRP N 44 44.78 -18.34 -9.71
N PHE N 45 44.04 -18.92 -10.65
CA PHE N 45 43.60 -20.30 -10.51
C PHE N 45 44.76 -21.28 -10.60
N VAL N 46 45.82 -20.93 -11.34
CA VAL N 46 46.96 -21.82 -11.39
C VAL N 46 47.64 -21.91 -10.03
N GLN N 47 47.78 -20.77 -9.35
CA GLN N 47 48.36 -20.78 -8.01
C GLN N 47 47.43 -21.50 -7.03
N ALA N 48 46.13 -21.29 -7.17
CA ALA N 48 45.16 -22.02 -6.35
C ALA N 48 45.37 -23.52 -6.49
N GLU N 49 45.38 -24.02 -7.73
CA GLU N 49 45.55 -25.45 -7.96
C GLU N 49 46.91 -25.94 -7.50
N LEU N 50 47.95 -25.11 -7.60
CA LEU N 50 49.28 -25.54 -7.17
C LEU N 50 49.34 -25.73 -5.67
N VAL N 51 48.94 -24.70 -4.92
CA VAL N 51 48.88 -24.82 -3.46
C VAL N 51 47.97 -25.98 -3.06
N HIS N 52 46.90 -26.18 -3.82
CA HIS N 52 45.96 -27.25 -3.52
C HIS N 52 46.60 -28.62 -3.67
N CYS N 53 47.28 -28.86 -4.80
CA CYS N 53 47.87 -30.17 -5.01
C CYS N 53 49.01 -30.42 -4.05
N ARG N 54 49.75 -29.39 -3.65
CA ARG N 54 50.81 -29.58 -2.66
C ARG N 54 50.23 -29.95 -1.30
N TRP N 55 49.21 -29.20 -0.85
CA TRP N 55 48.57 -29.55 0.41
C TRP N 55 47.95 -30.94 0.37
N ALA N 56 47.42 -31.33 -0.79
CA ALA N 56 46.81 -32.65 -0.91
C ALA N 56 47.85 -33.75 -0.89
N MET N 57 49.01 -33.51 -1.50
CA MET N 57 50.13 -34.44 -1.37
C MET N 57 50.48 -34.64 0.09
N LEU N 58 50.63 -33.54 0.83
CA LEU N 58 50.97 -33.64 2.24
C LEU N 58 49.90 -34.41 3.01
N GLY N 59 48.62 -34.11 2.76
CA GLY N 59 47.56 -34.76 3.48
C GLY N 59 47.42 -36.24 3.16
N ALA N 60 47.58 -36.60 1.89
CA ALA N 60 47.51 -38.01 1.51
C ALA N 60 48.67 -38.79 2.11
N ALA N 61 49.87 -38.22 2.09
CA ALA N 61 51.00 -38.89 2.72
C ALA N 61 50.81 -39.01 4.22
N GLY N 62 50.12 -38.05 4.84
CA GLY N 62 49.85 -38.14 6.26
C GLY N 62 48.73 -39.09 6.63
N ILE N 63 47.82 -39.35 5.71
CA ILE N 63 46.68 -40.23 6.01
C ILE N 63 47.00 -41.68 5.68
N PHE N 64 47.57 -41.95 4.51
CA PHE N 64 47.61 -43.34 4.03
C PHE N 64 48.79 -44.12 4.62
N ILE N 65 49.94 -43.48 4.77
CA ILE N 65 51.14 -44.19 5.22
C ILE N 65 51.03 -44.58 6.69
N PRO N 66 50.65 -43.68 7.60
CA PRO N 66 50.48 -44.11 9.00
C PRO N 66 49.40 -45.16 9.18
N GLU N 67 48.34 -45.15 8.36
CA GLU N 67 47.32 -46.19 8.45
C GLU N 67 47.92 -47.55 8.12
N ALA N 68 48.70 -47.62 7.03
CA ALA N 68 49.35 -48.87 6.67
C ALA N 68 50.33 -49.32 7.76
N LEU N 69 51.11 -48.38 8.30
CA LEU N 69 52.06 -48.74 9.33
C LEU N 69 51.37 -49.19 10.62
N THR N 70 50.16 -48.70 10.86
CA THR N 70 49.38 -49.20 12.00
C THR N 70 48.86 -50.60 11.73
N LYS N 71 48.35 -50.83 10.51
CA LYS N 71 47.89 -52.16 10.15
C LYS N 71 49.04 -53.13 9.93
N ALA N 72 50.23 -52.65 9.61
CA ALA N 72 51.40 -53.50 9.44
C ALA N 72 52.01 -53.92 10.78
N GLY N 73 51.32 -53.67 11.89
CA GLY N 73 51.85 -54.05 13.19
C GLY N 73 53.10 -53.32 13.60
N ILE N 74 53.35 -52.12 13.07
CA ILE N 74 54.54 -51.34 13.39
C ILE N 74 54.19 -50.12 14.25
N LEU N 75 53.35 -49.23 13.74
CA LEU N 75 52.96 -48.05 14.48
C LEU N 75 51.66 -48.31 15.24
N ASN N 76 51.24 -47.32 16.04
CA ASN N 76 50.00 -47.45 16.79
C ASN N 76 49.20 -46.16 16.79
N THR N 77 49.46 -45.25 15.87
CA THR N 77 48.70 -44.02 15.78
C THR N 77 47.23 -44.32 15.47
N PRO N 78 46.30 -43.54 16.01
CA PRO N 78 44.89 -43.81 15.78
C PRO N 78 44.48 -43.58 14.32
N SER N 79 43.21 -43.81 14.02
CA SER N 79 42.72 -43.60 12.66
C SER N 79 42.76 -42.13 12.29
N TRP N 80 42.85 -41.87 10.99
CA TRP N 80 42.93 -40.48 10.52
C TRP N 80 41.64 -39.72 10.80
N ASN N 81 40.51 -40.42 10.92
CA ASN N 81 39.25 -39.73 11.16
C ASN N 81 39.25 -39.03 12.51
N VAL N 82 39.67 -39.75 13.57
CA VAL N 82 39.49 -39.27 14.93
C VAL N 82 40.80 -38.77 15.52
N ALA N 83 41.70 -38.30 14.66
CA ALA N 83 42.95 -37.72 15.15
C ALA N 83 42.73 -36.42 15.91
N GLY N 84 41.53 -35.85 15.86
CA GLY N 84 41.23 -34.66 16.63
C GLY N 84 40.91 -34.96 18.07
N ASP N 85 40.19 -36.07 18.31
CA ASP N 85 39.82 -36.48 19.66
C ASP N 85 40.95 -37.31 20.26
N GLN N 86 42.04 -36.62 20.56
CA GLN N 86 43.20 -37.24 21.20
C GLN N 86 43.65 -36.39 22.38
N GLN N 87 44.79 -36.72 22.95
CA GLN N 87 45.32 -36.03 24.13
C GLN N 87 46.60 -35.29 23.75
N TYR N 88 46.49 -33.98 23.57
CA TYR N 88 47.64 -33.11 23.35
C TYR N 88 47.74 -32.12 24.49
N PHE N 89 48.92 -31.50 24.61
CA PHE N 89 49.19 -30.61 25.73
C PHE N 89 48.29 -29.37 25.76
N ALA N 90 47.58 -29.08 24.68
CA ALA N 90 46.70 -27.91 24.65
C ALA N 90 45.43 -28.27 23.90
N ASP N 91 44.37 -27.50 24.19
CA ASP N 91 43.09 -27.68 23.54
C ASP N 91 43.21 -27.49 22.03
N PRO N 92 42.30 -28.07 21.26
CA PRO N 92 42.34 -27.86 19.80
C PRO N 92 42.16 -26.40 19.40
N THR N 93 41.42 -25.62 20.20
CA THR N 93 41.24 -24.21 19.88
C THR N 93 42.53 -23.43 20.01
N THR N 94 43.33 -23.73 21.04
CA THR N 94 44.61 -23.05 21.21
C THR N 94 45.57 -23.41 20.08
N LEU N 95 45.64 -24.69 19.71
CA LEU N 95 46.50 -25.10 18.61
C LEU N 95 46.03 -24.47 17.31
N PHE N 96 44.72 -24.32 17.12
CA PHE N 96 44.21 -23.68 15.91
C PHE N 96 44.56 -22.19 15.88
N VAL N 97 44.49 -21.53 17.05
CA VAL N 97 44.87 -20.12 17.10
C VAL N 97 46.36 -19.96 16.79
N ILE N 98 47.20 -20.83 17.35
CA ILE N 98 48.62 -20.76 17.06
C ILE N 98 48.88 -21.03 15.58
N GLU N 99 48.15 -21.99 15.00
CA GLU N 99 48.27 -22.28 13.57
C GLU N 99 47.93 -21.06 12.74
N LEU N 100 46.83 -20.39 13.07
CA LEU N 100 46.43 -19.21 12.31
C LEU N 100 47.44 -18.08 12.47
N ILE N 101 47.96 -17.89 13.68
CA ILE N 101 48.97 -16.86 13.91
C ILE N 101 50.20 -17.12 13.05
N LEU N 102 50.69 -18.37 13.05
CA LEU N 102 51.89 -18.68 12.28
C LEU N 102 51.62 -18.62 10.79
N PHE N 103 50.40 -18.95 10.37
CA PHE N 103 50.11 -19.03 8.93
C PHE N 103 49.81 -17.67 8.33
N ALA N 104 49.35 -16.71 9.15
CA ALA N 104 49.08 -15.37 8.63
C ALA N 104 50.32 -14.79 7.95
N TRP N 105 51.48 -14.94 8.59
CA TRP N 105 52.71 -14.39 8.05
C TRP N 105 53.06 -15.01 6.69
N ALA N 106 53.16 -16.34 6.66
CA ALA N 106 53.54 -17.04 5.44
C ALA N 106 52.56 -16.76 4.31
N GLU N 107 51.26 -16.94 4.59
CA GLU N 107 50.27 -16.76 3.53
C GLU N 107 50.16 -15.31 3.11
N GLY N 108 50.44 -14.35 3.99
CA GLY N 108 50.44 -12.97 3.58
C GLY N 108 51.61 -12.65 2.67
N ARG N 109 52.79 -13.18 2.99
CA ARG N 109 53.94 -12.96 2.10
C ARG N 109 53.71 -13.62 0.75
N ARG N 110 53.10 -14.80 0.74
CA ARG N 110 52.76 -15.45 -0.53
C ARG N 110 51.72 -14.63 -1.30
N TRP N 111 50.73 -14.06 -0.60
CA TRP N 111 49.74 -13.21 -1.22
C TRP N 111 50.39 -12.00 -1.87
N ALA N 112 51.32 -11.37 -1.15
CA ALA N 112 52.02 -10.22 -1.70
C ALA N 112 52.86 -10.60 -2.91
N ASP N 113 53.43 -11.80 -2.90
CA ASP N 113 54.15 -12.29 -4.08
C ASP N 113 53.20 -12.48 -5.26
N ILE N 114 52.01 -13.03 -5.01
CA ILE N 114 51.05 -13.27 -6.09
C ILE N 114 50.58 -11.94 -6.69
N VAL N 115 50.17 -11.01 -5.82
CA VAL N 115 49.63 -9.74 -6.30
C VAL N 115 50.70 -8.95 -7.04
N ASN N 116 51.77 -8.61 -6.34
CA ASN N 116 52.90 -7.88 -6.94
C ASN N 116 54.10 -8.83 -6.99
N PRO N 117 54.39 -9.43 -8.13
CA PRO N 117 55.49 -10.39 -8.20
C PRO N 117 56.83 -9.76 -7.84
N GLY N 118 57.57 -10.45 -6.99
CA GLY N 118 58.91 -10.03 -6.61
C GLY N 118 59.00 -8.93 -5.58
N CYS N 119 57.87 -8.36 -5.15
CA CYS N 119 57.93 -7.28 -4.16
C CYS N 119 58.43 -7.76 -2.81
N VAL N 120 58.42 -9.08 -2.58
CA VAL N 120 58.81 -9.64 -1.29
C VAL N 120 59.74 -10.83 -1.51
N ASN N 121 61.05 -10.57 -1.45
CA ASN N 121 62.04 -11.63 -1.62
C ASN N 121 63.18 -11.59 -0.61
N VAL N 122 63.43 -10.47 0.06
CA VAL N 122 64.59 -10.30 0.92
C VAL N 122 64.19 -10.55 2.36
N ASP N 123 65.11 -11.15 3.11
CA ASP N 123 64.94 -11.39 4.54
C ASP N 123 64.77 -10.06 5.27
N PRO N 124 63.61 -9.83 5.88
CA PRO N 124 63.39 -8.55 6.58
C PRO N 124 64.13 -8.43 7.89
N VAL N 125 64.95 -9.40 8.27
CA VAL N 125 65.79 -9.31 9.47
C VAL N 125 67.26 -9.29 9.12
N PHE N 126 67.69 -10.14 8.17
CA PHE N 126 69.07 -10.19 7.68
C PHE N 126 69.01 -9.92 6.19
N PRO N 127 68.96 -8.66 5.77
CA PRO N 127 68.60 -8.34 4.38
C PRO N 127 69.64 -8.74 3.36
N ASN N 128 70.02 -10.02 3.35
CA ASN N 128 70.96 -10.52 2.35
C ASN N 128 70.59 -11.91 1.82
N ASN N 129 69.50 -12.52 2.28
CA ASN N 129 69.25 -13.92 1.94
C ASN N 129 68.63 -14.08 0.56
N LYS N 130 67.72 -13.19 0.16
CA LYS N 130 67.35 -12.98 -1.24
C LYS N 130 66.95 -14.29 -1.94
N LEU N 131 65.78 -14.79 -1.56
CA LEU N 131 65.17 -15.94 -2.22
C LEU N 131 65.34 -15.85 -3.74
N THR N 132 65.64 -17.00 -4.35
CA THR N 132 66.14 -17.05 -5.71
C THR N 132 65.07 -17.37 -6.75
N GLY N 133 63.80 -17.49 -6.35
CA GLY N 133 62.77 -17.79 -7.31
C GLY N 133 62.54 -16.67 -8.30
N THR N 134 61.99 -17.03 -9.45
CA THR N 134 61.68 -16.07 -10.50
C THR N 134 60.23 -16.08 -10.93
N ASP N 135 59.58 -17.24 -10.95
CA ASP N 135 58.17 -17.35 -11.32
C ASP N 135 57.32 -17.50 -10.07
N VAL N 136 56.19 -16.79 -10.05
CA VAL N 136 55.27 -16.87 -8.91
C VAL N 136 54.75 -18.29 -8.79
N GLY N 137 54.79 -18.83 -7.57
CA GLY N 137 54.41 -20.20 -7.29
C GLY N 137 55.60 -21.10 -7.04
N TYR N 138 56.73 -20.83 -7.68
CA TYR N 138 57.97 -21.56 -7.46
C TYR N 138 58.97 -20.64 -6.79
N PRO N 139 58.91 -20.48 -5.47
CA PRO N 139 59.69 -19.44 -4.80
C PRO N 139 61.19 -19.70 -4.75
N GLY N 140 61.63 -20.93 -5.01
CA GLY N 140 63.05 -21.22 -5.01
C GLY N 140 63.69 -20.91 -3.67
N GLY N 141 64.97 -20.55 -3.71
CA GLY N 141 65.70 -20.20 -2.51
C GLY N 141 66.25 -21.40 -1.78
N LEU N 142 67.26 -21.15 -0.95
CA LEU N 142 67.85 -22.23 -0.16
C LEU N 142 66.84 -22.88 0.77
N TRP N 143 65.90 -22.08 1.30
CA TRP N 143 64.91 -22.62 2.23
C TRP N 143 63.94 -23.56 1.52
N PHE N 144 63.41 -23.12 0.38
CA PHE N 144 62.39 -23.87 -0.35
C PHE N 144 62.96 -24.67 -1.51
N ASP N 145 64.28 -24.70 -1.66
CA ASP N 145 64.93 -25.45 -2.74
C ASP N 145 66.39 -25.69 -2.41
N PRO N 146 66.69 -26.51 -1.40
CA PRO N 146 68.10 -26.69 -1.01
C PRO N 146 68.93 -27.40 -2.06
N LEU N 147 68.40 -28.45 -2.68
CA LEU N 147 69.17 -29.32 -3.54
C LEU N 147 69.41 -28.75 -4.95
N GLY N 148 69.10 -27.49 -5.17
CA GLY N 148 69.43 -26.84 -6.43
C GLY N 148 68.55 -27.21 -7.61
N TRP N 149 67.87 -28.35 -7.54
CA TRP N 149 66.94 -28.74 -8.59
C TRP N 149 65.88 -27.66 -8.78
N GLY N 150 65.61 -27.31 -10.03
CA GLY N 150 64.61 -26.30 -10.31
C GLY N 150 65.12 -25.20 -11.20
N GLN N 151 66.44 -25.01 -11.23
CA GLN N 151 67.09 -24.07 -12.14
C GLN N 151 67.85 -24.90 -13.15
N THR N 152 67.23 -25.13 -14.30
CA THR N 152 67.77 -26.01 -15.33
C THR N 152 67.52 -25.35 -16.68
N LYS N 153 67.63 -26.14 -17.75
CA LYS N 153 67.33 -25.63 -19.08
C LYS N 153 65.89 -25.13 -19.15
N ASP N 154 65.65 -24.20 -20.08
CA ASP N 154 64.41 -23.44 -20.09
C ASP N 154 63.18 -24.35 -20.12
N ALA N 155 63.26 -25.47 -20.82
CA ALA N 155 62.15 -26.40 -20.92
C ALA N 155 62.69 -27.82 -20.89
N LYS N 156 61.78 -28.79 -20.86
CA LYS N 156 62.03 -30.23 -20.93
C LYS N 156 62.78 -30.76 -19.72
N LYS N 157 63.15 -29.91 -18.76
CA LYS N 157 63.68 -30.37 -17.49
C LYS N 157 62.97 -29.62 -16.37
N LEU N 158 62.50 -28.41 -16.67
CA LEU N 158 61.69 -27.64 -15.74
C LEU N 158 60.20 -27.88 -15.99
N LYS N 159 59.74 -27.59 -17.21
CA LYS N 159 58.35 -27.83 -17.55
C LYS N 159 57.97 -29.29 -17.36
N GLU N 160 58.88 -30.20 -17.74
CA GLU N 160 58.64 -31.63 -17.53
C GLU N 160 58.46 -31.94 -16.05
N LEU N 161 59.33 -31.38 -15.21
CA LEU N 161 59.24 -31.66 -13.78
C LEU N 161 57.97 -31.07 -13.20
N ARG N 162 57.60 -29.86 -13.62
CA ARG N 162 56.39 -29.23 -13.08
C ARG N 162 55.14 -30.00 -13.48
N THR N 163 55.07 -30.49 -14.72
CA THR N 163 53.88 -31.23 -15.12
C THR N 163 53.87 -32.61 -14.46
N LYS N 164 55.04 -33.23 -14.29
CA LYS N 164 55.11 -34.47 -13.53
C LYS N 164 54.72 -34.25 -12.07
N GLU N 165 54.81 -33.02 -11.58
CA GLU N 165 54.37 -32.72 -10.23
C GLU N 165 52.86 -32.53 -10.15
N ILE N 166 52.31 -31.70 -11.04
CA ILE N 166 50.87 -31.46 -11.01
C ILE N 166 50.11 -32.74 -11.30
N LYS N 167 50.68 -33.62 -12.13
CA LYS N 167 50.05 -34.91 -12.41
C LYS N 167 49.93 -35.74 -11.14
N ASN N 168 50.95 -35.68 -10.28
CA ASN N 168 50.88 -36.39 -9.01
C ASN N 168 49.92 -35.70 -8.05
N GLY N 169 49.88 -34.38 -8.08
CA GLY N 169 49.06 -33.64 -7.14
C GLY N 169 47.57 -33.82 -7.37
N ARG N 170 47.15 -33.87 -8.65
CA ARG N 170 45.74 -34.12 -8.93
C ARG N 170 45.33 -35.50 -8.47
N LEU N 171 46.18 -36.50 -8.69
CA LEU N 171 45.93 -37.83 -8.16
C LEU N 171 45.82 -37.82 -6.64
N ALA N 172 46.69 -37.05 -5.98
CA ALA N 172 46.63 -36.96 -4.53
C ALA N 172 45.32 -36.34 -4.06
N MET N 173 44.86 -35.30 -4.74
CA MET N 173 43.58 -34.68 -4.41
C MET N 173 42.45 -35.68 -4.52
N LEU N 174 42.38 -36.39 -5.66
CA LEU N 174 41.36 -37.41 -5.83
C LEU N 174 41.44 -38.46 -4.73
N ALA N 175 42.65 -38.89 -4.40
CA ALA N 175 42.83 -39.94 -3.40
C ALA N 175 42.34 -39.50 -2.03
N VAL N 176 42.67 -38.28 -1.63
CA VAL N 176 42.28 -37.84 -0.28
C VAL N 176 40.77 -37.60 -0.21
N LEU N 177 40.19 -37.05 -1.28
CA LEU N 177 38.73 -36.93 -1.32
C LEU N 177 38.06 -38.30 -1.23
N GLY N 178 38.64 -39.30 -1.91
CA GLY N 178 38.08 -40.64 -1.85
C GLY N 178 38.20 -41.24 -0.47
N ALA N 179 39.34 -41.06 0.19
CA ALA N 179 39.48 -41.52 1.57
C ALA N 179 38.46 -40.87 2.47
N VAL N 180 38.21 -39.57 2.29
CA VAL N 180 37.22 -38.87 3.09
C VAL N 180 35.84 -39.48 2.89
N VAL N 181 35.48 -39.75 1.63
CA VAL N 181 34.15 -40.31 1.37
C VAL N 181 34.04 -41.73 1.91
N GLN N 182 35.09 -42.54 1.74
CA GLN N 182 35.04 -43.92 2.20
C GLN N 182 34.95 -44.00 3.71
N ALA N 183 35.69 -43.15 4.43
CA ALA N 183 35.65 -43.14 5.88
C ALA N 183 34.25 -42.83 6.42
N ASN N 184 33.34 -42.37 5.58
CA ASN N 184 31.96 -42.14 5.98
C ASN N 184 31.01 -43.19 5.42
N TYR N 185 31.31 -43.75 4.25
CA TYR N 185 30.46 -44.81 3.71
C TYR N 185 30.68 -46.12 4.44
N THR N 186 31.92 -46.61 4.44
CA THR N 186 32.31 -47.79 5.19
C THR N 186 33.14 -47.35 6.39
N HIS N 187 32.62 -47.59 7.60
CA HIS N 187 33.23 -47.07 8.82
C HIS N 187 34.46 -47.90 9.21
N THR N 188 35.42 -47.94 8.28
CA THR N 188 36.70 -48.60 8.51
C THR N 188 37.81 -47.71 7.95
N GLY N 189 39.05 -48.11 8.22
CA GLY N 189 40.20 -47.40 7.72
C GLY N 189 40.33 -47.49 6.22
N PRO N 190 41.13 -46.59 5.63
CA PRO N 190 41.28 -46.61 4.16
C PRO N 190 42.05 -47.82 3.66
N ILE N 191 42.89 -48.45 4.48
CA ILE N 191 43.60 -49.63 4.04
C ILE N 191 42.73 -50.87 4.21
N ASP N 192 41.79 -50.84 5.16
CA ASP N 192 40.85 -51.95 5.30
C ASP N 192 39.94 -52.07 4.08
N ASN N 193 39.60 -50.94 3.46
CA ASN N 193 38.85 -50.96 2.21
C ASN N 193 39.62 -51.72 1.14
N LEU N 194 40.90 -51.41 0.97
CA LEU N 194 41.71 -52.10 -0.02
C LEU N 194 41.84 -53.58 0.31
N LEU N 195 42.03 -53.91 1.58
CA LEU N 195 42.14 -55.31 1.97
C LEU N 195 40.87 -56.08 1.65
N ALA N 196 39.72 -55.56 2.07
CA ALA N 196 38.46 -56.21 1.80
C ALA N 196 38.17 -56.30 0.32
N HIS N 197 38.61 -55.31 -0.46
CA HIS N 197 38.41 -55.36 -1.91
C HIS N 197 39.25 -56.47 -2.53
N LEU N 198 40.56 -56.45 -2.28
CA LEU N 198 41.44 -57.47 -2.84
C LEU N 198 41.09 -58.87 -2.35
N ALA N 199 40.43 -58.98 -1.20
CA ALA N 199 40.00 -60.30 -0.72
C ALA N 199 38.95 -60.90 -1.64
N ASP N 200 38.10 -60.08 -2.25
CA ASP N 200 37.03 -60.55 -3.11
C ASP N 200 36.60 -59.42 -4.04
N PRO N 201 37.40 -59.10 -5.07
CA PRO N 201 37.07 -57.94 -5.92
C PRO N 201 35.76 -58.09 -6.68
N GLY N 202 35.16 -59.28 -6.69
CA GLY N 202 33.89 -59.46 -7.36
C GLY N 202 32.72 -58.91 -6.57
N HIS N 203 32.62 -59.31 -5.30
CA HIS N 203 31.49 -58.93 -4.47
C HIS N 203 31.80 -57.79 -3.50
N ASN N 204 33.06 -57.44 -3.31
CA ASN N 204 33.45 -56.39 -2.38
C ASN N 204 33.72 -55.11 -3.18
N THR N 205 32.74 -54.23 -3.19
CA THR N 205 32.86 -52.93 -3.87
C THR N 205 31.86 -51.97 -3.23
N ILE N 206 31.63 -50.84 -3.89
CA ILE N 206 30.69 -49.85 -3.37
C ILE N 206 29.27 -50.42 -3.33
N PHE N 207 28.98 -51.38 -4.20
CA PHE N 207 27.64 -51.96 -4.27
C PHE N 207 27.42 -53.05 -3.22
N ALA N 208 28.42 -53.34 -2.38
CA ALA N 208 28.29 -54.39 -1.38
C ALA N 208 27.58 -53.93 -0.12
N LEU N 209 26.98 -52.75 -0.11
CA LEU N 209 26.32 -52.23 1.08
C LEU N 209 24.81 -52.09 0.91
N SER N 210 24.35 -51.38 -0.12
CA SER N 210 22.93 -51.17 -0.31
C SER N 210 22.27 -52.37 -1.00
N GLU O 1 43.40 41.99 26.18
CA GLU O 1 43.67 40.89 25.27
C GLU O 1 43.37 39.57 25.96
N TRP O 2 42.12 39.13 25.90
CA TRP O 2 41.65 37.95 26.59
C TRP O 2 42.23 36.65 26.03
N LEU O 3 43.03 36.72 24.97
CA LEU O 3 43.66 35.53 24.40
C LEU O 3 44.91 36.00 23.68
N PRO O 4 46.08 35.89 24.33
CA PRO O 4 47.32 36.41 23.74
C PRO O 4 47.58 35.92 22.33
N GLY O 5 47.58 36.84 21.37
CA GLY O 5 47.86 36.49 19.99
C GLY O 5 46.62 36.51 19.10
N ASN O 6 45.49 36.09 19.65
CA ASN O 6 44.26 36.05 18.88
C ASN O 6 43.93 37.43 18.34
N PRO O 7 43.42 37.53 17.10
CA PRO O 7 43.06 38.84 16.55
C PRO O 7 41.78 39.40 17.17
N ARG O 8 41.32 40.53 16.67
CA ARG O 8 40.11 41.18 17.14
C ARG O 8 39.13 41.34 15.99
N PRO O 9 37.83 41.46 16.29
CA PRO O 9 36.85 41.73 15.24
C PRO O 9 36.96 43.13 14.67
N SER O 10 36.18 43.44 13.64
CA SER O 10 36.22 44.74 12.99
C SER O 10 35.60 45.85 13.84
N TYR O 11 35.02 45.50 14.99
CA TYR O 11 34.38 46.49 15.85
C TYR O 11 34.97 46.53 17.26
N LEU O 12 35.91 45.64 17.57
CA LEU O 12 36.54 45.56 18.89
C LEU O 12 38.00 46.00 18.84
N ASP O 13 38.27 47.09 18.12
CA ASP O 13 39.63 47.57 17.89
C ASP O 13 40.30 48.14 19.15
N GLY O 14 39.70 48.04 20.33
CA GLY O 14 40.38 48.44 21.55
C GLY O 14 40.36 49.91 21.86
N SER O 15 39.63 50.72 21.09
CA SER O 15 39.56 52.15 21.38
C SER O 15 38.82 52.39 22.69
N ALA O 16 37.69 51.73 22.89
CA ALA O 16 36.87 51.93 24.08
C ALA O 16 37.64 51.57 25.33
N PRO O 17 37.29 52.17 26.47
CA PRO O 17 37.94 51.80 27.73
C PRO O 17 37.53 50.41 28.18
N GLY O 18 38.46 49.71 28.81
CA GLY O 18 38.20 48.35 29.25
C GLY O 18 37.96 47.38 28.12
N ASP O 19 38.52 47.65 26.95
CA ASP O 19 38.31 46.83 25.77
C ASP O 19 39.48 45.87 25.62
N PHE O 20 39.18 44.58 25.54
CA PHE O 20 40.19 43.55 25.34
C PHE O 20 39.96 42.70 24.10
N GLY O 21 38.74 42.63 23.58
CA GLY O 21 38.48 41.89 22.36
C GLY O 21 37.73 40.60 22.59
N PHE O 22 36.84 40.59 23.59
CA PHE O 22 36.08 39.41 23.94
C PHE O 22 34.70 39.49 23.30
N ASP O 23 34.48 38.68 22.26
CA ASP O 23 33.18 38.58 21.61
C ASP O 23 33.11 37.30 20.80
N PRO O 24 33.06 36.13 21.46
CA PRO O 24 33.07 34.87 20.72
C PRO O 24 31.72 34.57 20.07
N LEU O 25 30.63 35.05 20.67
CA LEU O 25 29.31 34.83 20.12
C LEU O 25 28.95 35.82 19.02
N GLY O 26 29.70 36.90 18.87
CA GLY O 26 29.42 37.87 17.83
C GLY O 26 28.18 38.69 18.11
N LEU O 27 28.09 39.25 19.32
CA LEU O 27 26.91 40.01 19.70
C LEU O 27 27.00 41.46 19.23
N GLY O 28 28.16 42.08 19.33
CA GLY O 28 28.31 43.48 18.99
C GLY O 28 28.55 43.74 17.52
N GLU O 29 28.11 42.82 16.66
CA GLU O 29 28.31 42.98 15.23
C GLU O 29 27.58 44.20 14.68
N VAL O 30 26.46 44.58 15.30
CA VAL O 30 25.65 45.69 14.84
C VAL O 30 26.03 46.94 15.63
N PRO O 31 26.19 48.10 14.99
CA PRO O 31 26.72 49.27 15.72
C PRO O 31 25.84 49.76 16.85
N GLU O 32 24.55 50.03 16.58
CA GLU O 32 23.68 50.55 17.62
C GLU O 32 23.49 49.55 18.75
N ASN O 33 23.50 48.26 18.43
CA ASN O 33 23.44 47.25 19.48
C ASN O 33 24.64 47.35 20.40
N LEU O 34 25.84 47.54 19.83
CA LEU O 34 27.03 47.71 20.65
C LEU O 34 26.96 48.98 21.48
N GLU O 35 26.41 50.05 20.90
CA GLU O 35 26.32 51.32 21.62
C GLU O 35 25.38 51.19 22.81
N ARG O 36 24.29 50.44 22.66
CA ARG O 36 23.40 50.19 23.79
C ARG O 36 24.05 49.23 24.79
N PHE O 37 24.80 48.26 24.28
CA PHE O 37 25.41 47.25 25.15
C PHE O 37 26.43 47.88 26.09
N LYS O 38 27.21 48.84 25.60
CA LYS O 38 28.21 49.47 26.46
C LYS O 38 27.56 50.17 27.66
N GLU O 39 26.50 50.95 27.40
CA GLU O 39 25.81 51.63 28.48
C GLU O 39 25.15 50.63 29.42
N SER O 40 24.55 49.57 28.88
CA SER O 40 23.93 48.57 29.74
C SER O 40 24.96 47.89 30.64
N GLU O 41 26.14 47.58 30.09
CA GLU O 41 27.21 47.00 30.89
C GLU O 41 27.66 47.95 31.98
N LEU O 42 27.80 49.23 31.66
CA LEU O 42 28.20 50.19 32.69
C LEU O 42 27.18 50.27 33.81
N ILE O 43 25.89 50.25 33.45
CA ILE O 43 24.84 50.33 34.47
C ILE O 43 24.86 49.09 35.37
N HIS O 44 24.96 47.91 34.75
CA HIS O 44 25.03 46.69 35.54
C HIS O 44 26.25 46.69 36.45
N ALA O 45 27.40 47.15 35.93
CA ALA O 45 28.62 47.17 36.73
C ALA O 45 28.47 48.10 37.93
N ARG O 46 27.91 49.29 37.71
CA ARG O 46 27.73 50.22 38.83
C ARG O 46 26.76 49.69 39.85
N TRP O 47 25.67 49.05 39.40
CA TRP O 47 24.71 48.48 40.35
C TRP O 47 25.35 47.35 41.17
N ALA O 48 26.15 46.50 40.54
CA ALA O 48 26.79 45.42 41.29
C ALA O 48 27.86 45.96 42.23
N MET O 49 28.58 46.99 41.81
CA MET O 49 29.56 47.62 42.68
C MET O 49 28.89 48.22 43.92
N LEU O 50 27.72 48.81 43.74
CA LEU O 50 26.96 49.29 44.89
C LEU O 50 26.47 48.14 45.75
N ALA O 51 26.07 47.03 45.12
CA ALA O 51 25.44 45.94 45.85
C ALA O 51 26.41 45.17 46.72
N VAL O 52 27.65 44.98 46.24
CA VAL O 52 28.59 44.09 46.95
C VAL O 52 28.84 44.52 48.39
N PRO O 53 29.16 45.78 48.69
CA PRO O 53 29.23 46.16 50.11
C PRO O 53 27.91 46.03 50.82
N GLY O 54 26.80 46.28 50.11
CA GLY O 54 25.48 46.18 50.71
C GLY O 54 25.12 44.79 51.18
N VAL O 55 25.79 43.77 50.67
CA VAL O 55 25.63 42.40 51.15
C VAL O 55 26.73 42.01 52.13
N LEU O 56 27.97 42.49 51.91
CA LEU O 56 29.06 42.06 52.76
C LEU O 56 29.05 42.74 54.13
N ILE O 57 28.56 43.96 54.23
CA ILE O 57 28.61 44.72 55.48
C ILE O 57 27.56 44.22 56.49
N PRO O 58 26.25 44.22 56.18
CA PRO O 58 25.26 43.99 57.23
C PRO O 58 25.28 42.59 57.80
N GLU O 59 25.92 41.63 57.15
CA GLU O 59 26.04 40.30 57.74
C GLU O 59 27.01 40.30 58.90
N ALA O 60 28.08 41.11 58.83
CA ALA O 60 29.07 41.19 59.90
C ALA O 60 28.78 42.30 60.90
N LEU O 61 27.95 43.28 60.55
CA LEU O 61 27.65 44.39 61.44
C LEU O 61 26.20 44.38 61.90
N GLY O 62 25.24 44.38 60.99
CA GLY O 62 23.84 44.32 61.34
C GLY O 62 23.30 42.92 61.50
N TYR O 63 24.13 41.91 61.26
CA TYR O 63 23.80 40.50 61.48
C TYR O 63 22.56 40.09 60.68
N GLY O 64 22.67 40.24 59.36
CA GLY O 64 21.68 39.74 58.44
C GLY O 64 22.19 38.55 57.65
N ASN O 65 21.47 38.23 56.58
CA ASN O 65 21.89 37.15 55.69
C ASN O 65 21.62 37.46 54.22
N TRP O 66 21.06 38.64 53.90
CA TRP O 66 20.87 39.13 52.53
C TRP O 66 19.87 38.30 51.76
N VAL O 67 19.41 37.19 52.36
CA VAL O 67 18.23 36.47 51.87
C VAL O 67 17.20 36.24 52.96
N SER O 68 17.58 36.28 54.24
CA SER O 68 16.63 36.44 55.33
C SER O 68 16.38 37.91 55.65
N ALA O 69 17.31 38.79 55.28
CA ALA O 69 17.09 40.23 55.38
C ALA O 69 15.93 40.70 54.51
N GLN O 70 15.43 39.84 53.64
CA GLN O 70 14.22 40.11 52.87
C GLN O 70 13.10 39.14 53.21
N LYS O 71 13.31 38.25 54.18
CA LYS O 71 12.34 37.24 54.56
C LYS O 71 11.23 37.80 55.44
N TRP O 72 11.42 39.00 56.02
CA TRP O 72 10.47 39.52 56.99
C TRP O 72 9.10 39.82 56.40
N ALA O 73 8.89 39.56 55.12
CA ALA O 73 7.57 39.67 54.52
C ALA O 73 6.81 38.35 54.71
N ALA O 74 5.51 38.41 54.41
CA ALA O 74 4.56 37.30 54.59
C ALA O 74 4.34 37.01 56.08
N THR O 75 5.04 37.75 56.93
CA THR O 75 4.82 37.69 58.38
C THR O 75 4.79 39.12 58.87
N PRO O 76 3.65 39.62 59.36
CA PRO O 76 3.58 41.00 59.87
C PRO O 76 4.68 41.29 60.89
N GLY O 77 5.46 42.32 60.63
CA GLY O 77 6.60 42.66 61.46
C GLY O 77 7.91 42.38 60.75
N GLY O 78 9.00 42.83 61.38
CA GLY O 78 10.31 42.69 60.80
C GLY O 78 11.02 44.03 60.69
N GLN O 79 11.26 44.45 59.44
CA GLN O 79 11.78 45.79 59.12
C GLN O 79 12.96 46.19 60.01
N ALA O 80 13.90 45.26 60.20
CA ALA O 80 15.10 45.56 60.93
C ALA O 80 15.94 46.59 60.18
N THR O 81 16.95 47.12 60.86
CA THR O 81 17.77 48.19 60.30
C THR O 81 19.20 48.01 60.82
N TYR O 82 20.01 49.06 60.70
CA TYR O 82 21.44 48.96 60.95
C TYR O 82 21.74 48.49 62.37
N LEU O 83 21.35 49.29 63.37
CA LEU O 83 21.49 48.84 64.75
C LEU O 83 20.48 47.77 65.12
N GLY O 84 19.51 47.49 64.24
CA GLY O 84 18.45 46.57 64.53
C GLY O 84 17.14 47.23 64.94
N ASN O 85 17.13 48.54 65.10
CA ASN O 85 15.91 49.24 65.48
C ASN O 85 14.89 49.14 64.35
N PRO O 86 13.64 48.79 64.63
CA PRO O 86 12.65 48.65 63.55
C PRO O 86 12.28 50.01 62.97
N VAL O 87 12.25 50.09 61.65
CA VAL O 87 11.84 51.30 60.95
C VAL O 87 10.32 51.36 60.94
N PRO O 88 9.72 52.33 61.65
CA PRO O 88 8.25 52.35 61.76
C PRO O 88 7.53 52.58 60.45
N TRP O 89 8.17 53.21 59.47
CA TRP O 89 7.54 53.45 58.17
C TRP O 89 7.99 52.42 57.13
N GLY O 90 8.22 51.18 57.55
CA GLY O 90 8.69 50.15 56.66
C GLY O 90 7.66 49.10 56.31
N ASN O 91 6.39 49.46 56.36
CA ASN O 91 5.33 48.53 55.95
C ASN O 91 5.45 48.26 54.46
N LEU O 92 5.31 47.00 54.08
CA LEU O 92 5.64 46.57 52.71
C LEU O 92 4.93 47.35 51.62
N PRO O 93 3.61 47.59 51.66
CA PRO O 93 2.99 48.39 50.59
C PRO O 93 3.53 49.81 50.51
N VAL O 94 3.56 50.53 51.63
CA VAL O 94 3.99 51.93 51.61
C VAL O 94 5.49 52.09 51.46
N ILE O 95 6.25 50.99 51.52
CA ILE O 95 7.67 51.07 51.21
C ILE O 95 7.93 50.72 49.75
N LEU O 96 7.20 49.74 49.21
CA LEU O 96 7.30 49.43 47.79
C LEU O 96 6.79 50.60 46.95
N ALA O 97 5.83 51.37 47.47
CA ALA O 97 5.33 52.52 46.75
C ALA O 97 6.44 53.50 46.42
N ILE O 98 7.21 53.92 47.43
CA ILE O 98 8.27 54.89 47.18
C ILE O 98 9.46 54.21 46.49
N GLU O 99 9.73 52.95 46.82
CA GLU O 99 10.78 52.22 46.09
C GLU O 99 10.50 52.21 44.59
N PHE O 100 9.23 52.18 44.21
CA PHE O 100 8.85 52.26 42.80
C PHE O 100 8.96 53.70 42.29
N LEU O 101 8.37 54.64 43.02
CA LEU O 101 8.24 56.00 42.51
C LEU O 101 9.60 56.68 42.32
N ALA O 102 10.47 56.57 43.32
CA ALA O 102 11.75 57.27 43.26
C ALA O 102 12.61 56.72 42.11
N ILE O 103 12.69 55.39 42.00
CA ILE O 103 13.51 54.80 40.96
C ILE O 103 12.91 55.07 39.59
N ALA O 104 11.58 55.08 39.49
CA ALA O 104 10.94 55.41 38.23
C ALA O 104 11.30 56.83 37.80
N PHE O 105 11.24 57.78 38.74
CA PHE O 105 11.61 59.15 38.41
C PHE O 105 13.07 59.25 37.99
N ALA O 106 13.96 58.59 38.74
CA ALA O 106 15.39 58.64 38.43
C ALA O 106 15.66 58.09 37.04
N GLU O 107 15.07 56.93 36.71
CA GLU O 107 15.32 56.32 35.41
C GLU O 107 14.70 57.14 34.28
N SER O 108 13.48 57.64 34.47
CA SER O 108 12.87 58.48 33.45
C SER O 108 13.61 59.80 33.29
N GLN O 109 14.42 60.18 34.27
CA GLN O 109 15.31 61.32 34.08
C GLN O 109 16.54 60.93 33.27
N ARG O 110 17.22 59.85 33.69
CA ARG O 110 18.41 59.40 32.98
C ARG O 110 18.12 59.06 31.53
N ASN O 111 16.94 58.50 31.26
CA ASN O 111 16.60 58.07 29.91
C ASN O 111 16.63 59.23 28.92
N GLY O 112 16.32 60.44 29.37
CA GLY O 112 16.27 61.58 28.48
C GLY O 112 17.61 62.21 28.21
N GLU O 113 18.42 61.55 27.37
CA GLU O 113 19.73 62.09 27.01
C GLU O 113 20.13 61.62 25.62
N PRO O 114 20.39 62.53 24.69
CA PRO O 114 20.80 62.11 23.33
C PRO O 114 22.27 61.74 23.24
N ASP O 115 23.11 62.42 23.99
CA ASP O 115 24.56 62.21 23.92
C ASP O 115 24.93 60.87 24.54
N PRO O 116 25.55 59.95 23.81
CA PRO O 116 26.01 58.70 24.44
C PRO O 116 27.12 58.93 25.45
N GLU O 117 28.04 59.85 25.17
CA GLU O 117 29.09 60.16 26.13
C GLU O 117 28.49 60.65 27.44
N LYS O 118 27.60 61.64 27.37
CA LYS O 118 26.87 62.07 28.56
C LYS O 118 25.91 61.00 29.06
N ARG O 119 25.58 60.01 28.22
CA ARG O 119 24.70 58.94 28.66
C ARG O 119 25.41 58.02 29.64
N LYS O 120 26.56 57.49 29.26
CA LYS O 120 27.30 56.61 30.17
C LYS O 120 28.31 57.35 31.04
N TYR O 121 28.54 58.64 30.80
CA TYR O 121 29.45 59.45 31.61
C TYR O 121 28.84 60.83 31.78
N PRO O 122 27.86 60.96 32.68
CA PRO O 122 27.12 62.23 32.80
C PRO O 122 27.98 63.41 33.23
N GLY O 123 28.67 63.29 34.36
CA GLY O 123 29.44 64.41 34.87
C GLY O 123 28.54 65.44 35.54
N GLY O 124 29.02 66.67 35.57
CA GLY O 124 28.25 67.75 36.18
C GLY O 124 28.03 67.50 37.66
N ALA O 125 26.75 67.51 38.07
CA ALA O 125 26.40 67.24 39.46
C ALA O 125 26.66 65.79 39.87
N PHE O 126 27.19 64.96 38.98
CA PHE O 126 27.59 63.60 39.32
C PHE O 126 29.10 63.45 39.47
N ASP O 127 29.87 64.49 39.15
CA ASP O 127 31.30 64.53 39.40
C ASP O 127 31.64 65.74 40.25
N PRO O 128 31.06 65.85 41.46
CA PRO O 128 31.24 67.08 42.24
C PRO O 128 32.54 67.08 43.01
N LEU O 129 33.62 66.63 42.37
CA LEU O 129 34.96 66.73 42.93
C LEU O 129 36.02 67.03 41.88
N GLY O 130 35.64 67.24 40.63
CA GLY O 130 36.62 67.45 39.58
C GLY O 130 37.57 66.28 39.41
N PHE O 131 37.07 65.05 39.52
CA PHE O 131 37.93 63.89 39.35
C PHE O 131 38.25 63.64 37.88
N SER O 132 37.37 64.05 36.98
CA SER O 132 37.53 63.80 35.55
C SER O 132 37.70 65.10 34.75
N LYS O 133 38.20 66.16 35.39
CA LYS O 133 38.32 67.44 34.72
C LYS O 133 39.30 67.38 33.54
N GLY O 134 40.59 67.20 33.84
CA GLY O 134 41.59 67.09 32.79
C GLY O 134 42.71 66.14 33.13
N ALA O 135 42.58 65.43 34.24
CA ALA O 135 43.63 64.52 34.69
C ALA O 135 43.54 63.20 33.94
N ASN O 136 44.28 62.20 34.39
CA ASN O 136 44.19 60.87 33.82
C ASN O 136 42.74 60.38 33.86
N LEU O 137 42.14 60.19 32.69
CA LEU O 137 40.72 59.89 32.57
C LEU O 137 40.47 58.50 32.01
N GLU O 138 41.10 58.16 30.88
CA GLU O 138 40.96 56.82 30.33
C GLU O 138 41.42 55.77 31.34
N GLU O 139 42.44 56.09 32.13
CA GLU O 139 42.86 55.19 33.20
C GLU O 139 41.78 55.03 34.25
N LEU O 140 41.07 56.12 34.56
CA LEU O 140 39.96 56.03 35.52
C LEU O 140 38.83 55.18 34.97
N LYS O 141 38.52 55.32 33.68
CA LYS O 141 37.51 54.48 33.05
C LYS O 141 37.93 53.02 33.09
N LEU O 142 39.21 52.75 32.84
CA LEU O 142 39.70 51.37 32.87
C LEU O 142 39.60 50.78 34.27
N LYS O 143 39.94 51.56 35.30
CA LYS O 143 39.79 51.09 36.67
C LYS O 143 38.32 50.82 37.00
N GLU O 144 37.43 51.72 36.58
CA GLU O 144 36.01 51.54 36.83
C GLU O 144 35.50 50.25 36.19
N ILE O 145 35.86 50.02 34.93
CA ILE O 145 35.39 48.84 34.22
C ILE O 145 35.98 47.57 34.84
N LYS O 146 37.27 47.59 35.17
CA LYS O 146 37.91 46.42 35.73
C LYS O 146 37.35 46.08 37.10
N ASN O 147 36.91 47.07 37.87
CA ASN O 147 36.25 46.77 39.13
C ASN O 147 34.81 46.35 38.93
N GLY O 148 34.13 46.91 37.94
CA GLY O 148 32.73 46.60 37.72
C GLY O 148 32.51 45.18 37.24
N ARG O 149 33.36 44.72 36.31
CA ARG O 149 33.22 43.34 35.85
C ARG O 149 33.51 42.35 36.97
N LEU O 150 34.52 42.64 37.78
CA LEU O 150 34.80 41.80 38.94
C LEU O 150 33.62 41.79 39.91
N ALA O 151 32.97 42.95 40.10
CA ALA O 151 31.79 42.99 40.97
C ALA O 151 30.64 42.18 40.39
N LEU O 152 30.45 42.24 39.08
CA LEU O 152 29.42 41.43 38.43
C LEU O 152 29.68 39.95 38.67
N VAL O 153 30.90 39.50 38.44
CA VAL O 153 31.24 38.10 38.67
C VAL O 153 31.02 37.73 40.14
N ALA O 154 31.41 38.62 41.05
CA ALA O 154 31.23 38.37 42.47
C ALA O 154 29.76 38.21 42.83
N PHE O 155 28.90 39.04 42.26
CA PHE O 155 27.47 38.92 42.58
C PHE O 155 26.86 37.69 41.95
N LEU O 156 27.32 37.30 40.76
CA LEU O 156 26.87 36.02 40.20
C LEU O 156 27.27 34.87 41.11
N GLY O 157 28.48 34.92 41.66
CA GLY O 157 28.89 33.92 42.64
C GLY O 157 28.01 33.95 43.87
N PHE O 158 27.67 35.15 44.35
CA PHE O 158 26.72 35.30 45.45
C PHE O 158 25.44 34.54 45.17
N ALA O 159 24.85 34.80 44.00
CA ALA O 159 23.53 34.26 43.70
C ALA O 159 23.58 32.76 43.46
N VAL O 160 24.70 32.23 42.96
CA VAL O 160 24.78 30.78 42.78
C VAL O 160 25.08 30.08 44.11
N GLN O 161 25.89 30.70 44.97
CA GLN O 161 26.17 30.09 46.26
C GLN O 161 24.93 30.07 47.15
N ALA O 162 24.20 31.18 47.19
CA ALA O 162 23.00 31.24 48.01
C ALA O 162 21.95 30.23 47.57
N ILE O 163 22.05 29.72 46.35
CA ILE O 163 21.13 28.68 45.88
C ILE O 163 21.70 27.29 46.15
N ALA O 164 23.00 27.08 45.90
CA ALA O 164 23.61 25.79 46.18
C ALA O 164 23.59 25.48 47.67
N TYR O 165 23.89 26.49 48.50
CA TYR O 165 23.87 26.34 49.96
C TYR O 165 22.74 27.21 50.51
N PRO O 166 21.52 26.68 50.62
CA PRO O 166 20.39 27.51 51.03
C PRO O 166 20.51 27.96 52.48
N GLY O 167 19.80 29.04 52.78
CA GLY O 167 19.73 29.55 54.14
C GLY O 167 21.04 30.00 54.72
N THR O 168 21.95 30.49 53.88
CA THR O 168 23.23 30.97 54.37
C THR O 168 23.73 32.07 53.44
N GLY O 169 24.77 32.77 53.89
CA GLY O 169 25.33 33.88 53.16
C GLY O 169 26.71 33.57 52.63
N PRO O 170 27.22 34.44 51.76
CA PRO O 170 28.54 34.21 51.14
C PRO O 170 29.72 34.52 52.04
N LEU O 171 29.52 34.74 53.35
CA LEU O 171 30.62 34.95 54.28
C LEU O 171 30.91 33.73 55.14
N GLU O 172 29.87 33.03 55.61
CA GLU O 172 30.10 31.75 56.27
C GLU O 172 30.68 30.73 55.31
N ASN O 173 30.48 30.90 54.00
CA ASN O 173 31.12 30.01 53.04
C ASN O 173 32.63 30.16 53.04
N LEU O 174 33.13 31.37 53.34
CA LEU O 174 34.57 31.54 53.48
C LEU O 174 35.11 30.76 54.68
N LYS O 175 34.37 30.77 55.79
CA LYS O 175 34.78 29.99 56.95
C LYS O 175 34.67 28.49 56.67
N THR O 176 33.68 28.08 55.90
CA THR O 176 33.61 26.68 55.47
C THR O 176 34.81 26.30 54.61
N HIS O 177 35.19 27.19 53.69
CA HIS O 177 36.41 27.00 52.91
C HIS O 177 37.61 26.80 53.82
N LEU O 178 37.86 27.75 54.71
CA LEU O 178 39.04 27.71 55.56
C LEU O 178 38.90 26.75 56.73
N ALA O 179 37.79 26.00 56.81
CA ALA O 179 37.70 24.91 57.78
C ALA O 179 38.28 23.63 57.22
N ASP O 180 38.10 23.40 55.92
CA ASP O 180 38.71 22.28 55.20
C ASP O 180 38.74 22.61 53.72
N PRO O 181 39.78 23.29 53.24
CA PRO O 181 39.80 23.70 51.82
C PRO O 181 39.74 22.54 50.86
N TRP O 182 40.17 21.35 51.27
CA TRP O 182 40.29 20.21 50.38
C TRP O 182 39.07 19.30 50.40
N HIS O 183 38.04 19.63 51.17
CA HIS O 183 36.83 18.82 51.21
C HIS O 183 35.59 19.67 50.96
N ASN O 184 35.66 20.95 51.32
CA ASN O 184 34.54 21.87 51.18
C ASN O 184 34.83 22.80 50.00
N THR O 185 34.33 22.43 48.82
CA THR O 185 34.57 23.20 47.61
C THR O 185 33.45 22.91 46.62
N ILE O 186 33.49 23.61 45.48
CA ILE O 186 32.48 23.50 44.45
C ILE O 186 32.28 22.08 43.94
N ALA O 187 33.23 21.19 44.20
CA ALA O 187 33.15 19.81 43.72
C ALA O 187 32.08 19.00 44.43
N HIS O 188 31.28 19.62 45.30
CA HIS O 188 30.16 18.94 45.95
C HIS O 188 28.84 19.17 45.23
N VAL O 189 28.58 20.40 44.77
CA VAL O 189 27.36 20.65 44.02
C VAL O 189 27.51 20.24 42.56
N ILE O 190 28.73 20.35 42.01
CA ILE O 190 28.97 19.89 40.65
C ILE O 190 28.95 18.37 40.59
N ILE O 191 29.72 17.72 41.46
CA ILE O 191 29.78 16.27 41.52
C ILE O 191 29.17 15.80 42.84
N PRO O 192 27.86 15.51 42.89
CA PRO O 192 27.20 15.09 44.12
C PRO O 192 27.60 13.68 44.56
N PHE P 1 9.71 -52.27 -53.65
CA PHE P 1 9.79 -50.97 -54.31
C PHE P 1 8.51 -50.16 -54.09
N ALA P 2 7.66 -50.66 -53.20
CA ALA P 2 6.33 -50.08 -53.02
C ALA P 2 6.06 -49.69 -51.57
N SER P 3 4.79 -49.41 -51.27
CA SER P 3 4.23 -48.99 -49.97
C SER P 3 4.51 -47.53 -49.67
N LYS P 4 5.08 -46.78 -50.62
CA LYS P 4 5.33 -45.35 -50.51
C LYS P 4 5.93 -44.89 -51.83
N GLN P 5 5.90 -43.58 -52.06
CA GLN P 5 6.46 -42.99 -53.27
C GLN P 5 7.80 -42.32 -52.94
N SER P 6 8.79 -42.53 -53.82
CA SER P 6 10.12 -42.00 -53.56
C SER P 6 10.12 -40.50 -53.72
N LEU P 7 9.76 -39.77 -52.66
CA LEU P 7 9.41 -38.37 -52.78
C LEU P 7 10.57 -37.50 -53.26
N SER P 8 11.59 -37.32 -52.43
CA SER P 8 12.74 -36.54 -52.87
C SER P 8 14.07 -37.03 -52.32
N TYR P 9 14.13 -38.11 -51.55
CA TYR P 9 15.36 -38.53 -50.91
C TYR P 9 15.63 -40.02 -50.98
N LEU P 10 14.62 -40.86 -51.14
CA LEU P 10 14.84 -42.30 -51.28
C LEU P 10 14.87 -42.69 -52.76
N ASP P 11 15.88 -42.15 -53.45
CA ASP P 11 16.00 -42.36 -54.89
C ASP P 11 16.38 -43.80 -55.21
N GLY P 12 17.19 -44.43 -54.36
CA GLY P 12 17.66 -45.78 -54.64
C GLY P 12 19.13 -45.97 -54.33
N THR P 13 19.75 -44.95 -53.73
CA THR P 13 21.19 -44.98 -53.51
C THR P 13 21.57 -45.89 -52.35
N LEU P 14 21.02 -45.62 -51.17
CA LEU P 14 21.43 -46.33 -49.96
C LEU P 14 21.14 -47.83 -50.07
N PRO P 15 21.94 -48.66 -49.42
CA PRO P 15 21.66 -50.11 -49.44
C PRO P 15 20.40 -50.47 -48.68
N GLY P 16 19.36 -50.86 -49.40
CA GLY P 16 18.08 -51.15 -48.79
C GLY P 16 17.11 -50.02 -49.01
N ASP P 17 17.23 -49.35 -50.16
CA ASP P 17 16.41 -48.18 -50.48
C ASP P 17 15.09 -48.60 -51.11
N TYR P 18 14.26 -49.27 -50.30
CA TYR P 18 12.97 -49.77 -50.75
C TYR P 18 11.92 -48.67 -50.84
N GLY P 19 12.31 -47.41 -50.64
CA GLY P 19 11.38 -46.30 -50.77
C GLY P 19 10.21 -46.36 -49.80
N PHE P 20 10.48 -46.69 -48.54
CA PHE P 20 9.43 -46.83 -47.53
C PHE P 20 9.63 -45.76 -46.48
N ASP P 21 8.72 -44.78 -46.45
CA ASP P 21 8.72 -43.73 -45.44
C ASP P 21 7.36 -43.05 -45.39
N PRO P 22 6.36 -43.68 -44.80
CA PRO P 22 5.01 -43.08 -44.80
C PRO P 22 4.88 -41.87 -43.90
N LEU P 23 5.83 -41.63 -43.00
CA LEU P 23 5.77 -40.48 -42.10
C LEU P 23 6.67 -39.33 -42.54
N GLY P 24 7.81 -39.62 -43.14
CA GLY P 24 8.72 -38.59 -43.58
C GLY P 24 9.71 -38.17 -42.51
N LEU P 25 10.38 -39.15 -41.91
CA LEU P 25 11.38 -38.88 -40.89
C LEU P 25 12.77 -38.62 -41.45
N MET P 26 12.96 -38.83 -42.75
CA MET P 26 14.23 -38.53 -43.42
C MET P 26 14.12 -37.31 -44.33
N ASP P 27 12.94 -36.69 -44.41
CA ASP P 27 12.71 -35.53 -45.25
C ASP P 27 13.73 -34.42 -44.93
N PRO P 28 14.54 -34.01 -45.90
CA PRO P 28 15.64 -33.07 -45.60
C PRO P 28 15.20 -31.63 -45.38
N GLU P 29 13.89 -31.33 -45.37
CA GLU P 29 13.46 -29.96 -45.17
C GLU P 29 13.66 -29.54 -43.71
N GLY P 30 13.08 -30.30 -42.78
CA GLY P 30 13.39 -30.13 -41.37
C GLY P 30 14.26 -31.27 -40.89
N ALA P 31 15.55 -31.02 -40.71
CA ALA P 31 16.51 -32.09 -40.49
C ALA P 31 17.34 -31.95 -39.23
N GLY P 32 17.37 -30.80 -38.57
CA GLY P 32 18.20 -30.61 -37.40
C GLY P 32 17.95 -31.59 -36.29
N GLY P 33 18.84 -31.63 -35.30
CA GLY P 33 18.68 -32.53 -34.18
C GLY P 33 19.22 -33.92 -34.43
N PHE P 34 18.36 -34.94 -34.32
CA PHE P 34 18.77 -36.32 -34.47
C PHE P 34 18.14 -37.03 -35.65
N ILE P 35 17.33 -36.36 -36.46
CA ILE P 35 16.63 -37.03 -37.54
C ILE P 35 17.09 -36.51 -38.90
N ASP P 36 18.33 -36.04 -38.96
CA ASP P 36 18.90 -35.68 -40.25
C ASP P 36 19.19 -36.94 -41.06
N PRO P 37 19.21 -36.84 -42.39
CA PRO P 37 19.43 -38.05 -43.21
C PRO P 37 20.82 -38.65 -43.10
N GLN P 38 21.69 -38.11 -42.25
CA GLN P 38 23.01 -38.69 -42.05
C GLN P 38 23.14 -39.47 -40.75
N TRP P 39 22.23 -39.27 -39.80
CA TRP P 39 22.21 -40.02 -38.56
C TRP P 39 21.25 -41.20 -38.60
N LEU P 40 20.17 -41.11 -39.38
CA LEU P 40 19.20 -42.20 -39.41
C LEU P 40 19.75 -43.47 -40.04
N PRO P 41 20.43 -43.43 -41.20
CA PRO P 41 21.02 -44.68 -41.71
C PRO P 41 22.03 -45.30 -40.76
N TYR P 42 22.87 -44.47 -40.14
CA TYR P 42 23.85 -44.98 -39.17
C TYR P 42 23.15 -45.63 -37.98
N ALA P 43 22.10 -45.00 -37.48
CA ALA P 43 21.37 -45.56 -36.35
C ALA P 43 20.72 -46.88 -36.72
N GLU P 44 20.08 -46.95 -37.89
CA GLU P 44 19.52 -48.21 -38.34
C GLU P 44 20.61 -49.28 -38.47
N ILE P 45 21.76 -48.91 -39.04
CA ILE P 45 22.84 -49.87 -39.23
C ILE P 45 23.25 -50.49 -37.91
N ILE P 46 23.58 -49.65 -36.92
CA ILE P 46 24.15 -50.25 -35.72
C ILE P 46 23.07 -50.80 -34.78
N ASN P 47 21.84 -50.28 -34.83
CA ASN P 47 20.76 -50.96 -34.13
C ASN P 47 20.52 -52.35 -34.70
N GLY P 48 20.61 -52.49 -36.02
CA GLY P 48 20.50 -53.81 -36.63
C GLY P 48 21.67 -54.70 -36.27
N ARG P 49 22.87 -54.13 -36.18
CA ARG P 49 24.03 -54.91 -35.73
C ARG P 49 23.81 -55.46 -34.32
N PHE P 50 23.41 -54.58 -33.39
CA PHE P 50 23.18 -55.03 -32.03
C PHE P 50 22.03 -56.02 -31.94
N ALA P 51 20.98 -55.85 -32.76
CA ALA P 51 19.88 -56.80 -32.76
C ALA P 51 20.32 -58.15 -33.32
N MET P 52 21.17 -58.13 -34.34
CA MET P 52 21.72 -59.37 -34.87
C MET P 52 22.60 -60.07 -33.84
N LEU P 53 23.30 -59.29 -33.01
CA LEU P 53 24.15 -59.88 -31.98
C LEU P 53 23.34 -60.35 -30.78
N GLY P 54 22.16 -59.80 -30.57
CA GLY P 54 21.35 -60.17 -29.42
C GLY P 54 20.32 -61.25 -29.68
N ALA P 55 19.75 -61.28 -30.88
CA ALA P 55 18.73 -62.27 -31.21
C ALA P 55 19.32 -63.66 -31.35
N ALA P 56 20.64 -63.77 -31.46
CA ALA P 56 21.30 -65.06 -31.42
C ALA P 56 21.62 -65.50 -30.01
N GLY P 57 22.12 -64.59 -29.18
CA GLY P 57 22.45 -64.90 -27.80
C GLY P 57 21.24 -65.11 -26.92
N ALA P 58 20.09 -64.58 -27.34
CA ALA P 58 18.87 -64.82 -26.57
C ALA P 58 18.43 -66.28 -26.65
N ILE P 59 18.68 -66.94 -27.78
CA ILE P 59 18.28 -68.33 -27.92
C ILE P 59 19.43 -69.30 -27.68
N ALA P 60 20.68 -68.87 -27.89
CA ALA P 60 21.82 -69.77 -27.87
C ALA P 60 21.89 -70.66 -26.63
N PRO P 61 21.76 -70.15 -25.40
CA PRO P 61 21.80 -71.07 -24.25
C PRO P 61 20.67 -72.09 -24.25
N GLU P 62 19.44 -71.65 -24.54
CA GLU P 62 18.30 -72.55 -24.50
C GLU P 62 18.40 -73.63 -25.56
N VAL P 63 18.92 -73.29 -26.74
CA VAL P 63 19.00 -74.28 -27.81
C VAL P 63 20.23 -75.17 -27.63
N LEU P 64 21.28 -74.66 -26.99
CA LEU P 64 22.46 -75.48 -26.74
C LEU P 64 22.23 -76.48 -25.62
N GLY P 65 21.55 -76.05 -24.55
CA GLY P 65 21.28 -76.95 -23.45
C GLY P 65 20.37 -78.11 -23.81
N ARG P 66 19.60 -77.99 -24.90
CA ARG P 66 18.80 -79.11 -25.34
C ARG P 66 19.66 -80.19 -25.98
N ILE P 67 20.77 -79.80 -26.62
CA ILE P 67 21.72 -80.77 -27.15
C ILE P 67 22.55 -81.43 -26.06
N GLY P 68 22.34 -81.06 -24.79
CA GLY P 68 23.09 -81.64 -23.71
C GLY P 68 24.55 -81.24 -23.65
N LEU P 69 24.96 -80.25 -24.43
CA LEU P 69 26.37 -79.84 -24.46
C LEU P 69 26.72 -79.05 -23.20
N ILE P 70 26.00 -77.97 -22.94
CA ILE P 70 26.30 -77.08 -21.82
C ILE P 70 25.75 -77.73 -20.54
N PRO P 71 26.39 -77.52 -19.40
CA PRO P 71 25.78 -77.95 -18.13
C PRO P 71 24.46 -77.25 -17.89
N GLN P 72 23.74 -77.73 -16.88
CA GLN P 72 22.42 -77.17 -16.60
C GLN P 72 22.52 -75.85 -15.88
N GLU P 73 23.28 -74.91 -16.47
CA GLU P 73 23.29 -73.52 -16.05
C GLU P 73 22.63 -72.60 -17.07
N THR P 74 22.45 -73.06 -18.30
CA THR P 74 21.81 -72.28 -19.33
C THR P 74 20.34 -72.07 -19.00
N ALA P 75 19.99 -70.85 -18.60
CA ALA P 75 18.60 -70.53 -18.30
C ALA P 75 17.75 -70.70 -19.54
N ILE P 76 16.86 -71.69 -19.53
CA ILE P 76 15.96 -71.98 -20.64
C ILE P 76 15.25 -70.71 -21.08
N PRO P 77 14.79 -69.84 -20.17
CA PRO P 77 14.40 -68.50 -20.61
C PRO P 77 15.59 -67.56 -20.65
N TRP P 78 15.63 -66.73 -21.70
CA TRP P 78 16.71 -65.76 -21.86
C TRP P 78 16.72 -64.69 -20.79
N PHE P 79 15.68 -64.60 -19.96
CA PHE P 79 15.53 -63.50 -19.02
C PHE P 79 15.71 -63.90 -17.57
N GLN P 80 15.78 -65.19 -17.26
CA GLN P 80 16.05 -65.64 -15.90
C GLN P 80 17.52 -65.58 -15.53
N SER P 81 18.34 -64.91 -16.33
CA SER P 81 19.78 -64.84 -16.10
C SER P 81 20.16 -63.38 -15.87
N GLY P 82 20.04 -62.94 -14.63
CA GLY P 82 20.57 -61.64 -14.23
C GLY P 82 19.80 -60.44 -14.74
N VAL P 83 19.59 -60.38 -16.06
CA VAL P 83 19.07 -59.17 -16.72
C VAL P 83 17.83 -58.63 -16.04
N ILE P 84 17.01 -59.49 -15.46
CA ILE P 84 15.85 -59.05 -14.70
C ILE P 84 15.83 -59.84 -13.39
N PRO P 85 16.14 -59.22 -12.27
CA PRO P 85 16.22 -59.96 -10.99
C PRO P 85 14.89 -60.57 -10.58
N PRO P 86 13.79 -59.81 -10.54
CA PRO P 86 12.58 -60.34 -9.87
C PRO P 86 12.01 -61.59 -10.49
N VAL P 87 12.27 -61.85 -11.78
CA VAL P 87 11.75 -63.04 -12.43
C VAL P 87 12.79 -64.17 -12.47
N GLY P 88 13.90 -64.01 -11.78
CA GLY P 88 14.95 -65.02 -11.77
C GLY P 88 16.30 -64.46 -12.15
N ASN P 89 17.35 -64.88 -11.43
CA ASN P 89 18.68 -64.38 -11.69
C ASN P 89 19.70 -65.46 -11.41
N TYR P 90 20.81 -65.42 -12.14
CA TYR P 90 21.91 -66.36 -12.00
C TYR P 90 23.07 -65.68 -11.29
N SER P 91 23.75 -66.42 -10.43
CA SER P 91 24.84 -65.88 -9.63
C SER P 91 26.16 -66.08 -10.39
N TYR P 92 26.77 -64.97 -10.80
CA TYR P 92 28.04 -64.98 -11.48
C TYR P 92 29.16 -64.64 -10.50
N TRP P 93 30.37 -64.44 -11.01
CA TRP P 93 31.50 -64.19 -10.14
C TRP P 93 31.50 -62.81 -9.52
N ALA P 94 30.45 -62.00 -9.68
CA ALA P 94 30.42 -60.68 -9.09
C ALA P 94 28.97 -60.19 -9.04
N ASP P 95 28.77 -59.12 -8.29
CA ASP P 95 27.45 -58.52 -8.20
C ASP P 95 27.01 -58.04 -9.58
N PRO P 96 25.73 -58.16 -9.92
CA PRO P 96 25.26 -57.60 -11.21
C PRO P 96 25.50 -56.11 -11.33
N TYR P 97 25.60 -55.38 -10.22
CA TYR P 97 25.83 -53.94 -10.30
C TYR P 97 27.30 -53.61 -10.56
N THR P 98 28.23 -54.35 -9.94
CA THR P 98 29.63 -54.13 -10.30
C THR P 98 29.93 -54.66 -11.70
N LEU P 99 29.26 -55.75 -12.11
CA LEU P 99 29.30 -56.14 -13.50
C LEU P 99 28.79 -55.03 -14.40
N PHE P 100 27.72 -54.34 -13.97
CA PHE P 100 27.16 -53.27 -14.78
C PHE P 100 28.14 -52.10 -14.91
N VAL P 101 28.78 -51.71 -13.82
CA VAL P 101 29.68 -50.57 -13.90
C VAL P 101 30.96 -50.94 -14.65
N LEU P 102 31.41 -52.19 -14.54
CA LEU P 102 32.53 -52.64 -15.37
C LEU P 102 32.15 -52.62 -16.84
N GLU P 103 30.93 -53.07 -17.16
CA GLU P 103 30.46 -53.03 -18.54
C GLU P 103 30.39 -51.60 -19.06
N MET P 104 29.91 -50.67 -18.24
CA MET P 104 29.82 -49.28 -18.66
C MET P 104 31.20 -48.67 -18.84
N ALA P 105 32.16 -49.05 -17.99
CA ALA P 105 33.51 -48.53 -18.13
C ALA P 105 34.19 -49.08 -19.38
N LEU P 106 33.94 -50.35 -19.69
CA LEU P 106 34.52 -50.94 -20.90
C LEU P 106 33.83 -50.44 -22.16
N MET P 107 32.56 -50.05 -22.05
CA MET P 107 31.80 -49.61 -23.22
C MET P 107 31.94 -48.12 -23.48
N GLY P 108 32.26 -47.33 -22.46
CA GLY P 108 32.52 -45.92 -22.69
C GLY P 108 33.68 -45.70 -23.63
N PHE P 109 34.76 -46.46 -23.46
CA PHE P 109 35.88 -46.41 -24.39
C PHE P 109 35.44 -46.85 -25.78
N ALA P 110 34.68 -47.95 -25.86
CA ALA P 110 34.27 -48.49 -27.14
C ALA P 110 33.32 -47.56 -27.90
N GLU P 111 32.59 -46.70 -27.20
CA GLU P 111 31.56 -45.88 -27.83
C GLU P 111 31.98 -44.43 -28.03
N HIS P 112 32.79 -43.86 -27.13
CA HIS P 112 33.21 -42.48 -27.31
C HIS P 112 34.12 -42.33 -28.52
N ARG P 113 34.99 -43.31 -28.77
CA ARG P 113 35.82 -43.28 -29.97
C ARG P 113 34.97 -43.29 -31.22
N ARG P 114 33.94 -44.15 -31.25
CA ARG P 114 33.06 -44.21 -32.40
C ARG P 114 32.28 -42.91 -32.58
N ALA P 115 31.83 -42.32 -31.47
CA ALA P 115 31.13 -41.05 -31.55
C ALA P 115 32.03 -39.95 -32.10
N GLN P 116 33.28 -39.92 -31.65
CA GLN P 116 34.22 -38.92 -32.15
C GLN P 116 34.56 -39.14 -33.61
N ASP P 117 34.56 -40.40 -34.07
CA ASP P 117 34.79 -40.63 -35.48
C ASP P 117 33.58 -40.23 -36.31
N TYR P 118 32.37 -40.35 -35.76
CA TYR P 118 31.21 -39.83 -36.47
C TYR P 118 31.24 -38.31 -36.56
N TYR P 119 31.40 -37.64 -35.41
CA TYR P 119 31.39 -36.18 -35.40
C TYR P 119 32.64 -35.60 -36.06
N LYS P 120 33.79 -36.22 -35.87
CA LYS P 120 35.04 -35.79 -36.48
C LYS P 120 35.62 -36.97 -37.25
N PRO P 121 35.39 -37.05 -38.57
CA PRO P 121 35.74 -38.26 -39.33
C PRO P 121 37.21 -38.68 -39.24
N GLY P 122 38.12 -37.79 -39.62
CA GLY P 122 39.52 -38.14 -39.68
C GLY P 122 40.16 -38.42 -38.33
N SER P 123 39.50 -38.05 -37.25
CA SER P 123 40.09 -38.15 -35.91
C SER P 123 40.17 -39.61 -35.48
N MET P 124 40.62 -39.82 -34.24
CA MET P 124 40.84 -41.15 -33.67
C MET P 124 41.93 -41.91 -34.43
N GLY P 125 42.86 -41.17 -35.02
CA GLY P 125 44.04 -41.75 -35.63
C GLY P 125 45.24 -40.86 -35.37
N LYS P 126 45.01 -39.77 -34.64
CA LYS P 126 46.03 -38.78 -34.35
C LYS P 126 46.52 -38.85 -32.91
N GLN P 127 45.61 -38.78 -31.95
CA GLN P 127 46.00 -38.91 -30.55
C GLN P 127 46.58 -40.30 -30.28
N TYR P 128 47.68 -40.33 -29.54
CA TYR P 128 48.34 -41.58 -29.21
C TYR P 128 47.44 -42.39 -28.28
N PHE P 129 46.83 -43.45 -28.81
CA PHE P 129 46.09 -44.37 -27.96
C PHE P 129 47.08 -45.25 -27.20
N LEU P 130 46.78 -45.45 -25.92
CA LEU P 130 47.71 -46.11 -25.02
C LEU P 130 48.09 -47.50 -25.54
N GLY P 131 49.23 -48.00 -25.05
CA GLY P 131 49.76 -49.25 -25.58
C GLY P 131 50.05 -49.11 -27.06
N LEU P 132 49.71 -50.15 -27.81
CA LEU P 132 49.88 -50.12 -29.26
C LEU P 132 48.90 -49.12 -29.86
N GLU P 133 49.42 -47.98 -30.30
CA GLU P 133 48.58 -47.03 -31.01
C GLU P 133 48.15 -47.68 -32.32
N LYS P 134 46.89 -48.10 -32.38
CA LYS P 134 46.40 -48.85 -33.52
C LYS P 134 45.87 -47.89 -34.59
N PHE P 135 45.93 -48.34 -35.84
CA PHE P 135 45.44 -47.56 -36.96
C PHE P 135 43.94 -47.77 -37.06
N LEU P 136 43.19 -46.93 -36.36
CA LEU P 136 41.73 -46.95 -36.38
C LEU P 136 41.17 -45.66 -36.98
N GLY P 137 41.79 -45.17 -38.05
CA GLY P 137 41.30 -43.97 -38.69
C GLY P 137 39.93 -44.16 -39.31
N GLY P 138 39.26 -43.04 -39.55
CA GLY P 138 37.93 -43.07 -40.13
C GLY P 138 37.96 -43.27 -41.62
N SER P 139 38.23 -44.50 -42.05
CA SER P 139 38.41 -44.81 -43.47
C SER P 139 37.06 -44.82 -44.17
N GLY P 140 36.54 -43.63 -44.41
CA GLY P 140 35.34 -43.46 -45.21
C GLY P 140 34.11 -43.16 -44.36
N ASN P 141 33.02 -43.88 -44.62
CA ASN P 141 31.77 -43.64 -43.93
C ASN P 141 31.90 -44.04 -42.46
N PRO P 142 31.30 -43.28 -41.54
CA PRO P 142 31.38 -43.65 -40.12
C PRO P 142 30.67 -44.95 -39.77
N ALA P 143 29.94 -45.55 -40.71
CA ALA P 143 29.30 -46.83 -40.47
C ALA P 143 30.08 -48.01 -41.04
N TYR P 144 31.13 -47.75 -41.82
CA TYR P 144 31.95 -48.80 -42.42
C TYR P 144 33.40 -48.39 -42.26
N PRO P 145 33.99 -48.64 -41.08
CA PRO P 145 35.34 -48.10 -40.80
C PRO P 145 36.45 -48.75 -41.60
N GLY P 146 36.20 -49.86 -42.29
CA GLY P 146 37.26 -50.53 -43.01
C GLY P 146 38.39 -50.95 -42.08
N GLY P 147 39.61 -50.62 -42.47
CA GLY P 147 40.75 -50.83 -41.62
C GLY P 147 41.24 -52.26 -41.63
N PRO P 148 42.50 -52.47 -41.22
CA PRO P 148 43.04 -53.83 -41.17
C PRO P 148 42.58 -54.64 -39.97
N ILE P 149 41.84 -54.04 -39.04
CA ILE P 149 41.37 -54.72 -37.84
C ILE P 149 39.86 -54.95 -37.88
N PHE P 150 39.09 -53.91 -38.22
CA PHE P 150 37.65 -54.08 -38.36
C PHE P 150 37.29 -54.85 -39.62
N ASN P 151 38.25 -55.13 -40.50
CA ASN P 151 38.07 -56.02 -41.64
C ASN P 151 39.23 -57.01 -41.61
N PHE P 152 39.06 -58.09 -40.84
CA PHE P 152 40.11 -59.10 -40.74
C PHE P 152 40.41 -59.72 -42.10
N LEU P 153 39.38 -60.14 -42.82
CA LEU P 153 39.54 -60.88 -44.05
C LEU P 153 39.43 -60.02 -45.30
N GLY P 154 38.99 -58.77 -45.17
CA GLY P 154 38.79 -57.96 -46.34
C GLY P 154 37.65 -58.41 -47.22
N PHE P 155 36.66 -59.09 -46.65
CA PHE P 155 35.52 -59.56 -47.42
C PHE P 155 34.82 -58.39 -48.09
N GLY P 156 34.74 -58.44 -49.43
CA GLY P 156 34.24 -57.32 -50.19
C GLY P 156 35.38 -56.48 -50.73
N LYS P 157 35.63 -56.57 -52.03
CA LYS P 157 36.79 -55.93 -52.66
C LYS P 157 36.39 -54.69 -53.44
N ASN P 158 35.44 -54.81 -54.36
CA ASN P 158 34.98 -53.70 -55.17
C ASN P 158 33.51 -53.41 -54.87
N GLU P 159 32.91 -52.52 -55.66
CA GLU P 159 31.64 -51.91 -55.28
C GLU P 159 30.48 -52.91 -55.33
N LYS P 160 30.49 -53.81 -56.30
CA LYS P 160 29.34 -54.69 -56.50
C LYS P 160 29.10 -55.60 -55.30
N GLU P 161 30.07 -56.46 -54.98
CA GLU P 161 29.90 -57.41 -53.89
C GLU P 161 29.83 -56.71 -52.55
N LEU P 162 30.48 -55.54 -52.41
CA LEU P 162 30.38 -54.80 -51.16
C LEU P 162 28.98 -54.25 -50.95
N GLN P 163 28.37 -53.73 -52.02
CA GLN P 163 26.99 -53.25 -51.91
C GLN P 163 26.03 -54.40 -51.63
N GLU P 164 26.29 -55.56 -52.25
CA GLU P 164 25.46 -56.73 -51.97
C GLU P 164 25.57 -57.14 -50.50
N LEU P 165 26.80 -57.18 -49.98
CA LEU P 165 27.00 -57.49 -48.57
C LEU P 165 26.28 -56.48 -47.68
N LYS P 166 26.34 -55.19 -48.05
CA LYS P 166 25.71 -54.16 -47.24
C LYS P 166 24.19 -54.34 -47.20
N VAL P 167 23.57 -54.60 -48.35
CA VAL P 167 22.12 -54.74 -48.35
C VAL P 167 21.70 -56.02 -47.62
N LYS P 168 22.50 -57.09 -47.77
CA LYS P 168 22.25 -58.30 -46.98
C LYS P 168 22.32 -57.98 -45.48
N GLU P 169 23.31 -57.18 -45.08
CA GLU P 169 23.45 -56.85 -43.66
C GLU P 169 22.27 -56.05 -43.16
N VAL P 170 21.82 -55.05 -43.91
CA VAL P 170 20.70 -54.24 -43.42
C VAL P 170 19.42 -55.06 -43.36
N LYS P 171 19.22 -55.98 -44.31
CA LYS P 171 18.02 -56.81 -44.28
C LYS P 171 18.04 -57.77 -43.10
N ASN P 172 19.19 -58.42 -42.87
CA ASN P 172 19.33 -59.27 -41.70
C ASN P 172 19.17 -58.49 -40.41
N GLY P 173 19.63 -57.24 -40.38
CA GLY P 173 19.47 -56.44 -39.18
C GLY P 173 18.01 -56.10 -38.90
N ARG P 174 17.25 -55.76 -39.94
CA ARG P 174 15.82 -55.53 -39.75
C ARG P 174 15.13 -56.80 -39.27
N LEU P 175 15.47 -57.94 -39.87
CA LEU P 175 14.89 -59.21 -39.42
C LEU P 175 15.20 -59.48 -37.96
N ALA P 176 16.45 -59.22 -37.55
CA ALA P 176 16.84 -59.47 -36.16
C ALA P 176 16.16 -58.50 -35.20
N MET P 177 15.96 -57.25 -35.63
CA MET P 177 15.19 -56.31 -34.82
C MET P 177 13.78 -56.82 -34.57
N MET P 178 13.12 -57.27 -35.64
CA MET P 178 11.77 -57.83 -35.46
C MET P 178 11.82 -59.07 -34.57
N ALA P 179 12.88 -59.87 -34.69
CA ALA P 179 13.00 -61.08 -33.87
C ALA P 179 13.13 -60.74 -32.39
N VAL P 180 13.95 -59.75 -32.06
CA VAL P 180 14.14 -59.43 -30.64
C VAL P 180 12.89 -58.73 -30.09
N LEU P 181 12.18 -57.97 -30.92
CA LEU P 181 10.88 -57.46 -30.48
C LEU P 181 9.92 -58.60 -30.17
N GLY P 182 9.89 -59.63 -31.03
CA GLY P 182 9.06 -60.79 -30.76
C GLY P 182 9.47 -61.50 -29.49
N TYR P 183 10.77 -61.64 -29.26
CA TYR P 183 11.27 -62.19 -27.99
C TYR P 183 10.68 -61.42 -26.81
N PHE P 184 10.89 -60.11 -26.81
CA PHE P 184 10.41 -59.27 -25.71
C PHE P 184 8.92 -59.46 -25.47
N THR P 185 8.13 -59.41 -26.55
CA THR P 185 6.68 -59.48 -26.38
C THR P 185 6.24 -60.87 -25.91
N GLN P 186 6.55 -61.91 -26.69
CA GLN P 186 6.06 -63.24 -26.35
C GLN P 186 6.76 -63.82 -25.12
N ALA P 187 7.71 -63.12 -24.51
CA ALA P 187 8.18 -63.53 -23.20
C ALA P 187 7.20 -63.14 -22.09
N ILE P 188 6.15 -62.37 -22.42
CA ILE P 188 5.21 -61.89 -21.44
C ILE P 188 3.92 -62.69 -21.44
N PHE P 189 3.39 -62.98 -22.64
CA PHE P 189 2.13 -63.71 -22.74
C PHE P 189 2.30 -65.22 -22.61
N THR P 190 3.53 -65.72 -22.55
CA THR P 190 3.78 -67.14 -22.39
C THR P 190 4.51 -67.46 -21.09
N GLY P 191 5.61 -66.78 -20.81
CA GLY P 191 6.39 -67.06 -19.62
C GLY P 191 7.48 -68.08 -19.80
N VAL P 192 8.08 -68.17 -20.98
CA VAL P 192 9.08 -69.18 -21.28
C VAL P 192 9.86 -68.70 -22.50
N GLY P 193 11.08 -69.22 -22.66
CA GLY P 193 11.96 -68.80 -23.72
C GLY P 193 11.39 -69.00 -25.12
N PRO P 194 12.04 -68.43 -26.12
CA PRO P 194 11.49 -68.46 -27.48
C PRO P 194 11.61 -69.82 -28.14
N PHE P 195 12.69 -70.56 -27.88
CA PHE P 195 12.85 -71.88 -28.49
C PHE P 195 11.78 -72.84 -27.97
N GLN P 196 11.44 -72.74 -26.69
CA GLN P 196 10.34 -73.55 -26.17
C GLN P 196 9.02 -73.15 -26.82
N ASN P 197 8.84 -71.85 -27.10
CA ASN P 197 7.66 -71.42 -27.82
C ASN P 197 7.59 -72.05 -29.21
N LEU P 198 8.72 -72.09 -29.91
CA LEU P 198 8.76 -72.73 -31.23
C LEU P 198 8.46 -74.22 -31.13
N LEU P 199 9.01 -74.89 -30.12
CA LEU P 199 8.75 -76.31 -29.95
C LEU P 199 7.27 -76.58 -29.67
N ASP P 200 6.68 -75.78 -28.78
CA ASP P 200 5.27 -75.96 -28.46
C ASP P 200 4.36 -75.58 -29.61
N HIS P 201 4.81 -74.70 -30.51
CA HIS P 201 4.06 -74.44 -31.72
C HIS P 201 4.19 -75.60 -32.70
N LEU P 202 5.37 -76.25 -32.73
CA LEU P 202 5.54 -77.41 -33.60
C LEU P 202 4.75 -78.60 -33.10
N ALA P 203 4.47 -78.67 -31.80
CA ALA P 203 3.71 -79.78 -31.23
C ALA P 203 2.34 -79.90 -31.90
N ASP P 204 1.50 -78.88 -31.75
CA ASP P 204 0.24 -78.79 -32.48
C ASP P 204 -0.21 -77.33 -32.55
N PRO P 205 -0.28 -76.75 -33.75
CA PRO P 205 -0.63 -75.32 -33.85
C PRO P 205 -2.10 -75.03 -33.62
N VAL P 206 -2.97 -76.04 -33.73
CA VAL P 206 -4.40 -75.80 -33.55
C VAL P 206 -4.71 -75.39 -32.11
N HIS P 207 -3.99 -75.93 -31.13
CA HIS P 207 -4.25 -75.64 -29.73
C HIS P 207 -3.07 -74.98 -29.03
N ASN P 208 -2.08 -74.47 -29.76
CA ASN P 208 -0.91 -73.88 -29.12
C ASN P 208 -0.42 -72.59 -29.77
N ASN P 209 -1.20 -71.98 -30.66
CA ASN P 209 -0.80 -70.72 -31.28
C ASN P 209 -1.08 -69.57 -30.31
N VAL P 210 -1.01 -68.34 -30.81
CA VAL P 210 -1.19 -67.19 -29.93
C VAL P 210 -2.61 -67.12 -29.37
N LEU P 211 -3.58 -67.66 -30.09
CA LEU P 211 -4.97 -67.58 -29.66
C LEU P 211 -5.29 -68.67 -28.64
N THR P 212 -4.48 -68.75 -27.56
CA THR P 212 -4.74 -69.70 -26.50
C THR P 212 -4.51 -69.11 -25.12
N ASN P 213 -4.41 -67.79 -25.00
CA ASN P 213 -4.15 -67.15 -23.71
C ASN P 213 -4.73 -65.74 -23.66
N ARG Q 4 62.67 3.50 1.97
CA ARG Q 4 62.38 3.23 3.37
C ARG Q 4 61.44 2.04 3.50
N PRO Q 5 61.43 1.40 4.67
CA PRO Q 5 60.50 0.28 4.88
C PRO Q 5 59.11 0.76 5.24
N LEU Q 6 58.11 0.03 4.78
CA LEU Q 6 56.73 0.34 5.06
C LEU Q 6 56.10 -0.78 5.90
N TRP Q 7 54.84 -0.57 6.27
CA TRP Q 7 54.15 -1.55 7.11
C TRP Q 7 53.94 -2.86 6.36
N LEU Q 8 53.46 -2.80 5.12
CA LEU Q 8 53.39 -4.03 4.35
C LEU Q 8 54.32 -3.95 3.16
N PRO Q 9 55.08 -5.02 2.87
CA PRO Q 9 56.07 -4.94 1.78
C PRO Q 9 55.46 -4.75 0.41
N GLY Q 10 54.18 -5.10 0.21
CA GLY Q 10 53.48 -4.71 -0.99
C GLY Q 10 53.02 -3.27 -0.80
N THR Q 11 53.96 -2.34 -0.94
CA THR Q 11 53.85 -1.02 -0.32
C THR Q 11 52.62 -0.24 -0.76
N THR Q 12 52.55 0.16 -2.03
CA THR Q 12 51.55 1.09 -2.54
C THR Q 12 51.40 2.24 -1.53
N PRO Q 13 52.40 3.11 -1.41
CA PRO Q 13 52.37 4.11 -0.34
C PRO Q 13 51.43 5.25 -0.68
N PRO Q 14 50.79 5.85 0.32
CA PRO Q 14 49.88 6.97 0.07
C PRO Q 14 50.66 8.23 -0.29
N ALA Q 15 49.92 9.25 -0.74
CA ALA Q 15 50.52 10.48 -1.23
C ALA Q 15 50.57 11.58 -0.18
N HIS Q 16 49.56 11.67 0.70
CA HIS Q 16 49.51 12.74 1.68
C HIS Q 16 50.65 12.67 2.69
N LEU Q 17 51.34 11.55 2.79
CA LEU Q 17 52.52 11.43 3.66
C LEU Q 17 53.60 10.74 2.87
N ASP Q 18 54.69 11.48 2.58
CA ASP Q 18 55.74 11.00 1.69
C ASP Q 18 57.03 10.71 2.43
N GLY Q 19 57.55 11.67 3.19
CA GLY Q 19 58.77 11.44 3.93
C GLY Q 19 59.07 12.59 4.86
N THR Q 20 60.22 12.48 5.53
CA THR Q 20 60.78 13.47 6.45
C THR Q 20 59.97 13.62 7.72
N LEU Q 21 58.84 12.93 7.85
CA LEU Q 21 58.04 12.96 9.07
C LEU Q 21 58.60 11.94 10.06
N ALA Q 22 58.75 12.37 11.31
CA ALA Q 22 59.22 11.47 12.34
C ALA Q 22 58.32 10.25 12.45
N GLY Q 23 58.93 9.06 12.46
CA GLY Q 23 58.18 7.82 12.62
C GLY Q 23 57.24 7.50 11.49
N ASP Q 24 57.66 7.71 10.25
CA ASP Q 24 56.80 7.50 9.10
C ASP Q 24 57.01 6.11 8.54
N PHE Q 25 55.91 5.38 8.34
CA PHE Q 25 55.94 4.06 7.72
C PHE Q 25 54.88 3.90 6.65
N GLY Q 26 54.25 5.00 6.22
CA GLY Q 26 53.21 4.92 5.21
C GLY Q 26 52.02 4.08 5.63
N PHE Q 27 51.57 4.25 6.87
CA PHE Q 27 50.46 3.47 7.41
C PHE Q 27 49.25 4.39 7.57
N ASP Q 28 48.48 4.50 6.50
CA ASP Q 28 47.21 5.23 6.53
C ASP Q 28 46.22 4.55 5.59
N PRO Q 29 45.88 3.28 5.83
CA PRO Q 29 45.01 2.57 4.88
C PRO Q 29 43.61 3.14 4.81
N LEU Q 30 43.09 3.68 5.91
CA LEU Q 30 41.72 4.18 5.96
C LEU Q 30 41.61 5.65 5.57
N GLY Q 31 42.62 6.20 4.89
CA GLY Q 31 42.63 7.58 4.46
C GLY Q 31 42.15 8.56 5.52
N LEU Q 32 42.56 8.33 6.76
CA LEU Q 32 42.02 9.10 7.88
C LEU Q 32 42.42 10.58 7.76
N GLY Q 33 43.72 10.86 7.82
CA GLY Q 33 44.18 12.21 7.57
C GLY Q 33 44.70 12.38 6.17
N GLN Q 34 43.87 12.94 5.28
CA GLN Q 34 44.27 13.22 3.91
C GLN Q 34 44.35 14.70 3.59
N ASP Q 35 43.71 15.54 4.36
CA ASP Q 35 43.68 16.99 4.23
C ASP Q 35 44.83 17.62 5.01
N PRO Q 36 45.28 18.80 4.58
CA PRO Q 36 46.42 19.43 5.27
C PRO Q 36 46.19 19.64 6.76
N GLN Q 37 45.06 20.26 7.12
CA GLN Q 37 44.72 20.41 8.53
C GLN Q 37 44.71 19.08 9.25
N ASP Q 38 44.21 18.04 8.59
CA ASP Q 38 44.10 16.74 9.24
C ASP Q 38 45.47 16.21 9.63
N LEU Q 39 46.46 16.33 8.75
CA LEU Q 39 47.80 15.83 9.08
C LEU Q 39 48.48 16.74 10.11
N ARG Q 40 48.45 18.05 9.88
CA ARG Q 40 49.10 18.96 10.84
C ARG Q 40 48.45 18.94 12.20
N TRP Q 41 47.26 18.34 12.34
CA TRP Q 41 46.61 18.14 13.62
C TRP Q 41 46.88 16.76 14.20
N TYR Q 42 46.85 15.73 13.36
CA TYR Q 42 47.04 14.38 13.86
C TYR Q 42 48.47 14.13 14.30
N VAL Q 43 49.44 14.85 13.72
CA VAL Q 43 50.81 14.72 14.22
C VAL Q 43 50.87 15.13 15.69
N GLN Q 44 50.28 16.28 16.02
CA GLN Q 44 50.27 16.74 17.41
C GLN Q 44 49.44 15.83 18.30
N ALA Q 45 48.33 15.33 17.77
CA ALA Q 45 47.50 14.40 18.53
C ALA Q 45 48.29 13.15 18.90
N GLU Q 46 48.98 12.56 17.91
CA GLU Q 46 49.79 11.38 18.18
C GLU Q 46 50.92 11.69 19.15
N LEU Q 47 51.51 12.89 19.04
CA LEU Q 47 52.58 13.27 19.96
C LEU Q 47 52.09 13.27 21.40
N VAL Q 48 51.03 14.03 21.67
CA VAL Q 48 50.56 14.14 23.05
C VAL Q 48 50.04 12.79 23.55
N HIS Q 49 49.42 12.00 22.67
CA HIS Q 49 48.94 10.69 23.08
C HIS Q 49 50.08 9.78 23.46
N SER Q 50 51.11 9.72 22.61
CA SER Q 50 52.29 8.91 22.92
C SER Q 50 52.90 9.32 24.24
N ARG Q 51 53.02 10.62 24.49
CA ARG Q 51 53.68 11.07 25.71
C ARG Q 51 52.85 10.74 26.95
N PHE Q 52 51.54 10.99 26.90
CA PHE Q 52 50.71 10.70 28.06
C PHE Q 52 50.62 9.19 28.30
N ALA Q 53 50.61 8.40 27.25
CA ALA Q 53 50.56 6.94 27.43
C ALA Q 53 51.89 6.41 27.94
N MET Q 54 53.00 7.01 27.54
CA MET Q 54 54.30 6.64 28.11
C MET Q 54 54.33 6.96 29.61
N ALA Q 55 53.80 8.13 29.99
CA ALA Q 55 53.74 8.45 31.42
C ALA Q 55 52.85 7.46 32.17
N GLY Q 56 51.72 7.08 31.58
CA GLY Q 56 50.85 6.11 32.22
C GLY Q 56 51.50 4.74 32.37
N VAL Q 57 52.24 4.32 31.35
CA VAL Q 57 52.98 3.07 31.43
C VAL Q 57 54.04 3.12 32.52
N ALA Q 58 54.80 4.22 32.58
CA ALA Q 58 55.81 4.37 33.61
C ALA Q 58 55.19 4.44 35.00
N GLY Q 59 53.94 4.85 35.11
CA GLY Q 59 53.26 4.83 36.40
C GLY Q 59 52.54 3.54 36.73
N ILE Q 60 52.30 2.69 35.74
CA ILE Q 60 51.63 1.42 35.96
C ILE Q 60 52.61 0.28 36.20
N LEU Q 61 53.64 0.15 35.35
CA LEU Q 61 54.58 -0.96 35.50
C LEU Q 61 55.29 -0.95 36.84
N PHE Q 62 56.10 0.08 37.07
CA PHE Q 62 56.97 0.19 38.24
C PHE Q 62 56.28 -0.25 39.53
N THR Q 63 55.05 0.24 39.74
CA THR Q 63 54.33 -0.05 40.97
C THR Q 63 54.12 -1.56 41.15
N ASP Q 64 53.46 -2.19 40.18
CA ASP Q 64 53.17 -3.62 40.30
C ASP Q 64 54.44 -4.45 40.27
N LEU Q 65 55.48 -3.98 39.57
CA LEU Q 65 56.75 -4.70 39.54
C LEU Q 65 57.39 -4.74 40.92
N LEU Q 66 57.56 -3.57 41.53
CA LEU Q 66 58.16 -3.51 42.86
C LEU Q 66 57.27 -4.19 43.90
N ARG Q 67 55.95 -4.14 43.72
CA ARG Q 67 55.07 -4.82 44.66
C ARG Q 67 55.18 -6.34 44.54
N ALA Q 68 55.37 -6.83 43.31
CA ALA Q 68 55.64 -8.26 43.14
C ALA Q 68 56.98 -8.64 43.74
N SER Q 69 58.03 -7.90 43.40
CA SER Q 69 59.35 -8.12 44.00
C SER Q 69 59.46 -7.60 45.43
N GLY Q 70 58.36 -7.14 46.02
CA GLY Q 70 58.35 -6.78 47.43
C GLY Q 70 59.16 -5.54 47.79
N ARG Q 71 58.68 -4.38 47.37
CA ARG Q 71 59.39 -3.14 47.71
C ARG Q 71 58.51 -2.14 48.44
N THR Q 72 57.24 -2.02 48.08
CA THR Q 72 56.31 -1.13 48.77
C THR Q 72 54.96 -1.85 48.87
N ASP Q 73 54.01 -1.21 49.54
CA ASP Q 73 52.68 -1.77 49.78
C ASP Q 73 51.59 -0.93 49.11
N ILE Q 74 51.95 -0.24 48.03
CA ILE Q 74 51.03 0.60 47.29
C ILE Q 74 49.92 -0.26 46.69
N PRO Q 75 48.74 0.30 46.40
CA PRO Q 75 47.67 -0.50 45.81
C PRO Q 75 47.88 -0.69 44.30
N VAL Q 76 47.02 -1.53 43.73
CA VAL Q 76 47.12 -1.84 42.31
C VAL Q 76 46.66 -0.65 41.48
N TRP Q 77 47.09 -0.63 40.21
CA TRP Q 77 46.77 0.49 39.34
C TRP Q 77 45.26 0.65 39.17
N PHE Q 78 44.53 -0.45 38.98
CA PHE Q 78 43.08 -0.40 38.89
C PHE Q 78 42.43 -0.32 40.27
N GLU Q 79 43.20 -0.05 41.31
CA GLU Q 79 42.69 0.14 42.65
C GLU Q 79 43.20 1.39 43.35
N ALA Q 80 44.23 2.04 42.80
CA ALA Q 80 44.79 3.24 43.43
C ALA Q 80 43.77 4.36 43.51
N GLY Q 81 43.30 4.84 42.36
CA GLY Q 81 42.25 5.83 42.36
C GLY Q 81 40.91 5.29 42.79
N ALA Q 82 40.74 3.98 42.78
CA ALA Q 82 39.46 3.34 43.10
C ALA Q 82 39.20 3.38 44.60
N THR Q 83 38.45 4.39 45.04
CA THR Q 83 37.96 4.49 46.42
C THR Q 83 39.13 4.43 47.42
N LYS Q 84 39.98 5.44 47.32
CA LYS Q 84 41.13 5.58 48.23
C LYS Q 84 41.16 7.00 48.78
N PHE Q 85 40.71 7.16 50.02
CA PHE Q 85 40.82 8.43 50.74
C PHE Q 85 42.27 8.60 51.15
N ASP Q 86 43.02 9.44 50.45
CA ASP Q 86 44.45 9.59 50.69
C ASP Q 86 44.82 10.96 51.24
N PHE Q 87 44.52 12.02 50.52
CA PHE Q 87 44.88 13.35 51.01
C PHE Q 87 43.73 14.34 50.96
N ALA Q 88 42.90 14.29 49.92
CA ALA Q 88 41.79 15.21 49.76
C ALA Q 88 40.63 14.47 49.11
N ASP Q 89 39.49 15.15 49.01
CA ASP Q 89 38.36 14.58 48.29
C ASP Q 89 38.73 14.40 46.83
N THR Q 90 38.37 13.24 46.28
CA THR Q 90 38.73 12.93 44.90
C THR Q 90 38.12 13.92 43.93
N THR Q 91 36.87 14.31 44.16
CA THR Q 91 36.20 15.25 43.26
C THR Q 91 36.87 16.62 43.31
N THR Q 92 37.28 17.06 44.50
CA THR Q 92 38.04 18.30 44.61
C THR Q 92 39.32 18.23 43.80
N LEU Q 93 40.02 17.10 43.86
CA LEU Q 93 41.24 16.94 43.09
C LEU Q 93 40.96 16.95 41.59
N PHE Q 94 39.84 16.35 41.18
CA PHE Q 94 39.47 16.37 39.77
C PHE Q 94 39.22 17.79 39.28
N VAL Q 95 38.47 18.57 40.07
CA VAL Q 95 38.19 19.95 39.68
C VAL Q 95 39.47 20.77 39.64
N VAL Q 96 40.33 20.60 40.65
CA VAL Q 96 41.60 21.32 40.67
C VAL Q 96 42.46 20.94 39.47
N GLN Q 97 42.47 19.66 39.11
CA GLN Q 97 43.24 19.20 37.97
C GLN Q 97 42.70 19.80 36.67
N LEU Q 98 41.38 19.90 36.54
CA LEU Q 98 40.81 20.52 35.35
C LEU Q 98 41.21 21.99 35.26
N ILE Q 99 41.07 22.72 36.37
CA ILE Q 99 41.40 24.14 36.38
C ILE Q 99 42.88 24.36 36.10
N LEU Q 100 43.73 23.43 36.54
CA LEU Q 100 45.16 23.57 36.27
C LEU Q 100 45.46 23.25 34.81
N MET Q 101 44.93 22.14 34.30
CA MET Q 101 45.20 21.73 32.93
C MET Q 101 44.61 22.68 31.90
N GLY Q 102 43.62 23.48 32.29
CA GLY Q 102 43.09 24.47 31.36
C GLY Q 102 44.13 25.46 30.90
N PHE Q 103 44.86 26.05 31.85
CA PHE Q 103 45.84 27.08 31.55
C PHE Q 103 47.04 26.57 30.76
N VAL Q 104 47.18 25.26 30.59
CA VAL Q 104 48.27 24.70 29.80
C VAL Q 104 47.77 24.19 28.46
N GLU Q 105 46.60 23.54 28.45
CA GLU Q 105 46.04 23.10 27.18
C GLU Q 105 45.65 24.27 26.31
N THR Q 106 45.21 25.38 26.92
CA THR Q 106 44.91 26.57 26.13
C THR Q 106 46.16 27.16 25.51
N LYS Q 107 47.27 27.17 26.26
CA LYS Q 107 48.52 27.66 25.70
C LYS Q 107 48.99 26.78 24.55
N ARG Q 108 48.91 25.46 24.73
CA ARG Q 108 49.32 24.55 23.66
C ARG Q 108 48.43 24.72 22.44
N TRP Q 109 47.13 24.89 22.64
CA TRP Q 109 46.22 25.15 21.53
C TRP Q 109 46.60 26.42 20.79
N MET Q 110 46.85 27.49 21.55
CA MET Q 110 47.26 28.77 20.97
C MET Q 110 48.50 28.60 20.10
N ASP Q 111 49.50 27.89 20.60
CA ASP Q 111 50.70 27.69 19.81
C ASP Q 111 50.45 26.80 18.60
N ILE Q 112 49.52 25.85 18.71
CA ILE Q 112 49.19 24.99 17.57
C ILE Q 112 48.58 25.83 16.44
N VAL Q 113 47.64 26.72 16.79
CA VAL Q 113 46.89 27.43 15.75
C VAL Q 113 47.62 28.68 15.27
N LYS Q 114 48.23 29.45 16.17
CA LYS Q 114 48.99 30.64 15.82
C LYS Q 114 50.30 30.58 16.59
N PRO Q 115 51.37 30.11 15.97
CA PRO Q 115 52.56 29.70 16.73
C PRO Q 115 53.38 30.83 17.33
N GLY Q 116 52.73 31.76 18.04
CA GLY Q 116 53.47 32.59 18.96
C GLY Q 116 52.90 32.53 20.36
N SER Q 117 53.59 31.83 21.26
CA SER Q 117 53.19 31.83 22.67
C SER Q 117 54.39 31.75 23.62
N GLN Q 118 55.61 31.98 23.15
CA GLN Q 118 56.79 31.62 23.95
C GLN Q 118 56.98 32.57 25.13
N ALA Q 119 56.64 33.84 24.96
CA ALA Q 119 56.86 34.81 26.03
C ALA Q 119 55.96 34.52 27.21
N ALA Q 120 56.50 34.69 28.42
CA ALA Q 120 55.74 34.49 29.65
C ALA Q 120 54.93 35.74 29.96
N GLU Q 121 54.39 35.82 31.17
CA GLU Q 121 53.54 36.93 31.58
C GLU Q 121 53.90 37.40 32.97
N ASP Q 122 53.04 38.23 33.56
CA ASP Q 122 53.25 38.83 34.88
C ASP Q 122 54.61 39.51 34.98
N SER Q 123 54.82 40.56 34.17
CA SER Q 123 56.02 41.37 34.14
C SER Q 123 57.28 40.58 33.82
N PHE Q 124 57.13 39.35 33.33
CA PHE Q 124 58.26 38.56 32.85
C PHE Q 124 58.49 38.71 31.36
N PHE Q 125 58.11 39.84 30.79
CA PHE Q 125 58.33 40.13 29.38
C PHE Q 125 59.81 40.10 28.99
N GLY Q 126 60.71 40.10 29.97
CA GLY Q 126 62.14 40.17 29.68
C GLY Q 126 62.76 38.80 29.48
N PHE Q 127 63.69 38.43 30.36
CA PHE Q 127 64.47 37.19 30.21
C PHE Q 127 63.64 35.98 30.66
N GLU Q 128 62.44 35.88 30.09
CA GLU Q 128 61.57 34.74 30.34
C GLU Q 128 60.90 34.29 29.05
N ALA Q 129 61.66 34.22 27.96
CA ALA Q 129 61.17 33.69 26.71
C ALA Q 129 61.51 32.22 26.61
N ALA Q 130 60.57 31.44 26.07
CA ALA Q 130 60.80 30.02 25.83
C ALA Q 130 61.50 29.86 24.49
N PHE Q 131 62.72 29.32 24.52
CA PHE Q 131 63.56 29.24 23.33
C PHE Q 131 63.49 27.84 22.74
N GLU Q 132 62.43 27.59 21.97
CA GLU Q 132 62.33 26.36 21.18
C GLU Q 132 62.33 26.62 19.69
N GLY Q 133 61.35 27.37 19.19
CA GLY Q 133 61.22 27.61 17.76
C GLY Q 133 61.34 26.37 16.89
N LEU Q 134 60.39 25.45 17.01
CA LEU Q 134 60.43 24.23 16.24
C LEU Q 134 59.41 24.27 15.10
N GLU Q 135 59.33 23.17 14.36
CA GLU Q 135 58.39 23.06 13.26
C GLU Q 135 56.97 22.78 13.75
N THR Q 136 56.84 22.04 14.85
CA THR Q 136 55.56 21.61 15.37
C THR Q 136 55.60 21.77 16.89
N GLY Q 137 54.65 21.13 17.57
CA GLY Q 137 54.57 21.24 19.01
C GLY Q 137 55.69 20.51 19.73
N TYR Q 138 56.90 21.04 19.60
CA TYR Q 138 58.04 20.62 20.42
C TYR Q 138 58.52 21.83 21.21
N PRO Q 139 58.17 21.93 22.49
CA PRO Q 139 58.58 23.11 23.26
C PRO Q 139 60.05 23.07 23.63
N GLY Q 140 60.50 24.00 24.45
CA GLY Q 140 61.88 24.08 24.85
C GLY Q 140 62.05 24.88 26.11
N GLY Q 141 63.23 25.45 26.27
CA GLY Q 141 63.54 26.24 27.44
C GLY Q 141 63.71 25.39 28.67
N PRO Q 142 64.45 25.91 29.66
CA PRO Q 142 64.68 25.17 30.91
C PRO Q 142 63.41 24.61 31.55
N LEU Q 143 62.27 25.25 31.29
CA LEU Q 143 61.02 24.77 31.86
C LEU Q 143 60.57 23.45 31.22
N PHE Q 144 60.95 23.21 29.96
CA PHE Q 144 60.58 21.99 29.26
C PHE Q 144 61.79 21.18 28.81
N ASN Q 145 62.78 21.83 28.20
CA ASN Q 145 63.99 21.16 27.72
C ASN Q 145 65.19 21.79 28.44
N PRO Q 146 65.40 21.44 29.72
CA PRO Q 146 66.49 22.05 30.47
C PRO Q 146 67.88 21.71 29.94
N LEU Q 147 68.13 20.42 29.74
CA LEU Q 147 69.47 19.98 29.38
C LEU Q 147 69.83 20.24 27.93
N GLY Q 148 68.99 20.94 27.16
CA GLY Q 148 69.34 21.28 25.79
C GLY Q 148 69.70 20.09 24.93
N PHE Q 149 68.97 18.98 25.08
CA PHE Q 149 69.29 17.77 24.35
C PHE Q 149 68.86 17.85 22.90
N ALA Q 150 67.72 18.49 22.62
CA ALA Q 150 67.26 18.68 21.25
C ALA Q 150 68.11 19.76 20.60
N ASN Q 151 69.30 19.36 20.15
CA ASN Q 151 70.29 20.32 19.69
C ASN Q 151 70.02 20.81 18.28
N ASP Q 152 70.06 19.90 17.31
CA ASP Q 152 70.10 20.31 15.91
C ASP Q 152 68.87 19.82 15.15
N PRO Q 153 68.41 20.60 14.18
CA PRO Q 153 67.42 20.10 13.22
C PRO Q 153 68.09 19.43 12.03
N THR Q 154 67.29 18.65 11.30
CA THR Q 154 67.69 17.83 10.15
C THR Q 154 68.52 16.63 10.60
N LYS Q 155 68.90 16.60 11.88
CA LYS Q 155 69.31 15.35 12.49
C LYS Q 155 68.84 15.22 13.94
N PRO Q 156 67.59 15.52 14.27
CA PRO Q 156 66.96 14.91 15.46
C PRO Q 156 66.09 13.72 15.10
N GLN Q 157 65.94 13.44 13.82
CA GLN Q 157 65.12 12.33 13.35
C GLN Q 157 65.34 11.02 14.10
N PRO Q 158 66.56 10.63 14.49
CA PRO Q 158 66.68 9.44 15.35
C PRO Q 158 65.92 9.58 16.65
N LEU Q 159 66.12 10.68 17.39
CA LEU Q 159 65.47 10.82 18.69
C LEU Q 159 63.98 11.10 18.54
N ARG Q 160 63.61 11.98 17.62
CA ARG Q 160 62.19 12.24 17.37
C ARG Q 160 61.48 10.99 16.87
N TRP Q 161 62.22 10.08 16.23
CA TRP Q 161 61.67 8.79 15.82
C TRP Q 161 61.48 7.88 17.03
N LYS Q 162 62.52 7.79 17.87
CA LYS Q 162 62.48 6.96 19.07
C LYS Q 162 61.32 7.34 19.96
N GLU Q 163 61.04 8.64 20.06
CA GLU Q 163 59.96 9.11 20.93
C GLU Q 163 58.64 8.44 20.59
N ILE Q 164 58.19 8.56 19.34
CA ILE Q 164 56.89 8.00 18.99
C ILE Q 164 56.97 6.49 18.78
N LYS Q 165 58.12 5.96 18.38
CA LYS Q 165 58.24 4.51 18.29
C LYS Q 165 58.13 3.85 19.65
N ASN Q 166 58.45 4.57 20.73
CA ASN Q 166 58.15 4.08 22.07
C ASN Q 166 56.74 4.45 22.50
N GLY Q 167 56.23 5.59 22.06
CA GLY Q 167 54.90 6.00 22.47
C GLY Q 167 53.80 5.09 21.93
N ARG Q 168 53.97 4.58 20.70
CA ARG Q 168 52.97 3.67 20.15
C ARG Q 168 52.95 2.36 20.94
N LEU Q 169 54.13 1.82 21.26
CA LEU Q 169 54.21 0.65 22.12
C LEU Q 169 53.56 0.93 23.46
N ALA Q 170 53.80 2.11 24.03
CA ALA Q 170 53.19 2.45 25.31
C ALA Q 170 51.67 2.52 25.22
N MET Q 171 51.16 3.02 24.10
CA MET Q 171 49.71 3.10 23.91
C MET Q 171 49.08 1.72 23.86
N VAL Q 172 49.64 0.83 23.04
CA VAL Q 172 49.08 -0.51 22.97
C VAL Q 172 49.26 -1.23 24.31
N ALA Q 173 50.35 -0.95 25.02
CA ALA Q 173 50.56 -1.53 26.33
C ALA Q 173 49.51 -1.06 27.32
N MET Q 174 49.14 0.22 27.25
CA MET Q 174 48.10 0.74 28.13
C MET Q 174 46.74 0.10 27.84
N VAL Q 175 46.38 0.00 26.56
CA VAL Q 175 45.13 -0.68 26.22
C VAL Q 175 45.15 -2.12 26.71
N GLY Q 176 46.30 -2.77 26.59
CA GLY Q 176 46.43 -4.13 27.11
C GLY Q 176 46.23 -4.18 28.62
N PHE Q 177 46.84 -3.24 29.34
CA PHE Q 177 46.64 -3.16 30.78
C PHE Q 177 45.16 -3.06 31.12
N MET Q 178 44.47 -2.12 30.49
CA MET Q 178 43.06 -1.91 30.78
C MET Q 178 42.25 -3.17 30.51
N VAL Q 179 42.37 -3.74 29.32
CA VAL Q 179 41.53 -4.88 28.95
C VAL Q 179 41.86 -6.09 29.82
N GLN Q 180 43.16 -6.33 30.09
CA GLN Q 180 43.54 -7.47 30.91
C GLN Q 180 43.02 -7.32 32.33
N ALA Q 181 43.34 -6.21 33.00
CA ALA Q 181 42.85 -5.98 34.34
C ALA Q 181 41.33 -5.86 34.41
N TYR Q 182 40.66 -5.74 33.27
CA TYR Q 182 39.20 -5.82 33.26
C TYR Q 182 38.67 -7.23 33.08
N VAL Q 183 39.37 -8.10 32.33
CA VAL Q 183 38.86 -9.44 32.08
C VAL Q 183 39.52 -10.50 32.96
N THR Q 184 40.71 -10.25 33.49
CA THR Q 184 41.33 -11.17 34.44
C THR Q 184 41.10 -10.78 35.89
N LYS Q 185 40.64 -9.56 36.14
CA LYS Q 185 40.43 -9.06 37.51
C LYS Q 185 41.68 -9.24 38.36
N THR Q 186 42.84 -9.06 37.74
CA THR Q 186 44.10 -9.32 38.41
C THR Q 186 45.14 -8.34 37.89
N GLY Q 187 46.27 -8.26 38.59
CA GLY Q 187 47.36 -7.40 38.21
C GLY Q 187 47.99 -7.84 36.91
N PRO Q 188 48.61 -6.87 36.20
CA PRO Q 188 49.18 -7.21 34.89
C PRO Q 188 50.44 -8.04 34.98
N ILE Q 189 51.34 -7.73 35.92
CA ILE Q 189 52.54 -8.54 36.05
C ILE Q 189 52.20 -9.88 36.72
N GLU Q 190 51.17 -9.91 37.56
CA GLU Q 190 50.64 -11.19 38.00
C GLU Q 190 50.14 -12.01 36.82
N ASN Q 191 49.45 -11.35 35.88
CA ASN Q 191 49.04 -12.01 34.65
C ASN Q 191 50.25 -12.57 33.91
N LEU Q 192 51.30 -11.77 33.77
CA LEU Q 192 52.49 -12.21 33.03
C LEU Q 192 53.15 -13.40 33.72
N LEU Q 193 53.24 -13.38 35.05
CA LEU Q 193 53.87 -14.49 35.76
C LEU Q 193 53.03 -15.76 35.64
N THR Q 194 51.72 -15.66 35.85
CA THR Q 194 50.85 -16.81 35.66
C THR Q 194 50.90 -17.31 34.21
N HIS Q 195 51.18 -16.43 33.26
CA HIS Q 195 51.38 -16.86 31.88
C HIS Q 195 52.66 -17.66 31.75
N LEU Q 196 53.76 -17.14 32.30
CA LEU Q 196 55.03 -17.85 32.23
C LEU Q 196 55.05 -19.14 33.04
N SER Q 197 54.05 -19.35 33.90
CA SER Q 197 53.94 -20.64 34.59
C SER Q 197 53.75 -21.78 33.59
N ASP Q 198 52.81 -21.63 32.65
CA ASP Q 198 52.55 -22.60 31.61
C ASP Q 198 51.88 -21.90 30.43
N PRO Q 199 52.66 -21.45 29.45
CA PRO Q 199 52.10 -20.55 28.42
C PRO Q 199 50.96 -21.16 27.61
N VAL Q 200 51.00 -22.46 27.34
CA VAL Q 200 50.07 -23.07 26.40
C VAL Q 200 48.71 -23.30 27.03
N HIS Q 201 48.53 -22.87 28.28
CA HIS Q 201 47.25 -23.02 28.97
C HIS Q 201 46.66 -21.73 29.50
N ASN Q 202 47.43 -20.64 29.53
CA ASN Q 202 46.95 -19.35 30.01
C ASN Q 202 46.93 -18.39 28.82
N THR Q 203 45.78 -18.31 28.17
CA THR Q 203 45.59 -17.53 26.95
C THR Q 203 44.22 -16.86 27.07
N ILE Q 204 43.69 -16.39 25.95
CA ILE Q 204 42.40 -15.71 25.98
C ILE Q 204 41.33 -16.76 26.27
N ILE Q 205 40.97 -16.88 27.55
CA ILE Q 205 39.97 -17.84 28.02
C ILE Q 205 40.16 -19.23 27.42
MG CLA R . -12.31 -7.73 9.10
CHA CLA R . -12.51 -9.72 6.29
CHB CLA R . -11.34 -5.11 7.15
CHC CLA R . -12.67 -5.66 11.81
CHD CLA R . -13.40 -10.45 11.05
NA CLA R . -11.86 -7.52 7.07
C1A CLA R . -12.06 -8.45 6.04
C2A CLA R . -11.59 -7.87 4.71
C3A CLA R . -10.88 -6.56 5.11
C4A CLA R . -11.38 -6.35 6.54
CMA CLA R . -9.38 -6.70 5.08
CAA CLA R . -12.70 -7.62 3.71
CBA CLA R . -12.08 -7.18 2.39
CGA CLA R . -13.12 -6.85 1.37
O1A CLA R . -13.01 -6.14 0.37
O2A CLA R . -14.34 -7.43 1.61
NB CLA R . -12.04 -5.76 9.42
C1B CLA R . -11.76 -4.84 8.46
C2B CLA R . -11.96 -3.47 9.02
C3B CLA R . -12.33 -3.62 10.33
C4B CLA R . -12.36 -5.08 10.62
CMB CLA R . -11.74 -2.26 8.23
CAB CLA R . -12.59 -2.63 11.35
CBB CLA R . -11.82 -1.58 11.63
NC CLA R . -12.81 -8.03 11.10
C1C CLA R . -12.84 -7.05 12.05
C2C CLA R . -13.22 -7.62 13.34
C3C CLA R . -13.49 -8.96 13.12
C4C CLA R . -13.23 -9.22 11.70
CMC CLA R . -13.34 -6.86 14.58
CAC CLA R . -13.92 -9.96 14.10
CBC CLA R . -12.77 -10.83 14.56
ND CLA R . -12.58 -9.71 8.85
C1D CLA R . -13.13 -10.69 9.72
C2D CLA R . -13.34 -11.94 8.97
C3D CLA R . -13.13 -11.63 7.64
C4D CLA R . -12.71 -10.21 7.62
CMD CLA R . -13.78 -13.20 9.57
CAD CLA R . -13.03 -12.13 6.29
OBD CLA R . -13.04 -13.27 5.87
CBD CLA R . -12.89 -10.87 5.38
CGD CLA R . -12.03 -11.06 4.16
O1D CLA R . -10.84 -10.82 4.02
O2D CLA R . -12.72 -11.56 3.10
CED CLA R . -14.01 -11.01 2.80
C1 CLA R . -15.40 -7.06 0.71
C2 CLA R . -16.66 -7.34 1.43
C3 CLA R . -17.38 -8.45 1.23
C4 CLA R . -16.96 -9.50 0.27
C5 CLA R . -18.65 -8.68 1.98
C6 CLA R . -18.54 -9.84 2.94
C7 CLA R . -19.15 -9.52 4.28
C8 CLA R . -20.67 -9.67 4.29
C9 CLA R . -21.17 -9.73 5.72
C10 CLA R . -21.11 -10.92 3.54
C11 CLA R . -22.55 -10.81 3.10
C12 CLA R . -22.83 -11.66 1.88
C13 CLA R . -24.31 -11.73 1.55
C14 CLA R . -24.62 -12.99 0.77
C15 CLA R . -24.77 -10.50 0.76
C16 CLA R . -23.89 -10.26 -0.45
C17 CLA R . -24.11 -8.88 -1.02
C18 CLA R . -23.23 -8.58 -2.23
C19 CLA R . -23.84 -9.13 -3.51
C20 CLA R . -21.83 -9.13 -2.05
MG CLA S . -0.39 6.41 3.74
CHA CLA S . 2.15 8.77 3.85
CHB CLA S . 1.63 4.15 5.25
CHC CLA S . -3.05 4.23 3.90
CHD CLA S . -2.47 8.81 2.18
NA CLA S . 1.58 6.46 4.38
C1A CLA S . 2.47 7.54 4.36
C2A CLA S . 3.82 7.14 4.94
C3A CLA S . 3.69 5.61 5.14
C4A CLA S . 2.20 5.37 4.93
CMA CLA S . 4.51 4.83 4.15
CAA CLA S . 4.01 7.82 6.28
CBA CLA S . 5.32 7.43 6.94
CGA CLA S . 5.10 6.29 7.90
O1A CLA S . 4.22 6.16 8.75
O2A CLA S . 6.04 5.32 7.79
NB CLA S . -0.66 4.54 4.44
C1B CLA S . 0.28 3.80 5.08
C2B CLA S . -0.31 2.54 5.56
C3B CLA S . -1.64 2.56 5.18
C4B CLA S . -1.88 3.83 4.45
CMB CLA S . 0.47 1.53 6.27
CAB CLA S . -2.68 1.59 5.38
CBB CLA S . -2.83 0.79 6.44
NC CLA S . -2.38 6.49 3.09
C1C CLA S . -3.29 5.48 3.25
C2C CLA S . -4.56 5.87 2.68
C3C CLA S . -4.41 7.17 2.21
C4C CLA S . -3.04 7.55 2.48
CMC CLA S . -5.77 5.03 2.65
CAC CLA S . -5.44 8.01 1.56
CBC CLA S . -5.24 8.05 0.07
ND CLA S . -0.22 8.29 3.01
C1D CLA S . -1.17 9.17 2.43
C2D CLA S . -0.51 10.47 2.15
C3D CLA S . 0.76 10.37 2.68
C4D CLA S . 0.88 9.00 3.23
CMD CLA S . -1.16 11.59 1.48
CAD CLA S . 2.04 11.03 2.89
OBD CLA S . 2.41 12.13 2.50
CBD CLA S . 2.93 10.05 3.72
CGD CLA S . 4.30 9.88 3.15
O1D CLA S . 4.63 9.75 1.97
O2D CLA S . 5.30 9.88 4.08
CED CLA S . 6.49 10.61 3.77
MG CLA T . -19.78 -4.50 -0.61
CHA CLA T . -19.69 -4.07 2.83
CHB CLA T . -23.08 -5.21 -0.40
CHC CLA T . -19.87 -4.68 -4.02
CHD CLA T . -16.32 -3.81 -0.74
NA CLA T . -21.13 -4.66 0.98
C1A CLA T . -20.90 -4.45 2.34
C2A CLA T . -22.17 -4.70 3.15
C3A CLA T . -23.12 -5.34 2.12
C4A CLA T . -22.43 -5.05 0.79
CMA CLA T . -23.28 -6.83 2.35
CAA CLA T . -22.73 -3.40 3.69
CBA CLA T . -23.48 -3.63 4.98
CGA CLA T . -24.95 -3.63 4.72
O1A CLA T . -25.54 -3.77 3.66
O2A CLA T . -25.70 -3.46 5.87
NB CLA T . -21.18 -5.04 -1.95
C1B CLA T . -22.50 -4.98 -1.67
C2B CLA T . -23.30 -4.62 -2.87
C3B CLA T . -22.39 -4.46 -3.89
C4B CLA T . -21.04 -4.74 -3.33
CMB CLA T . -24.75 -4.49 -2.84
CAB CLA T . -22.56 -4.11 -5.29
CBB CLA T . -23.70 -3.97 -5.96
NC CLA T . -18.33 -4.34 -2.10
C1C CLA T . -18.58 -4.50 -3.43
C2C CLA T . -17.33 -4.39 -4.19
C3C CLA T . -16.34 -4.08 -3.27
C4C CLA T . -16.97 -4.07 -1.95
CMC CLA T . -17.22 -4.52 -5.64
CAC CLA T . -14.92 -3.90 -3.54
CBC CLA T . -14.18 -5.23 -3.62
ND CLA T . -18.32 -3.95 0.68
C1D CLA T . -16.93 -3.73 0.49
C2D CLA T . -16.32 -3.40 1.81
C3D CLA T . -17.35 -3.46 2.74
C4D CLA T . -18.55 -3.86 1.98
CMD CLA T . -14.93 -3.04 2.00
CAD CLA T . -17.75 -3.30 4.12
OBD CLA T . -17.13 -2.84 5.06
CBD CLA T . -19.23 -3.80 4.24
CGD CLA T . -19.29 -5.04 5.08
O1D CLA T . -19.16 -6.21 4.70
O2D CLA T . -19.52 -4.82 6.40
CED CLA T . -19.02 -5.81 7.30
C1 CLA T . -27.13 -3.46 5.71
C2 CLA T . -27.53 -2.07 5.38
C3 CLA T . -28.68 -1.52 5.80
C4 CLA T . -29.65 -2.26 6.64
C5 CLA T . -29.04 -0.12 5.44
C6 CLA T . -30.01 -0.06 4.28
C7 CLA T . -30.33 1.37 3.89
C8 CLA T . -31.17 1.43 2.63
C9 CLA T . -30.36 1.01 1.42
C10 CLA T . -31.72 2.84 2.39
C11 CLA T . -32.60 3.30 3.53
C12 CLA T . -33.39 4.53 3.14
C13 CLA T . -33.89 5.29 4.35
C14 CLA T . -35.18 4.68 4.86
C15 CLA T . -34.05 6.77 4.03
C16 CLA T . -35.18 7.42 4.80
C17 CLA T . -35.25 8.91 4.52
C18 CLA T . -36.40 9.58 5.25
C19 CLA T . -36.45 11.07 4.95
C20 CLA T . -36.29 9.35 6.74
MG CLA U . 15.38 -8.31 -11.22
CHA CLA U . 15.54 -5.35 -9.40
CHB CLA U . 13.14 -9.56 -8.99
CHC CLA U . 15.21 -11.16 -13.10
CHD CLA U . 17.69 -6.94 -13.53
NA CLA U . 14.51 -7.56 -9.49
C1A CLA U . 14.69 -6.31 -8.89
C2A CLA U . 13.83 -6.17 -7.64
C3A CLA U . 13.18 -7.55 -7.48
C4A CLA U . 13.61 -8.29 -8.74
CMA CLA U . 13.65 -8.25 -6.23
CAA CLA U . 12.76 -5.12 -7.88
CBA CLA U . 12.72 -4.08 -6.78
CGA CLA U . 12.40 -4.76 -5.49
O1A CLA U . 11.69 -5.74 -5.29
O2A CLA U . 13.02 -4.18 -4.42
NB CLA U . 14.37 -10.04 -11.08
C1B CLA U . 13.49 -10.36 -10.10
C2B CLA U . 12.93 -11.72 -10.34
C3B CLA U . 13.52 -12.18 -11.51
C4B CLA U . 14.44 -11.11 -11.98
CMB CLA U . 11.96 -12.34 -9.45
CAB CLA U . 13.37 -13.42 -12.22
CBB CLA U . 13.19 -14.63 -11.67
NC CLA U . 16.31 -8.94 -12.98
C1C CLA U . 16.10 -10.15 -13.57
C2C CLA U . 16.90 -10.27 -14.78
C3C CLA U . 17.59 -9.06 -14.91
C4C CLA U . 17.21 -8.24 -13.78
CMC CLA U . 16.93 -11.43 -15.66
CAC CLA U . 18.54 -8.69 -15.97
CBC CLA U . 19.97 -9.02 -15.59
ND CLA U . 16.43 -6.59 -11.45
C1D CLA U . 17.34 -6.16 -12.46
C2D CLA U . 17.78 -4.79 -12.13
C3D CLA U . 17.13 -4.44 -10.97
C4D CLA U . 16.29 -5.58 -10.60
CMD CLA U . 18.74 -4.02 -12.92
CAD CLA U . 16.95 -3.41 -9.96
OBD CLA U . 17.47 -2.31 -9.87
CBD CLA U . 15.90 -3.95 -8.94
CGD CLA U . 16.43 -3.89 -7.54
O1D CLA U . 16.72 -2.88 -6.90
O2D CLA U . 16.63 -5.11 -6.95
CED CLA U . 16.81 -5.11 -5.53
C1 CLA U . 12.50 -4.52 -3.12
C2 CLA U . 13.60 -5.13 -2.34
C3 CLA U . 13.50 -6.34 -1.78
C4 CLA U . 12.26 -7.15 -1.90
C5 CLA U . 14.63 -6.92 -1.00
C6 CLA U . 15.43 -7.94 -1.79
C7 CLA U . 15.10 -9.34 -1.31
C8 CLA U . 16.00 -10.39 -1.96
C9 CLA U . 16.05 -10.21 -3.46
C10 CLA U . 15.49 -11.80 -1.64
C11 CLA U . 16.25 -12.39 -0.46
C12 CLA U . 15.42 -12.43 0.80
C13 CLA U . 16.29 -12.37 2.04
C14 CLA U . 17.42 -13.38 1.96
C15 CLA U . 15.48 -12.60 3.30
C16 CLA U . 14.23 -11.75 3.30
C17 CLA U . 13.63 -11.62 4.67
C18 CLA U . 12.55 -10.54 4.68
C19 CLA U . 12.02 -10.30 6.07
C20 CLA U . 11.42 -10.94 3.74
MG CLA V . 11.67 -14.72 -16.85
CHA CLA V . 13.85 -13.54 -19.29
CHB CLA V . 11.44 -17.68 -18.49
CHC CLA V . 9.66 -15.89 -14.33
CHD CLA V . 11.88 -11.60 -15.22
NA CLA V . 12.50 -15.45 -18.61
C1A CLA V . 13.39 -14.82 -19.49
C2A CLA V . 13.74 -15.74 -20.65
C3A CLA V . 12.80 -16.95 -20.45
C4A CLA V . 12.21 -16.70 -19.08
CMA CLA V . 11.68 -16.93 -21.45
CAA CLA V . 15.20 -16.14 -20.58
CBA CLA V . 15.40 -17.60 -20.21
CGA CLA V . 16.86 -17.86 -20.02
O1A CLA V . 17.82 -17.20 -20.42
O2A CLA V . 17.10 -18.98 -19.28
NB CLA V . 10.70 -16.45 -16.50
C1B CLA V . 10.81 -17.57 -17.24
C2B CLA V . 10.13 -18.71 -16.56
C3B CLA V . 9.62 -18.22 -15.38
C4B CLA V . 9.98 -16.76 -15.32
CMB CLA V . 10.08 -20.05 -17.15
CAB CLA V . 8.88 -18.85 -14.32
CBB CLA V . 8.25 -20.03 -14.36
NC CLA V . 10.89 -13.88 -15.11
C1C CLA V . 10.07 -14.54 -14.23
C2C CLA V . 9.71 -13.65 -13.13
C3C CLA V . 10.35 -12.44 -13.37
C4C CLA V . 11.08 -12.58 -14.62
CMC CLA V . 8.85 -14.01 -12.01
CAC CLA V . 10.28 -11.21 -12.56
CBC CLA V . 9.28 -10.23 -13.10
ND CLA V . 12.60 -12.95 -17.14
C1D CLA V . 12.60 -11.75 -16.38
C2D CLA V . 13.48 -10.77 -17.05
C3D CLA V . 14.01 -11.42 -18.15
C4D CLA V . 13.41 -12.76 -18.17
CMD CLA V . 13.74 -9.42 -16.56
CAD CLA V . 14.88 -11.31 -19.30
OBD CLA V . 15.58 -10.37 -19.66
CBD CLA V . 14.80 -12.66 -20.08
CGD CLA V . 14.40 -12.41 -21.50
O1D CLA V . 14.95 -11.65 -22.30
O2D CLA V . 13.30 -13.09 -21.94
CED CLA V . 12.91 -12.89 -23.30
C1 CLA V . 18.34 -19.00 -18.54
C2 CLA V . 17.98 -19.32 -17.13
C3 CLA V . 18.08 -20.56 -16.62
C4 CLA V . 18.55 -21.71 -17.43
C5 CLA V . 17.71 -20.82 -15.21
C6 CLA V . 18.90 -20.76 -14.28
C7 CLA V . 18.79 -19.60 -13.33
C8 CLA V . 19.84 -19.64 -12.23
C9 CLA V . 19.27 -20.29 -10.98
C10 CLA V . 20.36 -18.25 -11.90
MG CLA W . 2.05 -19.40 -22.03
CHA CLA W . -0.25 -21.98 -21.98
CHB CLA W . 3.50 -20.64 -19.22
CHC CLA W . 4.31 -16.81 -22.14
CHD CLA W . 0.50 -18.15 -24.97
NA CLA W . 1.67 -21.05 -20.83
C1A CLA W . 0.66 -22.01 -20.96
C2A CLA W . 0.75 -23.06 -19.86
C3A CLA W . 1.90 -22.56 -18.97
C4A CLA W . 2.42 -21.33 -19.71
CMA CLA W . 1.42 -22.20 -17.59
CAA CLA W . 1.12 -24.40 -20.48
CBA CLA W . 1.52 -25.43 -19.44
CGA CLA W . 0.28 -26.09 -18.90
O1A CLA W . -0.53 -26.79 -19.49
O2A CLA W . 0.09 -25.83 -17.58
NB CLA W . 3.59 -18.83 -20.88
C1B CLA W . 4.06 -19.48 -19.80
C2B CLA W . 5.27 -18.79 -19.27
C3B CLA W . 5.51 -17.72 -20.09
C4B CLA W . 4.44 -17.71 -21.12
CMB CLA W . 5.98 -19.29 -18.09
CAB CLA W . 6.53 -16.71 -20.07
CBB CLA W . 7.74 -16.82 -19.53
NC CLA W . 2.33 -17.78 -23.32
C1C CLA W . 3.32 -16.83 -23.16
C2C CLA W . 3.21 -15.84 -24.22
C3C CLA W . 2.15 -16.23 -25.03
C4C CLA W . 1.60 -17.44 -24.46
CMC CLA W . 4.08 -14.68 -24.38
CAC CLA W . 1.66 -15.53 -26.23
CBC CLA W . 0.68 -14.44 -25.90
ND CLA W . 0.53 -19.91 -23.26
C1D CLA W . -0.02 -19.30 -24.42
C2D CLA W . -1.18 -20.09 -24.88
C3D CLA W . -1.32 -21.13 -23.98
C4D CLA W . -0.24 -20.97 -22.99
CMD CLA W . -1.97 -19.78 -26.06
CAD CLA W . -2.06 -22.32 -23.61
OBD CLA W . -3.03 -22.83 -24.15
CBD CLA W . -1.42 -22.87 -22.30
CGD CLA W . -2.41 -22.84 -21.17
O1D CLA W . -2.38 -23.48 -20.11
O2D CLA W . -3.46 -22.00 -21.38
CED CLA W . -4.48 -21.95 -20.38
C1 CLA W . 1.03 -26.43 -16.66
C2 CLA W . 1.01 -27.89 -16.91
C3 CLA W . 0.00 -28.69 -16.54
C4 CLA W . -1.21 -28.18 -15.86
C5 CLA W . 0.04 -30.15 -16.80
C6 CLA W . 0.61 -30.95 -15.65
C7 CLA W . 2.11 -31.10 -15.82
C8 CLA W . 2.75 -31.82 -14.64
C9 CLA W . 4.25 -31.75 -14.76
C10 CLA W . 2.26 -33.27 -14.58
C11 CLA W . 3.23 -34.17 -13.83
C12 CLA W . 2.55 -35.41 -13.28
C13 CLA W . 2.31 -36.46 -14.35
C14 CLA W . 1.66 -37.69 -13.75
C15 CLA W . 3.59 -36.83 -15.07
C16 CLA W . 3.44 -38.10 -15.89
C17 CLA W . 4.48 -38.19 -16.97
C18 CLA W . 4.68 -39.62 -17.48
C19 CLA W . 6.12 -39.84 -17.87
C20 CLA W . 3.78 -39.90 -18.65
MG CLA X . 2.22 -20.86 -12.95
CHA CLA X . 4.19 -18.06 -13.55
CHB CLA X . -0.01 -19.78 -15.28
CHC CLA X . 0.40 -23.72 -12.44
CHD CLA X . 4.56 -21.92 -10.53
NA CLA X . 2.12 -19.18 -14.19
C1A CLA X . 3.04 -18.13 -14.29
C2A CLA X . 2.58 -17.09 -15.32
C3A CLA X . 1.17 -17.60 -15.72
C4A CLA X . 1.07 -18.96 -15.04
CMA CLA X . 0.10 -16.65 -15.24
CAA CLA X . 3.48 -17.10 -16.55
CBA CLA X . 4.23 -15.80 -16.70
CGA CLA X . 3.34 -14.71 -17.21
O1A CLA X . 3.56 -13.51 -17.32
O2A CLA X . 2.11 -15.17 -17.59
NB CLA X . 0.51 -21.61 -13.70
C1B CLA X . -0.23 -21.04 -14.69
C2B CLA X . -1.34 -21.95 -15.06
C3B CLA X . -1.23 -23.06 -14.26
C4B CLA X . -0.05 -22.86 -13.39
CMB CLA X . -2.33 -21.60 -16.08
CAB CLA X . -2.04 -24.26 -14.18
CBB CLA X . -2.53 -24.93 -15.23
NC CLA X . 2.44 -22.51 -11.69
C1C CLA X . 1.57 -23.56 -11.63
C2C CLA X . 2.02 -24.52 -10.64
C3C CLA X . 3.21 -24.02 -10.11
C4C CLA X . 3.47 -22.76 -10.77
CMC CLA X . 1.33 -25.76 -10.29
CAC CLA X . 4.04 -24.62 -9.06
CBC CLA X . 3.81 -23.99 -7.71
ND CLA X . 3.95 -20.20 -12.16
C1D CLA X . 4.82 -20.72 -11.16
C2D CLA X . 5.95 -19.81 -10.97
C3D CLA X . 5.78 -18.78 -11.88
C4D CLA X . 4.51 -19.07 -12.59
CMD CLA X . 7.04 -20.03 -10.01
CAD CLA X . 6.30 -17.53 -12.40
OBD CLA X . 7.31 -16.93 -12.08
CBD CLA X . 5.30 -17.05 -13.49
CGD CLA X . 4.79 -15.66 -13.20
O1D CLA X . 5.18 -14.59 -13.69
O2D CLA X . 3.79 -15.61 -12.28
MG CLA Y . 12.72 -28.27 0.63
CHA CLA Y . 13.87 -28.05 3.89
CHB CLA Y . 10.66 -25.62 1.17
CHC CLA Y . 11.62 -28.53 -2.61
CHD CLA Y . 14.83 -31.06 0.13
NA CLA Y . 12.36 -27.04 2.28
C1A CLA Y . 12.95 -27.09 3.55
C2A CLA Y . 12.42 -25.98 4.45
C3A CLA Y . 11.40 -25.23 3.55
C4A CLA Y . 11.47 -25.99 2.23
CMA CLA Y . 10.01 -25.25 4.13
CAA CLA Y . 13.54 -25.03 4.84
CBA CLA Y . 14.33 -24.59 3.62
CGA CLA Y . 15.29 -23.51 4.00
O1A CLA Y . 15.19 -22.66 4.88
O2A CLA Y . 16.42 -23.51 3.23
NB CLA Y . 11.44 -27.22 -0.52
C1B CLA Y . 10.61 -26.24 -0.08
C2B CLA Y . 9.62 -25.90 -1.14
C3B CLA Y . 9.88 -26.72 -2.21
C4B CLA Y . 11.04 -27.57 -1.83
CMB CLA Y . 8.60 -24.87 -0.93
CAB CLA Y . 9.25 -26.84 -3.49
CBB CLA Y . 8.44 -25.96 -4.10
NC CLA Y . 13.16 -29.55 -0.95
C1C CLA Y . 12.61 -29.46 -2.21
C2C CLA Y . 13.19 -30.48 -3.07
C3C CLA Y . 14.06 -31.22 -2.29
C4C CLA Y . 14.05 -30.63 -0.96
CMC CLA Y . 12.87 -30.67 -4.48
CAC CLA Y . 14.89 -32.36 -2.73
CBC CLA Y . 16.26 -31.92 -3.19
ND CLA Y . 14.03 -29.37 1.71
C1D CLA Y . 14.84 -30.49 1.38
C2D CLA Y . 15.62 -30.88 2.58
C3D CLA Y . 15.27 -29.99 3.57
C4D CLA Y . 14.29 -29.07 2.98
CMD CLA Y . 16.55 -32.00 2.62
CAD CLA Y . 15.47 -29.60 4.95
OBD CLA Y . 16.16 -30.12 5.81
CBD CLA Y . 14.60 -28.32 5.19
CGD CLA Y . 13.64 -28.50 6.34
O1D CLA Y . 12.41 -28.51 6.30
O2D CLA Y . 14.26 -28.65 7.54
CED CLA Y . 13.52 -29.31 8.58
MG CLA Z . 3.86 -23.79 4.39
CHA CLA Z . 2.46 -26.37 2.54
CHB CLA Z . 6.66 -23.95 2.47
CHC CLA Z . 5.11 -21.09 6.09
CHD CLA Z . 0.93 -23.66 6.36
NA CLA Z . 4.44 -25.00 2.79
C1A CLA Z . 3.71 -26.00 2.15
C2A CLA Z . 4.50 -26.62 1.01
C3A CLA Z . 5.90 -25.97 1.16
C4A CLA Z . 5.67 -24.88 2.20
CMA CLA Z . 6.94 -26.98 1.62
CAA CLA Z . 3.88 -26.20 -0.31
CBA CLA Z . 4.76 -25.24 -1.07
CGA CLA Z . 3.95 -24.09 -1.59
O1A CLA Z . 2.76 -23.82 -1.37
O2A CLA Z . 4.66 -23.26 -2.41
NB CLA Z . 5.57 -22.73 4.31
C1B CLA Z . 6.57 -22.92 3.41
C2B CLA Z . 7.62 -21.87 3.60
C3B CLA Z . 7.19 -21.06 4.63
C4B CLA Z . 5.88 -21.60 5.08
CMB CLA Z . 8.83 -21.85 2.78
CAB CLA Z . 7.77 -19.90 5.24
CBB CLA Z . 9.02 -19.47 5.12
NC CLA Z . 3.16 -22.62 5.97
C1C CLA Z . 3.84 -21.57 6.51
C2C CLA Z . 3.05 -20.97 7.59
C3C CLA Z . 1.87 -21.69 7.66
C4C CLA Z . 1.93 -22.73 6.63
CMC CLA Z . 3.47 -19.83 8.40
CAC CLA Z . 0.75 -21.47 8.58
CBC CLA Z . 0.82 -22.38 9.78
ND CLA Z . 2.11 -24.80 4.54
C1D CLA Z . 0.98 -24.63 5.39
C2D CLA Z . -0.04 -25.63 5.02
C3D CLA Z . 0.46 -26.32 3.93
C4D CLA Z . 1.80 -25.76 3.66
CMD CLA Z . -1.32 -25.79 5.69
CAD CLA Z . 0.25 -27.39 2.97
OBD CLA Z . -0.69 -28.16 2.87
CBD CLA Z . 1.48 -27.41 2.01
CGD CLA Z . 2.07 -28.78 1.91
O1D CLA Z . 1.66 -29.71 1.21
O2D CLA Z . 3.17 -29.02 2.68
CED CLA Z . 3.83 -30.27 2.53
MG CLA AA . 10.53 -18.15 10.48
CHA CLA AA . 11.21 -21.05 8.72
CHB CLA AA . 13.84 -17.37 10.49
CHC CLA AA . 9.80 -15.29 12.25
CHD CLA AA . 7.11 -19.06 10.57
NA CLA AA . 12.23 -19.08 9.69
C1A CLA AA . 12.31 -20.28 8.98
C2A CLA AA . 13.76 -20.59 8.60
C3A CLA AA . 14.56 -19.40 9.18
C4A CLA AA . 13.48 -18.54 9.83
CMA CLA AA . 15.58 -19.86 10.18
CAA CLA AA . 13.99 -20.71 7.10
CBA CLA AA . 13.15 -19.76 6.28
CGA CLA AA . 12.97 -20.32 4.90
O1A CLA AA . 12.36 -21.33 4.56
O2A CLA AA . 13.61 -19.60 3.93
NB CLA AA . 11.61 -16.61 11.22
C1B CLA AA . 12.97 -16.49 11.14
C2B CLA AA . 13.40 -15.27 11.87
C3B CLA AA . 12.26 -14.68 12.37
C4B CLA AA . 11.11 -15.52 11.96
CMB CLA AA . 14.79 -14.86 11.98
CAB CLA AA . 12.11 -13.47 13.13
CBB CLA AA . 12.09 -12.24 12.63
NC CLA AA . 8.77 -17.32 11.23
C1C CLA AA . 8.70 -16.13 11.90
C2C CLA AA . 7.32 -15.84 12.26
C3C CLA AA . 6.56 -16.92 11.82
C4C CLA AA . 7.48 -17.84 11.18
CMC CLA AA . 6.87 -14.64 12.97
CAC CLA AA . 5.10 -17.08 11.94
CBC CLA AA . 4.36 -16.57 10.73
ND CLA AA . 9.36 -19.65 9.80
C1D CLA AA . 7.98 -19.92 9.93
C2D CLA AA . 7.68 -21.21 9.28
C3D CLA AA . 8.87 -21.68 8.77
C4D CLA AA . 9.89 -20.68 9.14
CMD CLA AA . 6.35 -21.82 9.21
CAD CLA AA . 9.54 -22.75 8.06
OBD CLA AA . 9.07 -23.76 7.56
CBD CLA AA . 11.05 -22.39 8.02
CGD CLA AA . 11.90 -23.46 8.64
O1D CLA AA . 12.59 -23.40 9.66
O2D CLA AA . 11.86 -24.63 7.96
CED CLA AA . 12.72 -25.68 8.40
MG CLA BA . 11.50 -33.03 -28.62
CHA CLA BA . 13.28 -33.59 -31.54
CHB CLA BA . 8.81 -32.03 -30.45
CHC CLA BA . 9.71 -32.68 -25.70
CHD CLA BA . 14.34 -34.01 -26.75
NA CLA BA . 11.14 -32.83 -30.67
C1A CLA BA . 12.00 -33.14 -31.72
C2A CLA BA . 11.34 -32.85 -33.07
C3A CLA BA . 10.00 -32.19 -32.68
C4A CLA BA . 9.96 -32.37 -31.16
CMA CLA BA . 9.97 -30.75 -33.09
CAA CLA BA . 11.09 -34.15 -33.81
CBA CLA BA . 10.46 -35.19 -32.91
CGA CLA BA . 10.13 -36.45 -33.66
O1A CLA BA . 9.79 -36.57 -34.84
O2A CLA BA . 10.22 -37.56 -32.88
NB CLA BA . 9.63 -32.46 -28.16
C1B CLA BA . 8.66 -32.12 -29.06
C2B CLA BA . 7.38 -31.84 -28.35
C3B CLA BA . 7.62 -32.02 -27.01
C4B CLA BA . 9.05 -32.41 -26.87
CMB CLA BA . 6.17 -31.44 -29.07
CAB CLA BA . 6.76 -31.89 -25.87
CBB CLA BA . 5.77 -30.99 -25.74
NC CLA BA . 11.95 -33.27 -26.59
C1C CLA BA . 11.07 -33.08 -25.57
C2C CLA BA . 11.72 -33.36 -24.30
C3C CLA BA . 13.03 -33.74 -24.59
C4C CLA BA . 13.17 -33.68 -26.04
CMC CLA BA . 11.08 -33.26 -22.99
CAC CLA BA . 14.08 -34.12 -23.63
CBC CLA BA . 14.27 -35.61 -23.57
ND CLA BA . 13.40 -33.60 -28.98
C1D CLA BA . 14.46 -34.00 -28.12
C2D CLA BA . 15.64 -34.36 -28.94
C3D CLA BA . 15.23 -34.24 -30.26
C4D CLA BA . 13.83 -33.77 -30.23
CMD CLA BA . 16.92 -34.80 -28.41
CAD CLA BA . 15.62 -34.34 -31.66
OBD CLA BA . 16.70 -34.66 -32.14
CBD CLA BA . 14.37 -33.96 -32.51
CGD CLA BA . 14.67 -32.85 -33.46
O1D CLA BA . 14.87 -31.66 -33.20
O2D CLA BA . 14.70 -33.22 -34.77
CED CLA BA . 13.84 -32.50 -35.65
MG CLA CA . 18.44 -19.06 -22.80
CHA CLA CA . 17.35 -16.18 -24.37
CHB CLA CA . 21.62 -17.85 -22.78
CHC CLA CA . 19.42 -21.81 -20.97
CHD CLA CA . 15.13 -20.27 -22.81
NA CLA CA . 19.32 -17.31 -23.51
C1A CLA CA . 18.68 -16.22 -24.11
C2A CLA CA . 19.70 -15.12 -24.45
C3A CLA CA . 21.05 -15.77 -24.10
C4A CLA CA . 20.67 -17.07 -23.40
CMA CLA CA . 21.87 -16.01 -25.35
CAA CLA CA . 19.44 -13.94 -23.51
CBA CLA CA . 19.09 -14.42 -22.11
CGA CLA CA . 19.07 -13.30 -21.12
O1A CLA CA . 19.78 -12.31 -21.04
O2A CLA CA . 18.10 -13.48 -20.16
NB CLA CA . 20.19 -19.72 -22.03
C1B CLA CA . 21.38 -19.06 -22.11
C2B CLA CA . 22.43 -19.83 -21.37
C3B CLA CA . 21.81 -20.95 -20.86
C4B CLA CA . 20.38 -20.89 -21.28
CMB CLA CA . 23.81 -19.38 -21.27
CAB CLA CA . 22.36 -22.00 -20.07
CBB CLA CA . 22.44 -23.29 -20.44
NC CLA CA . 17.45 -20.75 -22.06
C1C CLA CA . 18.05 -21.74 -21.34
C2C CLA CA . 17.05 -22.74 -20.95
C3C CLA CA . 15.83 -22.30 -21.48
C4C CLA CA . 16.10 -21.05 -22.17
CMC CLA CA . 17.32 -23.94 -20.16
CAC CLA CA . 14.53 -22.95 -21.33
CBC CLA CA . 13.68 -22.32 -20.24
ND CLA CA . 16.64 -18.47 -23.48
C1D CLA CA . 15.36 -19.07 -23.44
C2D CLA CA . 14.39 -18.17 -24.11
C3D CLA CA . 15.09 -17.04 -24.46
C4D CLA CA . 16.48 -17.27 -24.04
CMD CLA CA . 12.97 -18.46 -24.29
CAD CLA CA . 15.03 -15.73 -25.08
OBD CLA CA . 14.08 -15.15 -25.58
CBD CLA CA . 16.47 -15.13 -25.03
CGD CLA CA . 16.95 -14.74 -26.40
O1D CLA CA . 17.95 -15.14 -27.00
O2D CLA CA . 16.16 -13.82 -27.01
CED CLA CA . 16.80 -12.80 -27.76
C1 CLA CA . 18.54 -13.92 -18.86
C2 CLA CA . 17.32 -14.30 -18.12
C3 CLA CA . 17.30 -14.65 -16.83
C4 CLA CA . 18.53 -14.70 -16.00
C5 CLA CA . 16.03 -15.03 -16.15
C6 CLA CA . 16.07 -16.46 -15.63
C7 CLA CA . 14.75 -16.83 -15.00
C8 CLA CA . 14.49 -18.33 -15.13
C9 CLA CA . 14.45 -18.72 -16.59
C10 CLA CA . 13.19 -18.73 -14.44
C11 CLA CA . 13.38 -18.91 -12.95
C12 CLA CA . 12.06 -18.98 -12.24
C13 CLA CA . 12.25 -19.22 -10.75
C14 CLA CA . 11.51 -20.46 -10.29
C15 CLA CA . 11.81 -18.01 -9.94
C16 CLA CA . 10.31 -17.94 -9.81
C17 CLA CA . 9.87 -16.78 -8.93
C18 CLA CA . 10.68 -16.71 -7.65
C19 CLA CA . 9.87 -17.24 -6.47
C20 CLA CA . 11.12 -15.30 -7.38
MG CLA DA . 3.33 -38.67 -34.56
CHA CLA DA . 4.41 -35.74 -36.04
CHB CLA DA . 1.65 -39.49 -37.40
CHC CLA DA . 2.23 -41.54 -33.01
CHD CLA DA . 5.08 -37.78 -31.62
NA CLA DA . 3.11 -37.75 -36.41
C1A CLA DA . 3.63 -36.53 -36.84
C2A CLA DA . 3.23 -36.23 -38.28
C3A CLA DA . 2.36 -37.43 -38.67
C4A CLA DA . 2.37 -38.31 -37.42
CMA CLA DA . 0.96 -37.00 -39.04
CAA CLA DA . 4.44 -36.13 -39.19
CBA CLA DA . 5.17 -37.45 -39.31
CGA CLA DA . 6.19 -37.59 -38.24
O1A CLA DA . 7.21 -36.91 -38.05
O2A CLA DA . 5.92 -38.61 -37.37
NB CLA DA . 2.18 -40.22 -35.11
C1B CLA DA . 1.57 -40.37 -36.31
C2B CLA DA . 0.76 -41.62 -36.31
C3B CLA DA . 0.91 -42.21 -35.08
C4B CLA DA . 1.82 -41.32 -34.30
CMB CLA DA . -0.03 -42.05 -37.47
CAB CLA DA . 0.36 -43.41 -34.53
CBB CLA DA . 0.32 -44.59 -35.16
NC CLA DA . 3.62 -39.51 -32.66
C1C CLA DA . 3.08 -40.69 -32.24
C2C CLA DA . 3.48 -40.97 -30.88
C3C CLA DA . 4.29 -39.91 -30.48
C4C CLA DA . 4.37 -38.99 -31.61
CMC CLA DA . 3.08 -42.15 -30.11
CAC CLA DA . 4.93 -39.75 -29.17
CBC CLA DA . 6.33 -40.32 -29.14
ND CLA DA . 4.49 -37.16 -33.91
C1D CLA DA . 5.15 -36.91 -32.68
C2D CLA DA . 5.85 -35.60 -32.75
C3D CLA DA . 5.58 -35.10 -34.02
C4D CLA DA . 4.74 -36.11 -34.70
CMD CLA DA . 6.62 -35.02 -31.67
CAD CLA DA . 5.79 -34.01 -34.95
OBD CLA DA . 6.40 -32.95 -34.79
CBD CLA DA . 5.06 -34.39 -36.27
CGD CLA DA . 4.06 -33.36 -36.72
O1D CLA DA . 2.84 -33.49 -36.80
O2D CLA DA . 4.60 -32.16 -37.06
CED CLA DA . 3.73 -31.16 -37.57
C1 CLA DA . 6.77 -38.75 -36.21
C2 CLA DA . 6.43 -40.06 -35.62
C3 CLA DA . 7.15 -40.66 -34.66
C4 CLA DA . 8.39 -40.05 -34.11
C5 CLA DA . 6.76 -41.98 -34.11
C6 CLA DA . 5.66 -42.64 -34.93
C7 CLA DA . 5.42 -44.07 -34.47
C8 CLA DA . 4.71 -44.89 -35.54
C9 CLA DA . 4.05 -46.10 -34.92
MG CLA EA . 2.58 -31.50 -27.68
CHA CLA EA . 2.71 -28.81 -25.49
CHB CLA EA . 2.15 -33.60 -25.04
CHC CLA EA . 2.41 -34.12 -29.88
CHD CLA EA . 3.08 -29.26 -30.38
NA CLA EA . 2.45 -31.22 -25.61
C1A CLA EA . 2.52 -30.03 -24.89
C2A CLA EA . 2.38 -30.27 -23.39
C3A CLA EA . 2.27 -31.80 -23.29
C4A CLA EA . 2.28 -32.27 -24.74
CMA CLA EA . 3.45 -32.39 -22.54
CAA CLA EA . 1.13 -29.61 -22.83
CBA CLA EA . 1.32 -29.21 -21.38
CGA CLA EA . 0.88 -30.32 -20.46
O1A CLA EA . -0.27 -30.66 -20.16
O2A CLA EA . 1.93 -31.00 -19.92
NB CLA EA . 2.33 -33.48 -27.50
C1B CLA EA . 2.16 -34.16 -26.34
C2B CLA EA . 1.99 -35.60 -26.60
C3B CLA EA . 2.06 -35.76 -27.97
C4B CLA EA . 2.28 -34.41 -28.56
CMB CLA EA . 1.77 -36.57 -25.52
CAB CLA EA . 1.96 -36.93 -28.82
CBB CLA EA . 1.84 -38.20 -28.41
NC CLA EA . 2.73 -31.66 -29.75
C1C CLA EA . 2.63 -32.83 -30.44
C2C CLA EA . 2.77 -32.58 -31.87
C3C CLA EA . 2.95 -31.20 -32.01
C4C CLA EA . 2.92 -30.63 -30.68
CMC CLA EA . 2.71 -33.59 -32.91
CAC CLA EA . 3.14 -30.49 -33.28
CBC CLA EA . 1.87 -29.90 -33.82
ND CLA EA . 2.85 -29.51 -27.95
C1D CLA EA . 3.04 -28.72 -29.11
C2D CLA EA . 3.20 -27.30 -28.71
C3D CLA EA . 3.07 -27.28 -27.34
C4D CLA EA . 2.85 -28.68 -26.92
CMD CLA EA . 3.43 -26.20 -29.64
CAD CLA EA . 3.08 -26.46 -26.14
OBD CLA EA . 3.25 -25.25 -26.02
CBD CLA EA . 2.83 -27.40 -24.93
CGD CLA EA . 3.93 -27.34 -23.89
O1D CLA EA . 3.81 -27.45 -22.68
O2D CLA EA . 5.17 -27.13 -24.41
CED CLA EA . 6.27 -27.73 -23.73
C1 CLA EA . 1.63 -32.24 -19.25
C2 CLA EA . 2.91 -32.99 -19.21
C3 CLA EA . 3.04 -34.18 -18.62
C4 CLA EA . 1.92 -34.87 -17.96
C5 CLA EA . 4.36 -34.88 -18.61
C6 CLA EA . 4.60 -35.64 -19.90
C7 CLA EA . 6.07 -35.77 -20.20
C8 CLA EA . 6.40 -35.55 -21.68
C9 CLA EA . 6.61 -34.08 -21.94
C10 CLA EA . 5.29 -36.09 -22.58
C11 CLA EA . 5.52 -35.69 -24.02
C12 CLA EA . 6.63 -36.50 -24.66
C13 CLA EA . 6.95 -35.99 -26.06
C14 CLA EA . 5.69 -35.84 -26.89
C15 CLA EA . 7.92 -36.92 -26.77
C16 CLA EA . 8.46 -36.30 -28.03
C17 CLA EA . 9.59 -37.10 -28.62
C18 CLA EA . 10.93 -36.65 -28.07
C19 CLA EA . 11.95 -36.54 -29.18
C20 CLA EA . 11.45 -37.64 -27.02
MG CLA FA . 2.51 -46.77 -11.69
CHA CLA FA . 4.09 -47.24 -8.63
CHB CLA FA . 2.19 -43.45 -11.00
CHC CLA FA . 1.03 -46.34 -14.75
CHD CLA FA . 2.79 -50.24 -12.30
NA CLA FA . 3.06 -45.56 -10.07
C1A CLA FA . 3.72 -45.94 -8.89
C2A CLA FA . 3.94 -44.74 -7.97
C3A CLA FA . 3.24 -43.59 -8.72
C4A CLA FA . 2.81 -44.22 -10.03
CMA CLA FA . 2.06 -43.07 -7.94
CAA CLA FA . 5.43 -44.46 -7.81
CBA CLA FA . 6.06 -43.97 -9.08
CGA CLA FA . 7.55 -43.97 -8.96
O1A CLA FA . 8.25 -44.64 -8.21
O2A CLA FA . 8.16 -43.09 -9.82
NB CLA FA . 1.76 -45.19 -12.69
C1B CLA FA . 1.74 -43.91 -12.25
C2B CLA FA . 1.11 -43.04 -13.28
C3B CLA FA . 0.79 -43.85 -14.34
C4B CLA FA . 1.18 -45.23 -13.98
CMB CLA FA . 0.94 -41.59 -13.11
CAB CLA FA . 0.17 -43.54 -15.60
CBB CLA FA . 0.57 -42.58 -16.45
NC CLA FA . 2.00 -48.06 -13.24
C1C CLA FA . 1.41 -47.68 -14.40
C2C CLA FA . 1.21 -48.82 -15.27
C3C CLA FA . 1.70 -49.93 -14.58
C4C CLA FA . 2.20 -49.44 -13.30
CMC CLA FA . 0.60 -48.77 -16.60
CAC CLA FA . 1.72 -51.32 -15.05
CBC CLA FA . 0.39 -52.02 -14.84
ND CLA FA . 3.24 -48.40 -10.75
C1D CLA FA . 3.28 -49.77 -11.11
C2D CLA FA . 3.94 -50.53 -10.02
C3D CLA FA . 4.27 -49.61 -9.05
C4D CLA FA . 3.81 -48.31 -9.55
CMD CLA FA . 4.17 -51.98 -10.04
CAD CLA FA . 4.88 -49.40 -7.75
OBD CLA FA . 5.41 -50.20 -6.99
CBD CLA FA . 4.76 -47.87 -7.44
CGD CLA FA . 3.97 -47.61 -6.19
O1D CLA FA . 4.22 -46.81 -5.28
O2D CLA FA . 2.86 -48.37 -6.09
CED CLA FA . 1.79 -47.88 -5.28
MG CLA GA . -3.30 -55.02 -18.01
CHA CLA GA . -2.34 -58.32 -17.57
CHB CLA GA . -0.05 -54.14 -18.47
CHC CLA GA . -4.32 -51.81 -18.65
CHD CLA GA . -6.67 -55.97 -17.49
NA CLA GA . -1.50 -56.07 -17.99
C1A CLA GA . -1.31 -57.45 -17.80
C2A CLA GA . 0.18 -57.81 -17.86
C3A CLA GA . 0.87 -56.43 -17.96
C4A CLA GA . -0.29 -55.46 -18.17
CMA CLA GA . 1.66 -56.11 -16.72
CAA CLA GA . 0.48 -58.65 -19.08
CBA CLA GA . -0.18 -58.10 -20.32
NB CLA GA . -2.36 -53.29 -18.41
C1B CLA GA . -1.03 -53.16 -18.69
C2B CLA GA . -0.75 -51.81 -19.24
C3B CLA GA . -1.96 -51.14 -19.29
C4B CLA GA . -2.99 -52.07 -18.76
CMB CLA GA . 0.59 -51.39 -19.62
CAB CLA GA . -2.32 -49.81 -19.73
CBB CLA GA . -1.48 -48.82 -20.05
NC CLA GA . -5.16 -54.06 -18.01
C1C CLA GA . -5.34 -52.74 -18.28
C2C CLA GA . -6.75 -52.39 -18.19
C3C CLA GA . -7.43 -53.58 -17.89
C4C CLA GA . -6.41 -54.63 -17.77
CMC CLA GA . -7.32 -51.07 -18.41
CAC CLA GA . -8.87 -53.74 -17.69
CBC CLA GA . -9.56 -54.19 -18.97
ND CLA GA . -4.33 -56.71 -17.61
C1D CLA GA . -5.71 -56.97 -17.42
C2D CLA GA . -5.90 -58.41 -17.14
C3D CLA GA . -4.64 -58.98 -17.20
C4D CLA GA . -3.70 -57.87 -17.49
CMD CLA GA . -7.18 -59.05 -16.88
CAD CLA GA . -3.86 -60.19 -17.08
OBD CLA GA . -4.23 -61.33 -16.85
CBD CLA GA . -2.36 -59.80 -17.31
CGD CLA GA . -1.47 -60.19 -16.16
O1D CLA GA . -0.29 -60.51 -16.20
O2D CLA GA . -2.10 -60.16 -14.96
CED CLA GA . -1.28 -60.14 -13.79
MG CLA HA . 9.02 -51.81 -9.40
CHA CLA HA . 10.64 -51.71 -6.33
CHB CLA HA . 8.37 -48.48 -9.18
CHC CLA HA . 7.40 -51.99 -12.42
CHD CLA HA . 9.74 -55.28 -9.60
NA CLA HA . 9.46 -50.35 -7.97
C1A CLA HA . 10.15 -50.50 -6.76
C2A CLA HA . 10.25 -49.17 -6.02
C3A CLA HA . 9.53 -48.17 -6.96
C4A CLA HA . 9.08 -49.04 -8.13
CMA CLA HA . 8.37 -47.49 -6.29
CAA CLA HA . 11.70 -48.75 -5.82
NB CLA HA . 8.09 -50.48 -10.59
C1B CLA HA . 7.87 -49.17 -10.30
C2B CLA HA . 7.03 -48.55 -11.35
C3B CLA HA . 6.76 -49.53 -12.27
C4B CLA HA . 7.42 -50.78 -11.79
CMB CLA HA . 6.63 -47.14 -11.31
CAB CLA HA . 5.99 -49.49 -13.49
CBB CLA HA . 6.01 -48.52 -14.39
NC CLA HA . 8.67 -53.35 -10.77
C1C CLA HA . 7.99 -53.19 -11.94
C2C CLA HA . 7.95 -54.46 -12.67
C3C CLA HA . 8.59 -55.40 -11.86
C4C CLA HA . 9.03 -54.70 -10.67
CMC CLA HA . 7.32 -54.64 -13.98
CAC CLA HA . 8.80 -56.83 -12.16
CBC CLA HA . 7.54 -57.65 -12.03
ND CLA HA . 9.96 -53.21 -8.29
C1D CLA HA . 10.17 -54.60 -8.47
C2D CLA HA . 10.90 -55.14 -7.30
C3D CLA HA . 11.10 -54.08 -6.45
C4D CLA HA . 10.49 -52.90 -7.11
CMD CLA HA . 11.31 -56.54 -7.13
CAD CLA HA . 11.65 -53.64 -5.18
OBD CLA HA . 12.24 -54.28 -4.32
CBD CLA HA . 11.37 -52.11 -5.07
CGD CLA HA . 10.57 -51.79 -3.84
O1D CLA HA . 9.35 -51.60 -3.76
O2D CLA HA . 11.31 -51.72 -2.70
MG CLA IA . -18.35 -50.72 -20.44
CHA CLA IA . -20.91 -51.99 -18.46
CHB CLA IA . -16.50 -53.51 -19.85
CHC CLA IA . -15.88 -49.44 -22.46
CHD CLA IA . -20.29 -47.82 -21.00
NA CLA IA . -18.68 -52.46 -19.33
C1A CLA IA . -19.82 -52.80 -18.58
C2A CLA IA . -19.64 -54.17 -17.95
C3A CLA IA . -18.23 -54.62 -18.39
C4A CLA IA . -17.75 -53.46 -19.25
CMA CLA IA . -17.32 -54.84 -17.20
CAA CLA IA . -20.68 -55.15 -18.49
CBA CLA IA . -20.60 -55.24 -20.00
CGA CLA IA . -21.73 -54.50 -20.62
O1A CLA IA . -22.86 -54.28 -20.17
O2A CLA IA . -21.43 -54.03 -21.87
NB CLA IA . -16.56 -51.38 -21.07
C1B CLA IA . -15.95 -52.51 -20.65
C2B CLA IA . -14.55 -52.56 -21.18
C3B CLA IA . -14.37 -51.42 -21.93
C4B CLA IA . -15.64 -50.65 -21.86
CMB CLA IA . -13.65 -53.68 -20.90
CAB CLA IA . -13.23 -50.93 -22.66
CBB CLA IA . -12.29 -51.67 -23.26
NC CLA IA . -18.13 -48.95 -21.54
C1C CLA IA . -17.05 -48.65 -22.31
C2C CLA IA . -17.25 -47.36 -22.96
C3C CLA IA . -18.49 -46.88 -22.53
C4C CLA IA . -19.04 -47.90 -21.63
CMC CLA IA . -16.31 -46.72 -23.86
CAC CLA IA . -19.14 -45.63 -22.92
CBC CLA IA . -18.62 -44.45 -22.13
ND CLA IA . -20.14 -49.99 -19.86
C1D CLA IA . -20.82 -48.78 -20.17
C2D CLA IA . -22.13 -48.78 -19.48
C3D CLA IA . -22.22 -49.98 -18.83
C4D CLA IA . -20.96 -50.70 -19.09
CMD CLA IA . -23.09 -47.68 -19.55
CAD CLA IA . -23.03 -50.82 -17.96
OBD CLA IA . -24.15 -50.62 -17.50
CBD CLA IA . -22.23 -52.14 -17.72
CGD CLA IA . -22.10 -52.40 -16.24
O1D CLA IA . -23.01 -52.55 -15.44
O2D CLA IA . -20.82 -52.47 -15.78
CED CLA IA . -20.61 -53.29 -14.61
C1 CLA IA . -21.15 -52.62 -21.99
C2 CLA IA . -21.77 -52.19 -23.27
C3 CLA IA . -21.24 -51.28 -24.10
C4 CLA IA . -21.91 -50.90 -25.37
C5 CLA IA . -19.94 -50.63 -23.80
C6 CLA IA . -19.63 -49.45 -24.70
C7 CLA IA . -18.50 -49.77 -25.65
C8 CLA IA . -18.78 -49.25 -27.05
C9 CLA IA . -19.18 -50.40 -27.95
C10 CLA IA . -17.58 -48.52 -27.64
C11 CLA IA . -18.03 -47.37 -28.51
C12 CLA IA . -16.85 -46.53 -28.96
C13 CLA IA . -17.04 -45.06 -28.56
C14 CLA IA . -17.02 -44.90 -27.06
C15 CLA IA . -18.30 -44.47 -29.15
C16 CLA IA . -18.00 -43.20 -29.93
C17 CLA IA . -19.24 -42.38 -30.18
C18 CLA IA . -19.00 -41.32 -31.23
C19 CLA IA . -19.95 -40.16 -31.07
C20 CLA IA . -19.14 -41.92 -32.62
MG CLA JA . -17.76 -40.62 -15.26
CHA CLA JA . -17.64 -38.61 -12.44
CHB CLA JA . -17.94 -43.39 -13.29
CHC CLA JA . -17.91 -42.57 -18.09
CHD CLA JA . -17.58 -37.73 -17.28
NA CLA JA . -17.77 -40.92 -13.19
C1A CLA JA . -17.71 -39.96 -12.18
C2A CLA JA . -17.74 -40.62 -10.80
C3A CLA JA . -17.69 -42.12 -11.11
C4A CLA JA . -17.82 -42.17 -12.63
CMA CLA JA . -16.41 -42.76 -10.64
CAA CLA JA . -19.01 -40.25 -10.05
CBA CLA JA . -19.82 -41.47 -9.64
CGA CLA JA . -20.81 -41.84 -10.69
O1A CLA JA . -21.70 -42.70 -10.66
O2A CLA JA . -20.67 -41.11 -11.84
NB CLA JA . -17.82 -42.60 -15.62
C1B CLA JA . -18.03 -43.56 -14.68
C2B CLA JA . -18.37 -44.86 -15.33
C3B CLA JA . -18.36 -44.63 -16.69
C4B CLA JA . -18.01 -43.20 -16.88
CMB CLA JA . -18.65 -46.07 -14.55
CAB CLA JA . -18.61 -45.50 -17.81
CBB CLA JA . -19.33 -46.63 -17.80
NC CLA JA . -17.73 -40.22 -17.30
C1C CLA JA . -17.77 -41.17 -18.29
C2C CLA JA . -17.69 -40.54 -19.60
C3C CLA JA . -17.64 -39.16 -19.37
C4C CLA JA . -17.66 -38.98 -17.93
CMC CLA JA . -17.69 -41.23 -20.89
CAC CLA JA . -17.54 -38.11 -20.39
CBC CLA JA . -18.87 -37.48 -20.71
ND CLA JA . -17.70 -38.63 -15.00
C1D CLA JA . -17.61 -37.55 -15.92
C2D CLA JA . -17.53 -36.28 -15.16
C3D CLA JA . -17.54 -36.63 -13.82
C4D CLA JA . -17.63 -38.10 -13.78
CMD CLA JA . -17.46 -34.96 -15.77
CAD CLA JA . -17.51 -36.16 -12.46
OBD CLA JA . -17.49 -35.01 -12.02
CBD CLA JA . -17.53 -37.41 -11.53
CGD CLA JA . -16.28 -37.47 -10.70
O1D CLA JA . -15.39 -38.33 -10.73
O2D CLA JA . -16.15 -36.44 -9.83
CED CLA JA . -15.28 -36.64 -8.71
MG CLA KA . -9.00 -38.33 -13.95
CHA CLA KA . -8.03 -39.10 -10.71
CHB CLA KA . -12.19 -37.88 -12.87
CHC CLA KA . -9.89 -37.45 -17.14
CHD CLA KA . -5.65 -38.78 -15.01
NA CLA KA . -9.93 -38.50 -12.09
C1A CLA KA . -9.35 -38.82 -10.86
C2A CLA KA . -10.40 -38.83 -9.74
C3A CLA KA . -11.73 -38.64 -10.50
C4A CLA KA . -11.27 -38.30 -11.93
CMA CLA KA . -12.57 -39.88 -10.45
CAA CLA KA . -10.14 -37.69 -8.79
CBA CLA KA . -11.10 -36.54 -9.01
CGA CLA KA . -10.52 -35.59 -10.02
O1A CLA KA . -9.33 -35.33 -10.21
O2A CLA KA . -11.48 -34.98 -10.78
NB CLA KA . -10.73 -37.85 -14.85
C1B CLA KA . -11.89 -37.58 -14.20
C2B CLA KA . -12.84 -36.90 -15.13
C3B CLA KA . -12.20 -36.77 -16.34
C4B CLA KA . -10.85 -37.38 -16.17
CMB CLA KA . -14.18 -36.48 -14.71
CAB CLA KA . -12.64 -36.19 -17.57
CBB CLA KA . -13.87 -36.33 -18.10
NC CLA KA . -7.96 -38.18 -15.74
C1C CLA KA . -8.53 -37.83 -16.94
C2C CLA KA . -7.53 -37.84 -17.99
C3C CLA KA . -6.32 -38.19 -17.39
C4C CLA KA . -6.60 -38.41 -15.97
CMC CLA KA . -7.78 -37.53 -19.40
CAC CLA KA . -5.02 -38.33 -18.06
CBC CLA KA . -4.28 -37.02 -18.16
ND CLA KA . -7.22 -38.80 -13.12
C1D CLA KA . -5.92 -38.96 -13.66
C2D CLA KA . -4.99 -39.34 -12.58
C3D CLA KA . -5.75 -39.41 -11.42
C4D CLA KA . -7.12 -39.07 -11.81
CMD CLA KA . -3.56 -39.58 -12.75
CAD CLA KA . -5.76 -39.67 -9.99
OBD CLA KA . -4.83 -39.97 -9.25
CBD CLA KA . -7.23 -39.49 -9.50
CGD CLA KA . -7.80 -40.74 -8.88
O1D CLA KA . -8.69 -41.46 -9.33
O2D CLA KA . -7.28 -41.07 -7.67
CED CLA KA . -8.00 -42.04 -6.91
MG CLA LA . -3.88 -44.11 -35.14
CHA CLA LA . -3.89 -41.90 -37.81
CHB CLA LA . -5.05 -46.57 -37.17
CHC CLA LA . -3.81 -46.27 -32.45
CHD CLA LA . -2.68 -41.50 -33.05
NA CLA LA . -4.37 -44.19 -37.16
C1A CLA LA . -4.30 -43.17 -38.12
C2A CLA LA . -4.77 -43.66 -39.49
C3A CLA LA . -5.17 -45.13 -39.22
C4A CLA LA . -4.84 -45.34 -37.75
CMA CLA LA . -6.64 -45.33 -39.48
CAA CLA LA . -3.67 -43.58 -40.53
CBA CLA LA . -2.52 -44.51 -40.21
CGA CLA LA . -1.36 -44.21 -41.09
O1A CLA LA . -0.85 -43.12 -41.37
O2A CLA LA . -0.82 -45.33 -41.67
NB CLA LA . -4.33 -46.06 -34.87
C1B CLA LA . -4.80 -46.89 -35.82
C2B CLA LA . -5.05 -48.24 -35.23
C3B CLA LA . -4.71 -48.16 -33.90
C4B CLA LA . -4.24 -46.77 -33.65
CMB CLA LA . -5.57 -49.37 -36.00
CAB CLA LA . -4.76 -49.18 -32.90
CBB CLA LA . -5.45 -49.08 -31.75
NC CLA LA . -3.33 -43.92 -33.13
C1C CLA LA . -3.38 -44.93 -32.21
C2C CLA LA . -2.93 -44.45 -30.91
C3C CLA LA . -2.61 -43.10 -31.08
C4C CLA LA . -2.87 -42.77 -32.47
CMC CLA LA . -2.85 -45.27 -29.70
CAC CLA LA . -2.11 -42.18 -30.05
ND CLA LA . -3.38 -42.16 -35.32
C1D CLA LA . -2.92 -41.20 -34.38
C2D CLA LA . -2.76 -39.91 -35.06
C3D CLA LA . -3.10 -40.11 -36.39
C4D CLA LA . -3.49 -41.54 -36.49
CMD CLA LA . -2.30 -38.67 -34.42
CAD CLA LA . -3.26 -39.53 -37.70
OBD CLA LA . -3.05 -38.38 -38.07
CBD CLA LA . -3.78 -40.65 -38.65
CGD CLA LA . -5.10 -40.31 -39.29
O1D CLA LA . -5.62 -40.86 -40.27
O2D CLA LA . -5.75 -39.27 -38.72
CED CLA LA . -6.99 -38.88 -39.33
MG CLA MA . -13.86 -31.84 -29.47
CHA CLA MA . -14.96 -29.86 -32.09
CHB CLA MA . -11.84 -29.30 -28.42
CHC CLA MA . -12.92 -33.78 -26.80
CHD CLA MA . -15.98 -34.44 -30.60
NA CLA MA . -13.47 -29.91 -30.17
C1A CLA MA . -14.05 -29.26 -31.28
C2A CLA MA . -13.49 -27.86 -31.43
C3A CLA MA . -12.41 -27.76 -30.33
C4A CLA MA . -12.58 -29.08 -29.56
CMA CLA MA . -11.03 -27.62 -30.90
CAA CLA MA . -14.58 -26.84 -31.17
CBA CLA MA . -15.41 -27.25 -29.97
CGA CLA MA . -16.56 -26.32 -29.74
O1A CLA MA . -17.08 -25.53 -30.52
O2A CLA MA . -17.06 -26.39 -28.47
NB CLA MA . -12.59 -31.60 -27.92
C1B CLA MA . -11.90 -30.47 -27.64
C2B CLA MA . -11.19 -30.64 -26.34
C3B CLA MA . -11.49 -31.89 -25.87
C4B CLA MA . -12.39 -32.53 -26.87
CMB CLA MA . -10.35 -29.60 -25.74
CAB CLA MA . -11.07 -32.56 -24.67
NC CLA MA . -14.34 -33.77 -28.84
C1C CLA MA . -13.84 -34.36 -27.72
C2C CLA MA . -14.38 -35.71 -27.58
C3C CLA MA . -15.26 -35.89 -28.65
C4C CLA MA . -15.23 -34.67 -29.44
CMC CLA MA . -14.06 -36.62 -26.49
CAC CLA MA . -16.06 -37.09 -28.94
ND CLA MA . -15.17 -32.15 -30.97
C1D CLA MA . -15.96 -33.26 -31.33
C2D CLA MA . -16.72 -32.94 -32.55
C3D CLA MA . -16.38 -31.65 -32.90
C4D CLA MA . -15.41 -31.20 -31.88
CMD CLA MA . -17.65 -33.86 -33.21
CAD CLA MA . -16.58 -30.55 -33.83
OBD CLA MA . -17.29 -30.49 -34.81
CBD CLA MA . -15.66 -29.38 -33.34
CGD CLA MA . -14.69 -28.97 -34.40
O1D CLA MA . -13.52 -29.36 -34.54
O2D CLA MA . -15.17 -28.05 -35.29
CED CLA MA . -14.29 -27.01 -35.71
MG CLA NA . -16.51 -37.42 -39.45
CHA CLA NA . -15.70 -37.90 -42.79
CHB CLA NA . -19.40 -35.88 -40.38
CHC CLA NA . -17.28 -37.00 -36.12
CHD CLA NA . -13.46 -38.97 -38.54
NA CLA NA . -17.39 -37.00 -41.29
C1A CLA NA . -16.90 -37.28 -42.57
C2A CLA NA . -17.87 -36.79 -43.65
C3A CLA NA . -19.01 -36.12 -42.84
C4A CLA NA . -18.59 -36.34 -41.39
CMA CLA NA . -19.12 -34.65 -43.17
CAA CLA NA . -18.42 -37.97 -44.43
CBA CLA NA . -19.10 -38.97 -43.54
CGA CLA NA . -20.46 -39.28 -44.08
O1A CLA NA . -21.44 -38.54 -44.18
O2A CLA NA . -20.59 -40.58 -44.49
NB CLA NA . -18.04 -36.60 -38.44
C1B CLA NA . -19.12 -36.01 -39.00
C2B CLA NA . -20.03 -35.48 -37.94
C3B CLA NA . -19.43 -35.79 -36.73
C4B CLA NA . -18.17 -36.52 -37.03
CMB CLA NA . -21.27 -34.79 -38.26
CAB CLA NA . -19.86 -35.52 -35.38
CBB CLA NA . -20.63 -34.51 -34.98
NC CLA NA . -15.54 -37.91 -37.66
C1C CLA NA . -16.04 -37.66 -36.41
C2C CLA NA . -15.11 -38.16 -35.40
C3C CLA NA . -14.02 -38.70 -36.09
C4C CLA NA . -14.31 -38.54 -37.50
CMC CLA NA . -15.32 -38.06 -33.95
CAC CLA NA . -12.81 -39.34 -35.52
ND CLA NA . -14.93 -38.27 -40.38
C1D CLA NA . -13.73 -38.84 -39.89
C2D CLA NA . -12.90 -39.26 -41.03
C3D CLA NA . -13.60 -38.94 -42.17
C4D CLA NA . -14.86 -38.32 -41.71
CMD CLA NA . -11.58 -39.90 -40.90
CAD CLA NA . -13.63 -38.95 -43.61
OBD CLA NA . -12.80 -39.39 -44.40
CBD CLA NA . -14.96 -38.27 -44.06
CGD CLA NA . -14.67 -37.08 -44.93
O1D CLA NA . -14.22 -37.09 -46.07
O2D CLA NA . -14.94 -35.87 -44.37
CED CLA NA . -14.54 -34.70 -45.08
MG CLA OA . -22.96 -29.22 -38.41
CHA CLA OA . -21.22 -30.33 -41.20
CHB CLA OA . -25.48 -28.15 -40.41
CHC CLA OA . -24.67 -28.19 -35.61
CHD CLA OA . -20.29 -30.31 -36.37
NA CLA OA . -23.27 -29.24 -40.48
C1A CLA OA . -22.42 -29.75 -41.47
C2A CLA OA . -23.04 -29.56 -42.86
C3A CLA OA . -24.34 -28.79 -42.58
C4A CLA OA . -24.39 -28.71 -41.05
CMA CLA OA . -24.32 -27.41 -43.19
CAA CLA OA . -23.34 -30.90 -43.53
CBA CLA OA . -24.42 -31.66 -42.81
CGA CLA OA . -23.87 -32.92 -42.22
O1A CLA OA . -23.48 -33.94 -42.80
O2A CLA OA . -23.82 -32.88 -40.86
NB CLA OA . -24.72 -28.30 -38.09
C1B CLA OA . -25.64 -28.01 -39.03
C2B CLA OA . -26.90 -27.51 -38.39
C3B CLA OA . -26.67 -27.51 -37.03
C4B CLA OA . -25.29 -28.02 -36.82
CMB CLA OA . -28.08 -27.11 -39.15
CAB CLA OA . -27.55 -27.13 -35.96
CBB CLA OA . -27.94 -27.93 -34.98
NC CLA OA . -22.55 -29.25 -36.36
C1C CLA OA . -23.39 -28.76 -35.40
C2C CLA OA . -22.79 -28.94 -34.08
C3C CLA OA . -21.55 -29.54 -34.28
C4C CLA OA . -21.40 -29.73 -35.72
CMC CLA OA . -23.42 -28.55 -32.83
CAC CLA OA . -20.57 -29.93 -33.27
CBC CLA OA . -19.79 -28.75 -32.73
ND CLA OA . -21.18 -30.13 -38.65
C1D CLA OA . -20.17 -30.51 -37.73
C2D CLA OA . -19.05 -31.12 -38.46
C3D CLA OA . -19.40 -31.09 -39.80
C4D CLA OA . -20.72 -30.45 -39.87
CMD CLA OA . -17.84 -31.65 -37.84
CAD CLA OA . -19.00 -31.41 -41.16
OBD CLA OA . -17.99 -31.97 -41.56
CBD CLA OA . -20.14 -30.91 -42.10
CGD CLA OA . -19.64 -29.92 -43.12
O1D CLA OA . -20.31 -29.19 -43.86
O2D CLA OA . -18.29 -29.83 -43.22
CED CLA OA . -17.76 -29.48 -44.50
C1 CLA OA . -25.05 -32.66 -40.16
C2 CLA OA . -24.72 -32.31 -38.76
C3 CLA OA . -25.65 -32.10 -37.82
C4 CLA OA . -27.10 -32.19 -38.11
C5 CLA OA . -25.26 -31.74 -36.43
C6 CLA OA . -25.56 -32.85 -35.45
MG CLA PA . -20.14 -20.01 -32.97
CHA CLA PA . -18.67 -23.12 -33.30
CHB CLA PA . -23.22 -21.44 -33.30
CHC CLA PA . -21.56 -16.92 -32.47
CHD CLA PA . -16.92 -18.56 -32.72
NA CLA PA . -20.81 -21.97 -33.25
C1A CLA PA . -20.04 -23.14 -33.35
C2A CLA PA . -20.92 -24.37 -33.54
C3A CLA PA . -22.34 -23.76 -33.69
C4A CLA PA . -22.13 -22.29 -33.38
CMA CLA PA . -22.89 -23.99 -35.07
CAA CLA PA . -20.87 -25.25 -32.31
CBA CLA PA . -20.79 -24.44 -31.03
CGA CLA PA . -21.73 -24.98 -29.99
O1A CLA PA . -21.91 -26.15 -29.66
O2A CLA PA . -22.45 -24.01 -29.36
NB CLA PA . -22.03 -19.30 -32.92
C1B CLA PA . -23.16 -20.06 -33.06
C2B CLA PA . -24.36 -19.19 -32.90
C3B CLA PA . -23.90 -17.92 -32.67
C4B CLA PA . -22.41 -17.97 -32.67
CMB CLA PA . -25.72 -19.70 -32.99
CAB CLA PA . -24.66 -16.71 -32.44
CBB CLA PA . -24.59 -15.97 -31.32
NC CLA PA . -19.38 -18.09 -32.66
C1C CLA PA . -20.14 -16.98 -32.47
C2C CLA PA . -19.28 -15.82 -32.24
C3C CLA PA . -17.97 -16.27 -32.35
C4C CLA PA . -18.03 -17.70 -32.60
CMC CLA PA . -19.76 -14.46 -31.98
CAC CLA PA . -16.75 -15.47 -32.20
CBC CLA PA . -16.43 -14.66 -33.43
ND CLA PA . -18.22 -20.63 -32.99
C1D CLA PA . -16.99 -19.93 -32.89
C2D CLA PA . -15.88 -20.90 -33.00
C3D CLA PA . -16.46 -22.14 -33.15
C4D CLA PA . -17.92 -21.92 -33.14
CMD CLA PA . -14.46 -20.55 -32.94
CAD CLA PA . -16.25 -23.57 -33.31
OBD CLA PA . -15.19 -24.18 -33.38
CBD CLA PA . -17.65 -24.23 -33.42
CGD CLA PA . -17.81 -25.00 -34.70
O1D CLA PA . -17.40 -24.69 -35.82
O2D CLA PA . -18.49 -26.16 -34.58
CED CLA PA . -18.53 -27.02 -35.71
C1 CLA PA . -22.85 -24.26 -28.00
C2 CLA PA . -22.27 -23.19 -27.17
C3 CLA PA . -22.97 -22.52 -26.23
C4 CLA PA . -24.40 -22.82 -25.97
C5 CLA PA . -22.35 -21.44 -25.42
C6 CLA PA . -23.15 -20.16 -25.45
C7 CLA PA . -22.51 -19.09 -24.58
C8 CLA PA . -23.11 -17.71 -24.84
C9 CLA PA . -22.14 -16.84 -25.59
C10 CLA PA . -23.53 -17.03 -23.54
MG CLA QA . -9.36 -25.03 -29.12
CHA CLA QA . -6.93 -26.61 -27.22
CHB CLA QA . -11.29 -24.70 -26.36
CHC CLA QA . -11.81 -23.61 -31.07
CHD CLA QA . -7.31 -25.41 -31.97
NA CLA QA . -9.10 -25.55 -27.11
C1A CLA QA . -8.02 -26.20 -26.50
C2A CLA QA . -8.27 -26.36 -25.00
C3A CLA QA . -9.60 -25.63 -24.75
C4A CLA QA . -10.05 -25.26 -26.16
CMA CLA QA . -10.64 -26.49 -24.07
CAA CLA QA . -7.16 -25.74 -24.15
CBA CLA QA . -7.52 -25.67 -22.69
CGA CLA QA . -6.29 -25.82 -21.85
O1A CLA QA . -6.14 -25.56 -20.65
O2A CLA QA . -5.22 -26.29 -22.54
NB CLA QA . -11.17 -24.23 -28.77
C1B CLA QA . -11.83 -24.31 -27.58
C2B CLA QA . -13.27 -23.93 -27.77
C3B CLA QA . -13.42 -23.62 -29.11
C4B CLA QA . -12.08 -23.80 -29.75
CMB CLA QA . -14.21 -23.94 -26.67
CAB CLA QA . -14.57 -23.20 -29.85
CBB CLA QA . -15.64 -22.56 -29.36
NC CLA QA . -9.51 -24.57 -31.15
C1C CLA QA . -10.59 -23.97 -31.73
C2C CLA QA . -10.36 -23.78 -33.15
C3C CLA QA . -9.10 -24.31 -33.41
C4C CLA QA . -8.57 -24.78 -32.15
CMC CLA QA . -11.31 -23.19 -34.09
CAC CLA QA . -8.42 -24.35 -34.72
CBC CLA QA . -7.36 -23.29 -34.86
ND CLA QA . -7.56 -25.82 -29.57
C1D CLA QA . -6.83 -25.90 -30.79
C2D CLA QA . -5.55 -26.57 -30.53
C3D CLA QA . -5.54 -26.91 -29.18
C4D CLA QA . -6.81 -26.38 -28.63
CMD CLA QA . -4.54 -26.85 -31.55
CAD CLA QA . -4.81 -27.51 -28.10
OBD CLA QA . -3.73 -28.10 -28.11
CBD CLA QA . -5.66 -27.32 -26.81
CGD CLA QA . -5.97 -28.64 -26.13
O1D CLA QA . -6.13 -28.85 -24.93
O2D CLA QA . -6.07 -29.68 -26.99
CED CLA QA . -6.80 -30.83 -26.54
C1 CLA QA . -3.98 -26.39 -21.82
C2 CLA QA . -2.93 -26.58 -22.84
C3 CLA QA . -2.66 -27.78 -23.39
C4 CLA QA . -3.39 -29.00 -23.00
C5 CLA QA . -1.60 -27.93 -24.41
C6 CLA QA . -1.00 -26.61 -24.86
C7 CLA QA . -1.48 -26.24 -26.25
C8 CLA QA . -0.97 -24.88 -26.74
C9 CLA QA . -0.04 -24.22 -25.75
C10 CLA QA . -2.14 -23.96 -27.06
C11 CLA QA . -2.42 -23.90 -28.55
C12 CLA QA . -1.28 -23.27 -29.32
C13 CLA QA . -1.73 -22.90 -30.72
C14 CLA QA . -2.01 -24.15 -31.54
C15 CLA QA . -0.71 -22.03 -31.44
C16 CLA QA . -1.13 -21.78 -32.87
C17 CLA QA . 0.03 -21.34 -33.72
C18 CLA QA . 0.44 -19.90 -33.43
C19 CLA QA . -0.76 -18.97 -33.52
C20 CLA QA . 1.52 -19.46 -34.39
MG CLA RA . -19.40 -18.58 -15.15
CHA CLA RA . -20.55 -21.16 -13.14
CHB CLA RA . -21.12 -19.87 -17.78
CHC CLA RA . -18.31 -15.96 -17.07
CHD CLA RA . -17.61 -17.30 -12.38
NA CLA RA . -20.63 -20.25 -15.39
C1A CLA RA . -21.00 -21.20 -14.43
C2A CLA RA . -21.94 -22.24 -15.03
C3A CLA RA . -21.99 -21.88 -16.53
C4A CLA RA . -21.21 -20.56 -16.59
CMA CLA RA . -21.36 -22.93 -17.38
CAA CLA RA . -23.31 -22.11 -14.38
CBA CLA RA . -24.42 -21.94 -15.40
CGA CLA RA . -25.75 -22.00 -14.70
O1A CLA RA . -26.01 -21.69 -13.54
O2A CLA RA . -26.76 -22.46 -15.50
NB CLA RA . -19.62 -18.06 -17.08
C1B CLA RA . -20.43 -18.67 -17.98
C2B CLA RA . -20.49 -17.88 -19.23
C3B CLA RA . -19.69 -16.77 -19.04
C4B CLA RA . -19.13 -16.87 -17.66
CMB CLA RA . -21.29 -18.32 -20.38
CAB CLA RA . -19.39 -15.67 -19.91
CBB CLA RA . -20.13 -15.22 -20.92
NC CLA RA . -18.17 -16.94 -14.79
C1C CLA RA . -17.85 -15.99 -15.72
C2C CLA RA . -16.97 -14.99 -15.13
C3C CLA RA . -16.78 -15.36 -13.79
C4C CLA RA . -17.54 -16.59 -13.59
CMC CLA RA . -16.44 -13.83 -15.83
CAC CLA RA . -15.97 -14.66 -12.79
CBC CLA RA . -16.80 -13.91 -11.78
ND CLA RA . -19.14 -19.04 -13.20
C1D CLA RA . -18.36 -18.43 -12.17
C2D CLA RA . -18.49 -19.24 -10.94
C3D CLA RA . -19.33 -20.30 -11.25
C4D CLA RA . -19.69 -20.13 -12.67
CMD CLA RA . -17.84 -18.92 -9.67
CAD CLA RA . -19.98 -21.49 -10.77
OBD CLA RA . -19.95 -22.01 -9.66
CBD CLA RA . -20.77 -22.09 -11.97
CGD CLA RA . -20.26 -23.46 -12.32
O1D CLA RA . -19.65 -23.81 -13.33
O2D CLA RA . -20.55 -24.41 -11.39
CED CLA RA . -19.81 -25.63 -11.49
C1 CLA RA . -28.07 -22.47 -14.91
C2 CLA RA . -28.69 -23.78 -15.23
C3 CLA RA . -29.24 -24.06 -16.43
C4 CLA RA . -29.29 -23.07 -17.53
C5 CLA RA . -29.84 -25.40 -16.70
C6 CLA RA . -29.24 -26.07 -17.92
C7 CLA RA . -30.14 -27.21 -18.39
C8 CLA RA . -30.01 -27.52 -19.88
C9 CLA RA . -28.67 -27.05 -20.44
C10 CLA RA . -31.17 -26.93 -20.68
C11 CLA RA . -31.00 -25.45 -20.94
C12 CLA RA . -32.20 -24.85 -21.66
C13 CLA RA . -32.11 -23.34 -21.74
C14 CLA RA . -33.39 -22.69 -21.23
C15 CLA RA . -31.82 -22.85 -23.16
C16 CLA RA . -30.76 -21.77 -23.18
C17 CLA RA . -30.55 -21.24 -24.58
C18 CLA RA . -29.60 -20.04 -24.61
C19 CLA RA . -28.17 -20.49 -24.79
C20 CLA RA . -29.99 -19.08 -25.71
MG CLA SA . -22.49 -31.28 -12.65
CHA CLA SA . -22.45 -28.21 -14.24
CHB CLA SA . -21.91 -32.83 -15.63
CHC CLA SA . -22.39 -34.29 -11.00
CHD CLA SA . -23.07 -29.63 -9.57
NA CLA SA . -22.26 -30.61 -14.61
C1A CLA SA . -22.26 -29.28 -15.07
C2A CLA SA . -22.07 -29.24 -16.58
C3A CLA SA . -22.06 -30.72 -16.99
C4A CLA SA . -22.07 -31.45 -15.66
CMA CLA SA . -23.27 -31.08 -17.82
CAA CLA SA . -20.76 -28.56 -16.97
CBA CLA SA . -20.58 -28.57 -18.47
CGA CLA SA . -19.80 -27.36 -18.90
O1A CLA SA . -19.93 -26.19 -18.55
O2A CLA SA . -18.81 -27.66 -19.79
NB CLA SA . -22.23 -33.20 -13.20
C1B CLA SA . -21.92 -33.61 -14.46
C2B CLA SA . -21.62 -35.08 -14.45
C3B CLA SA . -21.75 -35.49 -13.15
C4B CLA SA . -22.15 -34.31 -12.34
CMB CLA SA . -21.25 -35.82 -15.65
CAB CLA SA . -21.58 -36.80 -12.56
CBB CLA SA . -22.08 -37.92 -13.06
NC CLA SA . -22.72 -31.85 -10.65
C1C CLA SA . -22.67 -33.14 -10.20
C2C CLA SA . -22.91 -33.17 -8.77
C3C CLA SA . -23.06 -31.84 -8.36
C4C CLA SA . -22.95 -31.03 -9.55
CMC CLA SA . -22.93 -34.38 -7.95
CAC CLA SA . -23.31 -31.36 -6.99
CBC CLA SA . -24.79 -31.16 -6.73
ND CLA SA . -22.75 -29.40 -11.99
C1D CLA SA . -22.97 -28.85 -10.69
C2D CLA SA . -23.06 -27.38 -10.81
C3D CLA SA . -22.88 -27.09 -12.14
C4D CLA SA . -22.68 -28.37 -12.83
CMD CLA SA . -23.30 -26.47 -9.68
CAD CLA SA . -22.81 -26.05 -13.14
OBD CLA SA . -22.96 -24.84 -13.00
CBD CLA SA . -22.50 -26.73 -14.51
CGD CLA SA . -23.51 -26.38 -15.57
O1D CLA SA . -23.41 -26.52 -16.78
O2D CLA SA . -24.66 -25.82 -15.08
CED CLA SA . -25.66 -25.49 -16.04
C1 CLA SA . -17.62 -26.83 -19.73
MG CLA TA . -3.77 -21.93 -2.53
CHA CLA TA . -1.37 -24.40 -2.25
CHB CLA TA . -5.56 -23.41 -0.05
CHC CLA TA . -5.98 -19.31 -2.64
CHD CLA TA . -1.87 -20.42 -5.09
NA CLA TA . -3.52 -23.67 -1.40
C1A CLA TA . -2.44 -24.56 -1.42
C2A CLA TA . -2.66 -25.71 -0.44
C3A CLA TA . -4.11 -25.48 0.05
C4A CLA TA . -4.45 -24.09 -0.48
CMA CLA TA . -5.05 -26.52 -0.50
CAA CLA TA . -1.66 -25.70 0.69
CBA CLA TA . -2.11 -24.92 1.89
CGA CLA TA . -1.93 -23.45 1.73
O1A CLA TA . -2.40 -22.55 2.43
O2A CLA TA . -1.16 -23.09 0.65
NB CLA TA . -5.49 -21.48 -1.58
C1B CLA TA . -5.95 -22.14 -0.49
C2B CLA TA . -6.97 -21.31 0.21
C3B CLA TA . -7.10 -20.14 -0.51
C4B CLA TA . -6.17 -20.25 -1.67
CMB CLA TA . -7.66 -21.76 1.42
CAB CLA TA . -7.92 -18.98 -0.34
CBB CLA TA . -8.48 -18.55 0.79
NC CLA TA . -3.93 -20.21 -3.71
C1C CLA TA . -4.95 -19.30 -3.62
C2C CLA TA . -4.75 -18.26 -4.61
C3C CLA TA . -3.56 -18.54 -5.27
C4C CLA TA . -3.06 -19.78 -4.71
CMC CLA TA . -5.65 -17.11 -4.82
CAC CLA TA . -2.96 -17.77 -6.36
CBC CLA TA . -1.79 -16.93 -5.91
ND CLA TA . -2.07 -22.32 -3.54
C1D CLA TA . -1.38 -21.59 -4.54
C2D CLA TA . -0.11 -22.29 -4.86
C3D CLA TA . -0.04 -23.36 -3.99
C4D CLA TA . -1.29 -23.32 -3.19
CMD CLA TA . 0.85 -21.85 -5.87
CAD CLA TA . 0.71 -24.52 -3.58
OBD CLA TA . 1.77 -24.97 -4.02
CBD CLA TA . -0.08 -25.18 -2.40
CGD CLA TA . -0.28 -26.66 -2.57
O1D CLA TA . -1.34 -27.26 -2.75
O2D CLA TA . 0.87 -27.39 -2.49
CED CLA TA . 0.79 -28.71 -1.96
C1 CLA TA . 0.26 -22.88 0.82
C2 CLA TA . 0.47 -21.93 1.94
C3 CLA TA . 1.60 -21.22 2.05
C4 CLA TA . 2.70 -21.34 1.05
C5 CLA TA . 1.78 -20.27 3.18
C6 CLA TA . 2.27 -18.92 2.73
C7 CLA TA . 3.69 -18.70 3.20
C8 CLA TA . 4.48 -17.87 2.19
C9 CLA TA . 5.34 -18.76 1.32
C10 CLA TA . 5.34 -16.85 2.93
C11 CLA TA . 4.55 -16.15 3.99
C12 CLA TA . 5.45 -15.25 4.83
C13 CLA TA . 5.10 -15.36 6.30
C14 CLA TA . 4.80 -14.00 6.89
C15 CLA TA . 6.22 -16.04 7.08
C16 CLA TA . 7.49 -15.22 7.04
C17 CLA TA . 7.98 -14.92 8.43
C18 CLA TA . 9.51 -14.92 8.52
C19 CLA TA . 10.09 -13.56 8.20
C20 CLA TA . 10.11 -15.98 7.63
MG CLA UA . -4.99 -28.48 -8.86
CHA CLA UA . -5.53 -31.47 -7.20
CHB CLA UA . -2.81 -27.53 -6.43
CHC CLA UA . -4.35 -25.62 -10.65
CHD CLA UA . -7.25 -29.53 -11.37
NA CLA UA . -4.33 -29.35 -7.09
C1A CLA UA . -4.66 -30.62 -6.57
C2A CLA UA . -3.96 -30.86 -5.24
C3A CLA UA . -3.26 -29.51 -4.95
C4A CLA UA . -3.46 -28.73 -6.24
CMA CLA UA . -3.90 -28.82 -3.78
CAA CLA UA . -2.96 -32.01 -5.32
CBA CLA UA . -1.70 -31.65 -6.07
CGA CLA UA . -1.43 -32.72 -7.08
O1A CLA UA . -0.35 -33.21 -7.42
O2A CLA UA . -2.56 -33.16 -7.69
NB CLA UA . -3.84 -26.85 -8.57
C1B CLA UA . -2.94 -26.70 -7.58
C2B CLA UA . -2.07 -25.52 -7.84
C3B CLA UA . -2.50 -24.98 -9.04
C4B CLA UA . -3.64 -25.82 -9.51
CMB CLA UA . -1.00 -25.11 -6.94
CAB CLA UA . -2.05 -23.83 -9.77
CBB CLA UA . -1.55 -22.71 -9.27
NC CLA UA . -5.73 -27.69 -10.65
C1C CLA UA . -5.35 -26.49 -11.18
C2C CLA UA . -6.06 -26.24 -12.42
C3C CLA UA . -6.86 -27.37 -12.66
C4C CLA UA . -6.64 -28.27 -11.53
CMC CLA UA . -5.93 -25.05 -13.24
CAC CLA UA . -7.77 -27.60 -13.78
CBC CLA UA . -7.21 -28.54 -14.80
ND CLA UA . -6.20 -30.06 -9.22
C1D CLA UA . -7.04 -30.38 -10.31
C2D CLA UA . -7.64 -31.71 -10.09
C3D CLA UA . -7.09 -32.18 -8.90
C4D CLA UA . -6.20 -31.12 -8.41
CMD CLA UA . -8.60 -32.34 -10.98
CAD CLA UA . -7.07 -33.25 -7.93
OBD CLA UA . -7.72 -34.27 -7.88
CBD CLA UA . -6.00 -32.86 -6.85
CGD CLA UA . -6.50 -32.95 -5.44
O1D CLA UA . -7.36 -32.25 -4.89
O2D CLA UA . -5.90 -33.92 -4.70
CED CLA UA . -6.18 -33.98 -3.30
C1 CLA UA . -2.49 -34.40 -8.41
C2 CLA UA . -3.78 -34.51 -9.13
C3 CLA UA . -4.06 -35.52 -9.97
C4 CLA UA . -3.10 -36.61 -10.25
C5 CLA UA . -5.38 -35.58 -10.67
C6 CLA UA . -5.35 -34.93 -12.04
C7 CLA UA . -6.68 -35.13 -12.74
C8 CLA UA . -6.87 -34.18 -13.90
C9 CLA UA . -8.11 -34.54 -14.68
C10 CLA UA . -5.65 -34.19 -14.82
C11 CLA UA . -5.88 -33.42 -16.10
C12 CLA UA . -4.60 -33.31 -16.90
C13 CLA UA . -4.80 -32.57 -18.22
C14 CLA UA . -3.47 -32.07 -18.74
C15 CLA UA . -5.78 -31.41 -18.07
C16 CLA UA . -5.84 -30.57 -19.33
C17 CLA UA . -7.16 -29.87 -19.47
C18 CLA UA . -7.83 -30.18 -20.80
C19 CLA UA . -6.84 -30.06 -21.94
C20 CLA UA . -9.00 -29.25 -21.04
MG CLA VA . -1.40 -12.14 -18.56
CHA CLA VA . -0.01 -9.18 -19.71
CHB CLA VA . 0.86 -13.92 -20.38
CHC CLA VA . -2.69 -15.05 -17.23
CHD CLA VA . -3.73 -10.27 -16.67
NA CLA VA . 0.16 -11.61 -19.84
C1A CLA VA . 0.59 -10.32 -20.17
C2A CLA VA . 1.79 -10.38 -21.12
C3A CLA VA . 1.97 -11.89 -21.39
C4A CLA VA . 0.94 -12.53 -20.47
CMA CLA VA . 1.72 -12.23 -22.84
CAA CLA VA . 3.02 -9.85 -20.40
CBA CLA VA . 3.12 -10.44 -19.01
CGA CLA VA . 4.33 -9.94 -18.29
O1A CLA VA . 5.36 -9.44 -18.75
O2A CLA VA . 4.24 -10.10 -16.93
NB CLA VA . -0.97 -14.10 -18.74
C1B CLA VA . -0.05 -14.62 -19.58
C2B CLA VA . -0.13 -16.11 -19.55
C3B CLA VA . -1.12 -16.44 -18.66
C4B CLA VA . -1.68 -15.16 -18.14
CMB CLA VA . 0.76 -16.95 -20.34
CAB CLA VA . -1.63 -17.73 -18.25
CBB CLA VA . -1.84 -18.77 -19.06
NC CLA VA . -2.94 -12.56 -17.21
C1C CLA VA . -3.28 -13.83 -16.80
C2C CLA VA . -4.35 -13.75 -15.83
C3C CLA VA . -4.68 -12.41 -15.68
C4C CLA VA . -3.77 -11.66 -16.56
CMC CLA VA . -4.96 -14.91 -15.17
CAC CLA VA . -5.70 -11.83 -14.80
CBC CLA VA . -5.10 -11.27 -13.53
ND CLA VA . -1.87 -10.20 -18.28
C1D CLA VA . -2.86 -9.56 -17.47
C2D CLA VA . -2.74 -8.10 -17.64
C3D CLA VA . -1.65 -7.90 -18.48
C4D CLA VA . -1.14 -9.23 -18.83
CMD CLA VA . -3.60 -7.12 -16.99
CAD CLA VA . -0.84 -6.92 -19.15
OBD CLA VA . -0.91 -5.69 -19.15
CBD CLA VA . 0.26 -7.70 -19.94
CGD CLA VA . 0.27 -7.29 -21.39
O1D CLA VA . 0.44 -6.15 -21.83
O2D CLA VA . 0.07 -8.29 -22.29
CED CLA VA . 0.67 -8.13 -23.57
C1 CLA VA . 5.45 -9.95 -16.18
C2 CLA VA . 5.20 -10.48 -14.81
C3 CLA VA . 5.20 -9.70 -13.71
C4 CLA VA . 5.45 -8.25 -13.78
C5 CLA VA . 4.93 -10.27 -12.36
C6 CLA VA . 4.07 -9.38 -11.50
C7 CLA VA . 3.93 -9.92 -10.09
C8 CLA VA . 2.53 -10.40 -9.78
C9 CLA VA . 1.49 -9.40 -10.26
C10 CLA VA . 2.34 -10.65 -8.29
C11 CLA VA . 2.33 -12.12 -7.96
C12 CLA VA . 1.87 -12.36 -6.53
C13 CLA VA . 2.33 -13.71 -6.02
C14 CLA VA . 1.37 -14.81 -6.47
C15 CLA VA . 2.49 -13.74 -4.51
C16 CLA VA . 2.88 -12.37 -3.97
C17 CLA VA . 3.75 -12.46 -2.73
C18 CLA VA . 5.22 -12.61 -3.05
C19 CLA VA . 6.07 -12.15 -1.88
C20 CLA VA . 5.60 -11.84 -4.29
MG CLA WA . -26.83 -10.28 -30.35
CHA CLA WA . -27.34 -10.27 -33.80
CHB CLA WA . -29.61 -8.35 -29.95
CHC CLA WA . -26.34 -10.40 -26.97
CHD CLA WA . -23.90 -12.20 -30.85
NA CLA WA . -28.23 -9.46 -31.67
C1A CLA WA . -28.28 -9.58 -33.07
C2A CLA WA . -29.48 -8.83 -33.65
C3A CLA WA . -30.09 -8.14 -32.42
C4A CLA WA . -29.28 -8.69 -31.25
CMA CLA WA . -29.95 -6.65 -32.51
CAA CLA WA . -30.47 -9.81 -34.24
NB CLA WA . -27.78 -9.51 -28.76
C1B CLA WA . -28.93 -8.78 -28.80
C2B CLA WA . -29.37 -8.47 -27.41
C3B CLA WA . -28.45 -9.04 -26.56
C4B CLA WA . -27.43 -9.71 -27.41
CMB CLA WA . -30.57 -7.69 -27.13
CAB CLA WA . -28.37 -9.06 -25.12
CBB CLA WA . -29.40 -9.28 -24.30
NC CLA WA . -25.38 -11.15 -29.14
C1C CLA WA . -25.37 -11.07 -27.78
C2C CLA WA . -24.21 -11.78 -27.24
C3C CLA WA . -23.52 -12.29 -28.34
C4C CLA WA . -24.26 -11.88 -29.54
CMC CLA WA . -23.88 -11.91 -25.82
CAC CLA WA . -22.28 -13.07 -28.32
CBC CLA WA . -22.52 -14.54 -28.54
ND CLA WA . -25.82 -11.09 -31.91
C1D CLA WA . -24.61 -11.84 -31.98
C2D CLA WA . -24.31 -12.15 -33.40
C3D CLA WA . -25.33 -11.57 -34.14
C4D CLA WA . -26.23 -10.92 -33.17
CMD CLA WA . -23.15 -12.91 -33.85
CAD CLA WA . -25.86 -11.32 -35.46
OBD CLA WA . -25.44 -11.66 -36.55
CBD CLA WA . -27.16 -10.48 -35.28
CGD CLA WA . -27.10 -9.17 -36.01
O1D CLA WA . -28.03 -8.42 -36.32
O2D CLA WA . -25.83 -8.79 -36.35
CED CLA WA . -25.56 -7.38 -36.44
MG CLA XA . -34.93 -5.65 -25.89
CHA CLA XA . -34.14 -4.88 -29.17
CHB CLA XA . -35.26 -2.33 -25.21
CHC CLA XA . -35.68 -6.46 -22.64
CHD CLA XA . -34.50 -9.08 -26.64
NA CLA XA . -34.74 -3.91 -27.04
C1A CLA XA . -34.41 -3.80 -28.39
C2A CLA XA . -34.37 -2.33 -28.83
C3A CLA XA . -34.71 -1.56 -27.53
C4A CLA XA . -34.93 -2.66 -26.50
CMA CLA XA . -33.60 -0.64 -27.12
CAA CLA XA . -35.42 -2.06 -29.90
CBA CLA XA . -36.75 -1.70 -29.25
CGA CLA XA . -37.83 -2.62 -29.71
O1A CLA XA . -38.39 -2.67 -30.81
O2A CLA XA . -38.22 -3.52 -28.74
NB CLA XA . -35.43 -4.59 -24.25
C1B CLA XA . -35.47 -3.25 -24.16
C2B CLA XA . -35.77 -2.84 -22.76
C3B CLA XA . -35.89 -3.99 -22.03
C4B CLA XA . -35.66 -5.13 -22.97
CMB CLA XA . -35.88 -1.44 -22.38
CAB CLA XA . -36.15 -4.21 -20.63
CBB CLA XA . -36.74 -3.36 -19.79
NC CLA XA . -35.07 -7.45 -24.85
C1C CLA XA . -35.40 -7.54 -23.52
C2C CLA XA . -35.40 -8.94 -23.11
C3C CLA XA . -35.05 -9.68 -24.24
C4C CLA XA . -34.85 -8.73 -25.33
CMC CLA XA . -35.69 -9.42 -21.76
CAC CLA XA . -34.93 -11.14 -24.34
CBC CLA XA . -33.52 -11.61 -24.08
ND CLA XA . -34.43 -6.78 -27.49
C1D CLA XA . -34.29 -8.18 -27.66
C2D CLA XA . -33.91 -8.46 -29.07
C3D CLA XA . -33.83 -7.23 -29.69
C4D CLA XA . -34.16 -6.22 -28.66
CMD CLA XA . -33.68 -9.78 -29.62
CAD CLA XA . -33.55 -6.51 -30.93
OBD CLA XA . -33.23 -6.95 -32.02
CBD CLA XA . -33.75 -5.00 -30.63
CGD CLA XA . -32.53 -4.18 -30.94
O1D CLA XA . -31.78 -3.59 -30.15
O2D CLA XA . -32.23 -4.10 -32.27
CED CLA XA . -31.37 -3.05 -32.68
MG CLA YA . -40.04 -5.31 -9.69
CHA CLA YA . -38.14 -3.33 -11.81
CHB CLA YA . -39.49 -3.13 -7.15
CHC CLA YA . -42.02 -7.27 -7.68
CHD CLA YA . -40.46 -7.63 -12.34
NA CLA YA . -38.98 -3.53 -9.54
C1A CLA YA . -38.26 -2.86 -10.53
C2A CLA YA . -37.63 -1.57 -9.98
C3A CLA YA . -37.92 -1.66 -8.47
C4A CLA YA . -38.88 -2.83 -8.36
CMA CLA YA . -36.65 -1.93 -7.69
CAA CLA YA . -38.33 -0.36 -10.57
CBA CLA YA . -37.42 0.46 -11.46
CGA CLA YA . -36.77 1.56 -10.68
O1A CLA YA . -37.18 2.12 -9.67
O2A CLA YA . -35.58 1.95 -11.20
NB CLA YA . -40.60 -5.24 -7.77
C1B CLA YA . -40.38 -4.20 -6.93
C2B CLA YA . -41.20 -4.35 -5.70
C3B CLA YA . -41.92 -5.52 -5.84
C4B CLA YA . -41.54 -6.11 -7.16
CMB CLA YA . -41.19 -3.40 -4.60
CAB CLA YA . -42.87 -6.12 -4.95
CBB CLA YA . -44.12 -6.44 -5.25
NC CLA YA . -41.04 -7.12 -9.97
C1C CLA YA . -41.78 -7.75 -9.00
C2C CLA YA . -42.33 -9.00 -9.52
C3C CLA YA . -41.90 -9.10 -10.85
C4C CLA YA . -41.09 -7.91 -11.11
CMC CLA YA . -43.16 -9.93 -8.76
CAC CLA YA . -42.19 -10.18 -11.79
CBC CLA YA . -41.22 -11.34 -11.64
ND CLA YA . -39.51 -5.47 -11.64
C1D CLA YA . -39.72 -6.49 -12.60
C2D CLA YA . -39.07 -6.10 -13.87
C3D CLA YA . -38.46 -4.88 -13.63
C4D CLA YA . -38.75 -4.55 -12.22
CMD CLA YA . -39.10 -6.89 -15.10
CAD CLA YA . -37.66 -3.80 -14.18
OBD CLA YA . -37.26 -3.63 -15.31
CBD CLA YA . -37.39 -2.80 -13.01
CGD CLA YA . -35.91 -2.68 -12.72
O1D CLA YA . -35.35 -2.64 -11.63
O2D CLA YA . -35.15 -2.61 -13.85
CED CLA YA . -34.21 -1.53 -13.93
C1 CLA YA . -34.68 2.63 -10.31
C2 CLA YA . -33.49 3.03 -11.12
C3 CLA YA . -32.51 3.79 -10.62
C4 CLA YA . -31.33 4.16 -11.44
C5 CLA YA . -32.55 4.29 -9.22
C6 CLA YA . -32.18 5.76 -9.11
C7 CLA YA . -33.08 6.46 -8.12
C8 CLA YA . -32.30 7.27 -7.09
C9 CLA YA . -32.40 6.62 -5.73
C10 CLA YA . -32.83 8.70 -7.03
C11 CLA YA . -32.55 9.47 -8.29
C12 CLA YA . -33.68 10.42 -8.63
C13 CLA YA . -33.18 11.66 -9.35
C14 CLA YA . -32.34 11.29 -10.54
C15 CLA YA . -32.41 12.58 -8.40
C16 CLA YA . -31.86 13.78 -9.15
C17 CLA YA . -31.35 14.84 -8.19
C18 CLA YA . -31.02 16.13 -8.94
C19 CLA YA . -30.16 17.04 -8.09
C20 CLA YA . -32.28 16.83 -9.36
MG CLA ZA . -39.69 -3.81 0.29
CHA CLA ZA . -42.82 -3.75 1.80
CHB CLA ZA . -40.81 -6.13 -1.94
CHC CLA ZA . -36.63 -3.76 -1.23
CHD CLA ZA . -38.53 -1.51 2.70
NA CLA ZA . -41.52 -4.77 -0.01
C1A CLA ZA . -42.71 -4.61 0.73
C2A CLA ZA . -43.82 -5.49 0.17
C3A CLA ZA . -43.10 -6.35 -0.90
C4A CLA ZA . -41.72 -5.70 -0.98
CMA CLA ZA . -43.00 -7.79 -0.49
CAA CLA ZA . -44.88 -4.63 -0.48
CBA CLA ZA . -44.28 -3.47 -1.26
CGA CLA ZA . -45.28 -2.91 -2.23
O1A CLA ZA . -46.36 -2.38 -2.01
O2A CLA ZA . -44.86 -3.03 -3.52
NB CLA ZA . -38.86 -4.82 -1.24
C1B CLA ZA . -39.51 -5.64 -2.09
C2B CLA ZA . -38.65 -5.97 -3.26
C3B CLA ZA . -37.46 -5.29 -3.07
C4B CLA ZA . -37.58 -4.55 -1.79
CMB CLA ZA . -39.07 -6.83 -4.35
CAB CLA ZA . -36.28 -5.24 -3.88
CBB CLA ZA . -36.28 -4.88 -5.17
NC CLA ZA . -37.91 -2.80 0.67
C1C CLA ZA . -36.78 -2.93 -0.08
C2C CLA ZA . -35.72 -2.09 0.46
C3C CLA ZA . -36.25 -1.46 1.58
C4C CLA ZA . -37.62 -1.92 1.71
CMC CLA ZA . -34.39 -1.98 -0.12
CAC CLA ZA . -35.55 -0.52 2.46
CBC CLA ZA . -35.44 0.86 1.87
ND CLA ZA . -40.45 -2.75 1.83
C1D CLA ZA . -39.85 -1.88 2.78
C2D CLA ZA . -40.88 -1.46 3.76
C3D CLA ZA . -42.05 -2.11 3.40
C4D CLA ZA . -41.71 -2.94 2.23
CMD CLA ZA . -40.64 -0.51 4.85
CAD CLA ZA . -43.44 -2.32 3.70
OBD CLA ZA . -44.15 -1.77 4.54
CBD CLA ZA . -43.95 -3.44 2.75
CGD CLA ZA . -44.43 -4.62 3.57
O1D CLA ZA . -44.96 -4.57 4.68
O2D CLA ZA . -44.26 -5.85 3.01
CED CLA ZA . -44.89 -6.95 3.64
C1 CLA ZA . -45.80 -2.60 -4.54
C2 CLA ZA . -45.15 -2.86 -5.86
C3 CLA ZA . -45.41 -2.12 -6.94
C4 CLA ZA . -46.36 -0.98 -6.91
C5 CLA ZA . -44.75 -2.40 -8.23
C6 CLA ZA . -44.69 -3.88 -8.57
C7 CLA ZA . -43.71 -4.13 -9.69
C8 CLA ZA . -44.39 -4.65 -10.96
C9 CLA ZA . -45.11 -5.95 -10.67
C10 CLA ZA . -43.37 -4.84 -12.06
C11 CLA ZA . -43.97 -5.55 -13.26
C12 CLA ZA . -43.07 -5.46 -14.47
C13 CLA ZA . -43.66 -6.17 -15.67
C14 CLA ZA . -43.74 -7.66 -15.43
C15 CLA ZA . -42.85 -5.89 -16.93
C16 CLA ZA . -43.48 -6.56 -18.14
C17 CLA ZA . -44.37 -5.61 -18.91
C18 CLA ZA . -45.17 -6.34 -19.98
C19 CLA ZA . -45.60 -5.38 -21.08
C20 CLA ZA . -46.39 -7.01 -19.38
MG CLA AB . -29.46 -34.20 -15.33
CHA CLA AB . -28.59 -37.55 -15.20
CHB CLA AB . -26.36 -33.34 -14.24
CHC CLA AB . -30.32 -30.88 -15.63
CHD CLA AB . -32.71 -35.13 -16.37
NA CLA AB . -27.76 -35.29 -14.80
C1A CLA AB . -27.59 -36.69 -14.83
C2A CLA AB . -26.19 -37.07 -14.38
C3A CLA AB . -25.57 -35.73 -13.96
C4A CLA AB . -26.61 -34.70 -14.37
CMA CLA AB . -25.33 -35.69 -12.46
CAA CLA AB . -25.41 -37.65 -15.55
CBA CLA AB . -25.29 -36.66 -16.68
CGA CLA AB . -24.49 -37.21 -17.83
O1A CLA AB . -24.70 -38.24 -18.47
O2A CLA AB . -23.42 -36.43 -18.15
NB CLA AB . -28.51 -32.45 -15.01
C1B CLA AB . -27.25 -32.31 -14.55
C2B CLA AB . -26.91 -30.86 -14.43
C3B CLA AB . -28.03 -30.16 -14.82
C4B CLA AB . -29.07 -31.16 -15.19
CMB CLA AB . -25.62 -30.39 -13.96
CAB CLA AB . -28.27 -28.74 -14.90
CBB CLA AB . -27.88 -27.83 -14.00
NC CLA AB . -31.20 -33.20 -15.90
C1C CLA AB . -31.33 -31.84 -15.98
C2C CLA AB . -32.66 -31.49 -16.45
C3C CLA AB . -33.35 -32.69 -16.63
C4C CLA AB . -32.43 -33.76 -16.28
CMC CLA AB . -33.14 -30.12 -16.67
CAC CLA AB . -34.73 -32.86 -17.09
CBC CLA AB . -34.79 -33.23 -18.56
ND CLA AB . -30.47 -35.90 -15.71
C1D CLA AB . -31.81 -36.15 -16.11
C2D CLA AB . -32.02 -37.61 -16.18
C3D CLA AB . -30.82 -38.20 -15.87
C4D CLA AB . -29.89 -37.09 -15.57
CMD CLA AB . -33.29 -38.25 -16.55
CAD CLA AB . -30.08 -39.43 -15.68
OBD CLA AB . -30.47 -40.59 -15.82
CBD CLA AB . -28.64 -39.06 -15.24
CGD CLA AB . -28.31 -39.66 -13.91
O1D CLA AB . -28.74 -39.34 -12.80
O2D CLA AB . -27.39 -40.67 -13.98
CED CLA AB . -26.95 -41.24 -12.75
C1 CLA AB . -22.75 -36.73 -19.40
C2 CLA AB . -21.76 -35.66 -19.66
C3 CLA AB . -22.07 -34.48 -20.23
C4 CLA AB . -23.44 -34.14 -20.65
C5 CLA AB . -21.03 -33.44 -20.47
MG CLA BB . -30.62 -43.19 -19.61
CHA CLA BB . -28.27 -45.75 -19.42
CHB CLA BB . -28.21 -40.93 -18.82
CHC CLA BB . -32.97 -40.71 -19.86
CHD CLA BB . -33.09 -45.60 -20.37
NA CLA BB . -28.57 -43.34 -19.20
C1A CLA BB . -27.78 -44.49 -19.17
C2A CLA BB . -26.33 -44.15 -18.84
C3A CLA BB . -26.37 -42.63 -18.54
C4A CLA BB . -27.81 -42.25 -18.89
CMA CLA BB . -26.04 -42.33 -17.11
CAA CLA BB . -25.45 -44.42 -20.05
CBA CLA BB . -26.06 -43.84 -21.31
CGA CLA BB . -25.06 -43.77 -22.41
O1A CLA BB . -23.83 -43.62 -22.34
O2A CLA BB . -25.62 -43.86 -23.65
NB CLA BB . -30.61 -41.20 -19.31
C1B CLA BB . -29.51 -40.45 -19.10
C2B CLA BB . -29.84 -39.01 -19.22
C3B CLA BB . -31.18 -38.93 -19.51
C4B CLA BB . -31.70 -40.33 -19.57
CMB CLA BB . -28.86 -37.95 -19.05
CAB CLA BB . -32.00 -37.77 -19.74
CBB CLA BB . -32.78 -37.56 -20.80
NC CLA BB . -32.66 -43.17 -20.05
C1C CLA BB . -33.43 -42.04 -20.09
C2C CLA BB . -34.81 -42.39 -20.41
C3C CLA BB . -34.84 -43.77 -20.56
C4C CLA BB . -33.48 -44.26 -20.32
CMC CLA BB . -35.90 -41.43 -20.53
CAC CLA BB . -36.02 -44.60 -20.88
CBC CLA BB . -35.99 -45.05 -22.32
ND CLA BB . -30.72 -45.18 -19.96
C1D CLA BB . -31.80 -46.05 -20.21
C2D CLA BB . -31.31 -47.45 -20.25
C3D CLA BB . -29.96 -47.38 -19.97
C4D CLA BB . -29.64 -45.96 -19.76
CMD CLA BB . -32.14 -48.62 -20.52
CAD CLA BB . -28.73 -48.13 -19.82
OBD CLA BB . -28.51 -49.33 -19.97
CBD CLA BB . -27.63 -47.12 -19.37
CGD CLA BB . -27.18 -47.44 -17.97
O1D CLA BB . -27.83 -48.02 -17.10
O2D CLA BB . -25.91 -47.04 -17.68
CED CLA BB . -25.46 -47.34 -16.35
MG CLA CB . -25.42 -24.45 -7.06
CHA CLA CB . -27.83 -26.72 -8.05
CHB CLA CB . -25.76 -22.80 -10.00
CHC CLA CB . -22.99 -22.25 -6.03
CHD CLA CB . -25.06 -26.25 -4.02
NA CLA CB . -26.62 -24.73 -8.73
C1A CLA CB . -27.57 -25.74 -8.96
C2A CLA CB . -28.23 -25.58 -10.33
C3A CLA CB . -27.52 -24.34 -10.94
C4A CLA CB . -26.56 -23.91 -9.82
CMA CLA CB . -26.78 -24.68 -12.20
CAA CLA CB . -29.72 -25.32 -10.22
CBA CLA CB . -30.51 -26.26 -11.12
CGA CLA CB . -31.62 -25.52 -11.78
O1A CLA CB . -32.27 -24.56 -11.35
O2A CLA CB . -31.92 -25.99 -13.03
NB CLA CB . -24.51 -22.86 -7.88
C1B CLA CB . -24.84 -22.30 -9.07
C2B CLA CB . -24.06 -21.05 -9.27
C3B CLA CB . -23.27 -20.89 -8.16
C4B CLA CB . -23.55 -22.03 -7.25
CMB CLA CB . -24.18 -20.21 -10.46
CAB CLA CB . -22.34 -19.83 -7.84
CBB CLA CB . -21.03 -20.01 -7.64
NC CLA CB . -24.24 -24.28 -5.33
C1C CLA CB . -23.31 -23.31 -5.13
C2C CLA CB . -22.67 -23.49 -3.84
C3C CLA CB . -23.25 -24.62 -3.26
C4C CLA CB . -24.24 -25.12 -4.22
CMC CLA CB . -21.62 -22.63 -3.28
CAC CLA CB . -22.94 -25.21 -1.96
CBC CLA CB . -24.02 -24.96 -0.94
ND CLA CB . -26.26 -26.04 -6.14
C1D CLA CB . -26.01 -26.69 -4.91
C2D CLA CB . -26.89 -27.88 -4.79
C3D CLA CB . -27.61 -27.93 -5.97
C4D CLA CB . -27.17 -26.78 -6.79
CMD CLA CB . -26.94 -28.77 -3.64
CAD CLA CB . -28.61 -28.65 -6.73
OBD CLA CB . -29.25 -29.64 -6.44
CBD CLA CB . -28.75 -27.91 -8.10
CGD CLA CB . -28.36 -28.82 -9.24
O1D CLA CB . -29.10 -29.49 -9.95
O2D CLA CB . -27.02 -28.85 -9.48
CED CLA CB . -26.55 -29.84 -10.40
C1 CLA CB . -33.16 -25.54 -13.61
C2 CLA CB . -32.99 -25.53 -15.08
C3 CLA CB . -33.95 -25.13 -15.93
C4 CLA CB . -35.28 -24.65 -15.46
C5 CLA CB . -33.73 -25.16 -17.40
C6 CLA CB . -34.68 -26.09 -18.13
MG CLA DB . -34.06 -17.48 -11.43
CHA CLA DB . -33.23 -20.55 -10.04
CHB CLA DB . -30.80 -16.98 -12.26
CHC CLA DB . -34.94 -14.49 -12.83
CHD CLA DB . -37.42 -18.03 -10.49
NA CLA DB . -32.31 -18.61 -11.18
C1A CLA DB . -32.18 -19.85 -10.57
C2A CLA DB . -30.73 -20.33 -10.62
C3A CLA DB . -29.97 -19.15 -11.28
C4A CLA DB . -31.09 -18.17 -11.62
CMA CLA DB . -28.95 -18.55 -10.36
CAA CLA DB . -30.62 -21.58 -11.48
CBA CLA DB . -30.91 -21.29 -12.94
CGA CLA DB . -32.36 -21.49 -13.26
O1A CLA DB . -33.20 -22.14 -12.65
O2A CLA DB . -32.76 -20.83 -14.38
NB CLA DB . -33.06 -16.00 -12.34
C1B CLA DB . -31.73 -15.99 -12.62
C2B CLA DB . -31.38 -14.76 -13.38
C3B CLA DB . -32.54 -14.05 -13.55
C4B CLA DB . -33.63 -14.83 -12.90
CMB CLA DB . -30.02 -14.49 -13.82
CAB CLA DB . -32.81 -12.80 -14.22
CBB CLA DB . -32.21 -12.34 -15.31
NC CLA DB . -35.87 -16.46 -11.62
C1C CLA DB . -35.99 -15.25 -12.26
C2C CLA DB . -37.39 -14.82 -12.22
C3C CLA DB . -38.09 -15.82 -11.54
C4C CLA DB . -37.12 -16.84 -11.17
CMC CLA DB . -37.90 -13.58 -12.80
CAC CLA DB . -39.53 -15.85 -11.26
CBC CLA DB . -40.28 -16.72 -12.24
ND CLA DB . -35.15 -18.93 -10.53
C1D CLA DB . -36.51 -19.02 -10.18
C2D CLA DB . -36.76 -20.30 -9.48
C3D CLA DB . -35.53 -20.94 -9.43
C4D CLA DB . -34.56 -20.04 -10.07
CMD CLA DB . -38.06 -20.75 -9.00
CAD CLA DB . -34.81 -22.12 -9.00
OBD CLA DB . -35.23 -23.16 -8.50
CBD CLA DB . -33.31 -21.88 -9.31
CGD CLA DB . -32.48 -21.87 -8.05
O1D CLA DB . -32.20 -20.90 -7.34
O2D CLA DB . -32.00 -23.09 -7.69
CED CLA DB . -30.81 -23.13 -6.90
C1 CLA DB . -33.53 -19.63 -14.22
C2 CLA DB . -34.96 -20.00 -14.28
C3 CLA DB . -35.92 -19.15 -14.70
C4 CLA DB . -37.35 -19.54 -14.76
C5 CLA DB . -35.58 -17.77 -15.14
C6 CLA DB . -36.53 -17.24 -16.21
C7 CLA DB . -35.91 -16.07 -16.94
C8 CLA DB . -36.97 -15.08 -17.44
C9 CLA DB . -37.19 -15.25 -18.93
C10 CLA DB . -36.56 -13.65 -17.13
C11 CLA DB . -37.70 -12.68 -17.36
C12 CLA DB . -37.38 -11.30 -16.84
C13 CLA DB . -38.45 -10.28 -17.24
C14 CLA DB . -39.84 -10.87 -17.14
C15 CLA DB . -38.17 -9.70 -18.63
C16 CLA DB . -39.41 -9.57 -19.50
C17 CLA DB . -39.93 -8.15 -19.55
C18 CLA DB . -39.19 -7.30 -20.57
C19 CLA DB . -39.83 -5.93 -20.71
C20 CLA DB . -39.16 -7.98 -21.92
MG CLA EB . -27.61 -14.25 -18.80
CHA CLA EB . -27.10 -17.05 -16.82
CHB CLA EB . -24.28 -14.13 -19.47
CHC CLA EB . -28.16 -11.47 -20.74
CHD CLA EB . -31.04 -14.38 -18.02
NA CLA EB . -25.97 -15.42 -18.23
C1A CLA EB . -25.96 -16.54 -17.40
C2A CLA EB . -24.55 -17.09 -17.23
C3A CLA EB . -23.68 -16.09 -18.02
C4A CLA EB . -24.70 -15.14 -18.63
CMA CLA EB . -22.71 -15.36 -17.11
CAA CLA EB . -24.42 -18.50 -17.80
CBA CLA EB . -25.00 -18.60 -19.19
CGA CLA EB . -24.99 -20.03 -19.63
O1A CLA EB . -25.72 -20.96 -19.26
O2A CLA EB . -24.03 -20.30 -20.56
NB CLA EB . -26.43 -12.97 -19.82
C1B CLA EB . -25.12 -13.19 -20.10
C2B CLA EB . -24.66 -12.27 -21.17
C3B CLA EB . -25.74 -11.52 -21.53
C4B CLA EB . -26.89 -11.95 -20.68
CMB CLA EB . -23.30 -12.26 -21.69
CAB CLA EB . -25.85 -10.49 -22.54
CBB CLA EB . -26.32 -9.27 -22.35
NC CLA EB . -29.30 -13.14 -19.29
C1C CLA EB . -29.30 -12.03 -20.10
C2C CLA EB . -30.65 -11.49 -20.20
C3C CLA EB . -31.47 -12.32 -19.44
C4C CLA EB . -30.61 -13.34 -18.87
CMC CLA EB . -31.02 -10.31 -20.97
CAC CLA EB . -32.92 -12.19 -19.23
CBC CLA EB . -33.73 -13.13 -20.08
ND CLA EB . -28.86 -15.48 -17.80
C1D CLA EB . -30.25 -15.38 -17.51
C2D CLA EB . -30.62 -16.50 -16.63
C3D CLA EB . -29.46 -17.18 -16.35
C4D CLA EB . -28.39 -16.48 -17.07
CMD CLA EB . -31.99 -16.77 -16.17
CAD CLA EB . -28.85 -18.31 -15.65
OBD CLA EB . -29.38 -19.22 -15.02
CBD CLA EB . -27.31 -18.18 -15.85
CGD CLA EB . -26.63 -17.91 -14.54
O1D CLA EB . -27.15 -17.53 -13.48
O2D CLA EB . -25.28 -18.13 -14.54
CED CLA EB . -24.57 -17.81 -13.34
MG CLA FB . 17.64 8.51 2.21
CHA CLA FB . 15.70 10.77 4.00
CHB CLA FB . 20.45 9.77 3.66
CHC CLA FB . 19.47 6.09 0.60
CHD CLA FB . 14.69 7.23 0.73
NA CLA FB . 18.00 10.04 3.57
C1A CLA FB . 17.05 10.86 4.22
C2A CLA FB . 17.74 11.85 5.15
C3A CLA FB . 19.24 11.61 4.89
C4A CLA FB . 19.25 10.39 3.98
CMA CLA FB . 19.88 12.80 4.21
CAA CLA FB . 17.41 11.54 6.60
CBA CLA FB . 17.79 10.12 6.99
CGA CLA FB . 16.60 9.22 6.82
O1A CLA FB . 15.42 9.47 7.06
O2A CLA FB . 16.91 8.00 6.32
NB CLA FB . 19.59 8.01 2.14
C1B CLA FB . 20.58 8.64 2.82
C2B CLA FB . 21.89 7.97 2.56
C3B CLA FB . 21.62 6.94 1.69
C4B CLA FB . 20.15 6.95 1.42
CMB CLA FB . 23.14 8.41 3.13
CAB CLA FB . 22.52 5.98 1.12
CBB CLA FB . 22.74 5.84 -0.19
NC CLA FB . 17.17 6.97 0.88
C1C CLA FB . 18.07 6.11 0.34
C2C CLA FB . 17.40 5.16 -0.53
C3C CLA FB . 16.05 5.48 -0.50
C4C CLA FB . 15.90 6.62 0.40
CMC CLA FB . 18.06 4.08 -1.27
CAC CLA FB . 14.95 4.80 -1.21
CBC CLA FB . 14.16 3.88 -0.32
ND CLA FB . 15.66 8.92 2.23
C1D CLA FB . 14.55 8.30 1.59
C2D CLA FB . 13.31 8.98 2.02
C3D CLA FB . 13.70 9.93 2.95
C4D CLA FB . 15.17 9.84 3.05
CMD CLA FB . 11.98 8.63 1.55
CAD CLA FB . 13.26 11.00 3.83
OBD CLA FB . 12.14 11.45 4.01
CBD CLA FB . 14.52 11.52 4.57
CGD CLA FB . 14.67 13.01 4.47
O1D CLA FB . 14.58 13.71 3.46
O2D CLA FB . 14.91 13.61 5.67
CED CLA FB . 15.74 14.77 5.67
C1 CLA FB . 15.77 7.20 5.94
C2 CLA FB . 16.28 6.02 5.18
C3 CLA FB . 15.45 5.11 4.68
C4 CLA FB . 13.98 5.22 4.85
C5 CLA FB . 15.95 3.93 3.92
C6 CLA FB . 17.45 3.99 3.68
C7 CLA FB . 17.80 3.19 2.43
C8 CLA FB . 18.74 2.01 2.70
C9 CLA FB . 18.61 1.49 4.11
C10 CLA FB . 20.18 2.40 2.40
C11 CLA FB . 20.55 2.08 0.97
C12 CLA FB . 22.03 1.88 0.78
C13 CLA FB . 22.34 1.47 -0.65
C14 CLA FB . 22.12 -0.02 -0.85
C15 CLA FB . 23.75 1.88 -1.07
C16 CLA FB . 24.78 0.79 -0.87
C17 CLA FB . 26.16 1.25 -1.26
C18 CLA FB . 27.11 0.08 -1.50
C19 CLA FB . 28.54 0.49 -1.28
C20 CLA FB . 26.92 -0.46 -2.90
MG CLA GB . 4.77 -4.53 -2.20
CHA CLA GB . 4.66 -5.04 -5.64
CHB CLA GB . 3.66 -7.71 -1.70
CHC CLA GB . 5.03 -4.02 1.19
CHD CLA GB . 5.94 -1.25 -2.79
NA CLA GB . 4.24 -6.09 -3.49
C1A CLA GB . 4.27 -6.12 -4.88
C2A CLA GB . 3.82 -7.47 -5.42
C3A CLA GB . 3.39 -8.24 -4.16
C4A CLA GB . 3.79 -7.31 -3.02
CMA CLA GB . 1.91 -8.52 -4.17
CAA CLA GB . 4.99 -8.17 -6.09
CBA CLA GB . 6.16 -8.37 -5.15
CGA CLA GB . 7.19 -7.30 -5.35
O1A CLA GB . 7.78 -6.97 -6.38
O2A CLA GB . 7.49 -6.62 -4.20
NB CLA GB . 4.41 -5.64 -0.57
C1B CLA GB . 3.98 -6.93 -0.57
C2B CLA GB . 3.88 -7.43 0.83
C3B CLA GB . 4.26 -6.41 1.65
C4B CLA GB . 4.60 -5.25 0.77
CMB CLA GB . 3.45 -8.79 1.17
CAB CLA GB . 4.34 -6.37 3.09
CBB CLA GB . 3.68 -5.50 3.86
NC CLA GB . 5.36 -2.92 -1.03
C1C CLA GB . 5.37 -2.92 0.34
C2C CLA GB . 5.85 -1.63 0.83
C3C CLA GB . 6.11 -0.85 -0.28
C4C CLA GB . 5.80 -1.66 -1.45
CMC CLA GB . 5.99 -1.29 2.25
CAC CLA GB . 6.61 0.54 -0.30
CBC CLA GB . 5.51 1.55 -0.47
ND CLA GB . 5.17 -3.36 -3.79
C1D CLA GB . 5.65 -2.02 -3.90
C2D CLA GB . 5.78 -1.66 -5.32
C3D CLA GB . 5.41 -2.78 -6.04
C4D CLA GB . 5.05 -3.81 -5.04
CMD CLA GB . 6.22 -0.36 -5.81
CAD CLA GB . 5.22 -3.37 -7.35
OBD CLA GB . 5.39 -2.86 -8.46
CBD CLA GB . 4.75 -4.83 -7.14
CGD CLA GB . 3.46 -5.12 -7.84
O1D CLA GB . 2.40 -5.54 -7.35
O2D CLA GB . 3.49 -4.88 -9.18
MG CLA HB . -34.36 5.40 -17.40
CHA CLA HB . -33.19 2.29 -18.40
CHB CLA HB . -37.11 4.98 -19.33
CHC CLA HB . -35.54 8.42 -16.26
CHD CLA HB . -31.46 5.79 -15.40
NA CLA HB . -35.00 3.88 -18.68
C1A CLA HB . -34.38 2.66 -18.96
C2A CLA HB . -35.19 1.84 -19.95
C3A CLA HB . -36.34 2.80 -20.34
C4A CLA HB . -36.17 3.98 -19.38
CMA CLA HB . -36.21 3.25 -21.76
CAA CLA HB . -35.71 0.55 -19.34
CBA CLA HB . -36.79 0.81 -18.31
CGA CLA HB . -36.30 0.34 -16.97
O1A CLA HB . -36.68 -0.63 -16.32
O2A CLA HB . -35.31 1.14 -16.47
NB CLA HB . -35.99 6.52 -17.78
C1B CLA HB . -37.05 6.11 -18.51
C2B CLA HB . -38.18 7.06 -18.32
C3B CLA HB . -37.74 8.04 -17.46
C4B CLA HB . -36.33 7.71 -17.10
CMB CLA HB . -39.47 6.90 -18.98
CAB CLA HB . -38.45 9.18 -16.94
CBB CLA HB . -38.38 10.41 -17.45
NC CLA HB . -33.61 6.85 -16.09
C1C CLA HB . -34.25 8.02 -15.80
C2C CLA HB . -33.45 8.81 -14.87
C3C CLA HB . -32.31 8.06 -14.61
C4C CLA HB . -32.41 6.84 -15.38
CMC CLA HB . -33.83 10.12 -14.34
CAC CLA HB . -31.19 8.44 -13.73
CBC CLA HB . -31.39 8.00 -12.30
ND CLA HB . -32.69 4.34 -16.95
C1D CLA HB . -31.57 4.61 -16.12
C2D CLA HB . -30.64 3.47 -16.19
C3D CLA HB . -31.22 2.54 -17.02
C4D CLA HB . -32.48 3.14 -17.49
CMD CLA HB . -29.38 3.37 -15.47
CAD CLA HB . -31.10 1.24 -17.66
OBD CLA HB . -30.20 0.41 -17.54
CBD CLA HB . -32.35 1.04 -18.56
CGD CLA HB . -31.97 0.79 -19.99
O1D CLA HB . -31.43 1.55 -20.78
O2D CLA HB . -32.30 -0.47 -20.42
CED CLA HB . -32.18 -0.75 -21.82
C1 CLA HB . -35.48 1.62 -15.12
C2 CLA HB . -36.87 2.14 -15.01
C3 CLA HB . -37.15 3.34 -14.49
C4 CLA HB . -36.09 4.24 -13.99
C5 CLA HB . -38.56 3.81 -14.39
C6 CLA HB . -38.76 5.19 -14.99
C7 CLA HB . -39.12 6.20 -13.92
C8 CLA HB . -40.62 6.42 -13.82
C9 CLA HB . -41.01 7.71 -14.51
C10 CLA HB . -41.08 6.45 -12.36
C11 CLA HB . -40.87 5.11 -11.69
C12 CLA HB . -41.70 4.97 -10.44
C13 CLA HB . -43.16 4.66 -10.74
C14 CLA HB . -43.88 4.15 -9.49
C15 CLA HB . -43.30 3.61 -11.85
C16 CLA HB . -44.75 3.40 -12.22
C17 CLA HB . -44.87 2.40 -13.36
C18 CLA HB . -46.29 2.32 -13.90
C19 CLA HB . -46.67 3.58 -14.63
C20 CLA HB . -47.27 2.05 -12.78
C1 PQN IB . 1.44 5.90 -4.43
O1 PQN IB . 0.58 5.64 -3.60
C2 PQN IB . 2.86 6.02 -4.03
C2M PQN IB . 3.19 5.79 -2.58
C3 PQN IB . 3.82 6.32 -4.95
C4 PQN IB . 3.45 6.54 -6.37
O4 PQN IB . 4.32 6.80 -7.20
C5 PQN IB . 2.04 6.42 -6.79
C6 PQN IB . 1.69 6.62 -8.11
C7 PQN IB . 0.37 6.52 -8.50
C8 PQN IB . -0.61 6.21 -7.56
C9 PQN IB . -0.27 6.01 -6.24
C10 PQN IB . 1.06 6.12 -5.85
C11 PQN IB . 5.28 6.43 -4.54
C12 PQN IB . 5.90 5.15 -4.13
C13 PQN IB . 7.03 4.62 -4.56
C14 PQN IB . 8.04 5.40 -5.34
C15 PQN IB . 7.46 3.24 -4.16
C16 PQN IB . 8.93 3.03 -4.13
C17 PQN IB . 9.44 2.44 -2.83
C18 PQN IB . 10.48 1.33 -2.99
C19 PQN IB . 10.54 0.48 -1.74
C20 PQN IB . 11.84 1.91 -3.34
C21 PQN IB . 12.91 0.92 -3.75
C22 PQN IB . 14.04 0.70 -2.77
C23 PQN IB . 15.26 -0.01 -3.36
C24 PQN IB . 14.92 -1.39 -3.88
C25 PQN IB . 16.42 -0.05 -2.36
C26 PQN IB . 16.94 -1.43 -2.03
C27 PQN IB . 17.76 -1.57 -0.78
C28 PQN IB . 17.00 -1.87 0.53
C29 PQN IB . 16.16 -0.70 0.98
C30 PQN IB . 16.16 -3.13 0.39
MG CLA JB . -30.44 -21.84 -38.31
CHA CLA JB . -33.37 -20.69 -39.77
CHB CLA JB . -31.70 -21.15 -35.23
CHC CLA JB . -27.55 -23.09 -36.91
CHD CLA JB . -29.20 -22.61 -41.52
NA CLA JB . -32.25 -21.03 -37.63
C1A CLA JB . -33.35 -20.63 -38.40
C2A CLA JB . -34.47 -20.09 -37.50
C3A CLA JB . -33.87 -20.21 -36.07
C4A CLA JB . -32.51 -20.85 -36.30
CMA CLA JB . -33.75 -18.88 -35.39
CAA CLA JB . -35.76 -20.89 -37.61
CBA CLA JB . -35.58 -22.35 -37.97
CGA CLA JB . -36.85 -22.91 -38.51
O1A CLA JB . -37.89 -23.18 -37.88
O2A CLA JB . -36.84 -23.12 -39.86
NB CLA JB . -29.76 -22.09 -36.43
C1B CLA JB . -30.41 -21.73 -35.29
C2B CLA JB . -29.57 -22.03 -34.11
C3B CLA JB . -28.40 -22.58 -34.57
C4B CLA JB . -28.50 -22.62 -36.06
CMB CLA JB . -29.99 -21.77 -32.74
CAB CLA JB . -27.25 -23.05 -33.84
CBB CLA JB . -26.77 -24.28 -33.88
NC CLA JB . -28.69 -22.67 -39.09
C1C CLA JB . -27.63 -23.10 -38.34
C2C CLA JB . -26.59 -23.63 -39.20
C3C CLA JB . -27.06 -23.51 -40.50
C4C CLA JB . -28.38 -22.90 -40.43
CMC CLA JB . -25.32 -24.18 -38.72
CAC CLA JB . -26.35 -23.93 -41.72
CBC CLA JB . -25.75 -22.76 -42.47
ND CLA JB . -31.04 -21.64 -40.23
C1D CLA JB . -30.44 -22.02 -41.45
C2D CLA JB . -31.36 -21.68 -42.56
C3D CLA JB . -32.49 -21.15 -41.98
C4D CLA JB . -32.25 -21.17 -40.52
CMD CLA JB . -31.06 -21.89 -43.98
CAD CLA JB . -33.81 -20.59 -42.19
OBD CLA JB . -34.39 -20.34 -43.24
CBD CLA JB . -34.43 -20.32 -40.79
CGD CLA JB . -34.90 -18.90 -40.63
O1D CLA JB . -35.73 -18.47 -39.83
O2D CLA JB . -34.32 -18.03 -41.51
CED CLA JB . -34.67 -16.65 -41.41
C1 CLA JB . -35.89 -24.07 -40.37
C2 CLA JB . -36.25 -24.32 -41.80
C3 CLA JB . -35.38 -24.78 -42.71
C4 CLA JB . -33.98 -25.09 -42.38
C5 CLA JB . -35.82 -25.01 -44.12
C6 CLA JB . -34.86 -24.44 -45.15
C7 CLA JB . -35.41 -23.18 -45.78
O1 LHG KB . 7.53 0.86 -21.57
C1 LHG KB . 6.16 0.96 -21.19
C2 LHG KB . 5.86 -0.18 -20.25
O2 LHG KB . 6.01 -1.42 -20.91
C3 LHG KB . 4.45 -0.17 -19.74
O3 LHG KB . 4.43 1.12 -19.15
P LHG KB . 3.27 1.55 -18.11
O4 LHG KB . 1.98 1.53 -18.85
O5 LHG KB . 3.93 2.55 -17.23
O6 LHG KB . 3.25 0.09 -17.32
C4 LHG KB . 4.01 -0.09 -16.17
C5 LHG KB . 3.22 -1.12 -15.35
C6 LHG KB . 2.10 -1.75 -16.18
O7 LHG KB . 4.13 -2.12 -15.00
C7 LHG KB . 4.00 -2.52 -13.71
O9 LHG KB . 2.94 -2.52 -13.11
C8 LHG KB . 5.32 -2.85 -13.14
C9 LHG KB . 5.12 -3.71 -11.91
C10 LHG KB . 5.85 -5.02 -12.07
O8 LHG KB . 2.46 -3.13 -16.28
C23 LHG KB . 1.74 -4.03 -15.54
O10 LHG KB . 0.79 -3.63 -14.90
C24 LHG KB . 2.28 -5.41 -15.29
C11 LHG KB . 7.26 -4.59 -11.78
C12 LHG KB . 7.64 -5.10 -10.44
C13 LHG KB . 7.78 -6.60 -10.52
C14 LHG KB . 8.80 -7.11 -9.55
C15 LHG KB . 8.89 -8.59 -9.79
C16 LHG KB . 8.50 -9.31 -8.53
C17 LHG KB . 8.29 -10.79 -8.81
C18 LHG KB . 7.42 -11.22 -7.65
C19 LHG KB . 7.53 -12.67 -7.32
C20 LHG KB . 6.62 -13.32 -8.33
C21 LHG KB . 6.32 -14.72 -7.91
C22 LHG KB . 5.62 -15.43 -9.05
C25 LHG KB . 1.70 -6.51 -16.14
C26 LHG KB . 1.10 -7.71 -15.41
C27 LHG KB . 0.21 -7.06 -14.36
C28 LHG KB . -0.99 -7.85 -13.93
C29 LHG KB . -1.98 -6.84 -13.38
C30 LHG KB . -2.78 -7.28 -12.18
C31 LHG KB . -2.08 -8.18 -11.20
C32 LHG KB . -2.93 -8.64 -10.03
C33 LHG KB . -2.08 -9.62 -9.24
C34 LHG KB . -2.84 -10.66 -8.46
C35 LHG KB . -2.32 -10.81 -7.06
C36 LHG KB . -3.13 -11.87 -6.36
C37 LHG KB . -2.44 -12.21 -5.08
C38 LHG KB . -3.16 -13.25 -4.24
O1 LHG LB . -24.48 -18.69 -35.90
C1 LHG LB . -23.76 -19.32 -36.95
C2 LHG LB . -24.75 -19.73 -38.02
O2 LHG LB . -24.94 -18.68 -38.93
C3 LHG LB . -26.10 -20.07 -37.47
O3 LHG LB . -26.64 -18.79 -37.28
P LHG LB . -28.01 -18.34 -38.01
O4 LHG LB . -28.61 -19.56 -38.62
O5 LHG LB . -27.69 -17.00 -38.57
O6 LHG LB . -28.89 -18.15 -36.62
C4 LHG LB . -28.25 -17.91 -35.40
C5 LHG LB . -29.31 -17.23 -34.54
C6 LHG LB . -30.03 -18.21 -33.64
O7 LHG LB . -28.63 -16.32 -33.72
C7 LHG LB . -29.02 -15.04 -33.89
O9 LHG LB . -29.97 -14.73 -34.58
C8 LHG LB . -28.25 -14.12 -33.02
C9 LHG LB . -28.55 -14.42 -31.57
C10 LHG LB . -28.81 -13.13 -30.84
O8 LHG LB . -29.85 -17.66 -32.33
C23 LHG LB . -30.75 -18.00 -31.37
O10 LHG LB . -31.39 -19.03 -31.48
C24 LHG LB . -31.21 -16.96 -30.36
C11 LHG LB . -29.64 -13.60 -29.67
C12 LHG LB . -30.28 -12.42 -29.03
C13 LHG LB . -30.46 -12.73 -27.56
C25 LHG LB . -31.06 -17.34 -28.91
C1 BCR MB . 6.87 -38.60 -11.92
C2 BCR MB . 6.95 -37.27 -11.21
C3 BCR MB . 6.03 -37.14 -10.03
C4 BCR MB . 4.65 -37.63 -10.34
C5 BCR MB . 4.71 -39.00 -10.85
C6 BCR MB . 5.72 -39.48 -11.56
C7 BCR MB . 5.75 -40.85 -12.04
C8 BCR MB . 5.11 -41.24 -13.15
C9 BCR MB . 5.15 -42.58 -13.68
C10 BCR MB . 4.57 -42.84 -14.86
C11 BCR MB . 4.58 -44.12 -15.51
C33 BCR MB . 3.55 -39.84 -10.46
C31 BCR MB . 8.17 -39.32 -11.65
C32 BCR MB . 6.81 -38.29 -13.40
C34 BCR MB . 5.82 -43.63 -12.88
C12 BCR MB . 4.01 -44.19 -16.73
C13 BCR MB . 3.75 -45.41 -17.46
C14 BCR MB . 2.99 -45.33 -18.56
C15 BCR MB . 2.72 -46.43 -19.44
C16 BCR MB . 1.96 -46.23 -20.53
C17 BCR MB . 1.60 -47.35 -21.37
C18 BCR MB . 0.74 -47.31 -22.38
C19 BCR MB . 0.58 -48.47 -23.23
C20 BCR MB . -0.30 -48.51 -24.23
C21 BCR MB . -0.48 -49.74 -24.97
C22 BCR MB . -1.38 -49.92 -25.95
C23 BCR MB . -1.54 -51.24 -26.53
C24 BCR MB . -1.96 -51.45 -27.77
C25 BCR MB . -2.30 -52.75 -28.35
C26 BCR MB . -3.55 -53.21 -28.31
C27 BCR MB . -4.02 -54.49 -28.87
C28 BCR MB . -3.11 -54.97 -29.96
C29 BCR MB . -1.68 -54.91 -29.48
C30 BCR MB . -1.21 -53.53 -29.01
C35 BCR MB . 4.44 -46.66 -17.11
C36 BCR MB . -0.09 -46.12 -22.65
C37 BCR MB . -2.01 -48.77 -26.62
C38 BCR MB . -4.64 -52.46 -27.68
C39 BCR MB . -0.64 -52.73 -30.16
C40 BCR MB . -0.05 -53.82 -28.07
C1 BCR NB . -1.08 -30.51 -11.33
C2 BCR NB . -1.11 -29.12 -10.73
C3 BCR NB . -1.24 -28.10 -11.83
C4 BCR NB . -2.56 -28.29 -12.53
C5 BCR NB . -2.79 -29.71 -12.88
C6 BCR NB . -2.13 -30.73 -12.35
C7 BCR NB . -2.39 -32.12 -12.71
C8 BCR NB . -1.85 -32.67 -13.80
C9 BCR NB . -1.62 -34.10 -13.95
C10 BCR NB . -1.57 -34.62 -15.17
C11 BCR NB . -1.22 -35.99 -15.46
C33 BCR NB . -3.84 -29.91 -13.90
C31 BCR NB . -1.23 -31.49 -10.19
C32 BCR NB . 0.29 -30.70 -11.94
C34 BCR NB . -1.12 -34.84 -12.77
C12 BCR NB . -1.05 -36.35 -16.74
C13 BCR NB . -0.61 -37.65 -17.19
C14 BCR NB . -0.27 -37.80 -18.47
C15 BCR NB . 0.20 -39.03 -19.04
C16 BCR NB . 0.55 -39.08 -20.33
C17 BCR NB . 0.99 -40.35 -20.86
C18 BCR NB . 1.48 -40.56 -22.08
C19 BCR NB . 1.74 -41.93 -22.49
C20 BCR NB . 2.17 -42.26 -23.71
C21 BCR NB . 2.35 -43.65 -24.03
C22 BCR NB . 2.85 -44.13 -25.16
C23 BCR NB . 2.94 -45.57 -25.34
C24 BCR NB . 3.62 -46.14 -26.34
C25 BCR NB . 3.40 -47.49 -26.84
C26 BCR NB . 3.88 -48.56 -26.20
C27 BCR NB . 3.72 -49.97 -26.62
C28 BCR NB . 2.60 -50.12 -27.63
C29 BCR NB . 2.70 -49.04 -28.67
C30 BCR NB . 2.62 -47.63 -28.10
C35 BCR NB . -0.71 -38.82 -16.30
C36 BCR NB . 1.88 -39.46 -22.98
C37 BCR NB . 3.41 -43.23 -26.20
C38 BCR NB . 4.67 -48.47 -24.96
C39 BCR NB . 1.17 -47.22 -27.87
C40 BCR NB . 3.16 -46.72 -29.19
C1 BCR OB . -33.60 -26.48 -29.25
C2 BCR OB . -34.54 -27.50 -28.66
C3 BCR OB . -33.88 -28.19 -27.50
C4 BCR OB . -33.57 -27.19 -26.41
C5 BCR OB . -32.99 -25.94 -26.94
C6 BCR OB . -32.99 -25.59 -28.23
C7 BCR OB . -32.40 -24.34 -28.70
C8 BCR OB . -31.10 -24.21 -28.95
C9 BCR OB . -30.46 -22.93 -29.14
C10 BCR OB . -29.13 -22.88 -29.31
C11 BCR OB . -28.37 -21.65 -29.41
C33 BCR OB . -32.39 -25.08 -25.91
C31 BCR OB . -34.39 -25.68 -30.27
C32 BCR OB . -32.52 -27.25 -29.97
C34 BCR OB . -31.28 -21.71 -29.06
C12 BCR OB . -27.05 -21.74 -29.62
C13 BCR OB . -26.12 -20.65 -29.44
C14 BCR OB . -24.81 -20.90 -29.64
C15 BCR OB . -23.76 -19.95 -29.42
C16 BCR OB . -22.50 -20.29 -29.67
C17 BCR OB . -21.43 -19.46 -29.19
C18 BCR OB . -20.13 -19.77 -29.20
C19 BCR OB . -19.16 -18.73 -28.94
C20 BCR OB . -17.84 -18.94 -28.99
C21 BCR OB . -16.95 -17.81 -29.02
C22 BCR OB . -15.64 -17.85 -29.24
C23 BCR OB . -14.91 -16.60 -29.43
C24 BCR OB . -13.58 -16.52 -29.37
C25 BCR OB . -12.82 -15.28 -29.43
C26 BCR OB . -12.72 -14.48 -28.37
C27 BCR OB . -11.97 -13.20 -28.32
C28 BCR OB . -10.97 -13.10 -29.44
C29 BCR OB . -11.62 -13.53 -30.73
C30 BCR OB . -12.14 -14.96 -30.72
C35 BCR OB . -26.57 -19.37 -28.88
C36 BCR OB . -19.65 -21.08 -29.69
C37 BCR OB . -14.92 -19.14 -29.38
C38 BCR OB . -13.37 -14.76 -27.07
C39 BCR OB . -11.03 -15.95 -30.98
C40 BCR OB . -13.09 -15.05 -31.91
C1 BCR PB . -15.82 -12.82 -21.05
C2 BCR PB . -15.47 -11.46 -21.62
C3 BCR PB . -15.35 -11.50 -23.12
C4 BCR PB . -14.30 -12.50 -23.55
C5 BCR PB . -14.40 -13.77 -22.81
C6 BCR PB . -15.10 -13.95 -21.69
C7 BCR PB . -15.15 -15.24 -21.01
C8 BCR PB . -16.05 -16.17 -21.35
C9 BCR PB . -16.22 -17.42 -20.64
C10 BCR PB . -16.91 -18.40 -21.23
C11 BCR PB . -17.37 -19.60 -20.58
C33 BCR PB . -13.67 -14.88 -23.45
C31 BCR PB . -17.32 -12.97 -21.18
C32 BCR PB . -15.47 -12.78 -19.58
C34 BCR PB . -15.85 -17.47 -19.22
C12 BCR PB . -18.05 -20.49 -21.31
C13 BCR PB . -18.72 -21.67 -20.81
C14 BCR PB . -19.62 -22.27 -21.59
C15 BCR PB . -20.34 -23.46 -21.22
C16 BCR PB . -21.16 -24.06 -22.09
C17 BCR PB . -21.83 -25.26 -21.67
C18 BCR PB . -22.63 -26.02 -22.43
C19 BCR PB . -23.26 -27.18 -21.83
C20 BCR PB . -24.07 -27.98 -22.51
C21 BCR PB . -24.47 -29.25 -21.95
C22 BCR PB . -25.51 -29.98 -22.36
C23 BCR PB . -26.02 -31.02 -21.48
C24 BCR PB . -27.29 -31.05 -21.08
C25 BCR PB . -28.08 -32.25 -20.83
C26 BCR PB . -28.81 -32.80 -21.80
C27 BCR PB . -29.67 -34.01 -21.66
C28 BCR PB . -29.53 -34.68 -20.31
C29 BCR PB . -29.30 -33.67 -19.23
C30 BCR PB . -28.07 -32.81 -19.46
C35 BCR PB . -18.29 -22.27 -19.54
C36 BCR PB . -22.70 -25.85 -23.89
C37 BCR PB . -26.37 -29.48 -23.45
C38 BCR PB . -28.86 -32.27 -23.16
C39 BCR PB . -26.80 -33.59 -19.21
C40 BCR PB . -28.11 -31.72 -18.41
C1 BCR QB . -1.12 -16.81 -1.23
C2 BCR QB . -2.39 -17.62 -1.31
C3 BCR QB . -3.37 -17.18 -0.27
C4 BCR QB . -2.80 -17.31 1.13
C5 BCR QB . -1.38 -16.91 1.20
C6 BCR QB . -0.59 -16.67 0.16
C7 BCR QB . 0.80 -16.28 0.30
C8 BCR QB . 1.17 -15.01 0.46
C9 BCR QB . 2.56 -14.59 0.38
C10 BCR QB . 2.98 -13.56 1.14
C11 BCR QB . 2.19 -12.90 2.15
C33 BCR QB . -0.87 -16.78 2.58
C31 BCR QB . -1.40 -15.45 -1.85
C32 BCR QB . -0.08 -17.51 -2.07
C34 BCR QB . 3.50 -15.38 -0.43
C12 BCR QB . 2.78 -11.97 2.90
C13 BCR QB . 2.15 -11.24 3.96
C14 BCR QB . 2.90 -10.38 4.69
C15 BCR QB . 2.37 -9.48 5.68
C16 BCR QB . 3.18 -8.62 6.31
C17 BCR QB . 2.59 -7.72 7.27
C18 BCR QB . 3.21 -6.73 7.93
C19 BCR QB . 4.65 -6.67 7.96
C20 BCR QB . 5.30 -5.70 8.61
C21 BCR QB . 6.74 -5.71 8.63
C22 BCR QB . 7.51 -4.83 9.28
C23 BCR QB . 8.91 -4.75 8.92
C24 BCR QB . 9.89 -4.59 9.83
C25 BCR QB . 11.30 -4.45 9.50
C26 BCR QB . 12.04 -5.50 9.12
C27 BCR QB . 13.48 -5.46 8.78
C28 BCR QB . 13.98 -4.06 8.54
C29 BCR QB . 13.42 -3.14 9.60
C30 BCR QB . 11.90 -3.10 9.64
C35 BCR QB . 0.70 -11.37 4.21
C36 BCR QB . 2.45 -5.64 8.57
C37 BCR QB . 7.03 -4.16 10.50
C38 BCR QB . 11.51 -6.86 8.99
C39 BCR QB . 11.35 -2.17 8.56
C40 BCR QB . 11.55 -2.46 10.98
FE1 SF4 RB . -6.53 12.04 -13.86
FE2 SF4 RB . -7.00 10.74 -16.54
FE3 SF4 RB . -4.19 11.32 -15.62
FE4 SF4 RB . -6.03 13.62 -16.37
S1 SF4 RB . -5.35 11.85 -17.34
S2 SF4 RB . -4.86 13.11 -14.66
S3 SF4 RB . -7.68 12.52 -15.58
S4 SF4 RB . -5.85 10.26 -14.81
MG CLA SB . -4.41 1.36 9.28
CHA CLA SB . -5.83 -1.78 9.67
CHB CLA SB . -1.83 0.42 11.26
CHC CLA SB . -2.86 4.32 8.56
CHD CLA SB . -7.14 2.29 7.23
NA CLA SB . -3.97 -0.37 10.35
C1A CLA SB . -4.67 -1.59 10.37
C2A CLA SB . -4.00 -2.59 11.30
C3A CLA SB . -2.95 -1.73 12.04
C4A CLA SB . -2.88 -0.47 11.17
CMA CLA SB . -3.40 -1.39 13.43
CAA CLA SB . -3.35 -3.71 10.51
CBA CLA SB . -3.13 -4.95 11.36
CGA CLA SB . -1.69 -5.10 11.71
O1A CLA SB . -0.71 -4.53 11.23
O2A CLA SB . -1.48 -6.00 12.72
NB CLA SB . -2.72 2.25 9.89
C1B CLA SB . -1.70 1.59 10.50
C2B CLA SB . -0.41 2.28 10.26
C3B CLA SB . -0.69 3.39 9.49
C4B CLA SB . -2.17 3.40 9.27
CMB CLA SB . 0.86 1.79 10.79
CAB CLA SB . 0.16 4.43 8.97
CBB CLA SB . 1.44 4.29 8.61
NC CLA SB . -4.96 3.05 8.19
C1C CLA SB . -4.19 4.17 8.07
C2C CLA SB . -4.89 5.18 7.27
C3C CLA SB . -6.07 4.57 6.84
C4C CLA SB . -6.12 3.24 7.42
CMC CLA SB . -4.37 6.51 6.96
CAC CLA SB . -7.11 5.18 6.00
CBC CLA SB . -8.10 5.99 6.82
ND CLA SB . -6.13 0.54 8.62
C1D CLA SB . -7.16 1.03 7.78
C2D CLA SB . -8.16 -0.04 7.57
C3D CLA SB . -7.69 -1.16 8.24
C4D CLA SB . -6.42 -0.74 8.89
CMD CLA SB . -9.36 0.10 6.76
CAD CLA SB . -7.92 -2.54 8.61
OBD CLA SB . -8.82 -3.29 8.30
CBD CLA SB . -6.72 -2.98 9.52
CGD CLA SB . -7.16 -3.55 10.83
O1D CLA SB . -6.49 -4.20 11.64
O2D CLA SB . -8.47 -3.30 11.13
CED CLA SB . -9.18 -4.36 11.78
C1 CLA SB . -0.12 -6.18 13.17
C2 CLA SB . 0.15 -7.64 13.18
C3 CLA SB . 1.12 -8.17 12.42
C4 CLA SB . 1.95 -7.31 11.55
C5 CLA SB . 1.41 -9.64 12.43
C6 CLA SB . 2.75 -9.99 11.80
C7 CLA SB . 2.58 -10.58 10.41
C8 CLA SB . 3.91 -11.01 9.81
C9 CLA SB . 4.28 -12.40 10.30
C10 CLA SB . 5.03 -10.03 10.14
C11 CLA SB . 6.31 -10.39 9.43
C12 CLA SB . 6.17 -10.29 7.92
C13 CLA SB . 7.52 -10.21 7.23
C14 CLA SB . 8.49 -9.34 8.00
C15 CLA SB . 7.36 -9.69 5.80
C16 CLA SB . 6.83 -10.77 4.89
C17 CLA SB . 7.92 -11.73 4.49
C18 CLA SB . 7.54 -12.58 3.28
C19 CLA SB . 8.72 -13.40 2.81
C20 CLA SB . 7.03 -11.70 2.16
C1 BCR TB . 18.81 -23.12 12.75
C2 BCR TB . 18.51 -24.18 13.80
C3 BCR TB . 19.42 -25.37 13.75
C4 BCR TB . 19.60 -25.88 12.35
C5 BCR TB . 20.06 -24.80 11.48
C6 BCR TB . 19.72 -23.53 11.64
C7 BCR TB . 20.22 -22.47 10.77
C8 BCR TB . 19.61 -22.17 9.62
C9 BCR TB . 19.85 -20.96 8.86
C10 BCR TB . 19.01 -20.63 7.87
C11 BCR TB . 19.24 -19.53 6.97
C33 BCR TB . 20.96 -25.24 10.39
C31 BCR TB . 19.39 -21.93 13.48
C32 BCR TB . 17.48 -22.70 12.16
C34 BCR TB . 21.12 -20.23 9.09
C12 BCR TB . 18.30 -19.24 6.07
C13 BCR TB . 18.51 -18.36 4.94
C14 BCR TB . 17.48 -18.16 4.11
C15 BCR TB . 17.59 -17.47 2.84
C16 BCR TB . 16.55 -17.42 2.01
C17 BCR TB . 16.78 -16.93 0.67
C18 BCR TB . 15.89 -16.90 -0.32
C19 BCR TB . 16.33 -16.52 -1.65
C20 BCR TB . 15.52 -16.46 -2.70
C21 BCR TB . 16.08 -16.26 -4.01
C22 BCR TB . 15.44 -15.72 -5.05
C23 BCR TB . 16.12 -15.64 -6.34
C24 BCR TB . 15.65 -14.91 -7.36
C25 BCR TB . 16.41 -14.50 -8.53
C26 BCR TB . 16.49 -15.27 -9.61
C27 BCR TB . 17.22 -14.95 -10.86
C28 BCR TB . 17.49 -13.48 -10.99
C29 BCR TB . 18.01 -12.95 -9.67
C30 BCR TB . 17.07 -13.15 -8.50
C35 BCR TB . 19.88 -17.95 4.56
C36 BCR TB . 14.48 -17.25 -0.11
C37 BCR TB . 14.22 -14.91 -4.84
C38 BCR TB . 15.85 -16.59 -9.68
C39 BCR TB . 16.01 -12.08 -8.44
C40 BCR TB . 17.94 -12.97 -7.26
C1 BCR UB . 20.84 -3.63 17.37
C2 BCR UB . 20.74 -4.54 18.57
C3 BCR UB . 19.38 -5.19 18.60
C4 BCR UB . 19.20 -6.06 17.38
C5 BCR UB . 19.66 -5.38 16.14
C6 BCR UB . 20.39 -4.29 16.11
C7 BCR UB . 20.82 -3.66 14.86
C8 BCR UB . 20.02 -2.82 14.19
C9 BCR UB . 20.28 -2.39 12.83
C10 BCR UB . 19.23 -2.12 12.04
C11 BCR UB . 19.31 -1.63 10.69
C33 BCR UB . 19.21 -6.06 14.91
C31 BCR UB . 22.28 -3.19 17.27
C32 BCR UB . 19.96 -2.44 17.66
C34 BCR UB . 21.66 -2.03 12.45
C12 BCR UB . 18.18 -1.60 9.98
C13 BCR UB . 18.02 -1.02 8.67
C14 BCR UB . 16.80 -1.05 8.11
C15 BCR UB . 16.46 -0.44 6.86
C16 BCR UB . 15.26 -0.68 6.31
C17 BCR UB . 14.76 0.22 5.30
C18 BCR UB . 13.50 0.25 4.83
C19 BCR UB . 13.09 1.38 4.02
C20 BCR UB . 11.85 1.49 3.53
C21 BCR UB . 11.47 2.71 2.87
C22 BCR UB . 10.30 2.93 2.25
C23 BCR UB . 10.03 4.25 1.70
C24 BCR UB . 9.12 4.46 0.75
C25 BCR UB . 8.84 5.74 0.11
C26 BCR UB . 9.58 6.19 -0.90
C27 BCR UB . 9.39 7.47 -1.62
C28 BCR UB . 8.01 8.02 -1.42
C29 BCR UB . 7.63 7.93 0.04
C30 BCR UB . 7.66 6.52 0.61
C35 BCR UB . 19.20 -0.60 7.89
C36 BCR UB . 12.47 -0.69 5.32
C37 BCR UB . 9.33 1.84 2.04
C38 BCR UB . 10.74 5.46 -1.43
C39 BCR UB . 6.37 5.77 0.30
C40 BCR UB . 7.70 6.70 2.12
MG CLA VB . -16.08 -3.33 11.00
CHA CLA VB . -15.33 -0.26 12.41
CHB CLA VB . -15.29 -2.09 7.93
CHC CLA VB . -16.39 -6.49 9.72
CHD CLA VB . -16.79 -4.58 14.22
NA CLA VB . -15.52 -1.44 10.29
C1A CLA VB . -15.22 -0.30 11.04
C2A CLA VB . -14.86 0.87 10.12
C3A CLA VB . -15.21 0.31 8.71
C4A CLA VB . -15.36 -1.18 8.97
CMA CLA VB . -16.50 0.90 8.18
CAA CLA VB . -13.39 1.25 10.20
CBA CLA VB . -13.00 2.06 8.97
CGA CLA VB . -11.63 2.65 9.12
O1A CLA VB . -11.08 3.46 8.38
O2A CLA VB . -10.95 2.21 10.23
NB CLA VB . -15.94 -4.12 9.16
C1B CLA VB . -15.42 -3.48 8.08
C2B CLA VB . -15.03 -4.48 7.04
C3B CLA VB . -15.34 -5.72 7.54
C4B CLA VB . -15.95 -5.51 8.88
CMB CLA VB . -14.45 -4.11 5.75
CAB CLA VB . -15.20 -7.02 6.96
CBB CLA VB . -15.63 -7.36 5.74
NC CLA VB . -16.62 -5.17 11.80
C1C CLA VB . -16.73 -6.32 11.09
C2C CLA VB . -17.14 -7.41 11.96
C3C CLA VB . -17.20 -6.89 13.25
C4C CLA VB . -16.87 -5.48 13.14
CMC CLA VB . -17.37 -8.79 11.53
CAC CLA VB . -17.56 -7.60 14.49
CBC CLA VB . -19.02 -7.42 14.85
ND CLA VB . -16.25 -2.59 12.88
C1D CLA VB . -16.49 -3.24 14.12
C2D CLA VB . -16.34 -2.26 15.20
C3D CLA VB . -15.88 -1.10 14.60
C4D CLA VB . -15.82 -1.37 13.16
CMD CLA VB . -16.59 -2.54 16.61
CAD CLA VB . -15.52 0.30 14.80
OBD CLA VB . -15.58 0.99 15.81
CBD CLA VB . -14.99 0.81 13.43
CGD CLA VB . -15.50 2.17 13.08
O1D CLA VB . -16.64 2.61 13.18
O2D CLA VB . -14.52 3.01 12.64
CED CLA VB . -14.92 4.33 12.25
C1 CLA VB . -9.52 2.35 10.17
C2 CLA VB . -8.97 1.53 11.28
C3 CLA VB . -8.58 2.07 12.44
C4 CLA VB . -8.68 3.53 12.70
C5 CLA VB . -8.03 1.23 13.53
C6 CLA VB . -8.21 -0.26 13.29
C7 CLA VB . -8.15 -1.03 14.58
C8 CLA VB . -6.71 -1.17 15.10
MG CLA WB . -20.26 -0.81 -7.72
CHA CLA WB . -21.71 -1.35 -10.81
CHB CLA WB . -23.35 -0.63 -6.30
CHC CLA WB . -18.77 -0.61 -4.64
CHD CLA WB . -17.09 -0.90 -9.24
NA CLA WB . -22.20 -0.91 -8.47
C1A CLA WB . -22.60 -1.17 -9.79
C2A CLA WB . -24.13 -1.14 -9.90
C3A CLA WB . -24.58 -0.70 -8.49
C4A CLA WB . -23.30 -0.75 -7.68
CMA CLA WB . -25.17 0.69 -8.48
CAA CLA WB . -24.71 -2.50 -10.26
CBA CLA WB . -26.20 -2.40 -10.50
CGA CLA WB . -26.93 -2.90 -9.29
O1A CLA WB . -26.84 -3.99 -8.74
O2A CLA WB . -27.81 -2.00 -8.78
NB CLA WB . -20.93 -0.64 -5.82
C1B CLA WB . -22.23 -0.65 -5.44
C2B CLA WB . -22.33 -0.67 -3.97
C3B CLA WB . -21.04 -0.66 -3.48
C4B CLA WB . -20.13 -0.65 -4.67
CMB CLA WB . -23.61 -0.67 -3.26
CAB CLA WB . -20.56 -0.67 -2.13
CBB CLA WB . -21.05 -1.43 -1.15
NC CLA WB . -18.28 -0.71 -7.07
C1C CLA WB . -17.90 -0.62 -5.76
C2C CLA WB . -16.45 -0.58 -5.68
C3C CLA WB . -15.97 -0.66 -6.97
C4C CLA WB . -17.13 -0.75 -7.85
CMC CLA WB . -15.71 -0.49 -4.43
CAC CLA WB . -14.55 -0.64 -7.37
CBC CLA WB . -14.08 -1.95 -7.96
ND CLA WB . -19.51 -0.95 -9.58
C1D CLA WB . -18.18 -1.02 -10.06
C2D CLA WB . -18.21 -1.25 -11.53
C3D CLA WB . -19.53 -1.42 -11.85
C4D CLA WB . -20.30 -1.23 -10.61
CMD CLA WB . -17.03 -1.32 -12.38
CAD CLA WB . -20.49 -1.63 -12.93
OBD CLA WB . -20.29 -1.74 -14.14
CBD CLA WB . -21.90 -1.69 -12.27
CGD CLA WB . -22.91 -0.84 -12.97
O1D CLA WB . -22.88 0.38 -13.18
O2D CLA WB . -23.98 -1.53 -13.43
CED CLA WB . -25.21 -0.82 -13.56
C1 CLA WB . -28.40 -2.37 -7.51
C2 CLA WB . -28.12 -1.26 -6.57
C3 CLA WB . -28.08 -1.45 -5.23
C4 CLA WB . -28.32 -2.77 -4.61
C5 CLA WB . -27.81 -0.31 -4.31
C6 CLA WB . -28.75 -0.27 -3.13
C7 CLA WB . -30.13 0.21 -3.54
C8 CLA WB . -31.11 0.13 -2.38
C9 CLA WB . -31.28 -1.32 -1.95
C10 CLA WB . -32.46 0.73 -2.74
C11 CLA WB . -32.83 1.88 -1.83
C12 CLA WB . -34.29 2.24 -1.93
C13 CLA WB . -34.50 3.69 -2.30
C14 CLA WB . -34.00 3.98 -3.70
C15 CLA WB . -33.83 4.63 -1.30
C16 CLA WB . -34.33 6.05 -1.46
C17 CLA WB . -33.62 7.01 -0.54
C18 CLA WB . -34.39 8.31 -0.39
C19 CLA WB . -33.62 9.32 0.42
C20 CLA WB . -35.74 8.06 0.22
MG CLA XB . -27.27 28.78 0.47
CHA CLA XB . -27.67 30.75 -2.36
CHB CLA XB . -27.08 31.57 2.40
CHC CLA XB . -27.08 26.78 3.27
CHD CLA XB . -27.47 25.90 -1.56
NA CLA XB . -27.33 30.83 0.06
C1A CLA XB . -27.53 31.44 -1.19
C2A CLA XB . -27.51 32.97 -1.04
C3A CLA XB . -27.20 33.19 0.46
C4A CLA XB . -27.20 31.77 1.03
CMA CLA XB . -25.87 33.85 0.68
CAA CLA XB . -28.85 33.56 -1.41
CBA CLA XB . -29.94 33.16 -0.44
CGA CLA XB . -30.86 32.17 -1.09
O1A CLA XB . -31.07 31.99 -2.29
O2A CLA XB . -31.53 31.40 -0.18
NB CLA XB . -27.12 29.11 2.45
C1B CLA XB . -27.05 30.33 3.05
C2B CLA XB . -26.96 30.17 4.52
C3B CLA XB . -26.95 28.82 4.78
C4B CLA XB . -27.06 28.12 3.46
CMB CLA XB . -26.88 31.31 5.43
CAB CLA XB . -26.87 28.09 6.01
CBB CLA XB . -26.12 28.43 7.07
NC CLA XB . -27.25 26.71 0.78
C1C CLA XB . -27.16 26.12 2.00
C2C CLA XB . -27.18 24.66 1.85
C3C CLA XB . -27.28 24.41 0.48
C4C CLA XB . -27.33 25.71 -0.19
CMC CLA XB . -27.11 23.69 2.94
CAC CLA XB . -27.34 23.10 -0.18
CBC CLA XB . -25.96 22.50 -0.32
ND CLA XB . -27.43 28.35 -1.50
C1D CLA XB . -27.52 27.11 -2.20
C2D CLA XB . -27.68 27.39 -3.64
C3D CLA XB . -27.76 28.77 -3.75
C4D CLA XB . -27.60 29.32 -2.40
CMD CLA XB . -27.78 26.37 -4.67
CAD CLA XB . -27.89 29.88 -4.67
OBD CLA XB . -27.97 29.90 -5.89
CBD CLA XB . -27.90 31.18 -3.79
CGD CLA XB . -26.92 32.21 -4.31
O1D CLA XB . -27.01 32.86 -5.35
O2D CLA XB . -25.83 32.41 -3.52
CED CLA XB . -25.17 33.67 -3.63
MG CLA YB . -18.09 32.95 7.19
CHA CLA YB . -16.63 33.46 10.29
CHB CLA YB . -20.75 31.46 8.69
CHC CLA YB . -19.50 32.47 4.09
CHD CLA YB . -15.30 34.52 5.67
NA CLA YB . -18.58 32.53 9.17
C1A CLA YB . -17.84 32.83 10.33
C2A CLA YB . -18.58 32.33 11.58
C3A CLA YB . -19.82 31.62 11.01
C4A CLA YB . -19.74 31.89 9.52
CMA CLA YB . -19.81 30.15 11.30
CAA CLA YB . -18.98 33.52 12.46
CBA CLA YB . -20.43 33.43 12.90
CGA CLA YB . -20.55 32.71 14.21
O1A CLA YB . -21.00 33.12 15.27
O2A CLA YB . -20.07 31.43 14.17
NB CLA YB . -19.81 32.14 6.52
C1B CLA YB . -20.78 31.61 7.29
C2B CLA YB . -21.92 31.17 6.44
C3B CLA YB . -21.59 31.45 5.15
C4B CLA YB . -20.22 32.06 5.17
CMB CLA YB . -23.12 30.54 6.98
CAB CLA YB . -22.33 31.18 3.95
CBB CLA YB . -22.48 32.00 2.91
NC CLA YB . -17.48 33.40 5.24
C1C CLA YB . -18.21 33.08 4.12
C2C CLA YB . -17.48 33.50 2.94
C3C CLA YB . -16.31 34.12 3.37
C4C CLA YB . -16.32 34.05 4.83
CMC CLA YB . -17.96 33.31 1.57
CAC CLA YB . -15.25 34.71 2.54
CBC CLA YB . -13.96 33.93 2.54
ND CLA YB . -16.33 33.76 7.77
C1D CLA YB . -15.29 34.40 7.05
C2D CLA YB . -14.25 34.86 8.00
C3D CLA YB . -14.71 34.51 9.25
C4D CLA YB . -16.01 33.85 9.06
CMD CLA YB . -13.02 35.54 7.63
CAD CLA YB . -14.44 34.53 10.68
OBD CLA YB . -13.46 34.95 11.28
CBD CLA YB . -15.66 33.88 11.38
CGD CLA YB . -15.25 32.74 12.26
O1D CLA YB . -14.74 32.81 13.39
O2D CLA YB . -15.45 31.50 11.74
CED CLA YB . -14.99 30.39 12.50
C1 CLA YB . -19.86 30.79 15.45
C2 CLA YB . -18.40 30.81 15.69
C3 CLA YB . -17.86 31.01 16.90
C4 CLA YB . -18.68 31.25 18.10
C5 CLA YB . -16.38 31.01 17.09
C6 CLA YB . -15.86 32.36 17.53
C7 CLA YB . -16.02 33.38 16.42
C8 CLA YB . -15.55 34.77 16.81
C9 CLA YB . -15.81 35.04 18.28
C10 CLA YB . -16.26 35.82 15.97
C11 CLA YB . -15.39 36.27 14.82
C12 CLA YB . -16.18 37.17 13.89
C13 CLA YB . -15.29 37.71 12.78
C14 CLA YB . -14.89 39.14 13.09
C15 CLA YB . -15.99 37.65 11.42
C16 CLA YB . -15.30 38.53 10.41
C17 CLA YB . -16.09 38.59 9.11
C18 CLA YB . -15.53 39.67 8.18
C19 CLA YB . -16.29 39.69 6.87
C20 CLA YB . -14.06 39.46 7.95
MG CLA ZB . -22.38 25.70 10.87
CHA CLA ZB . -23.08 25.72 7.48
CHB CLA ZB . -19.16 26.57 10.22
CHC CLA ZB . -21.79 25.80 14.26
CHD CLA ZB . -25.74 24.77 11.50
NA CLA ZB . -21.31 26.06 9.12
C1A CLA ZB . -21.78 26.04 7.80
C2A CLA ZB . -20.66 26.36 6.81
C3A CLA ZB . -19.41 26.50 7.72
C4A CLA ZB . -19.98 26.38 9.13
CMA CLA ZB . -18.41 25.42 7.44
CAA CLA ZB . -20.92 27.65 6.08
CBA CLA ZB . -19.75 28.02 5.19
CGA CLA ZB . -19.78 27.22 3.93
O1A CLA ZB . -20.54 27.35 2.97
O2A CLA ZB . -18.85 26.22 3.89
NB CLA ZB . -20.79 26.13 12.02
C1B CLA ZB . -19.55 26.45 11.57
C2B CLA ZB . -18.63 26.65 12.72
C3B CLA ZB . -19.36 26.43 13.86
C4B CLA ZB . -20.74 26.10 13.44
CMB CLA ZB . -17.21 26.98 12.55
CAB CLA ZB . -18.98 26.46 15.25
CBB CLA ZB . -18.17 27.35 15.82
NC CLA ZB . -23.56 25.33 12.56
C1C CLA ZB . -23.10 25.43 13.85
C2C CLA ZB . -24.18 25.10 14.78
C3C CLA ZB . -25.30 24.81 14.00
C4C CLA ZB . -24.90 24.96 12.60
CMC CLA ZB . -24.07 25.10 16.24
CAC CLA ZB . -26.64 24.43 14.47
CBC CLA ZB . -26.84 22.93 14.42
ND CLA ZB . -24.04 25.25 9.80
C1D CLA ZB . -25.36 24.91 10.18
C2D CLA ZB . -26.18 24.75 8.97
C3D CLA ZB . -25.36 25.05 7.90
C4D CLA ZB . -24.04 25.37 8.48
CMD CLA ZB . -27.59 24.35 8.95
CAD CLA ZB . -25.25 25.16 6.47
OBD CLA ZB . -26.08 24.96 5.61
CBD CLA ZB . -23.79 25.64 6.16
CGD CLA ZB . -23.11 24.70 5.19
O1D CLA ZB . -22.75 23.54 5.39
O2D CLA ZB . -22.90 25.25 3.96
CED CLA ZB . -23.48 24.59 2.84
C1 CLA ZB . -19.13 25.12 3.01
C2 CLA ZB . -18.97 23.89 3.81
C3 CLA ZB . -17.84 23.17 3.82
C4 CLA ZB . -16.67 23.57 3.02
C5 CLA ZB . -17.70 21.93 4.64
C6 CLA ZB . -19.03 21.44 5.19
C7 CLA ZB . -18.98 21.31 6.70
C8 CLA ZB . -18.31 20.03 7.16
C9 CLA ZB . -18.99 18.83 6.53
C10 CLA ZB . -18.36 19.91 8.68
C11 CLA ZB . -17.09 20.45 9.32
C12 CLA ZB . -17.32 20.83 10.76
C13 CLA ZB . -18.20 22.06 10.88
C14 CLA ZB . -17.44 23.20 11.55
C15 CLA ZB . -19.48 21.77 11.64
C16 CLA ZB . -20.69 22.35 10.91
C17 CLA ZB . -21.99 21.87 11.49
C18 CLA ZB . -22.82 21.06 10.50
C19 CLA ZB . -22.61 21.55 9.07
C20 CLA ZB . -24.29 21.14 10.85
MG CLA AC . -39.69 20.18 16.04
CHA CLA AC . -41.82 17.48 15.66
CHB CLA AC . -37.10 18.30 14.91
CHC CLA AC . -37.65 22.91 16.40
CHD CLA AC . -42.42 22.07 17.29
NA CLA AC . -39.52 18.20 15.40
C1A CLA AC . -40.52 17.23 15.31
C2A CLA AC . -39.96 15.92 14.78
C3A CLA AC . -38.44 16.18 14.68
C4A CLA AC . -38.32 17.66 15.00
CMA CLA AC . -37.69 15.34 15.68
CAA CLA AC . -40.54 15.61 13.40
CBA CLA AC . -40.23 16.70 12.40
CGA CLA AC . -41.39 17.65 12.29
O1A CLA AC . -42.57 17.38 12.12
O2A CLA AC . -41.02 18.96 12.39
NB CLA AC . -37.74 20.52 15.78
C1B CLA AC . -36.85 19.66 15.19
C2B CLA AC . -35.58 20.36 14.89
C3B CLA AC . -35.73 21.66 15.31
C4B CLA AC . -37.10 21.78 15.88
CMB CLA AC . -34.45 19.69 14.25
CAB CLA AC . -34.83 22.78 15.25
CBB CLA AC . -34.02 23.09 14.24
NC CLA AC . -39.98 22.13 16.73
C1C CLA AC . -39.00 23.08 16.81
C2C CLA AC . -39.55 24.31 17.36
C3C CLA AC . -40.89 24.09 17.58
C4C CLA AC . -41.16 22.70 17.20
CMC CLA AC . -38.78 25.54 17.57
CAC CLA AC . -41.87 25.04 18.14
CBC CLA AC . -42.72 25.68 17.07
ND CLA AC . -41.68 19.93 16.35
C1D CLA AC . -42.68 20.78 16.90
C2D CLA AC . -43.96 20.04 16.95
C3D CLA AC . -43.69 18.77 16.47
C4D CLA AC . -42.26 18.74 16.14
CMD CLA AC . -45.22 20.61 17.42
CAD CLA AC . -44.23 17.46 16.15
OBD CLA AC . -45.38 17.06 16.21
CBD CLA AC . -43.04 16.57 15.69
CGD CLA AC . -42.83 15.44 16.65
O1D CLA AC . -42.64 15.50 17.87
O2D CLA AC . -42.84 14.21 16.07
CED CLA AC . -42.43 13.10 16.89
C1 CLA AC . -42.08 19.92 12.27
C2 CLA AC . -41.52 21.26 12.60
C3 CLA AC . -42.30 22.31 12.85
C4 CLA AC . -43.78 22.20 12.83
C5 CLA AC . -41.74 23.65 13.17
C6 CLA AC . -40.29 23.83 12.76
C7 CLA AC . -39.53 24.59 13.82
C8 CLA AC . -38.47 25.53 13.26
C9 CLA AC . -39.11 26.78 12.71
C10 CLA AC . -37.63 24.84 12.18
C11 CLA AC . -36.19 25.25 12.27
C12 CLA AC . -35.63 25.64 10.91
C13 CLA AC . -34.29 24.96 10.66
C14 CLA AC . -33.23 25.47 11.61
C15 CLA AC . -33.83 25.15 9.21
C16 CLA AC . -33.37 23.84 8.62
C17 CLA AC . -32.45 24.04 7.44
C18 CLA AC . -32.03 22.72 6.82
C19 CLA AC . -30.74 22.85 6.05
C20 CLA AC . -33.13 22.19 5.91
MG CLA BC . -32.83 12.64 17.11
CHA CLA BC . -31.43 14.56 19.63
CHB CLA BC . -34.09 15.46 15.67
CHC CLA BC . -33.91 10.74 14.45
CHD CLA BC . -31.40 9.76 18.57
NA CLA BC . -32.81 14.66 17.63
C1A CLA BC . -32.16 15.25 18.72
C2A CLA BC . -32.37 16.76 18.70
C3A CLA BC . -33.40 16.97 17.56
C4A CLA BC . -33.44 15.62 16.89
CMA CLA BC . -34.75 17.38 18.10
CAA CLA BC . -31.04 17.44 18.35
CBA CLA BC . -30.50 17.07 16.98
CGA CLA BC . -29.76 15.77 17.01
O1A CLA BC . -28.97 15.35 17.85
O2A CLA BC . -30.03 14.96 15.94
NB CLA BC . -33.82 13.02 15.40
C1B CLA BC . -34.20 14.25 14.97
C2B CLA BC . -34.80 14.15 13.61
C3B CLA BC . -34.75 12.82 13.26
C4B CLA BC . -34.14 12.08 14.40
CMB CLA BC . -35.30 15.30 12.87
CAB CLA BC . -35.21 12.18 12.05
CBB CLA BC . -34.46 11.41 11.25
NC CLA BC . -32.74 10.60 16.64
C1C CLA BC . -33.27 10.05 15.52
C2C CLA BC . -33.02 8.61 15.52
C3C CLA BC . -32.29 8.32 16.67
C4C CLA BC . -32.11 9.59 17.37
CMC CLA BC . -33.43 7.70 14.45
CAC CLA BC . -31.81 7.01 17.10
CBC CLA BC . -30.41 6.70 16.61
ND CLA BC . -31.80 12.17 18.78
C1D CLA BC . -31.22 10.95 19.23
C2D CLA BC . -30.44 11.21 20.45
C3D CLA BC . -30.49 12.57 20.66
C4D CLA BC . -31.33 13.12 19.58
CMD CLA BC . -29.74 10.18 21.22
CAD CLA BC . -30.10 13.68 21.51
OBD CLA BC . -29.49 13.67 22.58
CBD CLA BC . -30.59 14.98 20.82
CGD CLA BC . -31.30 15.90 21.78
O1D CLA BC . -30.79 16.66 22.60
O2D CLA BC . -32.67 15.86 21.73
CED CLA BC . -33.37 16.78 22.56
C1 CLA BC . -29.58 13.58 16.08
C2 CLA BC . -30.01 12.87 14.86
C3 CLA BC . -29.61 11.62 14.56
C4 CLA BC . -28.68 10.88 15.44
C5 CLA BC . -30.06 10.94 13.32
MG CLA CC . -37.56 5.31 11.21
CHA CLA CC . -37.97 8.34 12.87
CHB CLA CC . -39.14 6.60 8.49
CHC CLA CC . -36.90 2.40 9.53
CHD CLA CC . -36.01 4.00 14.10
NA CLA CC . -38.44 7.16 10.80
C1A CLA CC . -38.50 8.31 11.61
C2A CLA CC . -39.25 9.43 10.90
C3A CLA CC . -39.79 8.76 9.61
C4A CLA CC . -39.08 7.41 9.60
CMA CLA CC . -41.28 8.60 9.64
CAA CLA CC . -38.35 10.60 10.57
CBA CLA CC . -39.13 11.69 9.86
CGA CLA CC . -38.32 12.95 9.77
O1A CLA CC . -37.71 13.54 10.68
O2A CLA CC . -38.26 13.46 8.51
NB CLA CC . -38.03 4.59 9.39
C1B CLA CC . -38.52 5.33 8.37
C2B CLA CC . -38.34 4.62 7.08
C3B CLA CC . -37.71 3.43 7.37
C4B CLA CC . -37.51 3.40 8.85
CMB CLA CC . -38.78 5.18 5.81
CAB CLA CC . -37.29 2.36 6.51
CBB CLA CC . -37.98 1.85 5.49
NC CLA CC . -36.65 3.51 11.74
C1C CLA CC . -36.51 2.44 10.90
C2C CLA CC . -35.84 1.36 11.59
C3C CLA CC . -35.57 1.80 12.89
C4C CLA CC . -36.10 3.16 12.97
CMC CLA CC . -35.51 0.07 10.99
CAC CLA CC . -34.91 1.06 13.96
CBC CLA CC . -35.87 0.15 14.70
ND CLA CC . -37.05 5.96 13.06
C1D CLA CC . -36.45 5.30 14.17
C2D CLA CC . -36.34 6.26 15.28
C3D CLA CC . -36.85 7.47 14.82
C4D CLA CC . -37.32 7.20 13.44
CMD CLA CC . -35.75 5.95 16.58
CAD CLA CC . -37.14 8.85 15.13
OBD CLA CC . -36.83 9.52 16.10
CBD CLA CC . -37.93 9.43 13.91
CGD CLA CC . -39.29 9.92 14.30
O1D CLA CC . -40.32 9.25 14.42
O2D CLA CC . -39.35 11.25 14.55
CED CLA CC . -40.47 11.96 14.02
C1 CLA CC . -37.20 14.39 8.24
C2 CLA CC . -36.10 13.64 7.57
C3 CLA CC . -34.80 13.93 7.73
C4 CLA CC . -34.35 15.04 8.60
C5 CLA CC . -33.74 13.15 7.04
C6 CLA CC . -33.40 13.71 5.68
C7 CLA CC . -32.07 14.42 5.70
C8 CLA CC . -31.43 14.48 4.32
C9 CLA CC . -31.12 13.08 3.83
C10 CLA CC . -30.17 15.33 4.32
C11 CLA CC . -30.44 16.75 3.88
C12 CLA CC . -31.16 16.80 2.55
C13 CLA CC . -30.54 17.87 1.64
C14 CLA CC . -30.50 19.22 2.32
C15 CLA CC . -31.27 17.98 0.30
C16 CLA CC . -32.72 17.55 0.37
C17 CLA CC . -33.64 18.73 0.64
C18 CLA CC . -35.11 18.32 0.53
C19 CLA CC . -35.54 18.27 -0.93
C20 CLA CC . -35.98 19.29 1.29
MG CLA DC . -43.43 4.87 3.89
CHA CLA DC . -45.68 2.23 3.66
CHB CLA DC . -45.62 6.54 5.89
CHC CLA DC . -41.17 7.43 4.11
CHD CLA DC . -41.21 3.09 1.79
NA CLA DC . -45.33 4.42 4.65
C1A CLA DC . -46.10 3.27 4.45
C2A CLA DC . -47.43 3.36 5.18
C3A CLA DC . -47.41 4.77 5.81
C4A CLA DC . -46.02 5.30 5.45
CMA CLA DC . -48.51 5.65 5.26
CAA CLA DC . -47.48 2.32 6.28
CBA CLA DC . -48.63 1.36 6.09
CGA CLA DC . -49.79 1.76 6.94
O1A CLA DC . -49.82 1.88 8.17
O2A CLA DC . -50.93 2.00 6.23
NB CLA DC . -43.42 6.66 4.80
C1B CLA DC . -44.38 7.15 5.62
C2B CLA DC . -43.95 8.45 6.19
C3B CLA DC . -42.70 8.71 5.70
C4B CLA DC . -42.34 7.58 4.80
CMB CLA DC . -44.77 9.24 7.11
CAB CLA DC . -41.84 9.84 5.94
CBB CLA DC . -40.57 9.77 6.36
NC CLA DC . -41.53 5.19 3.09
C1C CLA DC . -40.79 6.32 3.31
C2C CLA DC . -39.53 6.24 2.58
C3C CLA DC . -39.53 5.00 1.95
C4C CLA DC . -40.79 4.34 2.27
CMC CLA DC . -38.51 7.28 2.58
CAC CLA DC . -38.47 4.45 1.09
CBC CLA DC . -37.30 3.92 1.88
ND CLA DC . -43.36 3.07 2.97
C1D CLA DC . -42.40 2.49 2.11
C2D CLA DC . -42.92 1.18 1.64
C3D CLA DC . -44.17 1.03 2.21
C4D CLA DC . -44.40 2.24 3.01
CMD CLA DC . -42.19 0.27 0.76
CAD CLA DC . -45.33 0.18 2.34
OBD CLA DC . -45.57 -0.91 1.83
CBD CLA DC . -46.35 0.94 3.24
CGD CLA DC . -47.62 1.19 2.49
O1D CLA DC . -48.53 0.38 2.23
O2D CLA DC . -47.77 2.47 2.03
CED CLA DC . -48.40 2.65 0.76
C1 CLA DC . -51.29 1.05 5.22
MG CLA EC . -26.43 47.37 13.90
CHA CLA EC . -26.33 50.64 12.73
CHB CLA EC . -23.09 47.06 13.29
CHC CLA EC . -26.55 44.20 15.21
CHD CLA EC . -29.92 47.71 14.39
NA CLA EC . -24.97 48.66 13.14
C1A CLA EC . -25.12 49.99 12.72
C2A CLA EC . -23.80 50.57 12.24
C3A CLA EC . -22.85 49.35 12.26
C4A CLA EC . -23.67 48.27 12.96
CMA CLA EC . -22.52 48.94 10.85
CAA CLA EC . -23.32 51.62 13.22
CBA CLA EC . -23.40 51.11 14.64
CGA CLA EC . -22.94 52.13 15.63
O1A CLA EC . -22.31 53.17 15.43
O2A CLA EC . -23.29 51.81 16.92
NB CLA EC . -25.09 45.90 14.17
C1B CLA EC . -23.76 45.98 13.91
C2B CLA EC . -23.07 44.73 14.35
C3B CLA EC . -24.04 43.92 14.89
C4B CLA EC . -25.34 44.65 14.78
CMB CLA EC . -21.64 44.49 14.20
CAB CLA EC . -23.94 42.61 15.47
NC CLA EC . -27.96 46.18 14.65
C1C CLA EC . -27.79 44.91 15.15
C2C CLA EC . -29.06 44.38 15.62
C3C CLA EC . -30.02 45.36 15.38
C4C CLA EC . -29.32 46.49 14.76
CMC CLA EC . -29.24 43.06 16.23
CAC CLA EC . -31.46 45.30 15.68
CBC CLA EC . -32.28 44.70 14.57
ND CLA EC . -27.84 48.79 13.67
C1D CLA EC . -29.25 48.79 13.87
C2D CLA EC . -29.79 50.11 13.46
C3D CLA EC . -28.71 50.87 13.05
C4D CLA EC . -27.52 50.00 13.18
CMD CLA EC . -31.20 50.47 13.54
CAD CLA EC . -28.25 52.15 12.53
OBD CLA EC . -28.89 53.17 12.31
CBD CLA EC . -26.72 52.02 12.27
CGD CLA EC . -26.40 52.24 10.82
O1D CLA EC . -25.74 51.51 10.06
O2D CLA EC . -26.92 53.38 10.29
CED CLA EC . -26.26 54.61 10.62
C1 CLA EC . -24.32 52.61 17.53
C2 CLA EC . -25.62 51.93 17.31
C3 CLA EC . -26.67 52.54 16.74
C4 CLA EC . -26.63 53.94 16.28
C5 CLA EC . -27.96 51.82 16.53
C6 CLA EC . -29.12 52.45 17.29
C7 CLA EC . -30.44 52.20 16.60
C8 CLA EC . -31.28 53.46 16.46
C9 CLA EC . -32.74 53.15 16.66
C10 CLA EC . -31.06 54.14 15.12
MG CLA FC . -18.92 51.35 20.54
CHA CLA FC . -18.46 52.08 17.18
CHB CLA FC . -16.66 53.77 21.37
CHC CLA FC . -19.41 50.60 23.86
CHD CLA FC . -21.20 48.80 19.63
NA CLA FC . -17.77 52.70 19.43
C1A CLA FC . -17.73 52.85 18.04
C2A CLA FC . -16.75 53.95 17.64
C3A CLA FC . -16.17 54.42 18.99
C4A CLA FC . -16.91 53.58 20.02
CMA CLA FC . -14.68 54.16 19.07
CAA CLA FC . -17.46 55.09 16.92
CBA CLA FC . -17.63 56.31 17.80
CGA CLA FC . -18.82 56.15 18.69
O1A CLA FC . -19.63 55.22 18.75
O2A CLA FC . -19.01 57.22 19.53
NB CLA FC . -18.20 52.07 22.28
C1B CLA FC . -17.26 53.05 22.41
C2B CLA FC . -16.95 53.26 23.86
C3B CLA FC . -17.72 52.36 24.57
C4B CLA FC . -18.52 51.59 23.57
CMB CLA FC . -15.98 54.24 24.30
CAB CLA FC . -17.83 52.11 25.97
CBB CLA FC . -17.70 53.01 26.95
NC CLA FC . -20.10 49.96 21.55
C1C CLA FC . -20.15 49.84 22.92
C2C CLA FC . -21.07 48.77 23.28
C3C CLA FC . -21.58 48.26 22.09
C4C CLA FC . -20.96 49.01 21.00
CMC CLA FC . -21.37 48.36 24.65
CAC CLA FC . -22.55 47.17 21.95
CBC CLA FC . -23.97 47.68 21.82
ND CLA FC . -19.70 50.58 18.85
C1D CLA FC . -20.61 49.52 18.61
C2D CLA FC . -20.80 49.36 17.15
C3D CLA FC . -20.01 50.32 16.55
C4D CLA FC . -19.33 51.04 17.65
CMD CLA FC . -21.68 48.38 16.52
CAD CLA FC . -19.55 50.89 15.31
OBD CLA FC . -19.84 50.60 14.16
CBD CLA FC . -18.54 52.03 15.68
CGD CLA FC . -17.19 51.79 15.06
O1D CLA FC . -16.13 51.51 15.64
O2D CLA FC . -17.17 51.91 13.70
CED CLA FC . -15.89 51.91 13.07
MG CLA GC . -19.18 42.74 16.27
CHA CLA GC . -19.62 39.92 14.30
CHB CLA GC . -20.53 41.07 18.91
CHC CLA GC . -18.68 45.53 18.20
CHD CLA GC . -17.87 44.44 13.45
NA CLA GC . -19.93 40.81 16.53
C1A CLA GC . -20.03 39.78 15.59
C2A CLA GC . -20.64 38.53 16.20
C3A CLA GC . -20.99 38.96 17.64
C4A CLA GC . -20.45 40.38 17.73
CMA CLA GC . -22.48 38.94 17.88
CAA CLA GC . -19.60 37.42 16.23
CBA CLA GC . -20.22 36.05 16.09
CGA CLA GC . -20.70 35.58 17.43
O1A CLA GC . -21.79 35.77 17.98
O2A CLA GC . -19.78 34.84 18.10
NB CLA GC . -19.52 43.21 18.19
C1B CLA GC . -20.09 42.40 19.11
C2B CLA GC . -20.20 43.11 20.42
C3B CLA GC . -19.68 44.36 20.23
C4B CLA GC . -19.25 44.44 18.81
CMB CLA GC . -20.78 42.47 21.59
CAB CLA GC . -19.53 45.47 21.12
CBB CLA GC . -19.40 45.40 22.45
NC CLA GC . -18.40 44.63 15.88
C1C CLA GC . -18.29 45.61 16.83
C2C CLA GC . -17.70 46.80 16.23
C3C CLA GC . -17.48 46.51 14.89
C4C CLA GC . -17.93 45.15 14.66
CMC CLA GC . -17.43 48.04 16.94
CAC CLA GC . -16.92 47.47 13.91
CBC CLA GC . -15.64 47.04 13.22
ND CLA GC . -18.80 42.34 14.33
C1D CLA GC . -18.27 43.13 13.27
C2D CLA GC . -18.23 42.32 12.03
C3D CLA GC . -18.74 41.07 12.37
C4D CLA GC . -19.08 41.15 13.81
CMD CLA GC . -17.74 42.79 10.74
CAD CLA GC . -19.08 39.74 11.90
OBD CLA GC . -18.96 39.25 10.79
CBD CLA GC . -19.67 38.97 13.13
CGD CLA GC . -21.07 38.50 12.88
O1D CLA GC . -21.72 37.67 13.52
O2D CLA GC . -21.68 39.11 11.83
CED CLA GC . -23.08 39.38 11.94
C1 CLA GC . -20.07 34.58 19.49
C2 CLA GC . -18.77 34.46 20.18
C3 CLA GC . -18.67 34.49 21.52
C4 CLA GC . -19.84 34.63 22.41
C5 CLA GC . -17.34 34.37 22.19
C6 CLA GC . -17.20 33.10 22.99
C7 CLA GC . -15.76 32.87 23.39
C8 CLA GC . -15.20 31.59 22.79
C9 CLA GC . -14.95 31.75 21.31
C10 CLA GC . -16.13 30.42 23.06
C11 CLA GC . -16.09 30.00 24.50
C12 CLA GC . -17.42 29.42 24.95
C13 CLA GC . -17.39 29.00 26.42
C14 CLA GC . -16.04 28.43 26.79
C15 CLA GC . -18.48 27.97 26.70
C16 CLA GC . -19.84 28.48 26.27
C17 CLA GC . -20.65 27.40 25.60
C18 CLA GC . -21.84 26.97 26.45
C19 CLA GC . -21.40 26.15 27.66
C20 CLA GC . -22.81 26.17 25.63
MG CLA HC . -29.95 34.86 33.19
CHA CLA HC . -32.88 33.07 33.71
CHB CLA HC . -29.05 32.68 30.73
CHC CLA HC . -27.13 36.74 32.64
CHD CLA HC . -30.88 37.04 35.81
NA CLA HC . -30.84 33.16 32.37
C1A CLA HC . -32.07 32.59 32.71
C2A CLA HC . -32.36 31.36 31.86
C3A CLA HC . -31.08 31.19 31.02
C4A CLA HC . -30.25 32.43 31.37
CMA CLA HC . -30.35 29.94 31.41
CAA CLA HC . -33.54 31.63 30.95
CBA CLA HC . -33.44 32.99 30.32
CGA CLA HC . -34.78 33.45 29.82
O1A CLA HC . -35.88 33.35 30.39
O2A CLA HC . -34.73 34.06 28.60
NB CLA HC . -28.38 34.73 31.94
C1B CLA HC . -28.21 33.77 30.98
C2B CLA HC . -26.96 34.05 30.22
C3B CLA HC . -26.41 35.20 30.75
C4B CLA HC . -27.31 35.64 31.85
CMB CLA HC . -26.50 33.20 29.13
CAB CLA HC . -25.21 35.93 30.41
CBB CLA HC . -24.05 35.40 30.02
NC CLA HC . -29.16 36.57 34.07
C1C CLA HC . -27.99 37.18 33.68
C2C CLA HC . -27.75 38.36 34.49
C3C CLA HC . -28.81 38.45 35.40
C4C CLA HC . -29.69 37.31 35.12
CMC CLA HC . -26.61 39.26 34.35
CAC CLA HC . -29.02 39.47 36.42
CBC CLA HC . -28.63 38.99 37.79
ND CLA HC . -31.48 35.08 34.47
C1D CLA HC . -31.74 36.00 35.53
C2D CLA HC . -33.01 35.65 36.18
C3D CLA HC . -33.51 34.55 35.51
C4D CLA HC . -32.51 34.22 34.47
CMD CLA HC . -33.60 36.37 37.31
CAD CLA HC . -34.57 33.58 35.41
OBD CLA HC . -35.61 33.50 36.06
CBD CLA HC . -34.19 32.59 34.27
CGD CLA HC . -34.08 31.18 34.76
O1D CLA HC . -33.18 30.67 35.44
O2D CLA HC . -35.13 30.39 34.41
MG CLA IC . -25.26 41.98 41.05
CHA CLA IC . -27.20 43.16 43.69
CHB CLA IC . -27.47 43.32 38.84
CHC CLA IC . -23.24 40.91 38.50
CHD CLA IC . -23.02 40.58 43.40
NA CLA IC . -27.05 43.05 41.26
C1A CLA IC . -27.69 43.45 42.45
C2A CLA IC . -28.97 44.22 42.14
C3A CLA IC . -29.07 44.16 40.60
C4A CLA IC . -27.77 43.47 40.18
CMA CLA IC . -30.28 43.39 40.15
CAA CLA IC . -28.85 45.67 42.58
CBA CLA IC . -27.51 46.26 42.18
CGA CLA IC . -27.25 47.52 42.95
O1A CLA IC . -27.58 47.79 44.10
O2A CLA IC . -26.55 48.45 42.23
NB CLA IC . -25.33 42.10 39.05
C1B CLA IC . -26.33 42.69 38.33
C2B CLA IC . -26.03 42.54 36.87
C3B CLA IC . -24.84 41.87 36.77
C4B CLA IC . -24.38 41.57 38.15
CMB CLA IC . -26.91 43.05 35.82
CAB CLA IC . -24.13 41.47 35.59
CBB CLA IC . -22.88 41.83 35.30
NC CLA IC . -23.47 40.91 40.98
C1C CLA IC . -22.82 40.59 39.82
C2C CLA IC . -21.60 39.87 40.13
C3C CLA IC . -21.53 39.77 41.53
C4C CLA IC . -22.72 40.43 42.04
CMC CLA IC . -20.64 39.37 39.13
CAC CLA IC . -20.47 39.12 42.32
CBC CLA IC . -19.53 40.12 42.94
ND CLA IC . -25.12 41.81 43.06
C1D CLA IC . -24.13 41.22 43.90
C2D CLA IC . -24.51 41.43 45.32
C3D CLA IC . -25.68 42.17 45.29
C4D CLA IC . -26.01 42.39 43.86
CMD CLA IC . -23.75 40.94 46.45
CAD CLA IC . -26.72 42.81 46.08
OBD CLA IC . -26.87 42.84 47.29
CBD CLA IC . -27.71 43.49 45.09
CGD CLA IC . -29.12 43.04 45.31
O1D CLA IC . -29.87 43.41 46.23
O2D CLA IC . -29.59 42.15 44.41
CED CLA IC . -30.84 41.51 44.70
C1 CLA IC . -25.17 48.64 42.61
C2 CLA IC . -24.97 50.09 42.78
C3 CLA IC . -24.25 50.84 41.92
C4 CLA IC . -24.07 52.30 42.12
C5 CLA IC . -23.61 50.23 40.73
C6 CLA IC . -23.38 51.23 39.61
C7 CLA IC . -21.90 51.32 39.28
C8 CLA IC . -21.34 49.99 38.81
C9 CLA IC . -20.03 49.69 39.51
C10 CLA IC . -21.15 49.99 37.30
C11 CLA IC . -20.29 48.84 36.84
C12 CLA IC . -19.18 49.31 35.92
C13 CLA IC . -19.74 49.84 34.61
C14 CLA IC . -20.39 48.73 33.81
C15 CLA IC . -18.64 50.51 33.79
MG CLA JC . -10.12 37.40 43.26
CHA CLA JC . -9.18 35.37 45.92
CHB CLA JC . -12.87 38.38 45.00
CHC CLA JC . -10.96 39.41 40.62
CHD CLA JC . -7.26 36.29 41.49
NA CLA JC . -10.87 36.93 45.16
C1A CLA JC . -10.34 36.07 46.12
C2A CLA JC . -11.22 36.02 47.37
C3A CLA JC . -12.40 36.95 47.01
C4A CLA JC . -12.04 37.48 45.63
CMA CLA JC . -13.70 36.20 47.00
CAA CLA JC . -10.47 36.56 48.58
CBA CLA JC . -10.14 38.03 48.43
CGA CLA JC . -8.76 38.20 47.89
O1A CLA JC . -7.68 37.98 48.45
O2A CLA JC . -8.75 38.67 46.61
NB CLA JC . -11.63 38.65 42.88
C1B CLA JC . -12.66 38.93 43.73
C2B CLA JC . -13.56 39.94 43.10
C3B CLA JC . -13.03 40.23 41.86
C4B CLA JC . -11.80 39.42 41.70
CMB CLA JC . -14.75 40.45 43.76
CAB CLA JC . -13.50 41.15 40.85
CBB CLA JC . -12.84 42.23 40.44
NC CLA JC . -9.26 37.77 41.40
C1C CLA JC . -9.78 38.63 40.47
C2C CLA JC . -8.94 38.66 39.29
C3C CLA JC . -7.89 37.78 39.53
C4C CLA JC . -8.11 37.21 40.85
CMC CLA JC . -9.16 39.49 38.10
CAC CLA JC . -6.77 37.46 38.62
CBC CLA JC . -5.55 38.30 38.90
ND CLA JC . -8.54 36.15 43.57
C1D CLA JC . -7.45 35.79 42.76
C2D CLA JC . -6.60 34.81 43.49
C3D CLA JC . -7.22 34.62 44.72
C4D CLA JC . -8.43 35.47 44.71
CMD CLA JC . -5.37 34.22 42.98
CAD CLA JC . -7.19 33.94 45.99
OBD CLA JC . -6.34 33.15 46.43
CBD CLA JC . -8.44 34.37 46.80
CGD CLA JC . -9.31 33.20 47.17
O1D CLA JC . -10.12 32.60 46.47
O2D CLA JC . -9.13 32.78 48.46
C1 CLA JC . -7.46 38.85 45.99
C2 CLA JC . -7.73 39.34 44.62
C3 CLA JC . -6.76 39.66 43.74
C4 CLA JC . -5.32 39.51 44.07
C5 CLA JC . -7.09 40.15 42.38
C6 CLA JC . -7.06 41.65 42.28
C7 CLA JC . -7.21 42.11 40.83
C8 CLA JC . -7.41 43.61 40.75
C9 CLA JC . -8.78 44.00 41.27
C10 CLA JC . -7.23 44.12 39.32
MG CLA KC . -9.63 29.02 35.81
CHA CLA KC . -10.47 25.86 34.64
CHB CLA KC . -11.16 28.32 38.76
CHC CLA KC . -8.75 32.15 36.94
CHD CLA KC . -8.03 29.69 32.74
NA CLA KC . -10.64 27.35 36.55
C1A CLA KC . -10.89 26.13 35.91
C2A CLA KC . -11.65 25.17 36.83
C3A CLA KC . -11.91 26.02 38.10
C4A CLA KC . -11.18 27.33 37.81
CMA CLA KC . -13.38 26.24 38.33
CAA CLA KC . -10.82 23.96 37.18
CBA CLA KC . -9.54 24.33 37.88
CGA CLA KC . -9.36 23.49 39.12
O1A CLA KC . -10.01 22.50 39.47
O2A CLA KC . -8.34 23.93 39.92
NB CLA KC . -9.90 30.04 37.52
C1B CLA KC . -10.54 29.58 38.62
C2B CLA KC . -10.54 30.63 39.68
C3B CLA KC . -9.87 31.70 39.17
C4B CLA KC . -9.44 31.35 37.80
CMB CLA KC . -11.18 30.45 40.99
CAB CLA KC . -9.57 32.97 39.79
CBB CLA KC . -8.35 33.46 39.98
NC CLA KC . -8.59 30.62 34.98
C1C CLA KC . -8.35 31.81 35.62
C2C CLA KC . -7.60 32.71 34.75
C3C CLA KC . -7.39 32.01 33.55
C4C CLA KC . -8.01 30.71 33.71
CMC CLA KC . -7.18 34.06 35.10
CAC CLA KC . -6.67 32.50 32.37
CBC CLA KC . -5.24 32.03 32.32
ND CLA KC . -9.30 28.07 34.07
C1D CLA KC . -8.62 28.46 32.88
C2D CLA KC . -8.68 27.35 31.90
C3D CLA KC . -9.40 26.34 32.52
C4D CLA KC . -9.75 26.83 33.86
CMD CLA KC . -8.10 27.38 30.56
CAD CLA KC . -9.95 25.00 32.39
OBD CLA KC . -9.92 24.24 31.42
CBD CLA KC . -10.63 24.66 33.74
CGD CLA KC . -12.09 24.30 33.55
O1D CLA KC . -13.05 24.67 34.22
O2D CLA KC . -12.32 23.49 32.48
CED CLA KC . -13.60 22.84 32.42
MG CLA LC . -17.09 29.70 30.14
CHA CLA LC . -19.55 27.52 31.26
CHB CLA LC . -14.70 27.66 31.41
CHC CLA LC . -14.69 31.86 28.95
CHD CLA LC . -19.62 31.84 28.89
NA CLA LC . -17.15 27.88 31.17
C1A CLA LC . -18.26 27.14 31.55
C2A CLA LC . -17.85 25.87 32.29
C3A CLA LC . -16.32 26.02 32.43
C4A CLA LC . -16.01 27.27 31.61
CMA CLA LC . -15.91 26.19 33.87
CAA CLA LC . -18.21 24.63 31.49
CBA CLA LC . -16.99 23.92 30.93
CGA CLA LC . -16.60 24.51 29.62
O1A CLA LC . -17.18 25.40 28.98
O2A CLA LC . -15.45 23.98 29.11
NB CLA LC . -15.09 29.79 30.23
C1B CLA LC . -14.29 28.79 30.69
C2B CLA LC . -12.87 29.07 30.35
C3B CLA LC . -12.85 30.27 29.65
C4B CLA LC . -14.27 30.73 29.57
CMB CLA LC . -11.77 28.19 30.70
CAB CLA LC . -11.75 30.97 29.08
CBB CLA LC . -11.63 31.34 27.81
NC CLA LC . -17.16 31.52 29.12
C1C CLA LC . -16.06 32.24 28.74
C2C CLA LC . -16.47 33.46 28.07
C3C CLA LC . -17.86 33.46 28.03
C4C CLA LC . -18.29 32.23 28.71
CMC CLA LC . -15.56 34.47 27.52
CAC CLA LC . -18.74 34.47 27.45
CBC CLA LC . -19.21 34.10 26.07
ND CLA LC . -19.11 29.70 29.99
C1D CLA LC . -20.02 30.65 29.48
C2D CLA LC . -21.40 30.16 29.69
C3D CLA LC . -21.27 28.94 30.34
C4D CLA LC . -19.83 28.72 30.53
CMD CLA LC . -22.61 30.84 29.25
CAD CLA LC . -21.96 27.80 30.91
OBD CLA LC . -23.15 27.52 30.89
CBD CLA LC . -20.89 26.90 31.57
CGD CLA LC . -21.11 26.83 33.06
O1D CLA LC . -20.75 27.65 33.92
O2D CLA LC . -21.78 25.73 33.48
CED CLA LC . -22.07 25.61 34.87
MG CLA MC . -4.06 39.51 22.34
CHA CLA MC . -1.50 40.67 20.31
CHB CLA MC . -5.60 38.15 19.62
CHC CLA MC . -6.47 38.24 24.42
CHD CLA MC . -2.41 40.93 25.13
NA CLA MC . -3.61 39.44 20.30
C1A CLA MC . -2.49 39.98 19.65
C2A CLA MC . -2.53 39.68 18.15
C3A CLA MC . -3.90 39.01 17.96
C4A CLA MC . -4.42 38.83 19.38
CMA CLA MC . -4.83 39.85 17.12
CAA CLA MC . -1.43 38.71 17.79
CBA CLA MC . -1.34 37.58 18.80
CGA CLA MC . -0.27 36.60 18.45
O1A CLA MC . 0.85 36.82 17.97
O2A CLA MC . -0.61 35.30 18.72
NB CLA MC . -5.72 38.42 22.08
C1B CLA MC . -6.17 37.94 20.89
C2B CLA MC . -7.41 37.15 21.11
C3B CLA MC . -7.66 37.16 22.46
C4B CLA MC . -6.59 37.97 23.09
CMB CLA MC . -8.14 36.51 20.01
CAB CLA MC . -8.73 36.55 23.22
CBB CLA MC . -9.15 35.30 23.09
NC CLA MC . -4.38 39.60 24.39
C1C CLA MC . -5.44 39.00 25.03
C2C CLA MC . -5.35 39.25 26.46
C3C CLA MC . -4.21 40.02 26.67
C4C CLA MC . -3.61 40.23 25.36
CMC CLA MC . -6.31 38.75 27.45
CAC CLA MC . -3.70 40.51 27.95
CBC CLA MC . -2.49 39.74 28.43
ND CLA MC . -2.39 40.58 22.70
C1D CLA MC . -1.83 41.11 23.89
C2D CLA MC . -0.58 41.83 23.57
C3D CLA MC . -0.40 41.70 22.21
C4D CLA MC . -1.55 40.90 21.71
CMD CLA MC . 0.26 42.52 24.55
CAD CLA MC . 0.42 42.01 21.05
OBD CLA MC . 1.45 42.68 20.99
CBD CLA MC . -0.24 41.34 19.80
CGD CLA MC . -0.54 42.33 18.72
O1D CLA MC . -1.64 42.79 18.40
O2D CLA MC . 0.55 42.74 18.02
CED CLA MC . 0.41 42.93 16.61
MG CLA NC . -13.83 52.06 28.29
CHA CLA NC . -12.30 53.43 25.49
CHB CLA NC . -12.51 54.53 30.21
CHC CLA NC . -15.35 50.65 31.03
CHD CLA NC . -15.10 49.45 26.26
NA CLA NC . -12.62 53.71 27.88
C1A CLA NC . -12.09 54.12 26.65
C2A CLA NC . -11.26 55.40 26.81
C3A CLA NC . -11.32 55.68 28.32
C4A CLA NC . -12.22 54.59 28.87
CMA CLA NC . -9.95 55.63 28.95
CAA CLA NC . -11.89 56.54 26.04
CBA CLA NC . -13.37 56.66 26.36
CGA CLA NC . -13.74 58.10 26.54
NB CLA NC . -13.90 52.50 30.25
C1B CLA NC . -13.32 53.57 30.84
C2B CLA NC . -13.66 53.59 32.29
C3B CLA NC . -14.45 52.49 32.52
C4B CLA NC . -14.62 51.78 31.23
CMB CLA NC . -13.17 54.63 33.19
CAB CLA NC . -15.08 52.02 33.73
CBB CLA NC . -15.59 52.78 34.71
NC CLA NC . -15.02 50.37 28.57
C1C CLA NC . -15.53 49.99 29.78
C2C CLA NC . -16.32 48.77 29.62
C3C CLA NC . -16.25 48.42 28.27
C4C CLA NC . -15.43 49.44 27.62
CMC CLA NC . -17.02 48.08 30.70
CAC CLA NC . -16.87 47.27 27.63
CBC CLA NC . -18.21 47.61 26.99
ND CLA NC . -13.81 51.55 26.33
C1D CLA NC . -14.34 50.43 25.64
C2D CLA NC . -13.94 50.52 24.21
C3D CLA NC . -13.17 51.66 24.10
C4D CLA NC . -13.10 52.24 25.45
CMD CLA NC . -14.34 49.56 23.18
CAD CLA NC . -12.39 52.50 23.21
OBD CLA NC . -12.21 52.41 22.01
CBD CLA NC . -11.78 53.64 24.08
CGD CLA NC . -10.28 53.59 24.07
O1D CLA NC . -9.52 53.51 25.03
O2D CLA NC . -9.73 53.66 22.82
CED CLA NC . -8.32 53.55 22.73
MG CLA OC . 0.90 49.25 26.10
CHA CLA OC . 1.08 52.66 25.48
CHB CLA OC . 4.25 48.98 25.60
CHC CLA OC . 0.66 45.88 26.74
CHD CLA OC . -2.60 49.56 26.54
NA CLA OC . 2.41 50.62 25.64
C1A CLA OC . 2.28 52.01 25.43
C2A CLA OC . 3.64 52.63 25.14
C3A CLA OC . 4.62 51.44 25.19
C4A CLA OC . 3.71 50.25 25.51
CMA CLA OC . 5.33 51.25 23.88
CAA CLA OC . 4.01 53.64 26.22
CBA CLA OC . 3.90 53.02 27.59
CGA CLA OC . 4.00 54.07 28.65
O1A CLA OC . 3.27 55.06 28.83
O2A CLA OC . 5.03 53.86 29.51
NB CLA OC . 2.21 47.73 26.23
C1B CLA OC . 3.52 47.81 25.87
C2B CLA OC . 4.10 46.44 25.79
C3B CLA OC . 3.10 45.56 26.11
C4B CLA OC . 1.88 46.37 26.40
CMB CLA OC . 5.50 46.18 25.42
CAB CLA OC . 3.13 44.12 26.16
CBB CLA OC . 2.75 43.38 27.20
NC CLA OC . -0.68 47.97 26.59
C1C CLA OC . -0.55 46.63 26.84
C2C CLA OC . -1.83 46.06 27.19
C3C CLA OC . -2.76 47.09 27.10
C4C CLA OC . -2.02 48.29 26.73
CMC CLA OC . -2.06 44.66 27.54
CAC CLA OC . -4.20 47.00 27.38
CBC CLA OC . -4.51 47.52 28.77
ND CLA OC . -0.50 50.71 26.01
C1D CLA OC . -1.90 50.70 26.21
C2D CLA OC . -2.42 52.07 25.99
C3D CLA OC . -1.32 52.87 25.70
C4D CLA OC . -0.15 51.96 25.74
CMD CLA OC . -3.83 52.45 26.06
CAD CLA OC . -0.85 54.18 25.37
OBD CLA OC . -1.47 55.22 25.21
CBD CLA OC . 0.71 54.10 25.24
CGD CLA OC . 1.17 54.56 23.88
O1D CLA OC . 2.18 55.21 23.62
O2D CLA OC . 0.35 54.20 22.87
CED CLA OC . 0.93 54.05 21.58
C1 CLA OC . 4.74 53.14 30.73
MG CLA PC . 8.04 44.10 21.85
CHA CLA PC . 7.07 47.35 21.06
CHB CLA PC . 11.27 44.90 21.23
CHC CLA PC . 8.94 40.90 22.76
CHD CLA PC . 4.65 43.32 22.55
NA CLA PC . 8.98 45.84 21.23
C1A CLA PC . 8.42 47.10 20.96
C2A CLA PC . 9.49 48.10 20.52
C3A CLA PC . 10.79 47.26 20.49
C4A CLA PC . 10.35 45.90 21.02
CMA CLA PC . 11.33 47.15 19.09
CAA CLA PC . 9.62 49.23 21.53
CBA CLA PC . 10.15 48.76 22.86
CGA CLA PC . 9.66 49.68 23.94
O1A CLA PC . 9.40 50.87 23.86
O2A CLA PC . 9.54 49.06 25.16
NB CLA PC . 9.77 43.08 21.93
C1B CLA PC . 10.99 43.61 21.71
C2B CLA PC . 12.04 42.60 22.03
C3B CLA PC . 11.39 41.47 22.47
C4B CLA PC . 9.93 41.76 22.40
CMB CLA PC . 13.47 42.88 21.88
CAB CLA PC . 11.90 40.20 22.91
CBB CLA PC . 12.89 39.52 22.33
NC CLA PC . 6.98 42.42 22.50
C1C CLA PC . 7.54 41.21 22.79
C2C CLA PC . 6.51 40.26 23.20
C3C CLA PC . 5.31 40.95 23.16
C4C CLA PC . 5.60 42.30 22.72
CMC CLA PC . 6.76 38.86 23.58
CAC CLA PC . 3.98 40.41 23.49
CBC CLA PC . 3.22 39.98 22.26
ND CLA PC . 6.25 45.04 21.82
C1D CLA PC . 4.93 44.60 22.13
C2D CLA PC . 3.99 45.72 21.93
C3D CLA PC . 4.76 46.79 21.52
C4D CLA PC . 6.16 46.32 21.47
CMD CLA PC . 2.55 45.63 22.14
CAD CLA PC . 4.76 48.19 21.11
OBD CLA PC . 3.82 48.96 20.98
CBD CLA PC . 6.24 48.58 20.83
CGD CLA PC . 6.38 49.14 19.44
O1D CLA PC . 5.71 48.87 18.44
O2D CLA PC . 7.36 50.07 19.29
CED CLA PC . 7.28 50.95 18.17
C1 CLA PC . 8.93 49.84 26.20
C2 CLA PC . 8.28 48.88 27.13
C3 CLA PC . 7.35 49.27 28.03
C4 CLA PC . 6.92 50.68 28.14
C5 CLA PC . 6.70 48.29 28.94
C6 CLA PC . 5.37 48.77 29.48
C7 CLA PC . 4.43 47.61 29.78
C8 CLA PC . 3.09 48.08 30.33
C9 CLA PC . 2.03 47.01 30.14
C10 CLA PC . 2.63 49.37 29.67
MG CLA QC . 5.64 36.02 14.04
CHA CLA QC . 3.79 38.23 15.97
CHB CLA QC . 8.14 36.12 16.34
CHC CLA QC . 7.36 33.72 12.17
CHD CLA QC . 3.05 36.03 11.63
NA CLA QC . 5.90 37.04 15.85
C1A CLA QC . 5.02 37.90 16.49
C2A CLA QC . 5.62 38.44 17.78
C3A CLA QC . 7.05 37.88 17.77
C4A CLA QC . 7.06 36.93 16.58
CMA CLA QC . 8.05 38.97 17.58
CAA CLA QC . 4.86 38.04 19.03
CBA CLA QC . 4.29 36.65 18.95
CGA CLA QC . 3.57 36.33 20.23
O1A CLA QC . 3.87 36.67 21.38
O2A CLA QC . 2.44 35.59 20.05
NB CLA QC . 7.43 35.12 14.20
C1B CLA QC . 8.27 35.22 15.26
C2B CLA QC . 9.37 34.22 15.14
C3B CLA QC . 9.16 33.54 13.96
C4B CLA QC . 7.92 34.11 13.36
CMB CLA QC . 10.43 34.11 16.14
CAB CLA QC . 9.90 32.48 13.33
CBB CLA QC . 10.55 31.50 13.96
NC CLA QC . 5.27 35.06 12.22
C1C CLA QC . 6.12 34.17 11.64
C2C CLA QC . 5.56 33.71 10.37
C3C CLA QC . 4.34 34.35 10.22
C4C CLA QC . 4.16 35.21 11.38
CMC CLA QC . 6.21 32.75 9.48
CAC CLA QC . 3.41 34.22 9.08
CBC CLA QC . 2.15 33.45 9.42
ND CLA QC . 3.84 36.89 13.79
C1D CLA QC . 2.87 36.81 12.75
C2D CLA QC . 1.73 37.67 13.09
C3D CLA QC . 2.01 38.23 14.32
C4D CLA QC . 3.35 37.71 14.71
CMD CLA QC . 0.55 37.84 12.25
CAD CLA QC . 1.58 39.12 15.38
OBD CLA QC . 0.55 39.78 15.46
CBD CLA QC . 2.71 39.14 16.47
CGD CLA QC . 3.22 40.52 16.76
O1D CLA QC . 3.55 41.39 15.96
O2D CLA QC . 3.32 40.80 18.09
CED CLA QC . 4.21 41.83 18.49
MG CLA RC . -6.66 37.98 14.68
CHA CLA RC . -10.04 37.92 15.52
CHB CLA RC . -6.33 34.82 15.84
CHC CLA RC . -3.30 38.14 13.96
CHD CLA RC . -7.07 41.29 13.50
NA CLA RC . -8.00 36.60 15.49
C1A CLA RC . -9.36 36.76 15.78
C2A CLA RC . -9.94 35.48 16.39
C3A CLA RC . -8.75 34.49 16.37
C4A CLA RC . -7.60 35.34 15.87
CMA CLA RC . -8.44 33.90 17.73
CAA CLA RC . -11.10 34.94 15.56
CBA CLA RC . -11.42 33.49 15.86
CGA CLA RC . -11.82 33.29 17.29
O1A CLA RC . -11.89 34.12 18.20
O2A CLA RC . -12.13 31.99 17.57
NB CLA RC . -5.11 36.73 14.88
C1B CLA RC . -5.17 35.48 15.39
C2B CLA RC . -3.82 34.87 15.40
C3B CLA RC . -2.95 35.79 14.87
C4B CLA RC . -3.77 37.00 14.53
CMB CLA RC . -3.56 33.51 15.89
CAB CLA RC . -1.54 35.70 14.64
CBB CLA RC . -0.63 36.46 15.21
NC CLA RC . -5.42 39.45 13.85
C1C CLA RC . -4.08 39.30 13.64
C2C CLA RC . -3.54 40.51 13.04
C3C CLA RC . -4.60 41.40 12.92
C4C CLA RC . -5.77 40.73 13.43
CMC CLA RC . -2.13 40.70 12.68
CAC CLA RC . -4.54 42.76 12.36
CBC CLA RC . -4.96 42.79 10.91
ND CLA RC . -8.17 39.31 14.42
C1D CLA RC . -8.19 40.65 13.96
C2D CLA RC . -9.57 41.17 14.09
C3D CLA RC . -10.31 40.17 14.67
C4D CLA RC . -9.40 39.04 14.88
CMD CLA RC . -9.99 42.51 13.67
CAD CLA RC . -11.62 39.78 15.15
OBD CLA RC . -12.68 40.39 15.11
CBD CLA RC . -11.46 38.36 15.76
CGD CLA RC . -11.84 38.42 17.21
O1D CLA RC . -12.75 39.09 17.71
O2D CLA RC . -11.08 37.68 18.06
CED CLA RC . -11.58 37.49 19.38
MG CLA SC . -2.87 19.67 16.69
CHA CLA SC . -3.64 18.89 19.97
CHB CLA SC . -0.41 21.77 17.76
CHC CLA SC . -2.05 20.29 13.42
CHD CLA SC . -5.44 17.48 15.62
NA CLA SC . -2.16 20.22 18.57
C1A CLA SC . -2.61 19.78 19.81
C2A CLA SC . -1.81 20.43 20.95
C3A CLA SC . -0.94 21.47 20.22
C4A CLA SC . -1.15 21.13 18.74
CMA CLA SC . -1.38 22.87 20.53
CAA CLA SC . -0.95 19.36 21.58
CBA CLA SC . 0.53 19.69 21.62
CGA CLA SC . 1.28 18.62 22.35
O1A CLA SC . 0.91 17.47 22.61
O2A CLA SC . 2.53 19.00 22.77
NB CLA SC . -1.55 20.88 15.77
C1B CLA SC . -0.54 21.55 16.38
C2B CLA SC . 0.44 22.04 15.37
C3B CLA SC . -0.01 21.63 14.14
C4B CLA SC . -1.28 20.89 14.38
CMB CLA SC . 1.64 22.79 15.74
CAB CLA SC . 0.52 21.79 12.81
CBB CLA SC . 1.33 22.76 12.40
NC CLA SC . -3.63 19.02 14.85
C1C CLA SC . -3.14 19.41 13.64
C2C CLA SC . -3.90 18.77 12.58
C3C CLA SC . -4.84 17.96 13.19
C4C CLA SC . -4.66 18.12 14.63
CMC CLA SC . -3.66 18.96 11.15
CAC CLA SC . -5.84 17.10 12.54
CBC CLA SC . -5.48 15.64 12.63
ND CLA SC . -4.20 18.41 17.52
C1D CLA SC . -5.22 17.60 16.98
C2D CLA SC . -5.97 16.96 18.07
C3D CLA SC . -5.40 17.41 19.25
C4D CLA SC . -4.31 18.32 18.85
CMD CLA SC . -7.08 16.03 17.89
CAD CLA SC . -5.42 17.36 20.69
OBD CLA SC . -6.13 16.70 21.44
CBD CLA SC . -4.32 18.35 21.20
CGD CLA SC . -4.96 19.47 21.96
O1D CLA SC . -5.56 20.45 21.52
O2D CLA SC . -4.86 19.36 23.31
CED CLA SC . -5.70 20.21 24.08
C1 CLA SC . 3.26 18.02 23.53
C2 CLA SC . 4.69 18.42 23.55
C3 CLA SC . 5.24 19.12 24.57
C4 CLA SC . 4.45 19.53 25.74
C5 CLA SC . 6.68 19.51 24.55
C6 CLA SC . 7.61 18.42 24.05
C7 CLA SC . 9.01 18.95 23.83
C8 CLA SC . 10.07 17.85 23.89
C9 CLA SC . 10.90 17.97 25.14
C10 CLA SC . 10.94 17.87 22.64
C11 CLA SC . 12.23 18.64 22.83
C12 CLA SC . 13.09 18.62 21.57
C13 CLA SC . 13.46 20.03 21.14
C14 CLA SC . 12.22 20.88 20.98
C15 CLA SC . 14.27 20.04 19.85
C16 CLA SC . 15.03 21.34 19.68
C17 CLA SC . 14.53 22.15 18.51
C18 CLA SC . 15.53 23.20 18.05
C19 CLA SC . 16.18 23.90 19.21
C20 CLA SC . 14.86 24.21 17.14
MG CLA TC . -4.48 21.11 29.99
CHA CLA TC . -2.99 21.39 26.87
CHB CLA TC . -4.10 24.45 30.47
CHC CLA TC . -6.07 20.79 33.01
CHD CLA TC . -4.94 17.65 29.41
NA CLA TC . -3.64 22.64 28.84
C1A CLA TC . -3.08 22.57 27.57
C2A CLA TC . -2.58 23.94 27.11
C3A CLA TC . -2.84 24.85 28.34
C4A CLA TC . -3.59 23.94 29.30
CMA CLA TC . -1.57 25.36 28.94
CAA CLA TC . -3.31 24.46 25.89
CBA CLA TC . -2.64 25.71 25.36
CGA CLA TC . -3.46 26.31 24.26
O1A CLA TC . -4.67 26.18 24.04
O2A CLA TC . -2.74 27.11 23.43
NB CLA TC . -4.98 22.38 31.47
C1B CLA TC . -4.79 23.72 31.45
C2B CLA TC . -5.40 24.32 32.66
C3B CLA TC . -5.96 23.29 33.39
C4B CLA TC . -5.69 22.03 32.64
CMB CLA TC . -5.35 25.76 32.94
CAB CLA TC . -6.68 23.30 34.64
CBB CLA TC . -6.35 24.01 35.71
NC CLA TC . -5.30 19.49 31.03
C1C CLA TC . -5.87 19.59 32.27
C2C CLA TC . -6.32 18.27 32.71
C3C CLA TC . -6.04 17.39 31.67
C4C CLA TC . -5.40 18.17 30.63
CMC CLA TC . -6.96 17.99 33.99
CAC CLA TC . -6.31 15.94 31.63
CBC CLA TC . -5.06 15.11 31.81
ND CLA TC . -4.02 19.76 28.55
C1D CLA TC . -4.30 18.37 28.43
C2D CLA TC . -3.78 17.90 27.14
C3D CLA TC . -3.25 19.01 26.50
C4D CLA TC . -3.45 20.15 27.42
CMD CLA TC . -3.86 16.51 26.69
CAD CLA TC . -2.57 19.51 25.33
OBD CLA TC . -2.16 18.90 24.36
CBD CLA TC . -2.46 21.06 25.49
CGD CLA TC . -1.05 21.55 25.23
O1D CLA TC . -0.51 21.67 24.13
O2D CLA TC . -0.35 21.90 26.33
CED CLA TC . 0.94 22.48 26.12
C1 CLA TC . -3.49 28.03 22.62
C2 CLA TC . -2.95 27.93 21.23
C3 CLA TC . -3.59 28.43 20.17
C4 CLA TC . -4.88 29.14 20.28
C5 CLA TC . -2.99 28.28 18.81
C6 CLA TC . -3.38 29.40 17.86
C7 CLA TC . -2.14 30.16 17.41
C8 CLA TC . -2.01 30.23 15.89
C9 CLA TC . -2.52 28.97 15.23
C10 CLA TC . -0.56 30.49 15.50
C11 CLA TC . 0.39 29.70 16.37
C12 CLA TC . 1.83 29.88 15.94
C13 CLA TC . 2.71 28.77 16.50
C14 CLA TC . 3.77 29.34 17.41
C15 CLA TC . 3.34 27.96 15.38
C16 CLA TC . 4.36 26.98 15.92
C17 CLA TC . 4.45 25.75 15.05
C18 CLA TC . 5.48 24.76 15.56
C19 CLA TC . 5.79 23.71 14.52
C20 CLA TC . 5.00 24.10 16.83
MG CLA UC . -22.33 14.97 16.64
CHA CLA UC . -25.22 16.27 18.03
CHB CLA UC . -22.18 12.66 19.12
CHC CLA UC . -19.56 13.63 15.13
CHD CLA UC . -22.51 17.42 14.09
NA CLA UC . -23.50 14.57 18.31
C1A CLA UC . -24.68 15.22 18.73
C2A CLA UC . -25.22 14.62 20.02
C3A CLA UC . -24.10 13.62 20.43
C4A CLA UC . -23.19 13.59 19.21
CMA CLA UC . -23.37 14.08 21.65
CAA CLA UC . -26.54 13.91 19.76
CBA CLA UC . -26.45 12.41 20.00
CGA CLA UC . -26.09 11.71 18.72
O1A CLA UC . -26.43 11.98 17.57
O2A CLA UC . -25.27 10.64 18.91
NB CLA UC . -21.04 13.50 17.10
C1B CLA UC . -21.26 12.55 18.05
C2B CLA UC . -20.40 11.36 17.82
C3B CLA UC . -19.67 11.63 16.68
C4B CLA UC . -20.05 12.99 16.22
CMB CLA UC . -20.45 10.18 18.68
CAB CLA UC . -18.67 10.86 15.97
CBB CLA UC . -18.47 9.55 16.05
NC CLA UC . -21.22 15.47 14.94
C1C CLA UC . -20.10 14.80 14.52
C2C CLA UC . -19.56 15.42 13.33
C3C CLA UC . -20.41 16.48 13.01
C4C CLA UC . -21.45 16.50 14.03
CMC CLA UC . -18.37 14.98 12.61
CAC CLA UC . -20.29 17.42 11.88
CBC CLA UC . -21.27 17.15 10.78
ND CLA UC . -23.57 16.46 16.08
C1D CLA UC . -23.52 17.41 15.04
C2D CLA UC . -24.69 18.31 15.13
C3D CLA UC . -25.39 17.90 16.25
C4D CLA UC . -24.63 16.77 16.83
CMD CLA UC . -25.00 19.38 14.19
CAD CLA UC . -26.56 18.11 17.09
OBD CLA UC . -27.49 18.90 16.95
CBD CLA UC . -26.44 17.12 18.29
CGD CLA UC . -26.35 17.88 19.58
O1D CLA UC . -25.45 18.64 19.94
O2D CLA UC . -27.40 17.69 20.43
CED CLA UC . -27.64 18.70 21.40
MG CLA VC . -20.35 22.34 21.42
CHA CLA VC . -21.65 21.98 24.62
CHB CLA VC . -23.01 20.65 20.16
CHC CLA VC . -19.16 22.96 18.27
CHD CLA VC . -17.61 24.11 22.79
NA CLA VC . -22.01 21.43 22.28
C1A CLA VC . -22.39 21.41 23.62
C2A CLA VC . -23.69 20.63 23.82
C3A CLA VC . -23.93 20.01 22.43
C4A CLA VC . -22.94 20.75 21.54
CMA CLA VC . -23.62 18.53 22.47
CAA CLA VC . -24.83 21.58 24.22
CBA CLA VC . -25.40 22.40 23.08
CGA CLA VC . -24.89 23.80 23.13
O1A CLA VC . -23.73 24.19 23.06
O2A CLA VC . -25.88 24.74 23.27
NB CLA VC . -20.91 21.81 19.57
C1B CLA VC . -22.13 21.28 19.26
C2B CLA VC . -22.41 21.43 17.81
C3B CLA VC . -21.33 22.08 17.26
C4B CLA VC . -20.35 22.32 18.38
CMB CLA VC . -23.64 20.97 17.17
CAB CLA VC . -21.10 22.48 15.91
CBB CLA VC . -20.07 22.12 15.16
NC CLA VC . -18.66 23.30 20.67
C1C CLA VC . -18.35 23.40 19.35
C2C CLA VC . -17.08 24.12 19.18
C3C CLA VC . -16.67 24.49 20.46
C4C CLA VC . -17.66 23.96 21.39
CMC CLA VC . -16.45 24.40 17.90
CAC CLA VC . -15.45 25.22 20.82
CBC CLA VC . -15.72 26.67 21.17
ND CLA VC . -19.71 22.92 23.24
C1D CLA VC . -18.56 23.65 23.67
C2D CLA VC . -18.60 23.78 25.15
C3D CLA VC . -19.77 23.16 25.55
C4D CLA VC . -20.42 22.65 24.34
CMD CLA VC . -17.59 24.46 25.94
CAD CLA VC . -20.60 22.79 26.68
OBD CLA VC . -20.44 23.00 27.87
CBD CLA VC . -21.84 22.03 26.11
CGD CLA VC . -21.96 20.65 26.69
O1D CLA VC . -21.11 19.75 26.68
O2D CLA VC . -23.16 20.39 27.27
CED CLA VC . -23.30 19.14 27.96
C1 CLA VC . -25.88 25.83 22.31
C2 CLA VC . -25.62 27.10 23.04
C3 CLA VC . -25.87 28.32 22.53
C4 CLA VC . -26.45 28.50 21.18
C5 CLA VC . -25.60 29.58 23.28
C6 CLA VC . -24.80 29.38 24.56
C7 CLA VC . -24.71 30.68 25.33
C8 CLA VC . -23.68 31.63 24.75
C9 CLA VC . -22.35 30.92 24.55
C10 CLA VC . -23.46 32.84 25.64
C11 CLA VC . -24.45 33.96 25.35
C12 CLA VC . -23.90 35.29 25.77
C13 CLA VC . -25.01 36.28 26.13
C14 CLA VC . -25.60 36.88 24.87
C15 CLA VC . -24.49 37.35 27.07
C16 CLA VC . -25.40 38.57 27.11
C17 CLA VC . -24.87 39.62 28.05
C18 CLA VC . -25.97 40.51 28.60
C19 CLA VC . -26.88 41.02 27.50
C20 CLA VC . -25.38 41.67 29.37
MG CLA WC . -14.44 26.04 3.56
CHA CLA WC . -14.21 26.41 0.12
CHB CLA WC . -16.08 29.01 3.76
CHC CLA WC . -14.75 25.57 6.95
CHD CLA WC . -12.82 22.91 3.28
NA CLA WC . -15.02 27.47 2.15
C1A CLA WC . -14.85 27.44 0.76
C2A CLA WC . -15.45 28.68 0.11
C3A CLA WC . -15.98 29.50 1.30
C4A CLA WC . -15.69 28.61 2.50
CMA CLA WC . -15.26 30.82 1.39
CAA CLA WC . -16.59 28.33 -0.83
CBA CLA WC . -17.50 27.28 -0.24
CGA CLA WC . -18.25 26.60 -1.36
O1A CLA WC . -17.93 26.49 -2.53
O2A CLA WC . -19.42 26.04 -0.95
NB CLA WC . -15.28 27.07 5.07
C1B CLA WC . -15.86 28.30 4.95
C2B CLA WC . -16.23 28.79 6.30
C3B CLA WC . -15.87 27.83 7.21
C4B CLA WC . -15.25 26.72 6.43
CMB CLA WC . -16.88 30.08 6.50
CAB CLA WC . -16.00 27.79 8.64
CBB CLA WC . -15.80 28.83 9.46
NC CLA WC . -13.87 24.52 4.87
C1C CLA WC . -14.11 24.54 6.22
C2C CLA WC . -13.60 23.32 6.82
C3C CLA WC . -13.06 22.55 5.79
C4C CLA WC . -13.23 23.32 4.57
CMC CLA WC . -13.69 23.00 8.26
CAC CLA WC . -12.44 21.23 5.91
CBC CLA WC . -13.40 20.10 5.59
ND CLA WC . -13.60 24.92 2.10
C1D CLA WC . -12.97 23.64 2.13
C2D CLA WC . -12.58 23.29 0.75
C3D CLA WC . -13.01 24.32 -0.07
C4D CLA WC . -13.67 25.30 0.83
CMD CLA WC . -11.86 22.08 0.37
CAD CLA WC . -13.08 24.84 -1.41
OBD CLA WC . -12.61 24.39 -2.45
CBD CLA WC . -13.90 26.16 -1.35
CGD CLA WC . -13.15 27.31 -1.97
O1D CLA WC . -12.86 28.40 -1.48
O2D CLA WC . -12.78 27.08 -3.26
CED CLA WC . -11.86 28.00 -3.86
MG CLA XC . 12.62 27.47 9.63
CHA CLA XC . 14.55 30.16 8.61
CHB CLA XC . 15.15 25.35 8.79
CHC CLA XC . 10.73 24.85 10.80
CHD CLA XC . 10.03 29.71 10.51
NA CLA XC . 14.52 27.73 8.81
C1A CLA XC . 15.15 28.94 8.48
C2A CLA XC . 16.55 28.69 7.92
C3A CLA XC . 16.64 27.15 7.87
C4A CLA XC . 15.36 26.69 8.55
CMA CLA XC . 16.72 26.67 6.44
CAA CLA XC . 17.59 29.23 8.88
CBA CLA XC . 17.34 28.75 10.30
CGA CLA XC . 18.44 29.17 11.21
O1A CLA XC . 18.73 28.73 12.32
O2A CLA XC . 19.19 30.21 10.71
NB CLA XC . 12.90 25.48 9.79
C1B CLA XC . 14.00 24.81 9.38
C2B CLA XC . 13.81 23.35 9.65
C3B CLA XC . 12.57 23.19 10.21
C4B CLA XC . 11.97 24.56 10.30
CMB CLA XC . 14.84 22.36 9.30
CAB CLA XC . 11.88 22.02 10.65
CBB CLA XC . 12.43 21.01 11.34
NC CLA XC . 10.71 27.32 10.46
C1C CLA XC . 10.14 26.13 10.87
C2C CLA XC . 8.81 26.40 11.41
C3C CLA XC . 8.61 27.77 11.36
C4C CLA XC . 9.81 28.35 10.76
CMC CLA XC . 7.92 25.37 11.93
CAC CLA XC . 7.42 28.51 11.79
CBC CLA XC . 7.56 29.01 13.21
ND CLA XC . 12.26 29.45 9.51
C1D CLA XC . 11.16 30.25 9.93
C2D CLA XC . 11.46 31.67 9.63
C3D CLA XC . 12.74 31.69 9.10
C4D CLA XC . 13.20 30.29 9.08
CMD CLA XC . 10.55 32.78 9.87
CAD CLA XC . 13.79 32.50 8.54
OBD CLA XC . 13.81 33.69 8.26
CBD CLA XC . 15.02 31.56 8.29
CGD CLA XC . 15.54 31.69 6.90
O1D CLA XC . 16.56 32.29 6.52
O2D CLA XC . 14.79 31.08 5.95
CED CLA XC . 15.02 31.43 4.58
MG CLA YC . 18.46 18.80 10.06
CHA CLA YC . 19.45 21.56 8.23
CHB CLA YC . 19.72 16.75 7.66
CHC CLA YC . 17.47 16.08 11.92
CHD CLA YC . 17.09 20.96 12.51
NA CLA YC . 19.43 19.14 8.24
C1A CLA YC . 19.76 20.37 7.65
C2A CLA YC . 20.46 20.16 6.31
C3A CLA YC . 20.46 18.63 6.12
C4A CLA YC . 19.84 18.11 7.43
CMA CLA YC . 19.64 18.21 4.93
CAA CLA YC . 21.89 20.70 6.35
CBA CLA YC . 22.81 19.79 7.13
CGA CLA YC . 23.55 20.58 8.16
O1A CLA YC . 23.40 21.77 8.50
O2A CLA YC . 24.54 19.85 8.77
NB CLA YC . 18.52 16.81 9.81
C1B CLA YC . 19.17 16.16 8.80
C2B CLA YC . 19.21 14.70 9.08
C3B CLA YC . 18.58 14.51 10.29
C4B CLA YC . 18.12 15.84 10.76
CMB CLA YC . 19.86 13.74 8.19
CAB CLA YC . 18.34 13.30 11.04
CBB CLA YC . 19.27 12.37 11.32
NC CLA YC . 17.47 18.57 11.88
C1C CLA YC . 17.15 17.37 12.46
C2C CLA YC . 16.45 17.58 13.72
C3C CLA YC . 16.35 18.96 13.88
C4C CLA YC . 16.98 19.57 12.73
CMC CLA YC . 15.97 16.51 14.59
CAC CLA YC . 15.70 19.66 15.01
CBC CLA YC . 16.71 20.26 15.96
ND CLA YC . 18.35 20.78 10.40
C1D CLA YC . 17.73 21.54 11.43
C2D CLA YC . 17.90 22.98 11.14
C3D CLA YC . 18.57 23.05 9.94
C4D CLA YC . 18.81 21.65 9.51
CMD CLA YC . 17.43 24.05 12.01
CAD CLA YC . 19.15 23.91 8.93
OBD CLA YC . 19.24 25.14 8.91
CBD CLA YC . 19.67 22.99 7.78
CGD CLA YC . 18.97 23.27 6.48
O1D CLA YC . 18.05 22.65 5.97
O2D CLA YC . 19.45 24.36 5.82
CED CLA YC . 19.02 24.56 4.48
C1 CLA YC . 24.47 19.75 10.21
C2 CLA YC . 25.37 18.62 10.58
C3 CLA YC . 25.75 18.38 11.84
C4 CLA YC . 25.31 19.22 12.99
MG CLA ZC . 16.24 2.72 13.99
CHA CLA ZC . 16.07 5.10 11.48
CHB CLA ZC . 15.42 0.30 11.75
CHC CLA ZC . 16.52 0.39 16.51
CHD CLA ZC . 17.14 5.28 16.28
NA CLA ZC . 15.82 2.73 11.95
C1A CLA ZC . 15.81 3.83 11.07
C2A CLA ZC . 15.45 3.39 9.66
C3A CLA ZC . 15.21 1.86 9.79
C4A CLA ZC . 15.51 1.58 11.26
CMA CLA ZC . 13.80 1.49 9.42
CAA CLA ZC . 16.58 3.71 8.68
CBA CLA ZC . 17.53 2.56 8.46
CGA CLA ZC . 18.93 3.06 8.27
O1A CLA ZC . 19.86 3.03 9.07
O2A CLA ZC . 19.13 3.63 7.05
NB CLA ZC . 15.97 0.73 14.12
C1B CLA ZC . 15.67 -0.09 13.08
C2B CLA ZC . 15.67 -1.50 13.55
C3B CLA ZC . 15.98 -1.48 14.89
C4B CLA ZC . 16.19 -0.06 15.27
CMB CLA ZC . 15.41 -2.62 12.65
CAB CLA ZC . 16.15 -2.54 15.85
CBB CLA ZC . 16.56 -3.79 15.59
NC CLA ZC . 16.72 2.83 16.02
C1C CLA ZC . 16.78 1.75 16.86
C2C CLA ZC . 17.15 2.19 18.21
C3C CLA ZC . 17.33 3.57 18.14
C4C CLA ZC . 17.07 3.96 16.77
CMC CLA ZC . 17.31 1.31 19.37
CAC CLA ZC . 17.72 4.46 19.24
CBC CLA ZC . 19.14 4.93 19.13
ND CLA ZC . 16.57 4.71 13.96
C1D CLA ZC . 16.92 5.65 14.97
C2D CLA ZC . 16.97 7.01 14.38
C3D CLA ZC . 16.63 6.85 13.05
C4D CLA ZC . 16.40 5.41 12.84
CMD CLA ZC . 17.30 8.22 15.12
CAD CLA ZC . 16.43 7.52 11.78
OBD CLA ZC . 16.49 8.71 11.50
CBD CLA ZC . 16.05 6.41 10.74
CGD CLA ZC . 14.70 6.62 10.12
O1D CLA ZC . 13.71 5.89 10.23
O2D CLA ZC . 14.58 7.73 9.35
CED CLA ZC . 13.27 8.02 8.86
MG CLA AD . 12.15 -7.85 17.07
CHA CLA AD . 13.80 -10.29 18.88
CHB CLA AD . 13.97 -5.45 18.68
CHC CLA AD . 10.71 -5.47 15.05
CHD CLA AD . 10.34 -10.37 15.41
NA CLA AD . 13.62 -7.89 18.56
C1A CLA AD . 14.20 -9.02 19.16
C2A CLA AD . 15.27 -8.60 20.17
C3A CLA AD . 15.13 -7.06 20.23
C4A CLA AD . 14.19 -6.76 19.06
CMA CLA AD . 14.55 -6.61 21.54
CAA CLA AD . 16.60 -8.90 19.52
CBA CLA AD . 17.47 -9.89 20.27
CGA CLA AD . 18.67 -10.23 19.42
O1A CLA AD . 18.71 -10.90 18.39
O2A CLA AD . 19.83 -9.71 19.90
NB CLA AD . 12.35 -5.85 16.86
C1B CLA AD . 13.10 -5.06 17.65
C2B CLA AD . 12.84 -3.64 17.31
C3B CLA AD . 11.93 -3.61 16.29
C4B CLA AD . 11.60 -5.04 15.99
CMB CLA AD . 13.49 -2.55 18.03
CAB CLA AD . 11.33 -2.51 15.58
CBB CLA AD . 11.92 -1.34 15.30
NC CLA AD . 10.74 -7.92 15.54
C1C CLA AD . 10.29 -6.82 14.85
C2C CLA AD . 9.35 -7.24 13.83
C3C CLA AD . 9.23 -8.61 13.92
C4C CLA AD . 10.13 -9.04 14.99
CMC CLA AD . 8.67 -6.32 12.90
CAC CLA AD . 8.40 -9.49 13.08
CBC CLA AD . 9.16 -10.11 11.95
ND CLA AD . 11.93 -9.85 17.19
C1D CLA AD . 11.17 -10.77 16.42
C2D CLA AD . 11.46 -12.14 16.90
C3D CLA AD . 12.45 -12.01 17.86
C4D CLA AD . 12.74 -10.58 17.97
CMD CLA AD . 10.80 -13.35 16.40
CAD CLA AD . 13.30 -12.70 18.82
OBD CLA AD . 13.31 -13.88 19.14
CBD CLA AD . 14.26 -11.63 19.41
CGD CLA AD . 14.29 -11.68 20.92
O1D CLA AD . 14.92 -12.47 21.62
O2D CLA AD . 13.50 -10.76 21.54
CED CLA AD . 13.78 -10.46 22.90
MG CLA BD . 1.83 21.74 34.60
CHA CLA BD . 0.09 23.23 37.21
CHB CLA BD . -1.03 21.58 32.79
CHC CLA BD . 3.64 20.43 32.00
CHD CLA BD . 4.77 21.85 36.58
NA CLA BD . -0.13 22.32 34.97
C1A CLA BD . -0.67 22.93 36.10
C2A CLA BD . -2.16 23.18 35.95
C3A CLA BD . -2.50 22.44 34.64
C4A CLA BD . -1.13 22.09 34.06
CMA CLA BD . -3.28 21.18 34.94
CAA CLA BD . -2.43 24.66 35.79
CBA CLA BD . -1.36 25.33 34.96
CGA CLA BD . -1.82 26.66 34.44
O1A CLA BD . -2.01 27.71 35.04
O2A CLA BD . -2.04 26.64 33.08
NB CLA BD . 1.38 21.07 32.77
C1B CLA BD . 0.17 21.20 32.16
C2B CLA BD . 0.29 20.87 30.72
C3B CLA BD . 1.60 20.54 30.48
C4B CLA BD . 2.32 20.66 31.79
CMB CLA BD . -0.84 20.91 29.79
CAB CLA BD . 2.23 20.15 29.24
CBB CLA BD . 3.03 19.09 29.07
NC CLA BD . 3.84 21.22 34.36
C1C CLA BD . 4.36 20.68 33.21
C2C CLA BD . 5.78 20.42 33.38
C3C CLA BD . 6.11 20.84 34.67
C4C CLA BD . 4.88 21.34 35.28
CMC CLA BD . 6.65 19.84 32.35
CAC CLA BD . 7.42 20.78 35.32
CBC CLA BD . 8.21 22.06 35.16
ND CLA BD . 2.38 22.39 36.43
C1D CLA BD . 3.62 22.36 37.14
C2D CLA BD . 3.41 22.92 38.49
C3D CLA BD . 2.08 23.29 38.57
C4D CLA BD . 1.49 22.92 37.27
CMD CLA BD . 4.46 23.06 39.50
CAD CLA BD . 1.04 23.86 39.38
OBD CLA BD . 1.08 24.30 40.53
CBD CLA BD . -0.28 23.82 38.54
CGD CLA BD . -1.36 23.02 39.23
O1D CLA BD . -1.63 21.83 39.06
O2D CLA BD . -2.09 23.73 40.12
CED CLA BD . -3.50 23.77 39.92
MG CLA CD . 4.23 27.77 40.24
CHA CLA CD . 2.38 29.91 42.24
CHB CLA CD . 1.59 27.48 38.12
CHC CLA CD . 6.16 25.79 38.21
CHD CLA CD . 6.91 28.02 42.54
NA CLA CD . 2.30 28.57 40.21
C1A CLA CD . 1.72 29.44 41.14
C2A CLA CD . 0.27 29.77 40.75
C3A CLA CD . 0.01 28.85 39.54
C4A CLA CD . 1.39 28.26 39.24
CMA CLA CD . -1.01 27.79 39.85
CAA CLA CD . 0.13 31.24 40.38
CBA CLA CD . 0.40 31.48 38.91
CGA CLA CD . 1.53 32.44 38.76
O1A CLA CD . 1.52 33.68 38.90
O2A CLA CD . 2.71 31.84 38.44
NB CLA CD . 3.90 26.73 38.55
C1B CLA CD . 2.81 26.88 37.75
C2B CLA CD . 3.09 26.32 36.40
C3B CLA CD . 4.37 25.84 36.42
C4B CLA CD . 4.91 26.10 37.79
CMB CLA CD . 2.10 26.34 35.32
CAB CLA CD . 5.16 25.21 35.39
CBB CLA CD . 5.27 25.66 34.14
NC CLA CD . 6.17 27.03 40.37
C1C CLA CD . 6.76 26.22 39.44
C2C CLA CD . 8.11 25.87 39.85
C3C CLA CD . 8.33 26.51 41.06
C4C CLA CD . 7.11 27.23 41.39
CMC CLA CD . 9.02 25.02 39.08
CAC CLA CD . 9.56 26.47 41.87
CBC CLA CD . 10.44 27.67 41.65
ND CLA CD . 4.65 28.77 41.94
C1D CLA CD . 5.78 28.76 42.80
C2D CLA CD . 5.51 29.64 43.96
C3D CLA CD . 4.23 30.14 43.77
C4D CLA CD . 3.73 29.54 42.53
CMD CLA CD . 6.46 29.91 45.04
CAD CLA CD . 3.19 31.01 44.29
OBD CLA CD . 3.21 31.76 45.25
CBD CLA CD . 1.94 30.80 43.37
CGD CLA CD . 0.78 30.22 44.13
O1D CLA CD . 0.03 29.31 43.77
O2D CLA CD . 0.58 30.77 45.36
CED CLA CD . -0.74 30.76 45.87
MG CLA DD . -2.77 12.81 26.29
CHA CLA DD . -0.59 13.54 28.87
CHB CLA DD . -1.00 14.85 24.23
CHC CLA DD . -4.97 12.05 23.75
CHD CLA DD . -4.63 10.76 28.50
NA CLA DD . -1.07 13.99 26.54
C1A CLA DD . -0.29 14.15 27.69
C2A CLA DD . 0.87 15.11 27.44
C3A CLA DD . 0.68 15.55 25.97
C4A CLA DD . -0.54 14.75 25.52
CMA CLA DD . 0.43 17.03 25.86
CAA CLA DD . 2.22 14.44 27.62
CBA CLA DD . 3.35 15.42 27.39
CGA CLA DD . 4.60 14.96 28.04
O1A CLA DD . 4.94 13.81 28.33
O2A CLA DD . 5.46 15.99 28.32
NB CLA DD . -2.95 13.36 24.35
C1B CLA DD . -2.12 14.18 23.69
C2B CLA DD . -2.55 14.30 22.27
C3B CLA DD . -3.67 13.51 22.13
C4B CLA DD . -3.95 12.90 23.46
CMB CLA DD . -1.82 15.14 21.32
CAB CLA DD . -4.51 13.24 20.98
CBB CLA DD . -4.58 13.96 19.86
NC CLA DD . -4.48 11.60 26.15
C1C CLA DD . -5.21 11.44 25.02
C2C CLA DD . -6.33 10.54 25.28
C3C CLA DD . -6.25 10.18 26.63
C4C CLA DD . -5.08 10.86 27.17
CMC CLA DD . -7.33 10.14 24.30
CAC CLA DD . -7.18 9.29 27.35
CBC CLA DD . -6.57 7.99 27.80
ND CLA DD . -2.67 12.21 28.21
C1D CLA DD . -3.51 11.38 29.00
C2D CLA DD . -2.97 11.34 30.39
C3D CLA DD . -1.86 12.15 30.39
C4D CLA DD . -1.72 12.67 29.02
CMD CLA DD . -3.56 10.57 31.48
CAD CLA DD . -0.77 12.71 31.18
OBD CLA DD . -0.51 12.55 32.36
CBD CLA DD . 0.06 13.63 30.23
CGD CLA DD . 0.12 15.04 30.69
O1D CLA DD . 1.10 15.67 31.11
O2D CLA DD . -1.08 15.69 30.62
CED CLA DD . -1.11 17.07 31.00
C1 CLA DD . 6.86 15.72 28.19
C2 CLA DD . 7.59 16.79 28.93
C3 CLA DD . 8.93 16.93 28.88
C4 CLA DD . 9.78 16.02 28.09
C5 CLA DD . 9.60 18.02 29.63
C6 CLA DD . 10.16 19.11 28.72
C7 CLA DD . 9.07 20.08 28.32
C8 CLA DD . 9.54 21.53 28.42
C9 CLA DD . 8.46 22.48 27.91
C10 CLA DD . 10.85 21.75 27.68
C11 CLA DD . 10.66 22.15 26.23
C12 CLA DD . 11.90 22.83 25.68
C13 CLA DD . 11.95 22.80 24.15
C14 CLA DD . 13.34 23.12 23.65
C15 CLA DD . 10.92 23.76 23.56
MG CLA ED . 8.68 10.43 22.53
CHA CLA ED . 6.60 10.84 25.28
CHB CLA ED . 6.62 12.39 20.67
CHC CLA ED . 10.89 10.17 19.91
CHD CLA ED . 10.82 8.44 24.52
NA CLA ED . 6.88 11.41 22.92
C1A CLA ED . 6.18 11.46 24.13
C2A CLA ED . 4.93 12.31 23.99
C3A CLA ED . 4.87 12.64 22.48
C4A CLA ED . 6.22 12.12 21.97
CMA CLA ED . 3.73 11.92 21.81
CAA CLA ED . 5.07 13.58 24.80
CBA CLA ED . 6.17 14.50 24.30
CGA CLA ED . 7.52 14.11 24.82
O1A CLA ED . 7.82 13.67 25.93
O2A CLA ED . 8.52 14.28 23.90
NB CLA ED . 8.76 11.17 20.66
C1B CLA ED . 7.81 11.95 20.08
C2B CLA ED . 8.21 12.27 18.69
C3B CLA ED . 9.42 11.65 18.46
C4B CLA ED . 9.78 10.93 19.71
CMB CLA ED . 7.40 13.09 17.80
CAB CLA ED . 10.21 11.63 17.26
CBB CLA ED . 11.47 12.07 17.16
NC CLA ED . 10.50 9.44 22.27
C1C CLA ED . 11.23 9.46 21.10
C2C CLA ED . 12.44 8.68 21.28
C3C CLA ED . 12.43 8.20 22.59
C4C CLA ED . 11.21 8.68 23.20
CMC CLA ED . 13.45 8.48 20.24
CAC CLA ED . 13.44 7.34 23.23
CBC CLA ED . 12.93 5.94 23.43
ND CLA ED . 8.68 9.65 24.40
C1D CLA ED . 9.65 8.89 25.11
C2D CLA ED . 9.18 8.68 26.49
C3D CLA ED . 8.01 9.40 26.62
C4D CLA ED . 7.77 10.01 25.29
CMD CLA ED . 9.88 7.88 27.50
CAD CLA ED . 6.91 9.79 27.47
OBD CLA ED . 6.67 9.45 28.62
CBD CLA ED . 6.03 10.79 26.67
CGD CLA ED . 4.56 10.46 26.73
O1D CLA ED . 3.62 11.23 26.58
O2D CLA ED . 4.28 9.16 26.96
CED CLA ED . 2.90 8.83 27.16
C1 CLA ED . 9.74 13.56 24.14
MG CLA FD . 7.04 18.21 15.80
CHA CLA FD . 4.88 17.55 18.43
CHB CLA FD . 4.52 19.83 14.17
CHC CLA FD . 9.18 18.76 13.18
CHD CLA FD . 9.58 16.46 17.50
NA CLA FD . 5.03 18.63 16.26
C1A CLA FD . 4.32 18.26 17.40
C2A CLA FD . 2.88 18.74 17.33
C3A CLA FD . 2.79 19.41 15.94
C4A CLA FD . 4.21 19.30 15.40
CMA CLA FD . 1.82 18.69 15.05
CAA CLA FD . 2.53 19.72 18.44
CBA CLA FD . 3.64 20.72 18.74
CGA CLA FD . 3.20 21.65 19.82
O1A CLA FD . 2.10 22.21 19.94
O2A CLA FD . 4.15 21.89 20.76
NB CLA FD . 6.86 19.06 13.98
C1B CLA FD . 5.79 19.78 13.55
C2B CLA FD . 6.13 20.51 12.31
C3B CLA FD . 7.45 20.22 12.03
C4B CLA FD . 7.92 19.28 13.08
CMB CLA FD . 5.17 21.38 11.63
CAB CLA FD . 8.30 20.65 10.96
CBB CLA FD . 8.35 21.88 10.43
NC CLA FD . 9.02 17.71 15.43
C1C CLA FD . 9.70 18.03 14.28
C2C CLA FD . 11.06 17.50 14.33
C3C CLA FD . 11.18 16.86 15.56
C4C CLA FD . 9.89 16.99 16.24
CMC CLA FD . 12.06 17.67 13.29
CAC CLA FD . 12.36 16.16 16.08
CBC CLA FD . 13.06 16.95 17.17
ND CLA FD . 7.30 17.34 17.60
C1D CLA FD . 8.38 16.61 18.15
C2D CLA FD . 7.98 16.07 19.48
C3D CLA FD . 6.64 16.41 19.63
C4D CLA FD . 6.26 17.16 18.42
CMD CLA FD . 8.86 15.33 20.37
CAD CLA FD . 5.47 16.35 20.48
OBD CLA FD . 5.36 15.90 21.62
CBD CLA FD . 4.30 16.99 19.70
CGD CLA FD . 3.23 15.98 19.36
O1D CLA FD . 2.70 15.79 18.27
O2D CLA FD . 2.82 15.23 20.42
CED CLA FD . 1.63 14.46 20.22
C1 CLA FD . 3.76 22.75 21.86
C2 CLA FD . 4.99 23.13 22.59
MG CLA GD . -31.65 12.35 -15.75
CHA CLA GD . -34.80 13.73 -16.29
CHB CLA GD . -31.14 14.54 -13.19
CHC CLA GD . -28.61 10.87 -15.18
CHD CLA GD . -32.26 10.07 -18.38
NA CLA GD . -32.80 13.89 -14.90
C1A CLA GD . -34.09 14.30 -15.26
C2A CLA GD . -34.55 15.45 -14.37
C3A CLA GD . -33.34 15.72 -13.45
C4A CLA GD . -32.35 14.64 -13.86
CMA CLA GD . -32.78 17.11 -13.66
CAA CLA GD . -35.75 15.03 -13.53
CBA CLA GD . -35.51 13.71 -12.85
NB CLA GD . -30.16 12.64 -14.43
C1B CLA GD . -30.13 13.60 -13.47
C2B CLA GD . -28.85 13.53 -12.73
C3B CLA GD . -28.13 12.49 -13.29
C4B CLA GD . -28.95 11.92 -14.38
CMB CLA GD . -28.51 14.43 -11.63
CAB CLA GD . -26.82 12.00 -12.95
CBB CLA GD . -25.75 12.13 -13.73
NC CLA GD . -30.62 10.76 -16.64
C1C CLA GD . -29.39 10.33 -16.25
C2C CLA GD . -28.98 9.21 -17.07
C3C CLA GD . -30.02 8.96 -17.97
C4C CLA GD . -31.04 9.96 -17.69
CMC CLA GD . -27.72 8.48 -16.93
CAC CLA GD . -30.08 7.93 -19.01
CBC CLA GD . -29.44 8.36 -20.30
ND CLA GD . -33.12 11.98 -17.08
C1D CLA GD . -33.24 11.01 -18.11
C2D CLA GD . -34.55 11.19 -18.78
C3D CLA GD . -35.18 12.22 -18.13
C4D CLA GD . -34.25 12.67 -17.08
CMD CLA GD . -35.02 10.39 -19.91
CAD CLA GD . -36.36 13.06 -18.07
OBD CLA GD . -37.36 13.07 -18.77
CBD CLA GD . -36.16 14.03 -16.85
CGD CLA GD . -36.28 15.47 -17.27
O1D CLA GD . -35.38 16.30 -17.34
O2D CLA GD . -37.55 15.84 -17.59
MG CLA HD . -25.38 7.88 -2.32
CHA CLA HD . -25.00 11.31 -1.94
CHB CLA HD . -26.12 7.59 0.98
CHC CLA HD . -25.93 4.52 -2.80
CHD CLA HD . -24.66 8.25 -5.76
NA CLA HD . -25.52 9.24 -0.75
C1A CLA HD . -25.32 10.63 -0.79
C2A CLA HD . -25.54 11.25 0.59
C3A CLA HD . -25.69 10.02 1.51
C4A CLA HD . -25.81 8.86 0.53
CMA CLA HD . -24.51 9.86 2.43
CAA CLA HD . -26.87 11.98 0.55
CBA CLA HD . -26.77 13.44 0.90
CGA CLA HD . -28.13 14.04 0.74
O1A CLA HD . -28.49 15.20 0.92
O2A CLA HD . -29.07 13.12 0.34
NB CLA HD . -25.88 6.34 -1.13
C1B CLA HD . -26.24 6.45 0.17
C2B CLA HD . -26.77 5.15 0.66
C3B CLA HD . -26.71 4.27 -0.40
C4B CLA HD . -26.14 5.02 -1.55
CMB CLA HD . -27.24 4.93 2.02
CAB CLA HD . -27.12 2.90 -0.47
CBB CLA HD . -26.34 1.89 -0.86
NC CLA HD . -25.27 6.62 -3.98
C1C CLA HD . -25.52 5.27 -3.94
C2C CLA HD . -25.33 4.70 -5.27
C3C CLA HD . -25.00 5.76 -6.11
C4C CLA HD . -24.97 6.96 -5.30
CMC CLA HD . -25.51 3.29 -5.59
CAC CLA HD . -24.73 5.70 -7.55
CBC CLA HD . -23.34 5.20 -7.84
ND CLA HD . -24.92 9.37 -3.60
C1D CLA HD . -24.64 9.39 -4.99
C2D CLA HD . -24.33 10.77 -5.41
C3D CLA HD . -24.45 11.54 -4.28
C4D CLA HD . -24.81 10.63 -3.18
CMD CLA HD . -23.99 11.16 -6.77
CAD CLA HD . -24.35 12.89 -3.72
OBD CLA HD . -24.05 13.93 -4.28
CBD CLA HD . -24.71 12.78 -2.20
CGD CLA HD . -23.62 13.32 -1.31
O1D CLA HD . -23.31 12.97 -0.17
O2D CLA HD . -22.90 14.34 -1.86
CED CLA HD . -21.91 14.96 -1.04
C1 CLA HD . -30.42 13.58 0.22
C2 CLA HD . -30.96 12.94 -1.01
C3 CLA HD . -32.25 13.05 -1.39
C4 CLA HD . -33.23 13.82 -0.60
C5 CLA HD . -32.72 12.39 -2.64
C6 CLA HD . -34.22 12.40 -2.80
C7 CLA HD . -34.65 11.43 -3.89
C8 CLA HD . -36.16 11.41 -4.09
C9 CLA HD . -36.77 10.27 -3.30
C10 CLA HD . -36.50 11.28 -5.57
C11 CLA HD . -37.97 10.99 -5.78
C12 CLA HD . -38.35 11.09 -7.25
C13 CLA HD . -39.69 10.43 -7.53
C14 CLA HD . -39.80 10.05 -8.99
C15 CLA HD . -40.84 11.34 -7.13
C16 CLA HD . -41.00 12.49 -8.09
C17 CLA HD . -41.11 13.81 -7.37
C18 CLA HD . -42.40 14.55 -7.72
C19 CLA HD . -42.24 16.04 -7.53
C20 CLA HD . -43.53 14.03 -6.87
MG CLA ID . 16.43 40.16 20.00
CHA CLA ID . 13.62 38.93 18.39
CHB CLA ID . 17.19 37.02 21.05
CHC CLA ID . 19.26 41.41 21.49
CHD CLA ID . 15.57 43.41 18.91
NA CLA ID . 15.53 38.29 19.75
C1A CLA ID . 14.37 37.98 19.03
C2A CLA ID . 14.06 36.49 19.09
C3A CLA ID . 15.14 35.94 20.04
C4A CLA ID . 16.04 37.15 20.30
CMA CLA ID . 14.55 35.41 21.32
CAA CLA ID . 14.17 35.86 17.71
CBA CLA ID . 15.60 35.72 17.28
CGA CLA ID . 15.69 35.53 15.79
O1A CLA ID . 16.21 36.26 14.95
O2A CLA ID . 15.07 34.40 15.35
NB CLA ID . 17.94 39.36 21.07
C1B CLA ID . 18.08 38.05 21.37
C2B CLA ID . 19.35 37.84 22.13
C3B CLA ID . 19.93 39.08 22.26
C4B CLA ID . 19.05 40.07 21.58
CMB CLA ID . 19.79 36.54 22.61
CAB CLA ID . 21.17 39.43 22.92
CBB CLA ID . 22.18 40.07 22.34
NC CLA ID . 17.25 42.07 20.18
C1C CLA ID . 18.42 42.36 20.83
C2C CLA ID . 18.69 43.78 20.76
C3C CLA ID . 17.66 44.35 20.03
C4C CLA ID . 16.76 43.27 19.66
CMC CLA ID . 19.86 44.45 21.36
CAC CLA ID . 17.48 45.77 19.69
CBC CLA ID . 16.78 46.53 20.78
ND CLA ID . 14.96 41.04 18.93
C1D CLA ID . 14.73 42.39 18.56
C2D CLA ID . 13.47 42.45 17.77
C3D CLA ID . 13.01 41.15 17.68
C4D CLA ID . 13.97 40.32 18.41
CMD CLA ID . 12.89 43.68 17.22
CAD CLA ID . 11.97 40.28 17.18
OBD CLA ID . 10.96 40.56 16.53
CBD CLA ID . 12.34 38.83 17.60
CGD CLA ID . 11.25 38.20 18.42
O1D CLA ID . 10.77 37.06 18.29
O2D CLA ID . 10.78 38.98 19.43
CED CLA ID . 10.08 38.34 20.48
C1 CLA ID . 15.70 33.73 14.25
C2 CLA ID . 14.73 32.72 13.74
C3 CLA ID . 15.11 31.49 13.35
C4 CLA ID . 16.51 31.05 13.42
C5 CLA ID . 14.11 30.52 12.84
C6 CLA ID . 14.31 29.14 13.45
C7 CLA ID . 13.00 28.37 13.49
C8 CLA ID . 13.18 26.98 14.07
C9 CLA ID . 13.88 26.08 13.06
C10 CLA ID . 11.84 26.38 14.47
C11 CLA ID . 11.93 24.90 14.72
C12 CLA ID . 10.57 24.32 15.09
C13 CLA ID . 10.61 22.80 15.13
C14 CLA ID . 9.68 22.22 14.09
C15 CLA ID . 10.27 22.30 16.54
C16 CLA ID . 9.09 21.35 16.56
C17 CLA ID . 8.19 21.59 17.76
C18 CLA ID . 8.83 21.12 19.06
C19 CLA ID . 9.46 19.76 18.89
C20 CLA ID . 7.79 21.07 20.15
C1 PQN JD . -18.60 6.55 -10.26
O1 PQN JD . -18.27 5.73 -9.42
C2 PQN JD . -19.99 6.57 -10.78
C2M PQN JD . -20.94 5.57 -10.21
C3 PQN JD . -20.37 7.49 -11.72
C4 PQN JD . -19.39 8.47 -12.25
O4 PQN JD . -19.73 9.28 -13.10
C5 PQN JD . -18.00 8.45 -11.75
C6 PQN JD . -17.08 9.36 -12.24
C7 PQN JD . -15.79 9.34 -11.77
C8 PQN JD . -15.40 8.43 -10.80
C9 PQN JD . -16.32 7.52 -10.31
C10 PQN JD . -17.62 7.52 -10.78
C11 PQN JD . -21.79 7.52 -12.25
C12 PQN JD . -22.80 7.95 -11.24
C13 PQN JD . -23.78 8.82 -11.43
C14 PQN JD . -24.16 9.31 -12.80
C15 PQN JD . -24.36 9.60 -10.29
C16 PQN JD . -25.85 9.69 -10.30
C17 PQN JD . -26.53 8.83 -9.25
C18 PQN JD . -28.02 9.11 -9.08
C19 PQN JD . -28.67 9.47 -10.41
C20 PQN JD . -28.24 10.18 -8.01
C21 PQN JD . -28.26 9.71 -6.58
C22 PQN JD . -29.02 10.56 -5.59
C23 PQN JD . -28.38 10.70 -4.22
C24 PQN JD . -28.97 9.74 -3.21
C25 PQN JD . -28.45 12.15 -3.72
C26 PQN JD . -28.36 13.20 -4.81
C27 PQN JD . -27.80 14.54 -4.42
C28 PQN JD . -28.62 15.35 -3.40
C29 PQN JD . -28.22 16.81 -3.39
C30 PQN JD . -30.11 15.21 -3.66
C1 BCR KD . -1.95 54.18 29.69
C2 BCR KD . -0.50 54.50 29.43
C3 BCR KD . 0.37 53.67 30.32
C4 BCR KD . 0.19 52.21 30.01
C5 BCR KD . -1.23 51.85 29.80
C6 BCR KD . -2.22 52.72 29.66
C7 BCR KD . -3.61 52.30 29.46
C8 BCR KD . -4.43 52.01 30.46
C9 BCR KD . -5.86 51.86 30.29
C10 BCR KD . -6.57 51.17 31.19
C11 BCR KD . -8.00 51.08 31.22
C33 BCR KD . -1.47 50.39 29.77
C31 BCR KD . -2.77 54.90 28.64
C32 BCR KD . -2.30 54.74 31.05
C34 BCR KD . -6.52 52.63 29.21
C12 BCR KD . -8.57 50.24 32.09
C13 BCR KD . -9.99 50.09 32.30
C14 BCR KD . -10.43 49.11 33.09
C15 BCR KD . -11.82 48.92 33.44
C16 BCR KD . -12.21 47.80 34.05
C17 BCR KD . -13.60 47.66 34.40
C18 BCR KD . -14.18 46.56 34.88
C19 BCR KD . -15.50 46.68 35.48
C20 BCR KD . -16.09 45.68 36.12
C21 BCR KD . -17.19 45.97 37.00
C22 BCR KD . -17.83 45.08 37.79
C23 BCR KD . -19.11 45.46 38.37
C24 BCR KD . -20.03 44.56 38.72
C25 BCR KD . -21.38 44.86 39.16
C26 BCR KD . -22.37 45.04 38.28
C27 BCR KD . -23.78 45.35 38.60
C28 BCR KD . -24.02 45.68 40.05
C29 BCR KD . -23.11 44.91 40.97
C30 BCR KD . -21.63 44.93 40.63
C35 BCR KD . -10.92 51.10 31.75
C36 BCR KD . -13.44 45.29 35.03
C37 BCR KD . -17.22 43.78 38.13
C38 BCR KD . -22.16 44.96 36.83
C39 BCR KD . -20.89 43.81 41.31
C40 BCR KD . -21.10 46.23 41.22
C1 BCR LD . -27.27 49.79 27.63
C2 BCR LD . -27.86 51.03 27.00
C3 BCR LD . -26.97 52.21 27.24
C4 BCR LD . -25.64 51.98 26.57
C5 BCR LD . -25.11 50.63 26.84
C6 BCR LD . -25.82 49.61 27.31
C7 BCR LD . -25.24 48.29 27.56
C8 BCR LD . -25.08 47.39 26.58
C9 BCR LD . -24.25 46.21 26.70
C10 BCR LD . -24.46 45.19 25.85
C11 BCR LD . -23.60 44.04 25.72
C33 BCR LD . -23.67 50.49 26.52
C31 BCR LD . -28.12 48.62 27.17
C32 BCR LD . -27.44 49.94 29.13
C34 BCR LD . -23.03 46.30 27.51
C12 BCR LD . -23.82 43.19 24.71
C13 BCR LD . -23.25 41.86 24.60
C14 BCR LD . -23.61 41.09 23.56
C15 BCR LD . -23.21 39.72 23.40
C16 BCR LD . -23.70 38.97 22.39
C17 BCR LD . -23.29 37.60 22.30
C18 BCR LD . -23.75 36.69 21.42
C19 BCR LD . -23.32 35.31 21.56
C20 BCR LD . -23.61 34.36 20.68
C21 BCR LD . -23.18 33.00 20.95
C22 BCR LD . -23.01 32.04 20.05
C23 BCR LD . -22.62 30.71 20.52
C24 BCR LD . -21.73 29.94 19.88
C25 BCR LD . -21.32 28.62 20.33
C26 BCR LD . -20.47 28.45 21.36
C27 BCR LD . -19.99 27.16 21.88
C28 BCR LD . -20.90 26.03 21.47
C29 BCR LD . -21.20 26.14 20.00
C30 BCR LD . -21.85 27.45 19.58
C35 BCR LD . -22.43 41.31 25.69
C36 BCR LD . -24.56 37.07 20.25
C37 BCR LD . -22.88 32.35 18.62
C38 BCR LD . -19.91 29.58 22.12
C39 BCR LD . -23.35 27.37 19.73
C40 BCR LD . -21.57 27.57 18.09
C1 BCR MD . -27.71 48.41 37.79
C2 BCR MD . -26.72 49.54 37.69
C3 BCR MD . -25.89 49.39 36.45
C4 BCR MD . -26.77 49.49 35.23
C5 BCR MD . -28.00 48.69 35.37
C6 BCR MD . -28.45 48.18 36.52
C7 BCR MD . -29.69 47.41 36.61
C8 BCR MD . -29.72 46.10 36.33
C9 BCR MD . -30.88 45.26 36.59
C10 BCR MD . -31.02 44.10 35.94
C11 BCR MD . -30.26 43.71 34.77
C33 BCR MD . -28.73 48.49 34.10
C31 BCR MD . -28.66 48.72 38.92
C32 BCR MD . -26.93 47.16 38.14
C34 BCR MD . -31.82 45.67 37.65
C12 BCR MD . -30.53 42.53 34.21
C13 BCR MD . -29.88 42.00 33.04
C14 BCR MD . -30.19 40.75 32.63
C15 BCR MD . -29.49 40.04 31.60
C16 BCR MD . -30.12 39.63 30.51
C17 BCR MD . -30.34 38.23 30.30
C18 BCR MD . -29.81 37.49 29.32
C19 BCR MD . -30.46 36.24 28.95
C20 BCR MD . -29.81 35.20 28.44
C21 BCR MD . -29.65 35.07 27.01
C22 BCR MD . -29.23 33.96 26.38
C23 BCR MD . -29.41 32.67 27.03
C24 BCR MD . -29.74 31.58 26.36
C25 BCR MD . -30.09 30.30 26.96
C26 BCR MD . -31.33 30.04 27.37
C27 BCR MD . -31.82 28.79 27.99
C28 BCR MD . -30.71 27.86 28.40
C29 BCR MD . -29.53 27.89 27.45
C30 BCR MD . -29.02 29.28 27.08
C35 BCR MD . -29.06 42.88 32.17
C36 BCR MD . -28.46 37.77 28.78
C37 BCR MD . -28.79 34.01 24.97
C38 BCR MD . -32.42 31.03 27.26
C39 BCR MD . -28.25 29.24 25.77
C40 BCR MD . -28.00 29.63 28.16
C1 BCR ND . 12.09 39.43 27.73
C2 BCR ND . 12.19 40.10 29.09
C3 BCR ND . 10.82 40.31 29.65
C4 BCR ND . 10.13 38.99 29.87
C5 BCR ND . 10.30 38.08 28.71
C6 BCR ND . 11.18 38.27 27.73
C7 BCR ND . 11.31 37.33 26.61
C8 BCR ND . 10.51 37.38 25.55
C9 BCR ND . 10.64 36.49 24.41
C10 BCR ND . 9.58 36.21 23.67
C11 BCR ND . 9.58 35.35 22.51
C33 BCR ND . 9.39 36.92 28.73
C31 BCR ND . 13.49 39.04 27.33
C32 BCR ND . 11.58 40.48 26.77
C34 BCR ND . 12.00 36.03 24.04
C12 BCR ND . 8.44 35.18 21.82
C13 BCR ND . 8.28 34.27 20.72
C14 BCR ND . 7.08 34.22 20.12
C15 BCR ND . 6.77 33.38 18.99
C16 BCR ND . 6.16 33.89 17.92
C17 BCR ND . 5.11 33.14 17.28
C18 BCR ND . 5.19 32.59 16.07
C19 BCR ND . 4.00 32.58 15.23
C20 BCR ND . 4.04 32.41 13.91
C21 BCR ND . 3.88 31.08 13.36
C22 BCR ND . 3.08 30.73 12.35
C23 BCR ND . 3.47 29.63 11.49
C24 BCR ND . 2.60 28.97 10.74
C25 BCR ND . 2.91 28.27 9.50
C26 BCR ND . 3.14 26.96 9.49
C27 BCR ND . 3.46 26.13 8.30
C28 BCR ND . 3.82 26.96 7.09
C29 BCR ND . 2.98 28.21 6.99
C30 BCR ND . 2.89 29.07 8.24
C35 BCR ND . 9.43 33.56 20.15
C36 BCR ND . 6.37 31.80 15.65
C37 BCR ND . 1.68 31.20 12.32
C38 BCR ND . 3.16 26.14 10.72
C39 BCR ND . 1.65 29.93 8.24
C40 BCR ND . 4.07 30.02 8.16
C1 BCR OD . 2.06 26.93 30.06
C2 BCR OD . 1.36 26.28 31.23
C3 BCR OD . 2.21 25.21 31.85
C4 BCR OD . 2.61 24.15 30.85
C5 BCR OD . 2.87 24.69 29.49
C6 BCR OD . 2.62 25.94 29.11
C7 BCR OD . 2.90 26.42 27.74
C8 BCR OD . 2.13 26.11 26.70
C9 BCR OD . 2.33 26.65 25.37
C10 BCR OD . 1.70 26.11 24.33
C11 BCR OD . 1.96 26.47 22.96
C33 BCR OD . 3.43 23.69 28.57
C31 BCR OD . 3.16 27.80 30.63
C32 BCR OD . 1.05 27.82 29.37
C34 BCR OD . 3.24 27.81 25.23
C12 BCR OD . 1.15 26.01 22.00
C13 BCR OD . 1.33 26.26 20.58
C14 BCR OD . 0.38 25.86 19.72
C15 BCR OD . 0.43 26.14 18.31
C16 BCR OD . -0.52 25.68 17.48
C17 BCR OD . -0.26 25.81 16.08
C18 BCR OD . -1.14 25.65 15.08
C19 BCR OD . -0.78 26.15 13.78
C20 BCR OD . -1.61 26.15 12.73
C21 BCR OD . -1.24 26.91 11.57
C22 BCR OD . -1.94 27.00 10.43
C23 BCR OD . -1.40 27.81 9.34
C24 BCR OD . -2.14 28.27 8.33
C25 BCR OD . -1.71 29.28 7.38
C26 BCR OD . -1.01 28.95 6.28
C27 BCR OD . -0.53 29.88 5.24
C28 BCR OD . -1.22 31.21 5.31
C29 BCR OD . -1.32 31.66 6.74
C30 BCR OD . -2.07 30.70 7.65
C35 BCR OD . 2.52 26.99 20.11
C36 BCR OD . -2.53 25.20 15.32
C37 BCR OD . -3.32 26.47 10.32
C38 BCR OD . -0.64 27.56 5.98
C39 BCR OD . -3.58 30.87 7.50
C40 BCR OD . -1.72 31.13 9.06
C1 BCR PD . -33.40 6.93 9.46
C2 BCR PD . -33.82 6.29 10.76
C3 BCR PD . -33.11 4.99 10.94
C4 BCR PD . -31.63 5.21 11.04
C5 BCR PD . -31.14 6.18 10.03
C6 BCR PD . -31.93 6.97 9.30
C7 BCR PD . -31.39 7.93 8.34
C8 BCR PD . -31.16 7.61 7.06
C9 BCR PD . -31.05 8.63 6.02
C10 BCR PD . -30.29 8.40 4.94
C11 BCR PD . -30.46 7.32 4.02
C33 BCR PD . -29.67 6.21 9.90
C31 BCR PD . -33.97 8.33 9.45
C32 BCR PD . -34.02 6.13 8.34
C34 BCR PD . -31.48 10.00 6.37
C12 BCR PD . -30.90 7.60 2.78
C13 BCR PD . -30.09 7.73 1.59
C14 BCR PD . -30.17 6.76 0.67
C15 BCR PD . -29.77 6.91 -0.71
C16 BCR PD . -29.93 5.90 -1.57
C17 BCR PD . -29.46 6.05 -2.92
C18 BCR PD . -29.54 5.12 -3.88
C19 BCR PD . -29.00 5.42 -5.20
C20 BCR PD . -29.03 4.54 -6.21
C21 BCR PD . -28.44 4.93 -7.47
C22 BCR PD . -28.35 4.16 -8.56
C23 BCR PD . -27.65 4.68 -9.73
C24 BCR PD . -27.76 4.16 -10.95
C25 BCR PD . -26.87 4.45 -12.08
C26 BCR PD . -25.92 3.58 -12.42
C27 BCR PD . -24.98 3.75 -13.54
C28 BCR PD . -25.63 4.56 -14.63
C29 BCR PD . -26.16 5.85 -14.05
C30 BCR PD . -27.06 5.72 -12.84
C35 BCR PD . -29.58 9.05 1.21
C36 BCR PD . -30.27 3.86 -3.69
C37 BCR PD . -28.97 2.82 -8.63
C38 BCR PD . -25.70 2.31 -11.71
C39 BCR PD . -28.53 5.89 -13.20
C40 BCR PD . -26.71 6.93 -11.99
C1A DGD QD . -18.07 19.59 -7.65
C2A DGD QD . -18.78 18.61 -6.81
C3A DGD QD . -20.24 18.95 -6.72
C4A DGD QD . -20.63 19.08 -5.26
C5A DGD QD . -21.11 17.73 -4.74
C6A DGD QD . -22.46 17.41 -5.31
C7A DGD QD . -23.44 18.33 -4.60
C8A DGD QD . -23.34 18.15 -3.11
C9A DGD QD . -24.71 18.43 -2.54
CAA DGD QD . -24.72 17.97 -1.12
CBA DGD QD . -26.16 17.62 -0.74
CCA DGD QD . -26.62 18.71 0.18
CDA DGD QD . -26.43 18.20 1.59
CEA DGD QD . -25.76 19.29 2.40
CFA DGD QD . -26.31 19.29 3.80
CGA DGD QD . -25.41 20.20 4.62
CHA DGD QD . -23.97 19.75 4.50
CIA DGD QD . -23.20 20.35 5.65
O1A DGD QD . -18.52 20.34 -8.48
C1B DGD QD . -14.91 22.83 -5.06
C2B DGD QD . -15.67 21.98 -4.09
C3B DGD QD . -16.67 22.82 -3.32
C4B DGD QD . -17.14 22.10 -2.08
C5B DGD QD . -15.91 22.01 -1.21
C6B DGD QD . -16.37 21.42 0.12
C7B DGD QD . -15.54 20.19 0.31
C8B DGD QD . -15.70 19.82 1.75
C9B DGD QD . -15.71 18.33 1.81
CAB DGD QD . -15.57 18.01 3.27
CBB DGD QD . -15.72 16.54 3.32
CCB DGD QD . -17.20 16.27 3.50
CDB DGD QD . -17.16 15.37 4.69
CEB DGD QD . -18.55 15.16 5.17
CFB DGD QD . -18.35 14.93 6.65
CGB DGD QD . -19.71 14.71 7.24
CHB DGD QD . -19.52 13.87 8.50
CIB DGD QD . -20.87 13.34 8.90
O1B DGD QD . -14.04 23.61 -4.76
O1G DGD QD . -16.82 19.75 -7.16
C1G DGD QD . -15.99 20.70 -7.74
C2G DGD QD . -16.15 21.97 -6.90
O2G DGD QD . -14.93 22.27 -6.30
C3G DGD QD . -16.46 23.10 -7.90
O3G DGD QD . -15.19 23.30 -8.48
C1D DGD QD . -15.02 24.62 -8.91
C2D DGD QD . -13.59 25.03 -8.46
O2D DGD QD . -13.69 25.33 -7.11
C3D DGD QD . -13.24 26.35 -9.21
O3D DGD QD . -11.90 26.63 -9.02
C4D DGD QD . -13.46 26.15 -10.73
O4D DGD QD . -12.72 25.06 -11.18
C5D DGD QD . -14.93 25.76 -10.91
O5D DGD QD . -15.50 26.88 -12.83
C6D DGD QD . -15.35 25.57 -12.37
O6D DGD QD . -15.12 24.51 -10.31
C1E DGD QD . -16.80 27.26 -13.16
C2E DGD QD . -16.83 27.74 -14.65
O2E DGD QD . -16.34 26.69 -15.41
C3E DGD QD . -15.91 28.96 -14.80
O3E DGD QD . -16.09 29.40 -16.11
C4E DGD QD . -16.40 30.05 -13.82
O4E DGD QD . -17.71 30.35 -14.12
C5E DGD QD . -16.37 29.48 -12.39
O6E DGD QD . -17.13 28.30 -12.29
C6E DGD QD . -17.07 30.42 -11.40
O5E DGD QD . -17.55 29.60 -10.37
O1 LHG RD . 23.61 41.60 17.90
C1 LHG RD . 22.83 41.34 19.05
C2 LHG RD . 21.90 40.21 18.74
O2 LHG RD . 22.60 38.97 18.77
C3 LHG RD . 21.30 40.29 17.37
O3 LHG RD . 19.93 40.16 17.69
P LHG RD . 18.99 39.10 16.93
O4 LHG RD . 17.79 38.89 17.78
O5 LHG RD . 19.17 39.41 15.49
O6 LHG RD . 19.92 37.78 17.31
C4 LHG RD . 19.43 36.50 17.07
C5 LHG RD . 19.95 35.67 18.23
C6 LHG RD . 19.36 34.28 18.23
O7 LHG RD . 21.36 35.57 18.03
C7 LHG RD . 21.97 34.61 18.77
O9 LHG RD . 22.53 33.66 18.26
C8 LHG RD . 22.24 35.10 20.14
C9 LHG RD . 23.31 34.24 20.77
C10 LHG RD . 23.26 34.38 22.27
O8 LHG RD . 18.92 34.09 19.59
C23 LHG RD . 18.06 33.06 19.82
O10 LHG RD . 17.57 32.47 18.87
C24 LHG RD . 18.03 32.40 21.20
FE1 SF4 SD . -6.90 18.75 -26.94
FE2 SF4 SD . -5.80 19.55 -29.67
FE3 SF4 SD . -4.71 20.80 -27.17
FE4 SF4 SD . -7.56 21.43 -28.08
S1 SF4 SD . -5.61 21.55 -28.95
S2 SF4 SD . -6.65 20.76 -26.28
S3 SF4 SD . -7.73 19.43 -28.78
S4 SF4 SD . -4.98 18.79 -27.85
FE1 SF4 TD . 5.76 22.68 -28.98
FE2 SF4 TD . 3.79 23.16 -31.22
FE3 SF4 TD . 6.72 22.79 -31.84
FE4 SF4 TD . 5.77 25.31 -30.45
S1 SF4 TD . 5.27 24.30 -32.25
S2 SF4 TD . 7.23 23.81 -30.03
S3 SF4 TD . 4.29 24.17 -29.41
S4 SF4 TD . 5.25 21.66 -30.78
MG CLA UD . 16.71 4.66 -5.20
CHA CLA UD . 19.97 3.52 -4.87
CHB CLA UD . 15.96 1.93 -7.10
CHC CLA UD . 13.43 5.69 -5.30
CHD CLA UD . 17.53 7.48 -3.25
NA CLA UD . 17.82 3.03 -5.89
C1A CLA UD . 19.16 2.72 -5.62
C2A CLA UD . 19.58 1.43 -6.31
C3A CLA UD . 18.33 1.04 -7.13
C4A CLA UD . 17.28 2.05 -6.68
CMA CLA UD . 18.58 1.14 -8.61
CAA CLA UD . 19.90 0.36 -5.30
CBA CLA UD . 20.21 -0.97 -5.96
CGA CLA UD . 21.01 -1.83 -5.04
O1A CLA UD . 21.56 -1.52 -3.99
O2A CLA UD . 21.11 -3.12 -5.47
NB CLA UD . 15.02 3.94 -6.03
C1B CLA UD . 14.92 2.81 -6.76
C2B CLA UD . 13.50 2.61 -7.18
C3B CLA UD . 12.79 3.66 -6.68
C4B CLA UD . 13.74 4.53 -5.94
CMB CLA UD . 13.06 1.46 -7.98
CAB CLA UD . 11.38 3.98 -6.77
CBB CLA UD . 10.74 4.25 -7.92
NC CLA UD . 15.69 6.31 -4.44
C1C CLA UD . 14.35 6.53 -4.60
C2C CLA UD . 13.97 7.76 -3.91
C3C CLA UD . 15.13 8.27 -3.33
C4C CLA UD . 16.20 7.35 -3.66
CMC CLA UD . 12.61 8.31 -3.86
CAC CLA UD . 15.25 9.50 -2.53
CBC CLA UD . 15.70 10.69 -3.35
ND CLA UD . 18.35 5.44 -4.32
C1D CLA UD . 18.55 6.60 -3.54
C2D CLA UD . 19.97 6.66 -3.10
C3D CLA UD . 20.55 5.49 -3.57
C4D CLA UD . 19.51 4.77 -4.31
CMD CLA UD . 20.54 7.73 -2.31
CAD CLA UD . 21.77 4.70 -3.66
OBD CLA UD . 22.89 4.94 -3.22
CBD CLA UD . 21.42 3.41 -4.45
CGD CLA UD . 22.34 3.21 -5.62
O1D CLA UD . 22.05 3.26 -6.82
O2D CLA UD . 23.63 2.94 -5.27
CED CLA UD . 24.25 1.81 -5.89
C1 BCR VD . 24.32 11.03 7.00
C2 BCR VD . 24.26 9.52 6.97
C3 BCR VD . 25.65 8.95 7.15
C4 BCR VD . 26.19 9.33 8.50
C5 BCR VD . 25.95 10.76 8.81
C6 BCR VD . 25.11 11.56 8.15
C7 BCR VD . 24.93 12.96 8.50
C8 BCR VD . 24.16 13.34 9.52
C9 BCR VD . 23.64 14.68 9.68
C10 BCR VD . 22.86 14.96 10.73
C11 BCR VD . 21.99 16.10 10.81
C33 BCR VD . 26.76 11.25 9.94
C31 BCR VD . 22.89 11.52 7.01
C32 BCR VD . 24.98 11.47 5.71
C34 BCR VD . 23.86 15.65 8.59
C12 BCR VD . 22.29 17.07 11.69
C13 BCR VD . 21.40 17.57 12.71
C14 BCR VD . 20.94 16.71 13.63
C15 BCR VD . 19.85 17.00 14.52
C16 BCR VD . 20.06 17.20 15.83
C17 BCR VD . 19.52 16.25 16.76
C18 BCR VD . 19.10 16.49 18.00
C19 BCR VD . 19.11 15.39 18.96
C20 BCR VD . 18.54 15.48 20.16
C21 BCR VD . 18.52 14.29 20.98
C22 BCR VD . 18.01 14.20 22.22
C23 BCR VD . 18.18 12.96 22.96
C24 BCR VD . 18.00 12.88 24.29
C25 BCR VD . 18.32 11.72 25.11
C26 BCR VD . 19.56 11.48 25.52
C27 BCR VD . 20.00 10.33 26.36
C28 BCR VD . 18.83 9.67 27.06
C29 BCR VD . 17.69 9.51 26.09
C30 BCR VD . 17.19 10.82 25.50
C35 BCR VD . 20.87 18.94 12.61
C36 BCR VD . 18.29 17.69 18.33
C37 BCR VD . 17.20 15.29 22.80
C38 BCR VD . 20.70 12.34 25.17
C39 BCR VD . 16.25 11.54 26.45
C40 BCR VD . 16.35 10.41 24.30
MG CLA WD . 24.18 -3.69 7.13
CHA CLA WD . 27.61 -3.15 7.10
CHB CLA WD . 24.43 -5.16 10.17
CHC CLA WD . 20.76 -4.04 7.16
CHD CLA WD . 23.98 -2.19 3.92
NA CLA WD . 25.78 -4.10 8.40
C1A CLA WD . 27.14 -3.79 8.21
C2A CLA WD . 27.97 -4.28 9.40
C3A CLA WD . 26.95 -5.04 10.27
C4A CLA WD . 25.61 -4.75 9.59
CMA CLA WD . 27.23 -6.51 10.33
CAA CLA WD . 28.56 -3.11 10.16
CBA CLA WD . 29.22 -3.55 11.46
CGA CLA WD . 30.37 -4.47 11.19
O1A CLA WD . 30.39 -5.55 10.60
O2A CLA WD . 31.55 -3.98 11.68
NB CLA WD . 22.86 -4.51 8.39
C1B CLA WD . 23.15 -4.96 9.64
C2B CLA WD . 21.88 -5.23 10.38
C3B CLA WD . 20.85 -4.92 9.55
C4B CLA WD . 21.45 -4.45 8.26
CMB CLA WD . 21.87 -5.73 11.76
CAB CLA WD . 19.43 -4.99 9.78
CBB CLA WD . 18.56 -5.68 9.04
NC CLA WD . 22.66 -3.23 5.77
C1C CLA WD . 21.33 -3.46 5.98
C2C CLA WD . 20.55 -3.02 4.84
C3C CLA WD . 21.45 -2.48 3.92
C4C CLA WD . 22.79 -2.62 4.51
CMC CLA WD . 19.09 -3.12 4.72
CAC CLA WD . 21.16 -1.90 2.60
CBC CLA WD . 21.32 -2.89 1.48
ND CLA WD . 25.44 -2.84 5.79
C1D CLA WD . 25.23 -2.29 4.49
C2D CLA WD . 26.53 -1.84 3.95
C3D CLA WD . 27.47 -2.11 4.92
C4D CLA WD . 26.74 -2.76 6.03
CMD CLA WD . 26.70 -1.20 2.64
CAD CLA WD . 28.87 -2.05 5.29
OBD CLA WD . 29.81 -1.55 4.69
CBD CLA WD . 29.01 -2.74 6.68
CGD CLA WD . 29.94 -3.92 6.63
O1D CLA WD . 29.69 -5.06 6.22
O2D CLA WD . 31.19 -3.65 7.08
CED CLA WD . 32.21 -3.43 6.11
MG CLA XD . 17.44 12.17 32.20
CHA CLA XD . 20.52 10.93 33.20
CHB CLA XD . 18.85 13.46 29.40
CHC CLA XD . 14.36 13.42 31.31
CHD CLA XD . 16.01 10.82 35.16
NA CLA XD . 19.38 12.17 31.44
C1A CLA XD . 20.54 11.60 32.00
C2A CLA XD . 21.76 11.83 31.10
C3A CLA XD . 21.18 12.64 29.92
C4A CLA XD . 19.70 12.77 30.25
CMA CLA XD . 21.85 13.98 29.79
CAA CLA XD . 22.32 10.51 30.60
NB CLA XD . 16.74 13.23 30.65
C1B CLA XD . 17.47 13.66 29.59
C2B CLA XD . 16.60 14.39 28.63
C3B CLA XD . 15.33 14.38 29.17
C4B CLA XD . 15.41 13.65 30.46
CMB CLA XD . 17.09 14.97 27.39
CAB CLA XD . 14.09 14.93 28.67
CBB CLA XD . 13.64 14.80 27.43
NC CLA XD . 15.55 12.12 33.08
C1C CLA XD . 14.42 12.70 32.54
C2C CLA XD . 13.28 12.48 33.42
C3C CLA XD . 13.73 11.74 34.50
C4C CLA XD . 15.17 11.52 34.28
CMC CLA XD . 11.92 12.98 33.16
CAC CLA XD . 12.95 11.28 35.65
CBC CLA XD . 13.15 12.16 36.87
ND CLA XD . 18.05 11.10 33.81
C1D CLA XD . 17.35 10.61 34.95
C2D CLA XD . 18.31 9.91 35.83
C3D CLA XD . 19.55 10.02 35.21
C4D CLA XD . 19.33 10.76 33.96
CMD CLA XD . 17.96 9.28 37.10
CAD CLA XD . 20.96 9.68 35.28
OBD CLA XD . 21.56 9.05 36.13
CBD CLA XD . 21.62 10.29 34.01
CGD CLA XD . 22.71 11.27 34.36
O1D CLA XD . 22.80 12.44 34.00
O2D CLA XD . 23.66 10.76 35.18
CED CLA XD . 24.41 11.69 35.97
MG CLA YD . 40.44 -5.68 5.72
CHA CLA YD . 41.74 -5.08 2.55
CHB CLA YD . 43.59 -5.77 6.99
CHC CLA YD . 39.09 -6.28 8.81
CHD CLA YD . 37.18 -5.62 4.33
NA CLA YD . 42.35 -5.44 4.88
C1A CLA YD . 42.69 -5.18 3.54
C2A CLA YD . 44.20 -5.06 3.37
C3A CLA YD . 44.74 -5.23 4.81
C4A CLA YD . 43.48 -5.49 5.64
CMA CLA YD . 45.72 -6.38 4.93
CAA CLA YD . 44.59 -3.69 2.83
CBA CLA YD . 43.99 -2.55 3.63
CGA CLA YD . 42.97 -1.82 2.80
O1A CLA YD . 41.90 -1.32 3.18
O2A CLA YD . 43.32 -1.71 1.49
NB CLA YD . 41.19 -5.87 7.57
C1B CLA YD . 42.51 -6.04 7.86
C2B CLA YD . 42.67 -6.55 9.24
C3B CLA YD . 41.41 -6.70 9.76
C4B CLA YD . 40.45 -6.27 8.70
CMB CLA YD . 43.98 -6.84 9.83
CAB CLA YD . 40.98 -7.18 11.05
CBB CLA YD . 40.21 -6.51 11.91
NC CLA YD . 38.49 -5.88 6.43
C1C CLA YD . 38.16 -6.10 7.74
C2C CLA YD . 36.72 -6.15 7.90
C3C CLA YD . 36.17 -5.99 6.62
C4C CLA YD . 37.29 -5.82 5.71
CMC CLA YD . 36.01 -6.35 9.16
CAC CLA YD . 34.75 -5.97 6.26
CBC CLA YD . 34.22 -7.37 6.01
ND CLA YD . 39.61 -5.48 3.88
C1D CLA YD . 38.25 -5.46 3.47
C2D CLA YD . 38.21 -5.25 2.01
C3D CLA YD . 39.52 -5.11 1.60
C4D CLA YD . 40.35 -5.24 2.81
CMD CLA YD . 36.97 -5.21 1.24
CAD CLA YD . 40.41 -4.90 0.47
OBD CLA YD . 40.14 -4.78 -0.71
CBD CLA YD . 41.86 -4.83 1.06
CGD CLA YD . 42.79 -5.80 0.39
O1D CLA YD . 43.36 -5.66 -0.71
O2D CLA YD . 43.02 -6.95 1.09
CED CLA YD . 43.63 -8.04 0.40
MG CLA ZD . 2.24 35.60 46.11
CHA CLA ZD . -1.06 36.63 46.46
CHB CLA ZD . 1.54 34.43 43.00
CHC CLA ZD . 5.53 34.71 45.78
CHD CLA ZD . 2.89 36.81 49.36
NA CLA ZD . 0.50 35.53 44.95
C1A CLA ZD . -0.77 36.02 45.26
C2A CLA ZD . -1.76 35.76 44.13
C3A CLA ZD . -0.93 34.95 43.10
C4A CLA ZD . 0.49 34.96 43.70
CMA CLA ZD . -1.44 33.55 42.94
CAA CLA ZD . -2.25 37.06 43.51
CBA CLA ZD . -1.10 37.93 43.02
CGA CLA ZD . -1.06 37.95 41.53
O1A CLA ZD . -0.09 38.00 40.77
O2A CLA ZD . -2.31 37.92 40.97
NB CLA ZD . 3.32 34.67 44.69
C1B CLA ZD . 2.87 34.36 43.44
C2B CLA ZD . 4.02 33.94 42.58
C3B CLA ZD . 5.15 34.02 43.36
C4B CLA ZD . 4.72 34.49 44.70
CMB CLA ZD . 3.87 33.55 41.18
CAB CLA ZD . 6.52 33.74 42.99
CBB CLA ZD . 7.38 32.99 43.67
NC CLA ZD . 3.90 35.72 47.36
C1C CLA ZD . 5.15 35.28 47.02
C2C CLA ZD . 6.08 35.51 48.12
C3C CLA ZD . 5.34 36.11 49.14
C4C CLA ZD . 3.98 36.24 48.65
CMC CLA ZD . 7.49 35.14 48.10
CAC CLA ZD . 5.84 36.53 50.46
CBC CLA ZD . 5.82 38.03 50.65
ND CLA ZD . 1.23 36.52 47.60
C1D CLA ZD . 1.62 36.95 48.90
C2D CLA ZD . 0.45 37.55 49.58
C3D CLA ZD . -0.60 37.46 48.68
C4D CLA ZD . -0.06 36.80 47.48
CMD CLA ZD . 0.47 38.12 50.93
CAD CLA ZD . -2.01 37.74 48.45
OBD CLA ZD . -2.83 38.28 49.18
CBD CLA ZD . -2.35 37.19 47.02
CGD CLA ZD . -3.44 36.17 47.07
O1D CLA ZD . -3.40 35.00 46.68
O2D CLA ZD . -4.60 36.63 47.61
CED CLA ZD . -5.38 35.71 48.38
MG CLA AE . -14.10 56.45 42.47
CHA CLA AE . -12.99 57.41 45.60
CHB CLA AE . -13.14 59.45 41.20
CHC CLA AE . -15.19 55.42 39.38
CHD CLA AE . -15.09 53.33 43.83
NA CLA AE . -13.20 58.14 43.30
C1A CLA AE . -12.80 58.34 44.62
C2A CLA AE . -12.16 59.72 44.79
C3A CLA AE . -12.24 60.33 43.38
C4A CLA AE . -12.90 59.25 42.54
CMA CLA AE . -13.06 61.60 43.35
CAA CLA AE . -10.71 59.59 45.22
CBA CLA AE . -9.97 60.91 45.07
CGA CLA AE . -8.77 60.71 44.21
O1A CLA AE . -8.63 59.95 43.26
O2A CLA AE . -7.71 61.50 44.58
NB CLA AE . -14.06 57.24 40.61
C1B CLA AE . -13.75 58.53 40.34
C2B CLA AE . -14.20 58.88 38.96
C3B CLA AE . -14.78 57.75 38.44
C4B CLA AE . -14.70 56.70 39.48
CMB CLA AE . -14.03 60.20 38.37
CAB CLA AE . -15.39 57.55 37.14
CBB CLA AE . -15.07 56.60 36.27
NC CLA AE . -14.97 54.69 41.74
C1C CLA AE . -15.31 54.48 40.43
C2C CLA AE . -15.86 53.14 40.28
C3C CLA AE . -15.86 52.55 41.54
C4C CLA AE . -15.28 53.53 42.45
CMC CLA AE . -16.33 52.58 39.00
CAC CLA AE . -16.32 51.20 41.88
CBC CLA AE . -15.17 50.21 41.99
ND CLA AE . -14.17 55.56 44.28
C1D CLA AE . -14.57 54.27 44.70
C2D CLA AE . -14.33 54.14 46.15
C3D CLA AE . -13.76 55.32 46.56
C4D CLA AE . -13.64 56.16 45.35
CMD CLA AE . -14.67 52.96 46.94
CAD CLA AE . -13.22 56.09 47.67
OBD CLA AE . -13.18 55.81 48.86
CBD CLA AE . -12.65 57.41 47.07
CGD CLA AE . -13.18 58.63 47.76
O1D CLA AE . -14.36 58.93 47.96
O2D CLA AE . -12.21 59.46 48.23
CED CLA AE . -12.48 60.22 49.40
C1 CLA AE . -7.16 62.34 43.53
C2 CLA AE . -5.93 62.98 44.08
C3 CLA AE . -5.14 63.75 43.32
C4 CLA AE . -3.91 64.38 43.85
C5 CLA AE . -5.45 64.01 41.88
MG CLA BE . -4.17 70.28 35.47
CHA CLA BE . -6.79 71.48 33.54
CHB CLA BE . -5.52 67.16 35.39
CHC CLA BE . -1.52 69.13 37.34
CHD CLA BE . -2.79 73.54 35.54
NA CLA BE . -5.89 69.48 34.59
C1A CLA BE . -6.86 70.15 33.82
C2A CLA BE . -7.94 69.17 33.38
C3A CLA BE . -7.55 67.84 34.03
C4A CLA BE . -6.22 68.15 34.72
CMA CLA BE . -8.57 67.36 35.03
CAA CLA BE . -7.96 69.04 31.87
CBA CLA BE . -8.69 67.78 31.42
CGA CLA BE . -10.09 68.12 31.01
O1A CLA BE . -10.50 68.54 29.92
O2A CLA BE . -11.01 67.92 32.00
NB CLA BE . -3.61 68.48 36.18
C1B CLA BE . -4.32 67.34 36.08
C2B CLA BE . -3.64 66.25 36.84
C3B CLA BE . -2.51 66.79 37.39
C4B CLA BE . -2.47 68.22 36.99
CMB CLA BE . -4.18 64.89 36.93
CAB CLA BE . -1.51 66.20 38.24
CBB CLA BE . -1.64 66.03 39.55
NC CLA BE . -2.47 71.18 36.29
C1C CLA BE . -1.51 70.52 37.02
C2C CLA BE . -0.47 71.44 37.43
C3C CLA BE . -0.83 72.70 36.93
C4C CLA BE . -2.08 72.51 36.21
CMC CLA BE . 0.70 71.09 38.23
CAC CLA BE . -0.09 73.96 37.08
CBC CLA BE . 0.97 74.13 36.03
ND CLA BE . -4.65 72.12 34.79
C1D CLA BE . -3.97 73.37 34.87
C2D CLA BE . -4.78 74.38 34.14
C3D CLA BE . -5.89 73.71 33.64
C4D CLA BE . -5.74 72.31 34.06
CMD CLA BE . -4.42 75.79 34.03
CAD CLA BE . -7.12 73.83 32.89
OBD CLA BE . -7.66 74.83 32.42
CBD CLA BE . -7.71 72.39 32.75
CGD CLA BE . -9.12 72.32 33.26
O1D CLA BE . -10.10 71.86 32.66
O2D CLA BE . -9.30 72.83 34.50
C1 BCR CE . -11.82 47.72 38.81
C2 BCR CE . -12.32 46.35 39.24
C3 BCR CE . -13.52 46.50 40.12
C4 BCR CE . -14.64 47.16 39.36
C5 BCR CE . -14.18 48.31 38.56
C6 BCR CE . -12.90 48.60 38.30
C7 BCR CE . -12.51 49.74 37.50
C8 BCR CE . -12.36 50.95 38.02
C9 BCR CE . -12.04 52.13 37.23
C10 BCR CE . -12.04 53.33 37.81
C11 BCR CE . -11.77 54.57 37.12
C33 BCR CE . -15.27 49.16 38.06
C31 BCR CE . -10.75 47.50 37.75
C32 BCR CE . -11.18 48.35 40.03
C34 BCR CE . -11.88 51.95 35.78
C12 BCR CE . -11.79 55.70 37.83
C13 BCR CE . -11.10 56.92 37.48
C14 BCR CE . -10.96 57.87 38.40
C15 BCR CE . -10.25 59.10 38.20
C16 BCR CE . -10.12 59.96 39.22
C17 BCR CE . -9.37 61.17 39.00
C18 BCR CE . -9.26 62.19 39.85
C19 BCR CE . -8.56 63.39 39.42
C20 BCR CE . -8.61 64.53 40.11
C21 BCR CE . -7.93 65.69 39.57
C22 BCR CE . -7.97 66.92 40.09
C23 BCR CE . -7.16 67.96 39.48
C24 BCR CE . -7.06 69.18 40.03
C25 BCR CE . -6.24 70.27 39.49
C26 BCR CE . -6.72 71.10 38.57
C27 BCR CE . -5.99 72.24 37.96
C28 BCR CE . -4.83 72.66 38.81
C29 BCR CE . -4.04 71.46 39.26
C30 BCR CE . -4.86 70.44 40.05
C35 BCR CE . -10.72 57.17 36.07
C36 BCR CE . -9.96 62.21 41.15
C37 BCR CE . -8.70 67.20 41.34
C38 BCR CE . -8.08 70.97 38.01
C39 BCR CE . -4.93 70.80 41.51
C40 BCR CE . -4.05 69.15 39.97
C1 BCR DE . -35.89 19.53 9.93
C2 BCR DE . -36.74 20.07 11.07
C3 BCR DE . -37.23 21.44 10.75
C4 BCR DE . -38.12 21.41 9.54
C5 BCR DE . -37.49 20.64 8.43
C6 BCR DE . -36.48 19.78 8.59
C7 BCR DE . -35.90 19.07 7.46
C8 BCR DE . -36.47 17.99 6.93
C9 BCR DE . -36.16 17.48 5.61
C10 BCR DE . -36.82 16.40 5.16
C11 BCR DE . -36.57 15.75 3.90
C33 BCR DE . -38.09 20.92 7.11
C31 BCR DE . -35.69 18.06 10.20
C32 BCR DE . -34.55 20.22 10.02
C34 BCR DE . -35.10 18.14 4.83
C12 BCR DE . -37.26 14.66 3.60
C13 BCR DE . -37.17 13.93 2.37
C14 BCR DE . -38.03 12.92 2.15
C15 BCR DE . -38.25 12.31 0.87
C16 BCR DE . -39.34 11.57 0.67
C17 BCR DE . -39.26 10.47 -0.27
C18 BCR DE . -40.07 9.41 -0.31
C19 BCR DE . -39.71 8.30 -1.17
C20 BCR DE . -40.30 7.11 -1.10
C21 BCR DE . -39.82 6.05 -1.96
C22 BCR DE . -40.24 4.79 -1.95
C23 BCR DE . -39.46 3.79 -2.69
C24 BCR DE . -39.92 2.59 -3.04
C25 BCR DE . -39.08 1.50 -3.47
C26 BCR DE . -38.54 1.47 -4.69
C27 BCR DE . -37.65 0.40 -5.22
C28 BCR DE . -36.97 -0.31 -4.08
C29 BCR DE . -38.00 -0.74 -3.08
C30 BCR DE . -38.83 0.39 -2.50
C35 BCR DE . -36.31 14.44 1.27
C36 BCR DE . -41.17 9.23 0.65
C37 BCR DE . -41.58 4.42 -1.44
C38 BCR DE . -38.75 2.53 -5.70
C39 BCR DE . -38.21 0.94 -1.23
C40 BCR DE . -40.13 -0.27 -2.08
MG CLA EE . 26.23 -22.20 10.22
CHA CLA EE . 27.35 -24.66 12.38
CHB CLA EE . 28.40 -19.98 11.61
CHC CLA EE . 25.15 -19.81 7.99
CHD CLA EE . 24.01 -24.54 8.77
NA CLA EE . 27.64 -22.34 11.76
C1A CLA EE . 27.97 -23.45 12.54
C2A CLA EE . 29.06 -23.12 13.55
C3A CLA EE . 29.34 -21.61 13.29
C4A CLA EE . 28.40 -21.26 12.14
CMA CLA EE . 29.07 -20.77 14.51
CAA CLA EE . 30.31 -23.93 13.32
CBA CLA EE . 31.22 -23.32 12.27
NB CLA EE . 26.72 -20.29 9.83
C1B CLA EE . 27.58 -19.54 10.57
C2B CLA EE . 27.55 -18.12 10.10
C3B CLA EE . 26.63 -18.06 9.08
C4B CLA EE . 26.09 -19.44 8.89
CMB CLA EE . 28.35 -17.06 10.70
CAB CLA EE . 26.21 -16.93 8.30
CBB CLA EE . 26.29 -16.86 6.97
NC CLA EE . 24.82 -22.19 8.67
C1C CLA EE . 24.55 -21.11 7.88
C2C CLA EE . 23.53 -21.46 6.90
C3C CLA EE . 23.20 -22.78 7.12
C4C CLA EE . 24.02 -23.24 8.24
CMC CLA EE . 23.00 -20.53 5.88
CAC CLA EE . 22.21 -23.58 6.38
CBC CLA EE . 22.87 -24.50 5.36
ND CLA EE . 25.68 -24.12 10.53
C1D CLA EE . 24.78 -24.97 9.83
C2D CLA EE . 24.83 -26.31 10.45
C3D CLA EE . 25.78 -26.25 11.44
C4D CLA EE . 26.30 -24.87 11.43
CMD CLA EE . 24.00 -27.45 10.03
CAD CLA EE . 26.47 -26.96 12.50
OBD CLA EE . 26.29 -28.10 12.92
CBD CLA EE . 27.56 -26.00 13.07
CGD CLA EE . 27.51 -25.87 14.57
O1D CLA EE . 28.47 -25.71 15.34
O2D CLA EE . 26.26 -25.94 15.10
CED CLA EE . 26.14 -25.87 16.52
C1 BCR FE . 8.81 -22.11 -6.12
C2 BCR FE . 8.87 -23.37 -6.96
C3 BCR FE . 10.30 -23.71 -7.29
C4 BCR FE . 11.05 -23.99 -6.02
C5 BCR FE . 10.88 -22.89 -5.05
C6 BCR FE . 9.86 -22.02 -5.07
C7 BCR FE . 9.74 -20.93 -4.11
C8 BCR FE . 9.33 -21.11 -2.85
C9 BCR FE . 9.87 -20.34 -1.75
C10 BCR FE . 9.14 -20.15 -0.65
C11 BCR FE . 9.22 -18.97 0.20
C33 BCR FE . 11.95 -22.82 -4.04
C31 BCR FE . 7.42 -22.05 -5.52
C32 BCR FE . 8.97 -20.94 -7.07
C34 BCR FE . 11.13 -19.60 -1.99
C12 BCR FE . 10.11 -18.92 1.18
C13 BCR FE . 10.22 -17.85 2.14
C14 BCR FE . 11.37 -17.67 2.80
C15 BCR FE . 11.59 -16.58 3.72
C16 BCR FE . 12.73 -16.48 4.40
C17 BCR FE . 12.81 -15.45 5.41
C18 BCR FE . 13.81 -15.23 6.26
C19 BCR FE . 13.64 -14.21 7.27
C20 BCR FE . 14.62 -13.82 8.09
C21 BCR FE . 14.36 -12.77 9.04
C22 BCR FE . 15.27 -12.18 9.82
C23 BCR FE . 14.85 -11.21 10.81
C24 BCR FE . 15.70 -10.41 11.45
C25 BCR FE . 15.41 -9.62 12.62
C26 BCR FE . 14.75 -8.46 12.55
C27 BCR FE . 14.41 -7.57 13.69
C28 BCR FE . 14.72 -8.18 15.03
C29 BCR FE . 15.97 -9.01 14.96
C30 BCR FE . 15.90 -10.13 13.93
C35 BCR FE . 9.03 -17.05 2.46
C36 BCR FE . 15.15 -15.81 6.06
C37 BCR FE . 16.72 -12.52 9.71
C38 BCR FE . 14.25 -7.90 11.28
C39 BCR FE . 15.01 -11.26 14.41
C40 BCR FE . 17.30 -10.69 13.83
C1 BCR GE . 12.66 3.97 18.89
C2 BCR GE . 12.51 5.44 18.62
C3 BCR GE . 11.07 5.83 18.52
C4 BCR GE . 10.39 5.58 19.83
C5 BCR GE . 10.65 4.19 20.27
C6 BCR GE . 11.67 3.45 19.88
C7 BCR GE . 11.84 2.07 20.34
C8 BCR GE . 12.55 1.76 21.43
C9 BCR GE . 13.57 0.74 21.39
C10 BCR GE . 13.95 0.12 22.52
C11 BCR GE . 14.37 -1.26 22.59
C33 BCR GE . 9.65 3.69 21.23
C31 BCR GE . 14.08 3.77 19.35
C32 BCR GE . 12.48 3.25 17.58
C34 BCR GE . 13.97 0.23 20.06
C12 BCR GE . 15.65 -1.57 22.40
C13 BCR GE . 16.30 -2.72 22.98
C14 BCR GE . 17.26 -3.35 22.29
C15 BCR GE . 18.15 -4.33 22.85
C16 BCR GE . 18.57 -5.38 22.12
C17 BCR GE . 19.97 -5.70 22.11
C18 BCR GE . 20.57 -6.64 22.85
C19 BCR GE . 21.78 -7.26 22.35
C20 BCR GE . 22.62 -7.96 23.13
C21 BCR GE . 22.71 -9.39 22.97
C22 BCR GE . 23.49 -10.21 23.67
C23 BCR GE . 22.88 -11.39 24.32
C24 BCR GE . 22.87 -11.57 25.64
C25 BCR GE . 23.23 -12.78 26.36
C26 BCR GE . 24.45 -12.95 26.86
C27 BCR GE . 24.92 -14.12 27.62
C28 BCR GE . 23.77 -14.77 28.33
C29 BCR GE . 22.67 -15.04 27.35
C30 BCR GE . 22.17 -13.84 26.55
C35 BCR GE . 15.87 -3.23 24.29
C36 BCR GE . 20.03 -7.07 24.15
C37 BCR GE . 24.95 -10.12 23.60
C38 BCR GE . 25.51 -11.93 26.70
C39 BCR GE . 20.93 -13.24 27.17
C40 BCR GE . 21.74 -14.43 25.22
C1 LMG HE . 33.25 -6.67 -12.05
O1 LMG HE . 32.86 -7.77 -11.30
C2 LMG HE . 33.45 -7.20 -13.49
O2 LMG HE . 34.60 -7.98 -13.41
C3 LMG HE . 33.78 -5.97 -14.36
O3 LMG HE . 33.88 -6.45 -15.66
C4 LMG HE . 32.61 -4.96 -14.26
O4 LMG HE . 31.47 -5.56 -14.77
C5 LMG HE . 32.36 -4.65 -12.76
O5 LMG HE . 31.08 -3.00 -13.81
C6 LMG HE . 31.13 -3.75 -12.64
O6 LMG HE . 32.11 -5.83 -12.03
C7 LMG HE . 33.69 -8.02 -10.20
C8 LMG HE . 33.39 -9.48 -9.75
C9 LMG HE . 34.58 -9.99 -8.95
O7 LMG HE . 32.31 -9.43 -8.83
C10 LMG HE . 31.79 -10.59 -8.36
O9 LMG HE . 31.85 -11.60 -9.04
C11 LMG HE . 31.08 -10.41 -7.06
C12 LMG HE . 30.23 -11.62 -6.74
C13 LMG HE . 31.01 -12.73 -6.07
C14 LMG HE . 30.04 -13.87 -5.82
O8 LMG HE . 34.71 -9.12 -7.85
C28 LMG HE . 35.46 -9.55 -6.81
O10 LMG HE . 36.57 -9.05 -6.64
C29 LMG HE . 34.69 -10.30 -5.77
C30 LMG HE . 35.13 -9.87 -4.38
C31 LMG HE . 35.67 -11.09 -3.67
C32 LMG HE . 34.49 -11.79 -3.02
C33 LMG HE . 34.48 -11.39 -1.55
MG CLA IE . -6.87 -55.19 -53.07
CHA CLA IE . -3.57 -54.72 -52.07
CHB CLA IE . -7.96 -53.89 -50.09
CHC CLA IE . -10.09 -55.63 -54.15
CHD CLA IE . -5.70 -56.23 -56.23
NA CLA IE . -5.90 -54.50 -51.34
C1A CLA IE . -4.51 -54.38 -51.14
C2A CLA IE . -4.20 -53.80 -49.77
C3A CLA IE . -5.59 -53.65 -49.13
C4A CLA IE . -6.58 -54.05 -50.24
CMA CLA IE . -5.70 -54.55 -47.93
CAA CLA IE . -3.55 -52.43 -49.88
CBA CLA IE . -2.77 -52.08 -48.63
CGA CLA IE . -1.30 -52.24 -48.88
O1A CLA IE . -0.65 -51.92 -49.87
O2A CLA IE . -0.65 -52.81 -47.82
NB CLA IE . -8.67 -54.70 -52.33
C1B CLA IE . -8.93 -54.31 -51.04
C2B CLA IE . -10.41 -54.47 -50.77
C3B CLA IE . -10.99 -54.96 -51.92
C4B CLA IE . -9.90 -55.13 -52.91
CMB CLA IE . -11.10 -54.20 -49.51
CAB CLA IE . -12.35 -55.31 -52.20
CBB CLA IE . -12.79 -56.57 -52.35
NC CLA IE . -7.73 -55.89 -54.84
C1C CLA IE . -9.07 -56.03 -55.06
C2C CLA IE . -9.31 -56.55 -56.40
C3C CLA IE . -8.07 -56.68 -57.01
C4C CLA IE . -7.08 -56.27 -56.02
CMC CLA IE . -10.64 -56.83 -56.94
CAC CLA IE . -7.81 -57.18 -58.37
CBC CLA IE . -7.85 -56.09 -59.40
ND CLA IE . -5.09 -55.71 -53.89
C1D CLA IE . -4.76 -55.95 -55.26
C2D CLA IE . -3.30 -55.88 -55.42
C3D CLA IE . -2.78 -55.57 -54.18
C4D CLA IE . -3.95 -55.36 -53.30
CMD CLA IE . -2.59 -56.20 -56.66
CAD CLA IE . -1.59 -55.27 -53.42
OBD CLA IE . -0.42 -55.52 -53.67
CBD CLA IE . -2.07 -54.56 -52.13
CGD CLA IE . -1.40 -55.13 -50.91
O1D CLA IE . -0.33 -54.76 -50.39
O2D CLA IE . -2.06 -56.16 -50.33
CED CLA IE . -1.31 -57.32 -49.93
C1 CLA IE . 0.74 -52.45 -47.66
C1 BCR JE . -5.25 -54.42 -22.54
C2 BCR JE . -4.29 -55.23 -21.72
C3 BCR JE . -2.92 -55.19 -22.34
C4 BCR JE . -2.40 -53.78 -22.35
C5 BCR JE . -3.44 -52.79 -22.74
C6 BCR JE . -4.74 -53.06 -22.84
C7 BCR JE . -5.72 -52.04 -23.22
C8 BCR JE . -5.95 -51.74 -24.49
C9 BCR JE . -6.89 -50.72 -24.92
C10 BCR JE . -6.71 -50.11 -26.09
C11 BCR JE . -7.68 -49.26 -26.74
C33 BCR JE . -2.89 -51.46 -23.02
C31 BCR JE . -6.56 -54.35 -21.77
C32 BCR JE . -5.48 -55.17 -23.84
C34 BCR JE . -8.14 -50.55 -24.14
C12 BCR JE . -7.37 -48.68 -27.90
C13 BCR JE . -8.29 -47.91 -28.70
C14 BCR JE . -7.84 -47.31 -29.81
C15 BCR JE . -8.69 -46.58 -30.71
C16 BCR JE . -8.38 -46.48 -32.01
C17 BCR JE . -9.42 -46.05 -32.92
C18 BCR JE . -9.32 -45.94 -34.25
C19 BCR JE . -10.44 -45.41 -34.99
C20 BCR JE . -10.31 -44.95 -36.24
C21 BCR JE . -11.49 -44.70 -37.04
C22 BCR JE . -11.50 -44.03 -38.19
C23 BCR JE . -12.69 -44.00 -39.01
C24 BCR JE . -12.89 -43.08 -39.95
C25 BCR JE . -14.02 -42.99 -40.86
C26 BCR JE . -15.18 -42.44 -40.49
C27 BCR JE . -16.38 -42.29 -41.33
C28 BCR JE . -16.03 -42.37 -42.80
C29 BCR JE . -15.12 -43.55 -43.04
C30 BCR JE . -13.83 -43.52 -42.26
C35 BCR JE . -9.74 -47.97 -28.43
C36 BCR JE . -8.07 -46.26 -34.97
C37 BCR JE . -10.36 -43.15 -38.56
C38 BCR JE . -15.39 -41.91 -39.14
C39 BCR JE . -12.76 -42.72 -42.97
C40 BCR JE . -13.33 -44.96 -42.25
MG CLA KE . -25.70 -49.65 -28.48
CHA CLA KE . -25.61 -48.64 -25.17
CHB CLA KE . -28.53 -51.43 -27.86
CHC CLA KE . -25.73 -50.64 -31.78
CHD CLA KE . -22.78 -47.73 -29.09
NA CLA KE . -26.87 -49.96 -26.78
C1A CLA KE . -26.67 -49.45 -25.48
C2A CLA KE . -27.77 -49.93 -24.54
C3A CLA KE . -28.69 -50.78 -25.44
C4A CLA KE . -28.00 -50.73 -26.80
CMA CLA KE . -28.84 -52.18 -24.93
CAA CLA KE . -28.55 -48.80 -23.88
CBA CLA KE . -28.90 -47.67 -24.83
CGA CLA KE . -29.26 -46.45 -24.04
O1A CLA KE . -28.51 -45.70 -23.41
O2A CLA KE . -30.60 -46.18 -24.05
NB CLA KE . -26.91 -50.80 -29.61
C1B CLA KE . -27.99 -51.48 -29.17
C2B CLA KE . -28.56 -52.31 -30.27
C3B CLA KE . -27.78 -52.09 -31.38
C4B CLA KE . -26.71 -51.13 -30.98
CMB CLA KE . -29.74 -53.16 -30.11
CAB CLA KE . -27.88 -52.63 -32.70
CBB CLA KE . -27.07 -53.57 -33.21
NC CLA KE . -24.48 -49.25 -30.13
C1C CLA KE . -24.67 -49.76 -31.39
C2C CLA KE . -23.64 -49.26 -32.29
C3C CLA KE . -22.81 -48.44 -31.53
C4C CLA KE . -23.35 -48.43 -30.17
CMC CLA KE . -23.55 -49.60 -33.71
CAC CLA KE . -21.63 -47.71 -31.99
CBC CLA KE . -20.35 -48.45 -31.68
ND CLA KE . -24.45 -48.47 -27.44
C1D CLA KE . -23.28 -47.73 -27.81
C2D CLA KE . -22.75 -47.04 -26.61
C3D CLA KE . -23.58 -47.38 -25.56
C4D CLA KE . -24.63 -48.25 -26.14
CMD CLA KE . -21.54 -46.21 -26.61
CAD CLA KE . -23.86 -47.22 -24.15
OBD CLA KE . -23.22 -46.62 -23.29
CBD CLA KE . -25.19 -47.99 -23.86
CGD CLA KE . -25.05 -49.01 -22.76
O1D CLA KE . -25.32 -48.87 -21.57
O2D CLA KE . -24.59 -50.21 -23.18
CED CLA KE . -25.15 -51.38 -22.57
MG CLA LE . -9.54 -58.42 -34.78
CHA CLA LE . -11.47 -60.95 -36.16
CHB CLA LE . -7.60 -58.38 -37.57
CHC CLA LE . -7.68 -55.90 -33.37
CHD CLA LE . -11.61 -58.46 -31.91
NA CLA LE . -9.57 -59.49 -36.57
C1A CLA LE . -10.45 -60.51 -36.96
C2A CLA LE . -10.12 -61.02 -38.36
C3A CLA LE . -8.90 -60.17 -38.77
C4A CLA LE . -8.65 -59.27 -37.56
CMA CLA LE . -7.69 -61.01 -39.09
CAA CLA LE . -11.27 -60.80 -39.33
CBA CLA LE . -11.09 -61.63 -40.58
CGA CLA LE . -12.23 -61.41 -41.53
O1A CLA LE . -12.38 -61.83 -42.68
O2A CLA LE . -13.22 -60.63 -40.99
NB CLA LE . -7.96 -57.33 -35.37
C1B CLA LE . -7.26 -57.50 -36.52
C2B CLA LE . -6.05 -56.63 -36.52
C3B CLA LE . -6.07 -55.93 -35.34
C4B CLA LE . -7.29 -56.35 -34.60
CMB CLA LE . -5.09 -56.58 -37.62
CAB CLA LE . -5.15 -54.94 -34.83
NC CLA LE . -9.64 -57.37 -32.98
C1C CLA LE . -8.79 -56.36 -32.61
C2C CLA LE . -9.15 -55.84 -31.31
C3C CLA LE . -10.25 -56.57 -30.87
C4C CLA LE . -10.57 -57.52 -31.93
CMC CLA LE . -8.43 -54.75 -30.64
CAC CLA LE . -11.02 -56.39 -29.63
CBC CLA LE . -10.26 -56.78 -28.38
ND CLA LE . -11.16 -59.43 -34.11
C1D CLA LE . -11.90 -59.36 -32.91
C2D CLA LE . -12.98 -60.38 -32.95
C3D CLA LE . -12.85 -61.02 -34.17
C4D CLA LE . -11.71 -60.39 -34.86
CMD CLA LE . -13.94 -60.61 -31.87
CAD CLA LE . -13.39 -62.03 -35.04
OBD CLA LE . -14.34 -62.78 -34.88
CBD CLA LE . -12.51 -62.03 -36.34
CGD CLA LE . -11.87 -63.38 -36.55
O1D CLA LE . -12.37 -64.38 -37.06
O2D CLA LE . -10.58 -63.45 -36.10
CED CLA LE . -10.21 -64.58 -35.31
MG CLA ME . -22.73 -46.41 -47.61
CHA CLA ME . -24.28 -44.60 -50.15
CHB CLA ME . -21.59 -43.50 -46.25
CHC CLA ME . -21.25 -48.24 -45.10
CHD CLA ME . -23.93 -49.41 -49.07
NA CLA ME . -22.92 -44.39 -48.14
C1A CLA ME . -23.60 -43.84 -49.23
C2A CLA ME . -23.47 -42.32 -49.26
C3A CLA ME . -22.52 -42.02 -48.07
C4A CLA ME . -22.33 -43.39 -47.42
CMA CLA ME . -21.21 -41.42 -48.52
CAA CLA ME . -24.82 -41.64 -49.05
CBA CLA ME . -24.81 -40.21 -49.55
CGA CLA ME . -25.31 -40.13 -50.96
O1A CLA ME . -26.45 -40.35 -51.38
O2A CLA ME . -24.34 -39.77 -51.85
NB CLA ME . -21.60 -45.96 -46.01
C1B CLA ME . -21.31 -44.70 -45.56
C2B CLA ME . -20.64 -44.78 -44.24
C3B CLA ME . -20.54 -46.11 -43.92
C4B CLA ME . -21.14 -46.88 -45.04
CMB CLA ME . -20.20 -43.60 -43.49
CAB CLA ME . -19.97 -46.73 -42.76
CBB CLA ME . -18.88 -47.51 -42.77
NC CLA ME . -22.61 -48.44 -47.18
C1C CLA ME . -21.94 -48.97 -46.11
C2C CLA ME . -22.04 -50.43 -46.13
C3C CLA ME . -22.80 -50.76 -47.24
C4C CLA ME . -23.16 -49.51 -47.90
CMC CLA ME . -21.44 -51.32 -45.13
CAC CLA ME . -23.18 -52.11 -47.69
CBC CLA ME . -22.12 -52.74 -48.57
ND CLA ME . -23.87 -46.95 -49.19
C1D CLA ME . -24.28 -48.21 -49.69
C2D CLA ME . -25.09 -48.01 -50.91
C3D CLA ME . -25.12 -46.65 -51.13
C4D CLA ME . -24.35 -46.03 -50.04
CMD CLA ME . -25.69 -49.10 -51.68
CAD CLA ME . -25.61 -45.58 -51.98
OBD CLA ME . -26.32 -45.65 -52.98
CBD CLA ME . -25.05 -44.25 -51.40
CGD CLA ME . -24.19 -43.53 -52.39
O1D CLA ME . -23.03 -43.81 -52.73
O2D CLA ME . -24.78 -42.44 -52.97
CED CLA ME . -25.60 -42.66 -54.12
C1 BCR NE . -12.44 -50.50 -30.14
C2 BCR NE . -13.37 -50.42 -28.93
C3 BCR NE . -12.71 -50.69 -27.61
C4 BCR NE . -11.72 -51.82 -27.68
C5 BCR NE . -10.74 -51.56 -28.73
C6 BCR NE . -11.05 -50.95 -29.86
C7 BCR NE . -10.06 -50.69 -30.91
C8 BCR NE . -9.73 -51.61 -31.81
C9 BCR NE . -9.22 -51.29 -33.13
C10 BCR NE . -8.91 -52.29 -33.96
C11 BCR NE . -8.65 -52.13 -35.36
C33 BCR NE . -9.37 -52.01 -28.42
C31 BCR NE . -12.43 -49.13 -30.77
C32 BCR NE . -13.10 -51.46 -31.11
C34 BCR NE . -9.35 -49.90 -33.60
C12 BCR NE . -8.57 -53.23 -36.12
C13 BCR NE . -8.31 -53.24 -37.54
C14 BCR NE . -8.64 -54.33 -38.24
C15 BCR NE . -8.48 -54.44 -39.66
C16 BCR NE . -8.80 -55.57 -40.30
C17 BCR NE . -8.40 -55.69 -41.68
C18 BCR NE . -8.38 -56.81 -42.42
C19 BCR NE . -7.61 -56.82 -43.64
C20 BCR NE . -7.44 -57.92 -44.37
C21 BCR NE . -7.60 -57.84 -45.80
C22 BCR NE . -7.83 -58.87 -46.61
C23 BCR NE . -8.02 -58.61 -48.03
C24 BCR NE . -7.69 -59.51 -48.96
C25 BCR NE . -6.58 -59.36 -49.89
C26 BCR NE . -6.70 -58.68 -51.03
C27 BCR NE . -5.65 -58.47 -52.04
C28 BCR NE . -4.28 -58.80 -51.50
C29 BCR NE . -4.34 -60.07 -50.70
C30 BCR NE . -5.29 -60.01 -49.51
C35 BCR NE . -7.60 -52.12 -38.18
C36 BCR NE . -9.29 -57.94 -42.14
C37 BCR NE . -7.76 -60.26 -46.12
C38 BCR NE . -7.97 -58.04 -51.43
C39 BCR NE . -4.65 -59.28 -48.34
C40 BCR NE . -5.49 -61.44 -49.06
C1 BCR OE . -40.77 0.72 -20.47
C2 BCR OE . -41.44 1.54 -21.55
C3 BCR OE . -42.92 1.65 -21.34
C4 BCR OE . -43.56 0.28 -21.30
C5 BCR OE . -42.80 -0.68 -20.49
C6 BCR OE . -41.54 -0.50 -20.09
C7 BCR OE . -40.84 -1.49 -19.29
C8 BCR OE . -40.89 -1.47 -17.95
C9 BCR OE . -40.37 -2.54 -17.12
C10 BCR OE . -40.59 -2.52 -15.81
C11 BCR OE . -41.06 -1.38 -15.05
C33 BCR OE . -43.56 -1.88 -20.12
C31 BCR OE . -40.56 1.64 -19.29
C32 BCR OE . -39.42 0.30 -21.01
C34 BCR OE . -39.73 -3.70 -17.79
C12 BCR OE . -41.31 -1.53 -13.76
C13 BCR OE . -41.41 -0.47 -12.80
C14 BCR OE . -41.77 -0.77 -11.54
C15 BCR OE . -41.94 0.22 -10.50
C16 BCR OE . -42.16 -0.16 -9.23
C17 BCR OE . -42.60 0.84 -8.30
C18 BCR OE . -42.72 0.70 -6.99
C19 BCR OE . -43.50 1.67 -6.24
C20 BCR OE . -43.69 1.60 -4.92
C21 BCR OE . -44.36 2.69 -4.26
C22 BCR OE . -44.67 2.76 -2.97
C23 BCR OE . -45.06 4.05 -2.42
C24 BCR OE . -45.80 4.18 -1.31
C25 BCR OE . -46.46 5.41 -0.90
C26 BCR OE . -47.64 5.76 -1.41
C27 BCR OE . -48.41 6.97 -1.06
C28 BCR OE . -47.93 7.60 0.22
C29 BCR OE . -46.43 7.62 0.24
C30 BCR OE . -45.79 6.25 0.14
C35 BCR OE . -40.97 0.89 -13.16
C36 BCR OE . -41.93 -0.29 -6.24
C37 BCR OE . -44.82 1.54 -2.14
C38 BCR OE . -48.35 4.96 -2.42
C39 BCR OE . -45.83 5.52 1.48
C40 BCR OE . -44.33 6.50 -0.18
MG CLA PE . -57.73 -0.68 -26.24
CHA CLA PE . -60.73 0.84 -25.42
CHB CLA PE . -57.02 -1.08 -22.94
CHC CLA PE . -54.81 -2.27 -27.12
CHD CLA PE . -58.52 -0.28 -29.67
NA CLA PE . -58.74 -0.17 -24.48
C1A CLA PE . -59.98 0.46 -24.35
C2A CLA PE . -60.34 0.64 -22.88
C3A CLA PE . -59.10 0.10 -22.13
C4A CLA PE . -58.21 -0.44 -23.24
CMA CLA PE . -58.43 1.18 -21.32
CAA CLA PE . -61.57 -0.18 -22.53
CBA CLA PE . -61.34 -1.65 -22.81
CGA CLA PE . -62.62 -2.31 -23.22
O1A CLA PE . -63.77 -1.96 -22.98
O2A CLA PE . -62.41 -3.45 -23.94
NB CLA PE . -56.19 -1.49 -25.22
C1B CLA PE . -56.12 -1.62 -23.88
C2B CLA PE . -54.91 -2.41 -23.50
C3B CLA PE . -54.28 -2.74 -24.69
C4B CLA PE . -55.08 -2.15 -25.79
CMB CLA PE . -54.56 -2.70 -22.12
CAB CLA PE . -53.06 -3.48 -24.94
CBB CLA PE . -52.62 -4.52 -24.22
NC CLA PE . -56.82 -1.16 -28.07
C1C CLA PE . -55.62 -1.80 -28.20
C2C CLA PE . -55.29 -1.96 -29.60
C3C CLA PE . -56.35 -1.41 -30.33
C4C CLA PE . -57.31 -0.91 -29.36
CMC CLA PE . -54.07 -2.59 -30.11
CAC CLA PE . -56.48 -1.33 -31.79
CBC CLA PE . -57.45 -2.35 -32.34
ND CLA PE . -59.22 0.09 -27.35
C1D CLA PE . -59.42 0.20 -28.75
C2D CLA PE . -60.73 0.87 -29.01
C3D CLA PE . -61.27 1.14 -27.77
C4D CLA PE . -60.30 0.64 -26.77
CMD CLA PE . -61.27 1.15 -30.33
CAD CLA PE . -62.39 1.71 -27.04
OBD CLA PE . -63.41 2.24 -27.47
CBD CLA PE . -62.08 1.54 -25.52
CGD CLA PE . -62.11 2.86 -24.80
O1D CLA PE . -63.08 3.41 -24.27
O2D CLA PE . -60.91 3.50 -24.74
CED CLA PE . -60.84 4.68 -23.94
MG CLA QE . -46.93 0.97 -19.43
CHA CLA QE . -49.06 1.05 -22.17
CHB CLA QE . -48.08 -2.13 -18.63
CHC CLA QE . -44.70 0.89 -16.82
CHD CLA QE . -45.78 4.20 -20.31
NA CLA QE . -48.35 -0.30 -20.27
C1A CLA QE . -49.13 -0.09 -21.42
C2A CLA QE . -50.03 -1.29 -21.70
C3A CLA QE . -49.79 -2.21 -20.47
C4A CLA QE . -48.65 -1.52 -19.73
CMA CLA QE . -51.02 -2.33 -19.62
CAA CLA QE . -49.59 -2.00 -22.96
CBA CLA QE . -48.08 -2.08 -23.04
CGA CLA QE . -47.64 -3.16 -23.97
O1A CLA QE . -48.28 -4.11 -24.41
O2A CLA QE . -46.33 -3.03 -24.36
NB CLA QE . -46.49 -0.35 -17.98
C1B CLA QE . -47.03 -1.59 -17.85
C2B CLA QE . -46.38 -2.30 -16.72
C3B CLA QE . -45.43 -1.45 -16.21
C4B CLA QE . -45.49 -0.20 -17.00
CMB CLA QE . -46.75 -3.66 -16.31
CAB CLA QE . -44.52 -1.64 -15.12
CBB CLA QE . -44.88 -1.82 -13.85
NC CLA QE . -45.51 2.31 -18.70
C1C CLA QE . -44.71 2.07 -17.61
C2C CLA QE . -43.83 3.22 -17.38
C3C CLA QE . -44.13 4.15 -18.37
C4C CLA QE . -45.19 3.58 -19.20
CMC CLA QE . -42.84 3.31 -16.32
CAC CLA QE . -43.52 5.47 -18.58
CBC CLA QE . -42.62 5.48 -19.79
ND CLA QE . -47.29 2.35 -20.87
C1D CLA QE . -46.76 3.64 -21.10
C2D CLA QE . -47.40 4.23 -22.29
C3D CLA QE . -48.29 3.27 -22.75
C4D CLA QE . -48.18 2.13 -21.82
CMD CLA QE . -47.11 5.56 -22.84
CAD CLA QE . -49.27 2.93 -23.76
OBD CLA QE . -49.65 3.56 -24.73
CBD CLA QE . -49.82 1.51 -23.40
CGD CLA QE . -51.30 1.57 -23.15
O1D CLA QE . -51.90 2.20 -22.28
O2D CLA QE . -52.03 0.81 -24.02
CED CLA QE . -53.40 0.64 -23.71
MG CLA RE . -52.52 -8.37 -11.99
CHA CLA RE . -55.90 -9.05 -12.35
CHB CLA RE . -52.64 -9.44 -8.77
CHC CLA RE . -49.16 -7.73 -11.71
CHD CLA RE . -52.43 -7.31 -15.37
NA CLA RE . -54.05 -9.11 -10.78
C1A CLA RE . -55.39 -9.33 -11.11
C2A CLA RE . -56.16 -9.90 -9.92
C3A CLA RE . -55.11 -9.92 -8.79
C4A CLA RE . -53.83 -9.47 -9.47
CMA CLA RE . -55.50 -8.97 -7.69
CAA CLA RE . -56.64 -11.30 -10.20
CBA CLA RE . -55.56 -12.17 -10.80
NB CLA RE . -51.17 -8.52 -10.51
C1B CLA RE . -51.41 -9.03 -9.28
C2B CLA RE . -50.14 -9.07 -8.50
C3B CLA RE . -49.14 -8.59 -9.32
C4B CLA RE . -49.79 -8.23 -10.61
CMB CLA RE . -50.09 -9.58 -7.12
CAB CLA RE . -47.72 -8.41 -9.11
CBB CLA RE . -46.94 -9.11 -8.27
NC CLA RE . -51.07 -7.64 -13.30
C1C CLA RE . -49.75 -7.45 -12.97
C2C CLA RE . -49.03 -6.92 -14.12
C3C CLA RE . -49.95 -6.83 -15.16
C4C CLA RE . -51.23 -7.28 -14.64
CMC CLA RE . -47.60 -6.60 -14.13
CAC CLA RE . -49.68 -6.35 -16.53
CBC CLA RE . -50.23 -4.97 -16.78
ND CLA RE . -53.81 -8.20 -13.54
C1D CLA RE . -53.64 -7.73 -14.87
C2D CLA RE . -54.95 -7.80 -15.56
C3D CLA RE . -55.86 -8.29 -14.64
C4D CLA RE . -55.09 -8.53 -13.40
CMD CLA RE . -55.17 -7.40 -16.95
CAD CLA RE . -57.23 -8.67 -14.39
OBD CLA RE . -58.20 -8.64 -15.14
CBD CLA RE . -57.30 -9.16 -12.91
CGD CLA RE . -58.29 -8.36 -12.10
O1D CLA RE . -58.10 -7.80 -11.02
O2D CLA RE . -59.52 -8.27 -12.66
CED CLA RE . -60.60 -7.86 -11.82
C1 BCR SE . -31.05 21.28 -3.08
C2 BCR SE . -30.24 22.50 -2.68
C3 BCR SE . -30.65 23.71 -3.47
C4 BCR SE . -30.50 23.48 -4.95
C5 BCR SE . -30.96 22.14 -5.37
C6 BCR SE . -31.23 21.14 -4.54
C7 BCR SE . -31.68 19.83 -5.02
C8 BCR SE . -32.96 19.57 -5.26
C9 BCR SE . -33.44 18.24 -5.63
C10 BCR SE . -34.54 18.12 -6.37
C11 BCR SE . -35.11 16.87 -6.79
C33 BCR SE . -31.13 22.01 -6.83
C31 BCR SE . -32.38 21.37 -2.36
C32 BCR SE . -30.29 20.08 -2.55
C34 BCR SE . -32.71 17.07 -5.12
C12 BCR SE . -36.03 16.87 -7.76
C13 BCR SE . -36.64 15.70 -8.34
C14 BCR SE . -37.53 15.85 -9.34
C15 BCR SE . -38.18 14.77 -10.02
C16 BCR SE . -38.75 14.95 -11.21
C17 BCR SE . -39.56 13.89 -11.75
C18 BCR SE . -40.01 13.79 -13.00
C19 BCR SE . -40.94 12.72 -13.32
C20 BCR SE . -41.39 12.49 -14.55
C21 BCR SE . -42.40 11.48 -14.74
C22 BCR SE . -42.86 11.04 -15.92
C23 BCR SE . -43.95 10.10 -15.95
C24 BCR SE . -44.08 9.14 -16.88
C25 BCR SE . -45.31 8.57 -17.39
C26 BCR SE . -45.65 8.75 -18.67
C27 BCR SE . -46.87 8.21 -19.31
C28 BCR SE . -47.24 6.90 -18.66
C29 BCR SE . -47.35 7.08 -17.17
C30 BCR SE . -46.18 7.77 -16.47
C35 BCR SE . -36.17 14.35 -7.97
C36 BCR SE . -39.40 14.54 -14.12
C37 BCR SE . -42.23 11.47 -17.19
C38 BCR SE . -44.82 9.51 -19.61
C39 BCR SE . -45.33 6.78 -15.71
C40 BCR SE . -46.86 8.65 -15.42
MG CHL TE . 40.57 -38.91 -21.13
CHA CHL TE . 39.13 -41.25 -23.14
CHB CHL TE . 37.58 -37.76 -20.34
CHC CHL TE . 42.07 -37.29 -18.55
CHD CHL TE . 43.65 -39.31 -22.79
NA CHL TE . 38.71 -39.54 -21.44
C1A CHL TE . 38.33 -40.57 -22.10
C2A CHL TE . 36.92 -40.98 -21.81
C3A CHL TE . 36.37 -39.73 -21.17
C4A CHL TE . 37.62 -38.94 -20.96
CMA CHL TE . 35.45 -38.99 -22.12
CAA CHL TE . 36.93 -42.16 -20.83
CBA CHL TE . 35.61 -42.24 -20.08
CGA CHL TE . 35.18 -43.68 -19.97
O1A CHL TE . 34.80 -44.29 -20.96
O2A CHL TE . 35.21 -44.35 -18.68
NB CHL TE . 39.90 -37.69 -19.64
C1B CHL TE . 38.63 -37.30 -19.43
C2B CHL TE . 38.42 -36.39 -18.26
C3B CHL TE . 39.79 -36.27 -17.76
C4B CHL TE . 40.62 -37.10 -18.66
CMB CHL TE . 37.15 -35.77 -17.74
CAB CHL TE . 40.25 -35.50 -16.59
NC CHL TE . 42.52 -38.38 -20.74
C1C CHL TE . 42.96 -37.72 -19.64
C2C CHL TE . 44.43 -37.49 -19.65
C3C CHL TE . 44.90 -38.09 -20.91
C4C CHL TE . 43.64 -38.60 -21.48
CMC CHL TE . 45.26 -36.81 -18.63
OMC CHL TE . 44.77 -36.40 -17.59
CAC CHL TE . 46.29 -38.17 -21.47
CBC CHL TE . 46.48 -37.09 -22.52
ND CHL TE . 41.35 -40.01 -22.66
C1D CHL TE . 42.55 -40.15 -23.27
C2D CHL TE . 42.50 -41.18 -24.37
C3D CHL TE . 41.09 -41.58 -24.28
C4D CHL TE . 40.53 -40.89 -23.30
CMD CHL TE . 43.42 -41.78 -25.40
CAD CHL TE . 40.07 -42.49 -24.87
OBD CHL TE . 40.26 -43.30 -25.85
CBD CHL TE . 38.77 -42.28 -24.15
CGD CHL TE . 37.74 -41.78 -25.10
O1D CHL TE . 37.02 -42.56 -25.70
O2D CHL TE . 37.60 -40.36 -25.34
CED CHL TE . 37.16 -39.91 -26.61
MG CLA UE . 42.41 -28.61 -12.45
CHA CLA UE . 43.17 -27.51 -15.65
CHB CLA UE . 42.37 -25.39 -11.35
CHC CLA UE . 41.59 -29.76 -9.32
CHD CLA UE . 42.48 -31.94 -13.64
NA CLA UE . 42.72 -26.76 -13.37
C1A CLA UE . 43.03 -26.51 -14.72
C2A CLA UE . 43.18 -25.01 -14.97
C3A CLA UE . 43.00 -24.39 -13.57
C4A CLA UE . 42.67 -25.58 -12.68
CMA CLA UE . 44.25 -23.69 -13.10
CAA CLA UE . 42.13 -24.51 -15.94
CBA CLA UE . 41.11 -23.60 -15.28
CGA CLA UE . 40.02 -24.40 -14.66
O1A CLA UE . 39.48 -25.42 -15.08
O2A CLA UE . 39.61 -23.90 -13.45
NB CLA UE . 42.07 -27.74 -10.67
C1B CLA UE . 42.06 -26.41 -10.42
C2B CLA UE . 41.70 -26.16 -9.00
C3B CLA UE . 41.47 -27.38 -8.43
C4B CLA UE . 41.71 -28.41 -9.49
CMB CLA UE . 41.62 -24.81 -8.44
CAB CLA UE . 41.09 -27.74 -7.09
CBB CLA UE . 40.12 -27.16 -6.38
NC CLA UE . 42.10 -30.51 -11.65
C1C CLA UE . 41.77 -30.74 -10.33
C2C CLA UE . 41.62 -32.17 -10.11
C3C CLA UE . 41.88 -32.80 -11.33
C4C CLA UE . 42.17 -31.74 -12.29
CMC CLA UE . 41.28 -32.79 -8.83
CAC CLA UE . 41.86 -34.24 -11.59
CBC CLA UE . 40.47 -34.76 -11.91
ND CLA UE . 42.71 -29.57 -14.21
C1D CLA UE . 42.73 -30.95 -14.56
C2D CLA UE . 43.05 -31.07 -15.99
C3D CLA UE . 43.23 -29.79 -16.47
C4D CLA UE . 43.01 -28.89 -15.31
CMD CLA UE . 43.15 -32.34 -16.72
CAD CLA UE . 43.54 -28.94 -17.61
OBD CLA UE . 43.78 -29.27 -18.76
CBD CLA UE . 43.52 -27.47 -17.11
CGD CLA UE . 44.83 -26.76 -17.33
O1D CLA UE . 45.01 -25.66 -17.85
O2D CLA UE . 45.91 -27.45 -16.88
CED CLA UE . 46.97 -26.67 -16.31
MG CLA VE . 39.12 -25.53 -1.36
CHA CLA VE . 39.44 -22.14 -2.02
CHB CLA VE . 37.53 -25.96 -4.32
CHC CLA VE . 38.89 -28.90 -0.68
CHD CLA VE . 40.79 -25.04 1.72
NA CLA VE . 38.58 -24.24 -2.91
C1A CLA VE . 38.82 -22.86 -3.00
C2A CLA VE . 38.26 -22.31 -4.32
C3A CLA VE . 37.66 -23.55 -5.02
C4A CLA VE . 37.94 -24.68 -4.03
CMA CLA VE . 36.18 -23.39 -5.28
CAA CLA VE . 39.38 -21.72 -5.17
CBA CLA VE . 38.84 -21.16 -6.48
CGA CLA VE . 38.34 -19.76 -6.29
O1A CLA VE . 38.99 -18.72 -6.20
O2A CLA VE . 36.97 -19.68 -6.21
NB CLA VE . 38.39 -27.13 -2.34
C1B CLA VE . 37.70 -27.08 -3.51
C2B CLA VE . 37.13 -28.43 -3.81
C3B CLA VE . 37.50 -29.25 -2.78
C4B CLA VE . 38.32 -28.44 -1.84
CMB CLA VE . 36.31 -28.71 -4.99
CAB CLA VE . 37.22 -30.65 -2.58
CBB CLA VE . 36.56 -31.15 -1.53
NC CLA VE . 39.74 -26.74 0.23
C1C CLA VE . 39.56 -28.10 0.29
C2C CLA VE . 40.13 -28.62 1.51
C3C CLA VE . 40.65 -27.53 2.21
C4C CLA VE . 40.40 -26.35 1.39
CMC CLA VE . 40.12 -30.03 1.90
CAC CLA VE . 41.33 -27.56 3.50
CBC CLA VE . 42.80 -27.89 3.34
ND CLA VE . 39.91 -24.00 -0.32
C1D CLA VE . 40.56 -23.93 0.95
C2D CLA VE . 40.92 -22.52 1.22
C3D CLA VE . 40.53 -21.80 0.11
C4D CLA VE . 39.91 -22.76 -0.82
CMD CLA VE . 41.58 -22.06 2.44
CAD CLA VE . 40.47 -20.49 -0.50
OBD CLA VE . 40.86 -19.41 -0.08
CBD CLA VE . 39.77 -20.67 -1.88
CGD CLA VE . 38.55 -19.81 -2.00
O1D CLA VE . 37.37 -20.17 -2.03
O2D CLA VE . 38.82 -18.48 -2.08
CED CLA VE . 39.77 -18.04 -3.04
MG CLA WE . 50.86 -36.46 10.99
CHA CLA WE . 50.52 -37.56 14.28
CHB CLA WE . 48.65 -33.95 11.59
CHC CLA WE . 51.36 -35.33 7.78
CHD CLA WE . 53.13 -39.10 10.40
NA CLA WE . 49.77 -35.88 12.66
C1A CLA WE . 49.77 -36.46 13.95
C2A CLA WE . 48.81 -35.70 14.87
C3A CLA WE . 48.14 -34.66 13.94
C4A CLA WE . 48.91 -34.82 12.64
CMA CLA WE . 46.68 -34.96 13.75
CAA CLA WE . 49.59 -35.01 15.98
CBA CLA WE . 49.96 -33.58 15.64
CGA CLA WE . 51.26 -33.22 16.28
O1A CLA WE . 51.57 -33.25 17.48
O2A CLA WE . 52.21 -32.81 15.38
NB CLA WE . 50.12 -34.96 9.88
C1B CLA WE . 49.28 -33.99 10.33
C2B CLA WE . 49.09 -32.95 9.29
C3B CLA WE . 49.85 -33.33 8.20
C4B CLA WE . 50.51 -34.61 8.57
CMB CLA WE . 48.23 -31.78 9.50
CAB CLA WE . 50.07 -32.72 6.91
CBB CLA WE . 49.60 -31.55 6.47
NC CLA WE . 52.02 -37.12 9.38
C1C CLA WE . 52.07 -36.50 8.17
C2C CLA WE . 52.98 -37.22 7.28
C3C CLA WE . 53.49 -38.29 8.02
C4C CLA WE . 52.88 -38.22 9.34
CMC CLA WE . 53.28 -36.84 5.90
CAC CLA WE . 54.46 -39.31 7.56
CBC CLA WE . 53.79 -40.56 7.07
ND CLA WE . 51.66 -38.00 12.03
C1D CLA WE . 52.58 -39.02 11.66
C2D CLA WE . 52.82 -39.89 12.82
C3D CLA WE . 52.08 -39.35 13.86
C4D CLA WE . 51.37 -38.19 13.31
CMD CLA WE . 53.71 -41.05 12.83
CAD CLA WE . 51.70 -39.49 15.26
OBD CLA WE . 52.08 -40.30 16.10
CBD CLA WE . 50.68 -38.34 15.56
CGD CLA WE . 49.41 -38.94 16.11
O1D CLA WE . 49.17 -40.15 16.26
O2D CLA WE . 48.45 -38.06 16.47
CED CLA WE . 47.14 -38.58 16.73
C1 CLA WE . 53.19 -31.87 15.84
C2 CLA WE . 54.46 -32.22 15.16
C3 CLA WE . 55.54 -31.43 15.18
C4 CLA WE . 56.80 -31.81 14.49
C5 CLA WE . 55.52 -30.12 15.87
MG CHL XE . 48.67 -28.82 13.75
CHA CHL XE . 51.48 -28.05 15.56
CHB CHL XE . 49.62 -26.64 11.36
CHC CHL XE . 46.05 -29.93 11.81
CHD CHL XE . 47.59 -30.93 16.41
NA CHL XE . 50.23 -27.60 13.47
C1A CHL XE . 51.27 -27.43 14.24
C2A CHL XE . 52.29 -26.46 13.70
C3A CHL XE . 51.59 -25.90 12.50
C4A CHL XE . 50.38 -26.77 12.42
CMA CHL XE . 51.17 -24.45 12.70
CAA CHL XE . 53.60 -27.13 13.31
CBA CHL XE . 54.40 -26.22 12.40
CGA CHL XE . 55.36 -25.38 13.22
O1A CHL XE . 56.15 -24.64 12.68
O2A CHL XE . 55.34 -25.47 14.67
NB CHL XE . 47.95 -28.35 11.89
C1B CHL XE . 48.44 -27.44 11.02
C2B CHL XE . 47.73 -27.30 9.73
C3B CHL XE . 46.67 -28.31 9.89
C4B CHL XE . 46.89 -28.88 11.24
CMB CHL XE . 48.01 -26.39 8.55
CAB CHL XE . 45.62 -28.63 8.89
CBB CHL XE . 45.28 -29.88 8.64
NC CHL XE . 47.11 -30.16 14.05
C1C CHL XE . 46.15 -30.51 13.17
C2C CHL XE . 45.18 -31.49 13.68
C3C CHL XE . 45.62 -31.80 15.03
C4C CHL XE . 46.81 -30.92 15.14
CMC CHL XE . 43.99 -32.08 13.00
OMC CHL XE . 43.62 -31.69 11.91
CAC CHL XE . 45.03 -32.74 16.05
CBC CHL XE . 44.05 -31.99 16.92
ND CHL XE . 49.30 -29.43 15.60
C1D CHL XE . 48.87 -30.24 16.59
C2D CHL XE . 49.80 -30.29 17.76
C3D CHL XE . 50.84 -29.38 17.29
C4D CHL XE . 50.49 -28.95 16.08
CMD CHL XE . 49.90 -30.96 19.12
CAD CHL XE . 52.13 -28.78 17.68
OBD CHL XE . 52.76 -29.00 18.78
CBD CHL XE . 52.59 -27.90 16.57
CGD CHL XE . 52.73 -26.50 17.08
O1D CHL XE . 51.86 -25.67 16.92
O2D CHL XE . 53.94 -26.14 17.79
CED CHL XE . 54.44 -24.81 17.75
MG CHL YE . 39.62 -31.60 12.41
CHA CHL YE . 37.29 -33.41 14.11
CHB CHL YE . 39.05 -33.45 9.74
CHC CHL YE . 41.30 -29.25 10.65
CHD CHL YE . 40.97 -30.42 15.45
NA CHL YE . 38.24 -32.96 11.91
C1A CHL YE . 37.32 -33.45 12.64
C2A CHL YE . 36.23 -34.15 11.87
C3A CHL YE . 36.83 -34.20 10.48
C4A CHL YE . 38.12 -33.49 10.69
CMA CHL YE . 37.09 -35.63 10.03
CAA CHL YE . 34.93 -33.36 11.91
CBA CHL YE . 33.76 -34.23 11.44
NB CHL YE . 40.10 -31.38 10.44
C1B CHL YE . 39.79 -32.23 9.43
C2B CHL YE . 40.28 -31.84 8.09
C3B CHL YE . 40.95 -30.56 8.39
C4B CHL YE . 40.79 -30.39 9.85
CMB CHL YE . 40.12 -32.54 6.77
CAB CHL YE . 41.64 -29.71 7.40
CBB CHL YE . 41.95 -28.44 7.64
NC CHL YE . 40.91 -30.10 12.94
C1C CHL YE . 41.52 -29.24 12.11
C2C CHL YE . 42.39 -28.26 12.79
C3C CHL YE . 42.30 -28.59 14.22
C4C CHL YE . 41.36 -29.74 14.19
CMC CHL YE . 43.20 -27.17 12.20
OMC CHL YE . 43.48 -27.18 11.01
CAC CHL YE . 42.98 -27.93 15.39
CBC CHL YE . 44.34 -28.59 15.61
ND CHL YE . 39.28 -31.80 14.41
C1D CHL YE . 39.82 -31.33 15.55
C2D CHL YE . 39.11 -31.86 16.77
C3D CHL YE . 38.09 -32.70 16.12
C4D CHL YE . 38.26 -32.61 14.81
CMD CHL YE . 39.19 -31.74 18.27
CAD CHL YE . 36.96 -33.60 16.41
OBD CHL YE . 36.51 -33.92 17.57
CBD CHL YE . 36.40 -34.10 15.10
CGD CHL YE . 36.57 -35.58 15.01
O1D CHL YE . 37.62 -36.06 14.65
O2D CHL YE . 35.46 -36.45 15.34
CED CHL YE . 35.44 -37.79 14.85
MG CHL ZE . 56.17 -20.13 1.98
CHA CHL ZE . 54.84 -23.04 0.79
CHB CHL ZE . 55.82 -21.32 5.06
CHC CHL ZE . 57.99 -17.45 3.05
CHD CHL ZE . 55.61 -18.59 -1.16
NA CHL ZE . 55.71 -21.91 2.77
C1A CHL ZE . 55.34 -22.98 2.17
C2A CHL ZE . 55.47 -24.23 2.99
C3A CHL ZE . 55.74 -23.66 4.37
C4A CHL ZE . 55.77 -22.20 4.07
CMA CHL ZE . 54.61 -23.98 5.33
CAA CHL ZE . 56.61 -25.09 2.51
NB CHL ZE . 56.82 -19.48 3.80
C1B CHL ZE . 56.60 -20.07 4.99
C2B CHL ZE . 57.18 -19.39 6.17
C3B CHL ZE . 57.81 -18.24 5.55
C4B CHL ZE . 57.55 -18.38 4.09
CMB CHL ZE . 57.12 -19.77 7.63
CAB CHL ZE . 58.58 -17.18 6.25
CBB CHL ZE . 59.88 -17.09 6.07
NC CHL ZE . 56.70 -18.35 1.12
C1C CHL ZE . 57.44 -17.35 1.68
C2C CHL ZE . 57.65 -16.19 0.80
C3C CHL ZE . 56.96 -16.52 -0.46
C4C CHL ZE . 56.41 -17.86 -0.14
CMC CHL ZE . 58.40 -14.94 1.07
OMC CHL ZE . 58.86 -14.71 2.17
CAC CHL ZE . 56.83 -15.70 -1.71
CBC CHL ZE . 58.14 -15.75 -2.48
ND CHL ZE . 55.41 -20.61 0.15
C1D CHL ZE . 55.21 -19.99 -1.04
C2D CHL ZE . 54.57 -20.90 -2.06
C3D CHL ZE . 54.45 -22.12 -1.26
C4D CHL ZE . 54.93 -21.87 -0.05
CMD CHL ZE . 54.10 -20.85 -3.49
CAD CHL ZE . 53.98 -23.53 -1.32
OBD CHL ZE . 53.45 -24.10 -2.33
CBD CHL ZE . 54.22 -24.16 0.02
CGD CHL ZE . 52.92 -24.56 0.63
O1D CHL ZE . 52.06 -23.72 0.85
O2D CHL ZE . 52.65 -25.95 0.98
MG CLA AF . 45.12 -19.87 2.91
CHA CLA AF . 44.35 -19.64 -0.47
CHB CLA AF . 45.29 -16.47 3.08
CHC CLA AF . 45.65 -20.13 6.28
CHD CLA AF . 45.01 -23.40 2.65
NA CLA AF . 44.87 -18.34 1.51
C1A CLA AF . 44.54 -18.45 0.15
C2A CLA AF . 44.46 -17.07 -0.50
C3A CLA AF . 45.01 -16.14 0.59
C4A CLA AF . 45.04 -17.02 1.84
CMA CLA AF . 46.39 -15.67 0.24
CAA CLA AF . 43.01 -16.75 -0.82
CBA CLA AF . 42.32 -15.95 0.28
CGA CLA AF . 40.83 -16.15 0.26
O1A CLA AF . 40.00 -15.64 -0.49
O2A CLA AF . 40.41 -17.02 1.22
NB CLA AF . 45.49 -18.56 4.38
C1B CLA AF . 45.37 -17.21 4.28
C2B CLA AF . 45.36 -16.58 5.63
C3B CLA AF . 45.46 -17.61 6.53
C4B CLA AF . 45.54 -18.88 5.76
CMB CLA AF . 45.25 -15.14 5.84
CAB CLA AF . 45.48 -17.58 7.98
CBB CLA AF . 44.64 -16.89 8.75
NC CLA AF . 45.33 -21.48 4.21
C1C CLA AF . 45.55 -21.35 5.55
C2C CLA AF . 45.65 -22.67 6.17
C3C CLA AF . 45.46 -23.60 5.14
C4C CLA AF . 45.26 -22.84 3.91
CMC CLA AF . 45.89 -22.91 7.58
CAC CLA AF . 45.47 -25.06 5.28
CBC CLA AF . 44.16 -25.60 5.80
ND CLA AF . 44.74 -21.26 1.48
C1D CLA AF . 44.77 -22.67 1.50
C2D CLA AF . 44.48 -23.17 0.13
C3D CLA AF . 44.29 -22.05 -0.66
C4D CLA AF . 44.48 -20.88 0.22
CMD CLA AF . 44.41 -24.58 -0.24
CAD CLA AF . 44.00 -21.54 -1.99
OBD CLA AF . 43.74 -22.15 -3.02
CBD CLA AF . 44.07 -19.99 -1.91
CGD CLA AF . 45.15 -19.44 -2.80
O1D CLA AF . 46.36 -19.39 -2.58
O2D CLA AF . 44.70 -18.95 -4.00
CED CLA AF . 45.68 -18.51 -4.94
C1 CLA AF . 39.03 -16.91 1.64
C2 CLA AF . 38.52 -18.30 1.84
C3 CLA AF . 37.73 -18.65 2.86
C4 CLA AF . 37.30 -17.67 3.88
C5 CLA AF . 37.23 -20.04 3.03
C6 CLA AF . 37.05 -20.80 1.72
C7 CLA AF . 36.04 -21.92 1.89
C8 CLA AF . 36.55 -23.26 1.36
C9 CLA AF . 35.90 -23.60 0.04
C10 CLA AF . 36.30 -24.37 2.36
MG CLA BF . 57.92 -28.94 -4.71
CHA CLA BF . 60.07 -26.36 -5.55
CHB CLA BF . 58.89 -30.62 -7.48
CHC CLA BF . 56.08 -31.65 -3.64
CHD CLA BF . 56.92 -27.14 -1.87
NA CLA BF . 59.22 -28.51 -6.28
C1A CLA BF . 60.06 -27.40 -6.42
C2A CLA BF . 60.87 -27.50 -7.71
C3A CLA BF . 60.25 -28.72 -8.43
C4A CLA BF . 59.41 -29.35 -7.33
CMA CLA BF . 59.39 -28.30 -9.60
CAA CLA BF . 62.32 -27.77 -7.37
CBA CLA BF . 62.81 -29.12 -7.86
CGA CLA BF . 62.50 -30.21 -6.88
O1A CLA BF . 62.03 -30.10 -5.75
O2A CLA BF . 62.81 -31.46 -7.36
NB CLA BF . 57.66 -30.82 -5.36
C1B CLA BF . 58.06 -31.28 -6.57
C2B CLA BF . 57.42 -32.57 -6.86
C3B CLA BF . 56.63 -32.89 -5.79
C4B CLA BF . 56.76 -31.76 -4.81
CMB CLA BF . 57.65 -33.29 -8.12
CAB CLA BF . 55.76 -34.01 -5.53
CBB CLA BF . 55.95 -35.26 -5.99
NC CLA BF . 56.67 -29.28 -3.09
C1C CLA BF . 56.01 -30.46 -2.86
C2C CLA BF . 55.26 -30.38 -1.60
C3C CLA BF . 55.50 -29.10 -1.09
C4C CLA BF . 56.39 -28.43 -2.03
CMC CLA BF . 54.44 -31.42 -1.02
CAC CLA BF . 54.97 -28.56 0.16
CBC CLA BF . 55.99 -28.61 1.27
ND CLA BF . 58.15 -27.07 -3.99
C1D CLA BF . 57.75 -26.49 -2.76
C2D CLA BF . 58.38 -25.16 -2.63
C3D CLA BF . 59.28 -25.06 -3.68
C4D CLA BF . 59.13 -26.29 -4.46
CMD CLA BF . 58.09 -24.23 -1.54
CAD CLA BF . 60.24 -24.23 -4.38
OBD CLA BF . 60.55 -23.06 -4.19
CBD CLA BF . 60.89 -25.11 -5.48
CGD CLA BF . 60.96 -24.43 -6.83
O1D CLA BF . 60.21 -24.57 -7.79
O2D CLA BF . 61.99 -23.55 -6.95
CED CLA BF . 62.84 -23.69 -8.10
MG CLA CF . 51.40 -41.86 -16.74
CHA CLA CF . 53.92 -39.59 -16.03
CHB CLA CF . 52.78 -42.43 -19.80
CHC CLA CF . 48.92 -44.15 -17.37
CHD CLA CF . 49.95 -41.17 -13.58
NA CLA CF . 53.08 -41.11 -17.73
C1A CLA CF . 54.01 -40.17 -17.27
C2A CLA CF . 55.10 -39.92 -18.31
C3A CLA CF . 54.66 -40.77 -19.51
C4A CLA CF . 53.42 -41.50 -19.00
CMA CLA CF . 54.36 -39.94 -20.74
CAA CLA CF . 56.44 -40.40 -17.79
CBA CLA CF . 56.35 -41.83 -17.33
CGA CLA CF . 57.54 -42.21 -16.50
O1A CLA CF . 58.71 -41.84 -16.63
O2A CLA CF . 57.24 -43.07 -15.49
NB CLA CF . 50.94 -43.06 -18.29
C1B CLA CF . 51.63 -43.15 -19.45
C2B CLA CF . 51.00 -44.16 -20.35
C3B CLA CF . 49.91 -44.66 -19.66
C4B CLA CF . 49.85 -43.96 -18.35
CMB CLA CF . 51.51 -44.48 -21.67
CAB CLA CF . 48.93 -45.64 -20.05
CBB CLA CF . 49.21 -46.79 -20.68
NC CLA CF . 49.74 -42.53 -15.67
C1C CLA CF . 48.86 -43.47 -16.12
C2C CLA CF . 47.83 -43.71 -15.11
C3C CLA CF . 48.12 -42.87 -14.04
C4C CLA CF . 49.32 -42.13 -14.40
CMC CLA CF . 46.73 -44.66 -15.25
CAC CLA CF . 47.37 -42.75 -12.78
CBC CLA CF . 46.25 -41.74 -12.86
ND CLA CF . 51.79 -40.69 -15.14
C1D CLA CF . 51.10 -40.49 -13.92
C2D CLA CF . 51.84 -39.49 -13.11
C3D CLA CF . 52.95 -39.13 -13.86
C4D CLA CF . 52.85 -39.90 -15.12
CMD CLA CF . 51.44 -39.06 -11.77
CAD CLA CF . 54.14 -38.32 -13.93
OBD CLA CF . 54.63 -37.59 -13.08
CBD CLA CF . 54.78 -38.54 -15.34
CGD CLA CF . 54.84 -37.27 -16.13
MG CLA DF . 55.13 -40.78 -7.57
CHA CLA DF . 57.03 -40.09 -10.39
CHB CLA DF . 57.43 -39.17 -5.64
CHC CLA DF . 53.25 -41.56 -4.79
CHD CLA DF . 52.82 -42.51 -9.61
NA CLA DF . 56.92 -39.77 -7.98
C1A CLA DF . 57.55 -39.60 -9.22
C2A CLA DF . 58.85 -38.81 -9.07
C3A CLA DF . 58.94 -38.53 -7.56
C4A CLA DF . 57.67 -39.19 -7.00
CMA CLA DF . 60.19 -39.10 -6.95
CAA CLA DF . 58.82 -37.51 -9.85
NB CLA DF . 55.33 -40.46 -5.59
C1B CLA DF . 56.32 -39.76 -4.99
C2B CLA DF . 56.07 -39.67 -3.53
C3B CLA DF . 54.90 -40.34 -3.29
C4B CLA DF . 54.40 -40.84 -4.59
CMB CLA DF . 56.97 -38.97 -2.61
CAB CLA DF . 54.21 -40.54 -2.03
CBB CLA DF . 53.94 -41.74 -1.50
NC CLA DF . 53.35 -41.82 -7.27
C1C CLA DF . 52.76 -42.02 -6.05
C2C CLA DF . 51.54 -42.79 -6.21
C3C CLA DF . 51.41 -43.06 -7.57
C4C CLA DF . 52.55 -42.45 -8.23
CMC CLA DF . 50.65 -43.20 -5.12
CAC CLA DF . 50.34 -43.83 -8.23
CBC CLA DF . 50.72 -45.28 -8.43
ND CLA DF . 54.86 -41.15 -9.53
C1D CLA DF . 53.90 -41.91 -10.23
C2D CLA DF . 54.24 -41.94 -11.67
C3D CLA DF . 55.43 -41.24 -11.79
C4D CLA DF . 55.78 -40.79 -10.43
CMD CLA DF . 53.45 -42.61 -12.71
CAD CLA DF . 56.45 -40.76 -12.69
OBD CLA DF . 56.52 -40.83 -13.91
CBD CLA DF . 57.56 -40.08 -11.80
CGD CLA DF . 58.85 -40.84 -11.89
O1D CLA DF . 59.11 -41.95 -11.43
O2D CLA DF . 59.84 -40.17 -12.56
CED CLA DF . 61.13 -40.76 -12.55
MG CLA EF . 37.15 -45.18 -3.90
CHA CLA EF . 35.55 -47.96 -2.59
CHB CLA EF . 39.88 -47.08 -4.60
CHC CLA EF . 38.66 -42.41 -5.28
CHD CLA EF . 34.30 -43.24 -3.14
NA CLA EF . 37.62 -47.19 -3.62
C1A CLA EF . 36.82 -48.20 -3.08
C2A CLA EF . 37.54 -49.55 -3.08
C3A CLA EF . 38.92 -49.22 -3.67
C4A CLA EF . 38.82 -47.73 -4.01
CMA CLA EF . 40.03 -49.50 -2.70
CAA CLA EF . 36.81 -50.53 -3.96
CBA CLA EF . 36.55 -49.96 -5.35
CGA CLA EF . 35.14 -49.48 -5.47
O1A CLA EF . 34.09 -50.11 -5.32
O2A CLA EF . 35.06 -48.15 -5.77
NB CLA EF . 38.91 -44.83 -4.82
C1B CLA EF . 39.92 -45.72 -4.95
C2B CLA EF . 41.13 -45.05 -5.51
C3B CLA EF . 40.79 -43.73 -5.71
C4B CLA EF . 39.37 -43.56 -5.26
CMB CLA EF . 42.38 -45.74 -5.77
CAB CLA EF . 41.59 -42.64 -6.22
CBB CLA EF . 41.26 -41.86 -7.24
NC CLA EF . 36.58 -43.19 -4.15
C1C CLA EF . 37.35 -42.23 -4.75
C2C CLA EF . 36.62 -40.96 -4.78
C3C CLA EF . 35.39 -41.19 -4.16
C4C CLA EF . 35.38 -42.59 -3.77
CMC CLA EF . 37.13 -39.72 -5.35
CAC CLA EF . 34.32 -40.21 -3.94
CBC CLA EF . 33.16 -40.42 -4.88
ND CLA EF . 35.37 -45.44 -2.98
C1D CLA EF . 34.28 -44.57 -2.77
C2D CLA EF . 33.19 -45.32 -2.10
C3D CLA EF . 33.63 -46.63 -1.99
C4D CLA EF . 34.98 -46.65 -2.58
CMD CLA EF . 31.92 -44.73 -1.68
CAD CLA EF . 33.33 -47.96 -1.53
OBD CLA EF . 32.37 -48.37 -0.90
CBD CLA EF . 34.52 -48.87 -1.96
CGD CLA EF . 35.08 -49.68 -0.83
O1D CLA EF . 36.11 -49.47 -0.19
O2D CLA EF . 34.34 -50.78 -0.51
CED CLA EF . 35.03 -52.02 -0.35
MG CLA FF . 39.71 -52.99 -8.90
CHA CLA FF . 36.71 -51.51 -9.82
CHB CLA FF . 38.65 -55.95 -10.17
CHC CLA FF . 42.67 -54.41 -7.89
CHD CLA FF . 40.79 -49.87 -7.62
NA CLA FF . 37.96 -53.60 -9.86
C1A CLA FF . 36.82 -52.84 -10.14
C2A CLA FF . 35.76 -53.67 -10.87
C3A CLA FF . 36.42 -55.07 -10.96
C4A CLA FF . 37.78 -54.88 -10.29
CMA CLA FF . 35.59 -56.13 -10.27
CAA CLA FF . 35.49 -53.14 -12.26
CBA CLA FF . 36.79 -52.87 -13.01
NB CLA FF . 40.49 -54.84 -8.98
C1B CLA FF . 39.92 -55.91 -9.58
C2B CLA FF . 40.86 -57.07 -9.54
C3B CLA FF . 42.00 -56.64 -8.90
C4B CLA FF . 41.78 -55.21 -8.53
CMB CLA FF . 40.54 -58.37 -10.13
CAB CLA FF . 43.21 -57.36 -8.61
CBB CLA FF . 44.42 -57.02 -9.05
NC CLA FF . 41.41 -52.26 -7.93
C1C CLA FF . 42.51 -53.02 -7.62
C2C CLA FF . 43.51 -52.20 -6.95
C3C CLA FF . 42.99 -50.91 -6.88
C4C CLA FF . 41.67 -50.96 -7.50
CMC CLA FF . 44.80 -52.68 -6.46
CAC CLA FF . 43.62 -49.72 -6.29
CBC CLA FF . 42.95 -49.27 -5.02
ND CLA FF . 39.01 -51.09 -8.78
C1D CLA FF . 39.54 -49.92 -8.20
C2D CLA FF . 38.55 -48.82 -8.33
C3D CLA FF . 37.45 -49.38 -8.95
C4D CLA FF . 37.78 -50.80 -9.18
CMD CLA FF . 38.75 -47.44 -7.88
CAD CLA FF . 36.11 -49.15 -9.45
OBD CLA FF . 35.47 -48.11 -9.50
CBD CLA FF . 35.59 -50.52 -9.98
CGD CLA FF . 34.38 -50.97 -9.22
O1D CLA FF . 34.33 -51.77 -8.28
O2D CLA FF . 33.21 -50.42 -9.64
CED CLA FF . 32.36 -49.84 -8.66
MG CHL GF . 65.81 -16.25 7.06
CHA CHL GF . 68.83 -17.71 6.36
CHB CHL GF . 66.45 -16.63 10.29
CHC CHL GF . 63.04 -14.37 7.68
CHD CHL GF . 64.79 -16.73 3.70
NA CHL GF . 67.42 -16.77 8.13
C1A CHL GF . 68.56 -17.22 7.73
C2A CHL GF . 69.60 -17.26 8.81
C3A CHL GF . 68.88 -16.67 9.99
C4A CHL GF . 67.48 -16.67 9.47
CMA CHL GF . 68.98 -17.56 11.22
CAA CHL GF . 70.88 -16.49 8.49
CBA CHL GF . 70.63 -15.10 7.92
CGA CHL GF . 71.97 -14.40 7.81
O1A CHL GF . 72.52 -13.97 8.82
O2A CHL GF . 72.60 -14.23 6.52
NB CHL GF . 64.89 -15.58 8.76
C1B CHL GF . 65.25 -15.82 10.03
C2B CHL GF . 64.39 -15.23 11.09
C3B CHL GF . 63.38 -14.55 10.28
C4B CHL GF . 63.76 -14.84 8.87
CMB CHL GF . 64.53 -15.30 12.58
CAB CHL GF . 62.23 -13.78 10.82
CBB CHL GF . 61.38 -13.12 10.06
NC CHL GF . 64.21 -15.66 5.92
C1C CHL GF . 63.16 -14.90 6.31
C2C CHL GF . 62.17 -14.65 5.25
C3C CHL GF . 62.67 -15.34 4.07
C4C CHL GF . 63.93 -15.92 4.59
CMC CHL GF . 60.90 -13.86 5.33
OMC CHL GF . 60.43 -13.54 6.40
CAC CHL GF . 62.07 -15.42 2.70
CBC CHL GF . 62.27 -14.11 1.98
ND CHL GF . 66.56 -17.03 5.33
C1D CHL GF . 66.14 -17.20 4.06
C2D CHL GF . 67.16 -17.88 3.20
C3D CHL GF . 68.23 -18.06 4.18
C4D CHL GF . 67.81 -17.57 5.35
CMD CHL GF . 67.34 -18.34 1.77
CAD CHL GF . 69.61 -18.60 4.35
OBD CHL GF . 70.31 -19.15 3.43
CBD CHL GF . 70.03 -18.40 5.78
CGD CHL GF . 70.24 -19.72 6.41
O1D CHL GF . 71.15 -20.45 6.05
O2D CHL GF . 69.36 -20.19 7.46
CED CHL GF . 69.16 -21.59 7.67
C1 LMG HF . 40.05 -7.37 -7.24
O1 LMG HF . 40.51 -8.40 -6.41
C2 LMG HF . 41.01 -6.19 -6.99
O2 LMG HF . 40.68 -5.70 -5.73
C3 LMG HF . 40.66 -5.10 -8.04
O3 LMG HF . 41.62 -4.09 -7.87
C4 LMG HF . 40.77 -5.70 -9.46
O4 LMG HF . 42.07 -6.12 -9.66
C5 LMG HF . 39.84 -6.95 -9.50
O5 LMG HF . 38.67 -8.12 -11.15
C6 LMG HF . 39.95 -7.59 -10.89
O6 LMG HF . 40.24 -7.89 -8.54
C7 LMG HF . 39.61 -8.76 -5.39
C1 LMG IF . 42.71 -10.85 -6.90
O1 LMG IF . 43.91 -10.73 -6.19
C2 LMG IF . 43.09 -11.44 -8.28
O2 LMG IF . 43.77 -10.42 -8.94
C3 LMG IF . 41.76 -11.68 -9.01
O3 LMG IF . 42.12 -12.28 -10.22
C4 LMG IF . 40.88 -12.64 -8.18
O4 LMG IF . 41.53 -13.87 -8.08
C5 LMG IF . 40.73 -12.05 -6.74
O5 LMG IF . 39.02 -13.65 -6.68
C6 LMG IF . 39.98 -13.07 -5.86
O6 LMG IF . 41.99 -11.82 -6.16
C7 LMG IF . 43.78 -10.04 -4.97
C1 LUT JF . 63.32 -31.68 -1.63
C2 LUT JF . 64.14 -31.35 -2.88
C3 LUT JF . 64.40 -29.86 -3.05
C4 LUT JF . 63.15 -28.98 -2.81
C5 LUT JF . 61.87 -29.81 -2.63
C6 LUT JF . 61.99 -30.89 -1.56
C7 LUT JF . 60.77 -31.83 -1.73
C8 LUT JF . 59.89 -31.90 -0.45
C9 LUT JF . 58.81 -32.74 -0.43
C10 LUT JF . 58.49 -33.61 -1.70
C11 LUT JF . 57.63 -34.85 -1.33
C12 LUT JF . 56.49 -35.14 -2.38
C13 LUT JF . 55.41 -35.79 -2.00
C14 LUT JF . 54.26 -36.11 -3.01
C15 LUT JF . 53.18 -36.97 -2.36
C16 LUT JF . 64.13 -31.36 -0.41
C17 LUT JF . 63.05 -33.19 -1.63
C18 LUT JF . 60.71 -28.85 -2.26
C19 LUT JF . 57.91 -32.83 0.83
C20 LUT JF . 55.27 -36.26 -0.55
O3 LUT JF . 64.88 -29.62 -4.36
C21 LUT JF . 44.49 -46.63 -1.18
C22 LUT JF . 43.51 -47.23 -0.16
C23 LUT JF . 42.06 -47.18 -0.66
C24 LUT JF . 41.65 -45.77 -1.08
C25 LUT JF . 42.60 -45.21 -2.14
C26 LUT JF . 44.06 -45.24 -1.68
C27 LUT JF . 44.95 -44.80 -2.87
C28 LUT JF . 45.91 -43.64 -2.44
C29 LUT JF . 46.62 -42.89 -3.34
C30 LUT JF . 47.54 -41.76 -2.79
C31 LUT JF . 48.22 -40.91 -3.84
C32 LUT JF . 49.33 -40.10 -3.13
C33 LUT JF . 50.12 -39.22 -3.74
C34 LUT JF . 51.22 -38.47 -2.84
C35 LUT JF . 52.16 -37.62 -3.38
C36 LUT JF . 44.60 -47.56 -2.34
C37 LUT JF . 45.89 -46.52 -0.47
C38 LUT JF . 42.21 -43.74 -2.41
C39 LUT JF . 46.51 -43.17 -4.87
C40 LUT JF . 49.97 -38.94 -5.26
O23 LUT JF . 41.21 -47.61 0.38
C1 XAT KF . 43.40 -35.29 7.56
C2 XAT KF . 43.50 -36.17 8.80
C3 XAT KF . 44.75 -35.92 9.60
C4 XAT KF . 44.68 -34.46 9.93
C5 XAT KF . 45.05 -33.73 8.65
C6 XAT KF . 44.55 -34.31 7.33
C7 XAT KF . 44.35 -33.29 6.24
C8 XAT KF . 45.02 -33.40 5.09
C9 XAT KF . 44.82 -32.39 4.03
C10 XAT KF . 44.41 -32.77 2.81
C11 XAT KF . 44.17 -31.81 1.73
C12 XAT KF . 43.45 -32.23 0.69
C13 XAT KF . 43.06 -31.43 -0.48
C14 XAT KF . 42.20 -31.97 -1.35
C15 XAT KF . 41.71 -31.28 -2.52
C16 XAT KF . 42.12 -34.50 7.64
C17 XAT KF . 43.29 -36.13 6.31
C18 XAT KF . 44.79 -32.24 8.56
C19 XAT KF . 45.08 -30.95 4.33
C20 XAT KF . 43.58 -30.06 -0.72
O3 XAT KF . 44.70 -36.70 10.79
O4 XAT KF . 45.88 -34.50 7.78
C21 XAT KF . 35.28 -28.49 -13.09
C22 XAT KF . 35.27 -28.02 -14.53
C23 XAT KF . 36.04 -26.73 -14.61
C24 XAT KF . 37.49 -27.10 -14.51
C25 XAT KF . 37.83 -27.83 -13.22
C26 XAT KF . 36.68 -28.58 -12.51
C27 XAT KF . 37.13 -29.91 -11.95
C28 XAT KF . 37.30 -29.93 -10.64
C29 XAT KF . 37.72 -31.11 -9.88
C30 XAT KF . 38.11 -30.86 -8.62
C31 XAT KF . 38.58 -31.84 -7.65
C32 XAT KF . 39.10 -31.26 -6.57
C33 XAT KF . 39.64 -31.97 -5.42
C34 XAT KF . 40.24 -31.26 -4.46
C35 XAT KF . 40.80 -31.89 -3.28
C36 XAT KF . 34.61 -29.85 -13.01
C37 XAT KF . 34.45 -27.52 -12.27
C38 XAT KF . 39.13 -28.62 -13.18
C39 XAT KF . 37.73 -32.48 -10.48
C40 XAT KF . 39.51 -33.46 -5.31
O23 XAT KF . 35.82 -26.11 -15.87
O24 XAT KF . 37.27 -27.39 -11.98
C1 BCR LF . 59.90 -8.19 11.87
C2 BCR LF . 59.67 -6.71 12.09
C3 BCR LF . 58.19 -6.45 12.22
C4 BCR LF . 57.65 -7.15 13.43
C5 BCR LF . 58.12 -8.56 13.51
C6 BCR LF . 59.13 -9.05 12.81
C7 BCR LF . 59.56 -10.45 12.92
C8 BCR LF . 58.95 -11.43 12.25
C9 BCR LF . 58.99 -12.81 12.67
C10 BCR LF . 58.28 -13.72 11.99
C11 BCR LF . 58.28 -15.14 12.29
C33 BCR LF . 57.33 -9.38 14.45
C31 BCR LF . 61.39 -8.43 12.02
C32 BCR LF . 59.50 -8.49 10.44
C34 BCR LF . 59.70 -13.16 13.92
C12 BCR LF . 57.40 -15.94 11.68
C13 BCR LF . 57.51 -17.37 11.61
C14 BCR LF . 56.44 -18.08 11.22
C15 BCR LF . 56.43 -19.51 11.07
C16 BCR LF . 55.36 -20.15 10.58
C17 BCR LF . 55.50 -21.53 10.20
C18 BCR LF . 54.68 -22.23 9.41
C19 BCR LF . 54.88 -23.67 9.31
C20 BCR LF . 53.94 -24.50 8.86
C21 BCR LF . 54.15 -25.92 8.99
C22 BCR LF . 53.18 -26.85 9.03
C23 BCR LF . 53.51 -28.20 9.47
C24 BCR LF . 52.65 -29.21 9.37
C25 BCR LF . 52.90 -30.58 9.80
C26 BCR LF . 53.55 -31.45 9.02
C27 BCR LF . 53.86 -32.86 9.36
C28 BCR LF . 53.60 -33.18 10.80
C29 BCR LF . 52.33 -32.50 11.26
C30 BCR LF . 52.39 -30.99 11.13
C35 BCR LF . 58.83 -18.02 11.73
C36 BCR LF . 53.62 -21.60 8.61
C37 BCR LF . 51.85 -26.60 8.43
C38 BCR LF . 54.07 -31.09 7.69
C39 BCR LF . 51.05 -30.35 11.42
C40 BCR LF . 53.33 -30.54 12.25
O1 LHG MF . 50.74 -40.73 -24.02
C1 LHG MF . 50.07 -39.65 -23.37
C2 LHG MF . 50.20 -39.82 -21.88
O2 LHG MF . 49.14 -40.62 -21.37
C3 LHG MF . 50.17 -38.52 -21.12
O3 LHG MF . 49.06 -38.73 -20.27
P LHG MF . 49.25 -39.09 -18.71
O4 LHG MF . 49.84 -40.45 -18.65
O5 LHG MF . 49.62 -37.79 -18.07
O6 LHG MF . 47.64 -39.39 -18.39
C4 LHG MF . 47.27 -40.60 -17.82
C5 LHG MF . 46.34 -40.21 -16.67
C6 LHG MF . 46.67 -38.83 -16.12
O7 LHG MF . 45.04 -40.17 -17.21
C7 LHG MF . 44.08 -40.63 -16.36
O9 LHG MF . 44.21 -40.65 -15.15
C8 LHG MF . 43.03 -41.35 -17.12
C9 LHG MF . 41.68 -40.78 -16.76
C10 LHG MF . 40.79 -40.76 -17.98
O8 LHG MF . 46.51 -39.00 -14.70
C23 LHG MF . 46.82 -37.92 -13.92
O10 LHG MF . 47.18 -36.88 -14.44
C24 LHG MF . 46.42 -37.90 -12.45
C11 LHG MF . 39.44 -40.49 -17.39
C12 LHG MF . 38.93 -41.72 -16.71
C13 LHG MF . 38.82 -42.81 -17.74
C14 LHG MF . 39.29 -44.14 -17.19
C15 LHG MF . 38.05 -44.84 -16.67
C25 LHG MF . 44.94 -37.90 -12.18
C26 LHG MF . 44.04 -37.49 -13.34
C27 LHG MF . 42.79 -38.31 -13.12
C28 LHG MF . 41.72 -38.16 -14.16
C29 LHG MF . 40.47 -38.80 -13.58
C30 LHG MF . 39.17 -38.07 -13.82
C31 LHG MF . 37.93 -38.92 -13.90
MG CHL NF . 42.33 35.18 29.38
CHA CHL NF . 44.79 32.86 29.00
CHB CHL NF . 40.13 33.02 28.13
CHC CHL NF . 39.87 37.30 30.41
CHD CHL NF . 44.76 37.73 29.74
NA CHL NF . 42.37 33.24 28.91
C1A CHL NF . 43.38 32.44 28.94
C2A CHL NF . 43.01 30.99 28.83
C3A CHL NF . 41.54 31.07 28.48
C4A CHL NF . 41.30 32.53 28.51
CMA CHL NF . 41.27 30.56 27.07
CAA CHL NF . 43.27 30.25 30.13
CBA CHL NF . 42.57 30.90 31.32
CGA CHL NF . 41.98 29.81 32.18
O1A CHL NF . 41.00 29.17 31.80
O2A CHL NF . 42.54 29.50 33.48
NB CHL NF . 40.29 35.15 29.29
C1B CHL NF . 39.51 34.19 28.75
C2B CHL NF . 38.04 34.42 28.80
C3B CHL NF . 38.00 35.71 29.49
C4B CHL NF . 39.42 36.07 29.74
CMB CHL NF . 36.92 33.54 28.31
CAB CHL NF . 36.78 36.47 29.86
CBB CHL NF . 36.67 37.07 31.02
NC CHL NF . 42.31 37.15 29.96
C1C CHL NF . 41.23 37.87 30.34
C2C CHL NF . 41.54 39.27 30.71
C3C CHL NF . 42.98 39.41 30.51
C4C CHL NF . 43.35 38.04 30.05
CMC CHL NF . 40.61 40.33 31.16
OMC CHL NF . 39.41 40.18 31.11
CAC CHL NF . 43.87 40.60 30.71
CBC CHL NF . 44.12 41.27 29.38
ND CHL NF . 44.36 35.38 29.39
C1D CHL NF . 45.26 36.36 29.54
C2D CHL NF . 46.68 35.86 29.45
C3D CHL NF . 46.42 34.43 29.23
C4D CHL NF . 45.12 34.25 29.20
CMD CHL NF . 48.07 36.41 29.52
CAD CHL NF . 47.10 33.13 29.02
OBD CHL NF . 48.37 32.95 28.98
CBD CHL NF . 46.06 32.07 28.86
CGD CHL NF . 46.14 31.50 27.48
O1D CHL NF . 46.07 32.23 26.49
O2D CHL NF . 46.30 30.07 27.29
MG CLA OF . 31.06 42.35 28.98
CHA CLA OF . 33.05 43.27 26.31
CHB CLA OF . 28.40 43.91 27.54
CHC CLA OF . 29.12 41.37 31.64
CHD CLA OF . 33.88 40.82 30.49
NA CLA OF . 30.80 43.41 27.20
C1A CLA OF . 31.75 43.67 26.21
C2A CLA OF . 31.14 44.48 25.07
C3A CLA OF . 29.68 44.71 25.52
C4A CLA OF . 29.59 43.96 26.85
CMA CLA OF . 29.41 46.18 25.72
CAA CLA OF . 31.17 43.69 23.76
CBA CLA OF . 30.61 42.29 23.93
CGA CLA OF . 29.19 42.27 23.47
O1A CLA OF . 28.72 42.70 22.41
O2A CLA OF . 28.34 41.67 24.35
NB CLA OF . 29.12 42.59 29.48
C1B CLA OF . 28.19 43.26 28.76
C2B CLA OF . 26.89 43.23 29.48
C3B CLA OF . 27.08 42.51 30.63
C4B CLA OF . 28.51 42.10 30.66
CMB CLA OF . 25.69 43.87 28.94
CAB CLA OF . 26.16 42.18 31.68
CBB CLA OF . 24.91 41.72 31.52
NC CLA OF . 31.44 41.28 30.73
C1C CLA OF . 30.49 40.99 31.67
C2C CLA OF . 31.08 40.22 32.76
C3C CLA OF . 32.44 40.07 32.45
C4C CLA OF . 32.65 40.74 31.17
CMC CLA OF . 30.37 39.73 33.93
CAC CLA OF . 33.46 39.37 33.26
CBC CLA OF . 33.47 37.89 33.02
ND CLA OF . 33.02 42.05 28.55
C1D CLA OF . 34.07 41.42 29.26
C2D CLA OF . 35.31 41.55 28.47
C3D CLA OF . 34.98 42.24 27.33
C4D CLA OF . 33.54 42.55 27.43
CMD CLA OF . 36.61 41.00 28.88
CAD CLA OF . 35.45 42.80 26.08
OBD CLA OF . 36.57 42.77 25.58
CBD CLA OF . 34.23 43.50 25.40
CGD CLA OF . 34.42 44.97 25.17
O1D CLA OF . 34.16 45.62 24.15
O2D CLA OF . 34.91 45.66 26.24
CED CLA OF . 34.62 47.05 26.27
MG CLA PF . 19.85 42.09 33.40
CHA CLA PF . 18.87 44.08 30.73
CHB CLA PF . 21.75 40.21 31.29
CHC CLA PF . 20.92 40.25 36.09
CHD CLA PF . 17.87 44.07 35.55
NA CLA PF . 20.23 42.16 31.34
C1A CLA PF . 19.74 43.08 30.41
C2A CLA PF . 20.27 42.77 29.02
C3A CLA PF . 21.10 41.47 29.21
C4A CLA PF . 21.05 41.25 30.72
CMA CLA PF . 20.48 40.32 28.46
CAA CLA PF . 21.19 43.89 28.55
CBA CLA PF . 21.71 43.64 27.16
CGA CLA PF . 20.70 44.10 26.17
O1A CLA PF . 20.66 45.17 25.55
O2A CLA PF . 19.70 43.19 25.96
NB CLA PF . 21.13 40.56 33.65
C1B CLA PF . 21.77 39.90 32.66
C2B CLA PF . 22.50 38.72 33.22
C3B CLA PF . 22.27 38.73 34.59
C4B CLA PF . 21.39 39.90 34.87
CMB CLA PF . 23.28 37.80 32.40
CAB CLA PF . 22.72 37.84 35.62
CBB CLA PF . 22.63 36.50 35.56
NC CLA PF . 19.44 42.15 35.44
C1C CLA PF . 20.00 41.30 36.36
C2C CLA PF . 19.51 41.63 37.69
C3C CLA PF . 18.65 42.72 37.55
C4C CLA PF . 18.61 43.04 36.13
CMC CLA PF . 19.89 40.92 38.92
CAC CLA PF . 17.91 43.40 38.62
CBC CLA PF . 18.80 44.38 39.37
ND CLA PF . 18.56 43.64 33.23
C1D CLA PF . 17.82 44.38 34.20
C2D CLA PF . 17.07 45.44 33.51
C3D CLA PF . 17.43 45.37 32.18
C4D CLA PF . 18.38 44.25 32.07
CMD CLA PF . 16.14 46.36 34.15
CAD CLA PF . 17.23 45.92 30.85
OBD CLA PF . 16.46 46.78 30.46
CBD CLA PF . 18.22 45.17 29.90
CGD CLA PF . 17.53 44.63 28.67
O1D CLA PF . 17.90 44.73 27.50
O2D CLA PF . 16.38 43.97 28.94
CED CLA PF . 16.10 42.79 28.18
C1 CLA PF . 19.39 42.90 24.59
C2 CLA PF . 17.91 42.93 24.47
C3 CLA PF . 17.14 41.87 24.76
C4 CLA PF . 15.66 41.93 24.63
C5 CLA PF . 17.72 40.58 25.22
C6 CLA PF . 16.78 39.40 25.02
C7 CLA PF . 17.50 38.10 25.32
C8 CLA PF . 16.52 37.02 25.77
C9 CLA PF . 16.62 36.81 27.26
C10 CLA PF . 16.81 35.71 25.04
MG CLA QF . 21.61 48.13 52.58
CHA CLA QF . 19.99 47.07 55.46
CHB CLA QF . 18.77 47.59 50.79
CHC CLA QF . 23.26 49.19 49.76
CHD CLA QF . 24.55 48.62 54.48
NA CLA QF . 19.69 47.47 53.08
C1A CLA QF . 19.21 47.08 54.33
C2A CLA QF . 17.74 46.68 54.25
C3A CLA QF . 17.40 46.81 52.76
C4A CLA QF . 18.70 47.34 52.15
CMA CLA QF . 17.02 45.48 52.17
CAA CLA QF . 16.89 47.65 55.07
CBA CLA QF . 16.65 48.94 54.30
CGA CLA QF . 16.37 50.07 55.24
O1A CLA QF . 15.48 50.18 56.08
O2A CLA QF . 17.26 51.11 55.10
NB CLA QF . 21.12 48.36 50.65
C1B CLA QF . 19.91 48.06 50.10
C2B CLA QF . 19.95 48.30 48.63
C3B CLA QF . 21.21 48.73 48.34
C4B CLA QF . 21.98 48.80 49.61
CMB CLA QF . 18.81 48.06 47.75
CAB CLA QF . 21.78 49.11 47.07
CBB CLA QF . 22.74 48.42 46.45
NC CLA QF . 23.55 48.80 52.20
C1C CLA QF . 24.01 49.20 50.98
C2C CLA QF . 25.40 49.63 51.08
C3C CLA QF . 25.77 49.45 52.41
C4C CLA QF . 24.61 48.94 53.11
CMC CLA QF . 26.20 50.12 49.97
CAC CLA QF . 27.09 49.73 53.00
CBC CLA QF . 27.12 51.06 53.71
ND CLA QF . 22.20 47.95 54.51
C1D CLA QF . 23.44 48.17 55.16
C2D CLA QF . 23.31 47.81 56.58
C3D CLA QF . 22.01 47.37 56.75
C4D CLA QF . 21.36 47.49 55.43
CMD CLA QF . 24.38 47.90 57.57
CAD CLA QF . 21.03 46.86 57.68
OBD CLA QF . 21.14 46.60 58.88
CBD CLA QF . 19.70 46.64 56.88
CGD CLA QF . 19.25 45.21 56.92
O1D CLA QF . 18.90 44.50 55.98
O2D CLA QF . 19.26 44.66 58.17
CED CLA QF . 19.26 43.24 58.26
C1 CLA QF . 16.85 52.22 54.28
C2 CLA QF . 16.24 53.23 55.17
C3 CLA QF . 16.61 54.51 55.18
C4 CLA QF . 17.69 55.03 54.30
MG CLA RF . 14.46 49.74 49.44
CHA CLA RF . 13.96 52.52 51.49
CHB CLA RF . 15.41 51.79 46.91
CHC CLA RF . 15.12 46.98 47.52
CHD CLA RF . 13.48 47.65 52.11
NA CLA RF . 14.60 51.82 49.24
C1A CLA RF . 14.36 52.80 50.21
C2A CLA RF . 14.62 54.20 49.63
C3A CLA RF . 14.90 53.93 48.13
C4A CLA RF . 14.99 52.41 48.07
CMA CLA RF . 13.80 54.46 47.25
NB CLA RF . 15.09 49.44 47.55
C1B CLA RF . 15.53 50.40 46.71
C2B CLA RF . 16.17 49.79 45.52
C3B CLA RF . 16.10 48.44 45.68
C4B CLA RF . 15.40 48.19 46.98
CMB CLA RF . 16.75 50.57 44.42
CAB CLA RF . 16.58 47.38 44.81
CBB CLA RF . 15.87 46.34 44.38
NC CLA RF . 14.28 47.69 49.75
C1C CLA RF . 14.58 46.74 48.82
C2C CLA RF . 14.33 45.41 49.36
C3C CLA RF . 13.89 45.59 50.67
C4C CLA RF . 13.86 47.03 50.91
CMC CLA RF . 14.54 44.16 48.62
CAC CLA RF . 13.51 44.55 51.63
CBC CLA RF . 12.14 43.97 51.34
ND CLA RF . 13.82 49.96 51.34
C1D CLA RF . 13.47 49.02 52.34
C2D CLA RF . 13.11 49.73 53.57
C3D CLA RF . 13.31 51.08 53.32
C4D CLA RF . 13.74 51.17 51.91
CMD CLA RF . 12.67 49.08 54.82
CAD CLA RF . 13.24 52.43 53.84
OBD CLA RF . 12.89 52.81 54.95
CBD CLA RF . 13.67 53.40 52.70
CGD CLA RF . 12.65 54.49 52.52
O1D CLA RF . 11.64 54.67 53.21
O2D CLA RF . 12.89 55.37 51.53
CED CLA RF . 13.48 56.63 51.87
MG CHL SF . 13.88 39.56 46.45
CHA CHL SF . 12.78 36.64 47.82
CHB CHL SF . 16.84 38.21 46.03
CHC CHL SF . 14.50 42.10 44.32
CHD CHL SF . 11.31 41.34 48.04
NA CHL SF . 14.59 37.70 46.57
C1A CHL SF . 13.97 36.65 46.95
C2A CHL SF . 14.62 35.38 46.47
C3A CHL SF . 16.01 35.88 46.11
C4A CHL SF . 15.84 37.36 46.24
CMA CHL SF . 17.05 35.39 47.11
CAA CHL SF . 13.89 34.82 45.26
NB CHL SF . 15.49 40.09 45.30
C1B CHL SF . 16.65 39.43 45.23
C2B CHL SF . 17.68 40.03 44.33
C3B CHL SF . 16.94 41.20 43.81
C4B CHL SF . 15.61 41.15 44.50
CMB CHL SF . 19.07 39.56 44.01
CAB CHL SF . 17.49 42.20 42.86
CBB CHL SF . 16.91 43.36 42.64
NC CHL SF . 13.06 41.42 46.22
C1C CHL SF . 13.42 42.35 45.30
C2C CHL SF . 12.63 43.60 45.38
C3C CHL SF . 11.68 43.39 46.49
C4C CHL SF . 12.04 42.01 46.92
CMC CHL SF . 12.75 44.81 44.54
OMC CHL SF . 13.35 44.79 43.48
CAC CHL SF . 10.63 44.32 47.02
CBC CHL SF . 9.45 44.35 46.07
ND CHL SF . 12.32 39.18 47.68
C1D CHL SF . 11.34 39.90 48.27
C2D CHL SF . 10.44 39.02 49.10
C3D CHL SF . 11.07 37.71 48.89
C4D CHL SF . 12.11 37.89 48.09
CMD CHL SF . 9.22 39.16 49.98
CAD CHL SF . 10.97 36.27 49.23
OBD CHL SF . 10.08 35.73 49.99
CBD CHL SF . 12.08 35.54 48.54
CGD CHL SF . 12.98 34.92 49.57
O1D CHL SF . 13.67 35.62 50.31
O2D CHL SF . 13.05 33.47 49.72
MG CLA TF . 20.81 59.90 37.88
CHA CLA TF . 22.86 57.16 38.49
CHB CLA TF . 19.57 59.68 41.03
CHC CLA TF . 18.84 62.65 37.23
CHD CLA TF . 22.11 60.06 34.59
NA CLA TF . 21.18 58.61 39.49
C1A CLA TF . 22.07 57.53 39.56
C2A CLA TF . 22.02 56.87 40.93
C3A CLA TF . 20.93 57.66 41.68
C4A CLA TF . 20.52 58.73 40.68
CMA CLA TF . 19.77 56.77 42.07
CAA CLA TF . 23.35 57.02 41.64
CBA CLA TF . 23.80 58.47 41.66
CGA CLA TF . 25.27 58.56 41.49
O1A CLA TF . 25.98 58.03 40.63
O2A CLA TF . 25.89 59.35 42.43
NB CLA TF . 19.46 60.95 38.93
C1B CLA TF . 19.10 60.72 40.22
C2B CLA TF . 18.10 61.73 40.65
C3B CLA TF . 17.89 62.57 39.58
C4B CLA TF . 18.75 62.09 38.46
CMB CLA TF . 17.51 61.75 41.98
CAB CLA TF . 17.03 63.72 39.48
CBB CLA TF . 17.42 64.96 39.16
NC CLA TF . 20.54 61.12 36.21
C1C CLA TF . 19.68 62.20 36.17
C2C CLA TF . 19.74 62.82 34.85
C3C CLA TF . 20.66 62.09 34.10
C4C CLA TF . 21.16 61.03 34.96
CMC CLA TF . 18.96 63.99 34.44
CAC CLA TF . 21.06 62.34 32.71
CBC CLA TF . 22.38 63.06 32.60
ND CLA TF . 22.16 58.90 36.75
C1D CLA TF . 22.59 59.06 35.41
C2D CLA TF . 23.59 58.02 35.10
C3D CLA TF . 23.75 57.28 36.25
C4D CLA TF . 22.83 57.85 37.25
CMD CLA TF . 24.27 57.88 33.82
CAD CLA TF . 24.43 56.17 36.87
OBD CLA TF . 25.29 55.42 36.41
CBD CLA TF . 23.87 56.04 38.33
CGD CLA TF . 23.31 54.66 38.53
O1D CLA TF . 23.03 53.84 37.65
O2D CLA TF . 23.08 54.32 39.83
MG CLA UF . 15.74 50.32 34.84
CHA CLA UF . 17.78 49.97 32.06
CHB CLA UF . 13.63 52.29 33.05
CHC CLA UF . 13.65 50.46 37.57
CHD CLA UF . 17.98 48.29 36.69
NA CLA UF . 15.75 51.03 32.88
C1A CLA UF . 16.67 50.76 31.87
C2A CLA UF . 16.30 51.48 30.57
C3A CLA UF . 15.07 52.32 30.97
C4A CLA UF . 14.77 51.85 32.40
CMA CLA UF . 15.36 53.79 30.92
CAA CLA UF . 15.94 50.48 29.48
NB CLA UF . 13.99 51.23 35.25
C1B CLA UF . 13.25 51.95 34.36
C2B CLA UF . 11.97 52.35 34.99
C3B CLA UF . 11.97 51.84 36.27
C4B CLA UF . 13.26 51.12 36.45
CMB CLA UF . 10.95 53.14 34.31
CAB CLA UF . 10.97 51.93 37.30
NC CLA UF . 15.83 49.55 36.79
C1C CLA UF . 14.87 49.73 37.74
C2C CLA UF . 15.24 49.04 38.97
C3C CLA UF . 16.46 48.42 38.72
C4C CLA UF . 16.83 48.74 37.35
CMC CLA UF . 14.44 49.03 40.19
CAC CLA UF . 17.24 47.60 39.65
CBC CLA UF . 18.02 48.42 40.65
ND CLA UF . 17.50 49.36 34.53
C1D CLA UF . 18.32 48.57 35.38
C2D CLA UF . 19.48 48.09 34.60
C3D CLA UF . 19.32 48.59 33.32
C4D CLA UF . 18.08 49.38 33.33
CMD CLA UF . 20.54 47.25 35.14
CAD CLA UF . 19.87 48.67 31.98
OBD CLA UF . 20.89 48.18 31.53
CBD CLA UF . 18.90 49.55 31.14
CGD CLA UF . 19.60 50.72 30.52
O1D CLA UF . 19.42 51.93 30.75
O2D CLA UF . 20.56 50.38 29.62
CED CLA UF . 20.22 50.38 28.24
MG CLA VF . 32.14 56.17 38.62
CHA CLA VF . 32.12 59.13 36.81
CHB CLA VF . 35.48 55.86 38.06
CHC CLA VF . 32.17 53.41 40.65
CHD CLA VF . 28.68 56.56 39.21
NA CLA VF . 33.54 57.29 37.55
C1A CLA VF . 33.34 58.51 36.89
C2A CLA VF . 34.64 59.00 36.25
C3A CLA VF . 35.60 57.80 36.44
C4A CLA VF . 34.85 56.91 37.43
CMA CLA VF . 35.87 57.09 35.14
CAA CLA VF . 35.18 60.22 36.98
CBA CLA VF . 34.81 60.24 38.45
CGA CLA VF . 35.78 59.44 39.26
O1A CLA VF . 36.84 58.93 38.92
O2A CLA VF . 35.38 59.29 40.56
NB CLA VF . 33.55 54.85 39.20
C1B CLA VF . 34.88 54.97 38.96
C2B CLA VF . 35.63 53.99 39.78
C3B CLA VF . 34.70 53.30 40.52
C4B CLA VF . 33.36 53.83 40.15
CMB CLA VF . 37.08 53.87 39.73
CAB CLA VF . 34.86 52.22 41.47
CBB CLA VF . 35.76 51.24 41.41
NC CLA VF . 30.67 55.14 39.68
C1C CLA VF . 30.90 54.02 40.42
C2C CLA VF . 29.65 53.55 41.02
C3C CLA VF . 28.67 54.45 40.64
C4C CLA VF . 29.31 55.46 39.80
CMC CLA VF . 29.53 52.36 41.87
CAC CLA VF . 27.24 54.41 41.01
ND CLA VF . 30.68 57.45 38.08
C1D CLA VF . 29.29 57.50 38.41
C2D CLA VF . 28.70 58.70 37.77
C3D CLA VF . 29.74 59.36 37.15
C4D CLA VF . 30.95 58.54 37.39
CMD CLA VF . 27.29 59.07 37.85
CAD CLA VF . 30.15 60.50 36.34
OBD CLA VF . 29.45 61.40 35.87
CBD CLA VF . 31.68 60.41 36.15
CGD CLA VF . 32.07 60.50 34.71
O1D CLA VF . 32.58 59.62 34.01
O2D CLA VF . 31.82 61.71 34.13
MG CLA WF . 45.58 43.66 37.77
CHA CLA WF . 44.68 47.00 37.65
CHB CLA WF . 48.72 44.47 36.75
CHC CLA WF . 46.46 40.34 38.04
CHD CLA WF . 42.30 42.85 38.81
NA CLA WF . 46.52 45.46 37.28
C1A CLA WF . 45.97 46.75 37.30
C2A CLA WF . 47.02 47.78 36.87
C3A CLA WF . 48.24 46.94 36.48
C4A CLA WF . 47.81 45.52 36.87
CMA CLA WF . 48.54 47.04 35.00
CAA CLA WF . 47.37 48.71 38.03
NB CLA WF . 47.26 42.61 37.45
C1B CLA WF . 48.46 43.13 37.06
C2B CLA WF . 49.48 42.05 36.99
C3B CLA WF . 48.85 40.88 37.35
C4B CLA WF . 47.43 41.22 37.65
CMB CLA WF . 50.87 42.28 36.60
CAB CLA WF . 49.38 39.55 37.45
NC CLA WF . 44.54 41.92 38.30
C1C CLA WF . 45.10 40.67 38.33
C2C CLA WF . 44.10 39.69 38.74
C3C CLA WF . 42.92 40.40 38.97
C4C CLA WF . 43.21 41.80 38.69
CMC CLA WF . 44.34 38.26 38.88
CAC CLA WF . 41.63 39.85 39.40
ND CLA WF . 43.85 44.63 38.12
C1D CLA WF . 42.57 44.18 38.56
C2D CLA WF . 41.67 45.34 38.66
C3D CLA WF . 42.42 46.46 38.33
C4D CLA WF . 43.77 45.95 38.01
CMD CLA WF . 40.26 45.26 39.07
CAD CLA WF . 42.44 47.89 38.16
OBD CLA WF . 41.52 48.71 38.30
CBD CLA WF . 43.89 48.29 37.74
CGD CLA WF . 43.92 49.04 36.44
O1D CLA WF . 43.75 48.59 35.30
O2D CLA WF . 44.18 50.37 36.57
MG CLA XF . 39.51 48.08 44.35
CHA CLA XF . 41.68 50.12 42.58
CHB CLA XF . 37.76 50.80 45.37
CHC CLA XF . 37.42 46.00 46.11
CHD CLA XF . 41.37 45.26 43.25
NA CLA XF . 39.70 50.12 44.00
C1A CLA XF . 40.66 50.78 43.23
C2A CLA XF . 40.43 52.30 43.24
C3A CLA XF . 39.18 52.46 44.12
C4A CLA XF . 38.83 51.03 44.53
CMA CLA XF . 39.45 53.33 45.32
CAA CLA XF . 40.16 52.82 41.85
CBA CLA XF . 40.04 54.34 41.84
CGA CLA XF . 41.36 54.96 42.17
O1A CLA XF . 42.39 54.96 41.52
O2A CLA XF . 41.35 55.62 43.37
NB CLA XF . 37.86 48.34 45.46
C1B CLA XF . 37.34 49.54 45.83
C2B CLA XF . 36.29 49.35 46.85
C3B CLA XF . 36.18 47.99 47.07
C4B CLA XF . 37.18 47.33 46.20
CMB CLA XF . 35.56 50.45 47.47
CAB CLA XF . 35.32 47.28 47.97
CBB CLA XF . 34.43 46.35 47.60
NC CLA XF . 39.40 46.01 44.61
C1C CLA XF . 38.47 45.37 45.37
C2C CLA XF . 38.68 43.93 45.32
C3C CLA XF . 39.80 43.72 44.53
C4C CLA XF . 40.25 45.03 44.08
CMC CLA XF . 37.86 42.94 46.03
CAC CLA XF . 40.42 42.43 44.19
CBC CLA XF . 41.33 41.92 45.28
ND CLA XF . 41.16 47.71 43.23
C1D CLA XF . 41.81 46.51 42.85
C2D CLA XF . 42.97 46.83 42.00
C3D CLA XF . 42.98 48.21 41.88
C4D CLA XF . 41.82 48.70 42.64
CMD CLA XF . 43.90 45.86 41.45
CAD CLA XF . 43.66 49.37 41.32
OBD CLA XF . 44.68 49.42 40.64
CBD CLA XF . 42.83 50.62 41.73
CGD CLA XF . 43.68 51.61 42.49
O1D CLA XF . 43.98 51.56 43.69
O2D CLA XF . 44.14 52.64 41.74
CED CLA XF . 45.24 53.40 42.25
MG CLA YF . 32.56 30.68 44.35
CHA CLA YF . 32.19 27.98 46.51
CHB CLA YF . 35.06 31.90 46.29
CHC CLA YF . 32.97 33.25 42.10
CHD CLA YF . 29.97 29.35 42.33
NA CLA YF . 33.44 30.04 46.13
C1A CLA YF . 33.16 28.88 46.87
C2A CLA YF . 34.04 28.78 48.10
C3A CLA YF . 34.87 30.10 48.06
C4A CLA YF . 34.45 30.74 46.74
CMA CLA YF . 34.57 30.99 49.24
CAA CLA YF . 34.95 27.56 48.01
CBA CLA YF . 36.40 27.90 47.76
CGA CLA YF . 36.71 27.71 46.31
O1A CLA YF . 37.40 26.84 45.78
O2A CLA YF . 36.12 28.62 45.50
NB CLA YF . 33.74 32.30 44.25
C1B CLA YF . 34.77 32.57 45.10
C2B CLA YF . 35.57 33.72 44.58
C3B CLA YF . 34.98 34.10 43.39
C4B CLA YF . 33.81 33.21 43.17
CMB CLA YF . 36.74 34.25 45.27
CAB CLA YF . 35.37 35.15 42.49
CBB CLA YF . 34.57 36.14 42.07
NC CLA YF . 31.61 31.22 42.57
C1C CLA YF . 31.93 32.32 41.81
C2C CLA YF . 31.07 32.38 40.64
C3C CLA YF . 30.24 31.27 40.69
C4C CLA YF . 30.58 30.54 41.90
CMC CLA YF . 31.12 33.43 39.63
CAC CLA YF . 29.20 30.89 39.72
CBC CLA YF . 29.67 29.83 38.76
ND CLA YF . 31.32 29.08 44.37
C1D CLA YF . 30.31 28.65 43.48
C2D CLA YF . 29.72 27.40 43.98
C3D CLA YF . 30.39 27.10 45.15
C4D CLA YF . 31.39 28.17 45.33
CMD CLA YF . 28.62 26.68 43.33
CAD CLA YF . 30.52 26.18 46.26
OBD CLA YF . 29.87 25.17 46.53
CBD CLA YF . 31.71 26.70 47.14
CGD CLA YF . 31.34 26.87 48.58
O1D CLA YF . 30.67 27.78 49.09
O2D CLA YF . 31.81 25.88 49.40
CED CLA YF . 32.49 26.27 50.59
MG CLA ZF . 41.12 28.71 47.81
CHA CLA ZF . 40.50 26.95 44.88
CHB CLA ZF . 43.07 26.15 48.92
CHC CLA ZF . 41.84 30.55 50.61
CHD CLA ZF . 39.08 31.34 46.62
NA CLA ZF . 41.65 26.85 47.02
C1A CLA ZF . 41.30 26.31 45.79
C2A CLA ZF . 41.90 24.92 45.60
C3A CLA ZF . 42.50 24.61 46.99
C4A CLA ZF . 42.42 25.96 47.71
CMA CLA ZF . 41.68 23.58 47.70
CAA CLA ZF . 42.99 24.94 44.54
NB CLA ZF . 42.16 28.36 49.50
C1B CLA ZF . 43.04 27.35 49.67
C2B CLA ZF . 43.99 27.66 50.76
C3B CLA ZF . 43.66 28.90 51.25
C4B CLA ZF . 42.48 29.36 50.46
CMB CLA ZF . 45.08 26.75 51.16
CAB CLA ZF . 44.26 29.67 52.30
NC CLA ZF . 40.52 30.59 48.51
C1C CLA ZF . 40.92 31.14 49.70
C2C CLA ZF . 40.28 32.43 49.88
C3C CLA ZF . 39.53 32.68 48.73
C4C CLA ZF . 39.69 31.51 47.87
CMC CLA ZF . 40.46 33.29 51.05
CAC CLA ZF . 38.72 33.87 48.45
ND CLA ZF . 40.06 29.14 46.16
C1D CLA ZF . 39.25 30.25 45.79
C2D CLA ZF . 38.65 30.00 44.46
C3D CLA ZF . 39.12 28.76 44.05
C4D CLA ZF . 39.97 28.26 45.15
CMD CLA ZF . 37.77 30.93 43.75
CAD CLA ZF . 39.10 27.75 43.02
OBD CLA ZF . 38.55 27.76 41.92
CBD CLA ZF . 39.98 26.55 43.53
CGD CLA ZF . 39.18 25.27 43.56
O1D CLA ZF . 38.71 24.65 42.59
O2D CLA ZF . 38.98 24.75 44.80
MG CLA AG . 28.40 16.92 36.92
CHA CLA AG . 25.10 17.25 37.97
CHB CLA AG . 28.38 20.13 35.81
CHC CLA AG . 31.68 16.53 35.94
CHD CLA AG . 28.34 13.56 38.03
NA CLA AG . 26.96 18.43 36.91
C1A CLA AG . 25.64 18.38 37.39
C2A CLA AG . 24.94 19.72 37.19
C3A CLA AG . 25.98 20.57 36.45
C4A CLA AG . 27.21 19.67 36.38
CMA CLA AG . 25.51 20.98 35.07
CAA CLA AG . 24.57 20.35 38.51
CBA CLA AG . 23.58 21.48 38.33
CGA CLA AG . 22.38 21.22 39.18
O1A CLA AG . 22.31 20.62 40.26
O2A CLA AG . 21.23 21.74 38.65
NB CLA AG . 29.76 18.10 36.03
C1B CLA AG . 29.57 19.39 35.69
C2B CLA AG . 30.84 19.97 35.15
C3B CLA AG . 31.77 18.96 35.17
C4B CLA AG . 31.10 17.75 35.74
CMB CLA AG . 30.98 21.34 34.67
CAB CLA AG . 33.16 18.96 34.77
NC CLA AG . 29.75 15.33 36.98
C1C CLA AG . 31.05 15.39 36.53
C2C CLA AG . 31.71 14.10 36.72
C3C CLA AG . 30.77 13.26 37.31
C4C CLA AG . 29.54 14.04 37.46
CMC CLA AG . 33.10 13.81 36.35
CAC CLA AG . 30.97 11.86 37.69
ND CLA AG . 27.10 15.65 37.82
C1D CLA AG . 27.19 14.29 38.20
C2D CLA AG . 25.91 13.86 38.79
C3D CLA AG . 25.08 14.97 38.76
C4D CLA AG . 25.85 16.04 38.12
CMD CLA AG . 25.65 12.53 39.33
CAD CLA AG . 23.76 15.50 39.07
OBD CLA AG . 22.83 14.95 39.66
CBD CLA AG . 23.72 16.96 38.54
CGD CLA AG . 22.62 17.17 37.52
O1D CLA AG . 22.57 18.00 36.61
O2D CLA AG . 21.56 16.33 37.67
CED CLA AG . 21.17 15.56 36.52
C1 LUT BG . 34.09 36.35 48.91
C2 LUT BG . 33.17 35.22 49.36
C3 LUT BG . 32.71 34.38 48.18
C4 LUT BG . 31.92 35.24 47.18
C5 LUT BG . 32.62 36.53 46.73
C6 LUT BG . 33.50 37.23 47.80
C7 LUT BG . 34.66 37.97 47.08
C8 LUT BG . 34.40 39.50 46.92
C9 LUT BG . 34.78 40.14 45.77
C10 LUT BG . 34.51 41.67 45.64
C11 LUT BG . 34.14 42.10 44.19
C12 LUT BG . 33.29 43.43 44.24
C13 LUT BG . 33.85 44.59 44.01
C14 LUT BG . 32.98 45.90 44.05
C15 LUT BG . 33.85 47.16 44.17
C16 LUT BG . 35.40 35.74 48.46
C17 LUT BG . 34.35 37.24 50.13
C18 LUT BG . 33.43 36.23 45.45
C19 LUT BG . 35.46 39.35 44.62
C20 LUT BG . 35.34 44.67 43.68
O3 LUT BG . 31.86 33.35 48.66
C21 LUT BG . 33.32 60.35 44.02
C22 LUT BG . 33.98 61.54 43.32
C23 LUT BG . 33.00 62.24 42.38
C24 LUT BG . 32.42 61.26 41.35
C25 LUT BG . 31.76 60.05 42.02
C26 LUT BG . 32.70 59.36 43.02
C27 LUT BG . 31.88 58.30 43.81
C28 LUT BG . 32.39 56.84 43.50
C29 LUT BG . 31.96 55.80 44.27
C30 LUT BG . 32.47 54.37 43.95
C31 LUT BG . 32.45 53.43 45.14
C32 LUT BG . 33.25 52.15 44.81
C33 LUT BG . 32.74 50.96 45.07
C34 LUT BG . 33.60 49.63 44.70
C35 LUT BG . 32.98 48.43 44.52
C36 LUT BG . 32.26 60.86 44.94
C37 LUT BG . 34.41 59.59 44.86
C38 LUT BG . 31.36 59.04 40.94
C39 LUT BG . 30.97 56.03 45.44
C40 LUT BG . 31.34 50.82 45.68
O23 LUT BG . 33.66 63.28 41.71
C1 XAT CG . 18.78 42.72 47.17
C2 XAT CG . 18.51 42.59 48.66
C3 XAT CG . 19.83 42.48 49.40
C4 XAT CG . 20.40 43.87 49.34
C5 XAT CG . 20.95 44.01 47.94
C6 XAT CG . 20.11 43.38 46.82
C7 XAT CG . 20.14 44.18 45.54
C8 XAT CG . 20.94 43.65 44.62
C9 XAT CG . 21.13 44.22 43.28
C10 XAT CG . 21.94 43.53 42.47
C11 XAT CG . 22.25 43.90 41.10
C12 XAT CG . 22.99 42.99 40.48
C13 XAT CG . 23.42 43.08 39.09
C14 XAT CG . 24.17 42.07 38.64
C15 XAT CG . 24.63 41.98 37.26
C16 XAT CG . 17.65 43.53 46.54
C17 XAT CG . 18.80 41.34 46.56
C18 XAT CG . 21.53 45.37 47.51
C19 XAT CG . 20.43 45.47 42.86
C20 XAT CG . 22.98 44.20 38.22
O3 XAT CG . 19.63 42.05 50.74
O4 XAT CG . 21.34 42.82 47.26
C21 XAT CG . 28.42 35.89 26.93
C22 XAT CG . 29.20 35.73 25.64
C23 XAT CG . 29.18 37.05 24.91
C24 XAT CG . 30.12 37.97 25.66
C25 XAT CG . 29.63 38.25 27.08
C26 XAT CG . 28.84 37.12 27.75
C27 XAT CG . 29.26 36.91 29.18
C28 XAT CG . 28.32 37.29 30.01
C29 XAT CG . 28.37 37.21 31.46
C30 XAT CG . 27.38 37.88 32.06
C31 XAT CG . 27.12 38.00 33.48
C32 XAT CG . 26.46 39.11 33.81
C33 XAT CG . 26.04 39.40 35.18
C34 XAT CG . 25.67 40.63 35.53
C35 XAT CG . 25.21 40.84 36.90
C36 XAT CG . 28.57 34.63 27.75
C37 XAT CG . 26.95 36.05 26.59
C38 XAT CG . 30.58 38.94 28.05
C39 XAT CG . 29.44 36.45 32.17
C40 XAT CG . 25.99 38.28 36.17
O23 XAT CG . 29.67 36.84 23.58
O24 XAT CG . 28.24 38.36 27.38
O1 LHG DG . 47.31 40.37 31.42
C1 LHG DG . 48.38 40.58 32.35
C2 LHG DG . 48.06 41.78 33.20
O2 LHG DG . 47.69 41.40 34.50
C3 LHG DG . 46.92 42.62 32.66
O3 LHG DG . 45.82 41.84 33.07
P LHG DG . 44.77 42.39 34.18
O4 LHG DG . 45.23 41.88 35.49
O5 LHG DG . 44.40 43.74 33.68
O6 LHG DG . 43.56 41.34 33.79
C4 LHG DG . 42.23 41.67 34.10
C5 LHG DG . 41.77 40.53 35.01
C6 LHG DG . 40.78 41.02 36.05
O7 LHG DG . 41.09 39.62 34.18
C7 LHG DG . 41.58 38.36 34.26
O9 LHG DG . 42.64 38.09 34.79
C8 LHG DG . 40.54 37.38 33.90
C9 LHG DG . 40.95 36.00 34.36
C10 LHG DG . 41.35 35.17 33.18
O8 LHG DG . 40.05 42.05 35.38
C23 LHG DG . 38.72 41.83 35.15
O10 LHG DG . 38.25 42.05 34.06
C24 LHG DG . 37.87 41.17 36.22
C11 LHG DG . 40.05 34.53 32.78
C12 LHG DG . 39.76 33.39 33.69
C25 LHG DG . 37.07 39.97 35.76
C26 LHG DG . 36.97 38.81 36.75
C27 LHG DG . 37.48 37.62 35.96
MG CLA EG . 14.07 -48.81 -41.26
CHA CLA EG . 14.03 -47.25 -44.35
CHB CLA EG . 15.80 -46.20 -39.95
CHC CLA EG . 14.03 -50.41 -38.22
CHD CLA EG . 12.28 -51.53 -42.68
NA CLA EG . 14.78 -47.03 -42.05
C1A CLA EG . 14.65 -46.55 -43.35
C2A CLA EG . 15.32 -45.18 -43.50
C3A CLA EG . 15.97 -44.94 -42.12
C4A CLA EG . 15.49 -46.12 -41.28
CMA CLA EG . 17.46 -44.89 -42.22
CAA CLA EG . 14.27 -44.11 -43.75
CBA CLA EG . 13.05 -44.30 -42.87
CGA CLA EG . 13.17 -43.49 -41.61
O1A CLA EG . 13.22 -42.27 -41.49
O2A CLA EG . 13.21 -44.25 -40.48
NB CLA EG . 14.82 -48.41 -39.44
C1B CLA EG . 15.43 -47.25 -39.08
C2B CLA EG . 15.69 -47.25 -37.62
C3B CLA EG . 15.19 -48.44 -37.13
C4B CLA EG . 14.63 -49.18 -38.27
CMB CLA EG . 16.34 -46.14 -36.92
CAB CLA EG . 15.16 -48.95 -35.79
CBB CLA EG . 16.19 -48.93 -34.93
NC CLA EG . 13.30 -50.64 -40.58
C1C CLA EG . 13.41 -51.10 -39.29
C2C CLA EG . 12.77 -52.40 -39.17
C3C CLA EG . 12.26 -52.71 -40.43
C4C CLA EG . 12.60 -51.60 -41.31
CMC CLA EG . 12.70 -53.17 -37.94
CAC CLA EG . 11.53 -53.93 -40.80
CBC CLA EG . 10.04 -53.69 -40.88
ND CLA EG . 13.27 -49.31 -43.05
C1D CLA EG . 12.59 -50.48 -43.51
C2D CLA EG . 12.29 -50.32 -44.94
C3D CLA EG . 12.82 -49.10 -45.32
C4D CLA EG . 13.42 -48.52 -44.10
CMD CLA EG . 11.59 -51.31 -45.75
CAD CLA EG . 13.02 -48.16 -46.40
OBD CLA EG . 12.65 -48.22 -47.56
CBD CLA EG . 13.83 -46.95 -45.82
CGD CLA EG . 15.12 -46.81 -46.56
O1D CLA EG . 15.28 -46.54 -47.76
O2D CLA EG . 16.25 -46.99 -45.80
CED CLA EG . 17.48 -47.19 -46.48
C1 CLA EG . 13.16 -43.54 -39.22
C2 CLA EG . 12.87 -44.56 -38.17
C3 CLA EG . 12.82 -44.27 -36.85
C4 CLA EG . 13.05 -42.92 -36.33
C5 CLA EG . 12.52 -45.34 -35.86
C6 CLA EG . 11.29 -45.00 -35.02
C7 CLA EG . 10.74 -46.22 -34.32
C8 CLA EG . 9.31 -45.98 -33.84
C9 CLA EG . 9.28 -45.72 -32.35
C10 CLA EG . 8.40 -47.15 -34.21
C11 CLA EG . 8.31 -48.20 -33.13
C12 CLA EG . 7.05 -49.04 -33.27
C13 CLA EG . 7.08 -50.24 -32.34
C14 CLA EG . 5.69 -50.85 -32.23
C15 CLA EG . 7.59 -49.87 -30.95
MG CLA FG . 16.78 -48.62 -29.64
CHA CLA FG . 18.37 -45.62 -30.37
CHB CLA FG . 14.32 -47.85 -31.85
CHC CLA FG . 15.26 -51.60 -28.89
CHD CLA FG . 19.30 -49.31 -27.25
NA CLA FG . 16.44 -47.00 -30.92
C1A CLA FG . 17.23 -45.86 -31.10
C2A CLA FG . 16.62 -44.92 -32.14
C3A CLA FG . 15.36 -45.69 -32.63
C4A CLA FG . 15.36 -46.95 -31.76
CMA CLA FG . 14.11 -44.88 -32.42
CAA CLA FG . 17.56 -44.71 -33.31
CBA CLA FG . 17.86 -43.24 -33.54
CGA CLA FG . 16.73 -42.63 -34.29
O1A CLA FG . 16.03 -43.12 -35.16
O2A CLA FG . 16.51 -41.32 -33.93
NB CLA FG . 15.18 -49.60 -30.35
C1B CLA FG . 14.20 -49.03 -31.10
C2B CLA FG . 12.93 -49.81 -30.99
C3B CLA FG . 13.19 -50.87 -30.17
C4B CLA FG . 14.62 -50.76 -29.74
CMB CLA FG . 11.70 -49.43 -31.67
CAB CLA FG . 12.32 -51.92 -29.72
CBB CLA FG . 11.97 -52.15 -28.46
NC CLA FG . 17.24 -50.19 -28.35
C1C CLA FG . 16.49 -51.34 -28.24
C2C CLA FG . 17.13 -52.24 -27.29
C3C CLA FG . 18.24 -51.58 -26.77
C4C CLA FG . 18.30 -50.29 -27.45
CMC CLA FG . 16.62 -53.57 -26.94
CAC CLA FG . 19.18 -52.09 -25.78
CBC CLA FG . 20.32 -52.86 -26.40
ND CLA FG . 18.42 -47.71 -28.89
C1D CLA FG . 19.36 -48.10 -27.91
C2D CLA FG . 20.36 -47.03 -27.75
C3D CLA FG . 20.04 -46.06 -28.69
C4D CLA FG . 18.83 -46.54 -29.38
CMD CLA FG . 21.46 -47.04 -26.79
CAD CLA FG . 20.37 -44.76 -29.23
OBD CLA FG . 21.27 -43.99 -28.92
CBD CLA FG . 19.34 -44.47 -30.36
CGD CLA FG . 18.66 -43.14 -30.14
O1D CLA FG . 17.64 -42.93 -29.48
O2D CLA FG . 19.28 -42.10 -30.75
CED CLA FG . 19.87 -41.09 -29.92
C1 CLA FG . 16.06 -41.10 -32.58
C2 CLA FG . 15.53 -39.71 -32.55
C3 CLA FG . 15.07 -39.12 -31.43
C4 CLA FG . 14.55 -37.73 -31.45
C5 CLA FG . 15.07 -39.82 -30.11
C6 CLA FG . 15.80 -39.05 -29.05
C7 CLA FG . 15.43 -39.54 -27.66
C8 CLA FG . 16.26 -38.85 -26.58
C9 CLA FG . 17.74 -39.10 -26.80
C10 CLA FG . 15.85 -39.34 -25.19
MG CLA GG . 25.59 -64.60 -24.37
CHA CLA GG . 25.68 -66.44 -21.43
CHB CLA GG . 25.23 -61.74 -22.55
CHC CLA GG . 25.61 -62.80 -27.29
CHD CLA GG . 25.99 -67.59 -26.21
NA CLA GG . 25.46 -64.19 -22.32
C1A CLA GG . 25.53 -65.09 -21.25
C2A CLA GG . 25.40 -64.38 -19.91
C3A CLA GG . 25.15 -62.91 -20.31
C4A CLA GG . 25.29 -62.92 -21.84
CMA CLA GG . 23.76 -62.46 -19.90
CAA CLA GG . 26.69 -64.48 -19.12
CBA CLA GG . 27.90 -64.23 -20.00
CGA CLA GG . 29.17 -64.51 -19.26
O1A CLA GG . 29.32 -65.16 -18.22
O2A CLA GG . 30.27 -63.98 -19.87
NB CLA GG . 25.43 -62.64 -24.83
C1B CLA GG . 25.33 -61.63 -23.95
C2B CLA GG . 25.34 -60.32 -24.68
C3B CLA GG . 25.44 -60.61 -26.01
C4B CLA GG . 25.50 -62.10 -26.14
CMB CLA GG . 25.26 -59.03 -24.00
CAB CLA GG . 25.50 -59.73 -27.14
NC CLA GG . 25.75 -65.11 -26.37
C1C CLA GG . 25.73 -64.22 -27.41
C2C CLA GG . 25.87 -64.91 -28.68
C3C CLA GG . 25.99 -66.27 -28.37
C4C CLA GG . 25.91 -66.39 -26.93
CMC CLA GG . 25.88 -64.26 -29.99
CAC CLA GG . 26.15 -67.38 -29.33
ND CLA GG . 25.76 -66.58 -23.98
C1D CLA GG . 25.92 -67.70 -24.83
C2D CLA GG . 26.00 -68.93 -24.00
C3D CLA GG . 25.90 -68.50 -22.68
C4D CLA GG . 25.77 -67.03 -22.73
CMD CLA GG . 26.15 -70.28 -24.52
CAD CLA GG . 25.87 -68.89 -21.28
OBD CLA GG . 25.92 -70.01 -20.79
CBD CLA GG . 25.75 -67.58 -20.44
CGD CLA GG . 24.56 -67.59 -19.54
O1D CLA GG . 23.43 -68.03 -19.78
O2D CLA GG . 24.78 -67.03 -18.31
MG CLA HG . 27.94 -58.67 -19.76
CHA CLA HG . 31.16 -59.84 -19.32
CHB CLA HG . 29.06 -56.51 -22.14
CHC CLA HG . 24.71 -57.57 -20.20
CHD CLA HG . 26.82 -60.92 -17.28
NA CLA HG . 29.82 -58.27 -20.58
C1A CLA HG . 31.05 -58.87 -20.26
C2A CLA HG . 32.18 -58.26 -21.09
C3A CLA HG . 31.48 -57.14 -21.91
C4A CLA HG . 30.00 -57.31 -21.54
CMA CLA HG . 31.99 -55.77 -21.55
CAA CLA HG . 32.79 -59.30 -22.01
CBA CLA HG . 33.81 -58.70 -22.95
NB CLA HG . 27.06 -57.26 -20.91
C1B CLA HG . 27.67 -56.56 -21.89
C2B CLA HG . 26.66 -55.78 -22.66
C3B CLA HG . 25.43 -56.07 -22.12
C4B CLA HG . 25.67 -57.02 -21.00
CMB CLA HG . 27.02 -54.92 -23.78
CAB CLA HG . 24.12 -55.63 -22.48
CBB CLA HG . 23.61 -55.62 -23.72
NC CLA HG . 26.11 -59.14 -18.88
C1C CLA HG . 24.91 -58.56 -19.20
C2C CLA HG . 23.85 -59.11 -18.38
C3C CLA HG . 24.44 -60.08 -17.56
C4C CLA HG . 25.86 -60.10 -17.88
CMC CLA HG . 22.45 -58.71 -18.44
CAC CLA HG . 23.77 -60.91 -16.56
CBC CLA HG . 23.81 -60.29 -15.18
ND CLA HG . 28.73 -60.10 -18.58
C1D CLA HG . 28.16 -60.94 -17.59
C2D CLA HG . 29.23 -61.77 -17.00
C3D CLA HG . 30.40 -61.40 -17.63
C4D CLA HG . 30.04 -60.34 -18.59
CMD CLA HG . 29.03 -62.79 -15.97
CAD CLA HG . 31.84 -61.61 -17.72
OBD CLA HG . 32.54 -62.40 -17.12
CBD CLA HG . 32.37 -60.61 -18.80
CGD CLA HG . 33.40 -59.67 -18.22
O1D CLA HG . 33.43 -59.19 -17.08
O2D CLA HG . 34.39 -59.34 -19.10
MG CLA IG . 17.59 -54.58 -15.96
CHA CLA IG . 21.04 -54.51 -16.26
CHB CLA IG . 17.88 -54.57 -12.58
CHC CLA IG . 14.16 -54.55 -15.71
CHD CLA IG . 17.32 -54.62 -19.49
NA CLA IG . 19.22 -54.56 -14.66
C1A CLA IG . 20.58 -54.53 -14.98
C2A CLA IG . 21.44 -54.52 -13.72
C3A CLA IG . 20.41 -54.67 -12.57
C4A CLA IG . 19.06 -54.58 -13.29
CMA CLA IG . 20.55 -55.98 -11.85
CAA CLA IG . 22.21 -53.22 -13.58
CBA CLA IG . 21.33 -52.08 -13.13
NB CLA IG . 16.27 -54.61 -14.43
C1B CLA IG . 16.59 -54.50 -13.12
C2B CLA IG . 15.36 -54.34 -12.30
C3B CLA IG . 14.30 -54.32 -13.18
C4B CLA IG . 14.86 -54.51 -14.55
CMB CLA IG . 15.37 -54.19 -10.85
CAB CLA IG . 12.90 -54.18 -12.94
NC CLA IG . 16.03 -54.60 -17.34
C1C CLA IG . 14.70 -54.60 -17.03
C2C CLA IG . 13.90 -54.63 -18.23
C3C CLA IG . 14.78 -54.64 -19.31
C4C CLA IG . 16.13 -54.62 -18.74
CMC CLA IG . 12.43 -54.64 -18.27
CAC CLA IG . 14.45 -54.67 -20.74
CBC CLA IG . 14.30 -56.08 -21.24
ND CLA IG . 18.83 -54.56 -17.55
C1D CLA IG . 18.59 -54.59 -18.95
C2D CLA IG . 19.89 -54.58 -19.66
C3D CLA IG . 20.87 -54.54 -18.68
C4D CLA IG . 20.15 -54.54 -17.39
CMD CLA IG . 20.04 -54.59 -21.12
CAD CLA IG . 22.29 -54.51 -18.40
OBD CLA IG . 23.23 -54.48 -19.17
CBD CLA IG . 22.44 -54.50 -16.84
CGD CLA IG . 23.25 -55.68 -16.36
O1D CLA IG . 22.84 -56.72 -15.85
O2D CLA IG . 24.60 -55.53 -16.53
MG CHL JG . 34.49 -50.28 -32.13
CHA CHL JG . 31.82 -52.08 -33.28
CHB CHL JG . 34.46 -52.09 -29.33
CHC CHL JG . 37.47 -48.84 -31.32
CHD CHL JG . 33.95 -47.87 -34.66
NA CHL JG . 33.52 -51.93 -31.51
C1A CHL JG . 32.60 -52.57 -32.13
C2A CHL JG . 32.34 -53.94 -31.57
C3A CHL JG . 33.13 -53.91 -30.28
C4A CHL JG . 33.76 -52.56 -30.36
CMA CHL JG . 32.22 -53.97 -29.05
CAA CHL JG . 32.87 -55.01 -32.51
NB CHL JG . 35.78 -50.45 -30.55
C1B CHL JG . 35.64 -51.23 -29.46
C2B CHL JG . 36.73 -51.14 -28.45
C3B CHL JG . 37.62 -50.17 -29.08
C4B CHL JG . 36.94 -49.79 -30.34
CMB CHL JG . 36.89 -51.88 -27.15
CAB CHL JG . 38.90 -49.67 -28.50
CBB CHL JG . 39.42 -48.50 -28.81
NC CHL JG . 35.52 -48.66 -32.85
C1C CHL JG . 36.71 -48.20 -32.41
C2C CHL JG . 37.22 -47.02 -33.13
C3C CHL JG . 36.18 -46.72 -34.12
C4C CHL JG . 35.20 -47.79 -33.86
CMC CHL JG . 38.47 -46.28 -32.90
CAC CHL JG . 36.12 -45.64 -35.16
CBC CHL JG . 36.68 -46.23 -36.43
ND CHL JG . 33.21 -49.95 -33.68
C1D CHL JG . 33.04 -49.01 -34.64
C2D CHL JG . 31.87 -49.32 -35.54
C3D CHL JG . 31.41 -50.57 -34.94
C4D CHL JG . 32.21 -50.85 -33.92
CMD CHL JG . 31.16 -48.72 -36.73
CAD CHL JG . 30.40 -51.64 -35.07
OBD CHL JG . 29.47 -51.67 -35.95
CBD CHL JG . 30.62 -52.65 -33.99
CGD CHL JG . 29.42 -52.66 -33.10
O1D CHL JG . 28.96 -51.62 -32.68
O2D CHL JG . 28.79 -53.92 -32.72
MG CLA KG . 25.61 -46.77 -27.02
CHA CLA KG . 24.21 -45.40 -29.88
CHB CLA KG . 27.38 -43.92 -26.54
CHC CLA KG . 26.69 -48.03 -24.03
CHD CLA KG . 23.71 -49.70 -27.57
NA CLA KG . 25.80 -44.99 -28.09
C1A CLA KG . 25.11 -44.59 -29.24
C2A CLA KG . 25.53 -43.20 -29.68
C3A CLA KG . 26.73 -42.88 -28.74
C4A CLA KG . 26.64 -43.99 -27.70
CMA CLA KG . 28.02 -42.94 -29.49
CAA CLA KG . 24.42 -42.20 -29.47
CBA CLA KG . 23.79 -42.37 -28.10
CGA CLA KG . 23.00 -41.15 -27.71
O1A CLA KG . 22.16 -41.05 -26.81
O2A CLA KG . 23.28 -40.06 -28.47
NB CLA KG . 26.80 -46.10 -25.56
C1B CLA KG . 27.41 -44.89 -25.52
C2B CLA KG . 28.15 -44.73 -24.24
C3B CLA KG . 27.96 -45.89 -23.52
C4B CLA KG . 27.11 -46.78 -24.36
CMB CLA KG . 28.93 -43.53 -23.93
CAB CLA KG . 28.45 -46.29 -22.22
CBB CLA KG . 28.71 -45.50 -21.19
NC CLA KG . 25.31 -48.57 -26.03
C1C CLA KG . 25.87 -48.88 -24.81
C2C CLA KG . 25.44 -50.21 -24.40
C3C CLA KG . 24.58 -50.69 -25.38
C4C CLA KG . 24.50 -49.65 -26.40
CMC CLA KG . 25.86 -50.87 -23.15
CAC CLA KG . 23.88 -51.97 -25.41
CBC CLA KG . 24.74 -53.09 -25.93
ND CLA KG . 24.38 -47.52 -28.46
C1D CLA KG . 23.64 -48.72 -28.53
C2D CLA KG . 22.79 -48.69 -29.75
C3D CLA KG . 22.96 -47.44 -30.29
C4D CLA KG . 23.94 -46.74 -29.45
CMD CLA KG . 21.94 -49.79 -30.18
CAD CLA KG . 22.61 -46.53 -31.37
OBD CLA KG . 21.87 -46.71 -32.34
CBD CLA KG . 23.33 -45.17 -31.11
CGD CLA KG . 24.10 -44.68 -32.29
O1D CLA KG . 25.32 -44.51 -32.39
O2D CLA KG . 23.35 -44.41 -33.39
CED CLA KG . 24.06 -43.99 -34.55
MG CLA LG . 29.15 -56.57 -40.75
CHA CLA LG . 31.80 -54.72 -42.00
CHB CLA LG . 28.40 -57.61 -43.89
CHC CLA LG . 26.71 -58.59 -39.42
CHD CLA LG . 30.03 -55.53 -37.48
NA CLA LG . 29.95 -56.17 -42.63
C1A CLA LG . 31.08 -55.39 -42.94
C2A CLA LG . 31.33 -55.38 -44.45
C3A CLA LG . 30.10 -56.12 -45.02
C4A CLA LG . 29.42 -56.69 -43.78
CMA CLA LG . 29.18 -55.15 -45.73
CAA CLA LG . 32.60 -56.13 -44.78
NB CLA LG . 27.83 -57.87 -41.51
C1B CLA LG . 27.69 -58.18 -42.83
C2B CLA LG . 26.62 -59.20 -43.00
C3B CLA LG . 26.14 -59.49 -41.73
C4B CLA LG . 26.89 -58.63 -40.78
CMB CLA LG . 26.22 -59.72 -44.30
CAB CLA LG . 25.10 -60.38 -41.30
CBB CLA LG . 24.80 -61.56 -41.84
NC CLA LG . 28.45 -56.93 -38.81
C1C CLA LG . 27.43 -57.79 -38.51
C2C CLA LG . 27.22 -57.80 -37.06
C3C CLA LG . 28.17 -56.96 -36.51
C4C CLA LG . 28.96 -56.42 -37.61
CMC CLA LG . 26.19 -58.59 -36.37
CAC CLA LG . 28.35 -56.64 -35.08
CBC CLA LG . 29.47 -57.45 -34.47
ND CLA LG . 30.46 -55.29 -39.89
C1D CLA LG . 30.75 -54.99 -38.53
C2D CLA LG . 31.91 -54.06 -38.48
C3D CLA LG . 32.34 -53.91 -39.78
C4D CLA LG . 31.43 -54.73 -40.61
CMD CLA LG . 32.45 -53.48 -37.24
CAD CLA LG . 33.29 -53.27 -40.67
OBD CLA LG . 34.14 -52.43 -40.42
CBD CLA LG . 33.04 -53.86 -42.09
CGD CLA LG . 32.91 -52.79 -43.14
O1D CLA LG . 31.89 -52.46 -43.75
O2D CLA LG . 34.07 -52.14 -43.43
CED CLA LG . 34.48 -52.10 -44.80
MG CLA MG . 14.44 -62.10 -50.25
CHA CLA MG . 15.41 -61.60 -46.95
CHB CLA MG . 17.57 -61.32 -51.30
CHC CLA MG . 13.38 -62.52 -53.49
CHD CLA MG . 11.19 -62.94 -49.11
NA CLA MG . 16.20 -61.55 -49.26
C1A CLA MG . 16.41 -61.39 -47.87
C2A CLA MG . 17.86 -60.96 -47.61
C3A CLA MG . 18.53 -61.05 -49.00
C4A CLA MG . 17.36 -61.31 -49.94
CMA CLA MG . 19.30 -59.81 -49.38
CAA CLA MG . 18.60 -61.82 -46.60
NB CLA MG . 15.33 -62.01 -52.05
C1B CLA MG . 16.58 -61.56 -52.27
C2B CLA MG . 16.81 -61.36 -53.73
C3B CLA MG . 15.63 -61.70 -54.35
C4B CLA MG . 14.67 -62.12 -53.29
CMB CLA MG . 18.06 -60.89 -54.30
CAB CLA MG . 15.29 -61.67 -55.76
CBB CLA MG . 14.29 -60.96 -56.30
NC CLA MG . 12.62 -62.65 -51.12
C1C CLA MG . 12.42 -62.77 -52.47
C2C CLA MG . 11.05 -63.17 -52.74
C3C CLA MG . 10.42 -63.28 -51.49
C4C CLA MG . 11.41 -62.95 -50.49
CMC CLA MG . 10.47 -63.39 -54.07
CAC CLA MG . 9.01 -63.66 -51.24
CBC CLA MG . 8.12 -62.45 -51.12
ND CLA MG . 13.45 -62.20 -48.49
C1D CLA MG . 12.12 -62.59 -48.15
C2D CLA MG . 11.96 -62.55 -46.69
C3D CLA MG . 13.17 -62.17 -46.17
C4D CLA MG . 14.08 -61.98 -47.33
CMD CLA MG . 10.71 -62.85 -45.98
CAD CLA MG . 13.92 -61.87 -44.98
OBD CLA MG . 13.56 -61.87 -43.81
CBD CLA MG . 15.39 -61.56 -45.43
CGD CLA MG . 15.87 -60.25 -44.86
O1D CLA MG . 15.30 -59.16 -44.90
O2D CLA MG . 17.07 -60.35 -44.25
MG CLA NG . 21.08 -65.34 -43.05
CHA CLA NG . 22.17 -64.63 -46.27
CHB CLA NG . 24.27 -65.10 -41.91
CHC CLA NG . 19.96 -66.19 -39.91
CHD CLA NG . 17.77 -65.63 -44.28
NA CLA NG . 22.90 -64.90 -43.96
C1A CLA NG . 23.16 -64.63 -45.31
C2A CLA NG . 24.64 -64.36 -45.55
C3A CLA NG . 25.26 -64.45 -44.13
C4A CLA NG . 24.08 -64.84 -43.25
CMA CLA NG . 26.36 -65.49 -44.06
CAA CLA NG . 24.87 -62.96 -46.11
CBA CLA NG . 26.30 -62.76 -46.55
CGA CLA NG . 26.55 -63.48 -47.84
NB CLA NG . 21.95 -65.56 -41.24
C1B CLA NG . 23.27 -65.47 -40.99
C2B CLA NG . 23.55 -65.85 -39.58
C3B CLA NG . 22.34 -66.17 -39.01
C4B CLA NG . 21.30 -65.99 -40.05
CMB CLA NG . 24.89 -65.86 -38.99
CAB CLA NG . 22.08 -66.61 -37.66
CBB CLA NG . 21.13 -66.15 -36.85
NC CLA NG . 19.19 -65.78 -42.24
C1C CLA NG . 18.97 -66.08 -40.93
C2C CLA NG . 17.56 -66.33 -40.71
C3C CLA NG . 16.93 -66.18 -41.96
C4C CLA NG . 17.97 -65.84 -42.91
CMC CLA NG . 16.95 -66.68 -39.43
CAC CLA NG . 15.49 -66.33 -42.25
CBC CLA NG . 15.06 -67.77 -42.36
ND CLA NG . 20.12 -65.14 -44.81
C1D CLA NG . 18.76 -65.32 -45.19
C2D CLA NG . 18.63 -65.11 -46.64
C3D CLA NG . 19.91 -64.83 -47.11
C4D CLA NG . 20.80 -64.88 -45.93
CMD CLA NG . 17.38 -65.18 -47.39
CAD CLA NG . 20.72 -64.51 -48.27
OBD CLA NG . 20.39 -64.31 -49.43
CBD CLA NG . 22.20 -64.43 -47.77
CGD CLA NG . 23.05 -65.46 -48.44
O1D CLA NG . 23.76 -66.31 -47.90
O2D CLA NG . 23.01 -65.42 -49.80
CED CLA NG . 22.55 -66.57 -50.49
MG CLA OG . 5.66 -64.39 -32.59
CHA CLA OG . 3.80 -66.83 -30.98
CHB CLA OG . 7.02 -66.76 -34.62
CHC CLA OG . 7.42 -61.93 -34.21
CHD CLA OG . 4.15 -61.94 -30.54
NA CLA OG . 5.43 -66.46 -32.75
C1A CLA OG . 4.60 -67.30 -32.00
C2A CLA OG . 4.73 -68.76 -32.45
C3A CLA OG . 5.78 -68.69 -33.59
C4A CLA OG . 6.11 -67.20 -33.68
CMA CLA OG . 7.00 -69.51 -33.28
CAA CLA OG . 3.41 -69.28 -32.97
CBA CLA OG . 2.98 -68.60 -34.26
CGA CLA OG . 2.04 -67.48 -33.96
O1A CLA OG . 1.23 -67.38 -33.03
O2A CLA OG . 2.12 -66.46 -34.85
NB CLA OG . 6.94 -64.34 -34.15
C1B CLA OG . 7.43 -65.42 -34.80
C2B CLA OG . 8.50 -65.01 -35.74
C3B CLA OG . 8.62 -63.64 -35.65
C4B CLA OG . 7.63 -63.21 -34.62
CMB CLA OG . 9.23 -65.95 -36.60
CAB CLA OG . 9.50 -62.75 -36.34
CBB CLA OG . 9.11 -61.70 -37.06
NC CLA OG . 5.77 -62.32 -32.39
C1C CLA OG . 6.55 -61.51 -33.16
C2C CLA OG . 6.38 -60.11 -32.78
C3C CLA OG . 5.45 -60.11 -31.73
C4C CLA OG . 5.06 -61.50 -31.50
CMC CLA OG . 7.06 -58.98 -33.39
CAC CLA OG . 4.94 -58.93 -31.03
CBC CLA OG . 3.67 -58.39 -31.64
ND CLA OG . 4.37 -64.34 -31.05
C1D CLA OG . 3.82 -63.27 -30.30
C2D CLA OG . 2.87 -63.82 -29.30
C3D CLA OG . 2.86 -65.18 -29.50
C4D CLA OG . 3.77 -65.46 -30.62
CMD CLA OG . 2.16 -63.01 -28.33
CAD CLA OG . 2.32 -66.46 -29.06
OBD CLA OG . 1.59 -66.72 -28.10
CBD CLA OG . 2.84 -67.54 -30.06
CGD CLA OG . 3.47 -68.72 -29.36
O1D CLA OG . 4.63 -69.11 -29.43
O2D CLA OG . 2.60 -69.42 -28.58
C1 CLA OG . 1.62 -65.17 -34.42
C2 CLA OG . 2.38 -64.14 -35.16
C3 CLA OG . 2.53 -62.90 -34.68
C4 CLA OG . 1.95 -62.48 -33.38
C5 CLA OG . 3.30 -61.86 -35.43
C6 CLA OG . 4.46 -62.45 -36.22
C7 CLA OG . 4.64 -61.74 -37.56
C8 CLA OG . 4.67 -60.21 -37.40
C9 CLA OG . 3.68 -59.57 -38.34
C10 CLA OG . 6.08 -59.68 -37.67
MG CLA PG . 2.70 -72.11 -38.45
CHA CLA PG . 0.26 -69.66 -38.13
CHB CLA PG . 0.29 -74.46 -38.92
CHC CLA PG . 5.16 -74.49 -38.71
CHD CLA PG . 5.17 -69.64 -37.91
NA CLA PG . 0.61 -72.04 -38.54
C1A CLA PG . -0.22 -70.93 -38.38
C2A CLA PG . -1.69 -71.32 -38.52
C3A CLA PG . -1.64 -72.83 -38.82
C4A CLA PG . -0.14 -73.15 -38.76
CMA CLA PG . -2.44 -73.63 -37.82
CAA CLA PG . -2.36 -70.59 -39.68
NB CLA PG . 2.73 -74.09 -38.79
C1B CLA PG . 1.62 -74.89 -38.89
C2B CLA PG . 2.04 -76.32 -38.95
C3B CLA PG . 3.41 -76.33 -38.89
C4B CLA PG . 3.87 -74.91 -38.79
CMB CLA PG . 1.10 -77.43 -39.05
CAB CLA PG . 4.32 -77.45 -38.91
CBB CLA PG . 5.26 -77.66 -39.84
NC CLA PG . 4.79 -72.06 -38.35
C1C CLA PG . 5.60 -73.16 -38.51
C2C CLA PG . 7.00 -72.75 -38.40
C3C CLA PG . 7.00 -71.39 -38.15
C4C CLA PG . 5.61 -70.96 -38.11
CMC CLA PG . 8.14 -73.66 -38.54
CAC CLA PG . 8.19 -70.53 -37.97
CBC CLA PG . 8.55 -69.79 -39.24
ND CLA PG . 2.78 -70.12 -38.12
C1D CLA PG . 3.86 -69.23 -37.90
C2D CLA PG . 3.33 -67.87 -37.68
C3D CLA PG . 1.95 -67.98 -37.75
C4D CLA PG . 1.67 -69.40 -38.02
CMD CLA PG . 4.15 -66.68 -37.42
CAD CLA PG . 0.69 -67.28 -37.68
OBD CLA PG . 0.46 -66.09 -37.50
CBD CLA PG . -0.43 -68.35 -37.90
CGD CLA PG . -1.35 -68.42 -36.71
O1D CLA PG . -1.56 -69.40 -35.97
O2D CLA PG . -2.02 -67.27 -36.45
MG CLA QG . 30.13 -72.16 -20.21
CHA CLA QG . 30.53 -72.68 -16.81
CHB CLA QG . 29.50 -68.87 -19.63
CHC CLA QG . 29.87 -71.67 -23.61
CHD CLA QG . 30.79 -75.59 -20.77
NA CLA QG . 30.02 -71.00 -18.49
C1A CLA QG . 30.23 -71.40 -17.16
C2A CLA QG . 30.04 -70.23 -16.19
C3A CLA QG . 29.58 -69.07 -17.11
C4A CLA QG . 29.71 -69.66 -18.52
CMA CLA QG . 28.16 -68.65 -16.82
CAA CLA QG . 31.35 -69.87 -15.52
NB CLA QG . 29.67 -70.59 -21.40
C1B CLA QG . 29.57 -69.30 -20.97
C2B CLA QG . 29.57 -68.38 -22.14
C3B CLA QG . 29.67 -69.16 -23.26
C4B CLA QG . 29.73 -70.58 -22.81
CMB CLA QG . 29.47 -66.93 -22.02
CAB CLA QG . 29.72 -68.78 -24.65
CBB CLA QG . 30.73 -69.05 -25.47
NC CLA QG . 30.28 -73.42 -21.88
C1C CLA QG . 30.11 -73.01 -23.17
C2C CLA QG . 30.27 -74.14 -24.08
C3C CLA QG . 30.55 -75.25 -23.28
C4C CLA QG . 30.55 -74.78 -21.90
CMC CLA QG . 30.16 -74.07 -25.54
CAC CLA QG . 30.79 -76.64 -23.73
ND CLA QG . 30.62 -73.79 -19.12
C1D CLA QG . 30.83 -75.15 -19.48
C2D CLA QG . 31.08 -75.92 -18.24
C3D CLA QG . 31.00 -75.02 -17.19
C4D CLA QG . 30.69 -73.72 -17.80
CMD CLA QG . 31.37 -77.35 -18.21
CAD CLA QG . 31.09 -74.83 -15.75
OBD CLA QG . 31.36 -75.64 -14.88
CBD CLA QG . 30.76 -73.34 -15.46
MG CLA RG . 29.03 -39.46 -22.35
CHA CLA RG . 31.08 -38.53 -19.71
CHB CLA RG . 27.48 -41.72 -20.34
CHC CLA RG . 26.93 -40.24 -24.95
CHD CLA RG . 30.69 -37.11 -24.41
NA CLA RG . 29.28 -40.02 -20.36
C1A CLA RG . 30.18 -39.52 -19.41
C2A CLA RG . 30.03 -40.23 -18.08
C3A CLA RG . 28.99 -41.34 -18.37
C4A CLA RG . 28.53 -41.02 -19.78
CMA CLA RG . 29.59 -42.72 -18.28
CAA CLA RG . 29.51 -39.27 -17.01
NB CLA RG . 27.52 -40.76 -22.61
C1B CLA RG . 26.98 -41.53 -21.64
C2B CLA RG . 25.73 -42.17 -22.14
C3B CLA RG . 25.56 -41.76 -23.44
C4B CLA RG . 26.70 -40.87 -23.76
CMB CLA RG . 24.91 -43.05 -21.30
CAB CLA RG . 24.53 -42.06 -24.40
CBB CLA RG . 23.91 -43.24 -24.53
NC CLA RG . 28.88 -38.81 -24.33
C1C CLA RG . 27.95 -39.29 -25.23
C2C CLA RG . 28.14 -38.65 -26.53
C3C CLA RG . 29.20 -37.74 -26.37
C4C CLA RG . 29.65 -37.85 -24.98
CMC CLA RG . 27.34 -38.91 -27.72
CAC CLA RG . 29.76 -36.86 -27.40
CBC CLA RG . 29.26 -35.43 -27.28
ND CLA RG . 30.53 -38.11 -22.18
C1D CLA RG . 31.11 -37.20 -23.10
C2D CLA RG . 32.18 -36.45 -22.41
C3D CLA RG . 32.22 -36.91 -21.11
C4D CLA RG . 31.16 -37.94 -21.02
CMD CLA RG . 33.00 -35.41 -23.05
CAD CLA RG . 32.84 -36.80 -19.81
OBD CLA RG . 33.76 -36.09 -19.45
CBD CLA RG . 32.13 -37.84 -18.87
CGD CLA RG . 33.09 -38.81 -18.24
O1D CLA RG . 32.88 -39.59 -17.30
O2D CLA RG . 34.34 -38.80 -18.79
C1 LUT SG . 12.45 -68.23 -33.77
C2 LUT SG . 11.69 -68.85 -32.59
C3 LUT SG . 10.38 -68.19 -32.20
C4 LUT SG . 10.15 -66.80 -32.83
C5 LUT SG . 11.45 -66.00 -32.89
C6 LUT SG . 12.57 -66.69 -33.69
C7 LUT SG . 12.69 -66.09 -35.13
C8 LUT SG . 14.02 -65.29 -35.29
C9 LUT SG . 14.38 -64.79 -36.52
C10 LUT SG . 15.72 -63.98 -36.67
C11 LUT SG . 16.99 -64.84 -36.41
C12 LUT SG . 18.30 -64.03 -36.04
C13 LUT SG . 19.02 -63.39 -36.94
C14 LUT SG . 20.31 -62.61 -36.49
C15 LUT SG . 21.44 -62.79 -37.51
C16 LUT SG . 11.85 -68.68 -35.09
C17 LUT SG . 13.88 -68.80 -33.72
C18 LUT SG . 11.14 -64.59 -33.46
C19 LUT SG . 13.47 -65.03 -37.76
C20 LUT SG . 18.65 -63.37 -38.41
O3 LUT SG . 10.34 -68.06 -30.79
C21 LUT SG . 34.45 -60.75 -41.10
C22 LUT SG . 35.12 -59.97 -42.25
C23 LUT SG . 35.48 -58.54 -41.85
C24 LUT SG . 34.33 -57.78 -41.17
C25 LUT SG . 33.71 -58.61 -40.03
C26 LUT SG . 33.27 -59.99 -40.51
C27 LUT SG . 32.65 -60.77 -39.33
C28 LUT SG . 31.17 -61.17 -39.61
C29 LUT SG . 30.24 -61.19 -38.60
C30 LUT SG . 28.76 -61.59 -38.92
C31 LUT SG . 27.88 -61.71 -37.69
C32 LUT SG . 26.42 -62.00 -38.12
C33 LUT SG . 25.46 -62.23 -37.23
C34 LUT SG . 23.96 -62.52 -37.76
C35 LUT SG . 22.88 -62.49 -36.91
C36 LUT SG . 35.46 -61.01 -40.03
C37 LUT SG . 33.95 -62.13 -41.67
C38 LUT SG . 32.47 -57.86 -39.48
C39 LUT SG . 30.65 -60.81 -37.15
C40 LUT SG . 25.77 -62.22 -35.71
O23 LUT SG . 35.84 -57.82 -43.02
C1 XAT TG . 20.62 -59.05 -23.06
C2 XAT TG . 20.49 -60.24 -22.13
C3 XAT TG . 20.19 -61.51 -22.86
C4 XAT TG . 21.35 -61.70 -23.82
C5 XAT TG . 21.06 -60.76 -24.97
C6 XAT TG . 20.59 -59.36 -24.57
C7 XAT TG . 21.02 -58.27 -25.53
C8 XAT TG . 20.05 -57.86 -26.34
C9 XAT TG . 20.11 -56.82 -27.39
C10 XAT TG . 18.94 -56.50 -27.97
C11 XAT TG . 18.76 -55.49 -28.99
C12 XAT TG . 17.55 -55.41 -29.55
C13 XAT TG . 17.18 -54.43 -30.58
C14 XAT TG . 15.90 -54.41 -31.00
C15 XAT TG . 15.44 -53.42 -31.98
C16 XAT TG . 21.92 -58.33 -22.73
C17 XAT TG . 19.48 -58.11 -22.76
C18 XAT TG . 22.03 -60.71 -26.15
C19 XAT TG . 21.38 -56.16 -27.78
C20 XAT TG . 18.16 -53.44 -31.11
O3 XAT TG . 20.16 -62.60 -21.93
O4 XAT TG . 19.70 -60.35 -25.10
C21 XAT TG . 8.03 -45.92 -39.28
C22 XAT TG . 7.71 -45.02 -40.46
C23 XAT TG . 8.97 -44.67 -41.20
C24 XAT TG . 9.33 -45.95 -41.90
C25 XAT TG . 9.87 -46.92 -40.88
C26 XAT TG . 9.21 -46.88 -39.49
C27 XAT TG . 9.12 -48.24 -38.84
C28 XAT TG . 9.89 -48.46 -37.78
C29 XAT TG . 9.91 -49.72 -37.03
C30 XAT TG . 10.84 -49.89 -36.10
C31 XAT TG . 10.96 -51.08 -35.27
C32 XAT TG . 12.12 -51.21 -34.66
C33 XAT TG . 12.45 -52.32 -33.76
C34 XAT TG . 13.69 -52.35 -33.24
C35 XAT TG . 14.15 -53.38 -32.31
C36 XAT TG . 6.80 -46.76 -38.95
C37 XAT TG . 8.32 -45.04 -38.09
C38 XAT TG . 10.13 -48.36 -41.31
C39 XAT TG . 8.88 -50.77 -37.30
C40 XAT TG . 11.45 -53.38 -33.44
O23 XAT TG . 8.69 -43.66 -42.16
O24 XAT TG . 10.53 -46.37 -39.73
C1 BCR UG . 44.65 -45.32 -19.26
C2 BCR UG . 45.57 -44.20 -18.81
C3 BCR UG . 45.73 -43.15 -19.87
C4 BCR UG . 44.38 -42.57 -20.20
C5 BCR UG . 43.46 -43.65 -20.59
C6 BCR UG . 43.58 -44.91 -20.19
C7 BCR UG . 42.66 -45.96 -20.62
C8 BCR UG . 42.74 -46.50 -21.84
C9 BCR UG . 42.68 -47.94 -22.09
C10 BCR UG . 41.47 -48.52 -22.11
C11 BCR UG . 41.21 -49.81 -22.69
C33 BCR UG . 42.40 -43.20 -21.52
C31 BCR UG . 44.05 -45.93 -18.01
C32 BCR UG . 45.53 -46.37 -19.91
C34 BCR UG . 43.87 -48.58 -22.68
C12 BCR UG . 39.92 -50.18 -22.82
C13 BCR UG . 39.47 -51.47 -23.28
C14 BCR UG . 38.16 -51.71 -23.31
C15 BCR UG . 37.56 -52.91 -23.82
C16 BCR UG . 36.23 -53.01 -23.88
C17 BCR UG . 35.64 -54.08 -24.64
C18 BCR UG . 34.35 -54.16 -24.99
C19 BCR UG . 33.86 -55.42 -25.52
C20 BCR UG . 32.57 -55.68 -25.71
C21 BCR UG . 32.20 -56.97 -26.23
C22 BCR UG . 30.99 -57.55 -26.09
C23 BCR UG . 30.95 -58.96 -25.76
C24 BCR UG . 29.82 -59.68 -25.81
C25 BCR UG . 29.72 -61.10 -25.52
C26 BCR UG . 29.48 -61.53 -24.28
C27 BCR UG . 29.34 -62.94 -23.87
C28 BCR UG . 28.86 -63.77 -25.03
C29 BCR UG . 29.73 -63.52 -26.23
C30 BCR UG . 29.87 -62.06 -26.65
C35 BCR UG . 40.44 -52.47 -23.78
C36 BCR UG . 33.45 -53.01 -24.97
C37 BCR UG . 29.77 -56.87 -26.57
C38 BCR UG . 29.31 -60.61 -23.14
C39 BCR UG . 28.90 -61.70 -27.76
C40 BCR UG . 31.26 -61.98 -27.27
C1 BCR VG . 40.89 -54.80 -29.47
C2 BCR VG . 41.88 -53.69 -29.17
C3 BCR VG . 42.14 -52.87 -30.39
C4 BCR VG . 40.86 -52.20 -30.83
C5 BCR VG . 39.75 -53.17 -30.90
C6 BCR VG . 39.73 -54.35 -30.28
C7 BCR VG . 38.60 -55.28 -30.40
C8 BCR VG . 37.49 -55.12 -29.67
C9 BCR VG . 36.62 -56.23 -29.28
C10 BCR VG . 35.68 -56.64 -30.14
C11 BCR VG . 34.64 -57.57 -29.80
C33 BCR VG . 38.61 -52.71 -31.72
C31 BCR VG . 40.46 -55.37 -28.13
C32 BCR VG . 41.65 -55.87 -30.23
C34 BCR VG . 36.75 -56.78 -27.94
C12 BCR VG . 33.90 -58.10 -30.76
C13 BCR VG . 32.76 -58.96 -30.54
C14 BCR VG . 32.32 -59.74 -31.54
C15 BCR VG . 31.41 -60.84 -31.36
C16 BCR VG . 30.85 -61.43 -32.41
C17 BCR VG . 30.21 -62.71 -32.23
C18 BCR VG . 29.52 -63.36 -33.17
C19 BCR VG . 29.04 -64.70 -32.90
C20 BCR VG . 28.18 -65.33 -33.70
C21 BCR VG . 27.80 -66.69 -33.42
C22 BCR VG . 26.81 -67.37 -34.03
C23 BCR VG . 26.36 -68.61 -33.44
C24 BCR VG . 25.21 -68.71 -32.76
C25 BCR VG . 24.34 -69.86 -32.71
C26 BCR VG . 24.58 -70.88 -31.87
C27 BCR VG . 23.75 -72.10 -31.74
C28 BCR VG . 22.35 -71.85 -32.22
C29 BCR VG . 22.39 -71.19 -33.58
C30 BCR VG . 23.15 -69.87 -33.61
C35 BCR VG . 32.13 -59.03 -29.21
C36 BCR VG . 29.18 -62.75 -34.47
C37 BCR VG . 25.94 -66.67 -35.00
C38 BCR VG . 25.73 -70.91 -30.96
C39 BCR VG . 22.24 -68.71 -33.26
C40 BCR VG . 23.54 -69.69 -35.07
MG CLA WG . 53.41 -4.83 9.44
CHA CLA WG . 53.48 -7.74 7.55
CHB CLA WG . 50.04 -5.09 9.71
CHC CLA WG . 53.40 -1.90 11.24
CHD CLA WG . 56.92 -4.56 9.06
NA CLA WG . 52.01 -6.22 8.77
C1A CLA WG . 52.24 -7.37 7.99
C2A CLA WG . 50.92 -8.10 7.70
C3A CLA WG . 49.86 -7.22 8.40
C4A CLA WG . 50.67 -6.09 9.02
CMA CLA WG . 48.84 -6.70 7.43
CAA CLA WG . 50.91 -9.50 8.28
CBA CLA WG . 51.54 -9.55 9.65
CGA CLA WG . 51.16 -10.83 10.33
O1A CLA WG . 51.74 -11.42 11.24
O2A CLA WG . 50.01 -11.36 9.85
NB CLA WG . 51.99 -3.69 10.29
C1B CLA WG . 50.67 -3.99 10.33
C2B CLA WG . 49.94 -2.96 11.13
C3B CLA WG . 50.88 -2.05 11.56
C4B CLA WG . 52.20 -2.50 11.04
CMB CLA WG . 48.50 -2.99 11.36
CAB CLA WG . 50.69 -0.88 12.37
CBB CLA WG . 51.33 -0.62 13.51
NC CLA WG . 54.89 -3.50 10.06
C1C CLA WG . 54.67 -2.36 10.79
C2C CLA WG . 55.92 -1.66 11.03
C3C CLA WG . 56.92 -2.41 10.41
C4C CLA WG . 56.27 -3.57 9.80
CMC CLA WG . 56.05 -0.41 11.78
CAC CLA WG . 58.36 -2.12 10.37
CBC CLA WG . 58.77 -1.43 9.10
ND CLA WG . 54.91 -5.90 8.62
C1D CLA WG . 56.31 -5.67 8.51
C2D CLA WG . 56.91 -6.75 7.70
C3D CLA WG . 55.87 -7.57 7.31
C4D CLA WG . 54.65 -6.99 7.89
CMD CLA WG . 58.34 -6.85 7.39
CAD CLA WG . 55.49 -8.75 6.57
OBD CLA WG . 56.19 -9.55 5.96
CBD CLA WG . 53.94 -8.87 6.67
CGD CLA WG . 53.26 -8.79 5.34
O1D CLA WG . 52.37 -8.00 4.98
O2D CLA WG . 53.70 -9.70 4.42
CED CLA WG . 53.17 -9.57 3.10
MG CLA XG . 49.53 6.51 14.54
CHA CLA XG . 50.94 7.14 11.44
CHB CLA XG . 48.06 9.57 14.49
CHC CLA XG . 48.03 5.77 17.53
CHD CLA XG . 51.11 3.35 14.56
NA CLA XG . 49.53 8.09 13.18
C1A CLA XG . 50.17 8.15 11.94
C2A CLA XG . 49.91 9.49 11.25
C3A CLA XG . 49.17 10.31 12.33
C4A CLA XG . 48.87 9.27 13.41
CMA CLA XG . 50.02 11.44 12.84
CAA CLA XG . 49.05 9.31 10.02
CBA CLA XG . 47.90 8.35 10.27
CGA CLA XG . 46.67 9.08 10.71
O1A CLA XG . 46.05 9.97 10.13
O2A CLA XG . 46.21 8.67 11.92
NB CLA XG . 48.35 7.53 15.82
C1B CLA XG . 47.74 8.71 15.54
C2B CLA XG . 46.66 8.97 16.52
C3B CLA XG . 46.64 7.90 17.38
C4B CLA XG . 47.72 6.97 16.95
CMB CLA XG . 45.81 10.15 16.49
CAB CLA XG . 45.76 7.66 18.51
CBB CLA XG . 46.15 7.36 19.75
NC CLA XG . 49.59 4.87 15.83
C1C CLA XG . 48.92 4.80 17.02
C2C CLA XG . 49.21 3.52 17.67
C3C CLA XG . 50.06 2.82 16.82
C4C CLA XG . 50.30 3.68 15.67
CMC CLA XG . 48.66 3.10 18.95
CAC CLA XG . 50.62 1.48 17.04
CBC CLA XG . 49.71 0.39 16.53
ND CLA XG . 50.70 5.42 13.32
C1D CLA XG . 51.31 4.14 13.46
C2D CLA XG . 52.12 3.87 12.26
C3D CLA XG . 52.01 4.97 11.45
C4D CLA XG . 51.13 5.92 12.16
CMD CLA XG . 52.89 2.64 12.03
CAD CLA XG . 52.39 5.59 10.20
OBD CLA XG . 53.07 5.15 9.27
CBD CLA XG . 51.76 7.02 10.17
CGD CLA XG . 52.82 8.09 10.12
O1D CLA XG . 53.26 8.67 9.14
O2D CLA XG . 53.34 8.40 11.34
CED CLA XG . 54.05 9.64 11.45
MG CLA YG . 41.62 9.90 22.98
CHA CLA YG . 41.06 12.89 21.33
CHB CLA YG . 41.53 8.24 20.02
CHC CLA YG . 42.35 6.99 24.66
CHD CLA YG . 41.73 11.67 26.06
NA CLA YG . 41.33 10.50 21.01
C1A CLA YG . 41.12 11.79 20.52
C2A CLA YG . 40.96 11.79 19.00
C3A CLA YG . 41.01 10.28 18.64
C4A CLA YG . 41.32 9.60 19.97
CMA CLA YG . 39.71 9.79 18.07
CAA CLA YG . 42.11 12.52 18.34
CBA CLA YG . 42.05 12.44 16.83
CGA CLA YG . 41.17 13.53 16.29
O1A CLA YG . 39.94 13.58 16.26
O2A CLA YG . 41.88 14.57 15.79
NB CLA YG . 41.91 7.99 22.44
C1B CLA YG . 41.80 7.50 21.18
C2B CLA YG . 41.97 6.02 21.19
C3B CLA YG . 42.20 5.65 22.50
C4B CLA YG . 42.17 6.90 23.31
CMB CLA YG . 41.88 5.20 19.99
CAB CLA YG . 42.43 4.35 23.06
CBB CLA YG . 41.71 3.80 24.03
NC CLA YG . 41.96 9.43 25.00
C1C CLA YG . 42.24 8.17 25.45
C2C CLA YG . 42.45 8.20 26.89
C3C CLA YG . 42.26 9.52 27.29
C4C CLA YG . 41.97 10.29 26.09
CMC CLA YG . 42.76 7.02 27.70
CAC CLA YG . 42.37 10.05 28.66
CBC CLA YG . 43.80 10.23 29.09
ND CLA YG . 41.38 11.80 23.62
C1D CLA YG . 41.45 12.39 24.91
C2D CLA YG . 41.19 13.85 24.78
C3D CLA YG . 41.04 14.09 23.44
C4D CLA YG . 41.18 12.79 22.76
CMD CLA YG . 41.13 14.78 25.90
CAD CLA YG . 40.78 15.09 22.41
OBD CLA YG . 40.58 16.29 22.54
CBD CLA YG . 40.81 14.35 21.04
CGD CLA YG . 39.55 14.58 20.26
O1D CLA YG . 39.38 15.40 19.35
O2D CLA YG . 38.52 13.77 20.61
MG CLA ZG . 51.74 7.70 40.12
CHA CLA ZG . 50.77 7.10 43.40
CHB CLA ZG . 48.60 8.80 39.40
CHC CLA ZG . 52.81 8.49 36.96
CHD CLA ZG . 54.98 6.53 40.91
NA CLA ZG . 49.98 7.87 41.23
C1A CLA ZG . 49.78 7.59 42.60
C2A CLA ZG . 48.34 7.87 43.01
C3A CLA ZG . 47.65 8.21 41.66
C4A CLA ZG . 48.81 8.32 40.68
CMA CLA ZG . 46.66 7.15 41.25
CAA CLA ZG . 48.30 9.07 43.94
CBA CLA ZG . 49.09 10.24 43.37
CGA CLA ZG . 49.29 11.29 44.42
O1A CLA ZG . 50.18 11.36 45.27
NB CLA ZG . 50.86 8.46 38.48
C1B CLA ZG . 49.59 8.94 38.41
C2B CLA ZG . 49.37 9.63 37.11
C3B CLA ZG . 50.56 9.55 36.42
C4B CLA ZG . 51.51 8.79 37.28
CMB CLA ZG . 48.09 10.24 36.77
CAB CLA ZG . 50.94 10.04 35.12
CBB CLA ZG . 50.14 10.50 34.15
NC CLA ZG . 53.55 7.50 39.11
C1C CLA ZG . 53.76 7.88 37.82
C2C CLA ZG . 55.14 7.60 37.44
C3C CLA ZG . 55.77 7.06 38.56
C4C CLA ZG . 54.76 7.00 39.61
CMC CLA ZG . 55.71 7.87 36.11
CAC CLA ZG . 57.16 6.63 38.66
ND CLA ZG . 52.70 6.93 41.73
C1D CLA ZG . 54.04 6.50 41.92
C2D CLA ZG . 54.20 6.05 43.32
C3D CLA ZG . 52.99 6.27 43.94
C4D CLA ZG . 52.09 6.83 42.91
CMD CLA ZG . 55.44 5.51 43.89
CAD CLA ZG . 52.22 6.16 45.17
OBD CLA ZG . 52.57 5.73 46.27
CBD CLA ZG . 50.79 6.72 44.87
CGD CLA ZG . 49.71 5.74 45.22
O1D CLA ZG . 48.54 5.98 45.55
O2D CLA ZG . 50.11 4.43 45.17
CED CLA ZG . 49.94 3.74 43.94
MG CHL AH . 46.40 13.95 40.06
CHA CHL AH . 47.77 16.39 42.04
CHB CHL AH . 47.56 15.54 37.35
CHC CHL AH . 44.71 11.66 38.11
CHD CHL AH . 45.70 12.01 42.95
NA CHL AH . 47.30 15.71 39.72
C1A CHL AH . 47.74 16.57 40.57
C2A CHL AH . 48.27 17.83 39.95
C3A CHL AH . 47.94 17.65 38.50
C4A CHL AH . 47.57 16.20 38.50
CMA CHL AH . 46.77 18.51 38.08
CAA CHL AH . 49.78 17.96 40.14
CBA CHL AH . 50.24 19.39 39.91
NB CHL AH . 46.18 13.66 38.04
C1B CHL AH . 46.71 14.39 37.04
C2B CHL AH . 46.40 13.95 35.66
C3B CHL AH . 45.54 12.79 35.93
C4B CHL AH . 45.47 12.70 37.41
CMB CHL AH . 46.83 14.54 34.34
CAB CHL AH . 44.89 11.90 34.94
NC CHL AH . 45.41 12.18 40.44
C1C CHL AH . 44.79 11.38 39.55
C2C CHL AH . 44.16 10.18 40.15
C3C CHL AH . 44.45 10.27 41.57
C4C CHL AH . 45.21 11.54 41.64
CMC CHL AH . 43.42 9.11 39.44
OMC CHL AH . 42.50 8.53 39.99
CAC CHL AH . 44.06 9.32 42.70
ND CHL AH . 46.63 14.07 42.08
C1D CHL AH . 46.36 13.31 43.16
C2D CHL AH . 46.79 13.95 44.45
C3D CHL AH . 47.36 15.19 43.93
C4D CHL AH . 47.23 15.18 42.61
CMD CHL AH . 46.77 13.66 45.93
CAD CHL AH . 48.01 16.45 44.35
OBD CHL AH . 48.28 16.80 45.56
CBD CHL AH . 48.30 17.26 43.13
CGD CHL AH . 47.53 18.55 43.20
O1D CHL AH . 46.37 18.60 42.81
O2D CHL AH . 48.15 19.75 43.73
CED CHL AH . 47.57 21.02 43.49
MG CHL BH . 39.36 6.50 37.94
CHA CHL BH . 37.18 4.26 39.28
CHB CHL BH . 40.53 4.17 35.97
CHC CHL BH . 40.65 9.02 36.09
CHD CHL BH . 39.11 8.54 40.78
NA CHL BH . 38.76 4.66 37.45
C1A CHL BH . 37.77 4.01 37.94
C2A CHL BH . 37.31 2.90 37.05
C3A CHL BH . 38.46 2.79 36.08
C4A CHL BH . 39.33 3.93 36.51
CMA CHL BH . 39.23 1.49 36.26
CAA CHL BH . 35.99 3.25 36.37
CBA CHL BH . 35.99 4.67 35.80
NB CHL BH . 40.45 6.57 36.22
C1B CHL BH . 40.88 5.52 35.50
C2B CHL BH . 41.67 5.84 34.29
C3B CHL BH . 41.69 7.31 34.35
C4B CHL BH . 40.92 7.66 35.58
CMB CHL BH . 42.29 4.93 33.27
CAB CHL BH . 42.36 8.22 33.39
CBB CHL BH . 41.83 9.40 33.08
NC CHL BH . 39.82 8.45 38.36
C1C CHL BH . 40.34 9.35 37.50
C2C CHL BH . 40.55 10.69 38.11
C3C CHL BH . 40.10 10.56 39.49
C4C CHL BH . 39.66 9.13 39.54
CMC CHL BH . 41.10 11.91 37.47
OMC CHL BH . 41.73 11.83 36.43
CAC CHL BH . 40.06 11.59 40.60
CBC CHL BH . 38.65 12.10 40.72
ND CHL BH . 38.38 6.50 39.72
C1D CHL BH . 38.30 7.32 40.79
C2D CHL BH . 37.36 6.77 41.84
C3D CHL BH . 36.94 5.52 41.17
C4D CHL BH . 37.55 5.46 39.99
CMD CHL BH . 36.84 7.14 43.20
CAD CHL BH . 36.07 4.33 41.34
OBD CHL BH . 35.34 4.07 42.36
CBD CHL BH . 36.20 3.47 40.10
CGD CHL BH . 36.73 2.12 40.49
O1D CHL BH . 37.56 1.54 39.81
O2D CHL BH . 36.24 1.48 41.70
CED CHL BH . 36.26 0.06 41.81
MG CHL CH . 53.05 22.47 28.20
CHA CHL CH . 53.43 19.12 27.56
CHB CHL CH . 52.22 21.75 31.34
CHC CHL CH . 53.19 25.83 28.88
CHD CHL CH . 53.24 23.14 24.73
NA CHL CH . 53.03 20.79 29.32
C1A CHL CH . 53.28 19.58 28.96
C2A CHL CH . 53.37 18.61 30.10
C3A CHL CH . 53.09 19.48 31.29
C4A CHL CH . 52.76 20.77 30.63
CMA CHL CH . 51.90 18.98 32.09
CAA CHL CH . 54.73 17.92 30.23
CBA CHL CH . 55.89 18.84 29.91
CGA CHL CH . 56.90 18.82 31.02
O1A CHL CH . 56.73 19.47 32.03
O2A CHL CH . 58.11 18.02 30.90
NB CHL CH . 52.74 23.62 29.87
C1B CHL CH . 52.41 23.18 31.10
C2B CHL CH . 52.24 24.22 32.14
C3B CHL CH . 52.54 25.43 31.39
C4B CHL CH . 52.82 24.96 30.01
CMB CHL CH . 51.88 24.06 33.59
CAB CHL CH . 52.52 26.81 31.94
CBB CHL CH . 52.56 27.90 31.19
NC CHL CH . 53.17 24.16 27.04
C1C CHL CH . 53.22 25.45 27.45
C2C CHL CH . 53.33 26.44 26.36
C3C CHL CH . 53.34 25.65 25.13
C4C CHL CH . 53.25 24.27 25.67
CMC CHL CH . 53.40 27.92 26.45
OMC CHL CH . 53.44 28.48 27.52
CAC CHL CH . 53.44 26.09 23.69
CBC CHL CH . 54.88 25.95 23.25
ND CHL CH . 53.29 21.45 26.45
C1D CHL CH . 53.35 21.74 25.13
C2D CHL CH . 53.54 20.53 24.27
C3D CHL CH . 53.57 19.49 25.31
C4D CHL CH . 53.42 20.09 26.50
CMD CHL CH . 53.68 20.18 22.82
CAD CHL CH . 53.68 18.04 25.50
OBD CHL CH . 53.84 17.18 24.57
CBD CHL CH . 53.61 17.75 26.96
CGD CHL CH . 52.47 16.84 27.27
O1D CHL CH . 51.35 17.28 27.46
O2D CHL CH . 52.71 15.41 27.32
CED CHL CH . 52.16 14.64 28.38
C1 CHL CH . 59.25 18.41 31.67
C2 CHL CH . 59.31 17.66 32.99
C3 CHL CH . 60.40 16.96 33.34
C4 CHL CH . 61.59 16.93 32.43
C5 CHL CH . 60.43 16.23 34.66
MG CLA DH . 43.27 17.80 26.32
CHA CLA DH . 43.91 17.17 22.96
CHB CLA DH . 42.12 20.89 25.51
CHC CLA DH . 42.41 18.26 29.60
CHD CLA DH . 44.46 14.55 27.09
NA CLA DH . 43.10 18.85 24.52
C1A CLA DH . 43.39 18.42 23.23
C2A CLA DH . 43.11 19.52 22.20
C3A CLA DH . 42.76 20.74 23.08
C4A CLA DH . 42.63 20.14 24.48
CMA CLA DH . 43.84 21.77 23.02
CAA CLA DH . 41.92 19.12 21.34
CBA CLA DH . 40.64 19.81 21.76
CGA CLA DH . 39.46 19.12 21.18
O1A CLA DH . 38.72 18.28 21.71
O2A CLA DH . 39.21 19.47 19.89
NB CLA DH . 42.44 19.30 27.36
C1B CLA DH . 41.97 20.46 26.84
C2B CLA DH . 41.28 21.24 27.90
C3B CLA DH . 41.35 20.51 29.06
C4B CLA DH . 42.11 19.27 28.74
CMB CLA DH . 40.67 22.54 27.61
CAB CLA DH . 40.86 20.76 30.39
CBB CLA DH . 40.41 21.92 30.87
NC CLA DH . 43.46 16.64 28.04
C1C CLA DH . 43.06 17.04 29.28
C2C CLA DH . 43.34 15.98 30.26
C3C CLA DH . 43.90 14.93 29.54
C4C CLA DH . 43.97 15.34 28.15
CMC CLA DH . 43.05 16.07 31.69
CAC CLA DH . 44.34 13.64 30.09
CBC CLA DH . 45.81 13.61 30.43
ND CLA DH . 44.09 16.23 25.33
C1D CLA DH . 44.53 14.95 25.77
C2D CLA DH . 44.99 14.18 24.60
C3D CLA DH . 44.77 14.98 23.50
C4D CLA DH . 44.20 16.24 24.00
CMD CLA DH . 45.55 12.83 24.68
CAD CLA DH . 44.89 15.11 22.05
OBD CLA DH . 45.34 14.32 21.24
CBD CLA DH . 44.30 16.51 21.67
CGD CLA DH . 45.26 17.33 20.86
O2D CLA DH . 44.97 17.40 19.53
MG CLA EH . 60.29 13.68 25.12
CHA CLA EH . 61.43 16.78 24.06
CHB CLA EH . 62.74 12.18 23.27
CHC CLA EH . 59.30 10.65 26.39
CHD CLA EH . 57.80 15.30 27.02
NA CLA EH . 61.79 14.39 23.84
C1A CLA EH . 62.12 15.73 23.54
C2A CLA EH . 63.29 15.79 22.57
C3A CLA EH . 63.53 14.31 22.19
C4A CLA EH . 62.63 13.55 23.17
CMA CLA EH . 63.14 14.04 20.76
CAA CLA EH . 64.51 16.37 23.27
CBA CLA EH . 64.63 15.90 24.71
CGA CLA EH . 65.41 14.63 24.79
O1A CLA EH . 66.53 14.40 24.34
O2A CLA EH . 64.77 13.62 25.45
NB CLA EH . 60.93 11.78 24.91
C1B CLA EH . 61.95 11.36 24.11
C2B CLA EH . 62.09 9.89 24.20
C3B CLA EH . 61.13 9.45 25.08
C4B CLA EH . 60.36 10.65 25.53
CMB CLA EH . 63.08 9.14 23.44
CAB CLA EH . 60.81 8.11 25.50
CBB CLA EH . 61.20 7.57 26.66
NC CLA EH . 58.78 13.08 26.42
C1C CLA EH . 58.54 11.79 26.79
C2C CLA EH . 57.43 11.74 27.72
C3C CLA EH . 57.00 13.06 27.91
C4C CLA EH . 57.86 13.90 27.09
CMC CLA EH . 56.89 10.52 28.32
CAC CLA EH . 55.90 13.51 28.76
CBC CLA EH . 56.34 13.79 30.19
ND CLA EH . 59.60 15.56 25.38
C1D CLA EH . 58.60 16.09 26.24
C2D CLA EH . 58.60 17.56 26.13
C3D CLA EH . 59.67 17.88 25.32
C4D CLA EH . 60.27 16.60 24.90
CMD CLA EH . 57.67 18.45 26.81
CAD CLA EH . 60.42 18.94 24.67
OBD CLA EH . 60.21 20.14 24.67
CBD CLA EH . 61.62 18.27 23.93
CGD CLA EH . 61.76 18.74 22.51
O1D CLA EH . 61.43 18.13 21.49
O2D CLA EH . 62.30 19.97 22.37
CED CLA EH . 62.50 20.47 21.06
C1 CLA EH . 65.54 12.40 25.57
C2 CLA EH . 64.76 11.45 26.42
C3 CLA EH . 65.36 10.42 27.05
C4 CLA EH . 66.81 10.19 26.95
C5 CLA EH . 64.58 9.47 27.88
C6 CLA EH . 65.08 9.40 29.31
C7 CLA EH . 64.23 8.46 30.14
C8 CLA EH . 64.56 8.52 31.62
C9 CLA EH . 63.51 7.78 32.43
C10 CLA EH . 64.64 9.97 32.11
MG CLA FH . 63.35 -2.18 16.70
CHA CLA FH . 64.55 1.00 17.32
CHB CLA FH . 65.77 -2.64 14.35
CHC CLA FH . 62.22 -5.40 16.25
CHD CLA FH . 60.86 -1.66 19.16
NA CLA FH . 64.88 -0.97 15.95
C1A CLA FH . 65.23 0.32 16.35
C3A CLA FH . 66.73 -0.31 14.54
C4A CLA FH . 65.73 -1.39 14.96
CMA CLA FH . 66.77 -0.13 13.05
NB CLA FH . 63.88 -3.72 15.53
C1B CLA FH . 64.92 -3.72 14.64
C2B CLA FH . 65.02 -5.06 13.99
C3B CLA FH . 64.03 -5.84 14.53
C4B CLA FH . 63.28 -4.99 15.50
CMB CLA FH . 66.03 -5.38 12.99
CAB CLA FH . 63.68 -7.21 14.26
NC CLA FH . 61.79 -3.30 17.53
C1C CLA FH . 61.51 -4.60 17.20
C2C CLA FH . 60.38 -5.07 17.98
C3C CLA FH . 60.00 -4.03 18.81
C4C CLA FH . 60.89 -2.91 18.53
CMC CLA FH . 59.81 -6.42 17.89
CAC CLA FH . 58.91 -4.02 19.81
CBC CLA FH . 57.54 -3.89 19.19
ND CLA FH . 62.73 -0.69 17.91
C1D CLA FH . 61.71 -0.61 18.89
C2D CLA FH . 61.75 0.73 19.53
C3D CLA FH . 62.83 1.38 18.96
C4D CLA FH . 63.40 0.45 17.97
CMD CLA FH . 60.83 1.18 20.56
CAD CLA FH . 63.60 2.60 18.92
OBD CLA FH . 63.44 3.64 19.54
CBD CLA FH . 64.77 2.38 17.91
CGD CLA FH . 64.83 3.43 16.85
O1D CLA FH . 65.80 4.13 16.52
O2D CLA FH . 63.66 3.62 16.19
CED CLA FH . 63.18 4.96 16.14
MG CLA GH . 62.95 1.65 25.50
CHA CLA GH . 65.34 2.77 23.25
CHB CLA GH . 63.43 4.44 27.39
CHC CLA GH . 60.68 0.42 27.77
CHD CLA GH . 62.52 -1.25 23.52
NA CLA GH . 64.17 3.33 25.31
C1A CLA GH . 65.11 3.62 24.30
C2A CLA GH . 65.79 4.96 24.57
C3A CLA GH . 65.09 5.49 25.83
C4A CLA GH . 64.16 4.35 26.22
CMA CLA GH . 66.06 5.81 26.93
CAA CLA GH . 65.61 5.95 23.42
CBA CLA GH . 66.96 6.39 22.87
CGA CLA GH . 67.76 7.11 23.91
O1A CLA GH . 68.38 6.66 24.87
O2A CLA GH . 67.79 8.46 23.70
NB CLA GH . 62.17 2.32 27.22
C1B CLA GH . 62.53 3.46 27.87
C2B CLA GH . 61.86 3.53 29.19
C3B CLA GH . 61.08 2.40 29.31
C4B CLA GH . 61.27 1.62 28.06
CMB CLA GH . 62.06 4.63 30.13
CAB CLA GH . 60.23 1.99 30.39
CBB CLA GH . 60.37 0.85 31.08
NC CLA GH . 61.79 -0.09 25.59
C1C CLA GH . 60.92 -0.38 26.61
C2C CLA GH . 60.28 -1.65 26.36
C3C CLA GH . 60.80 -2.14 25.16
C4C CLA GH . 61.75 -1.15 24.68
CMC CLA GH . 59.29 -2.30 27.23
CAC CLA GH . 60.47 -3.41 24.49
ND CLA GH . 63.70 0.89 23.78
C1D CLA GH . 63.43 -0.32 23.08
C2D CLA GH . 64.29 -0.36 21.88
C3D CLA GH . 65.05 0.78 21.90
C4D CLA GH . 64.64 1.54 23.10
CMD CLA GH . 64.30 -1.46 20.91
CAD CLA GH . 66.07 1.57 21.22
OBD CLA GH . 66.69 1.31 20.19
CBD CLA GH . 66.29 2.85 22.08
CGD CLA GH . 67.73 2.95 22.53
O1D CLA GH . 68.18 2.72 23.65
O2D CLA GH . 68.59 3.35 21.56
CED CLA GH . 69.94 3.62 21.95
MG CLA HH . 47.65 -8.90 26.32
CHA CLA HH . 46.61 -11.76 28.04
CHB CLA HH . 50.89 -9.75 26.87
CHC CLA HH . 48.62 -6.15 24.51
CHD CLA HH . 44.26 -8.08 25.74
NA CLA HH . 48.57 -10.50 27.32
C1A CLA HH . 47.97 -11.60 27.96
C2A CLA HH . 49.03 -12.53 28.53
C3A CLA HH . 50.37 -11.81 28.22
C4A CLA HH . 49.94 -10.60 27.41
CMA CLA HH . 51.10 -11.41 29.48
CAA CLA HH . 48.97 -13.88 27.85
CBA CLA HH . 49.29 -13.80 26.37
CGA CLA HH . 48.03 -13.66 25.57
O1A CLA HH . 46.97 -14.26 25.73
O2A CLA HH . 48.14 -12.76 24.55
NB CLA HH . 49.42 -8.10 25.81
C1B CLA HH . 50.64 -8.61 26.11
C2B CLA HH . 51.71 -7.77 25.50
C3B CLA HH . 51.08 -6.75 24.83
C4B CLA HH . 49.61 -6.94 25.01
CMB CLA HH . 53.13 -8.06 25.64
CAB CLA HH . 51.65 -5.68 24.06
CBB CLA HH . 51.39 -4.37 24.21
NC CLA HH . 46.62 -7.38 25.33
C1C CLA HH . 47.22 -6.35 24.66
C2C CLA HH . 46.21 -5.49 24.08
C3C CLA HH . 44.97 -6.03 24.42
C4C CLA HH . 45.24 -7.22 25.21
CMC CLA HH . 46.48 -4.29 23.29
CAC CLA HH . 43.64 -5.50 24.06
CBC CLA HH . 43.02 -6.26 22.93
ND CLA HH . 45.84 -9.66 26.78
C1D CLA HH . 44.51 -9.22 26.47
C2D CLA HH . 43.55 -10.18 27.05
C3D CLA HH . 44.29 -11.17 27.64
C4D CLA HH . 45.71 -10.81 27.45
CMD CLA HH . 42.09 -10.06 26.95
CAD CLA HH . 44.25 -12.42 28.39
OBD CLA HH . 43.27 -13.05 28.78
CBD CLA HH . 45.73 -12.84 28.64
CGD CLA HH . 45.91 -13.11 30.12
O1D CLA HH . 45.08 -13.60 30.89
O2D CLA HH . 47.12 -12.80 30.63
CED CLA HH . 47.75 -13.81 31.44
MG CLA IH . 53.63 -16.06 24.63
CHA CLA IH . 50.89 -15.92 22.50
CHB CLA IH . 53.94 -19.40 24.04
CHC CLA IH . 56.44 -16.10 26.61
CHD CLA IH . 53.28 -12.59 25.22
NA CLA IH . 52.55 -17.42 23.48
C1A CLA IH . 51.45 -17.18 22.65
C2A CLA IH . 50.97 -18.46 21.98
C3A CLA IH . 51.86 -19.55 22.61
C4A CLA IH . 52.87 -18.75 23.43
CMA CLA IH . 51.05 -20.47 23.49
CAA CLA IH . 51.13 -18.40 20.48
CBA CLA IH . 52.42 -17.73 20.06
CGA CLA IH . 52.41 -17.48 18.58
NB CLA IH . 54.91 -17.49 25.25
C1B CLA IH . 54.93 -18.77 24.82
C2B CLA IH . 56.16 -19.46 25.30
C3B CLA IH . 56.87 -18.53 26.03
C4B CLA IH . 56.08 -17.27 26.02
CMB CLA IH . 56.46 -20.85 25.00
CAB CLA IH . 58.13 -18.64 26.72
CBB CLA IH . 59.23 -19.22 26.24
NC CLA IH . 54.64 -14.61 25.74
C1C CLA IH . 55.76 -14.85 26.50
C2C CLA IH . 56.19 -13.63 27.16
C3C CLA IH . 55.32 -12.62 26.75
C4C CLA IH . 54.34 -13.24 25.86
CMC CLA IH . 57.34 -13.51 28.05
CAC CLA IH . 55.34 -11.21 27.15
CBC CLA IH . 56.07 -10.34 26.16
ND CLA IH . 52.40 -14.57 24.06
C1D CLA IH . 52.38 -13.18 24.36
C2D CLA IH . 51.25 -12.54 23.63
C3D CLA IH . 50.65 -13.56 22.90
C4D CLA IH . 51.41 -14.79 23.21
CMD CLA IH . 50.91 -11.14 23.68
CAD CLA IH . 49.58 -13.91 21.99
OBD CLA IH . 48.71 -13.19 21.50
CBD CLA IH . 49.73 -15.44 21.69
CGD CLA IH . 48.45 -16.19 21.97
O1D CLA IH . 48.19 -17.35 21.65
O2D CLA IH . 47.52 -15.47 22.65
CED CLA IH . 46.20 -15.44 22.11
MG CHL JH . 57.44 31.11 34.07
CHA CHL JH . 60.71 31.16 35.13
CHB CHL JH . 56.44 31.35 37.27
CHC CHL JH . 54.25 31.58 32.92
CHD CHL JH . 58.50 30.13 30.84
NA CHL JH . 58.37 31.39 35.84
C1A CHL JH . 59.63 31.50 36.07
C2A CHL JH . 59.97 31.96 37.45
C3A CHL JH . 58.65 31.81 38.16
C4A CHL JH . 57.74 31.50 37.02
CMA CHL JH . 58.67 30.65 39.14
CAA CHL JH . 60.45 33.41 37.45
CBA CHL JH . 60.82 33.84 38.86
NB CHL JH . 55.62 31.43 34.96
C1B CHL JH . 55.36 31.51 36.29
C2B CHL JH . 53.94 31.74 36.67
C3B CHL JH . 53.31 31.80 35.35
C4B CHL JH . 54.42 31.60 34.38
CMB CHL JH . 53.32 31.87 38.03
CAB CHL JH . 51.87 32.02 35.07
CBB CHL JH . 51.45 32.78 34.08
NC CHL JH . 56.54 30.90 32.24
C1C CHL JH . 55.23 31.12 31.93
C2C CHL JH . 54.89 30.87 30.51
C3C CHL JH . 56.14 30.44 29.89
C4C CHL JH . 57.08 30.50 31.04
CMC CHL JH . 53.58 31.01 29.83
OMC CHL JH . 52.55 31.04 30.45
CAC CHL JH . 56.42 30.06 28.45
CBC CHL JH . 56.55 28.55 28.36
ND CHL JH . 59.18 30.72 33.09
C1D CHL JH . 59.55 30.34 31.85
C2D CHL JH . 61.04 30.19 31.70
C3D CHL JH . 61.46 30.54 33.06
C4D CHL JH . 60.36 30.81 33.77
CMD CHL JH . 62.05 29.83 30.65
CAD CHL JH . 62.65 30.69 33.92
OBD CHL JH . 63.87 30.50 33.56
CBD CHL JH . 62.19 31.09 35.29
CGD CHL JH . 62.61 30.07 36.31
O1D CHL JH . 61.97 29.06 36.48
O2D CHL JH . 63.82 30.30 37.09
CED CHL JH . 63.92 29.80 38.42
C1 LUT KH . 53.74 -6.50 30.33
C2 LUT KH . 52.81 -7.49 31.03
C3 LUT KH . 51.55 -7.90 30.28
C4 LUT KH . 51.20 -6.99 29.09
C5 LUT KH . 51.52 -5.52 29.36
C6 LUT KH . 52.99 -5.27 29.73
C7 LUT KH . 53.79 -4.68 28.54
C8 LUT KH . 54.34 -3.27 28.91
C9 LUT KH . 55.21 -2.59 28.10
C10 LUT KH . 55.71 -1.17 28.53
C11 LUT KH . 56.33 -0.34 27.36
C12 LUT KH . 57.14 0.91 27.89
C13 LUT KH . 57.42 1.91 27.07
C14 LUT KH . 58.23 3.16 27.60
C15 LUT KH . 57.37 4.06 28.49
C16 LUT KH . 54.57 -7.21 29.29
C17 LUT KH . 54.70 -5.97 31.39
C18 LUT KH . 51.13 -4.69 28.11
C19 LUT KH . 55.67 -3.23 26.75
C20 LUT KH . 56.96 1.84 25.63
O3 LUT KH . 50.46 -7.91 31.19
C21 LUT KH . 65.18 15.08 29.84
C22 LUT KH . 66.10 16.06 29.12
C23 LUT KH . 65.41 17.39 28.80
C24 LUT KH . 64.11 17.16 28.01
C25 LUT KH . 63.16 16.18 28.71
C26 LUT KH . 63.85 14.87 29.10
C27 LUT KH . 62.88 14.05 29.99
C28 LUT KH . 62.50 12.66 29.36
C29 LUT KH . 61.63 11.83 30.00
C30 LUT KH . 61.27 10.46 29.36
C31 LUT KH . 60.41 9.59 30.26
C32 LUT KH . 59.60 8.56 29.43
C33 LUT KH . 59.22 7.39 29.94
C34 LUT KH . 58.36 6.36 29.04
C35 LUT KH . 58.21 5.04 29.40
C36 LUT KH . 64.89 15.61 31.22
C37 LUT KH . 65.91 13.70 29.98
C38 LUT KH . 62.00 15.86 27.77
C39 LUT KH . 60.99 12.26 31.35
C40 LUT KH . 59.58 7.04 31.41
O23 LUT KH . 66.28 18.19 28.04
C1 XAT LH . 45.20 5.99 35.36
C2 XAT LH . 45.24 6.19 36.87
C3 XAT LH . 46.29 5.29 37.47
C4 XAT LH . 47.60 5.92 37.09
C5 XAT LH . 47.80 5.99 35.58
C6 XAT LH . 46.56 5.98 34.68
C7 XAT LH . 46.73 6.85 33.45
C8 XAT LH . 46.93 6.22 32.30
C9 XAT LH . 47.09 6.93 31.01
C10 XAT LH . 46.89 6.22 29.89
C11 XAT LH . 47.00 6.76 28.54
C12 XAT LH . 46.66 5.92 27.57
C13 XAT LH . 46.69 6.25 26.15
C14 XAT LH . 46.29 5.33 25.27
C15 XAT LH . 46.28 5.53 23.83
C16 XAT LH . 44.36 7.11 34.78
C17 XAT LH . 44.51 4.66 35.07
C18 XAT LH . 48.84 6.99 35.07
C19 XAT LH . 47.46 8.37 30.95
C20 XAT LH . 47.17 7.59 25.67
O3 XAT LH . 46.15 5.29 38.89
O4 XAT LH . 47.42 4.86 34.79
C21 XAT LH . 43.41 3.61 12.67
C22 XAT LH . 43.59 3.33 11.20
C23 XAT LH . 44.24 4.54 10.59
C24 XAT LH . 45.70 4.38 10.95
C25 XAT LH . 45.90 4.49 12.45
C26 XAT LH . 44.71 4.04 13.35
C27 XAT LH . 44.99 3.36 14.69
C28 XAT LH . 45.64 2.23 14.92
C29 XAT LH . 45.68 1.83 16.33
C30 XAT LH . 45.59 2.80 17.24
C31 XAT LH . 45.61 2.52 18.67
C32 XAT LH . 45.58 3.58 19.47
C33 XAT LH . 45.61 3.46 20.93
C34 XAT LH . 45.83 4.57 21.66
C35 XAT LH . 45.86 4.50 23.11
C36 XAT LH . 42.80 2.40 13.33
C37 XAT LH . 42.42 4.74 12.78
C38 XAT LH . 47.29 4.14 12.96
C39 XAT LH . 45.80 0.39 16.72
C40 XAT LH . 45.38 2.14 21.57
O23 XAT LH . 44.09 4.51 9.16
O24 XAT LH . 45.11 5.41 13.20
C1 BCR MH . 46.20 35.12 34.47
C2 BCR MH . 45.56 36.44 34.13
C3 BCR MH . 46.53 37.56 34.33
C4 BCR MH . 47.10 37.59 35.72
C5 BCR MH . 47.21 36.26 36.36
C6 BCR MH . 46.82 35.12 35.80
C7 BCR MH . 46.96 33.84 36.50
C8 BCR MH . 47.98 33.02 36.25
C9 BCR MH . 48.17 31.76 36.96
C10 BCR MH . 48.88 30.79 36.39
C11 BCR MH . 49.28 29.57 37.06
C33 BCR MH . 47.84 36.29 37.70
C31 BCR MH . 47.22 34.82 33.39
C32 BCR MH . 45.12 34.06 34.42
C34 BCR MH . 47.51 31.59 38.27
C12 BCR MH . 49.44 28.46 36.35
C13 BCR MH . 49.87 27.18 36.90
C14 BCR MH . 49.72 26.07 36.16
C15 BCR MH . 50.11 24.77 36.62
C16 BCR MH . 49.57 23.66 36.08
C17 BCR MH . 50.14 22.39 36.46
C18 BCR MH . 50.00 21.23 35.82
C19 BCR MH . 50.47 20.03 36.49
C20 BCR MH . 50.39 18.81 35.94
C21 BCR MH . 51.05 17.72 36.62
C22 BCR MH . 50.91 16.42 36.36
C23 BCR MH . 51.25 15.48 37.42
C24 BCR MH . 51.42 14.17 37.20
C25 BCR MH . 51.89 13.21 38.20
C26 BCR MH . 51.03 12.62 39.03
C27 BCR MH . 51.37 11.63 40.07
C28 BCR MH . 52.70 10.99 39.80
C29 BCR MH . 53.71 12.06 39.46
C30 BCR MH . 53.34 12.90 38.23
C35 BCR MH . 50.30 27.10 38.30
C36 BCR MH . 49.70 21.16 34.37
C37 BCR MH . 50.77 15.94 34.97
C38 BCR MH . 49.58 12.90 39.01
C39 BCR MH . 53.74 12.21 36.94
C40 BCR MH . 54.21 14.14 38.35
O1 LHG NH . 63.02 -4.06 9.21
C1 LHG NH . 63.61 -3.29 10.26
C2 LHG NH . 62.64 -2.22 10.67
O2 LHG NH . 63.32 -1.06 11.13
C3 LHG NH . 61.72 -2.63 11.80
O3 LHG NH . 61.80 -1.48 12.61
P LHG NH . 61.26 -1.49 14.13
O4 LHG NH . 61.22 -2.92 14.57
O5 LHG NH . 61.83 -0.26 14.73
O6 LHG NH . 59.68 -1.19 13.74
C4 LHG NH . 58.84 -0.49 14.62
C5 LHG NH . 58.43 -1.55 15.65
C6 LHG NH . 58.08 -0.93 16.99
O7 LHG NH . 57.26 -2.15 15.14
C7 LHG NH . 57.45 -3.40 14.66
O9 LHG NH . 58.51 -3.99 14.79
C8 LHG NH . 56.37 -3.75 13.73
C9 LHG NH . 55.25 -4.44 14.50
C10 LHG NH . 54.01 -4.44 13.65
O8 LHG NH . 56.88 -0.20 16.74
C23 LHG NH . 55.82 -0.43 17.56
O10 LHG NH . 55.40 0.45 18.28
C24 LHG NH . 55.13 -1.79 17.56
C11 LHG NH . 53.62 -5.89 13.67
C12 LHG NH . 52.63 -6.13 12.58
C13 LHG NH . 52.09 -7.53 12.73
C14 LHG NH . 51.43 -7.72 14.07
C15 LHG NH . 51.77 -9.14 14.50
C25 LHG NH . 53.63 -1.76 17.56
C26 LHG NH . 52.95 -2.12 16.23
C27 LHG NH . 51.80 -2.99 16.67
C28 LHG NH . 50.97 -3.58 15.55
C29 LHG NH . 49.91 -4.44 16.22
C30 LHG NH . 48.61 -4.60 15.48
C31 LHG NH . 47.58 -3.53 15.70
C32 LHG NH . 46.55 -3.39 14.59
C33 LHG NH . 45.29 -2.84 15.21
#